data_7EGQ
#
_entry.id   7EGQ
#
_cell.length_a   1.00
_cell.length_b   1.00
_cell.length_c   1.00
_cell.angle_alpha   90.00
_cell.angle_beta   90.00
_cell.angle_gamma   90.00
#
_symmetry.space_group_name_H-M   'P 1'
#
loop_
_entity.id
_entity.type
_entity.pdbx_description
1 polymer 'RNA-directed RNA polymerase'
2 polymer 'Non-structural protein 8'
3 polymer 'Non-structural protein 7'
4 polymer Helicase
5 polymer 'Non-structural protein 9'
6 polymer 'Non-structural protein 10'
7 polymer 'Proofreading exoribonuclease'
8 polymer 'primer RNA'
9 polymer 'Template RNA'
10 non-polymer 'ZINC ION'
11 non-polymer 'MAGNESIUM ION'
#
loop_
_entity_poly.entity_id
_entity_poly.type
_entity_poly.pdbx_seq_one_letter_code
_entity_poly.pdbx_strand_id
1 'polypeptide(L)'
;SADAQSFLNRVCGVSAARLTPCGTGTSTDVVYRAFDIYNDKVAGFAKFLKTNCCRFQEKDEDDNLIDSYFVVKRHTFSNY
QHEETIYNLLKDCPAVAKHDFFKFRIDGDMVPHISRQRLTKYTMADLVYALRHFDEGNCDTLKEILVTYNCCDDDYFNKK
DWYDFVENPDILRVYANLGERVRQALLKTVQFCDAMRNAGIVGVLTLDNQDLNGNWYDFGDFIQTTPGSGVPVVDSYYSL
LMPILTLTRALTAESHVDTDLTKPYIKWDLLKYDFTEERLKLFDRYFKYWDQTYHPNCVNCLDDRCILHCANFNVLFSTV
FPPTSFGPLVRKIFVDGVPFVVSTGYHFRELGVVHNQDVNLHSSRLSFKELLVYAADPAMHAASGNLLLDKRTTCFSVAA
LTNNVAFQTVKPGNFNKDFYDFAVSKGFFKEGSSVELKHFFFAQDGNAAISDYDYYRYNLPTMCDIRQLLFVVEVVDKYF
DCYDGGCINANQVIVNNLDKSAGFPFNKWGKARLYYDSMSYEDQDALFAYTKRNVIPTITQMNLKYAISAKNRARTVAGV
SICSTMTNRQFHQKLLKSIAATRGATVVIGTSKFYGGWHNMLKTVYSDVENPHLMGWDYPKCDRAMPNMLRIMASLVLAR
KHTTCCSLSHRFYRLANECAQVLSEMVMCGGSLYVKPGGTSSGDATTAYANSVFNICQAVTANVNALLSTDGNKIADKYV
RNLQHRLYECLYRNRDVDTDFVNEFYAYLRKHFSMMILSDDAVVCFNSTYASQGLVASIKNFKSVLYYQNNVFMSEAKCW
TETDLTKGPHEFCSQHTMLVKQGDDYVYLPYPDPSRILGAGCFVDDIVKTDGTLMIERFVSLAIDAYPLTKHPNQEYADV
FHLYLQYIRKLHDELTGHMLDMYSVMLTNDNTSRYWEPEFYEAMYTPHTVLQ
;
A,N
2 'polypeptide(L)'
;AIASEFSSLPSYAAFATAQEAYEQAVANGDSEVVLKKLKKSLNVAKSEFDRDAAMQRKLEKMADQAMTQMYKQARSEDKR
AKVTSAMQTMLFTMLRKLDNDALNNIINNARDGCVPLNIIPLTTAAKLMVVIPDYNTYKNTCDGTTFTYASALWEIQQVV
DADSKIVQLSEISMDNSPNLAWPLIVTALRANSAVKLQ
;
B,D,O,Q
3 'polypeptide(L)'
;SKMSDVKCTSVVLLSVLQQLRVESSSKLWAQCVQLHNDILLAKDTTEAFEKMVSLLSVLLSMQGAVDINKLCEEMLDNRA
TLQ
;
C,P
4 'polypeptide(L)'
;AVGACVLCNSQTSLRCGACIRRPFLCCKCCYDHVISTSHKLVLSVNPYVCNAPGCDVTDVTQLYLGGMSYYCKSHKPPIS
FPLCANGQVFGLYKNTCVGSDNVTDFNAIATCDWTNAGDYILANTCTERLKLFAAETLKATEETFKLSYGIATVREVLSD
RELHLSWEVGKPRPPLNRNYVFTGYRVTKNSKVQIGEYTFEKGDYGDAVVYRGTTTYKLNVGDYFVLTSHTVMPLSAPTL
VPQEHYVRITGLYPTLNISDEFSSNVANYQKVGMQKYSTLQGPPGTGKSHFAIGLALYYPSARIVYTACSHAAVDALCEK
ALKYLPIDKCSRIIPARARVECFDKFKVNSTLEQYVFCTVNALPETTADIVVFDEISMATNYDLSVVNARLRAKHYVYIG
DPAQLPAPRTLLTKGTLEPEYFNSVCRLMKTIGPDMFLGTCRRCPAEIVDTVSALVYDNKLKAHKDKSAQCFKMFYKGVI
THDVSSAINRPQIGVVREFLTRNPAWRKAVFISPYNSQNAVASKILGLPTQTVDSSQGSEYDYVIFTQTTETAHSCNVNR
FNVAITRAKVGILCIMSDRDLYDKLQFTSLEIPRRNVATLQ
;
E,R,F,S
5 'polypeptide(L)'
;SNAMNNELSPVALRQMSCAAGTTQTACTDDNALAYYNTTKGGRFVLALLSDLQDLKWARFPKSDGTGTIYTELEPPCRFV
TDTPKGPKVKYLYFIKGLNNLNRGMVLGSLAATVRLQ
;
G,T
6 'polypeptide(L)'
;AGNATEVPANSTVLSFCAFAVDAAKAYKDYLASGGQPITNCVKMLCTHTGTGQAITVTPEANMDQESFGGASCCLYCRCH
IDHPNPKGFCDLKGKYVQIPTTCANDPVGFTLKNTVCTVCGMWKGYGCSCDQLREPMLQ
;
H,U
7 'polypeptide(L)'
;AENVTGLFKDCSKVITGLHPTQAPTHLSVDTKFKTEGLCVDIPGIPKDMTYRRLISMMGFKMNYQVNGYPNMFITREEAI
RHVRAWIGFDVEGCHATREAVGTNLPLQLGFSTGVNLVAVPTGYVDTPNNTDFSRVSAKPPPGDQFKHLIPLMYKGLPWN
VVRIKIVQMLSDTLKNLSDRVVFVLWAHGFELTSMKYFVKIGPERTCCLCDRRATCFSTASDTYACWHHSIGFDYVYNPF
MIDVQQWGFTGNLQSNHDLYCQVHGNAHVASCDAIMTRCLAVHECFVKRVDWTIEYPIIGDELKINAACRKVQHMVVKAA
LLADKFPVLHDIGNPKAIKCVPQADVEWKFYDAQPCSDKAYKIEELFYSYATHSDKFTDGVCLFWNCNVDRYPANSIVCR
FDTRVLSNLNLPGCDGGSLYVNKHAFHTPAFDKSAFVNLKQLPFFYYSDSPCESHGKQVVSDIDYVPLKSATCITRCNLG
GAVCRHHANEYRLYLDAYNMMISAGFSLWVYKQFDTYNLWNTFTRLQ
;
K,X
8 'polyribonucleotide' GCGGUAGUAGCAUGCUAGGGAGCAG I,L
9 'polyribonucleotide' AAUGUCUGACUGCUCCCUAGCAUGCUACUACCG J,M
#
# COMPACT_ATOMS: atom_id res chain seq x y z
N ALA A 4 17.37 32.22 -8.23
CA ALA A 4 15.98 32.07 -7.85
C ALA A 4 14.85 32.47 -8.81
N GLN A 5 14.91 33.69 -9.31
CA GLN A 5 13.94 34.11 -10.28
C GLN A 5 14.73 33.77 -11.53
N SER A 6 15.53 32.72 -11.46
CA SER A 6 16.25 32.34 -12.62
C SER A 6 15.34 31.43 -13.35
N PHE A 7 14.91 30.36 -12.67
CA PHE A 7 13.99 29.38 -13.22
C PHE A 7 12.79 30.04 -13.79
N LEU A 8 12.16 30.93 -13.04
CA LEU A 8 11.04 31.62 -13.59
C LEU A 8 11.34 32.43 -14.80
N ASN A 9 12.52 33.00 -14.95
CA ASN A 9 12.77 33.75 -16.13
C ASN A 9 13.44 33.01 -17.24
N ARG A 10 14.52 32.32 -16.95
CA ARG A 10 15.20 31.64 -18.02
C ARG A 10 14.41 30.49 -18.53
N VAL A 11 13.17 30.39 -18.10
CA VAL A 11 12.31 29.36 -18.59
C VAL A 11 11.32 29.97 -19.53
N CYS A 12 10.90 31.13 -19.14
CA CYS A 12 9.88 31.82 -19.93
C CYS A 12 10.40 31.84 -21.36
N GLY A 13 11.70 31.63 -21.55
CA GLY A 13 12.28 31.66 -22.87
C GLY A 13 12.14 33.02 -23.53
N VAL A 14 11.31 33.09 -24.56
CA VAL A 14 11.12 34.34 -25.30
C VAL A 14 9.66 34.77 -25.40
N SER A 15 8.70 33.87 -25.23
CA SER A 15 7.31 34.17 -25.54
C SER A 15 6.60 34.73 -24.31
N ALA A 16 6.44 36.06 -24.30
CA ALA A 16 5.53 36.73 -23.39
C ALA A 16 5.88 36.51 -21.92
N ALA A 17 6.71 37.39 -21.36
CA ALA A 17 7.11 37.27 -19.96
C ALA A 17 5.93 37.53 -19.02
N ARG A 18 4.92 36.66 -19.07
CA ARG A 18 3.73 36.80 -18.24
C ARG A 18 3.47 35.52 -17.47
N LEU A 19 4.50 34.97 -16.84
CA LEU A 19 4.36 33.73 -16.10
C LEU A 19 3.96 34.01 -14.66
N THR A 20 3.89 32.93 -13.88
CA THR A 20 3.54 32.97 -12.46
C THR A 20 3.77 31.60 -11.86
N PRO A 21 4.57 31.50 -10.77
CA PRO A 21 4.69 30.13 -10.28
C PRO A 21 3.42 29.74 -9.62
N CYS A 22 2.94 28.54 -9.90
CA CYS A 22 1.77 28.04 -9.22
C CYS A 22 2.46 26.90 -8.52
N GLY A 23 3.75 26.82 -8.82
CA GLY A 23 4.71 26.15 -7.98
C GLY A 23 4.99 27.04 -6.77
N THR A 24 5.48 26.44 -5.70
CA THR A 24 5.77 27.23 -4.51
C THR A 24 7.11 27.90 -4.62
N GLY A 25 8.02 27.30 -5.37
CA GLY A 25 9.37 27.85 -5.42
C GLY A 25 10.12 27.40 -6.66
N THR A 26 11.10 26.51 -6.51
CA THR A 26 11.82 25.97 -7.63
C THR A 26 11.69 24.49 -7.45
N SER A 27 10.80 24.10 -6.54
CA SER A 27 10.58 22.70 -6.27
C SER A 27 9.39 22.18 -7.08
N THR A 28 9.34 20.86 -7.20
CA THR A 28 8.28 20.20 -7.95
C THR A 28 6.95 20.33 -7.21
N ASP A 29 5.92 19.69 -7.77
CA ASP A 29 4.56 19.79 -7.26
C ASP A 29 3.92 18.40 -7.21
N VAL A 30 2.97 18.25 -6.29
CA VAL A 30 2.27 16.99 -6.08
C VAL A 30 0.82 17.16 -6.52
N VAL A 31 0.36 16.26 -7.39
CA VAL A 31 -0.98 16.31 -7.95
C VAL A 31 -1.50 14.90 -8.13
N TYR A 32 -2.80 14.79 -8.35
CA TYR A 32 -3.47 13.51 -8.57
C TYR A 32 -3.97 13.47 -10.00
N ARG A 33 -3.41 12.59 -10.81
CA ARG A 33 -3.78 12.46 -12.21
C ARG A 33 -4.08 11.00 -12.53
N ALA A 34 -4.79 10.78 -13.63
CA ALA A 34 -5.13 9.44 -14.07
C ALA A 34 -4.20 9.02 -15.20
N PHE A 35 -3.68 7.80 -15.12
CA PHE A 35 -2.67 7.33 -16.05
C PHE A 35 -3.07 6.00 -16.68
N ASP A 36 -2.35 5.64 -17.74
CA ASP A 36 -2.53 4.38 -18.44
C ASP A 36 -1.18 3.65 -18.41
N ILE A 37 -1.02 2.73 -17.47
CA ILE A 37 0.28 2.15 -17.16
C ILE A 37 0.46 0.67 -17.42
N TYR A 38 1.28 0.35 -18.42
CA TYR A 38 1.74 -1.01 -18.65
C TYR A 38 3.27 -1.12 -18.78
N ASN A 39 3.95 -1.25 -17.65
CA ASN A 39 5.34 -1.67 -17.67
C ASN A 39 5.23 -3.13 -17.28
N ASP A 40 6.33 -3.87 -17.36
CA ASP A 40 6.27 -5.26 -16.94
C ASP A 40 5.64 -5.81 -15.67
N LYS A 41 5.57 -4.99 -14.62
CA LYS A 41 5.15 -5.54 -13.33
C LYS A 41 3.77 -5.06 -12.94
N VAL A 42 3.48 -3.77 -13.10
CA VAL A 42 2.15 -3.22 -12.83
C VAL A 42 1.49 -2.87 -14.16
N ALA A 43 0.16 -2.87 -14.16
CA ALA A 43 -0.62 -2.59 -15.35
C ALA A 43 -2.02 -2.15 -14.96
N GLY A 44 -2.56 -1.22 -15.70
CA GLY A 44 -3.94 -0.82 -15.51
C GLY A 44 -4.17 0.61 -15.94
N PHE A 45 -5.32 1.14 -15.53
CA PHE A 45 -5.72 2.51 -15.85
C PHE A 45 -6.36 3.06 -14.58
N ALA A 46 -5.65 3.96 -13.89
CA ALA A 46 -6.06 4.38 -12.57
C ALA A 46 -5.43 5.72 -12.26
N LYS A 47 -5.73 6.23 -11.07
CA LYS A 47 -5.23 7.52 -10.62
C LYS A 47 -3.95 7.32 -9.82
N PHE A 48 -2.84 7.84 -10.32
CA PHE A 48 -1.58 7.80 -9.62
C PHE A 48 -1.22 9.20 -9.14
N LEU A 49 -0.03 9.35 -8.59
CA LEU A 49 0.39 10.58 -7.94
C LEU A 49 1.63 11.11 -8.64
N LYS A 50 1.42 11.96 -9.65
CA LYS A 50 2.54 12.55 -10.37
C LYS A 50 3.20 13.59 -9.48
N THR A 51 4.53 13.66 -9.55
CA THR A 51 5.29 14.44 -8.59
C THR A 51 6.39 15.31 -9.18
N ASN A 52 6.95 14.99 -10.33
CA ASN A 52 8.14 15.67 -10.83
C ASN A 52 7.86 16.70 -11.90
N CYS A 53 7.19 17.80 -11.54
CA CYS A 53 6.87 18.82 -12.53
C CYS A 53 6.74 20.17 -11.84
N CYS A 54 7.53 21.15 -12.30
CA CYS A 54 7.35 22.53 -11.86
C CYS A 54 6.40 23.21 -12.82
N ARG A 55 5.21 23.56 -12.34
CA ARG A 55 4.12 24.01 -13.18
C ARG A 55 3.90 25.51 -13.00
N PHE A 56 3.94 26.24 -14.11
CA PHE A 56 3.88 27.70 -14.06
C PHE A 56 2.64 28.18 -14.80
N GLN A 57 1.72 28.77 -14.06
CA GLN A 57 0.49 29.27 -14.66
C GLN A 57 0.78 30.53 -15.48
N GLU A 58 0.51 30.47 -16.78
CA GLU A 58 0.76 31.61 -17.64
C GLU A 58 -0.34 32.64 -17.46
N LYS A 59 0.03 33.91 -17.47
CA LYS A 59 -0.90 34.98 -17.15
C LYS A 59 -1.27 35.78 -18.39
N ASP A 60 -2.42 36.44 -18.33
CA ASP A 60 -2.96 37.23 -19.42
C ASP A 60 -2.76 38.72 -19.12
N GLU A 61 -3.18 39.57 -20.06
CA GLU A 61 -3.25 41.00 -19.82
C GLU A 61 -4.13 41.27 -18.61
N ASP A 62 -4.06 42.51 -18.11
CA ASP A 62 -4.81 42.96 -16.94
C ASP A 62 -4.54 42.10 -15.70
N ASP A 63 -3.49 41.28 -15.72
CA ASP A 63 -3.08 40.42 -14.62
C ASP A 63 -4.20 39.50 -14.16
N ASN A 64 -5.11 39.13 -15.06
CA ASN A 64 -6.00 38.02 -14.77
C ASN A 64 -5.40 36.74 -15.29
N LEU A 65 -5.91 35.63 -14.78
CA LEU A 65 -5.33 34.33 -15.05
C LEU A 65 -5.89 33.75 -16.35
N ILE A 66 -5.20 32.76 -16.89
CA ILE A 66 -5.64 32.14 -18.13
C ILE A 66 -5.13 30.71 -18.13
N ASP A 67 -5.88 29.83 -18.78
CA ASP A 67 -5.65 28.40 -18.67
C ASP A 67 -4.71 27.94 -19.77
N SER A 68 -3.41 27.96 -19.48
CA SER A 68 -2.39 27.50 -20.42
C SER A 68 -1.32 27.53 -19.35
N TYR A 69 -0.38 26.58 -19.38
CA TYR A 69 0.51 26.46 -18.23
C TYR A 69 1.75 26.07 -19.04
N PHE A 70 2.91 26.20 -18.38
CA PHE A 70 4.15 25.61 -18.82
C PHE A 70 4.51 24.53 -17.82
N VAL A 71 4.98 23.39 -18.30
CA VAL A 71 5.32 22.26 -17.43
C VAL A 71 6.77 21.91 -17.68
N VAL A 72 7.56 21.85 -16.62
CA VAL A 72 8.98 21.56 -16.70
C VAL A 72 9.27 20.29 -15.94
N LYS A 73 10.02 19.39 -16.55
CA LYS A 73 10.36 18.11 -15.95
C LYS A 73 11.87 18.02 -15.79
N ARG A 74 12.31 17.13 -14.90
CA ARG A 74 13.71 16.78 -14.76
C ARG A 74 13.83 15.27 -14.70
N HIS A 75 14.77 14.71 -15.46
CA HIS A 75 14.99 13.27 -15.41
C HIS A 75 16.44 13.00 -15.82
N THR A 76 16.69 11.80 -16.35
CA THR A 76 18.05 11.36 -16.63
C THR A 76 18.58 12.07 -17.89
N PHE A 77 19.91 12.21 -17.96
CA PHE A 77 20.54 12.79 -19.14
C PHE A 77 20.25 11.94 -20.38
N SER A 78 20.32 10.62 -20.27
CA SER A 78 20.01 9.78 -21.42
C SER A 78 18.59 10.05 -21.91
N ASN A 79 17.65 10.14 -20.97
CA ASN A 79 16.29 10.56 -21.31
C ASN A 79 16.32 11.90 -22.03
N TYR A 80 17.18 12.82 -21.59
CA TYR A 80 17.26 14.13 -22.21
C TYR A 80 17.65 14.02 -23.68
N GLN A 81 18.75 13.33 -23.97
CA GLN A 81 19.17 13.23 -25.37
C GLN A 81 18.13 12.50 -26.20
N HIS A 82 17.48 11.49 -25.61
CA HIS A 82 16.49 10.72 -26.35
C HIS A 82 15.34 11.61 -26.78
N GLU A 83 14.71 12.30 -25.82
CA GLU A 83 13.63 13.22 -26.17
C GLU A 83 14.13 14.28 -27.12
N GLU A 84 15.38 14.73 -26.94
CA GLU A 84 15.96 15.72 -27.83
C GLU A 84 15.87 15.26 -29.27
N THR A 85 16.55 14.16 -29.59
CA THR A 85 16.63 13.71 -30.97
C THR A 85 15.26 13.40 -31.55
N ILE A 86 14.38 12.77 -30.75
CA ILE A 86 13.07 12.42 -31.30
C ILE A 86 12.26 13.67 -31.60
N TYR A 87 12.28 14.65 -30.70
CA TYR A 87 11.60 15.90 -31.00
C TYR A 87 12.19 16.59 -32.22
N ASN A 88 13.51 16.47 -32.40
CA ASN A 88 14.11 17.02 -33.60
C ASN A 88 13.53 16.37 -34.84
N LEU A 89 13.30 15.05 -34.77
CA LEU A 89 12.71 14.35 -35.91
C LEU A 89 11.31 14.85 -36.18
N LEU A 90 10.49 14.97 -35.13
CA LEU A 90 9.06 15.19 -35.29
C LEU A 90 8.64 16.64 -35.16
N LYS A 91 9.57 17.60 -35.23
CA LYS A 91 9.27 18.96 -34.82
C LYS A 91 8.39 19.73 -35.80
N ASP A 92 7.63 19.05 -36.65
CA ASP A 92 7.02 19.76 -37.76
C ASP A 92 5.50 19.75 -37.74
N CYS A 93 4.90 18.58 -37.56
CA CYS A 93 3.45 18.47 -37.62
C CYS A 93 2.82 19.26 -36.49
N PRO A 94 1.78 20.05 -36.76
CA PRO A 94 1.21 20.92 -35.71
C PRO A 94 0.65 20.18 -34.52
N ALA A 95 0.62 18.85 -34.57
CA ALA A 95 0.05 18.07 -33.47
C ALA A 95 0.98 17.98 -32.27
N VAL A 96 2.20 18.50 -32.37
CA VAL A 96 3.20 18.34 -31.31
C VAL A 96 3.35 19.65 -30.56
N ALA A 97 3.43 19.57 -29.24
CA ALA A 97 3.64 20.76 -28.42
C ALA A 97 5.10 21.16 -28.46
N LYS A 98 5.34 22.46 -28.53
CA LYS A 98 6.70 22.97 -28.69
C LYS A 98 7.50 22.74 -27.40
N HIS A 99 8.36 21.74 -27.41
CA HIS A 99 9.23 21.51 -26.28
C HIS A 99 10.30 22.58 -26.20
N ASP A 100 11.16 22.45 -25.19
CA ASP A 100 12.34 23.29 -25.06
C ASP A 100 13.28 22.59 -24.09
N PHE A 101 14.48 22.31 -24.54
CA PHE A 101 15.48 21.64 -23.72
C PHE A 101 16.52 22.65 -23.27
N PHE A 102 16.94 22.55 -22.02
CA PHE A 102 18.01 23.38 -21.49
C PHE A 102 18.53 22.71 -20.23
N LYS A 103 19.50 23.33 -19.57
CA LYS A 103 20.04 22.81 -18.34
C LYS A 103 20.17 23.97 -17.35
N PHE A 104 20.22 23.61 -16.07
CA PHE A 104 20.31 24.62 -15.02
C PHE A 104 21.01 24.00 -13.83
N ARG A 105 21.49 24.86 -12.94
CA ARG A 105 22.17 24.46 -11.73
C ARG A 105 21.45 25.03 -10.53
N ILE A 106 21.17 24.19 -9.54
CA ILE A 106 20.62 24.68 -8.29
C ILE A 106 21.82 25.01 -7.41
N ASP A 107 22.50 23.96 -6.94
CA ASP A 107 23.84 24.10 -6.37
C ASP A 107 25.17 23.93 -7.07
N GLY A 108 25.53 22.69 -7.41
CA GLY A 108 26.70 22.45 -8.22
C GLY A 108 26.23 21.64 -9.41
N ASP A 109 24.92 21.49 -9.57
CA ASP A 109 24.40 20.59 -10.59
C ASP A 109 23.87 21.07 -11.94
N MET A 110 24.67 20.98 -12.99
CA MET A 110 24.11 21.25 -14.31
C MET A 110 23.07 20.16 -14.61
N VAL A 111 21.83 20.39 -14.21
CA VAL A 111 20.83 19.33 -14.21
C VAL A 111 19.94 19.48 -15.45
N PRO A 112 19.50 18.40 -16.06
CA PRO A 112 18.61 18.49 -17.22
C PRO A 112 17.24 19.03 -16.87
N HIS A 113 16.56 19.53 -17.89
CA HIS A 113 15.27 20.20 -17.71
C HIS A 113 14.57 20.27 -19.06
N ILE A 114 13.33 19.80 -19.12
CA ILE A 114 12.54 19.80 -20.34
C ILE A 114 11.28 20.63 -20.06
N SER A 115 11.01 21.60 -20.92
CA SER A 115 9.88 22.50 -20.74
C SER A 115 8.89 22.36 -21.88
N ARG A 116 7.63 22.12 -21.55
CA ARG A 116 6.55 22.13 -22.52
C ARG A 116 5.82 23.47 -22.46
N GLN A 117 5.42 23.97 -23.62
CA GLN A 117 4.94 25.34 -23.73
C GLN A 117 3.45 25.37 -24.05
N ARG A 118 2.70 26.09 -23.22
CA ARG A 118 1.27 26.36 -23.45
C ARG A 118 0.47 25.06 -23.55
N LEU A 119 0.44 24.31 -22.46
CA LEU A 119 -0.41 23.14 -22.34
C LEU A 119 -1.76 23.50 -21.74
N THR A 120 -2.42 22.50 -21.18
CA THR A 120 -3.69 22.69 -20.47
C THR A 120 -3.59 22.02 -19.10
N LYS A 121 -4.55 22.31 -18.23
CA LYS A 121 -4.50 21.73 -16.90
C LYS A 121 -4.71 20.24 -16.90
N TYR A 122 -5.58 19.71 -17.74
CA TYR A 122 -5.88 18.28 -17.72
C TYR A 122 -5.56 17.68 -19.08
N THR A 123 -5.47 16.36 -19.10
CA THR A 123 -5.29 15.62 -20.34
C THR A 123 -6.57 14.86 -20.67
N MET A 124 -6.57 14.25 -21.86
CA MET A 124 -7.72 13.45 -22.25
C MET A 124 -8.02 12.34 -21.23
N ALA A 125 -6.96 11.73 -20.70
CA ALA A 125 -7.16 10.64 -19.75
C ALA A 125 -7.96 11.10 -18.54
N ASP A 126 -7.77 12.34 -18.12
CA ASP A 126 -8.53 12.84 -16.97
C ASP A 126 -10.02 12.94 -17.31
N LEU A 127 -10.34 13.50 -18.48
CA LEU A 127 -11.74 13.59 -18.89
C LEU A 127 -12.37 12.20 -18.99
N VAL A 128 -11.68 11.28 -19.65
CA VAL A 128 -12.22 9.93 -19.82
C VAL A 128 -12.40 9.25 -18.48
N TYR A 129 -11.43 9.41 -17.58
CA TYR A 129 -11.56 8.78 -16.28
C TYR A 129 -12.73 9.37 -15.51
N ALA A 130 -12.87 10.69 -15.52
CA ALA A 130 -13.97 11.33 -14.81
C ALA A 130 -15.30 10.82 -15.33
N LEU A 131 -15.42 10.63 -16.63
CA LEU A 131 -16.72 10.23 -17.16
C LEU A 131 -16.96 8.73 -17.06
N ARG A 132 -15.92 7.93 -16.90
CA ARG A 132 -16.09 6.48 -16.83
C ARG A 132 -15.99 5.97 -15.40
N HIS A 133 -15.74 6.83 -14.43
CA HIS A 133 -15.76 6.45 -13.02
C HIS A 133 -16.45 7.52 -12.20
N PHE A 134 -17.73 7.72 -12.45
CA PHE A 134 -18.43 8.86 -11.89
C PHE A 134 -18.99 8.53 -10.51
N ASP A 135 -18.89 9.50 -9.60
CA ASP A 135 -19.51 9.39 -8.28
C ASP A 135 -19.87 10.80 -7.83
N GLU A 136 -21.16 11.05 -7.63
CA GLU A 136 -21.61 12.42 -7.38
C GLU A 136 -21.09 12.99 -6.07
N GLY A 137 -20.39 12.19 -5.26
CA GLY A 137 -19.82 12.71 -4.03
C GLY A 137 -18.57 13.53 -4.22
N ASN A 138 -17.84 13.31 -5.32
CA ASN A 138 -16.58 14.00 -5.52
C ASN A 138 -16.28 14.25 -6.99
N CYS A 139 -17.32 14.51 -7.78
CA CYS A 139 -17.16 14.82 -9.19
C CYS A 139 -16.65 16.23 -9.43
N ASP A 140 -15.59 16.65 -8.74
CA ASP A 140 -15.18 18.04 -8.77
C ASP A 140 -14.36 18.37 -10.01
N THR A 141 -13.43 17.49 -10.38
CA THR A 141 -12.64 17.73 -11.58
C THR A 141 -13.52 17.89 -12.81
N LEU A 142 -14.56 17.05 -12.90
CA LEU A 142 -15.52 17.19 -13.99
C LEU A 142 -16.15 18.57 -13.96
N LYS A 143 -16.60 19.01 -12.79
CA LYS A 143 -17.17 20.34 -12.66
C LYS A 143 -16.20 21.39 -13.17
N GLU A 144 -14.92 21.23 -12.84
CA GLU A 144 -13.93 22.23 -13.24
C GLU A 144 -13.80 22.27 -14.75
N ILE A 145 -13.74 21.10 -15.39
CA ILE A 145 -13.65 21.07 -16.86
C ILE A 145 -14.85 21.76 -17.48
N LEU A 146 -16.05 21.41 -17.02
CA LEU A 146 -17.26 21.98 -17.63
C LEU A 146 -17.30 23.49 -17.46
N VAL A 147 -16.99 24.00 -16.27
CA VAL A 147 -17.06 25.44 -16.08
C VAL A 147 -15.94 26.14 -16.81
N THR A 148 -14.78 25.48 -16.96
CA THR A 148 -13.67 26.08 -17.66
C THR A 148 -13.98 26.29 -19.13
N TYR A 149 -14.48 25.25 -19.80
CA TYR A 149 -14.69 25.34 -21.24
C TYR A 149 -16.06 25.89 -21.61
N ASN A 150 -16.69 26.62 -20.70
CA ASN A 150 -17.91 27.38 -20.97
C ASN A 150 -19.07 26.49 -21.41
N CYS A 151 -19.09 25.25 -20.95
CA CYS A 151 -20.27 24.42 -21.16
C CYS A 151 -21.46 24.99 -20.40
N CYS A 152 -21.42 24.93 -19.08
CA CYS A 152 -22.42 25.58 -18.24
C CYS A 152 -21.62 26.42 -17.26
N ASP A 153 -22.30 27.25 -16.48
CA ASP A 153 -21.62 28.04 -15.45
C ASP A 153 -22.02 27.77 -14.01
N ASP A 154 -21.10 28.09 -13.10
CA ASP A 154 -21.05 27.49 -11.78
C ASP A 154 -22.42 27.36 -11.10
N ASP A 155 -23.23 28.42 -11.16
CA ASP A 155 -24.47 28.46 -10.41
C ASP A 155 -25.39 27.30 -10.77
N TYR A 156 -25.15 26.68 -11.93
CA TYR A 156 -25.90 25.51 -12.34
C TYR A 156 -25.75 24.36 -11.35
N PHE A 157 -24.56 24.12 -10.82
CA PHE A 157 -24.34 22.90 -10.06
C PHE A 157 -25.09 22.85 -8.74
N ASN A 158 -25.70 23.95 -8.31
CA ASN A 158 -26.53 23.89 -7.11
C ASN A 158 -27.95 23.45 -7.45
N LYS A 159 -28.32 23.48 -8.73
CA LYS A 159 -29.58 22.89 -9.13
C LYS A 159 -29.52 21.40 -8.90
N LYS A 160 -29.95 20.96 -7.72
CA LYS A 160 -29.72 19.59 -7.29
C LYS A 160 -30.37 18.61 -8.25
N ASP A 161 -29.72 17.46 -8.41
CA ASP A 161 -29.96 16.46 -9.45
C ASP A 161 -29.52 16.95 -10.83
N TRP A 162 -28.50 17.80 -10.89
CA TRP A 162 -28.01 18.25 -12.17
C TRP A 162 -27.42 17.13 -12.99
N TYR A 163 -26.82 16.14 -12.35
CA TYR A 163 -26.10 15.07 -13.03
C TYR A 163 -26.99 13.93 -13.48
N ASP A 164 -28.21 13.83 -12.97
CA ASP A 164 -29.07 12.72 -13.29
C ASP A 164 -29.48 12.76 -14.76
N PHE A 165 -29.89 11.61 -15.27
CA PHE A 165 -30.24 11.45 -16.67
C PHE A 165 -31.74 11.40 -16.86
N VAL A 166 -32.42 10.51 -16.14
CA VAL A 166 -33.88 10.48 -16.14
C VAL A 166 -34.42 11.80 -15.61
N GLU A 167 -33.82 12.30 -14.53
CA GLU A 167 -34.15 13.61 -14.02
C GLU A 167 -33.19 14.64 -14.63
N ASN A 168 -33.75 15.80 -14.99
CA ASN A 168 -32.98 16.84 -15.65
C ASN A 168 -32.35 16.29 -16.92
N PRO A 169 -33.07 16.27 -18.04
CA PRO A 169 -32.44 15.81 -19.29
C PRO A 169 -31.62 16.88 -19.99
N ASP A 170 -31.51 18.09 -19.44
CA ASP A 170 -30.68 19.11 -20.07
C ASP A 170 -29.20 18.77 -19.98
N ILE A 171 -28.84 17.85 -19.11
CA ILE A 171 -27.46 17.43 -18.93
C ILE A 171 -26.94 16.89 -20.24
N LEU A 172 -27.84 16.41 -21.11
CA LEU A 172 -27.42 15.91 -22.40
C LEU A 172 -26.86 17.03 -23.27
N ARG A 173 -27.58 18.16 -23.34
CA ARG A 173 -27.06 19.33 -24.04
C ARG A 173 -25.75 19.80 -23.44
N VAL A 174 -25.71 19.87 -22.11
CA VAL A 174 -24.51 20.38 -21.44
C VAL A 174 -23.31 19.53 -21.81
N TYR A 175 -23.45 18.20 -21.75
CA TYR A 175 -22.38 17.33 -22.19
C TYR A 175 -22.09 17.52 -23.68
N ALA A 176 -23.12 17.74 -24.49
CA ALA A 176 -22.93 17.80 -25.92
C ALA A 176 -22.05 18.96 -26.32
N ASN A 177 -21.97 19.98 -25.46
CA ASN A 177 -21.14 21.13 -25.81
C ASN A 177 -19.64 20.82 -25.92
N LEU A 178 -19.20 19.59 -25.66
CA LEU A 178 -17.78 19.27 -25.74
C LEU A 178 -17.43 18.56 -27.04
N GLY A 179 -18.42 18.33 -27.89
CA GLY A 179 -18.22 17.57 -29.10
C GLY A 179 -17.15 18.10 -30.01
N GLU A 180 -17.16 19.41 -30.24
CA GLU A 180 -16.23 20.04 -31.16
C GLU A 180 -14.80 19.81 -30.71
N ARG A 181 -14.54 20.01 -29.41
CA ARG A 181 -13.19 19.83 -28.90
C ARG A 181 -12.74 18.38 -28.99
N VAL A 182 -13.66 17.45 -28.69
CA VAL A 182 -13.29 16.04 -28.79
C VAL A 182 -12.95 15.68 -30.23
N ARG A 183 -13.70 16.27 -31.18
CA ARG A 183 -13.43 16.02 -32.59
C ARG A 183 -12.05 16.53 -33.01
N GLN A 184 -11.73 17.76 -32.59
CA GLN A 184 -10.41 18.30 -32.91
C GLN A 184 -9.32 17.39 -32.40
N ALA A 185 -9.52 16.82 -31.22
CA ALA A 185 -8.54 15.87 -30.69
C ALA A 185 -8.28 14.72 -31.65
N LEU A 186 -9.35 14.14 -32.21
CA LEU A 186 -9.20 13.00 -33.11
C LEU A 186 -8.47 13.39 -34.38
N LEU A 187 -8.88 14.51 -34.97
CA LEU A 187 -8.22 14.98 -36.19
C LEU A 187 -6.72 15.15 -35.97
N LYS A 188 -6.34 15.72 -34.83
CA LYS A 188 -4.93 15.95 -34.57
C LYS A 188 -4.20 14.64 -34.31
N THR A 189 -4.89 13.66 -33.72
CA THR A 189 -4.26 12.36 -33.54
C THR A 189 -3.95 11.73 -34.89
N VAL A 190 -4.85 11.90 -35.85
CA VAL A 190 -4.58 11.35 -37.18
C VAL A 190 -3.38 12.03 -37.80
N GLN A 191 -3.30 13.36 -37.66
CA GLN A 191 -2.14 14.07 -38.22
C GLN A 191 -0.83 13.55 -37.63
N PHE A 192 -0.80 13.38 -36.31
CA PHE A 192 0.40 12.87 -35.65
C PHE A 192 0.73 11.46 -36.15
N CYS A 193 -0.27 10.58 -36.27
CA CYS A 193 0.03 9.23 -36.74
C CYS A 193 0.65 9.29 -38.13
N ASP A 194 0.15 10.19 -38.97
CA ASP A 194 0.75 10.40 -40.28
C ASP A 194 2.21 10.76 -40.18
N ALA A 195 2.52 11.82 -39.44
CA ALA A 195 3.90 12.28 -39.33
C ALA A 195 4.79 11.20 -38.72
N MET A 196 4.23 10.41 -37.82
CA MET A 196 5.01 9.40 -37.11
C MET A 196 5.36 8.24 -38.02
N ARG A 197 4.45 7.88 -38.91
CA ARG A 197 4.80 6.85 -39.89
C ARG A 197 5.80 7.40 -40.89
N ASN A 198 5.62 8.65 -41.33
CA ASN A 198 6.53 9.21 -42.31
C ASN A 198 7.96 9.28 -41.78
N ALA A 199 8.14 9.76 -40.56
CA ALA A 199 9.47 9.92 -40.01
C ALA A 199 10.05 8.64 -39.43
N GLY A 200 9.43 7.48 -39.68
CA GLY A 200 9.99 6.22 -39.25
C GLY A 200 10.21 6.13 -37.75
N ILE A 201 9.13 6.13 -36.99
CA ILE A 201 9.17 6.04 -35.54
C ILE A 201 8.16 4.99 -35.09
N VAL A 202 8.51 4.24 -34.07
CA VAL A 202 7.63 3.22 -33.50
C VAL A 202 7.38 3.54 -32.03
N GLY A 203 6.12 3.51 -31.63
CA GLY A 203 5.78 3.78 -30.25
C GLY A 203 4.30 3.70 -29.96
N VAL A 204 3.95 3.31 -28.74
CA VAL A 204 2.55 3.16 -28.36
C VAL A 204 1.99 4.51 -27.95
N LEU A 205 0.82 4.84 -28.50
CA LEU A 205 0.12 6.07 -28.16
C LEU A 205 -0.83 5.79 -27.01
N THR A 206 -0.87 6.70 -26.05
CA THR A 206 -1.77 6.60 -24.91
C THR A 206 -2.55 7.89 -24.74
N LEU A 207 -3.52 7.85 -23.81
CA LEU A 207 -4.41 9.00 -23.64
C LEU A 207 -3.73 10.10 -22.86
N ASP A 208 -3.00 9.75 -21.80
CA ASP A 208 -2.50 10.75 -20.87
C ASP A 208 -1.26 11.48 -21.40
N ASN A 209 -1.14 11.59 -22.72
CA ASN A 209 -0.07 12.36 -23.34
C ASN A 209 -0.64 13.31 -24.37
N GLN A 210 -1.78 13.92 -24.06
CA GLN A 210 -2.45 14.80 -25.00
C GLN A 210 -3.27 15.81 -24.23
N ASP A 211 -2.92 17.09 -24.38
CA ASP A 211 -3.69 18.12 -23.72
C ASP A 211 -5.06 18.21 -24.37
N LEU A 212 -6.00 18.90 -23.73
CA LEU A 212 -7.36 18.99 -24.26
C LEU A 212 -7.46 19.92 -25.46
N ASN A 213 -6.35 20.12 -26.18
CA ASN A 213 -6.33 20.82 -27.46
C ASN A 213 -5.84 19.91 -28.56
N GLY A 214 -5.48 18.69 -28.23
CA GLY A 214 -4.97 17.74 -29.19
C GLY A 214 -3.46 17.69 -29.29
N ASN A 215 -2.78 18.75 -28.92
CA ASN A 215 -1.32 18.80 -29.04
C ASN A 215 -0.68 17.71 -28.21
N TRP A 216 0.14 16.88 -28.83
CA TRP A 216 0.78 15.79 -28.11
C TRP A 216 2.26 15.97 -27.78
N TYR A 217 2.64 15.52 -26.59
CA TYR A 217 4.01 15.54 -26.10
C TYR A 217 5.27 14.91 -25.54
N ASP A 218 5.09 13.90 -24.69
CA ASP A 218 6.17 13.12 -24.10
C ASP A 218 6.47 11.96 -25.03
N PHE A 219 7.70 11.87 -25.52
CA PHE A 219 8.13 10.81 -26.43
C PHE A 219 9.03 9.84 -25.69
N GLY A 220 8.57 9.35 -24.54
CA GLY A 220 9.46 8.71 -23.60
C GLY A 220 10.20 7.53 -24.18
N ASP A 221 9.46 6.58 -24.77
CA ASP A 221 10.10 5.37 -25.25
C ASP A 221 9.72 5.06 -26.70
N PHE A 222 9.78 6.06 -27.56
CA PHE A 222 9.75 5.83 -28.99
C PHE A 222 11.12 5.38 -29.46
N ILE A 223 11.15 4.71 -30.61
CA ILE A 223 12.38 4.16 -31.17
C ILE A 223 12.49 4.58 -32.63
N GLN A 224 13.55 4.12 -33.28
CA GLN A 224 13.91 4.56 -34.61
C GLN A 224 13.85 3.41 -35.61
N THR A 225 13.63 3.76 -36.88
CA THR A 225 13.65 2.83 -37.99
C THR A 225 13.84 3.66 -39.26
N THR A 226 13.97 3.00 -40.41
CA THR A 226 14.08 3.70 -41.67
C THR A 226 12.85 4.58 -41.87
N PRO A 227 12.98 5.74 -42.50
CA PRO A 227 11.83 6.62 -42.70
C PRO A 227 10.75 5.95 -43.55
N GLY A 228 9.52 6.38 -43.33
CA GLY A 228 8.39 5.82 -44.05
C GLY A 228 8.11 4.38 -43.70
N SER A 229 8.37 3.97 -42.46
CA SER A 229 8.16 2.58 -42.09
C SER A 229 7.98 2.46 -40.58
N GLY A 230 7.30 3.43 -39.98
CA GLY A 230 7.07 3.45 -38.54
C GLY A 230 5.60 3.19 -38.24
N VAL A 231 5.35 2.29 -37.31
CA VAL A 231 3.99 1.83 -37.03
C VAL A 231 3.50 2.38 -35.69
N PRO A 232 2.64 3.39 -35.68
CA PRO A 232 2.03 3.83 -34.43
C PRO A 232 0.95 2.87 -33.97
N VAL A 233 0.90 2.63 -32.67
CA VAL A 233 -0.08 1.72 -32.08
C VAL A 233 -1.19 2.54 -31.46
N VAL A 234 -2.42 2.26 -31.87
CA VAL A 234 -3.58 3.02 -31.41
C VAL A 234 -4.68 2.08 -30.98
N ASP A 235 -4.39 1.17 -30.06
CA ASP A 235 -5.42 0.25 -29.63
C ASP A 235 -6.08 0.77 -28.37
N SER A 236 -5.32 0.83 -27.27
CA SER A 236 -5.87 1.30 -26.01
C SER A 236 -6.48 2.69 -26.15
N TYR A 237 -5.81 3.57 -26.88
CA TYR A 237 -6.31 4.92 -27.13
C TYR A 237 -7.77 4.91 -27.55
N TYR A 238 -8.05 4.43 -28.76
CA TYR A 238 -9.41 4.44 -29.28
C TYR A 238 -10.34 3.59 -28.42
N SER A 239 -9.87 2.42 -27.99
CA SER A 239 -10.75 1.52 -27.27
C SER A 239 -11.28 2.14 -26.00
N LEU A 240 -10.44 2.84 -25.26
CA LEU A 240 -10.91 3.56 -24.08
C LEU A 240 -11.69 4.81 -24.43
N LEU A 241 -11.31 5.52 -25.49
CA LEU A 241 -11.98 6.78 -25.79
C LEU A 241 -13.42 6.56 -26.25
N MET A 242 -13.72 5.39 -26.82
CA MET A 242 -14.96 5.18 -27.55
C MET A 242 -16.23 5.75 -26.92
N PRO A 243 -16.62 5.34 -25.70
CA PRO A 243 -17.95 5.75 -25.21
C PRO A 243 -18.19 7.24 -25.21
N ILE A 244 -17.15 8.03 -24.95
CA ILE A 244 -17.30 9.48 -24.89
C ILE A 244 -17.79 10.02 -26.22
N LEU A 245 -17.46 9.34 -27.32
CA LEU A 245 -17.83 9.85 -28.64
C LEU A 245 -19.34 9.98 -28.78
N THR A 246 -20.07 8.96 -28.33
CA THR A 246 -21.52 9.05 -28.41
C THR A 246 -22.11 9.78 -27.22
N LEU A 247 -21.46 9.72 -26.06
CA LEU A 247 -21.99 10.46 -24.93
C LEU A 247 -21.98 11.96 -25.19
N THR A 248 -20.97 12.46 -25.88
CA THR A 248 -20.84 13.89 -26.14
C THR A 248 -21.27 14.29 -27.54
N ARG A 249 -21.81 13.36 -28.33
CA ARG A 249 -22.28 13.64 -29.68
C ARG A 249 -21.19 14.34 -30.50
N ALA A 250 -20.07 13.64 -30.66
CA ALA A 250 -18.91 14.24 -31.30
C ALA A 250 -19.18 14.55 -32.76
N LEU A 251 -19.56 13.55 -33.55
CA LEU A 251 -19.65 13.69 -34.99
C LEU A 251 -20.81 14.55 -35.46
N THR A 252 -21.46 15.31 -34.58
CA THR A 252 -22.62 16.07 -35.02
C THR A 252 -22.25 17.19 -35.98
N ALA A 253 -20.95 17.45 -36.14
CA ALA A 253 -20.54 18.44 -37.12
C ALA A 253 -20.66 17.89 -38.53
N GLU A 254 -20.54 16.57 -38.68
CA GLU A 254 -20.48 15.98 -40.00
C GLU A 254 -21.75 16.22 -40.81
N SER A 255 -22.86 16.52 -40.14
CA SER A 255 -24.12 16.62 -40.86
C SER A 255 -24.31 17.98 -41.50
N HIS A 256 -23.40 18.92 -41.27
CA HIS A 256 -23.59 20.25 -41.80
C HIS A 256 -23.07 20.33 -43.23
N VAL A 257 -23.36 21.45 -43.89
CA VAL A 257 -23.07 21.65 -45.31
C VAL A 257 -21.60 21.38 -45.61
N ASP A 258 -20.72 21.70 -44.67
CA ASP A 258 -19.31 21.40 -44.87
C ASP A 258 -18.61 21.34 -43.52
N THR A 259 -19.13 20.50 -42.62
CA THR A 259 -18.55 20.29 -41.31
C THR A 259 -18.32 21.60 -40.57
N ASP A 260 -19.15 22.60 -40.86
CA ASP A 260 -18.96 23.97 -40.40
C ASP A 260 -20.19 24.39 -39.62
N LEU A 261 -20.06 24.42 -38.29
CA LEU A 261 -21.24 24.46 -37.42
C LEU A 261 -22.17 25.61 -37.75
N THR A 262 -21.68 26.63 -38.46
CA THR A 262 -22.54 27.77 -38.76
C THR A 262 -23.48 27.50 -39.93
N LYS A 263 -23.08 26.66 -40.89
CA LYS A 263 -23.83 26.47 -42.11
C LYS A 263 -25.04 25.55 -41.86
N PRO A 264 -26.00 25.51 -42.79
CA PRO A 264 -27.20 24.69 -42.57
C PRO A 264 -26.95 23.19 -42.62
N TYR A 265 -28.01 22.41 -42.75
CA TYR A 265 -27.87 20.96 -42.83
C TYR A 265 -27.81 20.54 -44.29
N ILE A 266 -27.13 19.44 -44.55
CA ILE A 266 -27.12 18.90 -45.91
C ILE A 266 -28.52 18.45 -46.24
N LYS A 267 -28.94 18.64 -47.49
CA LYS A 267 -30.21 18.09 -47.92
C LYS A 267 -30.01 16.74 -48.58
N TRP A 268 -30.01 15.66 -47.81
CA TRP A 268 -30.04 14.36 -48.43
C TRP A 268 -31.38 14.18 -49.13
N ASP A 269 -31.36 13.54 -50.29
CA ASP A 269 -32.62 13.29 -50.97
C ASP A 269 -33.36 12.16 -50.28
N LEU A 270 -34.68 12.14 -50.48
CA LEU A 270 -35.52 11.22 -49.73
C LEU A 270 -35.30 9.77 -50.17
N LEU A 271 -34.86 9.56 -51.40
CA LEU A 271 -34.87 8.21 -51.93
C LEU A 271 -33.57 7.47 -51.64
N LYS A 272 -32.50 8.18 -51.30
CA LYS A 272 -31.22 7.51 -51.14
C LYS A 272 -31.23 6.68 -49.87
N TYR A 273 -30.73 5.46 -49.96
CA TYR A 273 -30.68 4.59 -48.80
C TYR A 273 -29.43 3.73 -48.70
N ASP A 274 -28.47 3.84 -49.60
CA ASP A 274 -27.35 2.91 -49.55
C ASP A 274 -26.33 3.32 -48.51
N PHE A 275 -25.66 4.46 -48.72
CA PHE A 275 -24.88 5.09 -47.66
C PHE A 275 -23.69 4.24 -47.25
N THR A 276 -23.08 3.52 -48.19
CA THR A 276 -21.96 2.66 -47.84
C THR A 276 -20.63 3.38 -47.94
N GLU A 277 -20.35 4.00 -49.08
CA GLU A 277 -19.08 4.71 -49.24
C GLU A 277 -18.95 5.85 -48.25
N GLU A 278 -20.05 6.48 -47.87
CA GLU A 278 -19.98 7.52 -46.84
C GLU A 278 -19.42 6.96 -45.54
N ARG A 279 -19.89 5.78 -45.14
CA ARG A 279 -19.38 5.18 -43.91
C ARG A 279 -17.90 4.86 -44.03
N LEU A 280 -17.48 4.32 -45.17
CA LEU A 280 -16.07 4.01 -45.35
C LEU A 280 -15.22 5.27 -45.30
N LYS A 281 -15.72 6.36 -45.88
CA LYS A 281 -14.95 7.59 -45.91
C LYS A 281 -14.86 8.24 -44.54
N LEU A 282 -15.93 8.17 -43.75
CA LEU A 282 -15.85 8.64 -42.37
C LEU A 282 -14.88 7.78 -41.57
N PHE A 283 -14.92 6.47 -41.78
CA PHE A 283 -14.00 5.61 -41.05
C PHE A 283 -12.56 5.95 -41.38
N ASP A 284 -12.28 6.28 -42.64
CA ASP A 284 -10.91 6.65 -42.99
C ASP A 284 -10.56 8.02 -42.44
N ARG A 285 -11.52 8.94 -42.45
CA ARG A 285 -11.22 10.30 -41.97
C ARG A 285 -10.92 10.33 -40.48
N TYR A 286 -11.55 9.46 -39.70
CA TYR A 286 -11.41 9.58 -38.24
C TYR A 286 -10.64 8.44 -37.60
N PHE A 287 -10.58 7.26 -38.23
CA PHE A 287 -9.96 6.12 -37.56
C PHE A 287 -8.85 5.46 -38.36
N LYS A 288 -8.20 6.21 -39.26
CA LYS A 288 -7.27 5.67 -40.26
C LYS A 288 -6.48 4.46 -39.83
N TYR A 289 -5.80 4.53 -38.69
CA TYR A 289 -4.83 3.51 -38.32
C TYR A 289 -5.42 2.43 -37.44
N TRP A 290 -6.74 2.28 -37.39
CA TRP A 290 -7.32 1.14 -36.72
C TRP A 290 -6.97 -0.10 -37.54
N ASP A 291 -6.57 -1.18 -36.86
CA ASP A 291 -5.82 -2.25 -37.50
C ASP A 291 -6.68 -3.49 -37.73
N GLN A 292 -7.94 -3.26 -38.09
CA GLN A 292 -8.80 -4.40 -38.32
C GLN A 292 -9.86 -4.01 -39.35
N THR A 293 -10.20 -4.97 -40.22
CA THR A 293 -11.15 -4.70 -41.28
C THR A 293 -12.49 -4.23 -40.73
N TYR A 294 -13.26 -3.59 -41.59
CA TYR A 294 -14.55 -3.03 -41.21
C TYR A 294 -15.49 -3.12 -42.40
N HIS A 295 -16.50 -3.97 -42.31
CA HIS A 295 -17.47 -4.14 -43.37
C HIS A 295 -18.69 -3.29 -43.04
N PRO A 296 -19.02 -2.28 -43.83
CA PRO A 296 -20.18 -1.44 -43.50
C PRO A 296 -21.48 -2.20 -43.51
N ASN A 297 -21.59 -3.26 -44.28
CA ASN A 297 -22.79 -4.08 -44.33
C ASN A 297 -22.46 -5.43 -43.70
N CYS A 298 -22.98 -5.66 -42.50
CA CYS A 298 -22.57 -6.81 -41.70
C CYS A 298 -22.93 -8.13 -42.34
N VAL A 299 -23.54 -8.14 -43.53
CA VAL A 299 -23.81 -9.40 -44.20
C VAL A 299 -22.51 -10.13 -44.51
N ASN A 300 -21.46 -9.39 -44.78
CA ASN A 300 -20.19 -9.96 -45.19
C ASN A 300 -19.28 -10.31 -44.03
N CYS A 301 -19.78 -10.26 -42.79
CA CYS A 301 -18.91 -10.52 -41.65
C CYS A 301 -18.50 -11.98 -41.62
N LEU A 302 -17.47 -12.28 -40.83
CA LEU A 302 -16.99 -13.64 -40.69
C LEU A 302 -17.67 -14.49 -39.63
N ASP A 303 -17.32 -14.29 -38.37
CA ASP A 303 -17.97 -14.95 -37.26
C ASP A 303 -18.59 -13.82 -36.44
N ASP A 304 -19.27 -14.20 -35.37
CA ASP A 304 -20.04 -13.26 -34.57
C ASP A 304 -19.19 -12.12 -34.01
N ARG A 305 -17.94 -12.40 -33.70
CA ARG A 305 -17.10 -11.34 -33.15
C ARG A 305 -16.88 -10.23 -34.16
N CYS A 306 -16.71 -10.58 -35.44
CA CYS A 306 -16.66 -9.52 -36.45
C CYS A 306 -17.99 -8.80 -36.55
N ILE A 307 -19.10 -9.50 -36.29
CA ILE A 307 -20.41 -8.85 -36.32
C ILE A 307 -20.47 -7.76 -35.28
N LEU A 308 -20.06 -8.07 -34.05
CA LEU A 308 -20.05 -7.05 -33.01
C LEU A 308 -19.10 -5.92 -33.37
N HIS A 309 -17.88 -6.27 -33.78
CA HIS A 309 -16.87 -5.26 -34.09
C HIS A 309 -17.38 -4.26 -35.11
N CYS A 310 -18.06 -4.72 -36.15
CA CYS A 310 -18.52 -3.79 -37.17
C CYS A 310 -19.83 -3.11 -36.79
N ALA A 311 -20.71 -3.80 -36.07
CA ALA A 311 -21.95 -3.17 -35.63
C ALA A 311 -21.68 -2.00 -34.72
N ASN A 312 -20.59 -2.04 -33.97
CA ASN A 312 -20.26 -0.92 -33.10
C ASN A 312 -20.03 0.35 -33.91
N PHE A 313 -19.12 0.28 -34.88
CA PHE A 313 -18.89 1.44 -35.74
C PHE A 313 -20.14 1.86 -36.46
N ASN A 314 -20.99 0.91 -36.84
CA ASN A 314 -22.23 1.30 -37.50
C ASN A 314 -23.12 2.10 -36.57
N VAL A 315 -23.21 1.68 -35.30
CA VAL A 315 -23.95 2.44 -34.31
C VAL A 315 -23.43 3.87 -34.24
N LEU A 316 -22.11 4.02 -34.31
CA LEU A 316 -21.55 5.37 -34.25
C LEU A 316 -21.95 6.18 -35.48
N PHE A 317 -21.71 5.64 -36.67
CA PHE A 317 -21.87 6.46 -37.87
C PHE A 317 -23.33 6.72 -38.21
N SER A 318 -24.23 5.83 -37.81
CA SER A 318 -25.61 6.03 -38.22
C SER A 318 -26.29 7.14 -37.52
N THR A 319 -25.62 7.90 -36.66
CA THR A 319 -26.24 9.05 -36.02
C THR A 319 -26.03 10.32 -36.83
N VAL A 320 -25.63 10.18 -38.10
CA VAL A 320 -25.34 11.31 -38.95
C VAL A 320 -26.41 11.42 -40.02
N PHE A 321 -26.84 10.29 -40.53
CA PHE A 321 -27.69 10.29 -41.71
C PHE A 321 -29.15 10.49 -41.33
N PRO A 322 -30.00 10.87 -42.28
CA PRO A 322 -31.37 11.22 -41.95
C PRO A 322 -32.12 10.04 -41.39
N PRO A 323 -33.14 10.28 -40.55
CA PRO A 323 -33.81 9.15 -39.89
C PRO A 323 -34.91 8.51 -40.71
N THR A 324 -35.34 9.12 -41.82
CA THR A 324 -36.40 8.51 -42.62
C THR A 324 -35.84 7.39 -43.49
N SER A 325 -34.52 7.30 -43.60
CA SER A 325 -33.94 6.34 -44.52
C SER A 325 -33.64 5.02 -43.84
N PHE A 326 -34.34 4.72 -42.75
CA PHE A 326 -34.17 3.46 -42.05
C PHE A 326 -35.51 2.73 -42.06
N GLY A 327 -35.46 1.42 -41.91
CA GLY A 327 -36.66 0.63 -41.93
C GLY A 327 -36.84 -0.12 -43.22
N PRO A 328 -38.00 -0.75 -43.40
CA PRO A 328 -38.18 -1.67 -44.53
C PRO A 328 -37.99 -0.97 -45.86
N LEU A 329 -37.43 -1.71 -46.80
CA LEU A 329 -37.30 -1.27 -48.19
C LEU A 329 -38.36 -1.99 -49.00
N VAL A 330 -39.28 -1.24 -49.57
CA VAL A 330 -40.41 -1.83 -50.28
C VAL A 330 -40.15 -1.72 -51.78
N ARG A 331 -40.88 -2.53 -52.54
CA ARG A 331 -40.79 -2.47 -53.99
C ARG A 331 -42.08 -3.00 -54.58
N LYS A 332 -42.32 -2.62 -55.83
CA LYS A 332 -43.58 -2.87 -56.51
C LYS A 332 -43.53 -4.19 -57.28
N ILE A 333 -44.28 -5.18 -56.81
CA ILE A 333 -44.31 -6.49 -57.43
C ILE A 333 -45.72 -6.75 -57.94
N PHE A 334 -45.81 -7.65 -58.92
CA PHE A 334 -47.06 -8.00 -59.56
C PHE A 334 -47.42 -9.44 -59.23
N VAL A 335 -48.69 -9.68 -58.97
CA VAL A 335 -49.25 -11.02 -58.97
C VAL A 335 -50.53 -10.96 -59.79
N ASP A 336 -50.79 -12.01 -60.57
CA ASP A 336 -51.89 -12.13 -61.54
C ASP A 336 -52.37 -10.77 -62.04
N GLY A 337 -51.44 -10.04 -62.64
CA GLY A 337 -51.76 -8.76 -63.24
C GLY A 337 -52.17 -7.68 -62.25
N VAL A 338 -51.87 -7.86 -60.97
CA VAL A 338 -52.23 -6.87 -59.98
C VAL A 338 -50.99 -6.33 -59.29
N PRO A 339 -50.77 -5.02 -59.29
CA PRO A 339 -49.57 -4.47 -58.63
C PRO A 339 -49.72 -4.47 -57.12
N PHE A 340 -48.65 -4.87 -56.44
CA PHE A 340 -48.58 -4.85 -54.99
C PHE A 340 -47.45 -3.95 -54.52
N VAL A 341 -47.32 -3.83 -53.20
CA VAL A 341 -46.22 -3.13 -52.56
C VAL A 341 -45.78 -3.96 -51.38
N VAL A 342 -44.67 -4.67 -51.52
CA VAL A 342 -44.16 -5.51 -50.45
C VAL A 342 -42.72 -5.13 -50.17
N SER A 343 -42.23 -5.57 -49.01
CA SER A 343 -40.89 -5.25 -48.58
C SER A 343 -39.93 -6.35 -49.01
N THR A 344 -38.76 -5.95 -49.51
CA THR A 344 -37.75 -6.90 -49.92
C THR A 344 -36.45 -6.80 -49.14
N GLY A 345 -36.39 -5.94 -48.13
CA GLY A 345 -35.17 -5.83 -47.36
C GLY A 345 -35.38 -4.93 -46.15
N TYR A 346 -34.27 -4.59 -45.51
CA TYR A 346 -34.28 -3.67 -44.40
C TYR A 346 -33.06 -2.76 -44.49
N HIS A 347 -32.99 -1.79 -43.58
CA HIS A 347 -31.82 -0.94 -43.44
C HIS A 347 -31.63 -0.71 -41.94
N PHE A 348 -30.84 -1.56 -41.32
CA PHE A 348 -30.63 -1.52 -39.87
C PHE A 348 -29.73 -0.35 -39.50
N ARG A 349 -29.92 0.16 -38.29
CA ARG A 349 -28.96 1.11 -37.74
C ARG A 349 -27.65 0.47 -37.36
N GLU A 350 -27.58 -0.85 -37.30
CA GLU A 350 -26.37 -1.55 -36.92
C GLU A 350 -25.84 -2.50 -37.98
N LEU A 351 -26.70 -3.19 -38.72
CA LEU A 351 -26.25 -4.18 -39.66
C LEU A 351 -26.32 -3.72 -41.11
N GLY A 352 -26.34 -2.41 -41.34
CA GLY A 352 -26.27 -1.95 -42.71
C GLY A 352 -27.49 -2.33 -43.49
N VAL A 353 -27.29 -2.78 -44.72
CA VAL A 353 -28.39 -3.10 -45.63
C VAL A 353 -28.46 -4.61 -45.80
N VAL A 354 -29.67 -5.14 -45.80
CA VAL A 354 -29.92 -6.57 -45.98
C VAL A 354 -30.97 -6.75 -47.06
N HIS A 355 -30.71 -7.65 -48.00
CA HIS A 355 -31.61 -7.88 -49.12
C HIS A 355 -32.16 -9.30 -49.05
N ASN A 356 -33.45 -9.45 -49.33
CA ASN A 356 -34.00 -10.79 -49.36
C ASN A 356 -33.45 -11.56 -50.55
N GLN A 357 -33.35 -12.87 -50.37
CA GLN A 357 -32.82 -13.75 -51.38
C GLN A 357 -33.89 -14.36 -52.27
N ASP A 358 -35.04 -14.69 -51.71
CA ASP A 358 -36.12 -15.32 -52.45
C ASP A 358 -37.20 -14.28 -52.68
N VAL A 359 -37.16 -13.61 -53.82
CA VAL A 359 -38.20 -12.67 -54.20
C VAL A 359 -38.55 -12.93 -55.66
N ASN A 360 -39.84 -12.90 -55.96
CA ASN A 360 -40.30 -13.25 -57.30
C ASN A 360 -41.38 -12.28 -57.74
N LEU A 361 -41.09 -11.53 -58.79
CA LEU A 361 -42.13 -10.74 -59.44
C LEU A 361 -42.95 -11.65 -60.34
N HIS A 362 -44.16 -11.18 -60.65
CA HIS A 362 -45.09 -11.93 -61.49
C HIS A 362 -45.37 -13.31 -60.89
N SER A 363 -46.34 -13.31 -59.98
CA SER A 363 -46.86 -14.56 -59.44
C SER A 363 -48.28 -14.78 -59.94
N SER A 364 -48.78 -15.99 -59.71
CA SER A 364 -50.14 -16.34 -60.12
C SER A 364 -51.07 -16.41 -58.93
N ARG A 365 -50.90 -17.44 -58.10
CA ARG A 365 -51.63 -17.57 -56.86
C ARG A 365 -50.70 -17.65 -55.66
N LEU A 366 -51.25 -17.30 -54.50
CA LEU A 366 -50.55 -17.36 -53.24
C LEU A 366 -51.24 -18.40 -52.37
N SER A 367 -50.45 -19.24 -51.70
CA SER A 367 -51.03 -20.22 -50.79
C SER A 367 -50.92 -19.62 -49.40
N PHE A 368 -51.50 -20.28 -48.40
CA PHE A 368 -51.40 -19.79 -47.04
C PHE A 368 -50.15 -19.13 -46.48
N LYS A 369 -49.00 -19.76 -46.70
CA LYS A 369 -47.74 -19.19 -46.21
C LYS A 369 -47.53 -17.78 -46.69
N GLU A 370 -47.61 -17.57 -48.00
CA GLU A 370 -47.40 -16.22 -48.53
C GLU A 370 -48.51 -15.27 -48.10
N LEU A 371 -49.75 -15.74 -48.03
CA LEU A 371 -50.81 -14.86 -47.55
C LEU A 371 -50.48 -14.34 -46.17
N LEU A 372 -49.98 -15.21 -45.30
CA LEU A 372 -49.56 -14.78 -43.98
C LEU A 372 -48.46 -13.73 -44.07
N VAL A 373 -47.35 -14.06 -44.73
CA VAL A 373 -46.20 -13.16 -44.68
C VAL A 373 -46.49 -11.85 -45.39
N TYR A 374 -47.49 -11.79 -46.25
CA TYR A 374 -47.89 -10.52 -46.86
C TYR A 374 -48.82 -9.74 -45.95
N ALA A 375 -49.78 -10.40 -45.30
CA ALA A 375 -50.68 -9.68 -44.42
C ALA A 375 -49.97 -9.15 -43.18
N ALA A 376 -48.85 -9.76 -42.81
CA ALA A 376 -48.18 -9.34 -41.58
C ALA A 376 -47.20 -8.20 -41.79
N ASP A 377 -46.83 -7.89 -43.02
CA ASP A 377 -45.91 -6.81 -43.28
C ASP A 377 -46.57 -5.47 -42.99
N PRO A 378 -45.82 -4.48 -42.50
CA PRO A 378 -46.39 -3.14 -42.35
C PRO A 378 -46.43 -2.37 -43.66
N ALA A 379 -45.92 -2.95 -44.75
CA ALA A 379 -45.81 -2.21 -45.99
C ALA A 379 -47.16 -1.74 -46.50
N MET A 380 -48.09 -2.67 -46.68
CA MET A 380 -49.42 -2.31 -47.16
C MET A 380 -50.12 -1.37 -46.19
N HIS A 381 -50.07 -1.70 -44.90
CA HIS A 381 -50.78 -0.92 -43.90
C HIS A 381 -50.33 0.54 -43.90
N ALA A 382 -49.02 0.76 -44.08
CA ALA A 382 -48.52 2.12 -44.06
C ALA A 382 -48.74 2.81 -45.40
N ALA A 383 -48.58 2.08 -46.50
CA ALA A 383 -48.75 2.69 -47.80
C ALA A 383 -50.20 3.06 -48.11
N SER A 384 -51.16 2.50 -47.39
CA SER A 384 -52.56 2.79 -47.66
C SER A 384 -53.21 3.65 -46.59
N GLY A 385 -52.43 4.45 -45.87
CA GLY A 385 -52.94 5.22 -44.75
C GLY A 385 -52.57 6.69 -44.85
N ASN A 386 -53.24 7.48 -44.02
CA ASN A 386 -53.05 8.91 -43.98
C ASN A 386 -51.77 9.26 -43.25
N LEU A 387 -51.11 10.32 -43.70
CA LEU A 387 -49.96 10.84 -42.97
C LEU A 387 -50.41 11.30 -41.60
N LEU A 388 -49.51 11.28 -40.63
CA LEU A 388 -49.84 11.68 -39.26
C LEU A 388 -48.68 12.46 -38.66
N LEU A 389 -49.02 13.50 -37.90
CA LEU A 389 -48.04 14.32 -37.21
C LEU A 389 -48.46 14.42 -35.76
N ASP A 390 -47.98 13.51 -34.92
CA ASP A 390 -48.33 13.48 -33.51
C ASP A 390 -47.33 14.29 -32.72
N LYS A 391 -47.81 15.36 -32.09
CA LYS A 391 -46.98 16.22 -31.29
C LYS A 391 -47.02 15.90 -29.80
N ARG A 392 -47.84 14.95 -29.40
CA ARG A 392 -47.85 14.53 -28.01
C ARG A 392 -46.56 13.83 -27.62
N THR A 393 -45.79 13.34 -28.58
CA THR A 393 -44.54 12.65 -28.29
C THR A 393 -43.38 13.27 -29.03
N THR A 394 -42.22 12.63 -28.97
CA THR A 394 -41.08 13.00 -29.79
C THR A 394 -40.58 11.86 -30.66
N CYS A 395 -41.14 10.67 -30.54
CA CYS A 395 -40.73 9.56 -31.38
C CYS A 395 -41.24 9.76 -32.80
N PHE A 396 -40.59 9.10 -33.74
CA PHE A 396 -40.88 9.29 -35.15
C PHE A 396 -42.22 8.66 -35.50
N SER A 397 -43.17 9.46 -35.93
CA SER A 397 -44.44 8.93 -36.38
C SER A 397 -44.31 8.38 -37.80
N VAL A 398 -45.38 7.71 -38.26
CA VAL A 398 -45.37 7.12 -39.59
C VAL A 398 -46.68 7.38 -40.32
N ALA A 399 -47.77 6.80 -39.83
CA ALA A 399 -49.04 6.89 -40.54
C ALA A 399 -50.17 6.54 -39.59
N ALA A 400 -51.35 7.06 -39.91
CA ALA A 400 -52.57 6.73 -39.18
C ALA A 400 -53.43 5.83 -40.05
N LEU A 401 -54.01 4.82 -39.45
CA LEU A 401 -54.72 3.81 -40.21
C LEU A 401 -56.16 4.19 -40.51
N THR A 402 -56.91 4.68 -39.52
CA THR A 402 -58.33 4.95 -39.74
C THR A 402 -58.41 6.44 -39.46
N ASN A 403 -59.54 7.08 -39.77
CA ASN A 403 -59.71 8.50 -39.51
C ASN A 403 -59.90 9.22 -38.18
N ASN A 404 -59.65 8.53 -37.07
CA ASN A 404 -59.82 9.11 -35.75
C ASN A 404 -59.02 8.35 -34.71
N VAL A 405 -58.25 9.05 -33.91
CA VAL A 405 -57.38 8.40 -32.93
C VAL A 405 -58.24 7.93 -31.76
N ALA A 406 -57.96 6.72 -31.28
CA ALA A 406 -58.71 6.18 -30.16
C ALA A 406 -58.03 6.56 -28.85
N PHE A 407 -58.86 6.83 -27.84
CA PHE A 407 -58.35 7.19 -26.52
C PHE A 407 -58.78 6.09 -25.56
N GLN A 408 -57.83 5.42 -24.95
CA GLN A 408 -58.13 4.31 -24.08
C GLN A 408 -58.00 4.74 -22.63
N THR A 409 -58.92 4.27 -21.80
CA THR A 409 -58.95 4.64 -20.40
C THR A 409 -58.88 3.37 -19.56
N VAL A 410 -58.59 3.54 -18.27
CA VAL A 410 -58.42 2.40 -17.37
C VAL A 410 -59.33 2.56 -16.17
N LYS A 411 -60.25 1.61 -15.99
CA LYS A 411 -61.27 1.71 -14.98
C LYS A 411 -60.70 1.38 -13.60
N PRO A 412 -61.41 1.75 -12.54
CA PRO A 412 -60.95 1.44 -11.19
C PRO A 412 -61.41 0.06 -10.75
N GLY A 413 -60.86 -0.38 -9.63
CA GLY A 413 -61.07 -1.73 -9.14
C GLY A 413 -62.42 -1.91 -8.48
N ASN A 414 -62.60 -3.04 -7.82
CA ASN A 414 -63.86 -3.39 -7.19
C ASN A 414 -63.63 -3.73 -5.73
N PHE A 415 -64.63 -3.41 -4.92
CA PHE A 415 -64.49 -3.46 -3.48
C PHE A 415 -65.26 -4.63 -2.88
N ASN A 416 -64.57 -5.35 -2.00
CA ASN A 416 -65.11 -6.53 -1.35
C ASN A 416 -65.50 -6.21 0.08
N LYS A 417 -66.67 -5.59 0.28
CA LYS A 417 -66.97 -4.95 1.55
C LYS A 417 -66.99 -5.94 2.70
N ASP A 418 -67.41 -7.17 2.44
CA ASP A 418 -67.54 -8.15 3.50
C ASP A 418 -66.20 -8.41 4.17
N PHE A 419 -65.14 -8.57 3.37
CA PHE A 419 -63.82 -8.83 3.92
C PHE A 419 -63.30 -7.62 4.67
N TYR A 420 -63.56 -6.42 4.17
CA TYR A 420 -63.11 -5.25 4.90
C TYR A 420 -63.77 -5.14 6.25
N ASP A 421 -65.09 -5.35 6.29
CA ASP A 421 -65.80 -5.32 7.57
C ASP A 421 -65.26 -6.38 8.51
N PHE A 422 -65.01 -7.58 7.99
CA PHE A 422 -64.39 -8.62 8.80
C PHE A 422 -63.09 -8.13 9.40
N ALA A 423 -62.20 -7.59 8.57
CA ALA A 423 -60.86 -7.29 9.03
C ALA A 423 -60.85 -6.14 10.03
N VAL A 424 -61.75 -5.17 9.87
CA VAL A 424 -61.79 -4.12 10.88
C VAL A 424 -62.48 -4.63 12.14
N SER A 425 -63.33 -5.64 12.01
CA SER A 425 -63.98 -6.19 13.19
C SER A 425 -62.98 -6.89 14.10
N LYS A 426 -62.00 -7.57 13.52
CA LYS A 426 -61.00 -8.29 14.28
C LYS A 426 -59.86 -7.41 14.73
N GLY A 427 -59.96 -6.10 14.55
CA GLY A 427 -58.93 -5.21 15.01
C GLY A 427 -57.73 -5.13 14.09
N PHE A 428 -57.95 -4.72 12.85
CA PHE A 428 -56.86 -4.46 11.93
C PHE A 428 -56.93 -2.99 11.55
N PHE A 429 -55.95 -2.55 10.76
CA PHE A 429 -55.99 -1.24 10.12
C PHE A 429 -55.99 -0.11 11.16
N LYS A 430 -55.38 -0.34 12.31
CA LYS A 430 -55.35 0.69 13.35
C LYS A 430 -54.56 1.90 12.85
N GLU A 431 -54.87 3.06 13.42
CA GLU A 431 -54.14 4.26 13.08
C GLU A 431 -52.69 4.13 13.51
N GLY A 432 -51.78 4.59 12.67
CA GLY A 432 -50.37 4.58 13.00
C GLY A 432 -49.69 3.24 12.97
N SER A 433 -50.41 2.17 12.68
CA SER A 433 -49.84 0.83 12.69
C SER A 433 -48.89 0.66 11.51
N SER A 434 -48.29 -0.51 11.41
CA SER A 434 -47.37 -0.80 10.31
C SER A 434 -48.08 -1.37 9.10
N VAL A 435 -48.82 -2.46 9.27
CA VAL A 435 -49.59 -3.00 8.16
C VAL A 435 -50.73 -2.05 7.86
N GLU A 436 -51.07 -1.92 6.58
CA GLU A 436 -52.08 -0.96 6.16
C GLU A 436 -52.46 -1.21 4.70
N LEU A 437 -53.09 -0.22 4.09
CA LEU A 437 -53.50 -0.32 2.69
C LEU A 437 -52.56 0.54 1.85
N LYS A 438 -51.80 -0.09 0.97
CA LYS A 438 -50.89 0.64 0.12
C LYS A 438 -51.02 0.22 -1.33
N HIS A 439 -51.78 -0.85 -1.59
CA HIS A 439 -51.86 -1.40 -2.93
C HIS A 439 -53.29 -1.25 -3.44
N PHE A 440 -53.49 -0.40 -4.43
CA PHE A 440 -54.82 -0.12 -4.93
C PHE A 440 -54.87 -0.37 -6.43
N PHE A 441 -56.01 -0.02 -7.03
CA PHE A 441 -56.27 -0.16 -8.46
C PHE A 441 -56.35 1.25 -9.03
N PHE A 442 -55.21 1.80 -9.39
CA PHE A 442 -55.14 3.18 -9.84
C PHE A 442 -55.76 3.35 -11.21
N ALA A 443 -56.56 4.40 -11.37
CA ALA A 443 -57.25 4.66 -12.62
C ALA A 443 -56.47 5.64 -13.46
N GLN A 444 -56.63 5.53 -14.78
CA GLN A 444 -55.95 6.41 -15.72
C GLN A 444 -56.98 7.03 -16.67
N ASP A 445 -56.65 8.21 -17.18
CA ASP A 445 -57.60 8.96 -17.99
C ASP A 445 -57.21 8.75 -19.44
N GLY A 446 -57.80 9.54 -20.33
CA GLY A 446 -57.56 9.38 -21.76
C GLY A 446 -56.25 9.06 -22.44
N ASN A 447 -55.35 10.04 -22.48
CA ASN A 447 -54.08 9.87 -23.18
C ASN A 447 -53.16 9.24 -22.16
N ALA A 448 -53.45 7.99 -21.82
CA ALA A 448 -52.60 7.19 -20.95
C ALA A 448 -51.63 6.33 -21.72
N ALA A 449 -52.09 5.68 -22.78
CA ALA A 449 -51.23 4.80 -23.56
C ALA A 449 -50.05 5.57 -24.13
N ILE A 450 -50.32 6.66 -24.83
CA ILE A 450 -49.26 7.38 -25.51
C ILE A 450 -48.33 8.04 -24.50
N SER A 451 -48.87 8.45 -23.37
CA SER A 451 -48.03 9.10 -22.36
C SER A 451 -47.09 8.10 -21.71
N ASP A 452 -47.30 6.82 -21.94
CA ASP A 452 -46.39 5.81 -21.42
C ASP A 452 -45.47 5.29 -22.51
N TYR A 453 -45.99 5.19 -23.74
CA TYR A 453 -45.10 4.87 -24.85
C TYR A 453 -44.04 5.94 -25.01
N ASP A 454 -44.34 7.18 -24.62
CA ASP A 454 -43.36 8.25 -24.75
C ASP A 454 -42.13 8.02 -23.90
N TYR A 455 -42.14 7.04 -23.00
CA TYR A 455 -41.00 6.86 -22.12
C TYR A 455 -39.80 6.28 -22.84
N TYR A 456 -39.84 6.12 -24.16
CA TYR A 456 -38.68 5.59 -24.83
C TYR A 456 -37.60 6.64 -25.06
N ARG A 457 -37.92 7.91 -24.83
CA ARG A 457 -36.93 8.95 -25.06
C ARG A 457 -35.70 8.79 -24.19
N TYR A 458 -35.72 7.86 -23.21
CA TYR A 458 -34.51 7.59 -22.46
C TYR A 458 -33.59 6.61 -23.17
N ASN A 459 -33.93 6.19 -24.38
CA ASN A 459 -33.06 5.30 -25.12
C ASN A 459 -32.25 6.08 -26.14
N LEU A 460 -30.93 6.07 -25.96
CA LEU A 460 -30.03 6.89 -26.75
C LEU A 460 -28.98 5.99 -27.39
N PRO A 461 -28.41 6.40 -28.52
CA PRO A 461 -27.33 5.61 -29.12
C PRO A 461 -26.16 5.51 -28.17
N THR A 462 -25.60 4.31 -28.06
CA THR A 462 -24.53 4.07 -27.13
C THR A 462 -23.43 3.27 -27.80
N MET A 463 -22.21 3.77 -27.72
CA MET A 463 -21.05 3.12 -28.30
C MET A 463 -20.27 2.44 -27.18
N CYS A 464 -20.00 1.16 -27.35
CA CYS A 464 -19.40 0.36 -26.29
C CYS A 464 -17.90 0.18 -26.52
N ASP A 465 -17.17 0.15 -25.42
CA ASP A 465 -15.75 -0.18 -25.41
C ASP A 465 -15.55 -1.57 -26.00
N ILE A 466 -15.09 -1.63 -27.25
CA ILE A 466 -15.26 -2.86 -28.02
C ILE A 466 -14.40 -3.98 -27.46
N ARG A 467 -13.22 -3.67 -26.93
CA ARG A 467 -12.31 -4.72 -26.52
C ARG A 467 -12.79 -5.39 -25.23
N GLN A 468 -13.10 -4.58 -24.22
CA GLN A 468 -13.58 -5.16 -22.98
C GLN A 468 -14.92 -5.86 -23.19
N LEU A 469 -15.71 -5.38 -24.15
CA LEU A 469 -16.94 -6.08 -24.47
C LEU A 469 -16.65 -7.43 -25.10
N LEU A 470 -15.68 -7.48 -26.00
CA LEU A 470 -15.29 -8.73 -26.64
C LEU A 470 -14.69 -9.73 -25.66
N PHE A 471 -14.19 -9.26 -24.52
CA PHE A 471 -13.76 -10.18 -23.47
C PHE A 471 -14.91 -10.65 -22.57
N VAL A 472 -15.72 -9.71 -22.09
CA VAL A 472 -16.80 -10.09 -21.19
C VAL A 472 -17.81 -10.97 -21.90
N VAL A 473 -17.93 -10.85 -23.23
CA VAL A 473 -18.85 -11.74 -23.93
C VAL A 473 -18.37 -13.18 -23.82
N GLU A 474 -17.06 -13.38 -23.85
CA GLU A 474 -16.54 -14.73 -23.69
C GLU A 474 -16.81 -15.25 -22.30
N VAL A 475 -16.58 -14.43 -21.28
CA VAL A 475 -16.83 -14.90 -19.92
C VAL A 475 -18.30 -15.21 -19.71
N VAL A 476 -19.18 -14.32 -20.17
CA VAL A 476 -20.62 -14.58 -20.08
C VAL A 476 -20.97 -15.89 -20.76
N ASP A 477 -20.43 -16.11 -21.96
CA ASP A 477 -20.69 -17.38 -22.63
C ASP A 477 -20.26 -18.54 -21.76
N LYS A 478 -19.14 -18.40 -21.06
CA LYS A 478 -18.68 -19.50 -20.22
C LYS A 478 -19.64 -19.74 -19.07
N TYR A 479 -20.37 -18.70 -18.66
CA TYR A 479 -21.40 -18.91 -17.64
C TYR A 479 -22.56 -19.79 -18.12
N PHE A 480 -22.49 -20.29 -19.36
CA PHE A 480 -23.64 -20.82 -20.08
C PHE A 480 -23.27 -22.08 -20.86
N ASP A 481 -22.52 -23.01 -20.26
CA ASP A 481 -22.02 -24.15 -21.01
C ASP A 481 -22.52 -25.47 -20.45
N CYS A 482 -23.68 -25.50 -19.82
CA CYS A 482 -24.18 -26.71 -19.20
C CYS A 482 -25.50 -27.15 -19.84
N TYR A 483 -25.88 -26.50 -20.93
CA TYR A 483 -27.20 -26.73 -21.50
C TYR A 483 -27.02 -27.25 -22.92
N ASP A 484 -28.13 -27.36 -23.66
CA ASP A 484 -28.02 -27.82 -25.03
C ASP A 484 -29.15 -27.23 -25.86
N GLY A 485 -28.82 -26.76 -27.05
CA GLY A 485 -29.80 -26.13 -27.90
C GLY A 485 -29.69 -26.55 -29.34
N GLY A 486 -30.57 -26.04 -30.18
CA GLY A 486 -30.60 -26.39 -31.58
C GLY A 486 -32.02 -26.37 -32.09
N CYS A 487 -32.14 -26.32 -33.41
CA CYS A 487 -33.47 -26.28 -34.00
C CYS A 487 -34.24 -27.56 -33.68
N ILE A 488 -35.56 -27.46 -33.75
CA ILE A 488 -36.44 -28.60 -33.57
C ILE A 488 -37.54 -28.52 -34.61
N ASN A 489 -38.11 -29.66 -34.94
CA ASN A 489 -39.16 -29.66 -35.93
C ASN A 489 -40.44 -29.09 -35.34
N ALA A 490 -41.43 -28.91 -36.21
CA ALA A 490 -42.69 -28.33 -35.75
C ALA A 490 -43.40 -29.25 -34.76
N ASN A 491 -43.16 -30.56 -34.87
CA ASN A 491 -43.92 -31.50 -34.06
C ASN A 491 -43.28 -31.78 -32.72
N GLN A 492 -42.51 -30.82 -32.19
CA GLN A 492 -41.94 -30.96 -30.87
C GLN A 492 -42.08 -29.72 -30.01
N VAL A 493 -42.74 -28.67 -30.50
CA VAL A 493 -42.95 -27.48 -29.69
C VAL A 493 -44.07 -27.71 -28.69
N ILE A 494 -44.00 -27.01 -27.58
CA ILE A 494 -44.93 -27.15 -26.47
C ILE A 494 -45.53 -25.79 -26.19
N VAL A 495 -46.81 -25.62 -26.49
CA VAL A 495 -47.50 -24.35 -26.32
C VAL A 495 -48.50 -24.49 -25.20
N ASN A 496 -48.30 -23.77 -24.11
CA ASN A 496 -49.25 -23.72 -23.02
C ASN A 496 -50.20 -22.55 -23.24
N ASN A 497 -51.48 -22.82 -23.06
CA ASN A 497 -52.53 -21.86 -23.35
C ASN A 497 -52.49 -21.41 -24.80
N LEU A 498 -53.03 -22.23 -25.69
CA LEU A 498 -53.21 -21.89 -27.09
C LEU A 498 -54.35 -20.92 -27.31
N ASP A 499 -54.70 -20.12 -26.31
CA ASP A 499 -55.93 -19.33 -26.34
C ASP A 499 -55.61 -17.91 -25.90
N LYS A 500 -54.54 -17.36 -26.44
CA LYS A 500 -54.18 -15.98 -26.17
C LYS A 500 -54.25 -15.18 -27.44
N SER A 501 -53.98 -13.88 -27.37
CA SER A 501 -54.17 -13.02 -28.53
C SER A 501 -53.05 -13.23 -29.53
N ALA A 502 -53.34 -12.98 -30.81
CA ALA A 502 -52.40 -13.24 -31.88
C ALA A 502 -51.83 -11.98 -32.49
N GLY A 503 -51.75 -10.88 -31.78
CA GLY A 503 -51.14 -9.66 -32.32
C GLY A 503 -51.96 -8.89 -33.31
N PHE A 504 -51.39 -7.90 -33.97
CA PHE A 504 -52.13 -7.14 -34.96
C PHE A 504 -51.75 -7.67 -36.26
N PRO A 505 -52.64 -7.81 -37.21
CA PRO A 505 -53.95 -7.74 -37.78
C PRO A 505 -54.66 -9.04 -37.58
N PHE A 506 -53.98 -10.07 -37.19
CA PHE A 506 -54.55 -11.36 -36.96
C PHE A 506 -55.59 -11.39 -35.92
N ASN A 507 -55.59 -10.51 -34.99
CA ASN A 507 -56.58 -10.61 -33.94
C ASN A 507 -57.98 -10.27 -34.43
N LYS A 508 -58.12 -9.92 -35.70
CA LYS A 508 -59.44 -9.68 -36.26
C LYS A 508 -60.17 -10.97 -36.61
N TRP A 509 -59.49 -12.12 -36.57
CA TRP A 509 -60.10 -13.36 -37.00
C TRP A 509 -59.82 -14.51 -36.05
N GLY A 510 -59.63 -14.25 -34.77
CA GLY A 510 -59.54 -15.30 -33.77
C GLY A 510 -58.22 -15.28 -33.02
N LYS A 511 -58.14 -16.17 -32.05
CA LYS A 511 -56.96 -16.27 -31.19
C LYS A 511 -55.91 -17.17 -31.82
N ALA A 512 -54.83 -17.42 -31.08
CA ALA A 512 -53.71 -18.18 -31.63
C ALA A 512 -54.09 -19.61 -31.94
N ARG A 513 -55.16 -20.11 -31.32
CA ARG A 513 -55.63 -21.45 -31.62
C ARG A 513 -55.87 -21.62 -33.12
N LEU A 514 -56.49 -20.62 -33.74
CA LEU A 514 -56.81 -20.70 -35.16
C LEU A 514 -55.56 -20.95 -35.99
N TYR A 515 -54.58 -20.05 -35.90
CA TYR A 515 -53.41 -20.16 -36.76
C TYR A 515 -52.53 -21.34 -36.38
N TYR A 516 -52.48 -21.68 -35.10
CA TYR A 516 -51.75 -22.88 -34.73
C TYR A 516 -52.52 -24.14 -35.08
N ASP A 517 -53.75 -24.01 -35.55
CA ASP A 517 -54.59 -25.16 -35.84
C ASP A 517 -54.97 -25.24 -37.31
N SER A 518 -54.58 -24.25 -38.12
CA SER A 518 -54.93 -24.23 -39.53
C SER A 518 -53.70 -24.33 -40.43
N MET A 519 -52.52 -24.56 -39.85
CA MET A 519 -51.30 -24.72 -40.63
C MET A 519 -50.65 -26.04 -40.28
N SER A 520 -50.64 -26.96 -41.24
CA SER A 520 -50.01 -28.25 -41.05
C SER A 520 -48.53 -28.08 -40.72
N TYR A 521 -47.90 -29.18 -40.32
CA TYR A 521 -46.50 -29.12 -39.93
C TYR A 521 -45.62 -28.70 -41.09
N GLU A 522 -46.01 -29.08 -42.30
CA GLU A 522 -45.26 -28.65 -43.47
C GLU A 522 -45.23 -27.13 -43.59
N ASP A 523 -46.36 -26.47 -43.38
CA ASP A 523 -46.36 -25.01 -43.51
C ASP A 523 -45.51 -24.37 -42.44
N GLN A 524 -45.52 -24.91 -41.23
CA GLN A 524 -44.70 -24.33 -40.17
C GLN A 524 -43.21 -24.52 -40.45
N ASP A 525 -42.81 -25.72 -40.86
CA ASP A 525 -41.40 -25.92 -41.18
C ASP A 525 -40.99 -25.10 -42.39
N ALA A 526 -41.90 -24.91 -43.34
CA ALA A 526 -41.59 -24.08 -44.49
C ALA A 526 -41.41 -22.63 -44.09
N LEU A 527 -42.24 -22.15 -43.16
CA LEU A 527 -42.08 -20.80 -42.66
C LEU A 527 -40.73 -20.62 -41.98
N PHE A 528 -40.34 -21.58 -41.14
CA PHE A 528 -39.01 -21.50 -40.54
C PHE A 528 -37.94 -21.42 -41.62
N ALA A 529 -37.95 -22.38 -42.55
CA ALA A 529 -36.95 -22.41 -43.59
C ALA A 529 -36.93 -21.10 -44.36
N TYR A 530 -38.09 -20.48 -44.52
CA TYR A 530 -38.14 -19.21 -45.24
C TYR A 530 -37.44 -18.11 -44.46
N THR A 531 -37.75 -17.97 -43.18
CA THR A 531 -37.10 -16.91 -42.41
C THR A 531 -35.61 -17.18 -42.22
N LYS A 532 -35.16 -18.40 -42.49
CA LYS A 532 -33.72 -18.62 -42.46
C LYS A 532 -33.00 -18.03 -43.65
N ARG A 533 -33.70 -17.31 -44.53
CA ARG A 533 -33.08 -16.75 -45.71
C ARG A 533 -33.68 -15.41 -46.11
N ASN A 534 -34.56 -14.85 -45.30
CA ASN A 534 -35.23 -13.61 -45.67
C ASN A 534 -35.42 -12.77 -44.41
N VAL A 535 -36.15 -11.67 -44.54
CA VAL A 535 -36.46 -10.79 -43.41
C VAL A 535 -37.95 -10.48 -43.47
N ILE A 536 -38.62 -10.62 -42.33
CA ILE A 536 -40.06 -10.32 -42.25
C ILE A 536 -40.31 -9.32 -41.14
N PRO A 537 -40.38 -8.03 -41.44
CA PRO A 537 -40.75 -7.07 -40.41
C PRO A 537 -42.20 -7.26 -40.02
N THR A 538 -42.52 -6.94 -38.77
CA THR A 538 -43.85 -7.17 -38.24
C THR A 538 -44.29 -5.94 -37.46
N ILE A 539 -45.57 -5.93 -37.09
CA ILE A 539 -46.16 -4.87 -36.30
C ILE A 539 -46.35 -5.38 -34.88
N THR A 540 -46.13 -4.51 -33.92
CA THR A 540 -46.29 -4.83 -32.51
C THR A 540 -47.38 -3.94 -31.94
N GLN A 541 -48.24 -4.52 -31.11
CA GLN A 541 -49.35 -3.80 -30.52
C GLN A 541 -49.07 -3.54 -29.04
N MET A 542 -49.50 -2.39 -28.55
CA MET A 542 -49.28 -2.03 -27.16
C MET A 542 -50.57 -2.07 -26.38
N ASN A 543 -50.59 -2.86 -25.31
CA ASN A 543 -51.77 -3.09 -24.50
C ASN A 543 -51.53 -2.57 -23.09
N LEU A 544 -52.60 -2.09 -22.47
CA LEU A 544 -52.56 -1.53 -21.13
C LEU A 544 -52.90 -2.62 -20.12
N LYS A 545 -52.05 -2.76 -19.09
CA LYS A 545 -52.33 -3.72 -18.04
C LYS A 545 -53.35 -3.17 -17.06
N TYR A 546 -53.98 -4.07 -16.32
CA TYR A 546 -55.03 -3.71 -15.36
C TYR A 546 -54.87 -4.63 -14.15
N ALA A 547 -54.09 -4.17 -13.17
CA ALA A 547 -53.77 -5.02 -12.04
C ALA A 547 -53.30 -4.15 -10.88
N ILE A 548 -53.28 -4.74 -9.69
CA ILE A 548 -52.95 -4.01 -8.48
C ILE A 548 -51.50 -3.56 -8.51
N SER A 549 -51.22 -2.47 -7.82
CA SER A 549 -49.86 -1.93 -7.78
C SER A 549 -49.78 -0.91 -6.66
N ALA A 550 -48.60 -0.29 -6.53
CA ALA A 550 -48.38 0.71 -5.49
C ALA A 550 -47.77 1.99 -6.03
N LYS A 551 -47.73 2.15 -7.34
CA LYS A 551 -47.27 3.40 -7.95
C LYS A 551 -48.18 3.74 -9.11
N ASN A 552 -48.60 5.00 -9.20
CA ASN A 552 -49.70 5.31 -10.10
C ASN A 552 -49.26 5.61 -11.53
N ARG A 553 -48.20 4.96 -12.00
CA ARG A 553 -47.89 5.03 -13.42
C ARG A 553 -48.60 3.91 -14.16
N ALA A 554 -49.06 4.20 -15.37
CA ALA A 554 -49.62 3.15 -16.19
C ALA A 554 -48.52 2.14 -16.55
N ARG A 555 -48.95 0.94 -16.92
CA ARG A 555 -48.00 -0.07 -17.34
C ARG A 555 -48.51 -0.73 -18.60
N THR A 556 -47.60 -1.01 -19.52
CA THR A 556 -47.96 -1.56 -20.82
C THR A 556 -47.14 -2.79 -21.11
N VAL A 557 -47.68 -3.65 -21.96
CA VAL A 557 -47.01 -4.86 -22.41
C VAL A 557 -47.25 -5.01 -23.90
N ALA A 558 -46.23 -5.46 -24.61
CA ALA A 558 -46.26 -5.51 -26.07
C ALA A 558 -46.70 -6.88 -26.54
N GLY A 559 -47.59 -6.91 -27.52
CA GLY A 559 -48.08 -8.17 -28.06
C GLY A 559 -47.56 -8.40 -29.47
N VAL A 560 -46.63 -9.34 -29.59
CA VAL A 560 -45.94 -9.62 -30.84
C VAL A 560 -46.80 -10.53 -31.70
N SER A 561 -46.81 -10.27 -33.01
CA SER A 561 -47.67 -11.03 -33.91
C SER A 561 -47.30 -12.50 -33.89
N ILE A 562 -48.18 -13.31 -34.48
CA ILE A 562 -47.97 -14.75 -34.45
C ILE A 562 -46.77 -15.14 -35.33
N CYS A 563 -46.48 -14.35 -36.35
CA CYS A 563 -45.40 -14.70 -37.27
C CYS A 563 -44.06 -14.70 -36.56
N SER A 564 -43.93 -13.95 -35.47
CA SER A 564 -42.66 -13.91 -34.76
C SER A 564 -42.53 -15.07 -33.80
N THR A 565 -43.56 -15.30 -32.98
CA THR A 565 -43.48 -16.34 -31.98
C THR A 565 -43.45 -17.72 -32.61
N MET A 566 -44.29 -17.94 -33.62
CA MET A 566 -44.35 -19.24 -34.27
C MET A 566 -43.00 -19.75 -34.73
N THR A 567 -42.02 -18.87 -34.93
CA THR A 567 -40.72 -19.29 -35.39
C THR A 567 -39.64 -19.15 -34.32
N ASN A 568 -39.68 -18.06 -33.56
CA ASN A 568 -38.76 -17.95 -32.43
C ASN A 568 -38.86 -19.15 -31.50
N ARG A 569 -40.06 -19.72 -31.40
CA ARG A 569 -40.22 -20.90 -30.57
C ARG A 569 -39.36 -22.02 -31.10
N GLN A 570 -39.51 -22.37 -32.38
CA GLN A 570 -38.74 -23.48 -32.92
C GLN A 570 -37.25 -23.20 -32.88
N PHE A 571 -36.87 -21.93 -32.92
CA PHE A 571 -35.46 -21.61 -32.86
C PHE A 571 -34.87 -21.74 -31.45
N HIS A 572 -35.63 -21.41 -30.40
CA HIS A 572 -35.02 -21.30 -29.07
C HIS A 572 -35.54 -22.27 -28.03
N GLN A 573 -36.64 -22.99 -28.27
CA GLN A 573 -37.31 -23.66 -27.18
C GLN A 573 -36.46 -24.75 -26.54
N LYS A 574 -35.61 -25.43 -27.30
CA LYS A 574 -34.84 -26.52 -26.72
C LYS A 574 -33.91 -25.99 -25.64
N LEU A 575 -33.15 -24.95 -25.97
CA LEU A 575 -32.26 -24.37 -24.98
C LEU A 575 -33.04 -23.75 -23.83
N LEU A 576 -34.17 -23.11 -24.13
CA LEU A 576 -34.94 -22.50 -23.04
C LEU A 576 -35.39 -23.54 -22.03
N LYS A 577 -35.99 -24.63 -22.51
CA LYS A 577 -36.45 -25.67 -21.60
C LYS A 577 -35.29 -26.35 -20.91
N SER A 578 -34.13 -26.43 -21.57
CA SER A 578 -32.98 -27.01 -20.89
C SER A 578 -32.50 -26.11 -19.76
N ILE A 579 -32.65 -24.80 -19.91
CA ILE A 579 -32.31 -23.91 -18.81
C ILE A 579 -33.32 -24.06 -17.68
N ALA A 580 -34.60 -24.14 -18.02
CA ALA A 580 -35.64 -24.16 -17.00
C ALA A 580 -35.75 -25.49 -16.27
N ALA A 581 -34.80 -26.41 -16.46
CA ALA A 581 -34.87 -27.70 -15.81
C ALA A 581 -33.57 -28.09 -15.12
N THR A 582 -32.65 -27.16 -14.96
CA THR A 582 -31.38 -27.41 -14.29
C THR A 582 -31.39 -26.86 -12.88
N ARG A 583 -30.85 -27.64 -11.95
CA ARG A 583 -30.76 -27.24 -10.55
C ARG A 583 -29.34 -26.82 -10.23
N GLY A 584 -29.19 -25.91 -9.27
CA GLY A 584 -27.89 -25.52 -8.79
C GLY A 584 -27.08 -24.65 -9.72
N ALA A 585 -27.68 -24.12 -10.78
CA ALA A 585 -26.95 -23.27 -11.72
C ALA A 585 -26.89 -21.86 -11.16
N THR A 586 -26.43 -20.92 -11.99
CA THR A 586 -26.49 -19.51 -11.60
C THR A 586 -27.86 -18.93 -11.92
N VAL A 587 -28.32 -19.09 -13.15
CA VAL A 587 -29.69 -18.70 -13.47
C VAL A 587 -30.66 -19.67 -12.79
N VAL A 588 -31.61 -19.12 -12.06
CA VAL A 588 -32.47 -19.94 -11.21
C VAL A 588 -33.90 -19.92 -11.70
N ILE A 589 -34.08 -19.70 -13.00
CA ILE A 589 -35.43 -19.78 -13.55
C ILE A 589 -35.90 -21.22 -13.50
N GLY A 590 -37.15 -21.41 -13.07
CA GLY A 590 -37.73 -22.73 -13.07
C GLY A 590 -37.59 -23.48 -11.78
N THR A 591 -36.90 -22.89 -10.80
CA THR A 591 -36.71 -23.55 -9.52
C THR A 591 -37.79 -23.09 -8.55
N SER A 592 -38.71 -24.00 -8.22
CA SER A 592 -39.82 -23.64 -7.36
C SER A 592 -39.34 -23.33 -5.95
N LYS A 593 -40.01 -22.35 -5.32
CA LYS A 593 -39.62 -21.93 -3.98
C LYS A 593 -40.26 -22.75 -2.89
N PHE A 594 -41.27 -23.56 -3.22
CA PHE A 594 -41.92 -24.40 -2.23
C PHE A 594 -41.04 -25.61 -1.92
N TYR A 595 -41.56 -26.50 -1.08
CA TYR A 595 -40.88 -27.74 -0.64
C TYR A 595 -39.38 -27.57 -0.54
N GLY A 596 -38.94 -26.61 0.27
CA GLY A 596 -37.55 -26.43 0.54
C GLY A 596 -36.74 -25.76 -0.54
N GLY A 597 -37.35 -25.44 -1.68
CA GLY A 597 -36.59 -24.84 -2.76
C GLY A 597 -35.85 -23.58 -2.34
N TRP A 598 -36.51 -22.73 -1.54
CA TRP A 598 -35.86 -21.51 -1.09
C TRP A 598 -34.59 -21.83 -0.32
N HIS A 599 -34.64 -22.84 0.53
CA HIS A 599 -33.48 -23.20 1.33
C HIS A 599 -32.32 -23.66 0.44
N ASN A 600 -32.61 -24.55 -0.51
CA ASN A 600 -31.57 -25.03 -1.40
C ASN A 600 -30.96 -23.90 -2.20
N MET A 601 -31.79 -22.98 -2.70
CA MET A 601 -31.27 -21.86 -3.47
C MET A 601 -30.34 -21.00 -2.62
N LEU A 602 -30.76 -20.70 -1.40
CA LEU A 602 -29.92 -19.89 -0.52
C LEU A 602 -28.62 -20.59 -0.20
N LYS A 603 -28.69 -21.91 0.05
CA LYS A 603 -27.47 -22.63 0.38
C LYS A 603 -26.52 -22.65 -0.80
N THR A 604 -27.05 -22.85 -2.01
CA THR A 604 -26.20 -22.88 -3.20
C THR A 604 -25.53 -21.53 -3.42
N VAL A 605 -26.30 -20.44 -3.37
CA VAL A 605 -25.67 -19.15 -3.59
C VAL A 605 -24.67 -18.84 -2.50
N TYR A 606 -24.88 -19.33 -1.32
CA TYR A 606 -23.97 -19.03 -0.24
C TYR A 606 -22.69 -19.55 -0.71
N SER A 607 -22.65 -20.85 -0.86
CA SER A 607 -21.43 -21.64 -1.39
C SER A 607 -20.01 -21.58 -1.25
N ASP A 608 -19.55 -21.45 -0.03
CA ASP A 608 -18.06 -21.61 0.30
C ASP A 608 -17.32 -20.31 0.15
N VAL A 609 -17.90 -19.14 0.14
CA VAL A 609 -17.08 -17.95 0.11
C VAL A 609 -16.27 -17.66 1.38
N GLU A 610 -15.33 -16.70 1.43
CA GLU A 610 -14.54 -16.67 2.65
C GLU A 610 -15.20 -15.82 3.74
N ASN A 611 -15.43 -14.55 3.45
CA ASN A 611 -15.90 -13.57 4.43
C ASN A 611 -17.19 -12.96 3.92
N PRO A 612 -18.26 -13.73 3.89
CA PRO A 612 -19.41 -13.39 3.05
C PRO A 612 -20.17 -12.18 3.54
N HIS A 613 -20.53 -11.31 2.60
CA HIS A 613 -21.58 -10.34 2.76
C HIS A 613 -22.58 -10.55 1.64
N LEU A 614 -23.74 -9.94 1.78
CA LEU A 614 -24.74 -9.97 0.72
C LEU A 614 -24.85 -8.59 0.08
N MET A 615 -25.52 -8.52 -1.05
CA MET A 615 -25.70 -7.28 -1.78
C MET A 615 -26.68 -7.51 -2.91
N GLY A 616 -27.49 -6.50 -3.20
CA GLY A 616 -28.43 -6.55 -4.30
C GLY A 616 -28.73 -5.18 -4.85
N TRP A 617 -28.90 -5.05 -6.14
CA TRP A 617 -29.05 -3.74 -6.77
C TRP A 617 -30.34 -3.68 -7.59
N ASP A 618 -30.41 -2.70 -8.48
CA ASP A 618 -31.67 -2.40 -9.15
C ASP A 618 -31.44 -1.52 -10.37
N TYR A 619 -32.06 -1.89 -11.50
CA TYR A 619 -31.86 -1.08 -12.69
C TYR A 619 -33.05 -0.18 -12.88
N PRO A 620 -32.85 1.11 -13.00
CA PRO A 620 -33.98 2.00 -13.25
C PRO A 620 -34.35 1.99 -14.72
N LYS A 621 -35.64 1.84 -15.03
CA LYS A 621 -36.10 1.79 -16.41
C LYS A 621 -35.37 0.71 -17.20
N CYS A 622 -35.46 -0.52 -16.73
CA CYS A 622 -34.64 -1.59 -17.31
C CYS A 622 -34.99 -1.84 -18.77
N ASP A 623 -36.28 -1.93 -19.11
CA ASP A 623 -36.65 -2.41 -20.44
C ASP A 623 -36.66 -1.29 -21.46
N ARG A 624 -36.66 -0.04 -20.99
CA ARG A 624 -36.69 1.09 -21.90
C ARG A 624 -35.33 1.74 -22.10
N ALA A 625 -34.36 1.44 -21.25
CA ALA A 625 -33.08 2.10 -21.38
C ALA A 625 -31.97 1.18 -21.85
N MET A 626 -32.23 -0.10 -22.06
CA MET A 626 -31.16 -0.99 -22.48
C MET A 626 -30.69 -0.63 -23.89
N PRO A 627 -29.41 -0.36 -24.09
CA PRO A 627 -28.94 -0.01 -25.43
C PRO A 627 -28.90 -1.21 -26.35
N ASN A 628 -28.91 -0.91 -27.64
CA ASN A 628 -29.08 -1.95 -28.65
C ASN A 628 -27.92 -2.95 -28.64
N MET A 629 -26.71 -2.47 -28.40
CA MET A 629 -25.55 -3.34 -28.53
C MET A 629 -25.61 -4.51 -27.56
N LEU A 630 -26.04 -4.26 -26.33
CA LEU A 630 -26.09 -5.34 -25.36
C LEU A 630 -27.23 -6.31 -25.65
N ARG A 631 -28.33 -5.81 -26.22
CA ARG A 631 -29.38 -6.71 -26.66
C ARG A 631 -28.89 -7.63 -27.76
N ILE A 632 -28.17 -7.08 -28.74
CA ILE A 632 -27.61 -7.90 -29.81
C ILE A 632 -26.63 -8.92 -29.24
N MET A 633 -25.79 -8.49 -28.31
CA MET A 633 -24.86 -9.40 -27.67
C MET A 633 -25.59 -10.56 -27.00
N ALA A 634 -26.69 -10.25 -26.29
CA ALA A 634 -27.43 -11.30 -25.62
C ALA A 634 -28.01 -12.28 -26.63
N SER A 635 -28.55 -11.78 -27.73
CA SER A 635 -29.09 -12.68 -28.74
C SER A 635 -28.01 -13.58 -29.32
N LEU A 636 -26.81 -13.03 -29.51
CA LEU A 636 -25.72 -13.85 -30.03
C LEU A 636 -25.31 -14.92 -29.04
N VAL A 637 -25.20 -14.57 -27.76
CA VAL A 637 -24.85 -15.55 -26.75
C VAL A 637 -25.88 -16.67 -26.71
N LEU A 638 -27.16 -16.33 -26.87
CA LEU A 638 -28.17 -17.37 -26.91
C LEU A 638 -28.02 -18.24 -28.16
N ALA A 639 -27.71 -17.64 -29.30
CA ALA A 639 -27.65 -18.42 -30.53
C ALA A 639 -26.37 -19.22 -30.63
N ARG A 640 -25.43 -18.99 -29.72
CA ARG A 640 -24.15 -19.70 -29.75
C ARG A 640 -24.30 -21.21 -29.72
N LYS A 641 -25.45 -21.74 -29.35
CA LYS A 641 -25.64 -23.18 -29.19
C LYS A 641 -26.00 -23.87 -30.50
N HIS A 642 -25.75 -23.22 -31.63
CA HIS A 642 -26.26 -23.66 -32.91
C HIS A 642 -25.16 -24.01 -33.90
N THR A 643 -24.02 -24.48 -33.42
CA THR A 643 -22.87 -24.67 -34.30
C THR A 643 -23.08 -25.73 -35.35
N THR A 644 -24.03 -26.65 -35.18
CA THR A 644 -24.19 -27.75 -36.12
C THR A 644 -25.51 -27.70 -36.87
N CYS A 645 -26.60 -27.31 -36.21
CA CYS A 645 -27.89 -27.31 -36.89
C CYS A 645 -27.92 -26.32 -38.06
N CYS A 646 -27.59 -25.07 -37.80
CA CYS A 646 -27.61 -24.03 -38.82
C CYS A 646 -26.23 -23.89 -39.46
N SER A 647 -26.21 -23.15 -40.57
CA SER A 647 -24.95 -22.91 -41.26
C SER A 647 -24.80 -21.43 -40.88
N LEU A 648 -23.64 -20.84 -41.14
CA LEU A 648 -23.47 -19.43 -41.01
C LEU A 648 -24.34 -18.28 -41.52
N SER A 649 -24.70 -18.29 -42.80
CA SER A 649 -25.65 -17.31 -43.29
C SER A 649 -27.00 -17.45 -42.60
N HIS A 650 -27.40 -18.69 -42.31
CA HIS A 650 -28.65 -18.91 -41.60
C HIS A 650 -28.66 -18.19 -40.27
N ARG A 651 -27.55 -18.25 -39.53
CA ARG A 651 -27.51 -17.62 -38.23
C ARG A 651 -27.59 -16.12 -38.33
N PHE A 652 -26.93 -15.53 -39.34
CA PHE A 652 -27.05 -14.10 -39.52
C PHE A 652 -28.47 -13.70 -39.87
N TYR A 653 -29.13 -14.48 -40.71
CA TYR A 653 -30.48 -14.09 -41.07
C TYR A 653 -31.43 -14.24 -39.92
N ARG A 654 -31.20 -15.21 -39.04
CA ARG A 654 -32.01 -15.31 -37.85
C ARG A 654 -31.78 -14.12 -36.93
N LEU A 655 -30.53 -13.70 -36.79
CA LEU A 655 -30.24 -12.48 -36.02
C LEU A 655 -30.96 -11.28 -36.60
N ALA A 656 -30.92 -11.13 -37.93
CA ALA A 656 -31.56 -9.99 -38.56
C ALA A 656 -33.05 -10.02 -38.34
N ASN A 657 -33.67 -11.19 -38.44
CA ASN A 657 -35.10 -11.28 -38.20
C ASN A 657 -35.45 -10.90 -36.79
N GLU A 658 -34.70 -11.41 -35.81
CA GLU A 658 -35.03 -11.11 -34.42
C GLU A 658 -34.87 -9.63 -34.14
N CYS A 659 -33.83 -9.02 -34.69
CA CYS A 659 -33.68 -7.58 -34.53
C CYS A 659 -34.84 -6.82 -35.15
N ALA A 660 -35.12 -7.05 -36.43
CA ALA A 660 -36.16 -6.30 -37.10
C ALA A 660 -37.54 -6.57 -36.54
N GLN A 661 -37.69 -7.61 -35.72
CA GLN A 661 -39.00 -7.90 -35.16
C GLN A 661 -39.19 -7.43 -33.73
N VAL A 662 -38.16 -7.46 -32.89
CA VAL A 662 -38.33 -7.11 -31.48
C VAL A 662 -37.37 -6.03 -31.00
N LEU A 663 -36.65 -5.35 -31.87
CA LEU A 663 -35.72 -4.35 -31.39
C LEU A 663 -36.04 -2.94 -31.88
N SER A 664 -36.49 -2.79 -33.12
CA SER A 664 -36.75 -1.48 -33.69
C SER A 664 -37.76 -1.62 -34.83
N GLU A 665 -38.98 -1.99 -34.49
CA GLU A 665 -40.03 -2.19 -35.47
C GLU A 665 -41.20 -1.26 -35.15
N MET A 666 -42.14 -1.19 -36.07
CA MET A 666 -43.29 -0.33 -35.92
C MET A 666 -44.15 -0.80 -34.75
N VAL A 667 -44.77 0.15 -34.07
CA VAL A 667 -45.59 -0.12 -32.90
C VAL A 667 -46.95 0.51 -33.13
N MET A 668 -48.01 -0.23 -32.85
CA MET A 668 -49.36 0.19 -33.19
C MET A 668 -50.04 0.73 -31.94
N CYS A 669 -49.42 1.73 -31.31
CA CYS A 669 -50.03 2.39 -30.17
C CYS A 669 -51.20 3.23 -30.65
N GLY A 670 -52.17 3.44 -29.77
CA GLY A 670 -53.36 4.17 -30.15
C GLY A 670 -54.05 3.53 -31.33
N GLY A 671 -53.98 4.18 -32.48
CA GLY A 671 -54.50 3.60 -33.71
C GLY A 671 -53.59 3.88 -34.88
N SER A 672 -52.36 4.29 -34.59
CA SER A 672 -51.42 4.70 -35.62
C SER A 672 -50.08 4.02 -35.37
N LEU A 673 -49.23 4.02 -36.38
CA LEU A 673 -47.95 3.32 -36.31
C LEU A 673 -46.83 4.31 -36.00
N TYR A 674 -46.03 3.98 -35.00
CA TYR A 674 -44.87 4.78 -34.66
C TYR A 674 -43.63 3.93 -34.91
N VAL A 675 -42.47 4.45 -34.54
CA VAL A 675 -41.22 3.76 -34.75
C VAL A 675 -40.53 3.60 -33.40
N LYS A 676 -40.37 2.36 -32.97
CA LYS A 676 -39.71 2.05 -31.73
C LYS A 676 -38.23 2.33 -31.86
N PRO A 677 -37.63 3.21 -31.05
CA PRO A 677 -36.21 3.50 -31.20
C PRO A 677 -35.28 2.36 -30.80
N GLY A 678 -35.51 1.72 -29.66
CA GLY A 678 -34.62 0.66 -29.23
C GLY A 678 -35.17 -0.02 -27.99
N GLY A 679 -34.27 -0.73 -27.30
CA GLY A 679 -34.64 -1.40 -26.07
C GLY A 679 -35.56 -2.58 -26.30
N THR A 680 -35.71 -3.44 -25.30
CA THR A 680 -36.51 -4.66 -25.49
C THR A 680 -37.98 -4.32 -25.59
N SER A 681 -38.76 -5.25 -26.11
CA SER A 681 -40.21 -5.20 -26.02
C SER A 681 -40.61 -6.37 -25.13
N SER A 682 -40.91 -6.07 -23.87
CA SER A 682 -41.07 -7.09 -22.86
C SER A 682 -41.86 -8.36 -23.17
N GLY A 683 -42.75 -8.28 -24.14
CA GLY A 683 -43.51 -9.45 -24.56
C GLY A 683 -43.18 -10.46 -25.62
N ASP A 684 -41.92 -10.49 -26.06
CA ASP A 684 -41.54 -11.37 -27.16
C ASP A 684 -41.39 -12.80 -26.69
N ALA A 685 -40.63 -13.60 -27.43
CA ALA A 685 -40.56 -15.02 -27.13
C ALA A 685 -39.50 -15.36 -26.09
N THR A 686 -38.56 -14.45 -25.81
CA THR A 686 -37.47 -14.79 -24.91
C THR A 686 -37.02 -13.67 -23.98
N THR A 687 -37.94 -13.03 -23.26
CA THR A 687 -37.56 -11.92 -22.38
C THR A 687 -36.72 -12.15 -21.15
N ALA A 688 -37.06 -13.18 -20.38
CA ALA A 688 -36.52 -13.36 -19.04
C ALA A 688 -35.09 -13.85 -19.25
N TYR A 689 -34.89 -14.67 -20.27
CA TYR A 689 -33.57 -15.24 -20.47
C TYR A 689 -32.59 -14.20 -20.99
N ALA A 690 -33.00 -13.39 -21.97
CA ALA A 690 -32.11 -12.34 -22.46
C ALA A 690 -31.83 -11.32 -21.37
N ASN A 691 -32.80 -11.05 -20.51
CA ASN A 691 -32.55 -10.16 -19.39
C ASN A 691 -31.52 -10.76 -18.44
N SER A 692 -31.59 -12.06 -18.20
CA SER A 692 -30.58 -12.71 -17.37
C SER A 692 -29.19 -12.54 -17.97
N VAL A 693 -29.09 -12.74 -19.29
CA VAL A 693 -27.80 -12.61 -19.96
C VAL A 693 -27.25 -11.20 -19.78
N PHE A 694 -28.11 -10.20 -20.01
CA PHE A 694 -27.67 -8.81 -19.89
C PHE A 694 -27.25 -8.49 -18.46
N ASN A 695 -27.95 -9.06 -17.49
CA ASN A 695 -27.59 -8.85 -16.09
C ASN A 695 -26.20 -9.38 -15.79
N ILE A 696 -25.93 -10.63 -16.16
CA ILE A 696 -24.61 -11.19 -15.94
C ILE A 696 -23.55 -10.35 -16.64
N CYS A 697 -23.86 -9.85 -17.82
CA CYS A 697 -22.91 -9.00 -18.53
C CYS A 697 -22.51 -7.79 -17.70
N GLN A 698 -23.52 -7.09 -17.17
CA GLN A 698 -23.19 -5.89 -16.40
C GLN A 698 -22.38 -6.24 -15.15
N ALA A 699 -22.71 -7.35 -14.50
CA ALA A 699 -21.96 -7.75 -13.31
C ALA A 699 -20.49 -7.99 -13.65
N VAL A 700 -20.24 -8.74 -14.72
CA VAL A 700 -18.86 -9.03 -15.08
C VAL A 700 -18.12 -7.77 -15.47
N THR A 701 -18.78 -6.87 -16.21
CA THR A 701 -18.15 -5.61 -16.58
C THR A 701 -17.73 -4.82 -15.35
N ALA A 702 -18.58 -4.81 -14.32
CA ALA A 702 -18.23 -4.08 -13.11
C ALA A 702 -17.04 -4.70 -12.42
N ASN A 703 -17.00 -6.03 -12.34
CA ASN A 703 -15.83 -6.67 -11.74
C ASN A 703 -14.56 -6.33 -12.50
N VAL A 704 -14.62 -6.30 -13.84
CA VAL A 704 -13.45 -6.00 -14.63
C VAL A 704 -12.98 -4.58 -14.37
N ASN A 705 -13.91 -3.62 -14.39
CA ASN A 705 -13.53 -2.24 -14.10
C ASN A 705 -12.92 -2.10 -12.72
N ALA A 706 -13.51 -2.79 -11.73
CA ALA A 706 -12.98 -2.73 -10.38
C ALA A 706 -11.54 -3.22 -10.33
N LEU A 707 -11.28 -4.37 -10.92
CA LEU A 707 -9.93 -4.94 -10.83
C LEU A 707 -8.92 -4.12 -11.61
N LEU A 708 -9.33 -3.53 -12.74
CA LEU A 708 -8.37 -2.79 -13.54
C LEU A 708 -8.13 -1.38 -13.03
N SER A 709 -9.07 -0.80 -12.29
CA SER A 709 -8.93 0.58 -11.86
C SER A 709 -8.25 0.72 -10.52
N THR A 710 -7.60 -0.33 -10.03
CA THR A 710 -6.95 -0.32 -8.74
C THR A 710 -5.44 -0.28 -8.93
N ASP A 711 -4.75 0.41 -8.02
CA ASP A 711 -3.31 0.55 -8.14
C ASP A 711 -2.63 -0.80 -7.95
N GLY A 712 -1.55 -1.02 -8.71
CA GLY A 712 -0.90 -2.32 -8.67
C GLY A 712 0.00 -2.49 -7.46
N ASN A 713 0.80 -1.47 -7.16
CA ASN A 713 1.74 -1.56 -6.05
C ASN A 713 1.03 -1.82 -4.73
N LYS A 714 -0.19 -1.33 -4.57
CA LYS A 714 -0.92 -1.56 -3.32
C LYS A 714 -1.38 -3.00 -3.18
N ILE A 715 -1.38 -3.78 -4.26
CA ILE A 715 -1.79 -5.17 -4.16
C ILE A 715 -0.74 -5.96 -3.38
N ALA A 716 -1.20 -6.72 -2.40
CA ALA A 716 -0.29 -7.53 -1.59
C ALA A 716 0.10 -8.82 -2.31
N ASP A 717 -0.89 -9.64 -2.64
CA ASP A 717 -0.63 -10.96 -3.18
C ASP A 717 -0.01 -10.94 -4.57
N LYS A 718 1.04 -11.76 -4.78
CA LYS A 718 1.67 -11.87 -6.10
C LYS A 718 0.74 -12.42 -7.15
N TYR A 719 -0.07 -13.41 -6.78
CA TYR A 719 -0.95 -14.04 -7.76
C TYR A 719 -1.97 -13.05 -8.29
N VAL A 720 -2.40 -12.12 -7.43
CA VAL A 720 -3.40 -11.15 -7.88
C VAL A 720 -2.76 -10.10 -8.79
N ARG A 721 -1.53 -9.75 -8.57
CA ARG A 721 -1.05 -8.86 -9.53
C ARG A 721 -0.99 -9.67 -10.80
N ASN A 722 -0.39 -10.82 -10.75
CA ASN A 722 -0.30 -11.58 -11.99
C ASN A 722 -1.62 -11.55 -12.73
N LEU A 723 -2.72 -11.71 -12.01
CA LEU A 723 -4.04 -11.70 -12.63
C LEU A 723 -4.33 -10.36 -13.28
N GLN A 724 -4.11 -9.26 -12.57
CA GLN A 724 -4.41 -7.94 -13.11
C GLN A 724 -3.53 -7.62 -14.31
N HIS A 725 -2.24 -7.93 -14.19
CA HIS A 725 -1.29 -7.70 -15.28
C HIS A 725 -1.74 -8.44 -16.53
N ARG A 726 -1.96 -9.75 -16.40
CA ARG A 726 -2.31 -10.50 -17.58
C ARG A 726 -3.71 -10.18 -18.07
N LEU A 727 -4.57 -9.64 -17.20
CA LEU A 727 -5.88 -9.20 -17.65
C LEU A 727 -5.77 -8.00 -18.57
N TYR A 728 -4.96 -7.01 -18.18
CA TYR A 728 -4.70 -5.92 -19.12
C TYR A 728 -4.13 -6.46 -20.42
N GLU A 729 -3.24 -7.45 -20.33
CA GLU A 729 -2.73 -8.08 -21.54
C GLU A 729 -3.88 -8.58 -22.40
N CYS A 730 -4.67 -9.51 -21.87
CA CYS A 730 -5.67 -10.19 -22.67
C CYS A 730 -6.77 -9.24 -23.14
N LEU A 731 -6.92 -8.11 -22.48
CA LEU A 731 -7.88 -7.13 -22.95
C LEU A 731 -7.35 -6.33 -24.12
N TYR A 732 -6.22 -5.67 -23.95
CA TYR A 732 -5.85 -4.76 -25.03
C TYR A 732 -4.70 -5.27 -25.89
N ARG A 733 -3.66 -5.85 -25.29
CA ARG A 733 -2.50 -6.24 -26.07
C ARG A 733 -2.83 -7.40 -27.01
N ASN A 734 -3.50 -8.42 -26.51
CA ASN A 734 -3.84 -9.58 -27.33
C ASN A 734 -4.88 -9.20 -28.38
N ARG A 735 -5.17 -10.16 -29.26
CA ARG A 735 -6.13 -9.97 -30.34
C ARG A 735 -7.18 -11.06 -30.43
N ASP A 736 -6.87 -12.28 -30.00
CA ASP A 736 -7.82 -13.37 -30.09
C ASP A 736 -7.89 -14.06 -28.74
N VAL A 737 -8.78 -15.03 -28.63
CA VAL A 737 -9.13 -15.63 -27.34
C VAL A 737 -7.95 -16.37 -26.77
N ASP A 738 -8.00 -16.61 -25.45
CA ASP A 738 -7.01 -17.44 -24.76
C ASP A 738 -7.75 -18.24 -23.71
N THR A 739 -8.08 -19.49 -24.04
CA THR A 739 -9.06 -20.24 -23.26
C THR A 739 -8.67 -20.39 -21.79
N ASP A 740 -7.38 -20.61 -21.50
CA ASP A 740 -6.97 -20.87 -20.11
C ASP A 740 -7.18 -19.64 -19.23
N PHE A 741 -6.87 -18.46 -19.75
CA PHE A 741 -7.12 -17.26 -18.97
C PHE A 741 -8.59 -17.14 -18.64
N VAL A 742 -9.45 -17.28 -19.65
CA VAL A 742 -10.88 -17.19 -19.43
C VAL A 742 -11.31 -18.19 -18.37
N ASN A 743 -10.80 -19.41 -18.46
CA ASN A 743 -11.15 -20.45 -17.51
C ASN A 743 -10.79 -20.05 -16.09
N GLU A 744 -9.54 -19.65 -15.86
CA GLU A 744 -9.10 -19.41 -14.49
C GLU A 744 -9.73 -18.14 -13.93
N PHE A 745 -10.00 -17.16 -14.79
CA PHE A 745 -10.69 -15.97 -14.33
C PHE A 745 -12.14 -16.28 -13.96
N TYR A 746 -12.81 -17.10 -14.77
CA TYR A 746 -14.16 -17.52 -14.43
C TYR A 746 -14.17 -18.27 -13.10
N ALA A 747 -13.15 -19.09 -12.86
CA ALA A 747 -13.08 -19.80 -11.58
C ALA A 747 -12.83 -18.83 -10.43
N TYR A 748 -11.96 -17.85 -10.65
CA TYR A 748 -11.73 -16.81 -9.65
C TYR A 748 -13.03 -16.10 -9.28
N LEU A 749 -13.80 -15.70 -10.29
CA LEU A 749 -15.08 -15.06 -10.03
C LEU A 749 -16.03 -15.98 -9.27
N ARG A 750 -16.09 -17.26 -9.68
CA ARG A 750 -16.94 -18.19 -8.96
C ARG A 750 -16.50 -18.40 -7.53
N LYS A 751 -15.27 -18.07 -7.18
CA LYS A 751 -14.87 -18.21 -5.78
C LYS A 751 -15.09 -16.94 -4.98
N HIS A 752 -14.94 -15.76 -5.59
CA HIS A 752 -15.04 -14.53 -4.80
C HIS A 752 -16.34 -13.78 -5.01
N PHE A 753 -17.04 -14.06 -6.11
CA PHE A 753 -18.34 -13.45 -6.36
C PHE A 753 -19.49 -14.32 -6.79
N SER A 754 -19.99 -15.19 -5.92
CA SER A 754 -21.08 -16.06 -6.32
C SER A 754 -22.34 -15.23 -6.53
N MET A 755 -23.16 -15.65 -7.49
CA MET A 755 -24.32 -14.88 -7.90
C MET A 755 -25.55 -15.76 -8.00
N MET A 756 -26.70 -15.14 -7.87
CA MET A 756 -27.99 -15.78 -8.11
C MET A 756 -28.82 -14.86 -8.97
N ILE A 757 -29.15 -15.29 -10.19
CA ILE A 757 -29.73 -14.42 -11.19
C ILE A 757 -31.07 -14.97 -11.64
N LEU A 758 -32.12 -14.21 -11.40
CA LEU A 758 -33.37 -14.31 -12.13
C LEU A 758 -33.37 -13.01 -12.90
N SER A 759 -34.31 -12.87 -13.83
CA SER A 759 -34.28 -11.85 -14.87
C SER A 759 -34.16 -10.50 -14.16
N ASP A 760 -33.05 -9.82 -14.42
CA ASP A 760 -32.76 -8.47 -13.90
C ASP A 760 -32.94 -8.36 -12.40
N ASP A 761 -32.82 -9.44 -11.66
CA ASP A 761 -33.04 -9.42 -10.22
C ASP A 761 -32.02 -10.32 -9.53
N ALA A 762 -31.00 -9.71 -8.95
CA ALA A 762 -29.81 -10.46 -8.56
C ALA A 762 -29.60 -10.42 -7.05
N VAL A 763 -28.81 -11.38 -6.58
CA VAL A 763 -28.32 -11.43 -5.20
C VAL A 763 -26.89 -11.92 -5.25
N VAL A 764 -26.01 -11.27 -4.51
CA VAL A 764 -24.58 -11.55 -4.59
C VAL A 764 -24.04 -11.86 -3.20
N CYS A 765 -23.34 -12.97 -3.08
CA CYS A 765 -22.62 -13.33 -1.86
C CYS A 765 -21.13 -13.25 -2.17
N PHE A 766 -20.47 -12.26 -1.60
CA PHE A 766 -19.12 -11.89 -2.03
C PHE A 766 -18.20 -11.75 -0.83
N ASN A 767 -16.91 -11.96 -1.08
CA ASN A 767 -15.89 -11.64 -0.08
C ASN A 767 -16.04 -10.18 0.32
N SER A 768 -15.71 -9.88 1.57
CA SER A 768 -15.91 -8.52 2.06
C SER A 768 -14.59 -7.75 2.11
N THR A 769 -13.51 -8.42 2.51
CA THR A 769 -12.22 -7.74 2.60
C THR A 769 -11.63 -7.49 1.23
N TYR A 770 -11.74 -8.47 0.34
CA TYR A 770 -11.38 -8.22 -1.06
C TYR A 770 -12.11 -7.00 -1.58
N ALA A 771 -13.43 -6.95 -1.38
CA ALA A 771 -14.22 -5.81 -1.83
C ALA A 771 -13.67 -4.51 -1.25
N SER A 772 -13.39 -4.50 0.05
CA SER A 772 -12.86 -3.29 0.68
C SER A 772 -11.56 -2.87 0.01
N GLN A 773 -10.64 -3.82 -0.21
CA GLN A 773 -9.39 -3.50 -0.86
C GLN A 773 -9.56 -3.08 -2.30
N GLY A 774 -10.60 -3.56 -2.98
CA GLY A 774 -10.81 -3.23 -4.37
C GLY A 774 -10.38 -4.32 -5.32
N LEU A 775 -10.70 -5.56 -4.98
CA LEU A 775 -10.39 -6.69 -5.85
C LEU A 775 -11.63 -7.33 -6.44
N VAL A 776 -12.81 -6.99 -5.95
CA VAL A 776 -14.06 -7.27 -6.60
C VAL A 776 -14.87 -5.97 -6.62
N ALA A 777 -16.11 -6.05 -7.06
CA ALA A 777 -16.90 -4.86 -7.29
C ALA A 777 -17.86 -4.61 -6.13
N SER A 778 -17.92 -3.36 -5.68
CA SER A 778 -18.93 -2.90 -4.73
C SER A 778 -19.93 -2.03 -5.47
N ILE A 779 -20.85 -1.43 -4.71
CA ILE A 779 -21.96 -0.70 -5.32
C ILE A 779 -21.46 0.42 -6.22
N LYS A 780 -20.46 1.16 -5.76
CA LYS A 780 -19.96 2.30 -6.53
C LYS A 780 -19.56 1.93 -7.95
N ASN A 781 -18.98 0.74 -8.13
CA ASN A 781 -18.60 0.31 -9.47
C ASN A 781 -19.82 0.09 -10.34
N PHE A 782 -20.87 -0.51 -9.77
CA PHE A 782 -22.13 -0.65 -10.50
C PHE A 782 -22.69 0.70 -10.89
N LYS A 783 -22.63 1.67 -10.00
CA LYS A 783 -23.15 2.99 -10.34
C LYS A 783 -22.40 3.57 -11.52
N SER A 784 -21.07 3.51 -11.48
CA SER A 784 -20.28 4.08 -12.58
C SER A 784 -20.57 3.35 -13.89
N VAL A 785 -20.66 2.02 -13.84
CA VAL A 785 -20.88 1.24 -15.05
C VAL A 785 -22.24 1.57 -15.66
N LEU A 786 -23.28 1.57 -14.83
CA LEU A 786 -24.60 1.94 -15.33
C LEU A 786 -24.59 3.34 -15.92
N TYR A 787 -23.87 4.27 -15.30
CA TYR A 787 -23.82 5.61 -15.85
C TYR A 787 -23.27 5.61 -17.26
N TYR A 788 -22.09 5.02 -17.46
CA TYR A 788 -21.52 5.22 -18.79
C TYR A 788 -21.91 4.15 -19.78
N GLN A 789 -22.70 3.15 -19.40
CA GLN A 789 -23.02 2.08 -20.35
C GLN A 789 -24.52 1.79 -20.37
N ASN A 790 -25.34 2.57 -19.69
CA ASN A 790 -26.76 2.28 -19.68
C ASN A 790 -27.53 3.58 -19.72
N ASN A 791 -26.84 4.68 -19.45
CA ASN A 791 -27.41 6.03 -19.48
C ASN A 791 -28.47 6.23 -18.41
N VAL A 792 -28.25 5.69 -17.21
CA VAL A 792 -29.11 5.95 -16.07
C VAL A 792 -28.25 6.13 -14.84
N PHE A 793 -28.85 6.73 -13.82
CA PHE A 793 -28.17 6.97 -12.55
C PHE A 793 -28.86 6.12 -11.49
N MET A 794 -28.18 5.08 -11.03
CA MET A 794 -28.73 4.20 -10.02
C MET A 794 -28.58 4.82 -8.64
N SER A 795 -29.68 5.32 -8.10
CA SER A 795 -29.65 5.93 -6.79
C SER A 795 -29.41 4.88 -5.72
N GLU A 796 -28.62 5.24 -4.71
CA GLU A 796 -28.19 4.29 -3.70
C GLU A 796 -29.26 3.99 -2.66
N ALA A 797 -30.43 4.63 -2.73
CA ALA A 797 -31.51 4.29 -1.82
C ALA A 797 -32.22 3.00 -2.20
N LYS A 798 -31.82 2.35 -3.30
CA LYS A 798 -32.48 1.13 -3.74
C LYS A 798 -31.54 -0.06 -3.79
N CYS A 799 -30.32 0.06 -3.29
CA CYS A 799 -29.35 -1.03 -3.30
C CYS A 799 -29.06 -1.41 -1.86
N TRP A 800 -29.68 -2.49 -1.40
CA TRP A 800 -29.49 -2.90 -0.02
C TRP A 800 -28.13 -3.54 0.17
N THR A 801 -27.83 -3.87 1.42
CA THR A 801 -26.58 -4.49 1.80
C THR A 801 -26.79 -5.22 3.12
N GLU A 802 -26.15 -6.38 3.25
CA GLU A 802 -26.35 -7.22 4.42
C GLU A 802 -24.99 -7.72 4.88
N THR A 803 -24.82 -7.81 6.19
CA THR A 803 -23.59 -8.31 6.78
C THR A 803 -23.77 -9.63 7.51
N ASP A 804 -24.70 -9.75 8.40
CA ASP A 804 -24.84 -11.03 9.03
C ASP A 804 -25.36 -11.88 7.94
N LEU A 805 -24.82 -13.05 7.75
CA LEU A 805 -25.31 -13.87 6.67
C LEU A 805 -26.39 -14.84 7.06
N THR A 806 -27.05 -14.50 8.14
CA THR A 806 -28.05 -15.38 8.65
C THR A 806 -29.40 -14.85 8.51
N LYS A 807 -29.54 -13.63 8.08
CA LYS A 807 -30.88 -13.19 7.85
C LYS A 807 -30.77 -12.88 6.40
N GLY A 808 -30.74 -13.94 5.63
CA GLY A 808 -30.66 -13.99 4.19
C GLY A 808 -30.11 -13.14 3.07
N PRO A 809 -30.96 -12.51 2.37
CA PRO A 809 -31.40 -11.44 1.53
C PRO A 809 -32.25 -10.56 2.29
N HIS A 810 -32.35 -9.40 1.79
CA HIS A 810 -33.11 -8.44 2.38
C HIS A 810 -34.30 -8.69 1.67
N GLU A 811 -34.20 -8.78 0.37
CA GLU A 811 -35.39 -8.93 -0.45
C GLU A 811 -34.99 -9.46 -1.82
N PHE A 812 -35.68 -10.50 -2.28
CA PHE A 812 -35.41 -11.07 -3.59
C PHE A 812 -36.73 -11.57 -4.14
N CYS A 813 -37.02 -11.22 -5.39
CA CYS A 813 -38.30 -11.54 -6.01
C CYS A 813 -39.46 -11.05 -5.15
N SER A 814 -39.24 -9.92 -4.48
CA SER A 814 -40.24 -9.30 -3.61
C SER A 814 -40.70 -10.25 -2.51
N GLN A 815 -39.76 -11.00 -1.96
CA GLN A 815 -40.01 -11.79 -0.77
C GLN A 815 -38.89 -11.51 0.22
N HIS A 816 -39.21 -11.59 1.50
CA HIS A 816 -38.24 -11.43 2.56
C HIS A 816 -37.95 -12.81 3.12
N THR A 817 -36.79 -12.96 3.73
CA THR A 817 -36.38 -14.25 4.23
C THR A 817 -36.27 -14.21 5.75
N MET A 818 -36.61 -15.32 6.38
CA MET A 818 -36.58 -15.46 7.81
C MET A 818 -36.01 -16.82 8.14
N LEU A 819 -35.20 -16.92 9.19
CA LEU A 819 -34.57 -18.18 9.55
C LEU A 819 -35.32 -18.80 10.71
N VAL A 820 -36.07 -19.86 10.43
CA VAL A 820 -36.96 -20.48 11.41
C VAL A 820 -36.50 -21.90 11.67
N LYS A 821 -36.63 -22.32 12.93
CA LYS A 821 -36.37 -23.70 13.32
C LYS A 821 -37.62 -24.52 13.03
N GLN A 822 -37.49 -25.47 12.11
CA GLN A 822 -38.59 -26.35 11.73
C GLN A 822 -38.19 -27.79 11.92
N GLY A 823 -39.11 -28.58 12.45
CA GLY A 823 -38.80 -29.95 12.79
C GLY A 823 -37.75 -30.01 13.87
N ASP A 824 -36.48 -30.15 13.47
CA ASP A 824 -35.37 -30.17 14.41
C ASP A 824 -34.16 -29.39 13.92
N ASP A 825 -34.27 -28.70 12.80
CA ASP A 825 -33.14 -27.97 12.23
C ASP A 825 -33.62 -26.55 11.89
N TYR A 826 -32.72 -25.75 11.33
CA TYR A 826 -32.98 -24.35 11.06
C TYR A 826 -33.02 -24.13 9.56
N VAL A 827 -34.20 -23.84 9.03
CA VAL A 827 -34.38 -23.67 7.59
C VAL A 827 -34.75 -22.23 7.30
N TYR A 828 -34.59 -21.85 6.04
CA TYR A 828 -34.96 -20.54 5.56
C TYR A 828 -36.37 -20.58 4.99
N LEU A 829 -37.09 -19.48 5.14
CA LEU A 829 -38.41 -19.43 4.57
C LEU A 829 -38.65 -18.07 3.94
N PRO A 830 -39.48 -18.00 2.91
CA PRO A 830 -39.84 -16.70 2.33
C PRO A 830 -41.20 -16.23 2.80
N TYR A 831 -41.32 -14.94 3.06
CA TYR A 831 -42.61 -14.42 3.47
C TYR A 831 -42.89 -13.10 2.77
N PRO A 832 -44.10 -12.91 2.29
CA PRO A 832 -44.41 -11.73 1.49
C PRO A 832 -44.53 -10.47 2.33
N ASP A 833 -45.15 -9.44 1.77
CA ASP A 833 -45.39 -8.19 2.49
C ASP A 833 -46.85 -8.13 2.88
N PRO A 834 -47.18 -7.99 4.15
CA PRO A 834 -48.56 -8.20 4.59
C PRO A 834 -49.56 -7.27 3.94
N SER A 835 -49.20 -5.99 3.78
CA SER A 835 -50.09 -5.06 3.11
C SER A 835 -50.47 -5.56 1.72
N ARG A 836 -49.55 -6.26 1.07
CA ARG A 836 -49.85 -6.81 -0.24
C ARG A 836 -50.96 -7.86 -0.16
N ILE A 837 -50.88 -8.75 0.83
CA ILE A 837 -51.86 -9.82 0.93
C ILE A 837 -53.23 -9.25 1.30
N LEU A 838 -53.25 -8.28 2.21
CA LEU A 838 -54.52 -7.67 2.57
C LEU A 838 -55.14 -6.93 1.38
N GLY A 839 -54.32 -6.17 0.67
CA GLY A 839 -54.83 -5.52 -0.54
C GLY A 839 -55.39 -6.52 -1.52
N ALA A 840 -54.66 -7.59 -1.79
CA ALA A 840 -55.17 -8.63 -2.68
C ALA A 840 -56.49 -9.19 -2.19
N GLY A 841 -56.69 -9.21 -0.87
CA GLY A 841 -57.94 -9.71 -0.35
C GLY A 841 -59.10 -8.77 -0.56
N CYS A 842 -58.85 -7.47 -0.50
CA CYS A 842 -59.94 -6.49 -0.49
C CYS A 842 -60.38 -6.03 -1.88
N PHE A 843 -59.51 -6.06 -2.89
CA PHE A 843 -59.74 -5.36 -4.15
C PHE A 843 -59.66 -6.34 -5.31
N VAL A 844 -60.73 -6.51 -6.05
CA VAL A 844 -60.72 -7.54 -7.02
C VAL A 844 -61.06 -6.99 -8.37
N ASP A 845 -60.71 -7.69 -9.41
CA ASP A 845 -60.99 -7.24 -10.77
C ASP A 845 -62.46 -7.27 -11.08
N ASP A 846 -63.06 -8.45 -11.16
CA ASP A 846 -64.46 -8.59 -11.55
C ASP A 846 -65.43 -8.78 -10.43
N ILE A 847 -66.68 -8.43 -10.66
CA ILE A 847 -67.68 -8.53 -9.63
C ILE A 847 -68.27 -9.88 -9.46
N VAL A 848 -67.47 -10.92 -9.40
CA VAL A 848 -68.00 -12.22 -9.06
C VAL A 848 -66.93 -12.76 -8.21
N LYS A 849 -65.90 -11.97 -8.02
CA LYS A 849 -64.88 -12.38 -7.11
C LYS A 849 -65.23 -11.63 -5.86
N THR A 850 -66.26 -10.80 -5.91
CA THR A 850 -66.75 -10.11 -4.75
C THR A 850 -67.98 -10.86 -4.26
N ASP A 851 -67.84 -12.12 -3.85
CA ASP A 851 -68.92 -12.92 -3.29
C ASP A 851 -68.12 -14.06 -2.88
N GLY A 852 -67.67 -14.06 -1.66
CA GLY A 852 -66.73 -15.09 -1.28
C GLY A 852 -67.29 -16.49 -1.42
N THR A 853 -68.61 -16.62 -1.40
CA THR A 853 -69.24 -17.93 -1.42
C THR A 853 -68.78 -18.76 -2.60
N LEU A 854 -68.73 -18.16 -3.79
CA LEU A 854 -68.37 -18.94 -4.97
C LEU A 854 -66.88 -19.24 -5.01
N MET A 855 -66.07 -18.34 -4.47
CA MET A 855 -64.63 -18.42 -4.65
C MET A 855 -63.56 -18.74 -3.63
N ILE A 856 -63.92 -19.51 -2.60
CA ILE A 856 -63.04 -19.89 -1.51
C ILE A 856 -61.65 -20.34 -1.97
N GLU A 857 -61.55 -20.85 -3.19
CA GLU A 857 -60.29 -21.39 -3.66
C GLU A 857 -59.20 -20.33 -3.66
N ARG A 858 -59.54 -19.10 -4.06
CA ARG A 858 -58.50 -18.09 -4.10
C ARG A 858 -58.08 -17.69 -2.70
N PHE A 859 -58.97 -17.81 -1.72
CA PHE A 859 -58.55 -17.60 -0.35
C PHE A 859 -57.61 -18.69 0.11
N VAL A 860 -57.82 -19.92 -0.35
CA VAL A 860 -56.89 -20.99 -0.04
C VAL A 860 -55.52 -20.67 -0.62
N SER A 861 -55.48 -20.23 -1.87
CA SER A 861 -54.19 -19.89 -2.48
C SER A 861 -53.52 -18.76 -1.72
N LEU A 862 -54.29 -17.73 -1.35
CA LEU A 862 -53.71 -16.60 -0.64
C LEU A 862 -53.15 -17.04 0.70
N ALA A 863 -53.85 -17.93 1.40
CA ALA A 863 -53.36 -18.40 2.69
C ALA A 863 -52.08 -19.22 2.53
N ILE A 864 -52.01 -20.01 1.45
CA ILE A 864 -50.80 -20.78 1.18
C ILE A 864 -49.64 -19.81 1.01
N ASP A 865 -49.91 -18.68 0.37
CA ASP A 865 -48.84 -17.69 0.22
C ASP A 865 -48.53 -16.99 1.52
N ALA A 866 -49.50 -16.85 2.40
CA ALA A 866 -49.32 -16.08 3.62
C ALA A 866 -48.79 -16.90 4.79
N TYR A 867 -48.71 -18.21 4.68
CA TYR A 867 -48.32 -19.06 5.80
C TYR A 867 -47.09 -18.59 6.56
N PRO A 868 -45.92 -18.46 5.95
CA PRO A 868 -44.71 -18.28 6.75
C PRO A 868 -44.72 -17.07 7.65
N LEU A 869 -45.77 -16.25 7.60
CA LEU A 869 -45.87 -15.14 8.54
C LEU A 869 -46.01 -15.65 9.96
N THR A 870 -46.64 -16.81 10.14
CA THR A 870 -46.90 -17.35 11.47
C THR A 870 -45.64 -17.41 12.31
N LYS A 871 -44.48 -17.57 11.69
CA LYS A 871 -43.24 -17.67 12.45
C LYS A 871 -42.59 -16.31 12.73
N HIS A 872 -43.29 -15.21 12.48
CA HIS A 872 -42.67 -13.91 12.66
C HIS A 872 -42.70 -13.49 14.14
N PRO A 873 -41.60 -12.95 14.65
CA PRO A 873 -41.62 -12.42 16.03
C PRO A 873 -42.62 -11.29 16.25
N ASN A 874 -43.08 -10.61 15.22
CA ASN A 874 -44.09 -9.57 15.40
C ASN A 874 -45.43 -10.21 15.73
N GLN A 875 -46.52 -9.44 15.68
CA GLN A 875 -47.77 -9.99 16.18
C GLN A 875 -48.97 -9.77 15.27
N GLU A 876 -49.00 -8.65 14.55
CA GLU A 876 -50.07 -8.44 13.59
C GLU A 876 -49.88 -9.43 12.45
N TYR A 877 -48.61 -9.73 12.18
CA TYR A 877 -48.24 -10.54 11.03
C TYR A 877 -48.88 -11.92 11.11
N ALA A 878 -48.72 -12.62 12.22
CA ALA A 878 -49.38 -13.93 12.35
C ALA A 878 -50.89 -13.80 12.30
N ASP A 879 -51.40 -12.69 12.81
CA ASP A 879 -52.84 -12.49 12.81
C ASP A 879 -53.38 -12.41 11.40
N VAL A 880 -52.56 -12.02 10.44
CA VAL A 880 -53.00 -12.05 9.03
C VAL A 880 -53.45 -13.46 8.65
N PHE A 881 -52.55 -14.42 8.78
CA PHE A 881 -52.87 -15.81 8.44
C PHE A 881 -54.08 -16.31 9.21
N HIS A 882 -54.11 -16.06 10.51
CA HIS A 882 -55.22 -16.60 11.29
C HIS A 882 -56.55 -15.98 10.86
N LEU A 883 -56.52 -14.71 10.47
CA LEU A 883 -57.71 -14.08 9.95
C LEU A 883 -58.18 -14.76 8.68
N TYR A 884 -57.25 -15.09 7.79
CA TYR A 884 -57.65 -15.76 6.56
C TYR A 884 -58.33 -17.09 6.86
N LEU A 885 -57.76 -17.86 7.78
CA LEU A 885 -58.37 -19.15 8.11
C LEU A 885 -59.78 -18.97 8.64
N GLN A 886 -59.97 -18.05 9.57
CA GLN A 886 -61.30 -17.88 10.13
C GLN A 886 -62.28 -17.41 9.06
N TYR A 887 -61.80 -16.61 8.10
CA TYR A 887 -62.67 -16.21 6.99
C TYR A 887 -63.13 -17.43 6.22
N ILE A 888 -62.21 -18.34 5.90
CA ILE A 888 -62.60 -19.53 5.14
C ILE A 888 -63.67 -20.31 5.88
N ARG A 889 -63.50 -20.45 7.18
CA ARG A 889 -64.51 -21.15 7.98
C ARG A 889 -65.87 -20.46 7.84
N LYS A 890 -65.88 -19.14 7.97
CA LYS A 890 -67.13 -18.39 7.88
C LYS A 890 -67.80 -18.60 6.52
N LEU A 891 -67.01 -18.57 5.46
CA LEU A 891 -67.56 -18.77 4.12
C LEU A 891 -68.20 -20.14 3.98
N HIS A 892 -67.50 -21.19 4.42
CA HIS A 892 -68.08 -22.52 4.30
C HIS A 892 -69.39 -22.62 5.06
N ASP A 893 -69.43 -22.04 6.26
CA ASP A 893 -70.65 -22.12 7.05
C ASP A 893 -71.81 -21.41 6.35
N GLU A 894 -71.60 -20.19 5.89
CA GLU A 894 -72.69 -19.49 5.24
C GLU A 894 -73.10 -20.18 3.94
N LEU A 895 -72.17 -20.86 3.28
CA LEU A 895 -72.52 -21.56 2.05
C LEU A 895 -73.45 -22.72 2.34
N THR A 896 -73.12 -23.55 3.34
CA THR A 896 -74.05 -24.62 3.69
C THR A 896 -75.39 -24.06 4.09
N GLY A 897 -75.39 -22.96 4.83
CA GLY A 897 -76.65 -22.32 5.18
C GLY A 897 -77.48 -21.96 3.97
N HIS A 898 -76.86 -21.26 3.01
CA HIS A 898 -77.57 -20.89 1.80
C HIS A 898 -78.12 -22.09 1.06
N MET A 899 -77.29 -23.13 0.90
CA MET A 899 -77.74 -24.30 0.15
C MET A 899 -78.97 -24.92 0.81
N LEU A 900 -78.87 -25.20 2.11
CA LEU A 900 -80.05 -25.69 2.83
C LEU A 900 -81.24 -24.76 2.66
N ASP A 901 -81.00 -23.46 2.51
CA ASP A 901 -82.12 -22.55 2.38
C ASP A 901 -82.82 -22.68 1.04
N MET A 902 -82.11 -22.39 -0.06
CA MET A 902 -82.79 -22.28 -1.36
C MET A 902 -83.39 -23.62 -1.77
N TYR A 903 -82.63 -24.70 -1.65
CA TYR A 903 -83.19 -26.01 -1.93
C TYR A 903 -83.08 -26.42 -0.48
N SER A 904 -83.63 -27.59 -0.16
CA SER A 904 -83.31 -28.23 1.10
C SER A 904 -82.26 -29.29 1.38
N VAL A 905 -81.36 -29.50 0.43
CA VAL A 905 -80.37 -30.56 0.57
C VAL A 905 -79.25 -30.10 1.48
N MET A 906 -78.63 -31.05 2.16
CA MET A 906 -77.34 -30.84 2.81
C MET A 906 -76.32 -31.74 2.14
N LEU A 907 -75.11 -31.21 1.95
CA LEU A 907 -74.07 -31.94 1.25
C LEU A 907 -73.80 -33.25 1.96
N THR A 908 -73.39 -34.26 1.18
CA THR A 908 -73.16 -35.58 1.75
C THR A 908 -71.78 -35.68 2.39
N ASN A 909 -70.77 -35.11 1.73
CA ASN A 909 -69.42 -35.12 2.28
C ASN A 909 -68.65 -33.97 1.67
N ASP A 910 -67.74 -33.40 2.46
CA ASP A 910 -67.06 -32.20 2.07
C ASP A 910 -65.56 -32.38 1.91
N ASN A 911 -64.89 -32.92 2.93
CA ASN A 911 -63.43 -32.98 2.98
C ASN A 911 -62.83 -31.59 2.79
N THR A 912 -63.59 -30.55 3.15
CA THR A 912 -63.09 -29.19 3.11
C THR A 912 -62.53 -28.74 4.46
N SER A 913 -62.74 -29.54 5.51
CA SER A 913 -62.28 -29.15 6.82
C SER A 913 -60.77 -29.09 6.90
N ARG A 914 -60.08 -29.63 5.90
CA ARG A 914 -58.63 -29.60 5.94
C ARG A 914 -58.11 -28.26 5.46
N TYR A 915 -59.01 -27.37 5.05
CA TYR A 915 -58.57 -26.07 4.58
C TYR A 915 -58.41 -25.06 5.68
N TRP A 916 -59.08 -25.23 6.82
CA TRP A 916 -58.97 -24.30 7.94
C TRP A 916 -58.19 -24.89 9.10
N GLU A 917 -57.15 -25.66 8.80
CA GLU A 917 -56.35 -26.31 9.81
C GLU A 917 -54.91 -26.26 9.33
N PRO A 918 -53.97 -25.85 10.18
CA PRO A 918 -52.67 -25.37 9.69
C PRO A 918 -51.59 -26.42 9.55
N GLU A 919 -51.90 -27.64 9.13
CA GLU A 919 -50.82 -28.53 8.70
C GLU A 919 -50.87 -28.74 7.19
N PHE A 920 -52.07 -28.72 6.62
CA PHE A 920 -52.20 -28.70 5.17
C PHE A 920 -51.36 -27.61 4.56
N TYR A 921 -51.22 -26.49 5.24
CA TYR A 921 -50.43 -25.39 4.70
C TYR A 921 -48.95 -25.57 4.96
N GLU A 922 -48.58 -26.02 6.16
CA GLU A 922 -47.16 -26.10 6.46
C GLU A 922 -46.50 -27.25 5.71
N ALA A 923 -47.29 -28.19 5.22
CA ALA A 923 -46.74 -29.26 4.39
C ALA A 923 -45.94 -28.69 3.23
N MET A 924 -46.35 -27.54 2.70
CA MET A 924 -45.73 -27.00 1.49
C MET A 924 -44.28 -26.60 1.70
N TYR A 925 -43.94 -26.21 2.87
CA TYR A 925 -42.64 -25.68 3.01
C TYR A 925 -41.62 -26.57 3.55
N THR A 926 -41.97 -27.80 3.89
CA THR A 926 -40.94 -28.66 4.37
C THR A 926 -41.16 -29.71 3.37
N PRO A 927 -40.10 -30.36 2.98
CA PRO A 927 -39.29 -31.09 2.03
C PRO A 927 -39.67 -32.49 1.84
N HIS A 928 -40.36 -32.75 0.75
CA HIS A 928 -40.67 -34.06 0.32
C HIS A 928 -41.34 -33.64 -0.93
N THR A 929 -42.02 -34.58 -1.57
CA THR A 929 -42.70 -34.32 -2.83
C THR A 929 -42.47 -33.01 -3.53
N PHE B 6 -76.22 -53.95 -27.16
CA PHE B 6 -75.75 -55.30 -27.45
C PHE B 6 -76.60 -56.49 -27.03
N SER B 7 -77.53 -56.88 -27.91
CA SER B 7 -78.40 -58.02 -27.61
C SER B 7 -78.57 -59.00 -28.76
N SER B 8 -78.48 -58.52 -30.00
CA SER B 8 -78.60 -59.37 -31.18
C SER B 8 -77.13 -59.63 -31.45
N LEU B 9 -76.57 -60.72 -30.91
CA LEU B 9 -75.16 -61.09 -31.03
C LEU B 9 -75.18 -62.61 -31.16
N PRO B 10 -74.41 -63.15 -32.10
CA PRO B 10 -74.38 -64.62 -32.26
C PRO B 10 -73.80 -65.32 -31.04
N SER B 11 -72.71 -64.78 -30.49
CA SER B 11 -72.20 -65.30 -29.23
C SER B 11 -73.23 -65.16 -28.12
N TYR B 12 -74.04 -64.10 -28.16
CA TYR B 12 -75.09 -63.95 -27.16
C TYR B 12 -76.22 -64.94 -27.39
N ALA B 13 -76.50 -65.29 -28.65
CA ALA B 13 -77.49 -66.34 -28.91
C ALA B 13 -76.99 -67.69 -28.41
N ALA B 14 -75.70 -67.97 -28.58
CA ALA B 14 -75.12 -69.19 -28.02
C ALA B 14 -75.18 -69.18 -26.50
N PHE B 15 -74.86 -68.04 -25.89
CA PHE B 15 -75.02 -67.87 -24.46
C PHE B 15 -76.46 -68.15 -24.04
N ALA B 16 -77.43 -67.66 -24.81
CA ALA B 16 -78.84 -67.81 -24.45
C ALA B 16 -79.27 -69.28 -24.53
N THR B 17 -78.88 -69.98 -25.60
CA THR B 17 -79.25 -71.39 -25.68
C THR B 17 -78.50 -72.22 -24.63
N ALA B 18 -77.29 -71.80 -24.25
CA ALA B 18 -76.59 -72.47 -23.16
C ALA B 18 -77.33 -72.31 -21.85
N GLN B 19 -77.74 -71.08 -21.53
CA GLN B 19 -78.53 -70.87 -20.32
C GLN B 19 -79.86 -71.62 -20.37
N GLU B 20 -80.44 -71.72 -21.56
CA GLU B 20 -81.71 -72.44 -21.70
C GLU B 20 -81.53 -73.92 -21.40
N ALA B 21 -80.56 -74.56 -22.05
CA ALA B 21 -80.26 -75.95 -21.74
C ALA B 21 -79.89 -76.12 -20.28
N TYR B 22 -79.24 -75.12 -19.69
CA TYR B 22 -78.88 -75.19 -18.28
C TYR B 22 -80.11 -75.25 -17.40
N GLU B 23 -81.01 -74.28 -17.54
CA GLU B 23 -82.20 -74.25 -16.69
C GLU B 23 -83.06 -75.47 -16.94
N GLN B 24 -83.12 -75.94 -18.19
CA GLN B 24 -83.92 -77.12 -18.49
C GLN B 24 -83.35 -78.37 -17.82
N ALA B 25 -82.11 -78.73 -18.15
CA ALA B 25 -81.50 -79.95 -17.64
C ALA B 25 -81.08 -79.84 -16.18
N VAL B 26 -81.21 -78.68 -15.55
CA VAL B 26 -81.04 -78.58 -14.11
C VAL B 26 -82.39 -78.61 -13.39
N ALA B 27 -83.47 -78.21 -14.08
CA ALA B 27 -84.79 -78.34 -13.50
C ALA B 27 -85.23 -79.80 -13.44
N ASN B 28 -84.76 -80.63 -14.38
CA ASN B 28 -85.10 -82.04 -14.35
C ASN B 28 -83.72 -82.35 -13.78
N GLY B 29 -83.65 -82.62 -12.47
CA GLY B 29 -82.38 -82.95 -11.85
C GLY B 29 -82.03 -84.40 -12.10
N ASP B 30 -80.99 -84.64 -12.90
CA ASP B 30 -80.61 -86.01 -13.23
C ASP B 30 -79.40 -86.78 -12.72
N SER B 31 -78.20 -86.22 -12.87
CA SER B 31 -76.97 -86.90 -12.51
C SER B 31 -76.00 -85.74 -12.30
N GLU B 32 -74.79 -86.08 -11.85
CA GLU B 32 -73.76 -85.07 -11.64
C GLU B 32 -73.07 -84.68 -12.94
N VAL B 33 -73.02 -85.60 -13.91
CA VAL B 33 -72.48 -85.28 -15.23
C VAL B 33 -73.29 -84.18 -15.89
N VAL B 34 -74.62 -84.21 -15.68
CA VAL B 34 -75.49 -83.16 -16.21
C VAL B 34 -75.07 -81.80 -15.66
N LEU B 35 -74.93 -81.70 -14.33
CA LEU B 35 -74.55 -80.43 -13.72
C LEU B 35 -73.15 -80.02 -14.16
N LYS B 36 -72.25 -80.98 -14.36
CA LYS B 36 -70.89 -80.66 -14.79
C LYS B 36 -70.89 -80.04 -16.18
N LYS B 37 -71.53 -80.72 -17.15
CA LYS B 37 -71.61 -80.19 -18.50
C LYS B 37 -72.36 -78.86 -18.52
N LEU B 38 -73.36 -78.71 -17.65
CA LEU B 38 -74.13 -77.47 -17.59
C LEU B 38 -73.27 -76.32 -17.09
N LYS B 39 -72.47 -76.54 -16.06
CA LYS B 39 -71.58 -75.50 -15.57
C LYS B 39 -70.49 -75.15 -16.58
N LYS B 40 -69.96 -76.17 -17.26
CA LYS B 40 -68.98 -75.90 -18.32
C LYS B 40 -69.60 -75.11 -19.45
N SER B 41 -70.86 -75.40 -19.79
CA SER B 41 -71.53 -74.66 -20.85
C SER B 41 -71.82 -73.22 -20.43
N LEU B 42 -72.19 -73.01 -19.15
CA LEU B 42 -72.32 -71.65 -18.65
C LEU B 42 -71.00 -70.90 -18.72
N ASN B 43 -69.89 -71.60 -18.43
CA ASN B 43 -68.58 -70.97 -18.51
C ASN B 43 -68.25 -70.55 -19.93
N VAL B 44 -68.45 -71.46 -20.90
CA VAL B 44 -68.14 -71.11 -22.27
C VAL B 44 -69.09 -70.02 -22.78
N ALA B 45 -70.32 -70.00 -22.27
CA ALA B 45 -71.28 -68.98 -22.69
C ALA B 45 -70.89 -67.61 -22.16
N LYS B 46 -70.51 -67.53 -20.88
CA LYS B 46 -70.03 -66.25 -20.38
C LYS B 46 -68.66 -65.91 -20.94
N SER B 47 -67.91 -66.89 -21.43
CA SER B 47 -66.68 -66.58 -22.16
C SER B 47 -67.00 -65.90 -23.49
N GLU B 48 -68.05 -66.37 -24.17
CA GLU B 48 -68.53 -65.69 -25.36
C GLU B 48 -68.96 -64.27 -25.04
N PHE B 49 -69.79 -64.12 -24.00
CA PHE B 49 -70.36 -62.80 -23.70
C PHE B 49 -69.46 -61.96 -22.80
N ASP B 50 -68.23 -62.41 -22.53
CA ASP B 50 -67.26 -61.54 -21.88
C ASP B 50 -66.56 -60.64 -22.88
N ARG B 51 -66.45 -61.10 -24.13
CA ARG B 51 -65.82 -60.34 -25.20
C ARG B 51 -66.84 -59.68 -26.12
N ASP B 52 -67.82 -60.44 -26.60
CA ASP B 52 -68.89 -59.92 -27.44
C ASP B 52 -69.75 -58.90 -26.73
N ALA B 53 -69.53 -58.69 -25.43
CA ALA B 53 -70.24 -57.67 -24.67
C ALA B 53 -69.36 -56.45 -24.43
N ALA B 54 -68.05 -56.66 -24.31
CA ALA B 54 -67.10 -55.58 -24.11
C ALA B 54 -66.18 -55.09 -25.22
N MET B 55 -65.65 -56.03 -26.01
CA MET B 55 -64.73 -55.63 -27.08
C MET B 55 -65.45 -54.82 -28.14
N GLN B 56 -66.74 -55.10 -28.38
CA GLN B 56 -67.49 -54.30 -29.34
C GLN B 56 -67.74 -52.90 -28.81
N ARG B 57 -67.83 -52.73 -27.48
CA ARG B 57 -67.87 -51.39 -26.92
C ARG B 57 -66.56 -50.65 -27.20
N LYS B 58 -65.44 -51.38 -27.24
CA LYS B 58 -64.19 -50.76 -27.64
C LYS B 58 -64.20 -50.37 -29.11
N LEU B 59 -64.73 -51.24 -29.97
CA LEU B 59 -64.97 -50.85 -31.37
C LEU B 59 -65.79 -49.58 -31.45
N GLU B 60 -66.86 -49.50 -30.65
CA GLU B 60 -67.72 -48.32 -30.68
C GLU B 60 -66.97 -47.08 -30.24
N LYS B 61 -66.22 -47.17 -29.14
CA LYS B 61 -65.53 -45.99 -28.64
C LYS B 61 -64.48 -45.51 -29.63
N MET B 62 -63.76 -46.44 -30.28
CA MET B 62 -62.74 -46.02 -31.23
C MET B 62 -63.39 -45.42 -32.48
N ALA B 63 -64.49 -46.01 -32.95
CA ALA B 63 -65.20 -45.42 -34.08
C ALA B 63 -65.70 -44.02 -33.74
N ASP B 64 -66.21 -43.84 -32.54
CA ASP B 64 -66.77 -42.54 -32.16
C ASP B 64 -65.66 -41.49 -32.03
N GLN B 65 -64.53 -41.86 -31.42
CA GLN B 65 -63.46 -40.88 -31.28
C GLN B 65 -62.86 -40.53 -32.63
N ALA B 66 -62.73 -41.51 -33.53
CA ALA B 66 -62.23 -41.22 -34.87
C ALA B 66 -63.21 -40.32 -35.61
N MET B 67 -64.52 -40.59 -35.46
CA MET B 67 -65.51 -39.77 -36.12
C MET B 67 -65.50 -38.34 -35.61
N THR B 68 -65.49 -38.17 -34.29
CA THR B 68 -65.42 -36.83 -33.71
C THR B 68 -64.16 -36.10 -34.16
N GLN B 69 -63.02 -36.79 -34.13
CA GLN B 69 -61.78 -36.16 -34.55
C GLN B 69 -61.86 -35.70 -36.00
N MET B 70 -62.44 -36.52 -36.87
CA MET B 70 -62.49 -36.12 -38.27
C MET B 70 -63.53 -35.04 -38.52
N TYR B 71 -64.59 -34.98 -37.72
CA TYR B 71 -65.47 -33.82 -37.77
C TYR B 71 -64.72 -32.55 -37.39
N LYS B 72 -63.94 -32.61 -36.31
CA LYS B 72 -63.20 -31.43 -35.88
C LYS B 72 -62.15 -31.04 -36.92
N GLN B 73 -61.59 -32.04 -37.60
CA GLN B 73 -60.65 -31.76 -38.68
C GLN B 73 -61.35 -31.06 -39.83
N ALA B 74 -62.56 -31.50 -40.15
CA ALA B 74 -63.35 -30.80 -41.17
C ALA B 74 -63.60 -29.37 -40.76
N ARG B 75 -63.89 -29.15 -39.48
CA ARG B 75 -64.07 -27.78 -38.99
C ARG B 75 -62.78 -26.98 -39.15
N SER B 76 -61.64 -27.61 -38.86
CA SER B 76 -60.36 -26.94 -39.02
C SER B 76 -60.20 -26.46 -40.45
N GLU B 77 -60.40 -27.36 -41.41
CA GLU B 77 -60.21 -26.95 -42.80
C GLU B 77 -61.25 -25.93 -43.24
N ASP B 78 -62.45 -25.98 -42.68
CA ASP B 78 -63.47 -25.01 -43.05
C ASP B 78 -63.08 -23.60 -42.58
N LYS B 79 -62.80 -23.45 -41.29
CA LYS B 79 -62.34 -22.16 -40.80
C LYS B 79 -61.06 -21.73 -41.49
N ARG B 80 -60.24 -22.69 -41.92
CA ARG B 80 -59.05 -22.37 -42.70
C ARG B 80 -59.44 -21.63 -43.98
N ALA B 81 -60.31 -22.23 -44.78
CA ALA B 81 -60.74 -21.57 -46.02
C ALA B 81 -61.37 -20.22 -45.71
N LYS B 82 -62.09 -20.13 -44.59
CA LYS B 82 -62.77 -18.87 -44.27
C LYS B 82 -61.77 -17.76 -44.00
N VAL B 83 -60.79 -18.01 -43.13
CA VAL B 83 -59.82 -16.96 -42.83
C VAL B 83 -59.00 -16.64 -44.08
N THR B 84 -58.76 -17.63 -44.94
CA THR B 84 -58.07 -17.35 -46.20
C THR B 84 -58.84 -16.32 -47.02
N SER B 85 -60.13 -16.58 -47.24
CA SER B 85 -60.94 -15.63 -47.97
C SER B 85 -60.89 -14.25 -47.33
N ALA B 86 -60.99 -14.20 -46.00
CA ALA B 86 -61.01 -12.90 -45.33
C ALA B 86 -59.72 -12.14 -45.56
N MET B 87 -58.57 -12.80 -45.38
CA MET B 87 -57.29 -12.16 -45.61
C MET B 87 -57.20 -11.60 -47.02
N GLN B 88 -57.58 -12.40 -48.03
CA GLN B 88 -57.36 -11.93 -49.39
C GLN B 88 -58.29 -10.77 -49.74
N THR B 89 -59.55 -10.81 -49.29
CA THR B 89 -60.41 -9.67 -49.55
C THR B 89 -59.90 -8.41 -48.86
N MET B 90 -59.36 -8.55 -47.65
CA MET B 90 -58.80 -7.38 -46.98
C MET B 90 -57.64 -6.81 -47.76
N LEU B 91 -56.76 -7.69 -48.26
CA LEU B 91 -55.62 -7.21 -49.04
C LEU B 91 -56.09 -6.46 -50.28
N PHE B 92 -57.07 -7.01 -50.99
CA PHE B 92 -57.52 -6.36 -52.22
C PHE B 92 -58.15 -5.01 -51.92
N THR B 93 -59.04 -4.94 -50.94
CA THR B 93 -59.68 -3.66 -50.65
C THR B 93 -58.67 -2.64 -50.16
N MET B 94 -57.63 -3.06 -49.44
CA MET B 94 -56.63 -2.10 -49.01
C MET B 94 -55.83 -1.60 -50.19
N LEU B 95 -55.52 -2.49 -51.15
CA LEU B 95 -54.74 -2.09 -52.30
C LEU B 95 -55.50 -1.09 -53.17
N ARG B 96 -56.80 -1.27 -53.31
CA ARG B 96 -57.55 -0.45 -54.24
C ARG B 96 -57.64 1.02 -53.83
N LYS B 97 -56.85 1.44 -52.85
CA LYS B 97 -56.90 2.81 -52.36
C LYS B 97 -55.61 3.58 -52.60
N LEU B 98 -54.61 2.96 -53.22
CA LEU B 98 -53.28 3.56 -53.26
C LEU B 98 -52.79 3.91 -54.66
N ASP B 99 -53.22 3.19 -55.69
CA ASP B 99 -52.51 3.20 -56.96
C ASP B 99 -52.59 4.52 -57.71
N ASN B 100 -52.34 5.63 -57.04
CA ASN B 100 -52.11 6.87 -57.76
C ASN B 100 -50.86 6.74 -58.60
N ASP B 101 -50.88 7.34 -59.78
CA ASP B 101 -49.70 7.29 -60.63
C ASP B 101 -48.53 8.05 -60.05
N ALA B 102 -48.77 8.91 -59.05
CA ALA B 102 -47.66 9.58 -58.36
C ALA B 102 -46.74 8.57 -57.70
N LEU B 103 -47.31 7.54 -57.09
CA LEU B 103 -46.50 6.47 -56.51
C LEU B 103 -45.63 5.82 -57.58
N ASN B 104 -46.25 5.43 -58.70
CA ASN B 104 -45.48 4.87 -59.81
C ASN B 104 -44.37 5.81 -60.22
N ASN B 105 -44.63 7.11 -60.20
CA ASN B 105 -43.64 8.09 -60.64
C ASN B 105 -42.44 8.11 -59.71
N ILE B 106 -42.69 8.26 -58.41
CA ILE B 106 -41.59 8.31 -57.44
C ILE B 106 -40.89 6.97 -57.34
N ILE B 107 -41.51 5.89 -57.81
CA ILE B 107 -40.79 4.63 -57.87
C ILE B 107 -39.90 4.57 -59.11
N ASN B 108 -40.42 5.02 -60.26
CA ASN B 108 -39.60 5.10 -61.46
C ASN B 108 -38.35 5.93 -61.21
N ASN B 109 -38.50 7.10 -60.58
CA ASN B 109 -37.32 7.93 -60.32
C ASN B 109 -36.40 7.33 -59.27
N ALA B 110 -36.70 6.14 -58.77
CA ALA B 110 -35.76 5.44 -57.92
C ALA B 110 -34.91 4.50 -58.76
N ARG B 111 -33.61 4.62 -58.64
CA ARG B 111 -32.66 3.97 -59.53
C ARG B 111 -32.86 2.46 -59.56
N ASP B 112 -33.34 1.81 -58.50
CA ASP B 112 -33.53 0.38 -58.54
C ASP B 112 -34.92 -0.18 -58.25
N GLY B 113 -35.89 0.70 -58.01
CA GLY B 113 -37.21 0.29 -57.62
C GLY B 113 -37.39 0.06 -56.14
N CYS B 114 -36.30 -0.05 -55.39
CA CYS B 114 -36.34 -0.33 -53.95
C CYS B 114 -36.18 0.98 -53.20
N VAL B 115 -37.27 1.46 -52.61
CA VAL B 115 -37.26 2.73 -51.87
C VAL B 115 -37.57 2.45 -50.41
N PRO B 116 -37.24 3.34 -49.48
CA PRO B 116 -37.63 3.13 -48.09
C PRO B 116 -39.13 3.32 -47.92
N LEU B 117 -39.65 2.88 -46.78
CA LEU B 117 -41.09 2.90 -46.59
C LEU B 117 -41.55 4.18 -45.92
N ASN B 118 -40.77 4.70 -44.98
CA ASN B 118 -41.23 5.82 -44.17
C ASN B 118 -41.44 7.08 -44.99
N ILE B 119 -41.08 7.08 -46.27
CA ILE B 119 -41.30 8.26 -47.09
C ILE B 119 -42.47 8.11 -48.04
N ILE B 120 -43.00 6.90 -48.23
CA ILE B 120 -44.14 6.72 -49.11
C ILE B 120 -45.34 7.56 -48.66
N PRO B 121 -45.82 7.46 -47.42
CA PRO B 121 -46.90 8.36 -47.02
C PRO B 121 -46.44 9.79 -46.89
N LEU B 122 -45.14 10.02 -46.85
CA LEU B 122 -44.64 11.37 -46.73
C LEU B 122 -44.70 12.12 -48.05
N THR B 123 -44.76 11.40 -49.17
CA THR B 123 -44.91 12.03 -50.47
C THR B 123 -46.26 11.76 -51.12
N THR B 124 -46.64 10.51 -51.29
CA THR B 124 -47.81 10.19 -52.09
C THR B 124 -49.14 10.29 -51.35
N ALA B 125 -49.14 10.39 -50.03
CA ALA B 125 -50.40 10.43 -49.32
C ALA B 125 -51.06 11.79 -49.53
N ALA B 126 -52.38 11.82 -49.37
CA ALA B 126 -53.18 13.01 -49.65
C ALA B 126 -53.73 13.66 -48.39
N LYS B 127 -54.21 12.86 -47.45
CA LYS B 127 -54.84 13.37 -46.24
C LYS B 127 -53.80 13.50 -45.14
N LEU B 128 -53.97 14.46 -44.24
CA LEU B 128 -53.10 14.65 -43.09
C LEU B 128 -53.93 14.69 -41.82
N MET B 129 -53.37 14.17 -40.74
CA MET B 129 -53.99 14.27 -39.42
C MET B 129 -52.97 14.75 -38.41
N VAL B 130 -53.26 15.89 -37.78
CA VAL B 130 -52.37 16.51 -36.82
C VAL B 130 -53.03 16.48 -35.45
N VAL B 131 -52.29 16.01 -34.45
CA VAL B 131 -52.77 15.98 -33.08
C VAL B 131 -51.97 16.98 -32.27
N ILE B 132 -52.68 17.95 -31.68
CA ILE B 132 -52.05 19.06 -30.98
C ILE B 132 -52.40 19.01 -29.50
N PRO B 133 -51.43 19.08 -28.62
CA PRO B 133 -51.71 18.96 -27.18
C PRO B 133 -52.42 20.17 -26.59
N ASP B 134 -52.02 21.38 -26.97
CA ASP B 134 -52.52 22.56 -26.30
C ASP B 134 -52.65 23.71 -27.29
N TYR B 135 -52.93 24.89 -26.75
CA TYR B 135 -53.16 26.07 -27.56
C TYR B 135 -51.85 26.60 -28.15
N ASN B 136 -50.81 26.69 -27.33
CA ASN B 136 -49.56 27.26 -27.79
C ASN B 136 -49.00 26.48 -28.97
N THR B 137 -49.17 25.16 -28.96
CA THR B 137 -48.69 24.36 -30.08
C THR B 137 -49.56 24.57 -31.30
N TYR B 138 -50.85 24.82 -31.09
CA TYR B 138 -51.70 25.17 -32.23
C TYR B 138 -51.26 26.46 -32.86
N LYS B 139 -50.70 27.37 -32.07
CA LYS B 139 -50.28 28.66 -32.63
C LYS B 139 -49.11 28.48 -33.60
N ASN B 140 -48.09 27.74 -33.19
CA ASN B 140 -46.88 27.60 -33.97
C ASN B 140 -47.22 26.87 -35.24
N THR B 141 -47.88 25.72 -35.16
CA THR B 141 -48.29 25.01 -36.37
C THR B 141 -49.44 24.76 -37.33
N CYS B 142 -50.65 25.08 -36.89
CA CYS B 142 -51.83 24.86 -37.72
C CYS B 142 -52.40 26.24 -37.40
N ASP B 143 -52.18 27.20 -38.30
CA ASP B 143 -52.76 28.52 -38.16
C ASP B 143 -53.39 28.95 -39.48
N GLY B 144 -54.39 29.81 -39.39
CA GLY B 144 -55.13 30.18 -40.56
C GLY B 144 -55.89 28.98 -41.10
N THR B 145 -56.31 29.08 -42.36
CA THR B 145 -56.98 27.97 -43.02
C THR B 145 -56.02 27.11 -43.83
N THR B 146 -54.74 27.45 -43.84
CA THR B 146 -53.75 26.60 -44.51
C THR B 146 -52.40 26.79 -43.84
N PHE B 147 -51.56 25.78 -43.99
CA PHE B 147 -50.22 25.83 -43.44
C PHE B 147 -49.34 24.87 -44.23
N THR B 148 -48.03 24.98 -44.07
CA THR B 148 -47.07 24.26 -44.88
C THR B 148 -46.26 23.30 -44.02
N TYR B 149 -46.30 22.02 -44.41
CA TYR B 149 -45.56 20.99 -43.72
C TYR B 149 -45.11 19.96 -44.75
N ALA B 150 -43.91 19.42 -44.55
CA ALA B 150 -43.34 18.41 -45.44
C ALA B 150 -43.26 18.93 -46.87
N SER B 151 -42.89 20.19 -47.01
CA SER B 151 -42.67 20.81 -48.32
C SER B 151 -43.91 20.75 -49.21
N ALA B 152 -45.07 21.02 -48.63
CA ALA B 152 -46.31 21.13 -49.38
C ALA B 152 -47.29 21.97 -48.59
N LEU B 153 -48.33 22.44 -49.27
CA LEU B 153 -49.34 23.26 -48.64
C LEU B 153 -50.55 22.41 -48.29
N TRP B 154 -51.10 22.63 -47.10
CA TRP B 154 -52.24 21.83 -46.63
C TRP B 154 -53.38 22.78 -46.30
N GLU B 155 -54.54 22.54 -46.91
CA GLU B 155 -55.72 23.34 -46.64
C GLU B 155 -56.54 22.70 -45.53
N ILE B 156 -56.69 23.36 -44.38
CA ILE B 156 -57.43 22.75 -43.25
C ILE B 156 -58.87 22.49 -43.63
N GLN B 157 -59.44 21.35 -43.22
CA GLN B 157 -60.79 21.01 -43.62
C GLN B 157 -61.82 20.54 -42.59
N GLN B 158 -61.43 20.26 -41.37
CA GLN B 158 -62.38 19.89 -40.31
C GLN B 158 -61.63 19.81 -39.03
N VAL B 159 -62.19 20.25 -37.89
CA VAL B 159 -61.41 20.08 -36.66
C VAL B 159 -62.31 19.42 -35.64
N VAL B 160 -61.73 18.62 -34.75
CA VAL B 160 -62.51 17.93 -33.72
C VAL B 160 -61.71 17.87 -32.42
N ASP B 161 -62.39 17.56 -31.32
CA ASP B 161 -61.72 17.43 -30.03
C ASP B 161 -61.75 15.98 -29.56
N ALA B 162 -61.60 15.76 -28.25
CA ALA B 162 -61.47 14.39 -27.76
C ALA B 162 -62.75 13.60 -28.00
N ASP B 163 -63.89 14.12 -27.57
CA ASP B 163 -65.16 13.49 -27.87
C ASP B 163 -65.48 13.50 -29.36
N SER B 164 -64.61 14.11 -30.17
CA SER B 164 -64.79 14.24 -31.61
C SER B 164 -66.06 15.02 -31.94
N LYS B 165 -66.13 16.24 -31.42
CA LYS B 165 -67.23 17.15 -31.71
C LYS B 165 -66.67 18.39 -32.41
N ILE B 166 -67.26 18.70 -33.57
CA ILE B 166 -66.68 19.68 -34.48
C ILE B 166 -66.41 20.99 -33.77
N VAL B 167 -65.31 21.63 -34.15
CA VAL B 167 -64.89 22.92 -33.57
C VAL B 167 -64.46 23.83 -34.70
N GLN B 168 -65.20 24.92 -34.92
CA GLN B 168 -64.83 25.87 -35.95
C GLN B 168 -63.54 26.59 -35.55
N LEU B 169 -62.88 27.19 -36.54
CA LEU B 169 -61.58 27.79 -36.29
C LEU B 169 -61.68 29.03 -35.41
N SER B 170 -62.88 29.54 -35.19
CA SER B 170 -63.03 30.72 -34.36
C SER B 170 -62.77 30.41 -32.89
N GLU B 171 -63.32 29.28 -32.40
CA GLU B 171 -63.30 28.97 -30.98
C GLU B 171 -61.90 28.79 -30.42
N ILE B 172 -60.88 28.66 -31.27
CA ILE B 172 -59.53 28.44 -30.76
C ILE B 172 -58.96 29.80 -30.37
N SER B 173 -59.66 30.48 -29.46
CA SER B 173 -59.17 31.73 -28.92
C SER B 173 -58.20 31.45 -27.77
N MET B 174 -57.31 32.42 -27.52
CA MET B 174 -56.43 32.32 -26.37
C MET B 174 -57.23 32.14 -25.08
N ASP B 175 -58.45 32.67 -25.05
CA ASP B 175 -59.26 32.65 -23.84
C ASP B 175 -60.39 31.63 -23.87
N ASN B 176 -60.89 31.28 -25.05
CA ASN B 176 -61.85 30.19 -25.13
C ASN B 176 -61.18 28.83 -24.94
N SER B 177 -59.85 28.76 -25.08
CA SER B 177 -59.15 27.48 -25.10
C SER B 177 -59.44 26.59 -23.89
N PRO B 178 -59.44 27.07 -22.64
CA PRO B 178 -59.64 26.15 -21.52
C PRO B 178 -61.08 25.73 -21.35
N ASN B 179 -61.80 25.55 -22.45
CA ASN B 179 -63.20 25.17 -22.40
C ASN B 179 -63.51 23.97 -23.29
N LEU B 180 -62.49 23.41 -23.92
CA LEU B 180 -62.63 22.23 -24.76
C LEU B 180 -61.71 21.15 -24.24
N ALA B 181 -62.04 19.91 -24.58
CA ALA B 181 -61.02 18.90 -24.35
C ALA B 181 -59.72 19.50 -24.92
N TRP B 182 -58.60 18.78 -24.96
CA TRP B 182 -57.42 19.43 -25.54
C TRP B 182 -56.46 18.76 -26.45
N PRO B 183 -56.71 17.53 -26.87
CA PRO B 183 -55.80 17.03 -27.87
C PRO B 183 -56.71 17.28 -29.03
N LEU B 184 -56.50 18.28 -29.87
CA LEU B 184 -57.46 18.48 -30.94
C LEU B 184 -56.92 17.91 -32.19
N ILE B 185 -57.75 17.24 -32.96
CA ILE B 185 -57.38 16.50 -34.17
C ILE B 185 -57.71 17.36 -35.38
N VAL B 186 -56.68 17.80 -36.09
CA VAL B 186 -56.83 18.64 -37.27
C VAL B 186 -56.65 17.78 -38.50
N THR B 187 -57.66 17.73 -39.36
CA THR B 187 -57.57 17.07 -40.64
C THR B 187 -57.30 18.11 -41.72
N ALA B 188 -56.44 17.75 -42.67
CA ALA B 188 -56.04 18.70 -43.70
C ALA B 188 -56.06 17.99 -45.04
N LEU B 189 -55.84 18.76 -46.09
CA LEU B 189 -55.79 18.23 -47.44
C LEU B 189 -54.62 18.85 -48.19
N ARG B 190 -53.94 18.03 -48.99
CA ARG B 190 -52.81 18.51 -49.78
C ARG B 190 -53.30 19.54 -50.80
N ALA B 191 -52.85 20.78 -50.66
CA ALA B 191 -53.18 21.81 -51.63
C ALA B 191 -52.53 21.49 -52.96
N ASN B 192 -53.02 22.15 -54.02
CA ASN B 192 -52.42 22.02 -55.33
C ASN B 192 -52.79 23.22 -56.21
N LYS C 2 -59.48 4.85 10.06
CA LYS C 2 -60.46 5.85 9.63
C LYS C 2 -60.17 6.35 8.23
N MET C 3 -58.93 6.78 8.02
CA MET C 3 -58.52 7.24 6.71
C MET C 3 -58.74 6.15 5.66
N SER C 4 -58.52 4.89 6.04
CA SER C 4 -58.79 3.80 5.12
C SER C 4 -60.24 3.82 4.67
N ASP C 5 -61.16 4.21 5.54
CA ASP C 5 -62.56 4.30 5.14
C ASP C 5 -62.76 5.34 4.05
N VAL C 6 -62.05 6.46 4.15
CA VAL C 6 -62.14 7.48 3.12
C VAL C 6 -61.63 6.93 1.79
N LYS C 7 -60.45 6.31 1.81
CA LYS C 7 -59.91 5.75 0.57
C LYS C 7 -60.90 4.77 -0.05
N CYS C 8 -61.53 3.95 0.78
CA CYS C 8 -62.41 2.89 0.29
C CYS C 8 -63.67 3.49 -0.34
N THR C 9 -64.30 4.43 0.36
CA THR C 9 -65.51 5.01 -0.22
C THR C 9 -65.18 5.81 -1.48
N SER C 10 -63.97 6.36 -1.59
CA SER C 10 -63.61 7.04 -2.82
C SER C 10 -63.52 6.06 -3.98
N VAL C 11 -62.94 4.88 -3.72
CA VAL C 11 -62.93 3.84 -4.76
C VAL C 11 -64.34 3.54 -5.22
N VAL C 12 -65.25 3.31 -4.27
CA VAL C 12 -66.62 2.94 -4.65
C VAL C 12 -67.29 4.08 -5.42
N LEU C 13 -67.02 5.32 -5.04
CA LEU C 13 -67.65 6.44 -5.71
C LEU C 13 -67.18 6.54 -7.14
N LEU C 14 -65.88 6.42 -7.38
CA LEU C 14 -65.40 6.45 -8.75
C LEU C 14 -66.01 5.33 -9.57
N SER C 15 -66.17 4.15 -8.97
CA SER C 15 -66.78 3.07 -9.72
C SER C 15 -68.20 3.44 -10.15
N VAL C 16 -68.97 4.00 -9.23
CA VAL C 16 -70.33 4.41 -9.58
C VAL C 16 -70.33 5.44 -10.69
N LEU C 17 -69.50 6.47 -10.57
CA LEU C 17 -69.42 7.48 -11.62
C LEU C 17 -69.12 6.85 -12.97
N GLN C 18 -68.07 6.03 -13.04
CA GLN C 18 -67.70 5.44 -14.31
C GLN C 18 -68.84 4.61 -14.89
N GLN C 19 -69.60 3.91 -14.05
CA GLN C 19 -70.69 3.14 -14.62
C GLN C 19 -71.89 3.99 -14.97
N LEU C 20 -71.91 5.26 -14.55
CA LEU C 20 -72.91 6.20 -15.02
C LEU C 20 -72.49 6.92 -16.30
N ARG C 21 -71.59 6.32 -17.07
CA ARG C 21 -71.20 6.79 -18.40
C ARG C 21 -70.49 8.13 -18.38
N VAL C 22 -69.89 8.54 -17.26
CA VAL C 22 -69.29 9.87 -17.21
C VAL C 22 -68.04 9.93 -18.05
N GLU C 23 -67.39 8.79 -18.27
CA GLU C 23 -66.14 8.80 -19.03
C GLU C 23 -66.37 9.15 -20.49
N SER C 24 -67.61 9.16 -20.96
CA SER C 24 -67.89 9.62 -22.32
C SER C 24 -67.41 11.04 -22.51
N SER C 25 -67.86 11.94 -21.64
CA SER C 25 -67.26 13.26 -21.61
C SER C 25 -65.79 13.13 -21.22
N SER C 26 -64.98 14.02 -21.76
CA SER C 26 -63.54 13.92 -21.52
C SER C 26 -62.75 14.58 -20.41
N LYS C 27 -62.99 15.87 -20.19
CA LYS C 27 -62.23 16.72 -19.27
C LYS C 27 -62.77 16.37 -17.90
N LEU C 28 -64.08 16.14 -17.81
CA LEU C 28 -64.68 15.78 -16.53
C LEU C 28 -64.08 14.48 -15.99
N TRP C 29 -63.94 13.48 -16.87
CA TRP C 29 -63.36 12.22 -16.43
C TRP C 29 -61.92 12.41 -16.01
N ALA C 30 -61.18 13.29 -16.69
CA ALA C 30 -59.81 13.57 -16.28
C ALA C 30 -59.77 14.12 -14.88
N GLN C 31 -60.65 15.08 -14.58
CA GLN C 31 -60.68 15.64 -13.23
C GLN C 31 -61.05 14.60 -12.19
N CYS C 32 -62.05 13.76 -12.48
CA CYS C 32 -62.45 12.74 -11.51
C CYS C 32 -61.31 11.77 -11.22
N VAL C 33 -60.62 11.34 -12.27
CA VAL C 33 -59.49 10.43 -12.08
C VAL C 33 -58.41 11.12 -11.27
N GLN C 34 -58.18 12.40 -11.53
CA GLN C 34 -57.17 13.14 -10.78
C GLN C 34 -57.49 13.14 -9.29
N LEU C 35 -58.72 13.49 -8.95
CA LEU C 35 -59.08 13.55 -7.53
C LEU C 35 -59.00 12.18 -6.87
N HIS C 36 -59.43 11.14 -7.58
CA HIS C 36 -59.39 9.79 -7.01
C HIS C 36 -57.95 9.37 -6.72
N ASN C 37 -57.06 9.55 -7.69
CA ASN C 37 -55.68 9.16 -7.47
C ASN C 37 -55.00 10.03 -6.43
N ASP C 38 -55.46 11.26 -6.23
CA ASP C 38 -54.89 12.09 -5.17
C ASP C 38 -55.36 11.61 -3.80
N ILE C 39 -56.63 11.22 -3.71
CA ILE C 39 -57.15 10.73 -2.44
C ILE C 39 -56.45 9.44 -2.04
N LEU C 40 -56.20 8.57 -3.00
CA LEU C 40 -55.58 7.30 -2.66
C LEU C 40 -54.18 7.44 -2.09
N LEU C 41 -53.50 8.58 -2.29
CA LEU C 41 -52.13 8.75 -1.84
C LEU C 41 -52.01 9.75 -0.69
N ALA C 42 -53.11 10.35 -0.27
CA ALA C 42 -53.07 11.34 0.79
C ALA C 42 -52.57 10.72 2.09
N LYS C 43 -52.14 11.58 3.00
CA LYS C 43 -51.58 11.14 4.28
C LYS C 43 -52.39 11.61 5.47
N ASP C 44 -52.98 12.81 5.41
CA ASP C 44 -53.77 13.33 6.51
C ASP C 44 -55.24 13.39 6.12
N THR C 45 -56.10 13.33 7.14
CA THR C 45 -57.51 13.11 6.87
C THR C 45 -58.23 14.36 6.34
N THR C 46 -57.81 15.55 6.75
CA THR C 46 -58.61 16.73 6.46
C THR C 46 -58.65 17.04 4.97
N GLU C 47 -57.48 17.17 4.34
CA GLU C 47 -57.46 17.51 2.93
C GLU C 47 -58.06 16.39 2.09
N ALA C 48 -57.92 15.15 2.54
CA ALA C 48 -58.62 14.05 1.88
C ALA C 48 -60.12 14.27 1.94
N PHE C 49 -60.62 14.76 3.07
CA PHE C 49 -62.05 14.99 3.17
C PHE C 49 -62.51 16.08 2.21
N GLU C 50 -61.70 17.14 2.06
CA GLU C 50 -62.13 18.21 1.16
C GLU C 50 -62.04 17.79 -0.31
N LYS C 51 -61.04 16.98 -0.67
CA LYS C 51 -61.06 16.39 -2.00
C LYS C 51 -62.28 15.50 -2.18
N MET C 52 -62.66 14.77 -1.13
CA MET C 52 -63.80 13.87 -1.21
C MET C 52 -65.08 14.65 -1.49
N VAL C 53 -65.27 15.78 -0.81
CA VAL C 53 -66.48 16.55 -1.06
C VAL C 53 -66.44 17.18 -2.45
N SER C 54 -65.28 17.66 -2.87
CA SER C 54 -65.18 18.23 -4.22
C SER C 54 -65.53 17.19 -5.27
N LEU C 55 -65.18 15.94 -5.02
CA LEU C 55 -65.43 14.88 -6.01
C LEU C 55 -66.86 14.38 -5.95
N LEU C 56 -67.46 14.36 -4.76
CA LEU C 56 -68.87 13.98 -4.66
C LEU C 56 -69.76 15.01 -5.32
N SER C 57 -69.33 16.28 -5.35
CA SER C 57 -70.12 17.31 -6.00
C SER C 57 -70.46 16.92 -7.43
N VAL C 58 -69.61 16.14 -8.08
CA VAL C 58 -69.87 15.72 -9.45
C VAL C 58 -71.14 14.86 -9.50
N LEU C 59 -71.17 13.80 -8.70
CA LEU C 59 -72.35 12.95 -8.67
C LEU C 59 -73.59 13.73 -8.29
N LEU C 60 -73.44 14.70 -7.39
CA LEU C 60 -74.63 15.46 -7.01
C LEU C 60 -75.09 16.38 -8.12
N SER C 61 -74.18 16.84 -8.98
CA SER C 61 -74.57 17.79 -10.01
C SER C 61 -75.43 17.17 -11.10
N MET C 62 -75.58 15.85 -11.11
CA MET C 62 -76.40 15.21 -12.13
C MET C 62 -77.67 14.65 -11.53
N GLN C 63 -78.62 14.32 -12.41
CA GLN C 63 -79.92 13.81 -11.99
C GLN C 63 -80.14 12.36 -12.39
N GLY C 64 -79.09 11.54 -12.40
CA GLY C 64 -79.27 10.13 -12.68
C GLY C 64 -79.58 9.31 -11.46
N ALA C 65 -79.02 9.67 -10.31
CA ALA C 65 -79.26 8.97 -9.07
C ALA C 65 -80.23 9.78 -8.21
N VAL C 66 -81.36 9.17 -7.87
CA VAL C 66 -82.41 9.87 -7.11
C VAL C 66 -82.13 9.63 -5.63
N ASP C 67 -81.34 10.54 -5.05
CA ASP C 67 -80.91 10.35 -3.67
C ASP C 67 -82.08 10.38 -2.70
N ILE C 68 -83.15 11.07 -3.07
CA ILE C 68 -84.30 11.17 -2.17
C ILE C 68 -84.94 9.82 -1.94
N ASN C 69 -84.53 8.81 -2.70
CA ASN C 69 -84.99 7.45 -2.49
C ASN C 69 -84.09 6.75 -1.48
N LYS C 70 -82.79 6.67 -1.74
CA LYS C 70 -81.91 5.92 -0.84
C LYS C 70 -81.72 6.60 0.50
N LEU C 71 -81.98 7.90 0.59
CA LEU C 71 -81.86 8.59 1.86
C LEU C 71 -83.07 8.34 2.74
N CYS C 72 -83.64 7.13 2.65
CA CYS C 72 -84.74 6.75 3.53
C CYS C 72 -84.26 6.01 4.77
N GLU C 73 -82.97 5.71 4.84
CA GLU C 73 -82.38 4.93 5.93
C GLU C 73 -82.90 3.49 5.84
N PHE D 6 -75.30 -47.02 3.33
CA PHE D 6 -76.24 -47.52 2.34
C PHE D 6 -77.13 -48.61 2.93
N SER D 7 -78.18 -48.19 3.63
CA SER D 7 -79.06 -49.13 4.32
C SER D 7 -80.31 -49.47 3.51
N SER D 8 -81.00 -48.47 2.95
CA SER D 8 -82.27 -48.72 2.28
C SER D 8 -82.06 -49.51 1.00
N LEU D 9 -81.60 -50.76 1.14
CA LEU D 9 -81.32 -51.64 0.03
C LEU D 9 -81.97 -53.00 0.25
N PRO D 10 -82.61 -53.58 -0.77
CA PRO D 10 -82.93 -55.02 -0.69
C PRO D 10 -81.67 -55.87 -0.66
N SER D 11 -80.63 -55.44 -1.38
CA SER D 11 -79.33 -56.07 -1.25
C SER D 11 -78.80 -55.95 0.17
N TYR D 12 -79.20 -54.93 0.91
CA TYR D 12 -78.83 -54.85 2.33
C TYR D 12 -79.46 -56.00 3.10
N ALA D 13 -80.75 -56.27 2.85
CA ALA D 13 -81.39 -57.41 3.50
C ALA D 13 -80.71 -58.72 3.11
N ALA D 14 -80.37 -58.87 1.82
CA ALA D 14 -79.67 -60.07 1.37
C ALA D 14 -78.35 -60.23 2.12
N PHE D 15 -77.51 -59.19 2.12
CA PHE D 15 -76.22 -59.27 2.76
C PHE D 15 -76.34 -59.49 4.26
N ALA D 16 -77.34 -58.87 4.90
CA ALA D 16 -77.53 -59.02 6.33
C ALA D 16 -77.95 -60.45 6.68
N THR D 17 -78.84 -61.03 5.87
CA THR D 17 -79.18 -62.44 6.05
C THR D 17 -77.95 -63.31 5.85
N ALA D 18 -77.08 -62.94 4.91
CA ALA D 18 -75.84 -63.68 4.71
C ALA D 18 -74.96 -63.63 5.97
N GLN D 19 -74.80 -62.42 6.55
CA GLN D 19 -74.01 -62.30 7.76
C GLN D 19 -74.61 -63.10 8.90
N GLU D 20 -75.93 -63.05 9.06
CA GLU D 20 -76.59 -63.77 10.15
C GLU D 20 -76.42 -65.28 9.98
N ALA D 21 -76.59 -65.78 8.76
CA ALA D 21 -76.43 -67.20 8.53
C ALA D 21 -74.98 -67.64 8.72
N TYR D 22 -74.02 -66.83 8.26
CA TYR D 22 -72.61 -67.13 8.50
C TYR D 22 -72.31 -67.18 9.99
N GLU D 23 -72.88 -66.25 10.76
CA GLU D 23 -72.70 -66.26 12.21
C GLU D 23 -73.29 -67.53 12.81
N GLN D 24 -74.47 -67.95 12.34
CA GLN D 24 -75.05 -69.20 12.81
C GLN D 24 -74.13 -70.38 12.50
N ALA D 25 -73.53 -70.39 11.31
CA ALA D 25 -72.65 -71.48 10.92
C ALA D 25 -71.40 -71.52 11.78
N VAL D 26 -70.83 -70.35 12.11
CA VAL D 26 -69.63 -70.33 12.93
C VAL D 26 -69.93 -70.53 14.41
N ALA D 27 -71.17 -70.31 14.84
CA ALA D 27 -71.54 -70.43 16.24
C ALA D 27 -72.18 -71.77 16.59
N ASN D 28 -72.64 -72.53 15.59
CA ASN D 28 -73.25 -73.82 15.86
C ASN D 28 -72.27 -74.98 15.80
N GLY D 29 -71.02 -74.74 15.39
CA GLY D 29 -70.05 -75.80 15.29
C GLY D 29 -70.35 -76.76 14.14
N ASP D 30 -70.54 -76.20 12.95
CA ASP D 30 -70.91 -76.99 11.79
C ASP D 30 -69.72 -77.71 11.19
N SER D 31 -69.89 -78.32 10.01
CA SER D 31 -68.84 -79.11 9.38
C SER D 31 -68.03 -78.17 8.49
N GLU D 32 -67.08 -78.73 7.72
CA GLU D 32 -66.19 -77.95 6.88
C GLU D 32 -66.70 -77.36 5.57
N VAL D 33 -67.62 -78.06 4.89
CA VAL D 33 -68.11 -77.59 3.60
C VAL D 33 -69.30 -76.65 3.71
N VAL D 34 -70.05 -76.72 4.80
CA VAL D 34 -71.23 -75.86 4.95
C VAL D 34 -70.82 -74.40 5.09
N LEU D 35 -69.77 -74.13 5.85
CA LEU D 35 -69.29 -72.75 5.96
C LEU D 35 -68.71 -72.26 4.65
N LYS D 36 -68.30 -73.16 3.76
CA LYS D 36 -67.87 -72.74 2.44
C LYS D 36 -69.04 -72.26 1.59
N LYS D 37 -70.23 -72.82 1.82
CA LYS D 37 -71.41 -72.31 1.12
C LYS D 37 -71.80 -70.92 1.61
N LEU D 38 -71.60 -70.66 2.89
CA LEU D 38 -71.93 -69.38 3.48
C LEU D 38 -70.76 -68.40 3.45
N LYS D 39 -69.62 -68.82 2.93
CA LYS D 39 -68.50 -67.94 2.61
C LYS D 39 -68.46 -67.56 1.15
N LYS D 40 -68.70 -68.52 0.24
CA LYS D 40 -68.76 -68.18 -1.17
C LYS D 40 -69.99 -67.36 -1.52
N SER D 41 -71.12 -67.63 -0.87
CA SER D 41 -72.34 -66.86 -1.09
C SER D 41 -72.30 -65.50 -0.41
N LEU D 42 -71.70 -65.43 0.79
CA LEU D 42 -71.55 -64.14 1.46
C LEU D 42 -70.52 -63.27 0.76
N ASN D 43 -69.55 -63.89 0.07
CA ASN D 43 -68.56 -63.11 -0.64
C ASN D 43 -69.04 -62.71 -2.03
N VAL D 44 -69.83 -63.56 -2.69
CA VAL D 44 -70.59 -63.06 -3.84
C VAL D 44 -71.59 -62.01 -3.38
N ALA D 45 -72.12 -62.16 -2.17
CA ALA D 45 -73.02 -61.16 -1.62
C ALA D 45 -72.31 -59.83 -1.43
N LYS D 46 -71.06 -59.86 -0.96
CA LYS D 46 -70.32 -58.61 -0.85
C LYS D 46 -69.95 -58.08 -2.23
N SER D 47 -69.65 -58.97 -3.17
CA SER D 47 -69.29 -58.55 -4.52
C SER D 47 -70.49 -57.96 -5.26
N GLU D 48 -71.70 -58.17 -4.74
CA GLU D 48 -72.84 -57.45 -5.31
C GLU D 48 -73.24 -56.24 -4.48
N PHE D 49 -73.12 -56.31 -3.15
CA PHE D 49 -73.53 -55.23 -2.28
C PHE D 49 -72.56 -54.05 -2.31
N ASP D 50 -71.26 -54.32 -2.19
CA ASP D 50 -70.28 -53.27 -2.42
C ASP D 50 -70.54 -52.58 -3.74
N ARG D 51 -70.91 -53.35 -4.75
CA ARG D 51 -71.05 -52.81 -6.10
C ARG D 51 -72.27 -51.89 -6.20
N ASP D 52 -73.41 -52.35 -5.68
CA ASP D 52 -74.62 -51.52 -5.76
C ASP D 52 -74.51 -50.29 -4.86
N ALA D 53 -73.97 -50.43 -3.66
CA ALA D 53 -73.75 -49.27 -2.82
C ALA D 53 -72.77 -48.29 -3.48
N ALA D 54 -71.73 -48.82 -4.12
CA ALA D 54 -70.79 -47.99 -4.84
C ALA D 54 -71.50 -47.18 -5.92
N MET D 55 -72.22 -47.86 -6.82
CA MET D 55 -72.85 -47.15 -7.92
C MET D 55 -73.86 -46.13 -7.41
N GLN D 56 -74.56 -46.45 -6.31
CA GLN D 56 -75.55 -45.50 -5.82
C GLN D 56 -74.88 -44.28 -5.20
N ARG D 57 -73.76 -44.47 -4.50
CA ARG D 57 -73.07 -43.30 -3.97
C ARG D 57 -72.44 -42.49 -5.08
N LYS D 58 -72.06 -43.15 -6.18
CA LYS D 58 -71.55 -42.42 -7.33
C LYS D 58 -72.63 -41.53 -7.92
N LEU D 59 -73.80 -42.11 -8.18
CA LEU D 59 -74.89 -41.31 -8.75
C LEU D 59 -75.29 -40.20 -7.78
N GLU D 60 -75.26 -40.47 -6.47
CA GLU D 60 -75.58 -39.44 -5.50
C GLU D 60 -74.60 -38.27 -5.57
N LYS D 61 -73.31 -38.56 -5.48
CA LYS D 61 -72.33 -37.47 -5.52
C LYS D 61 -72.37 -36.76 -6.86
N MET D 62 -72.74 -37.47 -7.93
CA MET D 62 -72.87 -36.82 -9.23
C MET D 62 -74.00 -35.80 -9.21
N ALA D 63 -75.17 -36.21 -8.72
CA ALA D 63 -76.27 -35.27 -8.59
C ALA D 63 -75.88 -34.10 -7.68
N ASP D 64 -75.09 -34.38 -6.64
CA ASP D 64 -74.71 -33.33 -5.70
C ASP D 64 -73.84 -32.29 -6.37
N GLN D 65 -72.83 -32.73 -7.13
CA GLN D 65 -71.98 -31.76 -7.81
C GLN D 65 -72.74 -31.03 -8.91
N ALA D 66 -73.71 -31.71 -9.55
CA ALA D 66 -74.58 -30.99 -10.47
C ALA D 66 -75.33 -29.88 -9.74
N MET D 67 -75.80 -30.17 -8.54
CA MET D 67 -76.52 -29.17 -7.76
C MET D 67 -75.62 -27.99 -7.42
N THR D 68 -74.42 -28.26 -6.94
CA THR D 68 -73.53 -27.15 -6.58
C THR D 68 -73.18 -26.33 -7.81
N GLN D 69 -73.07 -26.98 -8.98
CA GLN D 69 -72.74 -26.24 -10.19
C GLN D 69 -73.88 -25.31 -10.60
N MET D 70 -75.11 -25.83 -10.65
CA MET D 70 -76.22 -24.98 -11.04
C MET D 70 -76.45 -23.88 -10.01
N TYR D 71 -76.15 -24.14 -8.74
CA TYR D 71 -76.24 -23.11 -7.72
C TYR D 71 -75.24 -22.00 -7.98
N LYS D 72 -73.98 -22.37 -8.23
CA LYS D 72 -72.97 -21.39 -8.57
C LYS D 72 -73.42 -20.52 -9.73
N GLN D 73 -73.96 -21.16 -10.77
CA GLN D 73 -74.37 -20.41 -11.95
C GLN D 73 -75.48 -19.42 -11.62
N ALA D 74 -76.51 -19.88 -10.91
CA ALA D 74 -77.63 -19.00 -10.58
C ALA D 74 -77.16 -17.81 -9.75
N ARG D 75 -76.34 -18.08 -8.73
CA ARG D 75 -75.83 -17.01 -7.89
C ARG D 75 -75.08 -15.97 -8.72
N SER D 76 -74.11 -16.42 -9.51
CA SER D 76 -73.29 -15.50 -10.28
C SER D 76 -74.14 -14.62 -11.19
N GLU D 77 -75.07 -15.23 -11.93
CA GLU D 77 -75.84 -14.45 -12.89
C GLU D 77 -76.75 -13.46 -12.18
N ASP D 78 -77.38 -13.89 -11.08
CA ASP D 78 -78.31 -12.98 -10.42
C ASP D 78 -77.57 -11.81 -9.80
N LYS D 79 -76.33 -12.03 -9.37
CA LYS D 79 -75.58 -10.89 -8.84
C LYS D 79 -75.14 -9.96 -9.97
N ARG D 80 -74.62 -10.53 -11.07
CA ARG D 80 -74.25 -9.70 -12.20
C ARG D 80 -75.41 -8.86 -12.70
N ALA D 81 -76.64 -9.32 -12.47
CA ALA D 81 -77.80 -8.56 -12.91
C ALA D 81 -77.93 -7.22 -12.18
N LYS D 82 -77.55 -7.17 -10.90
CA LYS D 82 -78.00 -6.09 -10.01
C LYS D 82 -76.87 -5.22 -9.47
N VAL D 83 -75.76 -5.13 -10.20
CA VAL D 83 -74.63 -4.32 -9.74
C VAL D 83 -75.01 -2.85 -9.68
N THR D 84 -75.82 -2.41 -10.65
CA THR D 84 -76.09 -0.99 -10.83
C THR D 84 -76.84 -0.40 -9.64
N SER D 85 -77.47 -1.26 -8.85
CA SER D 85 -78.15 -0.81 -7.64
C SER D 85 -77.42 -1.22 -6.38
N ALA D 86 -76.80 -2.40 -6.36
CA ALA D 86 -76.03 -2.79 -5.19
C ALA D 86 -74.93 -1.78 -4.92
N MET D 87 -74.29 -1.28 -5.98
CA MET D 87 -73.22 -0.30 -5.79
C MET D 87 -73.75 0.97 -5.15
N GLN D 88 -74.92 1.43 -5.57
CA GLN D 88 -75.44 2.68 -5.04
C GLN D 88 -75.79 2.54 -3.57
N THR D 89 -76.47 1.45 -3.20
CA THR D 89 -76.83 1.30 -1.80
C THR D 89 -75.60 1.15 -0.92
N MET D 90 -74.59 0.39 -1.40
CA MET D 90 -73.36 0.28 -0.64
C MET D 90 -72.69 1.63 -0.47
N LEU D 91 -72.59 2.40 -1.55
CA LEU D 91 -71.97 3.71 -1.47
C LEU D 91 -72.66 4.57 -0.42
N PHE D 92 -73.98 4.53 -0.37
CA PHE D 92 -74.63 5.47 0.54
C PHE D 92 -74.58 5.00 1.98
N THR D 93 -74.59 3.70 2.23
CA THR D 93 -74.37 3.26 3.61
C THR D 93 -72.96 3.63 4.08
N MET D 94 -71.98 3.55 3.17
CA MET D 94 -70.63 3.96 3.55
C MET D 94 -70.58 5.46 3.85
N LEU D 95 -71.19 6.27 2.99
CA LEU D 95 -71.21 7.70 3.21
C LEU D 95 -71.88 8.06 4.53
N ARG D 96 -72.94 7.34 4.89
CA ARG D 96 -73.60 7.64 6.15
C ARG D 96 -72.76 7.20 7.33
N LYS D 97 -72.01 6.12 7.17
CA LYS D 97 -71.17 5.65 8.26
C LYS D 97 -69.97 6.56 8.50
N LEU D 98 -69.50 7.24 7.44
CA LEU D 98 -68.41 8.20 7.61
C LEU D 98 -68.74 9.26 8.64
N ASP D 99 -69.89 9.93 8.45
CA ASP D 99 -70.36 10.99 9.35
C ASP D 99 -69.40 12.16 9.42
N ASN D 100 -69.41 13.01 8.39
CA ASN D 100 -68.69 14.27 8.40
C ASN D 100 -69.71 15.39 8.25
N ASP D 101 -69.33 16.61 8.63
CA ASP D 101 -70.29 17.72 8.60
C ASP D 101 -70.55 18.18 7.17
N ALA D 102 -69.50 18.39 6.39
CA ALA D 102 -69.68 18.92 5.04
C ALA D 102 -70.46 17.96 4.16
N LEU D 103 -70.11 16.68 4.18
CA LEU D 103 -70.79 15.69 3.37
C LEU D 103 -72.27 15.70 3.68
N ASN D 104 -72.63 15.56 4.96
CA ASN D 104 -74.03 15.53 5.33
C ASN D 104 -74.73 16.84 4.97
N ASN D 105 -74.05 17.97 5.11
CA ASN D 105 -74.61 19.25 4.74
C ASN D 105 -75.06 19.22 3.29
N ILE D 106 -74.16 18.86 2.40
CA ILE D 106 -74.52 18.93 0.99
C ILE D 106 -75.48 17.83 0.59
N ILE D 107 -75.44 16.67 1.25
CA ILE D 107 -76.41 15.62 0.92
C ILE D 107 -77.81 16.06 1.31
N ASN D 108 -77.94 16.74 2.46
CA ASN D 108 -79.26 17.19 2.86
C ASN D 108 -79.74 18.33 1.96
N ASN D 109 -78.84 19.26 1.62
CA ASN D 109 -79.21 20.30 0.66
C ASN D 109 -79.68 19.70 -0.65
N ALA D 110 -79.04 18.62 -1.10
CA ALA D 110 -79.40 18.02 -2.38
C ALA D 110 -80.71 17.26 -2.28
N ARG D 111 -80.95 16.55 -1.18
CA ARG D 111 -82.23 15.88 -1.02
C ARG D 111 -83.36 16.87 -0.84
N ASP D 112 -83.05 18.12 -0.50
CA ASP D 112 -84.09 19.15 -0.52
C ASP D 112 -84.25 19.73 -1.91
N GLY D 113 -83.15 20.07 -2.58
CA GLY D 113 -83.24 20.56 -3.94
C GLY D 113 -82.07 21.40 -4.40
N CYS D 114 -81.18 21.75 -3.47
CA CYS D 114 -80.04 22.58 -3.83
C CYS D 114 -78.91 21.72 -4.38
N VAL D 115 -78.62 21.87 -5.67
CA VAL D 115 -77.53 21.15 -6.30
C VAL D 115 -76.59 22.15 -6.94
N PRO D 116 -75.30 21.83 -6.95
CA PRO D 116 -74.33 22.68 -7.65
C PRO D 116 -74.45 22.52 -9.15
N LEU D 117 -73.70 23.34 -9.87
CA LEU D 117 -73.65 23.26 -11.33
C LEU D 117 -72.22 23.15 -11.85
N ASN D 118 -71.33 22.57 -11.07
CA ASN D 118 -69.94 22.40 -11.49
C ASN D 118 -69.29 21.62 -10.36
N ILE D 119 -67.96 21.61 -10.35
CA ILE D 119 -67.21 21.10 -9.21
C ILE D 119 -66.99 22.15 -8.14
N ILE D 120 -67.33 21.82 -6.90
CA ILE D 120 -67.09 22.70 -5.78
C ILE D 120 -65.58 22.96 -5.69
N PRO D 121 -65.14 24.17 -5.91
CA PRO D 121 -63.70 24.45 -5.89
C PRO D 121 -63.16 24.47 -4.48
N LEU D 122 -61.85 24.69 -4.35
CA LEU D 122 -61.20 24.70 -3.04
C LEU D 122 -60.47 25.99 -2.72
N THR D 123 -59.95 26.69 -3.72
CA THR D 123 -59.26 27.95 -3.45
C THR D 123 -60.26 29.05 -3.12
N THR D 124 -59.74 30.18 -2.64
CA THR D 124 -60.63 31.28 -2.27
C THR D 124 -61.17 31.98 -3.50
N ALA D 125 -60.48 31.86 -4.64
CA ALA D 125 -61.06 32.30 -5.91
C ALA D 125 -61.97 31.20 -6.44
N ALA D 126 -62.20 31.17 -7.75
CA ALA D 126 -62.94 30.09 -8.39
C ALA D 126 -64.40 30.11 -7.96
N LYS D 127 -65.29 30.56 -8.84
CA LYS D 127 -66.68 30.76 -8.49
C LYS D 127 -67.35 29.43 -8.15
N LEU D 128 -68.62 29.53 -7.78
CA LEU D 128 -69.43 28.38 -7.42
C LEU D 128 -70.88 28.76 -7.63
N MET D 129 -71.62 27.91 -8.32
CA MET D 129 -73.01 28.18 -8.64
C MET D 129 -73.90 27.15 -7.95
N VAL D 130 -75.10 27.58 -7.57
CA VAL D 130 -76.03 26.75 -6.82
C VAL D 130 -77.44 27.03 -7.31
N VAL D 131 -78.28 26.01 -7.27
CA VAL D 131 -79.70 26.13 -7.63
C VAL D 131 -80.53 26.09 -6.36
N ILE D 132 -81.41 27.08 -6.19
CA ILE D 132 -82.29 27.19 -5.04
C ILE D 132 -83.71 26.94 -5.52
N PRO D 133 -84.48 26.07 -4.89
CA PRO D 133 -85.74 25.62 -5.48
C PRO D 133 -86.90 26.58 -5.31
N ASP D 134 -87.01 27.23 -4.14
CA ASP D 134 -88.14 28.11 -3.87
C ASP D 134 -87.40 28.81 -2.73
N TYR D 135 -87.91 29.93 -2.24
CA TYR D 135 -87.26 30.66 -1.17
C TYR D 135 -87.08 30.36 0.31
N ASN D 136 -87.73 29.30 0.80
CA ASN D 136 -87.55 28.91 2.19
C ASN D 136 -86.11 28.53 2.47
N THR D 137 -85.57 27.60 1.70
CA THR D 137 -84.17 27.23 1.86
C THR D 137 -83.27 28.45 1.73
N TYR D 138 -83.69 29.43 0.93
CA TYR D 138 -82.95 30.69 0.89
C TYR D 138 -82.92 31.35 2.26
N LYS D 139 -84.03 31.29 3.00
CA LYS D 139 -84.03 31.77 4.38
C LYS D 139 -83.06 30.95 5.22
N ASN D 140 -83.14 29.62 5.11
CA ASN D 140 -82.25 28.78 5.90
C ASN D 140 -80.79 28.85 5.46
N THR D 141 -80.48 29.58 4.40
CA THR D 141 -79.12 29.59 3.87
C THR D 141 -78.60 31.01 3.65
N CYS D 142 -78.95 31.60 2.51
CA CYS D 142 -78.44 32.90 2.12
C CYS D 142 -79.03 33.97 3.03
N ASP D 143 -78.22 34.49 3.95
CA ASP D 143 -78.65 35.52 4.89
C ASP D 143 -77.76 36.74 4.70
N GLY D 144 -78.25 37.71 3.94
CA GLY D 144 -77.39 38.82 3.60
C GLY D 144 -76.42 38.45 2.49
N THR D 145 -75.25 39.06 2.52
CA THR D 145 -74.23 38.81 1.51
C THR D 145 -73.45 37.53 1.74
N THR D 146 -73.64 36.86 2.87
CA THR D 146 -72.92 35.63 3.12
C THR D 146 -73.68 34.44 2.54
N PHE D 147 -72.95 33.34 2.38
CA PHE D 147 -73.54 32.09 1.90
C PHE D 147 -72.80 30.95 2.56
N THR D 148 -73.54 30.06 3.21
CA THR D 148 -72.98 28.90 3.88
C THR D 148 -73.29 27.65 3.07
N TYR D 149 -72.26 27.04 2.49
CA TYR D 149 -72.42 25.82 1.71
C TYR D 149 -71.19 24.96 1.93
N ALA D 150 -71.42 23.65 2.05
CA ALA D 150 -70.34 22.70 2.34
C ALA D 150 -69.60 23.08 3.62
N SER D 151 -70.34 23.63 4.58
CA SER D 151 -69.79 24.11 5.84
C SER D 151 -68.62 25.07 5.61
N ALA D 152 -68.77 25.97 4.65
CA ALA D 152 -67.79 27.01 4.40
C ALA D 152 -68.53 28.25 3.93
N LEU D 153 -67.88 29.40 4.05
CA LEU D 153 -68.56 30.67 3.86
C LEU D 153 -68.35 31.20 2.44
N TRP D 154 -69.43 31.71 1.86
CA TRP D 154 -69.43 32.15 0.48
C TRP D 154 -70.07 33.53 0.40
N GLU D 155 -69.55 34.39 -0.49
CA GLU D 155 -70.10 35.73 -0.70
C GLU D 155 -70.95 35.69 -1.96
N ILE D 156 -72.26 35.95 -1.81
CA ILE D 156 -73.12 36.03 -2.96
C ILE D 156 -72.65 37.19 -3.85
N GLN D 157 -72.67 36.96 -5.16
CA GLN D 157 -72.23 37.97 -6.11
C GLN D 157 -73.19 38.21 -7.24
N GLN D 158 -74.28 37.43 -7.36
CA GLN D 158 -75.23 37.55 -8.45
C GLN D 158 -76.33 36.53 -8.21
N VAL D 159 -77.57 36.93 -8.46
CA VAL D 159 -78.71 36.03 -8.41
C VAL D 159 -79.42 36.09 -9.75
N VAL D 160 -80.24 35.09 -10.02
CA VAL D 160 -80.97 35.00 -11.27
C VAL D 160 -82.01 33.89 -11.16
N ASP D 161 -83.17 34.09 -11.77
CA ASP D 161 -84.22 33.08 -11.74
C ASP D 161 -84.23 32.33 -13.07
N ALA D 162 -85.23 31.45 -13.24
CA ALA D 162 -85.22 30.48 -14.33
C ALA D 162 -85.18 31.12 -15.72
N ASP D 163 -85.75 32.31 -15.87
CA ASP D 163 -85.79 32.98 -17.17
C ASP D 163 -84.63 33.94 -17.36
N SER D 164 -83.48 33.63 -16.73
CA SER D 164 -82.24 34.35 -16.97
C SER D 164 -82.35 35.85 -16.64
N LYS D 165 -83.10 36.19 -15.60
CA LYS D 165 -83.25 37.59 -15.20
C LYS D 165 -82.44 37.83 -13.94
N ILE D 166 -81.46 38.73 -14.03
CA ILE D 166 -80.73 39.17 -12.85
C ILE D 166 -81.73 39.73 -11.84
N VAL D 167 -81.60 39.31 -10.60
CA VAL D 167 -82.56 39.65 -9.56
C VAL D 167 -81.79 40.30 -8.42
N GLN D 168 -82.17 41.54 -8.09
CA GLN D 168 -81.50 42.27 -7.03
C GLN D 168 -81.64 41.54 -5.70
N LEU D 169 -80.68 41.79 -4.81
CA LEU D 169 -80.66 41.16 -3.49
C LEU D 169 -81.92 41.48 -2.70
N SER D 170 -82.03 42.72 -2.20
CA SER D 170 -83.17 43.11 -1.39
C SER D 170 -84.50 42.90 -2.11
N GLU D 171 -84.48 42.74 -3.44
CA GLU D 171 -85.70 42.51 -4.20
C GLU D 171 -86.50 41.34 -3.66
N ILE D 172 -85.82 40.32 -3.14
CA ILE D 172 -86.49 39.10 -2.70
C ILE D 172 -87.00 39.28 -1.28
N SER D 173 -88.19 38.74 -1.03
CA SER D 173 -88.78 38.69 0.31
C SER D 173 -89.98 37.74 0.24
N MET D 174 -90.56 37.47 1.41
CA MET D 174 -91.70 36.56 1.46
C MET D 174 -92.89 37.11 0.69
N ASP D 175 -93.10 38.43 0.79
CA ASP D 175 -94.23 39.04 0.08
C ASP D 175 -94.03 38.99 -1.43
N ASN D 176 -92.91 39.51 -1.91
CA ASN D 176 -92.61 39.53 -3.34
C ASN D 176 -92.23 38.16 -3.88
N SER D 177 -92.22 37.12 -3.05
CA SER D 177 -91.78 35.80 -3.47
C SER D 177 -92.45 35.31 -4.76
N PRO D 178 -93.75 35.49 -5.00
CA PRO D 178 -94.33 35.01 -6.26
C PRO D 178 -93.88 35.81 -7.47
N ASN D 179 -93.12 36.88 -7.26
CA ASN D 179 -92.63 37.71 -8.36
C ASN D 179 -91.27 37.25 -8.87
N LEU D 180 -90.94 35.97 -8.70
CA LEU D 180 -89.67 35.42 -9.14
C LEU D 180 -89.88 33.98 -9.59
N ALA D 181 -89.14 33.56 -10.60
CA ALA D 181 -89.14 32.16 -11.00
C ALA D 181 -88.54 31.33 -9.88
N TRP D 182 -89.27 30.32 -9.45
CA TRP D 182 -88.91 29.52 -8.27
C TRP D 182 -87.48 29.01 -8.29
N PRO D 183 -86.95 28.42 -9.37
CA PRO D 183 -85.55 27.96 -9.32
C PRO D 183 -84.55 29.09 -9.45
N LEU D 184 -84.27 29.78 -8.34
CA LEU D 184 -83.24 30.80 -8.36
C LEU D 184 -81.86 30.18 -8.48
N ILE D 185 -80.88 30.99 -8.88
CA ILE D 185 -79.51 30.54 -9.07
C ILE D 185 -78.58 31.57 -8.44
N VAL D 186 -77.63 31.10 -7.62
CA VAL D 186 -76.74 31.96 -6.88
C VAL D 186 -75.31 31.69 -7.30
N THR D 187 -74.54 32.76 -7.50
CA THR D 187 -73.14 32.64 -7.90
C THR D 187 -72.28 33.25 -6.80
N ALA D 188 -71.65 32.41 -6.00
CA ALA D 188 -70.84 32.87 -4.89
C ALA D 188 -69.37 32.51 -5.08
N LEU D 189 -68.50 33.08 -4.25
CA LEU D 189 -67.08 32.77 -4.25
C LEU D 189 -66.71 32.22 -2.88
N ARG D 190 -65.49 31.73 -2.74
CA ARG D 190 -65.06 31.23 -1.45
C ARG D 190 -64.52 32.38 -0.59
N ALA D 191 -64.83 32.32 0.70
CA ALA D 191 -64.39 33.32 1.65
C ALA D 191 -62.87 33.43 1.69
N VAL E 2 -89.08 -22.38 -6.17
CA VAL E 2 -88.72 -21.38 -5.16
C VAL E 2 -89.34 -20.03 -5.51
N GLY E 3 -90.43 -19.70 -4.83
CA GLY E 3 -91.08 -18.42 -5.06
C GLY E 3 -92.26 -18.25 -4.14
N ALA E 4 -93.10 -17.27 -4.46
CA ALA E 4 -94.30 -16.96 -3.68
C ALA E 4 -95.55 -17.39 -4.44
N CYS E 5 -96.48 -18.01 -3.71
CA CYS E 5 -97.75 -18.43 -4.31
C CYS E 5 -98.43 -17.26 -4.99
N VAL E 6 -98.48 -17.30 -6.32
CA VAL E 6 -98.91 -16.16 -7.13
C VAL E 6 -100.31 -15.70 -6.73
N LEU E 7 -101.05 -16.57 -6.04
CA LEU E 7 -102.35 -16.19 -5.49
C LEU E 7 -102.22 -15.80 -4.02
N CYS E 8 -101.41 -16.52 -3.26
CA CYS E 8 -101.36 -16.38 -1.81
C CYS E 8 -100.12 -15.66 -1.30
N ASN E 9 -99.10 -15.47 -2.13
CA ASN E 9 -97.80 -14.91 -1.74
C ASN E 9 -97.05 -15.81 -0.76
N SER E 10 -97.72 -16.79 -0.17
CA SER E 10 -97.03 -17.77 0.66
C SER E 10 -95.96 -18.46 -0.17
N GLN E 11 -94.80 -18.68 0.44
CA GLN E 11 -93.61 -19.05 -0.32
C GLN E 11 -93.71 -20.47 -0.84
N THR E 12 -93.56 -20.61 -2.16
CA THR E 12 -93.76 -21.88 -2.86
C THR E 12 -92.47 -22.30 -3.54
N SER E 13 -92.19 -23.60 -3.51
CA SER E 13 -91.08 -24.18 -4.27
C SER E 13 -91.58 -25.01 -5.45
N LEU E 14 -92.80 -24.74 -5.91
CA LEU E 14 -93.49 -25.62 -6.83
C LEU E 14 -94.00 -24.82 -8.03
N ARG E 15 -94.06 -25.47 -9.18
CA ARG E 15 -94.57 -24.86 -10.40
C ARG E 15 -95.52 -25.81 -11.09
N CYS E 16 -96.49 -25.23 -11.80
CA CYS E 16 -97.57 -25.98 -12.44
C CYS E 16 -97.15 -26.41 -13.84
N GLY E 17 -96.85 -27.70 -14.00
CA GLY E 17 -96.28 -28.24 -15.22
C GLY E 17 -97.12 -28.06 -16.48
N ALA E 18 -98.32 -28.64 -16.50
CA ALA E 18 -99.18 -28.52 -17.67
C ALA E 18 -99.62 -27.07 -17.88
N CYS E 19 -99.42 -26.22 -16.90
CA CYS E 19 -99.84 -24.83 -17.03
C CYS E 19 -98.82 -24.06 -17.85
N ILE E 20 -99.29 -23.06 -18.59
CA ILE E 20 -98.49 -22.49 -19.66
C ILE E 20 -97.39 -21.60 -19.09
N ARG E 21 -97.63 -20.98 -17.93
CA ARG E 21 -96.64 -20.09 -17.37
C ARG E 21 -95.80 -20.74 -16.29
N ARG E 22 -96.20 -21.92 -15.79
CA ARG E 22 -95.47 -22.63 -14.75
C ARG E 22 -95.38 -21.78 -13.50
N PRO E 23 -96.50 -21.43 -12.87
CA PRO E 23 -96.48 -20.47 -11.76
C PRO E 23 -96.33 -21.14 -10.41
N PHE E 24 -96.20 -20.30 -9.38
CA PHE E 24 -95.99 -20.73 -8.01
C PHE E 24 -97.32 -20.83 -7.29
N LEU E 25 -97.60 -21.99 -6.71
CA LEU E 25 -98.84 -22.22 -6.00
C LEU E 25 -98.56 -22.92 -4.69
N CYS E 26 -98.98 -22.31 -3.58
CA CYS E 26 -98.83 -22.95 -2.28
C CYS E 26 -99.47 -24.33 -2.31
N CYS E 27 -98.99 -25.20 -1.42
CA CYS E 27 -99.42 -26.58 -1.37
C CYS E 27 -100.93 -26.70 -1.50
N LYS E 28 -101.65 -25.83 -0.80
CA LYS E 28 -103.11 -25.83 -0.88
C LYS E 28 -103.58 -25.33 -2.24
N CYS E 29 -102.99 -24.24 -2.74
CA CYS E 29 -103.38 -23.72 -4.06
C CYS E 29 -103.01 -24.69 -5.18
N CYS E 30 -101.83 -25.29 -5.10
CA CYS E 30 -101.46 -26.30 -6.08
C CYS E 30 -102.41 -27.48 -6.02
N TYR E 31 -102.75 -27.93 -4.81
CA TYR E 31 -103.77 -28.94 -4.63
C TYR E 31 -105.06 -28.56 -5.35
N ASP E 32 -105.53 -27.33 -5.12
CA ASP E 32 -106.80 -26.88 -5.68
C ASP E 32 -106.75 -26.88 -7.21
N HIS E 33 -105.64 -26.40 -7.77
CA HIS E 33 -105.51 -26.38 -9.22
C HIS E 33 -105.49 -27.79 -9.79
N VAL E 34 -104.76 -28.72 -9.16
CA VAL E 34 -104.64 -30.06 -9.73
C VAL E 34 -105.92 -30.85 -9.56
N ILE E 35 -106.76 -30.50 -8.58
CA ILE E 35 -108.04 -31.18 -8.46
C ILE E 35 -109.16 -30.47 -9.19
N SER E 36 -108.95 -29.24 -9.64
CA SER E 36 -109.99 -28.43 -10.27
C SER E 36 -109.74 -28.15 -11.73
N THR E 37 -108.65 -28.65 -12.32
CA THR E 37 -108.34 -28.39 -13.71
C THR E 37 -107.79 -29.65 -14.35
N SER E 38 -107.20 -29.50 -15.54
CA SER E 38 -106.52 -30.57 -16.24
C SER E 38 -105.04 -30.65 -15.88
N HIS E 39 -104.55 -29.74 -15.05
CA HIS E 39 -103.14 -29.68 -14.70
C HIS E 39 -102.83 -30.73 -13.66
N LYS E 40 -102.10 -31.77 -14.05
CA LYS E 40 -101.69 -32.82 -13.12
C LYS E 40 -100.18 -32.90 -12.95
N LEU E 41 -99.43 -31.96 -13.51
CA LEU E 41 -97.98 -31.97 -13.45
C LEU E 41 -97.49 -30.77 -12.66
N VAL E 42 -96.63 -31.02 -11.67
CA VAL E 42 -96.06 -29.97 -10.83
C VAL E 42 -94.54 -29.99 -10.98
N LEU E 43 -93.93 -28.81 -10.98
CA LEU E 43 -92.51 -28.66 -11.22
C LEU E 43 -91.85 -27.99 -10.02
N SER E 44 -90.85 -28.66 -9.45
CA SER E 44 -90.12 -28.14 -8.30
C SER E 44 -88.66 -28.29 -8.69
N VAL E 45 -87.79 -28.37 -7.69
CA VAL E 45 -86.41 -28.76 -7.96
C VAL E 45 -86.22 -29.91 -8.93
N ASN E 46 -87.10 -30.92 -8.84
CA ASN E 46 -87.19 -32.03 -9.75
C ASN E 46 -88.60 -32.14 -10.30
N PRO E 47 -88.76 -32.59 -11.54
CA PRO E 47 -90.10 -32.86 -12.04
C PRO E 47 -90.73 -34.02 -11.30
N TYR E 48 -92.04 -33.94 -11.11
CA TYR E 48 -92.77 -34.94 -10.34
C TYR E 48 -93.22 -36.06 -11.26
N VAL E 49 -92.55 -37.21 -11.15
CA VAL E 49 -92.89 -38.38 -11.96
C VAL E 49 -92.27 -39.61 -11.29
N CYS E 50 -92.84 -40.77 -11.55
CA CYS E 50 -92.26 -42.02 -11.07
C CYS E 50 -90.94 -42.25 -11.78
N ASN E 51 -89.94 -42.66 -11.01
CA ASN E 51 -88.60 -42.85 -11.56
C ASN E 51 -88.28 -44.30 -11.86
N ALA E 52 -89.26 -45.18 -11.78
CA ALA E 52 -89.06 -46.53 -12.29
C ALA E 52 -88.90 -46.48 -13.81
N PRO E 53 -88.05 -47.36 -14.37
CA PRO E 53 -87.76 -47.27 -15.80
C PRO E 53 -89.02 -47.28 -16.64
N GLY E 54 -89.29 -46.14 -17.28
CA GLY E 54 -90.40 -46.01 -18.19
C GLY E 54 -91.71 -45.60 -17.56
N CYS E 55 -91.81 -45.59 -16.22
CA CYS E 55 -93.07 -45.29 -15.58
C CYS E 55 -93.38 -43.80 -15.72
N ASP E 56 -94.21 -43.47 -16.70
CA ASP E 56 -94.49 -42.10 -17.10
C ASP E 56 -95.64 -41.50 -16.31
N VAL E 57 -95.74 -41.83 -15.03
CA VAL E 57 -96.86 -41.38 -14.21
C VAL E 57 -96.70 -39.89 -13.90
N THR E 58 -97.28 -39.04 -14.74
CA THR E 58 -97.24 -37.60 -14.53
C THR E 58 -98.47 -37.06 -13.81
N ASP E 59 -99.38 -37.93 -13.39
CA ASP E 59 -100.49 -37.48 -12.56
C ASP E 59 -99.99 -37.19 -11.15
N VAL E 60 -100.18 -35.94 -10.71
CA VAL E 60 -99.72 -35.55 -9.38
C VAL E 60 -100.34 -36.43 -8.29
N THR E 61 -101.52 -36.99 -8.56
CA THR E 61 -102.25 -37.73 -7.54
C THR E 61 -101.80 -39.18 -7.42
N GLN E 62 -100.85 -39.64 -8.24
CA GLN E 62 -100.49 -41.05 -8.30
C GLN E 62 -99.05 -41.29 -7.87
N LEU E 63 -98.43 -40.32 -7.21
CA LEU E 63 -97.03 -40.44 -6.82
C LEU E 63 -96.90 -40.62 -5.31
N TYR E 64 -95.89 -41.38 -4.92
CA TYR E 64 -95.66 -41.74 -3.53
C TYR E 64 -94.16 -41.80 -3.28
N LEU E 65 -93.73 -41.14 -2.21
CA LEU E 65 -92.31 -40.95 -1.90
C LEU E 65 -91.77 -42.21 -1.23
N GLY E 66 -91.38 -43.17 -2.06
CA GLY E 66 -90.74 -44.37 -1.56
C GLY E 66 -89.24 -44.24 -1.53
N GLY E 67 -88.62 -44.48 -0.39
CA GLY E 67 -87.18 -44.30 -0.31
C GLY E 67 -86.83 -42.84 -0.58
N MET E 68 -85.84 -42.62 -1.45
CA MET E 68 -85.45 -41.26 -1.80
C MET E 68 -86.00 -40.81 -3.14
N SER E 69 -86.34 -41.74 -4.04
CA SER E 69 -86.87 -41.40 -5.34
C SER E 69 -88.39 -41.34 -5.29
N TYR E 70 -88.99 -40.90 -6.39
CA TYR E 70 -90.44 -40.81 -6.51
C TYR E 70 -90.97 -42.06 -7.19
N TYR E 71 -92.17 -42.49 -6.80
CA TYR E 71 -92.71 -43.76 -7.24
C TYR E 71 -94.20 -43.69 -7.44
N CYS E 72 -94.68 -44.54 -8.35
CA CYS E 72 -96.10 -44.77 -8.53
C CYS E 72 -96.60 -45.70 -7.43
N LYS E 73 -97.83 -46.19 -7.58
CA LYS E 73 -98.31 -47.24 -6.69
C LYS E 73 -97.60 -48.56 -6.98
N SER E 74 -97.55 -48.97 -8.24
CA SER E 74 -96.94 -50.24 -8.60
C SER E 74 -95.43 -50.24 -8.45
N HIS E 75 -94.85 -49.16 -7.92
CA HIS E 75 -93.40 -49.08 -7.77
C HIS E 75 -92.95 -48.70 -6.38
N LYS E 76 -93.82 -48.12 -5.56
CA LYS E 76 -93.40 -47.65 -4.24
C LYS E 76 -92.91 -48.80 -3.39
N PRO E 77 -91.70 -48.73 -2.84
CA PRO E 77 -91.26 -49.74 -1.87
C PRO E 77 -92.11 -49.68 -0.60
N PRO E 78 -91.96 -50.65 0.31
CA PRO E 78 -92.88 -50.73 1.46
C PRO E 78 -92.85 -49.51 2.38
N ILE E 79 -92.04 -48.49 2.11
CA ILE E 79 -91.96 -47.30 2.95
C ILE E 79 -92.27 -46.09 2.10
N SER E 80 -93.47 -45.54 2.27
CA SER E 80 -93.90 -44.40 1.46
C SER E 80 -95.15 -43.75 2.01
N PHE E 81 -95.74 -42.85 1.22
CA PHE E 81 -96.96 -42.13 1.55
C PHE E 81 -97.41 -41.30 0.35
N PRO E 82 -98.67 -40.89 0.28
CA PRO E 82 -99.11 -40.11 -0.90
C PRO E 82 -98.77 -38.64 -0.76
N LEU E 83 -98.17 -38.08 -1.82
CA LEU E 83 -97.94 -36.65 -1.86
C LEU E 83 -99.25 -35.88 -1.86
N CYS E 84 -100.06 -36.08 -2.89
CA CYS E 84 -101.32 -35.36 -3.06
C CYS E 84 -102.33 -35.78 -2.00
N ALA E 85 -102.18 -35.28 -0.78
CA ALA E 85 -103.07 -35.65 0.31
C ALA E 85 -103.06 -34.57 1.38
N ASN E 86 -104.10 -34.59 2.21
CA ASN E 86 -104.29 -33.62 3.30
C ASN E 86 -104.53 -32.22 2.73
N GLY E 87 -105.27 -32.15 1.63
CA GLY E 87 -105.62 -30.88 1.02
C GLY E 87 -104.44 -30.07 0.52
N GLN E 88 -103.23 -30.60 0.69
CA GLN E 88 -102.03 -29.91 0.28
C GLN E 88 -101.10 -30.92 -0.40
N VAL E 89 -100.02 -30.45 -1.01
CA VAL E 89 -99.10 -31.31 -1.72
C VAL E 89 -97.80 -31.36 -0.94
N PHE E 90 -96.99 -32.39 -1.18
CA PHE E 90 -95.70 -32.50 -0.52
C PHE E 90 -94.76 -31.43 -1.04
N GLY E 91 -94.90 -30.21 -0.53
CA GLY E 91 -94.12 -29.09 -1.02
C GLY E 91 -93.59 -28.27 0.13
N LEU E 92 -92.43 -27.65 -0.10
CA LEU E 92 -91.75 -26.91 0.96
C LEU E 92 -92.64 -25.79 1.47
N TYR E 93 -92.49 -25.50 2.77
CA TYR E 93 -93.28 -24.47 3.46
C TYR E 93 -94.74 -24.88 3.57
N LYS E 94 -94.95 -26.18 3.82
CA LYS E 94 -96.30 -26.74 3.84
C LYS E 94 -97.16 -26.11 4.94
N ASN E 95 -96.55 -25.84 6.10
CA ASN E 95 -97.31 -25.23 7.19
C ASN E 95 -97.75 -23.81 6.82
N THR E 96 -96.82 -23.01 6.28
CA THR E 96 -97.13 -21.64 5.88
C THR E 96 -97.76 -21.63 4.49
N CYS E 97 -98.93 -22.25 4.39
CA CYS E 97 -99.73 -22.26 3.18
C CYS E 97 -101.09 -21.65 3.47
N VAL E 98 -101.59 -20.86 2.52
CA VAL E 98 -102.82 -20.10 2.69
C VAL E 98 -103.98 -20.73 1.95
N GLY E 99 -103.80 -21.02 0.66
CA GLY E 99 -104.87 -21.57 -0.16
C GLY E 99 -105.88 -20.52 -0.55
N SER E 100 -105.81 -20.06 -1.79
CA SER E 100 -106.72 -19.02 -2.28
C SER E 100 -108.15 -19.55 -2.30
N ASP E 101 -109.09 -18.64 -2.06
CA ASP E 101 -110.50 -19.04 -1.93
C ASP E 101 -111.13 -19.29 -3.29
N ASN E 102 -110.85 -18.41 -4.25
CA ASN E 102 -111.48 -18.47 -5.59
C ASN E 102 -110.41 -18.84 -6.61
N VAL E 103 -109.83 -20.04 -6.46
CA VAL E 103 -108.88 -20.53 -7.45
C VAL E 103 -109.55 -20.73 -8.80
N THR E 104 -110.88 -20.79 -8.83
CA THR E 104 -111.61 -20.90 -10.09
C THR E 104 -111.22 -19.79 -11.06
N ASP E 105 -110.82 -18.63 -10.54
CA ASP E 105 -110.32 -17.54 -11.36
C ASP E 105 -109.18 -18.04 -12.24
N PHE E 106 -108.03 -18.33 -11.62
CA PHE E 106 -106.89 -18.81 -12.38
C PHE E 106 -107.19 -20.16 -13.03
N ASN E 107 -108.03 -20.99 -12.40
CA ASN E 107 -108.39 -22.26 -13.01
C ASN E 107 -109.06 -22.07 -14.36
N ALA E 108 -109.75 -20.94 -14.54
CA ALA E 108 -110.36 -20.65 -15.84
C ALA E 108 -109.38 -19.90 -16.74
N ILE E 109 -108.52 -19.06 -16.16
CA ILE E 109 -107.53 -18.35 -16.98
C ILE E 109 -106.54 -19.32 -17.59
N ALA E 110 -106.32 -20.46 -16.96
CA ALA E 110 -105.32 -21.41 -17.43
C ALA E 110 -105.88 -22.33 -18.51
N THR E 111 -107.11 -22.79 -18.34
CA THR E 111 -107.71 -23.75 -19.26
C THR E 111 -108.63 -23.11 -20.29
N CYS E 112 -108.32 -21.90 -20.75
CA CYS E 112 -109.10 -21.26 -21.81
C CYS E 112 -108.26 -21.16 -23.08
N ASP E 113 -108.83 -20.49 -24.09
CA ASP E 113 -108.20 -20.35 -25.38
C ASP E 113 -107.97 -18.90 -25.79
N TRP E 114 -108.52 -17.95 -25.04
CA TRP E 114 -108.36 -16.51 -25.27
C TRP E 114 -108.94 -16.05 -26.61
N THR E 115 -109.74 -16.89 -27.27
CA THR E 115 -110.42 -16.49 -28.49
C THR E 115 -111.81 -15.92 -28.23
N ASN E 116 -112.30 -16.03 -27.00
CA ASN E 116 -113.62 -15.52 -26.64
C ASN E 116 -113.46 -14.24 -25.83
N ALA E 117 -114.35 -13.27 -26.11
CA ALA E 117 -114.28 -12.00 -25.42
C ALA E 117 -114.54 -12.14 -23.92
N GLY E 118 -115.32 -13.15 -23.53
CA GLY E 118 -115.58 -13.36 -22.12
C GLY E 118 -114.33 -13.65 -21.31
N ASP E 119 -113.35 -14.31 -21.92
CA ASP E 119 -112.08 -14.50 -21.24
C ASP E 119 -111.36 -13.17 -21.02
N TYR E 120 -111.51 -12.25 -21.99
CA TYR E 120 -110.96 -10.92 -21.81
C TYR E 120 -111.67 -10.17 -20.70
N ILE E 121 -112.99 -10.35 -20.58
CA ILE E 121 -113.72 -9.78 -19.46
C ILE E 121 -113.19 -10.34 -18.15
N LEU E 122 -112.96 -11.65 -18.13
CA LEU E 122 -112.41 -12.29 -16.93
C LEU E 122 -111.07 -11.67 -16.55
N ALA E 123 -110.20 -11.46 -17.54
CA ALA E 123 -108.91 -10.84 -17.27
C ALA E 123 -109.08 -9.41 -16.75
N ASN E 124 -110.02 -8.67 -17.33
CA ASN E 124 -110.26 -7.29 -16.95
C ASN E 124 -110.93 -7.17 -15.58
N THR E 125 -111.48 -8.27 -15.08
CA THR E 125 -112.36 -8.24 -13.91
C THR E 125 -111.85 -9.17 -12.82
N CYS E 126 -110.56 -9.09 -12.52
CA CYS E 126 -109.99 -9.71 -11.31
C CYS E 126 -108.98 -8.73 -10.72
N THR E 127 -108.35 -9.14 -9.61
CA THR E 127 -107.37 -8.30 -8.95
C THR E 127 -106.16 -8.06 -9.84
N GLU E 128 -105.32 -7.11 -9.42
CA GLU E 128 -104.20 -6.68 -10.24
C GLU E 128 -103.18 -7.82 -10.43
N ARG E 129 -103.01 -8.66 -9.41
CA ARG E 129 -102.10 -9.78 -9.53
C ARG E 129 -102.57 -10.75 -10.61
N LEU E 130 -103.85 -11.14 -10.56
CA LEU E 130 -104.40 -11.97 -11.62
C LEU E 130 -104.50 -11.20 -12.92
N LYS E 131 -104.51 -9.86 -12.85
CA LYS E 131 -104.50 -9.06 -14.07
C LYS E 131 -103.17 -9.23 -14.81
N LEU E 132 -102.06 -9.08 -14.10
CA LEU E 132 -100.76 -9.27 -14.73
C LEU E 132 -100.52 -10.74 -15.09
N PHE E 133 -101.07 -11.65 -14.28
CA PHE E 133 -100.99 -13.07 -14.63
C PHE E 133 -101.71 -13.34 -15.94
N ALA E 134 -102.93 -12.83 -16.08
CA ALA E 134 -103.67 -12.98 -17.31
C ALA E 134 -102.96 -12.30 -18.47
N ALA E 135 -102.26 -11.20 -18.19
CA ALA E 135 -101.45 -10.57 -19.22
C ALA E 135 -100.37 -11.52 -19.72
N GLU E 136 -99.56 -12.05 -18.81
CA GLU E 136 -98.50 -12.96 -19.21
C GLU E 136 -99.06 -14.16 -19.95
N THR E 137 -100.16 -14.73 -19.45
CA THR E 137 -100.69 -15.94 -20.06
C THR E 137 -101.37 -15.64 -21.39
N LEU E 138 -101.86 -14.42 -21.57
CA LEU E 138 -102.47 -14.07 -22.86
C LEU E 138 -101.40 -13.86 -23.92
N LYS E 139 -100.30 -13.18 -23.55
CA LYS E 139 -99.19 -13.07 -24.49
C LYS E 139 -98.59 -14.45 -24.77
N ALA E 140 -98.61 -15.34 -23.78
CA ALA E 140 -98.10 -16.69 -23.99
C ALA E 140 -99.02 -17.47 -24.92
N THR E 141 -100.33 -17.33 -24.76
CA THR E 141 -101.26 -17.97 -25.69
C THR E 141 -101.06 -17.44 -27.10
N GLU E 142 -100.88 -16.12 -27.24
CA GLU E 142 -100.58 -15.58 -28.56
C GLU E 142 -99.35 -16.23 -29.16
N GLU E 143 -98.22 -16.14 -28.47
CA GLU E 143 -96.98 -16.64 -29.06
C GLU E 143 -97.05 -18.13 -29.35
N THR E 144 -97.67 -18.91 -28.47
CA THR E 144 -97.78 -20.35 -28.70
C THR E 144 -98.70 -20.67 -29.88
N PHE E 145 -99.70 -19.83 -30.07
CA PHE E 145 -100.53 -20.00 -31.24
C PHE E 145 -99.90 -19.12 -32.32
N LYS E 146 -100.56 -18.03 -32.69
CA LYS E 146 -100.11 -17.18 -33.80
C LYS E 146 -98.61 -16.93 -34.01
N LEU E 147 -97.91 -16.39 -33.02
CA LEU E 147 -96.50 -16.01 -33.25
C LEU E 147 -95.46 -17.10 -33.46
N SER E 148 -95.24 -17.54 -34.71
CA SER E 148 -94.24 -18.59 -35.05
C SER E 148 -94.43 -19.95 -34.40
N TYR E 149 -93.69 -20.96 -34.85
CA TYR E 149 -93.98 -22.31 -34.33
C TYR E 149 -92.88 -23.36 -33.99
N GLY E 150 -92.74 -24.51 -34.71
CA GLY E 150 -91.79 -25.63 -34.34
C GLY E 150 -91.57 -27.09 -33.95
N ILE E 151 -91.92 -28.08 -34.77
CA ILE E 151 -91.58 -29.45 -34.42
C ILE E 151 -90.53 -29.86 -35.41
N ALA E 152 -89.56 -30.66 -34.99
CA ALA E 152 -88.56 -31.13 -35.90
C ALA E 152 -88.08 -32.49 -35.48
N THR E 153 -87.82 -33.37 -36.44
CA THR E 153 -87.32 -34.69 -36.10
C THR E 153 -85.88 -34.82 -36.58
N VAL E 154 -85.01 -35.29 -35.68
CA VAL E 154 -83.59 -35.34 -35.99
C VAL E 154 -83.33 -36.41 -37.04
N ARG E 155 -82.35 -36.16 -37.90
CA ARG E 155 -81.98 -37.14 -38.92
C ARG E 155 -80.96 -38.13 -38.39
N GLU E 156 -79.95 -37.65 -37.68
CA GLU E 156 -78.92 -38.49 -37.08
C GLU E 156 -78.04 -37.62 -36.20
N VAL E 157 -77.38 -38.26 -35.24
CA VAL E 157 -76.45 -37.56 -34.36
C VAL E 157 -75.10 -37.46 -35.05
N LEU E 158 -74.39 -36.37 -34.76
CA LEU E 158 -73.03 -36.18 -35.27
C LEU E 158 -72.01 -36.10 -34.15
N SER E 159 -72.23 -35.22 -33.17
CA SER E 159 -71.35 -35.11 -32.02
C SER E 159 -72.19 -34.70 -30.82
N ASP E 160 -71.52 -34.30 -29.74
CA ASP E 160 -72.24 -33.95 -28.51
C ASP E 160 -73.10 -32.71 -28.69
N ARG E 161 -72.70 -31.79 -29.58
CA ARG E 161 -73.48 -30.58 -29.83
C ARG E 161 -73.66 -30.33 -31.32
N GLU E 162 -73.63 -31.38 -32.13
CA GLU E 162 -73.75 -31.24 -33.57
C GLU E 162 -74.70 -32.33 -34.06
N LEU E 163 -75.76 -31.93 -34.75
CA LEU E 163 -76.94 -32.77 -34.92
C LEU E 163 -77.64 -32.44 -36.23
N HIS E 164 -78.05 -33.48 -36.95
CA HIS E 164 -78.87 -33.32 -38.15
C HIS E 164 -80.34 -33.30 -37.77
N LEU E 165 -81.06 -32.27 -38.23
CA LEU E 165 -82.48 -32.15 -37.95
C LEU E 165 -83.30 -32.18 -39.24
N SER E 166 -84.62 -32.08 -39.06
CA SER E 166 -85.57 -31.97 -40.17
C SER E 166 -86.94 -31.72 -39.57
N TRP E 167 -87.57 -30.62 -39.95
CA TRP E 167 -88.94 -30.40 -39.56
C TRP E 167 -89.86 -31.23 -40.46
N GLU E 168 -91.15 -31.16 -40.18
CA GLU E 168 -92.13 -31.83 -41.02
C GLU E 168 -92.45 -30.96 -42.23
N VAL E 169 -92.34 -31.55 -43.42
CA VAL E 169 -92.49 -30.81 -44.67
C VAL E 169 -93.85 -30.11 -44.72
N GLY E 170 -93.82 -28.78 -44.67
CA GLY E 170 -95.02 -27.98 -44.60
C GLY E 170 -95.35 -27.44 -43.23
N LYS E 171 -94.82 -28.05 -42.17
CA LYS E 171 -95.11 -27.56 -40.83
C LYS E 171 -94.34 -26.28 -40.56
N PRO E 172 -94.93 -25.34 -39.80
CA PRO E 172 -94.21 -24.10 -39.46
C PRO E 172 -92.82 -24.34 -38.89
N ARG E 173 -91.80 -23.94 -39.65
CA ARG E 173 -90.41 -24.05 -39.23
C ARG E 173 -90.03 -22.77 -38.49
N PRO E 174 -89.96 -22.79 -37.17
CA PRO E 174 -89.76 -21.56 -36.42
C PRO E 174 -88.31 -21.13 -36.47
N PRO E 175 -88.03 -19.85 -36.24
CA PRO E 175 -86.63 -19.39 -36.17
C PRO E 175 -85.90 -20.06 -35.03
N LEU E 176 -84.58 -20.09 -35.16
CA LEU E 176 -83.70 -20.74 -34.18
C LEU E 176 -83.08 -19.65 -33.32
N ASN E 177 -83.66 -19.42 -32.15
CA ASN E 177 -83.18 -18.42 -31.22
C ASN E 177 -83.29 -18.95 -29.79
N ARG E 178 -82.74 -18.17 -28.86
CA ARG E 178 -82.79 -18.56 -27.45
C ARG E 178 -84.23 -18.56 -26.95
N ASN E 179 -85.02 -17.59 -27.39
CA ASN E 179 -86.43 -17.52 -27.02
C ASN E 179 -87.25 -18.46 -27.90
N TYR E 180 -86.69 -19.62 -28.20
CA TYR E 180 -87.42 -20.67 -28.93
C TYR E 180 -86.86 -22.01 -28.46
N VAL E 181 -87.60 -22.70 -27.59
CA VAL E 181 -87.20 -24.00 -27.07
C VAL E 181 -88.35 -24.97 -27.25
N PHE E 182 -87.99 -26.25 -27.35
CA PHE E 182 -88.94 -27.30 -27.70
C PHE E 182 -88.78 -28.48 -26.74
N THR E 183 -89.88 -29.17 -26.49
CA THR E 183 -89.86 -30.32 -25.57
C THR E 183 -89.35 -31.55 -26.31
N GLY E 184 -88.18 -32.02 -25.90
CA GLY E 184 -87.55 -33.15 -26.58
C GLY E 184 -88.15 -34.48 -26.19
N TYR E 185 -88.82 -35.14 -27.12
CA TYR E 185 -89.53 -36.38 -26.87
C TYR E 185 -88.86 -37.54 -27.58
N ARG E 186 -88.47 -38.56 -26.81
CA ARG E 186 -88.09 -39.85 -27.36
C ARG E 186 -89.15 -40.86 -26.95
N VAL E 187 -89.80 -41.46 -27.94
CA VAL E 187 -90.77 -42.53 -27.70
C VAL E 187 -90.09 -43.85 -28.02
N THR E 188 -89.86 -44.68 -27.00
CA THR E 188 -89.32 -46.01 -27.26
C THR E 188 -90.34 -46.84 -28.04
N LYS E 189 -91.48 -47.16 -27.43
CA LYS E 189 -92.56 -47.82 -28.17
C LYS E 189 -93.97 -47.32 -27.84
N ASN E 190 -94.41 -47.08 -26.59
CA ASN E 190 -93.81 -47.12 -25.23
C ASN E 190 -92.91 -45.94 -24.86
N SER E 191 -93.09 -45.49 -23.62
CA SER E 191 -92.26 -44.45 -22.98
C SER E 191 -92.26 -43.15 -23.78
N LYS E 192 -93.36 -42.42 -23.68
CA LYS E 192 -93.43 -41.06 -24.21
C LYS E 192 -92.72 -40.13 -23.23
N VAL E 193 -91.40 -40.29 -23.08
CA VAL E 193 -90.62 -39.60 -22.07
C VAL E 193 -89.92 -38.41 -22.70
N GLN E 194 -89.90 -37.29 -21.98
CA GLN E 194 -89.20 -36.11 -22.44
C GLN E 194 -87.75 -36.14 -21.98
N ILE E 195 -86.88 -35.52 -22.77
CA ILE E 195 -85.46 -35.39 -22.46
C ILE E 195 -85.08 -33.94 -22.17
N GLY E 196 -86.04 -33.07 -21.93
CA GLY E 196 -85.77 -31.74 -21.43
C GLY E 196 -86.19 -30.69 -22.43
N GLU E 197 -85.66 -29.49 -22.22
CA GLU E 197 -85.97 -28.33 -23.04
C GLU E 197 -84.76 -28.00 -23.90
N TYR E 198 -85.01 -27.54 -25.13
CA TYR E 198 -83.96 -27.52 -26.14
C TYR E 198 -84.09 -26.30 -27.04
N THR E 199 -83.09 -25.43 -27.02
CA THR E 199 -82.92 -24.40 -28.01
C THR E 199 -81.88 -24.84 -29.04
N PHE E 200 -81.99 -24.29 -30.24
CA PHE E 200 -81.12 -24.67 -31.34
C PHE E 200 -80.66 -23.42 -32.08
N GLU E 201 -79.57 -23.57 -32.82
CA GLU E 201 -79.02 -22.51 -33.65
C GLU E 201 -78.33 -23.14 -34.85
N LYS E 202 -78.42 -22.47 -36.00
CA LYS E 202 -77.75 -22.94 -37.20
C LYS E 202 -76.31 -22.45 -37.20
N GLY E 203 -75.39 -23.30 -37.67
CA GLY E 203 -73.99 -22.94 -37.70
C GLY E 203 -73.52 -22.42 -39.04
N ASP E 204 -72.41 -22.95 -39.54
CA ASP E 204 -71.87 -22.58 -40.84
C ASP E 204 -72.08 -23.66 -41.89
N TYR E 205 -72.90 -24.67 -41.60
CA TYR E 205 -73.24 -25.70 -42.58
C TYR E 205 -74.44 -26.47 -42.07
N GLY E 206 -75.42 -26.70 -42.95
CA GLY E 206 -76.57 -27.50 -42.60
C GLY E 206 -76.44 -28.96 -43.00
N ASP E 207 -77.22 -29.81 -42.34
CA ASP E 207 -78.13 -29.37 -41.29
C ASP E 207 -77.57 -29.79 -39.94
N ALA E 208 -76.25 -29.88 -39.84
CA ALA E 208 -75.59 -30.26 -38.60
C ALA E 208 -75.51 -29.03 -37.71
N VAL E 209 -76.56 -28.81 -36.92
CA VAL E 209 -76.73 -27.59 -36.16
C VAL E 209 -76.35 -27.85 -34.70
N VAL E 210 -76.24 -26.75 -33.94
CA VAL E 210 -75.88 -26.81 -32.54
C VAL E 210 -77.15 -26.65 -31.70
N TYR E 211 -77.15 -27.29 -30.54
CA TYR E 211 -78.29 -27.27 -29.65
C TYR E 211 -77.81 -27.17 -28.21
N ARG E 212 -78.54 -26.42 -27.39
CA ARG E 212 -78.31 -26.36 -25.96
C ARG E 212 -79.47 -27.09 -25.27
N GLY E 213 -79.14 -28.08 -24.46
CA GLY E 213 -80.14 -28.91 -23.81
C GLY E 213 -80.11 -28.75 -22.30
N THR E 214 -81.31 -28.72 -21.70
CA THR E 214 -81.40 -28.69 -20.25
C THR E 214 -80.80 -29.95 -19.65
N THR E 215 -81.39 -31.10 -19.97
CA THR E 215 -80.88 -32.38 -19.49
C THR E 215 -79.65 -32.79 -20.29
N THR E 216 -78.90 -33.76 -19.76
CA THR E 216 -77.67 -34.23 -20.38
C THR E 216 -77.81 -35.65 -20.92
N TYR E 217 -78.96 -35.95 -21.51
CA TYR E 217 -79.23 -37.31 -21.96
C TYR E 217 -78.72 -37.53 -23.37
N LYS E 218 -78.58 -38.80 -23.74
CA LYS E 218 -78.19 -39.17 -25.10
C LYS E 218 -79.36 -38.88 -26.03
N LEU E 219 -79.10 -38.17 -27.13
CA LEU E 219 -80.15 -37.83 -28.07
C LEU E 219 -80.18 -38.85 -29.20
N ASN E 220 -81.24 -39.65 -29.26
CA ASN E 220 -81.33 -40.71 -30.25
C ASN E 220 -81.81 -40.16 -31.59
N VAL E 221 -81.59 -40.97 -32.64
CA VAL E 221 -81.94 -40.58 -34.01
C VAL E 221 -83.44 -40.57 -34.25
N GLY E 222 -84.21 -41.34 -33.48
CA GLY E 222 -85.64 -41.36 -33.65
C GLY E 222 -86.36 -40.40 -32.74
N ASP E 223 -85.79 -39.21 -32.55
CA ASP E 223 -86.34 -38.22 -31.64
C ASP E 223 -87.01 -37.09 -32.43
N TYR E 224 -87.72 -36.24 -31.71
CA TYR E 224 -88.39 -35.09 -32.28
C TYR E 224 -88.70 -34.12 -31.14
N PHE E 225 -88.81 -32.84 -31.50
CA PHE E 225 -88.86 -31.77 -30.50
C PHE E 225 -90.12 -30.95 -30.73
N VAL E 226 -91.20 -31.32 -30.05
CA VAL E 226 -92.44 -30.57 -30.14
C VAL E 226 -92.24 -29.14 -29.67
N LEU E 227 -92.77 -28.19 -30.42
CA LEU E 227 -92.72 -26.80 -29.99
C LEU E 227 -93.52 -26.62 -28.71
N THR E 228 -92.97 -25.86 -27.77
CA THR E 228 -93.56 -25.69 -26.46
C THR E 228 -94.37 -24.41 -26.38
N SER E 229 -95.19 -24.32 -25.33
CA SER E 229 -95.85 -23.08 -24.97
C SER E 229 -94.82 -22.14 -24.35
N HIS E 230 -94.18 -21.30 -25.18
CA HIS E 230 -92.90 -20.75 -24.77
C HIS E 230 -92.59 -19.34 -24.31
N THR E 231 -92.48 -18.40 -25.24
CA THR E 231 -91.54 -17.29 -25.10
C THR E 231 -92.42 -16.08 -24.82
N VAL E 232 -92.25 -15.52 -23.62
CA VAL E 232 -92.71 -14.18 -23.26
C VAL E 232 -91.66 -13.54 -22.38
N MET E 233 -92.02 -12.44 -21.73
CA MET E 233 -91.19 -11.80 -20.71
C MET E 233 -92.06 -11.65 -19.47
N PRO E 234 -91.65 -12.18 -18.31
CA PRO E 234 -92.48 -12.08 -17.12
C PRO E 234 -92.70 -10.63 -16.69
N LEU E 235 -93.94 -10.34 -16.28
CA LEU E 235 -94.37 -9.01 -15.92
C LEU E 235 -94.40 -8.89 -14.40
N SER E 236 -93.75 -7.85 -13.87
CA SER E 236 -93.73 -7.58 -12.44
C SER E 236 -93.91 -6.09 -12.19
N ALA E 237 -94.84 -5.47 -12.90
CA ALA E 237 -95.01 -4.03 -12.83
C ALA E 237 -96.49 -3.65 -12.79
N PRO E 238 -96.86 -2.67 -11.96
CA PRO E 238 -98.28 -2.35 -11.80
C PRO E 238 -98.88 -1.75 -13.06
N THR E 239 -100.22 -1.71 -13.06
CA THR E 239 -100.96 -1.08 -14.14
C THR E 239 -101.59 0.31 -14.17
N LEU E 240 -102.40 0.62 -13.17
CA LEU E 240 -103.00 1.94 -13.08
C LEU E 240 -102.49 2.20 -11.66
N VAL E 241 -101.59 3.16 -11.52
CA VAL E 241 -101.01 3.53 -10.23
C VAL E 241 -102.11 3.97 -9.27
N PRO E 242 -101.83 4.07 -7.96
CA PRO E 242 -102.84 4.60 -7.04
C PRO E 242 -103.25 6.02 -7.40
N GLN E 243 -104.49 6.18 -7.81
CA GLN E 243 -105.01 7.50 -8.14
C GLN E 243 -105.09 8.36 -6.88
N GLU E 244 -104.42 9.50 -6.92
CA GLU E 244 -104.40 10.44 -5.80
C GLU E 244 -104.68 11.83 -6.34
N HIS E 245 -105.92 12.28 -6.19
CA HIS E 245 -106.29 13.64 -6.53
C HIS E 245 -105.60 14.61 -5.56
N TYR E 246 -104.97 15.64 -6.10
CA TYR E 246 -104.34 16.67 -5.30
C TYR E 246 -105.14 17.96 -5.38
N VAL E 247 -105.24 18.66 -4.26
CA VAL E 247 -105.91 19.96 -4.25
C VAL E 247 -105.01 21.06 -4.78
N ARG E 248 -103.71 20.78 -4.94
CA ARG E 248 -102.77 21.73 -5.47
C ARG E 248 -102.03 21.14 -6.67
N ILE E 249 -101.41 22.03 -7.45
CA ILE E 249 -100.54 21.61 -8.54
C ILE E 249 -99.29 21.04 -7.91
N THR E 250 -99.34 19.77 -7.52
CA THR E 250 -98.29 19.20 -6.70
C THR E 250 -97.00 19.00 -7.50
N GLY E 251 -95.99 19.80 -7.18
CA GLY E 251 -94.68 19.65 -7.77
C GLY E 251 -94.49 20.25 -9.14
N LEU E 252 -95.41 21.09 -9.60
CA LEU E 252 -95.27 21.76 -10.89
C LEU E 252 -95.31 23.27 -10.66
N TYR E 253 -94.44 23.97 -11.38
CA TYR E 253 -94.39 25.44 -11.33
C TYR E 253 -94.95 26.00 -12.63
N PRO E 254 -96.23 26.35 -12.66
CA PRO E 254 -96.81 26.86 -13.90
C PRO E 254 -96.20 28.20 -14.29
N THR E 255 -96.15 28.44 -15.60
CA THR E 255 -95.54 29.65 -16.10
C THR E 255 -96.39 30.87 -15.74
N LEU E 256 -95.76 32.04 -15.83
CA LEU E 256 -96.43 33.31 -15.58
C LEU E 256 -97.09 33.88 -16.82
N ASN E 257 -96.94 33.22 -17.97
CA ASN E 257 -97.52 33.71 -19.23
C ASN E 257 -97.92 32.52 -20.08
N ILE E 258 -99.19 32.49 -20.48
CA ILE E 258 -99.76 31.39 -21.26
C ILE E 258 -100.09 31.87 -22.67
N SER E 259 -99.97 30.95 -23.62
CA SER E 259 -100.30 31.26 -25.00
C SER E 259 -101.75 30.93 -25.30
N ASP E 260 -102.28 31.55 -26.35
CA ASP E 260 -103.70 31.39 -26.68
C ASP E 260 -103.99 29.99 -27.20
N GLU E 261 -103.04 29.39 -27.93
CA GLU E 261 -103.26 28.05 -28.47
C GLU E 261 -103.61 27.06 -27.37
N PHE E 262 -102.83 27.06 -26.29
CA PHE E 262 -103.06 26.19 -25.15
C PHE E 262 -103.82 26.90 -24.03
N SER E 263 -104.25 28.14 -24.25
CA SER E 263 -105.15 28.78 -23.30
C SER E 263 -106.47 28.04 -23.20
N SER E 264 -106.85 27.32 -24.25
CA SER E 264 -108.06 26.52 -24.23
C SER E 264 -107.98 25.34 -23.27
N ASN E 265 -106.81 25.09 -22.69
CA ASN E 265 -106.60 23.90 -21.87
C ASN E 265 -105.89 24.19 -20.55
N VAL E 266 -105.81 25.46 -20.12
CA VAL E 266 -105.06 25.77 -18.91
C VAL E 266 -105.74 25.17 -17.68
N ALA E 267 -107.07 25.22 -17.64
CA ALA E 267 -107.78 24.50 -16.59
C ALA E 267 -107.55 23.01 -16.73
N ASN E 268 -107.42 22.54 -17.97
CA ASN E 268 -107.13 21.13 -18.21
C ASN E 268 -105.76 20.75 -17.66
N TYR E 269 -104.72 21.53 -17.99
CA TYR E 269 -103.39 21.25 -17.45
C TYR E 269 -103.38 21.34 -15.93
N GLN E 270 -104.07 22.32 -15.36
CA GLN E 270 -104.15 22.43 -13.92
C GLN E 270 -104.81 21.19 -13.31
N LYS E 271 -105.88 20.70 -13.94
CA LYS E 271 -106.56 19.53 -13.41
C LYS E 271 -105.70 18.29 -13.55
N VAL E 272 -104.83 18.25 -14.56
CA VAL E 272 -103.77 17.24 -14.58
C VAL E 272 -102.90 17.39 -13.34
N GLY E 273 -102.48 18.62 -13.04
CA GLY E 273 -101.75 18.87 -11.82
C GLY E 273 -102.57 18.65 -10.56
N MET E 274 -103.89 18.65 -10.68
CA MET E 274 -104.79 18.38 -9.56
C MET E 274 -105.00 16.89 -9.32
N GLN E 275 -104.20 16.02 -9.94
CA GLN E 275 -104.41 14.59 -9.77
C GLN E 275 -103.12 13.83 -10.00
N LYS E 276 -103.13 12.56 -9.57
CA LYS E 276 -102.01 11.67 -9.80
C LYS E 276 -101.84 11.39 -11.28
N TYR E 277 -102.92 11.05 -11.97
CA TYR E 277 -102.89 10.88 -13.41
C TYR E 277 -104.21 11.34 -14.01
N SER E 278 -104.15 11.74 -15.28
CA SER E 278 -105.30 12.26 -16.00
C SER E 278 -105.52 11.44 -17.26
N THR E 279 -106.77 11.40 -17.71
CA THR E 279 -107.14 10.80 -18.98
C THR E 279 -108.04 11.76 -19.73
N LEU E 280 -107.64 12.13 -20.95
CA LEU E 280 -108.37 13.08 -21.78
C LEU E 280 -108.83 12.37 -23.04
N GLN E 281 -110.03 12.69 -23.51
CA GLN E 281 -110.58 12.13 -24.74
C GLN E 281 -110.38 13.16 -25.85
N GLY E 282 -109.39 12.93 -26.69
CA GLY E 282 -109.12 13.79 -27.82
C GLY E 282 -109.48 13.12 -29.12
N PRO E 283 -110.58 13.56 -29.74
CA PRO E 283 -110.99 12.97 -31.02
C PRO E 283 -110.00 13.32 -32.12
N PRO E 284 -110.01 12.60 -33.23
CA PRO E 284 -109.05 12.86 -34.30
C PRO E 284 -109.24 14.26 -34.89
N GLY E 285 -108.12 14.98 -35.00
CA GLY E 285 -108.18 16.35 -35.49
C GLY E 285 -108.83 17.32 -34.54
N THR E 286 -108.55 17.17 -33.24
CA THR E 286 -109.08 18.05 -32.21
C THR E 286 -107.97 18.75 -31.43
N GLY E 287 -106.72 18.53 -31.81
CA GLY E 287 -105.60 19.13 -31.11
C GLY E 287 -105.12 18.35 -29.90
N LYS E 288 -104.88 17.04 -30.10
CA LYS E 288 -104.29 16.24 -29.04
C LYS E 288 -102.82 16.60 -28.84
N SER E 289 -102.07 16.68 -29.95
CA SER E 289 -100.68 17.12 -29.89
C SER E 289 -100.56 18.55 -29.38
N HIS E 290 -101.51 19.42 -29.75
CA HIS E 290 -101.52 20.77 -29.20
C HIS E 290 -101.58 20.73 -27.67
N PHE E 291 -102.57 20.02 -27.13
CA PHE E 291 -102.67 19.86 -25.68
C PHE E 291 -101.39 19.26 -25.10
N ALA E 292 -100.83 18.28 -25.79
CA ALA E 292 -99.67 17.55 -25.25
C ALA E 292 -98.47 18.46 -25.09
N ILE E 293 -98.22 19.31 -26.10
CA ILE E 293 -97.08 20.23 -25.97
C ILE E 293 -97.42 21.39 -25.05
N GLY E 294 -98.69 21.81 -25.01
CA GLY E 294 -99.09 22.85 -24.08
C GLY E 294 -98.96 22.44 -22.64
N LEU E 295 -99.04 21.13 -22.36
CA LEU E 295 -98.71 20.63 -21.03
C LEU E 295 -97.35 21.14 -20.57
N ALA E 296 -96.31 20.91 -21.38
CA ALA E 296 -94.97 21.31 -20.98
C ALA E 296 -94.78 22.81 -21.10
N LEU E 297 -95.41 23.44 -22.10
CA LEU E 297 -95.28 24.89 -22.25
C LEU E 297 -95.97 25.63 -21.11
N TYR E 298 -96.89 24.99 -20.41
CA TYR E 298 -97.55 25.66 -19.28
C TYR E 298 -96.73 25.52 -18.01
N TYR E 299 -96.00 24.41 -17.85
CA TYR E 299 -95.07 24.24 -16.74
C TYR E 299 -93.66 24.17 -17.31
N PRO E 300 -92.99 25.31 -17.50
CA PRO E 300 -91.74 25.32 -18.27
C PRO E 300 -90.57 24.69 -17.53
N SER E 301 -90.63 24.67 -16.20
CA SER E 301 -89.55 24.14 -15.37
C SER E 301 -89.81 22.71 -14.91
N ALA E 302 -90.20 21.82 -15.81
CA ALA E 302 -90.51 20.43 -15.47
C ALA E 302 -89.87 19.48 -16.47
N ARG E 303 -89.66 18.24 -16.03
CA ARG E 303 -89.07 17.20 -16.86
C ARG E 303 -90.17 16.24 -17.32
N ILE E 304 -90.46 16.24 -18.62
CA ILE E 304 -91.59 15.52 -19.19
C ILE E 304 -91.07 14.44 -20.13
N VAL E 305 -91.78 13.31 -20.18
CA VAL E 305 -91.46 12.22 -21.09
C VAL E 305 -92.73 11.85 -21.84
N TYR E 306 -92.65 11.81 -23.17
CA TYR E 306 -93.78 11.46 -24.02
C TYR E 306 -93.55 10.08 -24.62
N THR E 307 -94.60 9.26 -24.66
CA THR E 307 -94.49 7.92 -25.19
C THR E 307 -95.75 7.58 -25.99
N ALA E 308 -95.58 6.68 -26.96
CA ALA E 308 -96.68 6.18 -27.76
C ALA E 308 -96.26 4.83 -28.35
N CYS E 309 -97.27 4.08 -28.80
CA CYS E 309 -97.04 2.73 -29.29
C CYS E 309 -96.17 2.72 -30.53
N SER E 310 -96.74 3.09 -31.68
CA SER E 310 -95.99 3.07 -32.93
C SER E 310 -94.95 4.19 -32.95
N HIS E 311 -93.91 3.98 -33.78
CA HIS E 311 -92.93 5.03 -34.02
C HIS E 311 -93.57 6.26 -34.63
N ALA E 312 -94.66 6.08 -35.37
CA ALA E 312 -95.25 7.19 -36.13
C ALA E 312 -95.83 8.25 -35.21
N ALA E 313 -96.55 7.85 -34.17
CA ALA E 313 -97.15 8.84 -33.28
C ALA E 313 -96.09 9.53 -32.43
N VAL E 314 -95.09 8.78 -31.96
CA VAL E 314 -93.99 9.42 -31.25
C VAL E 314 -93.34 10.47 -32.14
N ASP E 315 -93.11 10.12 -33.41
CA ASP E 315 -92.55 11.08 -34.37
C ASP E 315 -93.47 12.28 -34.60
N ALA E 316 -94.79 12.06 -34.58
CA ALA E 316 -95.72 13.17 -34.74
C ALA E 316 -95.60 14.13 -33.57
N LEU E 317 -95.55 13.60 -32.36
CA LEU E 317 -95.30 14.44 -31.20
C LEU E 317 -93.93 15.11 -31.30
N CYS E 318 -92.97 14.42 -31.91
CA CYS E 318 -91.65 15.02 -32.12
C CYS E 318 -91.73 16.25 -33.02
N GLU E 319 -92.44 16.15 -34.14
CA GLU E 319 -92.50 17.29 -35.04
C GLU E 319 -93.33 18.42 -34.43
N LYS E 320 -94.39 18.06 -33.68
CA LYS E 320 -95.16 19.08 -32.97
C LYS E 320 -94.30 19.83 -31.98
N ALA E 321 -93.45 19.09 -31.24
CA ALA E 321 -92.50 19.74 -30.33
C ALA E 321 -91.50 20.59 -31.09
N LEU E 322 -90.87 20.02 -32.12
CA LEU E 322 -89.97 20.77 -32.99
C LEU E 322 -90.57 22.11 -33.37
N LYS E 323 -91.87 22.14 -33.66
CA LYS E 323 -92.52 23.43 -33.89
C LYS E 323 -92.61 24.26 -32.61
N TYR E 324 -93.02 23.65 -31.49
CA TYR E 324 -93.28 24.41 -30.27
C TYR E 324 -92.25 24.25 -29.16
N LEU E 325 -91.51 23.14 -29.12
CA LEU E 325 -90.57 22.92 -28.03
C LEU E 325 -89.13 23.03 -28.53
N PRO E 326 -88.25 23.69 -27.78
CA PRO E 326 -86.86 23.89 -28.26
C PRO E 326 -86.13 22.57 -28.47
N ILE E 327 -85.36 22.51 -29.56
CA ILE E 327 -84.73 21.26 -29.98
C ILE E 327 -83.73 20.80 -28.94
N ASP E 328 -83.02 21.74 -28.31
CA ASP E 328 -82.01 21.42 -27.31
C ASP E 328 -82.59 20.66 -26.12
N LYS E 329 -83.86 20.85 -25.80
CA LYS E 329 -84.45 20.22 -24.63
C LYS E 329 -85.29 19.00 -24.95
N CYS E 330 -85.56 18.72 -26.23
CA CYS E 330 -86.23 17.50 -26.64
C CYS E 330 -85.21 16.45 -27.05
N SER E 331 -85.65 15.19 -27.06
CA SER E 331 -84.74 14.08 -27.32
C SER E 331 -85.52 12.92 -27.92
N ARG E 332 -85.08 12.45 -29.08
CA ARG E 332 -85.67 11.26 -29.68
C ARG E 332 -84.88 10.03 -29.29
N ILE E 333 -85.60 9.00 -28.81
CA ILE E 333 -85.01 7.74 -28.40
C ILE E 333 -85.34 6.70 -29.47
N ILE E 334 -84.31 6.07 -30.01
CA ILE E 334 -84.49 5.08 -31.08
C ILE E 334 -84.00 3.72 -30.58
N PRO E 335 -84.64 2.63 -30.96
CA PRO E 335 -84.12 1.30 -30.63
C PRO E 335 -83.15 0.81 -31.67
N ALA E 336 -82.32 -0.13 -31.25
CA ALA E 336 -81.31 -0.72 -32.14
C ALA E 336 -81.95 -1.56 -33.23
N VAL E 340 -85.39 0.10 -38.86
CA VAL E 340 -86.52 1.02 -38.80
C VAL E 340 -86.02 2.41 -38.44
N GLU E 341 -86.64 3.42 -39.04
CA GLU E 341 -86.26 4.82 -38.85
C GLU E 341 -87.43 5.61 -38.28
N CYS E 342 -87.09 6.75 -37.67
CA CYS E 342 -88.10 7.66 -37.13
C CYS E 342 -87.42 9.01 -36.94
N PHE E 343 -87.92 9.83 -36.03
CA PHE E 343 -87.31 11.12 -35.77
C PHE E 343 -85.83 11.06 -35.42
N ASP E 344 -85.12 12.13 -35.75
CA ASP E 344 -83.71 12.25 -35.40
C ASP E 344 -83.23 13.69 -35.32
N LYS E 345 -84.12 14.67 -35.53
CA LYS E 345 -83.71 16.06 -35.43
C LYS E 345 -83.37 16.43 -33.99
N PHE E 346 -84.07 15.84 -33.03
CA PHE E 346 -83.70 15.93 -31.63
C PHE E 346 -82.45 15.09 -31.38
N LYS E 347 -81.79 15.35 -30.26
CA LYS E 347 -80.61 14.58 -29.91
C LYS E 347 -81.01 13.12 -29.69
N VAL E 348 -80.39 12.22 -30.45
CA VAL E 348 -80.80 10.83 -30.42
C VAL E 348 -80.37 10.18 -29.12
N ASN E 349 -81.35 9.72 -28.34
CA ASN E 349 -81.12 8.96 -27.12
C ASN E 349 -80.35 9.77 -26.08
N SER E 350 -81.08 10.47 -25.20
CA SER E 350 -80.49 11.26 -24.11
C SER E 350 -81.44 11.14 -22.92
N THR E 351 -81.03 10.34 -21.92
CA THR E 351 -81.90 10.06 -20.79
C THR E 351 -82.05 11.26 -19.87
N LEU E 352 -80.96 11.99 -19.63
CA LEU E 352 -80.99 13.18 -18.77
C LEU E 352 -81.51 14.40 -19.51
N GLU E 353 -82.80 14.42 -19.85
CA GLU E 353 -83.36 15.42 -20.73
C GLU E 353 -84.67 15.95 -20.17
N GLN E 354 -85.05 17.16 -20.62
CA GLN E 354 -86.30 17.76 -20.20
C GLN E 354 -87.48 17.16 -20.97
N TYR E 355 -87.28 16.85 -22.25
CA TYR E 355 -88.31 16.26 -23.10
C TYR E 355 -87.75 15.00 -23.75
N VAL E 356 -88.38 13.87 -23.47
CA VAL E 356 -87.91 12.56 -23.93
C VAL E 356 -88.98 11.98 -24.83
N PHE E 357 -88.58 11.56 -26.03
CA PHE E 357 -89.49 11.00 -27.02
C PHE E 357 -89.08 9.56 -27.30
N CYS E 358 -89.87 8.61 -26.78
CA CYS E 358 -89.52 7.20 -26.84
C CYS E 358 -90.79 6.37 -26.94
N THR E 359 -90.71 5.27 -27.69
CA THR E 359 -91.83 4.36 -27.77
C THR E 359 -91.87 3.44 -26.56
N VAL E 360 -93.03 2.79 -26.40
CA VAL E 360 -93.33 2.08 -25.15
C VAL E 360 -92.40 0.89 -24.96
N ASN E 361 -91.93 0.30 -26.05
CA ASN E 361 -91.00 -0.82 -25.94
C ASN E 361 -89.58 -0.35 -25.67
N ALA E 362 -89.28 0.91 -25.98
CA ALA E 362 -87.92 1.44 -25.89
C ALA E 362 -87.75 2.42 -24.75
N LEU E 363 -88.62 2.38 -23.75
CA LEU E 363 -88.51 3.27 -22.61
C LEU E 363 -87.23 2.98 -21.83
N PRO E 364 -86.56 4.01 -21.30
CA PRO E 364 -85.44 3.76 -20.37
C PRO E 364 -85.89 3.64 -18.93
N GLU E 365 -84.95 3.47 -18.00
CA GLU E 365 -85.24 3.32 -16.57
C GLU E 365 -84.79 4.56 -15.82
N THR E 366 -85.74 5.45 -15.53
CA THR E 366 -85.43 6.70 -14.83
C THR E 366 -86.73 7.28 -14.29
N THR E 367 -86.64 8.50 -13.77
CA THR E 367 -87.77 9.22 -13.22
C THR E 367 -88.17 10.37 -14.13
N ALA E 368 -89.22 11.08 -13.74
CA ALA E 368 -89.69 12.24 -14.49
C ALA E 368 -90.72 12.98 -13.66
N ASP E 369 -91.06 14.19 -14.10
CA ASP E 369 -92.19 14.90 -13.48
C ASP E 369 -93.51 14.37 -14.01
N ILE E 370 -93.61 14.17 -15.32
CA ILE E 370 -94.83 13.70 -15.97
C ILE E 370 -94.46 12.74 -17.09
N VAL E 371 -95.22 11.66 -17.23
CA VAL E 371 -95.18 10.80 -18.41
C VAL E 371 -96.54 10.91 -19.09
N VAL E 372 -96.55 11.49 -20.28
CA VAL E 372 -97.77 11.68 -21.05
C VAL E 372 -97.88 10.50 -22.01
N PHE E 373 -98.77 9.57 -21.71
CA PHE E 373 -98.98 8.39 -22.55
C PHE E 373 -99.95 8.76 -23.66
N ASP E 374 -99.43 8.85 -24.88
CA ASP E 374 -100.24 9.06 -26.06
C ASP E 374 -100.60 7.72 -26.69
N GLU E 375 -101.62 7.73 -27.55
CA GLU E 375 -102.16 6.52 -28.15
C GLU E 375 -102.59 5.52 -27.08
N ILE E 376 -103.57 5.93 -26.27
CA ILE E 376 -104.12 5.02 -25.29
C ILE E 376 -104.98 3.94 -25.95
N SER E 377 -105.42 4.18 -27.19
CA SER E 377 -106.30 3.24 -27.87
C SER E 377 -105.59 1.92 -28.15
N MET E 378 -104.36 1.98 -28.68
CA MET E 378 -103.57 0.78 -28.93
C MET E 378 -102.90 0.23 -27.68
N ALA E 379 -103.24 0.74 -26.49
CA ALA E 379 -102.58 0.32 -25.27
C ALA E 379 -103.25 -0.92 -24.67
N THR E 380 -102.42 -1.82 -24.16
CA THR E 380 -102.88 -3.00 -23.43
C THR E 380 -102.24 -3.02 -22.06
N ASN E 381 -102.68 -3.95 -21.21
CA ASN E 381 -102.21 -3.96 -19.82
C ASN E 381 -100.71 -4.25 -19.74
N TYR E 382 -100.16 -5.01 -20.68
CA TYR E 382 -98.71 -5.14 -20.76
C TYR E 382 -98.05 -3.78 -20.94
N ASP E 383 -98.64 -2.94 -21.79
CA ASP E 383 -98.06 -1.62 -22.04
C ASP E 383 -98.09 -0.76 -20.79
N LEU E 384 -99.21 -0.78 -20.07
CA LEU E 384 -99.27 -0.05 -18.82
C LEU E 384 -98.26 -0.59 -17.82
N SER E 385 -98.15 -1.91 -17.72
CA SER E 385 -97.13 -2.50 -16.85
C SER E 385 -95.75 -1.94 -17.17
N VAL E 386 -95.37 -1.97 -18.45
CA VAL E 386 -93.99 -1.62 -18.79
C VAL E 386 -93.76 -0.12 -18.63
N VAL E 387 -94.79 0.70 -18.86
CA VAL E 387 -94.58 2.14 -18.73
C VAL E 387 -94.51 2.52 -17.25
N ASN E 388 -95.23 1.80 -16.39
CA ASN E 388 -95.08 2.05 -14.96
C ASN E 388 -93.75 1.51 -14.44
N ALA E 389 -93.23 0.45 -15.06
CA ALA E 389 -91.95 -0.10 -14.63
C ALA E 389 -90.81 0.84 -15.02
N ARG E 390 -90.72 1.17 -16.30
CA ARG E 390 -89.54 1.88 -16.79
C ARG E 390 -89.50 3.33 -16.34
N LEU E 391 -90.63 3.92 -15.98
CA LEU E 391 -90.68 5.31 -15.58
C LEU E 391 -91.36 5.45 -14.23
N ARG E 392 -90.84 6.35 -13.42
CA ARG E 392 -91.40 6.67 -12.11
C ARG E 392 -91.61 8.18 -12.07
N ALA E 393 -92.80 8.63 -12.48
CA ALA E 393 -93.13 10.05 -12.51
C ALA E 393 -94.24 10.33 -11.52
N LYS E 394 -94.23 11.55 -10.97
CA LYS E 394 -95.25 11.96 -10.02
C LYS E 394 -96.60 12.19 -10.67
N HIS E 395 -96.65 12.25 -12.00
CA HIS E 395 -97.88 12.52 -12.72
C HIS E 395 -97.87 11.79 -14.06
N TYR E 396 -99.04 11.35 -14.49
CA TYR E 396 -99.21 10.68 -15.78
C TYR E 396 -100.40 11.27 -16.52
N VAL E 397 -100.31 11.29 -17.85
CA VAL E 397 -101.36 11.84 -18.70
C VAL E 397 -101.66 10.82 -19.78
N TYR E 398 -102.88 10.27 -19.77
CA TYR E 398 -103.28 9.25 -20.74
C TYR E 398 -104.16 9.94 -21.78
N ILE E 399 -103.53 10.45 -22.82
CA ILE E 399 -104.18 11.19 -23.88
C ILE E 399 -104.64 10.21 -24.96
N GLY E 400 -105.80 10.48 -25.54
CA GLY E 400 -106.24 9.69 -26.67
C GLY E 400 -107.75 9.70 -26.85
N ASP E 401 -108.29 8.55 -27.20
CA ASP E 401 -109.72 8.37 -27.45
C ASP E 401 -110.00 6.89 -27.64
N PRO E 402 -110.72 6.25 -26.70
CA PRO E 402 -110.97 4.81 -26.83
C PRO E 402 -111.88 4.48 -27.98
N ALA E 403 -112.65 5.44 -28.47
CA ALA E 403 -113.49 5.27 -29.64
C ALA E 403 -112.69 5.11 -30.93
N GLN E 404 -111.37 5.20 -30.86
CA GLN E 404 -110.52 5.02 -32.03
C GLN E 404 -110.08 3.56 -32.13
N LEU E 405 -109.26 3.27 -33.12
CA LEU E 405 -108.84 1.90 -33.36
C LEU E 405 -107.94 1.41 -32.24
N PRO E 406 -108.03 0.15 -31.84
CA PRO E 406 -107.17 -0.36 -30.78
C PRO E 406 -105.95 -1.10 -31.32
N ALA E 407 -105.23 -1.76 -30.43
CA ALA E 407 -104.22 -2.71 -30.86
C ALA E 407 -104.90 -4.00 -31.32
N PRO E 408 -104.49 -4.56 -32.46
CA PRO E 408 -105.18 -5.74 -32.99
C PRO E 408 -104.92 -6.96 -32.13
N ARG E 409 -105.99 -7.71 -31.86
CA ARG E 409 -105.90 -8.97 -31.13
C ARG E 409 -106.03 -10.08 -32.16
N THR E 410 -104.90 -10.46 -32.75
CA THR E 410 -104.91 -11.41 -33.86
C THR E 410 -105.43 -12.78 -33.43
N LEU E 411 -105.03 -13.24 -32.23
CA LEU E 411 -105.48 -14.55 -31.76
C LEU E 411 -106.98 -14.55 -31.52
N LEU E 412 -107.57 -13.40 -31.22
CA LEU E 412 -109.02 -13.27 -31.14
C LEU E 412 -109.63 -13.55 -32.51
N THR E 413 -110.62 -14.44 -32.54
CA THR E 413 -111.36 -14.72 -33.75
C THR E 413 -112.86 -14.54 -33.61
N LYS E 414 -113.45 -14.91 -32.48
CA LYS E 414 -114.89 -14.82 -32.26
C LYS E 414 -115.17 -13.79 -31.18
N GLY E 415 -115.94 -12.78 -31.55
CA GLY E 415 -116.35 -11.74 -30.62
C GLY E 415 -115.82 -10.37 -31.02
N THR E 416 -116.24 -9.36 -30.26
CA THR E 416 -115.80 -7.99 -30.47
C THR E 416 -115.43 -7.39 -29.11
N LEU E 417 -114.20 -6.91 -29.01
CA LEU E 417 -113.75 -6.23 -27.80
C LEU E 417 -114.31 -4.81 -27.78
N GLU E 418 -115.24 -4.57 -26.87
CA GLU E 418 -115.75 -3.23 -26.64
C GLU E 418 -114.59 -2.33 -26.24
N PRO E 419 -114.64 -1.04 -26.62
CA PRO E 419 -113.56 -0.12 -26.22
C PRO E 419 -113.29 -0.12 -24.73
N GLU E 420 -114.26 -0.52 -23.91
CA GLU E 420 -114.04 -0.78 -22.50
C GLU E 420 -113.06 -1.92 -22.26
N TYR E 421 -112.82 -2.77 -23.26
CA TYR E 421 -112.00 -3.96 -23.10
C TYR E 421 -110.66 -3.86 -23.82
N PHE E 422 -110.33 -2.70 -24.38
CA PHE E 422 -109.01 -2.53 -24.98
C PHE E 422 -107.93 -2.48 -23.91
N ASN E 423 -108.26 -1.93 -22.74
CA ASN E 423 -107.34 -1.84 -21.62
C ASN E 423 -108.14 -1.53 -20.36
N SER E 424 -107.49 -0.96 -19.36
CA SER E 424 -108.16 -0.54 -18.14
C SER E 424 -108.22 0.97 -17.97
N VAL E 425 -107.30 1.71 -18.59
CA VAL E 425 -107.45 3.16 -18.67
C VAL E 425 -108.59 3.51 -19.62
N CYS E 426 -108.65 2.82 -20.76
CA CYS E 426 -109.83 2.91 -21.63
C CYS E 426 -111.08 2.41 -20.91
N ARG E 427 -110.92 1.40 -20.04
CA ARG E 427 -112.03 0.95 -19.21
C ARG E 427 -112.54 2.08 -18.34
N LEU E 428 -111.62 2.82 -17.69
CA LEU E 428 -112.03 3.95 -16.86
C LEU E 428 -112.60 5.08 -17.72
N MET E 429 -112.16 5.17 -18.98
CA MET E 429 -112.72 6.18 -19.87
C MET E 429 -114.11 5.78 -20.34
N LYS E 430 -114.44 4.49 -20.23
CA LYS E 430 -115.82 4.04 -20.45
C LYS E 430 -116.59 3.80 -19.16
N THR E 431 -115.96 3.97 -17.99
CA THR E 431 -116.71 3.98 -16.74
C THR E 431 -116.75 5.39 -16.16
N ILE E 432 -115.69 5.76 -15.43
CA ILE E 432 -115.59 7.07 -14.81
C ILE E 432 -115.50 8.11 -15.92
N GLY E 433 -115.18 7.66 -17.12
CA GLY E 433 -115.14 8.53 -18.26
C GLY E 433 -113.86 9.35 -18.29
N PRO E 434 -113.54 9.92 -19.44
CA PRO E 434 -112.36 10.76 -19.53
C PRO E 434 -112.49 11.98 -18.62
N ASP E 435 -111.42 12.28 -17.88
CA ASP E 435 -111.44 13.43 -16.99
C ASP E 435 -111.67 14.71 -17.78
N MET E 436 -111.30 14.72 -19.06
CA MET E 436 -111.40 15.90 -19.90
C MET E 436 -111.89 15.49 -21.29
N PHE E 437 -112.02 16.48 -22.17
CA PHE E 437 -112.50 16.23 -23.52
C PHE E 437 -112.00 17.36 -24.42
N LEU E 438 -111.51 16.99 -25.60
CA LEU E 438 -111.15 17.96 -26.63
C LEU E 438 -112.40 18.24 -27.46
N GLY E 439 -113.13 19.27 -27.06
CA GLY E 439 -114.40 19.59 -27.70
C GLY E 439 -114.30 20.59 -28.83
N THR E 440 -113.38 20.36 -29.77
CA THR E 440 -113.25 21.20 -30.96
C THR E 440 -112.58 20.36 -32.04
N CYS E 441 -113.38 19.87 -32.99
CA CYS E 441 -112.86 19.05 -34.09
C CYS E 441 -112.43 19.98 -35.22
N ARG E 442 -111.14 20.31 -35.26
CA ARG E 442 -110.60 21.21 -36.26
C ARG E 442 -110.09 20.48 -37.50
N ARG E 443 -110.60 19.29 -37.79
CA ARG E 443 -110.20 18.55 -38.97
C ARG E 443 -111.35 18.12 -39.86
N CYS E 444 -112.45 17.71 -39.29
CA CYS E 444 -113.43 17.12 -40.18
C CYS E 444 -114.53 18.13 -40.54
N PRO E 445 -115.17 17.96 -41.69
CA PRO E 445 -116.28 18.84 -42.06
C PRO E 445 -117.47 18.65 -41.13
N ALA E 446 -118.37 19.63 -41.17
CA ALA E 446 -119.55 19.61 -40.30
C ALA E 446 -120.31 18.29 -40.42
N GLU E 447 -120.48 17.82 -41.66
CA GLU E 447 -121.11 16.52 -41.88
C GLU E 447 -120.36 15.42 -41.16
N ILE E 448 -119.04 15.35 -41.33
CA ILE E 448 -118.27 14.27 -40.73
C ILE E 448 -118.24 14.38 -39.22
N VAL E 449 -118.15 15.61 -38.71
CA VAL E 449 -118.12 15.78 -37.25
C VAL E 449 -119.45 15.37 -36.64
N ASP E 450 -120.56 15.84 -37.21
CA ASP E 450 -121.86 15.43 -36.66
C ASP E 450 -122.04 13.93 -36.81
N THR E 451 -121.51 13.35 -37.88
CA THR E 451 -121.56 11.91 -38.08
C THR E 451 -120.86 11.17 -36.95
N VAL E 452 -119.58 11.49 -36.71
CA VAL E 452 -118.82 10.74 -35.73
C VAL E 452 -119.34 11.03 -34.32
N SER E 453 -119.91 12.21 -34.11
CA SER E 453 -120.47 12.51 -32.79
C SER E 453 -121.76 11.76 -32.53
N ALA E 454 -122.65 11.66 -33.53
CA ALA E 454 -123.84 10.85 -33.39
C ALA E 454 -123.54 9.36 -33.39
N LEU E 455 -122.39 8.96 -33.91
CA LEU E 455 -122.00 7.55 -33.92
C LEU E 455 -121.31 7.14 -32.63
N VAL E 456 -120.03 7.54 -32.47
CA VAL E 456 -119.24 7.01 -31.37
C VAL E 456 -118.71 8.16 -30.52
N TYR E 457 -119.47 9.27 -30.46
CA TYR E 457 -119.10 10.36 -29.57
C TYR E 457 -120.30 10.98 -28.85
N ASP E 458 -121.51 10.48 -29.09
CA ASP E 458 -122.71 10.91 -28.35
C ASP E 458 -123.03 12.38 -28.62
N ASN E 459 -122.99 12.78 -29.89
CA ASN E 459 -123.36 14.12 -30.34
C ASN E 459 -122.47 15.21 -29.71
N LYS E 460 -121.36 14.80 -29.10
CA LYS E 460 -120.55 15.73 -28.33
C LYS E 460 -119.34 16.28 -29.08
N LEU E 461 -119.08 15.84 -30.30
CA LEU E 461 -117.94 16.36 -31.05
C LEU E 461 -118.40 17.52 -31.92
N LYS E 462 -117.81 18.69 -31.69
CA LYS E 462 -118.26 19.94 -32.31
C LYS E 462 -117.53 20.16 -33.63
N ALA E 463 -118.29 20.66 -34.61
CA ALA E 463 -117.80 20.84 -35.97
C ALA E 463 -117.19 22.23 -36.11
N HIS E 464 -115.86 22.30 -36.18
CA HIS E 464 -115.20 23.59 -36.39
C HIS E 464 -115.52 24.14 -37.77
N LYS E 465 -115.07 23.48 -38.82
CA LYS E 465 -115.41 23.93 -40.17
C LYS E 465 -116.83 23.49 -40.52
N ASP E 466 -117.47 24.28 -41.39
CA ASP E 466 -118.88 24.12 -41.69
C ASP E 466 -119.09 23.07 -42.77
N LYS E 467 -120.34 22.97 -43.23
CA LYS E 467 -120.74 22.06 -44.29
C LYS E 467 -119.94 22.32 -45.55
N SER E 468 -119.00 21.44 -45.87
CA SER E 468 -118.11 21.63 -47.01
C SER E 468 -118.77 21.32 -48.35
N ALA E 469 -119.96 20.71 -48.34
CA ALA E 469 -120.67 20.31 -49.55
C ALA E 469 -119.86 19.34 -50.40
N GLN E 470 -118.99 18.55 -49.77
CA GLN E 470 -118.15 17.60 -50.50
C GLN E 470 -118.02 16.24 -49.81
N CYS E 471 -118.71 16.03 -48.69
CA CYS E 471 -118.75 14.72 -48.05
C CYS E 471 -119.91 13.93 -48.66
N PHE E 472 -119.59 12.96 -49.49
CA PHE E 472 -120.59 12.22 -50.24
C PHE E 472 -120.65 10.77 -49.76
N LYS E 473 -121.74 10.09 -50.14
CA LYS E 473 -121.89 8.67 -49.85
C LYS E 473 -122.63 8.00 -50.99
N MET E 474 -122.44 6.69 -51.11
N MET E 474 -122.43 6.69 -51.12
CA MET E 474 -123.18 5.91 -52.09
CA MET E 474 -123.12 5.86 -52.11
C MET E 474 -123.39 4.49 -51.56
C MET E 474 -123.38 4.49 -51.50
N PHE E 475 -124.64 4.07 -51.45
CA PHE E 475 -124.99 2.74 -50.96
C PHE E 475 -124.82 1.77 -52.12
N TYR E 476 -123.68 1.08 -52.15
CA TYR E 476 -123.40 0.10 -53.22
C TYR E 476 -122.70 -1.10 -52.59
N LYS E 477 -123.35 -2.26 -52.63
CA LYS E 477 -122.73 -3.46 -52.09
C LYS E 477 -121.55 -3.91 -52.96
N GLY E 478 -121.71 -3.82 -54.28
CA GLY E 478 -120.73 -4.41 -55.17
C GLY E 478 -120.75 -5.91 -55.07
N VAL E 479 -119.78 -6.55 -55.73
CA VAL E 479 -119.64 -7.99 -55.69
C VAL E 479 -118.42 -8.30 -54.82
N ILE E 480 -118.64 -9.00 -53.71
CA ILE E 480 -117.60 -9.21 -52.71
C ILE E 480 -116.79 -10.43 -53.16
N THR E 481 -115.60 -10.17 -53.69
CA THR E 481 -114.66 -11.21 -54.06
C THR E 481 -113.51 -11.25 -53.05
N HIS E 482 -113.10 -12.47 -52.72
CA HIS E 482 -112.08 -12.72 -51.72
C HIS E 482 -110.89 -13.39 -52.37
N ASP E 483 -109.70 -12.88 -52.08
CA ASP E 483 -108.45 -13.47 -52.53
C ASP E 483 -107.88 -14.07 -51.24
N VAL E 484 -106.61 -14.45 -51.17
CA VAL E 484 -106.08 -15.12 -49.99
C VAL E 484 -106.33 -14.60 -48.58
N SER E 485 -106.25 -13.29 -48.35
CA SER E 485 -106.36 -12.74 -47.00
C SER E 485 -106.92 -11.32 -47.05
N SER E 486 -107.94 -11.10 -47.86
CA SER E 486 -108.58 -9.79 -47.98
C SER E 486 -109.93 -9.98 -48.66
N ALA E 487 -110.51 -8.87 -49.10
CA ALA E 487 -111.74 -8.90 -49.87
C ALA E 487 -111.67 -7.76 -50.88
N ILE E 488 -112.03 -8.06 -52.13
CA ILE E 488 -111.92 -7.09 -53.21
C ILE E 488 -113.28 -6.97 -53.89
N ASN E 489 -113.78 -5.74 -53.99
CA ASN E 489 -115.08 -5.44 -54.59
C ASN E 489 -114.84 -4.70 -55.90
N ARG E 490 -114.70 -5.45 -56.99
CA ARG E 490 -114.43 -4.82 -58.28
C ARG E 490 -115.58 -3.94 -58.79
N PRO E 491 -116.86 -4.29 -58.62
CA PRO E 491 -117.91 -3.34 -59.04
C PRO E 491 -117.94 -2.07 -58.21
N GLN E 492 -117.69 -2.19 -56.90
CA GLN E 492 -117.51 -1.02 -56.07
C GLN E 492 -116.38 -0.14 -56.61
N ILE E 493 -115.22 -0.74 -56.87
CA ILE E 493 -114.11 -0.02 -57.47
C ILE E 493 -114.53 0.57 -58.82
N GLY E 494 -115.47 -0.06 -59.50
CA GLY E 494 -115.95 0.42 -60.79
C GLY E 494 -116.75 1.70 -60.67
N VAL E 495 -117.67 1.75 -59.72
CA VAL E 495 -118.40 2.99 -59.50
C VAL E 495 -117.45 4.07 -59.00
N VAL E 496 -116.40 3.68 -58.28
CA VAL E 496 -115.40 4.68 -57.92
C VAL E 496 -114.68 5.21 -59.16
N ARG E 497 -114.33 4.32 -60.11
CA ARG E 497 -113.71 4.79 -61.34
C ARG E 497 -114.64 5.75 -62.08
N GLU E 498 -115.93 5.42 -62.13
CA GLU E 498 -116.90 6.30 -62.78
C GLU E 498 -116.96 7.65 -62.07
N PHE E 499 -116.85 7.66 -60.74
CA PHE E 499 -116.77 8.92 -60.02
C PHE E 499 -115.53 9.72 -60.41
N LEU E 500 -114.38 9.04 -60.50
CA LEU E 500 -113.16 9.75 -60.88
C LEU E 500 -113.27 10.37 -62.26
N THR E 501 -113.80 9.60 -63.23
CA THR E 501 -114.03 10.16 -64.55
C THR E 501 -115.06 11.29 -64.51
N ARG E 502 -115.98 11.24 -63.55
CA ARG E 502 -116.92 12.34 -63.34
C ARG E 502 -116.34 13.44 -62.46
N ASN E 503 -115.41 13.11 -61.58
CA ASN E 503 -114.81 14.10 -60.67
C ASN E 503 -113.29 14.04 -60.79
N PRO E 504 -112.73 14.72 -61.79
CA PRO E 504 -111.26 14.74 -61.93
C PRO E 504 -110.56 15.49 -60.81
N ALA E 505 -111.26 16.42 -60.15
CA ALA E 505 -110.70 17.03 -58.95
C ALA E 505 -110.64 16.05 -57.80
N TRP E 506 -111.35 14.92 -57.91
CA TRP E 506 -111.30 13.87 -56.91
C TRP E 506 -110.30 12.77 -57.27
N ARG E 507 -109.41 13.03 -58.22
CA ARG E 507 -108.28 12.16 -58.49
C ARG E 507 -107.17 12.32 -57.45
N LYS E 508 -107.20 13.40 -56.67
CA LYS E 508 -106.28 13.60 -55.56
C LYS E 508 -106.76 12.89 -54.29
N ALA E 509 -108.01 12.40 -54.29
CA ALA E 509 -108.59 11.79 -53.11
C ALA E 509 -107.81 10.54 -52.69
N VAL E 510 -107.83 10.27 -51.38
CA VAL E 510 -107.18 9.11 -50.82
C VAL E 510 -108.16 7.96 -50.80
N PHE E 511 -107.85 6.92 -51.58
CA PHE E 511 -108.64 5.70 -51.51
C PHE E 511 -108.43 5.02 -50.17
N ILE E 512 -109.54 4.71 -49.50
CA ILE E 512 -109.52 4.01 -48.22
C ILE E 512 -110.42 2.79 -48.33
N SER E 513 -109.99 1.70 -47.71
CA SER E 513 -110.75 0.46 -47.69
C SER E 513 -110.39 -0.31 -46.44
N PRO E 514 -111.29 -1.14 -45.93
CA PRO E 514 -110.99 -1.88 -44.69
C PRO E 514 -109.93 -2.95 -44.87
N TYR E 515 -109.33 -3.04 -46.05
CA TYR E 515 -108.43 -4.14 -46.37
C TYR E 515 -107.24 -3.62 -47.16
N ASN E 516 -106.38 -4.55 -47.56
CA ASN E 516 -105.11 -4.25 -48.21
C ASN E 516 -105.13 -4.54 -49.71
N SER E 517 -105.69 -5.68 -50.11
CA SER E 517 -105.67 -6.05 -51.52
C SER E 517 -106.81 -5.40 -52.30
N GLN E 518 -107.93 -5.05 -51.64
CA GLN E 518 -108.88 -4.16 -52.28
C GLN E 518 -108.22 -2.82 -52.59
N ASN E 519 -107.48 -2.28 -51.61
CA ASN E 519 -106.67 -1.09 -51.84
C ASN E 519 -105.72 -1.31 -53.00
N ALA E 520 -105.10 -2.50 -53.07
CA ALA E 520 -104.11 -2.77 -54.09
C ALA E 520 -104.72 -2.81 -55.49
N VAL E 521 -105.87 -3.46 -55.63
CA VAL E 521 -106.51 -3.54 -56.94
C VAL E 521 -107.11 -2.20 -57.34
N ALA E 522 -107.59 -1.43 -56.35
CA ALA E 522 -108.01 -0.06 -56.62
C ALA E 522 -106.86 0.75 -57.20
N SER E 523 -105.72 0.77 -56.51
CA SER E 523 -104.54 1.44 -57.04
C SER E 523 -104.17 0.91 -58.42
N LYS E 524 -104.27 -0.40 -58.62
CA LYS E 524 -103.98 -0.99 -59.92
C LYS E 524 -104.95 -0.53 -61.00
N ILE E 525 -106.14 -0.05 -60.62
CA ILE E 525 -107.13 0.46 -61.56
C ILE E 525 -107.31 1.97 -61.42
N LEU E 526 -107.58 2.45 -60.21
CA LEU E 526 -107.70 3.89 -60.00
C LEU E 526 -106.36 4.59 -60.18
N GLY E 527 -105.31 4.07 -59.56
CA GLY E 527 -104.04 4.76 -59.48
C GLY E 527 -103.92 5.68 -58.28
N LEU E 528 -105.00 5.95 -57.58
CA LEU E 528 -105.01 6.87 -56.46
C LEU E 528 -104.22 6.28 -55.29
N PRO E 529 -103.84 7.11 -54.32
CA PRO E 529 -103.22 6.57 -53.10
C PRO E 529 -104.23 5.76 -52.28
N THR E 530 -103.91 4.49 -52.06
CA THR E 530 -104.79 3.58 -51.36
C THR E 530 -104.13 3.15 -50.05
N GLN E 531 -104.70 3.59 -48.93
CA GLN E 531 -104.22 3.20 -47.60
C GLN E 531 -105.33 2.53 -46.82
N THR E 532 -104.94 1.81 -45.77
CA THR E 532 -105.91 1.13 -44.92
C THR E 532 -106.38 2.05 -43.80
N VAL E 533 -107.40 1.59 -43.08
CA VAL E 533 -107.98 2.39 -42.00
C VAL E 533 -107.00 2.54 -40.84
N ASP E 534 -106.30 1.46 -40.48
CA ASP E 534 -105.36 1.54 -39.37
C ASP E 534 -104.16 2.41 -39.72
N SER E 535 -103.60 2.25 -40.91
CA SER E 535 -102.48 3.07 -41.33
C SER E 535 -102.86 4.53 -41.49
N SER E 536 -104.14 4.82 -41.72
CA SER E 536 -104.58 6.21 -41.85
C SER E 536 -104.79 6.87 -40.49
N GLN E 537 -104.97 6.08 -39.44
CA GLN E 537 -105.04 6.64 -38.10
C GLN E 537 -103.75 7.39 -37.79
N GLY E 538 -103.86 8.68 -37.56
CA GLY E 538 -102.70 9.55 -37.49
C GLY E 538 -102.37 10.25 -38.78
N SER E 539 -103.23 10.15 -39.79
CA SER E 539 -103.04 10.83 -41.07
C SER E 539 -104.35 11.43 -41.52
N GLU E 540 -104.31 12.67 -41.99
CA GLU E 540 -105.49 13.40 -42.39
C GLU E 540 -105.31 13.89 -43.83
N TYR E 541 -106.38 13.79 -44.61
CA TYR E 541 -106.31 14.10 -46.04
C TYR E 541 -107.44 15.03 -46.43
N ASP E 542 -107.25 15.72 -47.56
CA ASP E 542 -108.25 16.64 -48.09
C ASP E 542 -109.48 15.90 -48.58
N TYR E 543 -109.34 15.15 -49.68
CA TYR E 543 -110.42 14.35 -50.25
C TYR E 543 -110.16 12.89 -49.93
N VAL E 544 -111.23 12.17 -49.57
CA VAL E 544 -111.14 10.76 -49.20
C VAL E 544 -112.16 9.96 -49.98
N ILE E 545 -111.79 8.74 -50.35
CA ILE E 545 -112.70 7.78 -50.97
C ILE E 545 -112.63 6.51 -50.15
N PHE E 546 -113.67 6.27 -49.35
CA PHE E 546 -113.77 5.07 -48.53
C PHE E 546 -114.76 4.12 -49.19
N THR E 547 -114.28 2.93 -49.55
CA THR E 547 -115.12 1.89 -50.12
C THR E 547 -115.15 0.72 -49.14
N GLN E 548 -116.33 0.49 -48.55
CA GLN E 548 -116.45 -0.43 -47.43
C GLN E 548 -116.65 -1.49 -48.50
N THR E 549 -115.71 -2.43 -48.63
CA THR E 549 -115.81 -3.53 -49.58
C THR E 549 -116.76 -4.60 -49.05
N THR E 550 -116.63 -4.94 -47.77
CA THR E 550 -117.42 -6.00 -47.15
C THR E 550 -118.29 -5.39 -46.06
N GLU E 551 -119.12 -6.24 -45.45
CA GLU E 551 -119.99 -5.85 -44.36
C GLU E 551 -119.66 -6.60 -43.07
N THR E 552 -118.46 -7.15 -42.98
CA THR E 552 -118.08 -7.89 -41.78
C THR E 552 -117.92 -6.94 -40.60
N ALA E 553 -117.83 -7.53 -39.41
CA ALA E 553 -117.65 -6.73 -38.20
C ALA E 553 -116.37 -5.90 -38.26
N HIS E 554 -115.45 -6.26 -39.15
CA HIS E 554 -114.26 -5.45 -39.37
C HIS E 554 -114.58 -4.23 -40.23
N SER E 555 -115.14 -4.46 -41.42
CA SER E 555 -115.46 -3.35 -42.33
C SER E 555 -116.49 -2.41 -41.71
N CYS E 556 -117.52 -2.95 -41.07
CA CYS E 556 -118.58 -2.15 -40.49
C CYS E 556 -118.29 -1.74 -39.05
N ASN E 557 -117.05 -1.92 -38.59
CA ASN E 557 -116.70 -1.59 -37.21
C ASN E 557 -116.84 -0.09 -37.00
N VAL E 558 -117.61 0.30 -35.99
CA VAL E 558 -117.92 1.71 -35.79
C VAL E 558 -116.67 2.49 -35.38
N ASN E 559 -115.72 1.83 -34.72
CA ASN E 559 -114.42 2.45 -34.50
C ASN E 559 -113.68 2.61 -35.81
N ARG E 560 -113.66 1.55 -36.63
CA ARG E 560 -112.96 1.59 -37.90
C ARG E 560 -113.62 2.60 -38.84
N PHE E 561 -114.95 2.54 -38.96
CA PHE E 561 -115.66 3.51 -39.78
C PHE E 561 -115.46 4.93 -39.24
N ASN E 562 -115.51 5.09 -37.92
CA ASN E 562 -115.31 6.39 -37.30
C ASN E 562 -113.97 7.00 -37.71
N VAL E 563 -112.89 6.25 -37.48
CA VAL E 563 -111.56 6.81 -37.74
C VAL E 563 -111.32 6.97 -39.23
N ALA E 564 -111.89 6.07 -40.06
CA ALA E 564 -111.70 6.19 -41.49
C ALA E 564 -112.42 7.41 -42.06
N ILE E 565 -113.63 7.67 -41.58
CA ILE E 565 -114.37 8.84 -42.04
C ILE E 565 -113.80 10.12 -41.49
N THR E 566 -113.20 10.09 -40.29
CA THR E 566 -112.52 11.28 -39.77
C THR E 566 -111.25 11.62 -40.54
N ARG E 567 -110.81 10.78 -41.47
CA ARG E 567 -109.59 11.06 -42.22
C ARG E 567 -109.74 12.24 -43.17
N ALA E 568 -110.94 12.77 -43.35
CA ALA E 568 -111.19 13.79 -44.36
C ALA E 568 -111.08 15.20 -43.80
N LYS E 569 -110.38 16.06 -44.54
CA LYS E 569 -110.29 17.49 -44.25
C LYS E 569 -111.32 18.32 -44.99
N VAL E 570 -111.61 17.99 -46.25
CA VAL E 570 -112.49 18.79 -47.10
C VAL E 570 -113.72 18.00 -47.52
N GLY E 571 -113.52 16.86 -48.18
CA GLY E 571 -114.63 16.05 -48.64
C GLY E 571 -114.29 14.57 -48.57
N ILE E 572 -115.30 13.75 -48.78
CA ILE E 572 -115.15 12.31 -48.73
C ILE E 572 -116.27 11.64 -49.50
N LEU E 573 -115.96 10.53 -50.14
CA LEU E 573 -116.94 9.67 -50.81
C LEU E 573 -116.92 8.30 -50.15
N CYS E 574 -118.10 7.71 -50.00
CA CYS E 574 -118.26 6.44 -49.30
C CYS E 574 -119.17 5.51 -50.10
N ILE E 575 -118.57 4.56 -50.82
CA ILE E 575 -119.32 3.52 -51.50
C ILE E 575 -119.70 2.47 -50.45
N MET E 576 -120.94 2.53 -49.99
CA MET E 576 -121.38 1.76 -48.82
C MET E 576 -121.95 0.41 -49.22
N SER E 577 -121.39 -0.66 -48.65
CA SER E 577 -121.95 -2.00 -48.80
C SER E 577 -123.00 -2.29 -47.74
N ASP E 578 -122.97 -1.58 -46.61
CA ASP E 578 -123.94 -1.74 -45.54
C ASP E 578 -124.93 -0.58 -45.54
N ARG E 579 -126.17 -0.86 -45.13
CA ARG E 579 -127.21 0.16 -45.12
C ARG E 579 -127.27 0.90 -43.79
N ASP E 580 -127.00 0.22 -42.68
CA ASP E 580 -127.02 0.86 -41.38
C ASP E 580 -126.06 2.05 -41.35
N LEU E 581 -124.77 1.78 -41.56
CA LEU E 581 -123.78 2.85 -41.58
C LEU E 581 -124.06 3.85 -42.69
N TYR E 582 -124.80 3.45 -43.73
CA TYR E 582 -125.17 4.40 -44.77
C TYR E 582 -126.17 5.43 -44.26
N ASP E 583 -127.18 4.97 -43.52
CA ASP E 583 -128.18 5.90 -43.02
C ASP E 583 -127.67 6.70 -41.83
N LYS E 584 -126.91 6.06 -40.94
CA LYS E 584 -126.27 6.79 -39.85
C LYS E 584 -125.30 7.84 -40.37
N LEU E 585 -124.79 7.66 -41.58
CA LEU E 585 -123.90 8.62 -42.19
C LEU E 585 -124.71 9.75 -42.84
N GLN E 586 -124.54 10.96 -42.33
CA GLN E 586 -125.33 12.11 -42.78
C GLN E 586 -124.63 12.87 -43.90
N PHE E 587 -124.38 12.20 -45.02
CA PHE E 587 -123.65 12.79 -46.13
C PHE E 587 -124.58 13.07 -47.30
N THR E 588 -124.01 13.68 -48.34
CA THR E 588 -124.75 13.92 -49.57
C THR E 588 -124.75 12.64 -50.40
N SER E 589 -125.89 11.95 -50.45
CA SER E 589 -126.00 10.70 -51.16
C SER E 589 -125.86 10.91 -52.66
N LEU E 590 -125.58 9.81 -53.37
CA LEU E 590 -125.41 9.81 -54.82
C LEU E 590 -126.17 8.66 -55.43
N GLU E 591 -126.44 8.78 -56.73
CA GLU E 591 -127.03 7.69 -57.50
C GLU E 591 -125.91 6.80 -58.05
N ILE E 592 -126.22 5.52 -58.17
CA ILE E 592 -125.23 4.52 -58.61
C ILE E 592 -124.80 4.77 -60.05
N ASN F 5 6.41 5.99 -18.40
CA ASN F 5 5.00 5.66 -18.25
C ASN F 5 4.69 4.29 -18.83
N ASN F 6 4.26 4.26 -20.09
CA ASN F 6 3.81 3.03 -20.71
C ASN F 6 4.85 2.49 -21.68
N GLU F 7 5.34 1.28 -21.38
CA GLU F 7 6.39 0.63 -22.14
C GLU F 7 5.76 -0.37 -23.10
N LEU F 8 6.39 -0.54 -24.27
CA LEU F 8 5.73 -1.19 -25.39
C LEU F 8 6.15 -2.64 -25.61
N SER F 9 7.34 -3.05 -25.30
CA SER F 9 7.40 -4.44 -25.58
C SER F 9 8.45 -5.24 -24.93
N PRO F 10 8.31 -5.48 -23.65
CA PRO F 10 9.20 -6.34 -22.89
C PRO F 10 9.40 -7.66 -23.65
N VAL F 11 10.46 -7.74 -24.45
CA VAL F 11 10.54 -8.64 -25.61
C VAL F 11 11.48 -9.83 -25.65
N ALA F 12 10.93 -11.00 -25.98
CA ALA F 12 11.72 -12.22 -26.06
C ALA F 12 11.76 -12.93 -27.40
N LEU F 13 12.11 -12.20 -28.43
CA LEU F 13 12.06 -12.81 -29.72
C LEU F 13 13.44 -13.20 -30.24
N ARG F 14 13.77 -14.46 -30.07
CA ARG F 14 15.03 -14.99 -30.55
C ARG F 14 14.94 -15.23 -32.05
N GLN F 15 16.02 -15.78 -32.61
CA GLN F 15 16.25 -15.82 -34.05
C GLN F 15 16.45 -17.26 -34.51
N MET F 16 15.98 -17.55 -35.73
CA MET F 16 16.19 -18.85 -36.37
C MET F 16 16.51 -18.65 -37.84
N SER F 17 17.28 -19.59 -38.39
CA SER F 17 17.35 -19.72 -39.84
C SER F 17 16.48 -20.89 -40.29
N CYS F 18 15.81 -20.70 -41.43
CA CYS F 18 14.87 -21.70 -41.94
C CYS F 18 14.78 -21.55 -43.46
N ALA F 19 13.73 -22.16 -44.01
CA ALA F 19 13.57 -22.27 -45.46
C ALA F 19 12.59 -21.25 -45.99
N ALA F 20 12.81 -20.83 -47.23
CA ALA F 20 11.95 -19.86 -47.89
C ALA F 20 12.22 -19.88 -49.39
N GLY F 21 11.27 -19.36 -50.15
CA GLY F 21 11.42 -19.35 -51.60
C GLY F 21 10.35 -18.50 -52.27
N THR F 22 10.42 -18.46 -53.60
CA THR F 22 9.52 -17.62 -54.37
C THR F 22 8.15 -18.25 -54.55
N THR F 23 8.09 -19.57 -54.63
CA THR F 23 6.81 -20.29 -54.63
C THR F 23 6.92 -21.43 -53.64
N GLN F 24 5.80 -22.13 -53.44
CA GLN F 24 5.73 -23.16 -52.40
C GLN F 24 6.88 -24.15 -52.52
N THR F 25 7.27 -24.50 -53.76
CA THR F 25 8.39 -25.40 -53.97
C THR F 25 9.71 -24.66 -54.12
N ALA F 26 9.69 -23.43 -54.63
CA ALA F 26 10.91 -22.63 -54.67
C ALA F 26 11.49 -22.40 -53.29
N CYS F 27 10.72 -22.68 -52.24
CA CYS F 27 11.27 -22.77 -50.90
C CYS F 27 12.36 -23.82 -50.89
N THR F 28 13.60 -23.38 -50.99
CA THR F 28 14.68 -24.33 -51.11
C THR F 28 15.14 -24.78 -49.75
N ASP F 29 16.21 -24.16 -49.26
CA ASP F 29 16.74 -24.61 -48.01
C ASP F 29 17.13 -23.44 -47.18
N ASP F 30 18.28 -23.54 -46.52
CA ASP F 30 18.57 -22.70 -45.38
C ASP F 30 18.98 -21.32 -45.81
N ASN F 31 17.99 -20.44 -45.87
CA ASN F 31 18.27 -19.08 -46.32
C ASN F 31 17.39 -18.00 -45.71
N ALA F 32 16.48 -18.39 -44.83
CA ALA F 32 15.55 -17.48 -44.18
C ALA F 32 16.04 -17.18 -42.76
N LEU F 33 15.66 -16.00 -42.26
CA LEU F 33 15.94 -15.57 -40.89
C LEU F 33 14.63 -15.19 -40.21
N ALA F 34 14.14 -16.06 -39.35
CA ALA F 34 12.80 -15.91 -38.78
C ALA F 34 12.87 -15.36 -37.36
N TYR F 35 12.01 -14.39 -37.07
CA TYR F 35 11.70 -13.99 -35.71
C TYR F 35 10.44 -14.72 -35.27
N TYR F 36 10.48 -15.34 -34.10
CA TYR F 36 9.43 -16.24 -33.65
C TYR F 36 9.03 -15.92 -32.22
N ASN F 37 7.75 -15.64 -32.02
CA ASN F 37 7.15 -15.67 -30.69
C ASN F 37 6.86 -17.12 -30.37
N THR F 38 7.71 -17.73 -29.53
CA THR F 38 7.47 -19.09 -29.09
C THR F 38 6.37 -19.11 -28.02
N THR F 39 5.12 -19.03 -28.47
CA THR F 39 4.01 -18.90 -27.52
C THR F 39 3.66 -20.22 -26.85
N LYS F 40 2.52 -20.21 -26.17
CA LYS F 40 1.96 -21.41 -25.54
C LYS F 40 1.77 -22.53 -26.54
N GLY F 41 1.20 -22.25 -27.69
CA GLY F 41 0.85 -23.28 -28.66
C GLY F 41 1.88 -23.47 -29.75
N GLY F 42 3.15 -23.50 -29.38
CA GLY F 42 4.15 -23.78 -30.37
C GLY F 42 4.92 -22.53 -30.77
N ARG F 43 6.01 -22.75 -31.49
CA ARG F 43 6.85 -21.66 -31.96
C ARG F 43 6.15 -20.91 -33.09
N PHE F 44 5.63 -19.73 -32.79
CA PHE F 44 4.90 -18.90 -33.75
C PHE F 44 5.85 -17.82 -34.29
N VAL F 45 6.04 -17.82 -35.61
CA VAL F 45 6.99 -16.88 -36.22
C VAL F 45 6.24 -15.64 -36.71
N LEU F 46 6.95 -14.51 -36.72
CA LEU F 46 6.36 -13.22 -37.04
C LEU F 46 6.95 -12.58 -38.29
N ALA F 47 8.27 -12.46 -38.37
CA ALA F 47 8.91 -11.73 -39.46
C ALA F 47 10.06 -12.56 -40.00
N LEU F 48 10.41 -12.30 -41.25
CA LEU F 48 11.47 -13.01 -41.95
C LEU F 48 12.45 -12.00 -42.52
N LEU F 49 13.73 -12.29 -42.41
CA LEU F 49 14.79 -11.36 -42.78
C LEU F 49 15.77 -12.05 -43.72
N SER F 50 15.98 -11.45 -44.89
CA SER F 50 16.89 -12.10 -45.84
C SER F 50 17.50 -11.03 -46.74
N ASP F 51 18.51 -11.44 -47.51
CA ASP F 51 19.05 -10.61 -48.57
C ASP F 51 18.48 -11.00 -49.92
N LEU F 52 17.91 -12.20 -50.03
CA LEU F 52 17.24 -12.61 -51.26
C LEU F 52 16.17 -11.59 -51.60
N GLN F 53 15.97 -11.35 -52.89
CA GLN F 53 15.23 -10.19 -53.36
C GLN F 53 13.81 -10.19 -52.80
N ASP F 54 12.98 -11.11 -53.24
CA ASP F 54 11.64 -11.28 -52.70
C ASP F 54 11.33 -12.76 -52.70
N LEU F 55 10.57 -13.20 -51.72
CA LEU F 55 10.18 -14.60 -51.58
C LEU F 55 8.73 -14.63 -51.14
N LYS F 56 7.90 -15.32 -51.90
CA LYS F 56 6.47 -15.33 -51.59
C LYS F 56 6.09 -16.37 -50.55
N TRP F 57 6.96 -17.32 -50.23
CA TRP F 57 6.61 -18.38 -49.30
C TRP F 57 7.81 -18.75 -48.44
N ALA F 58 7.54 -18.97 -47.16
CA ALA F 58 8.46 -19.63 -46.26
C ALA F 58 7.95 -21.03 -45.99
N ARG F 59 8.84 -21.90 -45.54
CA ARG F 59 8.52 -23.31 -45.35
C ARG F 59 9.23 -23.82 -44.09
N PHE F 60 8.45 -23.94 -43.02
CA PHE F 60 8.93 -24.37 -41.71
C PHE F 60 8.01 -25.48 -41.20
N PRO F 61 8.55 -26.61 -40.75
CA PRO F 61 7.70 -27.68 -40.22
C PRO F 61 6.90 -27.22 -39.01
N LYS F 62 5.77 -27.89 -38.78
CA LYS F 62 4.89 -27.56 -37.66
C LYS F 62 5.64 -27.66 -36.33
N SER F 63 4.94 -27.27 -35.27
CA SER F 63 5.47 -27.45 -33.92
C SER F 63 5.75 -28.91 -33.63
N ASP F 64 5.02 -29.83 -34.26
CA ASP F 64 5.33 -31.24 -34.22
C ASP F 64 6.06 -31.71 -35.47
N GLY F 65 6.49 -30.78 -36.32
CA GLY F 65 7.32 -31.10 -37.47
C GLY F 65 6.64 -31.88 -38.57
N THR F 66 5.32 -32.03 -38.54
CA THR F 66 4.64 -32.80 -39.58
C THR F 66 4.70 -32.06 -40.91
N GLY F 67 3.83 -31.07 -41.07
CA GLY F 67 3.82 -30.30 -42.29
C GLY F 67 4.70 -29.07 -42.20
N THR F 68 5.24 -28.66 -43.34
CA THR F 68 6.05 -27.46 -43.44
C THR F 68 5.11 -26.31 -43.81
N ILE F 69 5.08 -25.30 -42.95
CA ILE F 69 4.12 -24.21 -43.09
C ILE F 69 4.26 -23.53 -44.43
N TYR F 70 3.13 -23.28 -45.08
CA TYR F 70 3.08 -22.49 -46.31
C TYR F 70 2.55 -21.11 -45.97
N THR F 71 3.46 -20.17 -45.74
CA THR F 71 3.13 -18.83 -45.27
C THR F 71 3.50 -17.82 -46.33
N GLU F 72 2.51 -17.22 -46.97
CA GLU F 72 2.80 -16.16 -47.93
C GLU F 72 3.34 -14.95 -47.18
N LEU F 73 4.09 -14.10 -47.89
CA LEU F 73 4.94 -13.10 -47.25
C LEU F 73 4.63 -11.69 -47.73
N GLU F 74 4.96 -10.70 -46.90
CA GLU F 74 4.88 -9.31 -47.27
C GLU F 74 5.83 -9.00 -48.42
N PRO F 75 5.58 -7.93 -49.16
CA PRO F 75 6.66 -7.31 -49.93
C PRO F 75 7.80 -6.95 -48.99
N PRO F 76 9.03 -7.34 -49.32
CA PRO F 76 10.14 -7.16 -48.39
C PRO F 76 10.34 -5.69 -48.02
N CYS F 77 10.96 -5.49 -46.86
CA CYS F 77 11.30 -4.16 -46.38
C CYS F 77 12.72 -3.84 -46.79
N ARG F 78 12.95 -2.60 -47.19
CA ARG F 78 14.26 -2.20 -47.70
C ARG F 78 15.01 -1.38 -46.67
N PHE F 79 16.23 -1.80 -46.37
CA PHE F 79 17.12 -1.06 -45.47
C PHE F 79 18.52 -1.61 -45.63
N VAL F 80 19.50 -0.84 -45.14
CA VAL F 80 20.91 -1.08 -45.41
C VAL F 80 21.66 -1.16 -44.08
N THR F 81 21.70 -2.34 -43.48
CA THR F 81 22.54 -2.55 -42.32
C THR F 81 24.01 -2.50 -42.74
N ASP F 82 24.89 -2.34 -41.76
CA ASP F 82 26.32 -2.25 -42.03
C ASP F 82 27.10 -3.27 -41.19
N THR F 83 28.22 -3.70 -41.75
CA THR F 83 29.18 -4.60 -41.11
C THR F 83 30.57 -4.15 -41.52
N PRO F 84 31.64 -4.74 -40.93
CA PRO F 84 33.00 -4.41 -41.37
C PRO F 84 33.20 -4.38 -42.89
N LYS F 85 32.42 -5.16 -43.63
CA LYS F 85 32.48 -5.15 -45.09
C LYS F 85 31.62 -4.03 -45.69
N GLY F 86 31.42 -2.95 -44.94
CA GLY F 86 30.71 -1.80 -45.42
C GLY F 86 29.21 -1.97 -45.39
N PRO F 87 28.51 -1.32 -46.32
CA PRO F 87 27.06 -1.43 -46.37
C PRO F 87 26.62 -2.85 -46.73
N LYS F 88 25.39 -3.15 -46.33
CA LYS F 88 24.85 -4.50 -46.49
C LYS F 88 23.34 -4.38 -46.58
N VAL F 89 22.80 -4.69 -47.75
CA VAL F 89 21.36 -4.60 -47.99
C VAL F 89 20.71 -5.85 -47.43
N LYS F 90 19.60 -5.67 -46.71
CA LYS F 90 18.80 -6.78 -46.23
C LYS F 90 17.33 -6.47 -46.48
N TYR F 91 16.51 -7.52 -46.46
CA TYR F 91 15.08 -7.39 -46.70
C TYR F 91 14.31 -8.06 -45.57
N LEU F 92 13.31 -7.36 -45.05
CA LEU F 92 12.50 -7.81 -43.92
C LEU F 92 11.14 -8.25 -44.45
N TYR F 93 10.73 -9.47 -44.12
CA TYR F 93 9.53 -10.06 -44.67
C TYR F 93 8.52 -10.26 -43.55
N PHE F 94 7.41 -9.54 -43.61
CA PHE F 94 6.33 -9.71 -42.66
C PHE F 94 5.36 -10.76 -43.16
N ILE F 95 4.81 -11.55 -42.25
CA ILE F 95 3.72 -12.43 -42.65
C ILE F 95 2.48 -11.58 -42.83
N LYS F 96 2.00 -11.49 -44.06
CA LYS F 96 0.85 -10.65 -44.37
C LYS F 96 -0.31 -10.95 -43.44
N GLY F 97 -0.98 -9.89 -43.00
CA GLY F 97 -2.01 -10.01 -42.00
C GLY F 97 -1.52 -9.94 -40.58
N LEU F 98 -0.68 -8.96 -40.25
CA LEU F 98 -0.14 -8.80 -38.91
C LEU F 98 -0.57 -7.47 -38.33
N ASN F 99 -1.06 -7.49 -37.10
CA ASN F 99 -1.51 -6.28 -36.45
C ASN F 99 -0.35 -5.33 -36.21
N ASN F 100 -0.67 -4.07 -35.92
CA ASN F 100 0.38 -3.09 -35.68
C ASN F 100 1.24 -3.46 -34.48
N LEU F 101 0.68 -4.15 -33.49
CA LEU F 101 1.45 -4.46 -32.29
C LEU F 101 2.64 -5.36 -32.59
N ASN F 102 2.42 -6.43 -33.37
CA ASN F 102 3.53 -7.32 -33.65
C ASN F 102 4.54 -6.66 -34.58
N ARG F 103 4.07 -5.83 -35.51
CA ARG F 103 5.01 -5.02 -36.29
C ARG F 103 5.90 -4.20 -35.38
N GLY F 104 5.31 -3.46 -34.45
CA GLY F 104 6.09 -2.66 -33.55
C GLY F 104 7.06 -3.48 -32.74
N MET F 105 6.63 -4.65 -32.27
CA MET F 105 7.52 -5.46 -31.44
C MET F 105 8.71 -5.97 -32.23
N VAL F 106 8.46 -6.50 -33.43
CA VAL F 106 9.55 -7.01 -34.26
C VAL F 106 10.50 -5.88 -34.61
N LEU F 107 9.96 -4.70 -34.95
CA LEU F 107 10.82 -3.58 -35.29
C LEU F 107 11.67 -3.15 -34.11
N GLY F 108 11.08 -3.11 -32.91
CA GLY F 108 11.88 -2.80 -31.74
C GLY F 108 13.03 -3.76 -31.56
N SER F 109 12.74 -5.06 -31.55
CA SER F 109 13.79 -6.06 -31.38
C SER F 109 14.89 -5.89 -32.41
N LEU F 110 14.52 -5.84 -33.70
CA LEU F 110 15.51 -5.77 -34.75
C LEU F 110 16.34 -4.51 -34.65
N ALA F 111 15.68 -3.35 -34.59
CA ALA F 111 16.40 -2.08 -34.61
C ALA F 111 17.31 -1.93 -33.39
N ALA F 112 16.90 -2.48 -32.24
CA ALA F 112 17.76 -2.41 -31.07
C ALA F 112 18.88 -3.44 -31.13
N THR F 113 18.72 -4.46 -31.96
CA THR F 113 19.72 -5.52 -32.07
C THR F 113 20.79 -5.24 -33.12
N VAL F 114 20.41 -4.68 -34.26
CA VAL F 114 21.28 -4.61 -35.44
C VAL F 114 21.46 -3.15 -35.84
N ARG F 115 22.67 -2.80 -36.23
CA ARG F 115 22.99 -1.43 -36.62
C ARG F 115 22.65 -1.18 -38.08
N LEU F 116 22.13 0.01 -38.34
CA LEU F 116 21.82 0.47 -39.68
C LEU F 116 22.78 1.58 -40.04
N GLN F 117 22.57 2.21 -41.20
CA GLN F 117 23.42 3.32 -41.61
C GLN F 117 23.13 4.51 -40.69
N ALA G 1 25.23 6.16 -41.95
CA ALA G 1 24.81 7.47 -42.40
C ALA G 1 25.98 8.23 -43.02
N GLY G 2 25.93 9.54 -42.96
CA GLY G 2 27.00 10.31 -43.56
C GLY G 2 27.06 10.11 -45.06
N ASN G 3 28.13 10.63 -45.64
CA ASN G 3 28.35 10.54 -47.08
C ASN G 3 29.79 10.11 -47.32
N ALA G 4 29.96 9.12 -48.18
CA ALA G 4 31.30 8.68 -48.55
C ALA G 4 32.06 9.84 -49.17
N THR G 5 33.39 9.74 -49.17
CA THR G 5 34.19 10.88 -49.56
C THR G 5 35.42 10.55 -50.38
N GLU G 6 36.05 9.39 -50.22
CA GLU G 6 37.25 9.14 -51.00
C GLU G 6 37.10 7.84 -51.80
N VAL G 7 37.64 7.85 -53.01
CA VAL G 7 37.61 6.73 -53.92
C VAL G 7 38.71 5.76 -53.52
N PRO G 8 38.50 4.44 -53.64
CA PRO G 8 39.53 3.48 -53.20
C PRO G 8 40.92 3.67 -53.78
N ALA G 9 41.08 4.51 -54.80
CA ALA G 9 42.41 4.70 -55.36
C ALA G 9 43.25 5.70 -54.59
N ASN G 10 42.82 6.09 -53.38
CA ASN G 10 43.57 7.05 -52.59
C ASN G 10 43.89 6.56 -51.18
N SER G 11 43.52 5.33 -50.83
CA SER G 11 43.59 4.90 -49.45
C SER G 11 45.02 4.85 -48.94
N THR G 12 45.91 4.19 -49.69
CA THR G 12 47.28 4.06 -49.23
C THR G 12 47.93 5.43 -49.06
N VAL G 13 47.80 6.29 -50.06
CA VAL G 13 48.43 7.61 -49.99
C VAL G 13 47.90 8.37 -48.79
N LEU G 14 46.58 8.42 -48.63
CA LEU G 14 46.01 9.23 -47.57
C LEU G 14 46.38 8.70 -46.19
N SER G 15 46.40 7.38 -46.02
CA SER G 15 46.80 6.84 -44.72
C SER G 15 48.26 7.14 -44.45
N PHE G 16 49.13 6.81 -45.40
CA PHE G 16 50.56 6.97 -45.19
C PHE G 16 50.95 8.42 -45.02
N CYS G 17 50.13 9.35 -45.50
CA CYS G 17 50.42 10.75 -45.27
C CYS G 17 49.70 11.32 -44.05
N ALA G 18 48.68 10.65 -43.55
CA ALA G 18 48.02 11.13 -42.35
C ALA G 18 48.67 10.57 -41.10
N PHE G 19 49.53 9.57 -41.25
CA PHE G 19 50.28 9.09 -40.10
C PHE G 19 51.67 9.68 -40.01
N ALA G 20 52.18 10.26 -41.10
CA ALA G 20 53.56 10.69 -41.13
C ALA G 20 53.78 11.90 -40.22
N VAL G 21 55.06 12.24 -40.04
CA VAL G 21 55.42 13.35 -39.17
C VAL G 21 55.73 14.59 -39.99
N ASP G 22 56.14 14.42 -41.24
CA ASP G 22 56.41 15.50 -42.17
C ASP G 22 55.61 15.19 -43.44
N ALA G 23 54.36 15.66 -43.47
CA ALA G 23 53.45 15.29 -44.55
C ALA G 23 54.01 15.66 -45.91
N ALA G 24 54.61 16.84 -46.02
CA ALA G 24 55.16 17.30 -47.29
C ALA G 24 56.23 16.36 -47.82
N LYS G 25 57.27 16.11 -47.03
CA LYS G 25 58.34 15.24 -47.49
C LYS G 25 57.84 13.83 -47.69
N ALA G 26 56.88 13.40 -46.87
CA ALA G 26 56.29 12.08 -47.07
C ALA G 26 55.67 11.97 -48.45
N TYR G 27 54.87 12.97 -48.85
CA TYR G 27 54.23 12.91 -50.16
C TYR G 27 55.26 12.98 -51.27
N LYS G 28 56.30 13.80 -51.09
CA LYS G 28 57.33 13.88 -52.12
C LYS G 28 58.05 12.56 -52.30
N ASP G 29 58.31 11.86 -51.19
CA ASP G 29 58.94 10.55 -51.30
C ASP G 29 57.99 9.54 -51.89
N TYR G 30 56.70 9.69 -51.62
CA TYR G 30 55.72 8.79 -52.21
C TYR G 30 55.75 8.89 -53.72
N LEU G 31 55.58 10.10 -54.26
CA LEU G 31 55.69 10.26 -55.70
C LEU G 31 57.02 9.76 -56.21
N ALA G 32 58.11 10.17 -55.56
CA ALA G 32 59.43 9.91 -56.09
C ALA G 32 59.76 8.42 -56.12
N SER G 33 58.87 7.57 -55.58
CA SER G 33 59.07 6.13 -55.64
C SER G 33 57.99 5.42 -56.44
N GLY G 34 57.46 6.04 -57.49
CA GLY G 34 56.45 5.37 -58.29
C GLY G 34 55.08 5.33 -57.66
N GLY G 35 54.56 6.48 -57.25
CA GLY G 35 53.22 6.53 -56.72
C GLY G 35 52.26 7.22 -57.67
N GLN G 36 50.97 6.95 -57.47
CA GLN G 36 49.93 7.54 -58.31
C GLN G 36 49.33 8.72 -57.58
N PRO G 37 49.41 9.93 -58.13
CA PRO G 37 49.08 11.12 -57.35
C PRO G 37 47.60 11.15 -56.99
N ILE G 38 47.26 12.07 -56.09
CA ILE G 38 45.89 12.17 -55.63
C ILE G 38 45.00 12.65 -56.77
N THR G 39 43.84 12.03 -56.89
CA THR G 39 42.85 12.36 -57.91
C THR G 39 41.35 12.50 -58.17
N ASN G 40 40.60 12.78 -57.11
CA ASN G 40 39.19 13.17 -57.21
C ASN G 40 39.04 14.65 -56.86
N CYS G 41 40.01 15.49 -57.22
CA CYS G 41 39.86 16.91 -57.01
C CYS G 41 38.66 17.51 -57.74
N VAL G 42 38.12 18.59 -57.18
CA VAL G 42 37.02 19.26 -57.86
C VAL G 42 37.57 20.13 -58.97
N LYS G 43 36.96 20.05 -60.14
CA LYS G 43 37.43 20.77 -61.31
C LYS G 43 36.38 21.79 -61.71
N MET G 44 36.83 22.99 -62.06
CA MET G 44 35.91 24.09 -62.30
C MET G 44 35.53 24.19 -63.76
N LEU G 45 34.83 25.27 -64.09
CA LEU G 45 34.35 25.56 -65.44
C LEU G 45 34.29 27.08 -65.53
N CYS G 46 34.98 27.65 -66.52
CA CYS G 46 34.98 29.10 -66.64
C CYS G 46 35.35 29.56 -68.04
N THR G 47 35.91 30.77 -68.13
CA THR G 47 36.18 31.42 -69.40
C THR G 47 37.64 31.40 -69.81
N HIS G 48 38.56 31.05 -68.90
CA HIS G 48 40.00 31.14 -69.18
C HIS G 48 40.38 32.55 -69.60
N THR G 49 39.73 33.53 -68.98
CA THR G 49 39.99 34.94 -69.21
C THR G 49 40.04 35.64 -67.86
N GLY G 50 41.09 36.43 -67.66
CA GLY G 50 41.27 37.15 -66.41
C GLY G 50 42.72 37.15 -66.00
N THR G 51 42.98 37.43 -64.73
CA THR G 51 44.35 37.47 -64.26
C THR G 51 44.92 36.06 -64.21
N GLY G 52 46.24 35.96 -64.39
CA GLY G 52 46.91 34.70 -64.19
C GLY G 52 47.06 34.32 -62.73
N GLN G 53 46.74 35.26 -61.82
CA GLN G 53 46.86 35.00 -60.40
C GLN G 53 45.99 33.82 -60.01
N ALA G 54 46.64 32.72 -59.63
CA ALA G 54 45.92 31.50 -59.28
C ALA G 54 45.00 31.73 -58.10
N ILE G 55 45.54 32.22 -57.00
CA ILE G 55 44.74 32.44 -55.80
C ILE G 55 43.75 33.56 -56.07
N THR G 56 42.46 33.23 -56.05
CA THR G 56 41.42 34.20 -56.43
C THR G 56 40.11 33.86 -55.74
N VAL G 57 39.17 34.79 -55.77
CA VAL G 57 37.87 34.56 -55.15
C VAL G 57 36.92 33.88 -56.12
N THR G 58 37.18 33.98 -57.42
CA THR G 58 36.30 33.50 -58.46
C THR G 58 37.16 32.94 -59.58
N PRO G 59 36.76 31.80 -60.18
CA PRO G 59 37.60 31.17 -61.20
C PRO G 59 38.03 32.15 -62.28
N GLU G 60 39.33 32.44 -62.31
CA GLU G 60 39.87 33.44 -63.21
C GLU G 60 41.10 32.82 -63.84
N ALA G 61 40.90 32.09 -64.92
CA ALA G 61 41.98 31.43 -65.62
C ALA G 61 42.40 32.29 -66.81
N ASN G 62 43.51 31.90 -67.44
CA ASN G 62 43.83 32.33 -68.78
C ASN G 62 43.70 31.12 -69.68
N MET G 63 44.05 31.27 -70.95
CA MET G 63 43.92 30.14 -71.87
C MET G 63 44.79 28.95 -71.44
N ASP G 64 45.75 29.18 -70.56
CA ASP G 64 46.69 28.12 -70.18
C ASP G 64 46.41 27.56 -68.79
N GLN G 65 46.34 28.42 -67.78
CA GLN G 65 46.11 27.91 -66.43
C GLN G 65 44.70 27.31 -66.33
N GLU G 66 44.44 26.66 -65.20
CA GLU G 66 43.23 25.88 -65.04
C GLU G 66 42.69 26.01 -63.63
N SER G 67 41.43 26.43 -63.50
CA SER G 67 40.83 26.72 -62.21
C SER G 67 40.50 25.43 -61.48
N PHE G 68 40.78 25.42 -60.17
CA PHE G 68 40.52 24.28 -59.31
C PHE G 68 39.88 24.77 -58.02
N GLY G 69 39.36 23.83 -57.23
CA GLY G 69 38.51 24.18 -56.11
C GLY G 69 39.75 24.26 -55.25
N GLY G 70 40.02 25.42 -54.68
CA GLY G 70 41.12 25.55 -53.74
C GLY G 70 41.28 24.63 -52.55
N ALA G 71 40.24 24.53 -51.72
CA ALA G 71 40.32 23.72 -50.52
C ALA G 71 40.70 22.28 -50.82
N SER G 72 40.24 21.75 -51.94
CA SER G 72 40.66 20.43 -52.36
C SER G 72 42.01 20.42 -53.00
N CYS G 73 42.91 21.33 -52.64
CA CYS G 73 44.30 21.25 -53.08
C CYS G 73 45.28 21.25 -51.92
N CYS G 74 44.94 21.89 -50.80
CA CYS G 74 45.82 21.90 -49.63
C CYS G 74 45.86 20.50 -49.05
N LEU G 75 46.98 19.81 -49.26
CA LEU G 75 47.17 18.47 -48.71
C LEU G 75 46.80 18.40 -47.24
N TYR G 76 47.23 19.41 -46.48
CA TYR G 76 46.85 19.48 -45.08
C TYR G 76 45.34 19.47 -44.91
N CYS G 77 44.64 20.25 -45.72
CA CYS G 77 43.19 20.31 -45.65
C CYS G 77 42.57 19.03 -46.16
N ARG G 78 43.34 18.21 -46.87
CA ARG G 78 42.80 17.02 -47.51
C ARG G 78 42.91 15.78 -46.61
N CYS G 79 44.04 15.61 -45.94
CA CYS G 79 44.23 14.49 -45.02
C CYS G 79 43.62 14.74 -43.66
N HIS G 80 43.12 15.95 -43.40
CA HIS G 80 42.57 16.34 -42.11
C HIS G 80 43.63 16.34 -41.01
N ILE G 81 44.76 16.98 -41.28
CA ILE G 81 45.80 17.20 -40.29
C ILE G 81 45.92 18.69 -40.05
N ASP G 82 46.78 19.07 -39.11
CA ASP G 82 46.95 20.47 -38.79
C ASP G 82 47.92 21.14 -39.78
N HIS G 83 47.80 22.46 -39.88
CA HIS G 83 48.57 23.20 -40.86
C HIS G 83 49.85 23.73 -40.25
N PRO G 84 50.93 23.87 -41.03
CA PRO G 84 52.17 24.44 -40.48
C PRO G 84 52.20 25.95 -40.52
N ASN G 85 51.21 26.60 -41.12
CA ASN G 85 51.10 28.05 -41.03
C ASN G 85 51.12 28.42 -39.55
N PRO G 86 52.06 29.26 -39.12
CA PRO G 86 52.20 29.51 -37.68
C PRO G 86 50.92 30.01 -37.03
N LYS G 87 50.00 30.55 -37.83
CA LYS G 87 48.72 31.03 -37.33
C LYS G 87 47.83 31.37 -38.51
N GLY G 88 46.83 30.53 -38.79
CA GLY G 88 46.69 29.24 -38.15
C GLY G 88 45.79 28.35 -38.97
N PHE G 89 45.40 28.86 -40.15
CA PHE G 89 44.48 28.16 -41.02
C PHE G 89 45.03 28.16 -42.43
N CYS G 90 44.63 27.15 -43.20
CA CYS G 90 44.91 27.17 -44.62
C CYS G 90 44.22 28.37 -45.26
N ASP G 91 44.87 28.91 -46.29
CA ASP G 91 44.31 30.00 -47.06
C ASP G 91 43.54 29.51 -48.27
N LEU G 92 43.94 28.39 -48.85
CA LEU G 92 43.29 27.90 -50.06
C LEU G 92 41.89 27.37 -49.80
N LYS G 93 41.44 27.31 -48.55
CA LYS G 93 40.08 26.94 -48.24
C LYS G 93 39.20 28.17 -48.39
N GLY G 94 38.51 28.29 -49.52
CA GLY G 94 37.64 29.43 -49.74
C GLY G 94 37.80 30.03 -51.12
N LYS G 95 38.94 29.79 -51.74
CA LYS G 95 39.30 30.48 -52.98
C LYS G 95 39.22 29.50 -54.15
N TYR G 96 39.87 29.86 -55.24
CA TYR G 96 40.11 28.96 -56.36
C TYR G 96 41.58 29.04 -56.72
N VAL G 97 42.11 27.96 -57.25
CA VAL G 97 43.51 27.92 -57.64
C VAL G 97 43.60 27.58 -59.12
N GLN G 98 44.55 28.22 -59.81
CA GLN G 98 44.75 28.01 -61.24
C GLN G 98 46.17 27.52 -61.50
N ILE G 99 46.28 26.35 -62.08
CA ILE G 99 47.57 25.69 -62.26
C ILE G 99 47.86 25.53 -63.74
N PRO G 100 49.11 25.74 -64.18
CA PRO G 100 49.46 25.48 -65.58
C PRO G 100 48.97 24.13 -66.06
N THR G 101 48.19 24.13 -67.14
CA THR G 101 47.53 22.91 -67.62
C THR G 101 48.51 21.75 -67.78
N THR G 102 49.76 22.05 -68.11
CA THR G 102 50.80 21.03 -68.16
C THR G 102 50.90 20.30 -66.83
N CYS G 103 51.37 20.99 -65.80
CA CYS G 103 51.53 20.37 -64.49
C CYS G 103 50.20 20.22 -63.76
N ALA G 104 49.12 20.78 -64.31
CA ALA G 104 47.85 20.73 -63.59
C ALA G 104 47.22 19.36 -63.62
N ASN G 105 47.99 18.31 -63.85
CA ASN G 105 47.49 16.96 -63.60
C ASN G 105 47.61 16.61 -62.13
N ASP G 106 48.77 16.89 -61.53
CA ASP G 106 48.96 16.77 -60.10
C ASP G 106 48.76 18.14 -59.47
N PRO G 107 47.60 18.43 -58.88
CA PRO G 107 47.42 19.76 -58.27
C PRO G 107 48.13 19.89 -56.95
N VAL G 108 48.10 18.85 -56.12
CA VAL G 108 48.63 18.96 -54.77
C VAL G 108 50.15 19.11 -54.79
N GLY G 109 50.82 18.34 -55.66
CA GLY G 109 52.26 18.50 -55.78
C GLY G 109 52.66 19.91 -56.14
N PHE G 110 51.98 20.49 -57.13
CA PHE G 110 52.27 21.86 -57.51
C PHE G 110 52.04 22.80 -56.34
N THR G 111 50.88 22.70 -55.70
CA THR G 111 50.59 23.58 -54.58
C THR G 111 51.65 23.47 -53.49
N LEU G 112 52.22 22.29 -53.30
CA LEU G 112 53.27 22.11 -52.31
C LEU G 112 54.56 22.80 -52.75
N LYS G 113 54.96 22.58 -53.99
CA LYS G 113 56.25 23.12 -54.44
C LYS G 113 56.17 24.62 -54.69
N ASN G 114 55.54 25.00 -55.78
CA ASN G 114 55.60 26.38 -56.26
C ASN G 114 54.89 27.33 -55.28
N THR G 115 55.06 28.62 -55.55
CA THR G 115 54.48 29.68 -54.72
C THR G 115 54.20 30.88 -55.60
N VAL G 116 53.27 31.73 -55.17
CA VAL G 116 52.98 32.94 -55.91
C VAL G 116 53.94 34.04 -55.49
N CYS G 117 54.54 34.71 -56.48
CA CYS G 117 55.31 35.89 -56.19
C CYS G 117 54.41 36.97 -55.61
N THR G 118 54.86 37.58 -54.52
CA THR G 118 54.04 38.57 -53.83
C THR G 118 53.71 39.76 -54.71
N VAL G 119 54.60 40.17 -55.61
CA VAL G 119 54.38 41.33 -56.44
C VAL G 119 53.42 40.98 -57.56
N CYS G 120 53.89 40.20 -58.53
CA CYS G 120 53.06 39.81 -59.67
C CYS G 120 51.85 38.97 -59.27
N GLY G 121 51.81 38.46 -58.04
CA GLY G 121 50.70 37.64 -57.60
C GLY G 121 50.57 36.32 -58.32
N MET G 122 51.53 35.96 -59.16
CA MET G 122 51.47 34.76 -59.97
C MET G 122 52.59 33.82 -59.54
N TRP G 123 52.55 32.61 -60.08
CA TRP G 123 53.52 31.58 -59.70
C TRP G 123 54.92 31.99 -60.11
N LYS G 124 55.88 31.75 -59.22
CA LYS G 124 57.27 32.01 -59.54
C LYS G 124 57.73 31.10 -60.66
N GLY G 125 57.65 31.59 -61.90
CA GLY G 125 57.98 30.81 -63.07
C GLY G 125 56.81 30.56 -64.00
N TYR G 126 55.58 30.79 -63.54
CA TYR G 126 54.41 30.59 -64.38
C TYR G 126 53.33 31.62 -64.09
N GLY G 127 53.60 32.91 -64.25
CA GLY G 127 54.90 33.48 -64.59
C GLY G 127 55.15 34.57 -63.58
N CYS G 128 56.17 35.40 -63.80
CA CYS G 128 56.45 36.46 -62.84
C CYS G 128 57.00 37.68 -63.55
N SER G 129 56.41 38.84 -63.23
CA SER G 129 56.94 40.10 -63.74
C SER G 129 58.27 40.46 -63.11
N CYS G 130 58.46 40.09 -61.84
CA CYS G 130 59.71 40.37 -61.13
C CYS G 130 60.89 39.78 -61.90
N ASP G 131 61.79 40.66 -62.36
CA ASP G 131 62.96 40.25 -63.14
C ASP G 131 62.54 39.51 -64.41
N ASN H 3 33.18 3.00 -57.14
CA ASN H 3 32.85 2.61 -55.77
C ASN H 3 33.27 3.69 -54.80
N VAL H 4 33.15 3.39 -53.50
CA VAL H 4 33.57 4.27 -52.42
C VAL H 4 34.17 3.42 -51.31
N THR H 5 34.70 4.08 -50.29
CA THR H 5 35.16 3.45 -49.07
C THR H 5 34.52 4.14 -47.88
N GLY H 6 34.85 3.66 -46.68
CA GLY H 6 34.43 4.32 -45.47
C GLY H 6 35.45 5.26 -44.89
N LEU H 7 36.61 5.37 -45.53
CA LEU H 7 37.66 6.24 -45.04
C LEU H 7 37.24 7.69 -45.17
N PHE H 8 37.42 8.45 -44.09
CA PHE H 8 37.03 9.86 -44.01
C PHE H 8 35.56 10.07 -44.31
N LYS H 9 34.76 9.03 -44.11
CA LYS H 9 33.33 9.13 -44.30
C LYS H 9 32.73 10.13 -43.34
N ASP H 10 32.16 11.21 -43.88
CA ASP H 10 31.52 12.22 -43.06
C ASP H 10 30.45 11.58 -42.17
N CYS H 11 30.14 12.25 -41.08
CA CYS H 11 29.10 11.79 -40.18
C CYS H 11 28.15 12.87 -39.73
N SER H 12 28.20 14.05 -40.34
CA SER H 12 27.31 15.13 -39.92
C SER H 12 25.88 14.82 -40.35
N LYS H 13 24.93 15.41 -39.63
CA LYS H 13 23.52 15.15 -39.87
C LYS H 13 22.90 16.08 -40.90
N VAL H 14 23.51 17.24 -41.15
CA VAL H 14 22.98 18.14 -42.16
C VAL H 14 23.09 17.49 -43.54
N ILE H 15 22.13 17.81 -44.40
CA ILE H 15 21.98 17.13 -45.68
C ILE H 15 22.64 17.89 -46.82
N THR H 16 22.76 19.20 -46.74
CA THR H 16 23.28 19.98 -47.86
C THR H 16 24.77 19.76 -48.04
N GLY H 17 25.18 19.62 -49.30
CA GLY H 17 26.59 19.53 -49.61
C GLY H 17 27.31 20.82 -49.30
N LEU H 18 28.59 20.85 -49.66
CA LEU H 18 29.44 21.98 -49.34
C LEU H 18 29.69 22.84 -50.58
N HIS H 19 29.92 24.12 -50.33
CA HIS H 19 30.40 25.02 -51.37
C HIS H 19 31.71 24.48 -51.91
N PRO H 20 31.82 24.25 -53.22
CA PRO H 20 33.05 23.67 -53.79
C PRO H 20 34.35 24.23 -53.25
N THR H 21 34.40 25.52 -52.94
CA THR H 21 35.65 26.10 -52.44
C THR H 21 36.03 25.67 -51.04
N GLN H 22 35.13 25.02 -50.32
CA GLN H 22 35.46 24.43 -49.03
C GLN H 22 35.15 22.96 -48.85
N ALA H 23 34.97 22.24 -49.96
CA ALA H 23 34.66 20.82 -49.99
C ALA H 23 35.92 20.03 -50.33
N PRO H 24 36.32 19.11 -49.47
CA PRO H 24 37.60 18.41 -49.66
C PRO H 24 37.69 17.57 -50.92
N THR H 25 36.59 17.15 -51.52
CA THR H 25 36.68 16.28 -52.68
C THR H 25 35.49 16.49 -53.61
N HIS H 26 35.59 15.88 -54.79
CA HIS H 26 34.62 16.01 -55.86
C HIS H 26 33.39 15.16 -55.60
N LEU H 27 33.43 14.34 -54.56
CA LEU H 27 32.28 13.55 -54.16
C LEU H 27 31.55 14.15 -52.99
N SER H 28 32.17 15.11 -52.30
CA SER H 28 31.56 15.72 -51.12
C SER H 28 31.12 17.14 -51.39
N VAL H 29 30.93 17.48 -52.66
CA VAL H 29 30.36 18.77 -53.05
C VAL H 29 28.85 18.61 -53.03
N ASP H 30 28.14 19.71 -53.31
CA ASP H 30 26.69 19.66 -53.31
C ASP H 30 26.48 19.50 -54.80
N THR H 31 25.29 19.07 -55.20
CA THR H 31 24.93 18.98 -56.61
C THR H 31 24.30 20.01 -57.53
N LYS H 32 24.22 21.25 -57.07
CA LYS H 32 23.69 22.34 -57.88
C LYS H 32 24.90 22.78 -58.68
N PHE H 33 26.07 22.72 -58.05
CA PHE H 33 27.31 22.98 -58.77
C PHE H 33 27.71 21.82 -59.66
N LYS H 34 27.14 20.64 -59.46
CA LYS H 34 27.53 19.45 -60.23
C LYS H 34 26.82 19.47 -61.58
N THR H 35 27.50 20.00 -62.59
CA THR H 35 26.99 20.03 -63.95
C THR H 35 27.91 19.17 -64.81
N GLU H 36 27.47 17.94 -65.11
CA GLU H 36 28.23 17.00 -65.93
C GLU H 36 29.60 16.73 -65.30
N GLY H 37 29.57 16.20 -64.07
CA GLY H 37 30.78 15.85 -63.37
C GLY H 37 31.67 17.03 -63.04
N LEU H 38 31.43 18.18 -63.62
CA LEU H 38 32.22 19.38 -63.39
C LEU H 38 31.52 20.23 -62.35
N CYS H 39 32.19 21.30 -61.93
CA CYS H 39 31.66 22.21 -60.92
C CYS H 39 31.59 23.60 -61.51
N VAL H 40 30.47 24.27 -61.25
CA VAL H 40 30.27 25.65 -61.68
C VAL H 40 29.81 26.47 -60.47
N ASP H 41 30.50 27.57 -60.21
CA ASP H 41 30.18 28.44 -59.08
C ASP H 41 28.91 29.21 -59.38
N ILE H 42 27.93 29.09 -58.50
CA ILE H 42 26.65 29.77 -58.67
C ILE H 42 26.58 30.92 -57.67
N PRO H 43 26.93 32.14 -58.07
CA PRO H 43 27.04 33.25 -57.10
C PRO H 43 25.75 33.56 -56.37
N GLY H 44 24.64 32.91 -56.70
CA GLY H 44 23.41 33.11 -55.96
C GLY H 44 23.47 32.59 -54.53
N ILE H 45 24.46 31.76 -54.22
CA ILE H 45 24.61 31.20 -52.88
C ILE H 45 26.03 31.48 -52.40
N PRO H 46 26.22 31.89 -51.15
CA PRO H 46 27.59 32.14 -50.66
C PRO H 46 28.15 30.97 -49.86
N LYS H 47 29.40 31.11 -49.42
CA LYS H 47 30.06 30.11 -48.61
C LYS H 47 29.61 30.25 -47.15
N ASP H 48 29.33 29.11 -46.53
CA ASP H 48 28.99 29.11 -45.12
C ASP H 48 30.18 29.59 -44.31
N MET H 49 29.87 30.14 -43.13
CA MET H 49 30.90 30.57 -42.20
C MET H 49 30.79 29.89 -40.84
N THR H 50 29.99 28.84 -40.72
CA THR H 50 29.92 28.05 -39.50
C THR H 50 29.35 26.68 -39.82
N TYR H 51 30.20 25.66 -39.75
CA TYR H 51 29.77 24.29 -39.94
C TYR H 51 30.80 23.39 -39.27
N ARG H 52 30.33 22.36 -38.59
CA ARG H 52 31.20 21.51 -37.78
C ARG H 52 30.87 20.05 -38.09
N ARG H 53 31.55 19.48 -39.07
CA ARG H 53 31.29 18.13 -39.53
C ARG H 53 32.35 17.20 -38.96
N LEU H 54 31.94 16.27 -38.11
CA LEU H 54 32.83 15.21 -37.67
C LEU H 54 33.23 14.35 -38.86
N ILE H 55 34.44 13.81 -38.83
CA ILE H 55 34.99 13.01 -39.92
C ILE H 55 35.43 11.68 -39.35
N SER H 56 34.71 10.61 -39.69
CA SER H 56 35.08 9.29 -39.22
C SER H 56 36.45 8.91 -39.76
N MET H 57 37.17 8.10 -38.99
CA MET H 57 38.57 7.80 -39.24
C MET H 57 38.82 6.31 -39.25
N MET H 58 38.01 5.56 -39.97
CA MET H 58 38.15 4.12 -40.02
C MET H 58 38.61 3.66 -41.39
N GLY H 59 38.97 2.39 -41.47
CA GLY H 59 39.47 1.81 -42.69
C GLY H 59 40.68 2.54 -43.22
N PHE H 60 41.84 2.31 -42.62
CA PHE H 60 43.02 3.08 -42.99
C PHE H 60 43.85 2.41 -44.05
N LYS H 61 44.00 1.09 -44.00
CA LYS H 61 44.63 0.34 -45.07
C LYS H 61 46.04 0.69 -45.53
N MET H 62 47.02 0.59 -44.65
CA MET H 62 48.40 0.90 -44.98
C MET H 62 49.52 -0.03 -45.43
N ASN H 63 49.60 -0.25 -46.74
CA ASN H 63 50.51 -1.22 -47.32
C ASN H 63 51.27 -0.64 -48.51
N TYR H 64 52.23 0.22 -48.22
CA TYR H 64 52.91 1.03 -49.22
C TYR H 64 54.31 0.47 -49.41
N GLN H 65 55.08 1.10 -50.28
CA GLN H 65 56.46 0.70 -50.53
C GLN H 65 57.27 1.97 -50.81
N VAL H 66 57.86 2.54 -49.78
CA VAL H 66 58.73 3.69 -49.93
C VAL H 66 60.11 3.27 -49.44
N ASN H 67 61.17 3.86 -50.00
CA ASN H 67 62.50 3.33 -49.74
C ASN H 67 63.04 3.75 -48.39
N GLY H 68 62.64 4.92 -47.89
CA GLY H 68 63.22 5.39 -46.65
C GLY H 68 62.49 4.94 -45.40
N TYR H 69 61.34 4.30 -45.56
CA TYR H 69 60.44 4.07 -44.45
C TYR H 69 60.36 2.58 -44.17
N PRO H 70 60.30 2.18 -42.91
CA PRO H 70 60.26 0.76 -42.57
C PRO H 70 58.84 0.23 -42.56
N ASN H 71 58.71 -1.06 -42.83
CA ASN H 71 57.40 -1.71 -42.83
C ASN H 71 56.78 -1.63 -41.45
N MET H 72 55.46 -1.59 -41.39
CA MET H 72 54.75 -1.55 -40.12
C MET H 72 54.10 -2.87 -39.75
N PHE H 73 53.64 -3.64 -40.72
CA PHE H 73 53.21 -5.00 -40.47
C PHE H 73 54.32 -5.96 -40.86
N ILE H 74 54.75 -6.78 -39.90
CA ILE H 74 55.86 -7.68 -40.13
C ILE H 74 55.34 -9.10 -40.25
N THR H 75 56.19 -9.96 -40.82
CA THR H 75 55.82 -11.34 -41.08
C THR H 75 55.87 -12.15 -39.80
N ARG H 76 55.71 -13.47 -39.92
CA ARG H 76 55.71 -14.32 -38.74
C ARG H 76 57.11 -14.58 -38.23
N GLU H 77 58.08 -14.75 -39.14
CA GLU H 77 59.44 -15.03 -38.70
C GLU H 77 60.07 -13.83 -38.03
N GLU H 78 59.91 -12.66 -38.64
CA GLU H 78 60.44 -11.43 -38.05
C GLU H 78 59.78 -11.14 -36.71
N ALA H 79 58.66 -11.79 -36.41
CA ALA H 79 58.06 -11.63 -35.10
C ALA H 79 58.57 -12.68 -34.13
N ILE H 80 58.75 -13.91 -34.61
CA ILE H 80 59.34 -14.95 -33.78
C ILE H 80 60.69 -14.50 -33.25
N ARG H 81 61.48 -13.86 -34.10
CA ARG H 81 62.79 -13.41 -33.68
C ARG H 81 62.68 -12.39 -32.56
N HIS H 82 61.72 -11.48 -32.67
CA HIS H 82 61.60 -10.39 -31.71
C HIS H 82 60.49 -10.64 -30.71
N VAL H 83 60.55 -11.76 -30.01
CA VAL H 83 59.77 -11.89 -28.77
C VAL H 83 60.54 -11.00 -27.79
N ARG H 84 60.12 -10.97 -26.54
CA ARG H 84 60.61 -10.02 -25.53
C ARG H 84 59.96 -8.67 -25.76
N ALA H 85 59.53 -8.40 -26.99
CA ALA H 85 58.98 -7.11 -27.36
C ALA H 85 57.49 -7.16 -27.67
N TRP H 86 56.84 -8.30 -27.50
CA TRP H 86 55.42 -8.38 -27.80
C TRP H 86 54.61 -7.77 -26.67
N ILE H 87 53.59 -7.01 -27.03
CA ILE H 87 52.66 -6.43 -26.06
C ILE H 87 51.28 -6.50 -26.66
N GLY H 88 50.35 -7.12 -25.95
CA GLY H 88 48.99 -7.19 -26.44
C GLY H 88 48.38 -5.82 -26.61
N PHE H 89 47.20 -5.77 -27.23
CA PHE H 89 46.52 -4.51 -27.40
C PHE H 89 45.05 -4.76 -27.69
N ASP H 90 44.20 -4.05 -26.98
CA ASP H 90 42.76 -4.10 -27.25
C ASP H 90 42.17 -2.75 -26.90
N VAL H 91 41.10 -2.39 -27.61
CA VAL H 91 40.39 -1.14 -27.39
C VAL H 91 38.91 -1.42 -27.26
N GLU H 92 38.22 -0.55 -26.53
CA GLU H 92 36.77 -0.54 -26.48
C GLU H 92 36.26 0.76 -27.06
N GLY H 93 35.03 0.75 -27.55
CA GLY H 93 34.51 1.83 -28.36
C GLY H 93 33.32 2.54 -27.75
N CYS H 94 32.78 3.47 -28.52
CA CYS H 94 31.57 4.21 -28.17
C CYS H 94 31.10 4.90 -29.43
N HIS H 95 29.78 5.09 -29.53
CA HIS H 95 29.18 5.65 -30.73
C HIS H 95 28.87 7.13 -30.52
N ALA H 96 28.93 7.88 -31.61
CA ALA H 96 28.57 9.29 -31.59
C ALA H 96 27.08 9.57 -31.57
N THR H 97 26.65 10.58 -30.81
CA THR H 97 25.22 10.76 -30.61
C THR H 97 24.47 11.86 -31.36
N ARG H 98 24.55 13.09 -30.87
CA ARG H 98 23.59 14.11 -31.28
C ARG H 98 24.00 14.79 -32.58
N GLU H 99 25.09 15.54 -32.55
CA GLU H 99 25.49 16.34 -33.71
C GLU H 99 26.10 15.50 -34.83
N ALA H 100 26.15 14.18 -34.66
CA ALA H 100 26.66 13.28 -35.68
C ALA H 100 26.35 11.86 -35.25
N VAL H 101 26.41 10.93 -36.21
CA VAL H 101 26.17 9.53 -35.93
C VAL H 101 26.82 8.71 -37.03
N GLY H 102 27.26 7.50 -36.68
CA GLY H 102 27.78 6.59 -37.67
C GLY H 102 29.25 6.25 -37.52
N THR H 103 29.85 6.61 -36.39
CA THR H 103 31.27 6.38 -36.20
C THR H 103 31.52 6.04 -34.73
N ASN H 104 32.68 5.43 -34.47
CA ASN H 104 33.07 5.02 -33.13
C ASN H 104 34.26 5.83 -32.68
N LEU H 105 34.36 6.03 -31.37
CA LEU H 105 35.47 6.73 -30.77
C LEU H 105 36.14 5.85 -29.73
N PRO H 106 37.46 5.90 -29.60
CA PRO H 106 38.13 5.09 -28.59
C PRO H 106 37.77 5.59 -27.20
N LEU H 107 37.61 4.64 -26.27
CA LEU H 107 37.22 4.98 -24.91
C LEU H 107 38.18 4.37 -23.91
N GLN H 108 38.21 3.05 -23.83
CA GLN H 108 39.13 2.38 -22.91
C GLN H 108 40.20 1.65 -23.69
N LEU H 109 41.43 1.79 -23.22
CA LEU H 109 42.57 1.13 -23.84
C LEU H 109 43.12 0.12 -22.86
N GLY H 110 43.63 -0.99 -23.37
CA GLY H 110 44.17 -2.04 -22.53
C GLY H 110 45.34 -2.73 -23.19
N PHE H 111 46.37 -3.01 -22.40
CA PHE H 111 47.59 -3.62 -22.90
C PHE H 111 47.83 -4.93 -22.19
N SER H 112 48.88 -5.63 -22.62
CA SER H 112 49.21 -6.91 -21.99
C SER H 112 49.55 -6.71 -20.53
N THR H 113 50.22 -5.62 -20.19
CA THR H 113 50.35 -5.25 -18.80
C THR H 113 48.93 -4.96 -18.35
N GLY H 114 48.70 -5.03 -17.05
CA GLY H 114 47.34 -4.95 -16.57
C GLY H 114 46.92 -3.50 -16.43
N VAL H 115 47.23 -2.66 -17.43
CA VAL H 115 46.87 -1.26 -17.30
C VAL H 115 45.66 -0.94 -18.17
N ASN H 116 44.81 -0.05 -17.66
CA ASN H 116 43.56 0.32 -18.32
C ASN H 116 43.45 1.85 -18.23
N LEU H 117 43.52 2.49 -19.38
CA LEU H 117 43.33 3.93 -19.43
C LEU H 117 41.99 4.26 -20.06
N VAL H 118 41.33 5.29 -19.54
CA VAL H 118 40.08 5.77 -20.09
C VAL H 118 40.31 7.20 -20.56
N ALA H 119 39.69 7.55 -21.69
CA ALA H 119 39.90 8.85 -22.30
C ALA H 119 38.55 9.44 -22.68
N VAL H 120 38.42 10.75 -22.53
CA VAL H 120 37.19 11.44 -22.92
C VAL H 120 37.02 11.27 -24.42
N PRO H 121 35.79 11.21 -24.93
CA PRO H 121 35.59 11.02 -26.38
C PRO H 121 35.97 12.29 -27.12
N THR H 122 36.88 12.16 -28.09
CA THR H 122 37.31 13.29 -28.90
C THR H 122 37.38 12.84 -30.36
N GLY H 123 37.18 13.79 -31.26
CA GLY H 123 37.15 13.46 -32.67
C GLY H 123 37.61 14.65 -33.48
N TYR H 124 37.71 14.43 -34.78
CA TYR H 124 38.28 15.39 -35.71
C TYR H 124 37.16 16.14 -36.41
N VAL H 125 37.00 17.41 -36.06
CA VAL H 125 35.91 18.25 -36.54
C VAL H 125 36.46 19.26 -37.53
N ASP H 126 35.62 19.72 -38.45
CA ASP H 126 36.02 20.72 -39.41
C ASP H 126 35.45 22.09 -39.04
N THR H 127 36.06 23.12 -39.60
CA THR H 127 35.64 24.50 -39.46
C THR H 127 35.87 25.19 -40.79
N PRO H 128 35.16 26.28 -41.05
CA PRO H 128 35.35 26.99 -42.33
C PRO H 128 36.78 27.41 -42.60
N ASN H 129 37.63 27.48 -41.57
CA ASN H 129 39.03 27.83 -41.76
C ASN H 129 39.97 26.63 -41.70
N ASN H 130 39.77 25.71 -40.76
CA ASN H 130 40.61 24.52 -40.68
C ASN H 130 39.89 23.33 -40.09
N THR H 131 40.63 22.27 -39.82
CA THR H 131 40.14 21.13 -39.07
C THR H 131 40.49 21.29 -37.60
N ASP H 132 40.05 20.33 -36.79
CA ASP H 132 40.06 20.57 -35.36
C ASP H 132 39.98 19.24 -34.61
N PHE H 133 40.71 19.17 -33.51
CA PHE H 133 40.68 18.03 -32.61
C PHE H 133 39.95 18.47 -31.35
N SER H 134 38.67 18.16 -31.25
CA SER H 134 37.87 18.68 -30.16
C SER H 134 37.06 17.57 -29.53
N ARG H 135 36.38 17.91 -28.43
CA ARG H 135 35.62 16.98 -27.65
C ARG H 135 34.19 16.88 -28.17
N VAL H 136 33.70 15.65 -28.30
CA VAL H 136 32.39 15.39 -28.89
C VAL H 136 31.60 14.50 -27.93
N SER H 137 30.28 14.56 -28.04
CA SER H 137 29.41 13.76 -27.18
C SER H 137 29.20 12.37 -27.78
N ALA H 138 28.95 11.40 -26.92
CA ALA H 138 28.89 10.01 -27.34
C ALA H 138 28.06 9.22 -26.34
N LYS H 139 27.94 7.92 -26.57
CA LYS H 139 27.18 7.03 -25.72
C LYS H 139 27.68 5.60 -25.92
N PRO H 140 27.48 4.73 -24.94
CA PRO H 140 28.02 3.37 -25.05
C PRO H 140 27.21 2.55 -26.04
N PRO H 141 27.71 1.38 -26.43
CA PRO H 141 26.95 0.52 -27.33
C PRO H 141 25.73 -0.05 -26.63
N PRO H 142 24.63 -0.24 -27.36
CA PRO H 142 23.40 -0.74 -26.72
C PRO H 142 23.51 -2.18 -26.25
N GLY H 143 24.57 -2.89 -26.58
CA GLY H 143 24.75 -4.24 -26.09
C GLY H 143 24.67 -4.32 -24.59
N ASP H 144 24.02 -5.37 -24.07
CA ASP H 144 23.80 -5.46 -22.63
C ASP H 144 25.10 -5.76 -21.89
N GLN H 145 25.87 -6.73 -22.37
CA GLN H 145 27.15 -7.06 -21.75
C GLN H 145 28.09 -5.86 -21.69
N PHE H 146 27.87 -4.86 -22.52
CA PHE H 146 28.64 -3.62 -22.46
C PHE H 146 28.13 -2.67 -21.40
N LYS H 147 27.28 -3.12 -20.48
CA LYS H 147 26.76 -2.22 -19.46
C LYS H 147 27.86 -1.78 -18.50
N HIS H 148 28.92 -2.55 -18.36
CA HIS H 148 30.01 -2.17 -17.48
C HIS H 148 30.79 -0.99 -18.05
N LEU H 149 30.22 -0.33 -19.06
CA LEU H 149 30.78 0.87 -19.65
C LEU H 149 30.00 2.13 -19.34
N ILE H 150 28.81 2.01 -18.79
CA ILE H 150 27.98 3.19 -18.53
C ILE H 150 28.68 4.15 -17.57
N PRO H 151 29.20 3.71 -16.42
CA PRO H 151 29.80 4.69 -15.50
C PRO H 151 31.06 5.33 -16.03
N LEU H 152 31.71 4.72 -17.01
CA LEU H 152 33.03 5.18 -17.42
C LEU H 152 32.99 6.47 -18.22
N MET H 153 31.81 6.94 -18.62
CA MET H 153 31.78 8.04 -19.57
C MET H 153 32.03 9.40 -18.93
N TYR H 154 32.23 9.45 -17.62
CA TYR H 154 32.46 10.72 -16.94
C TYR H 154 33.77 10.63 -16.15
N LYS H 155 34.58 9.63 -16.46
CA LYS H 155 35.83 9.46 -15.72
C LYS H 155 37.04 9.64 -16.65
N GLY H 156 36.81 10.19 -17.83
CA GLY H 156 37.87 10.28 -18.80
C GLY H 156 38.98 11.24 -18.41
N LEU H 157 40.00 11.29 -19.26
CA LEU H 157 41.14 12.16 -19.15
C LEU H 157 41.37 12.90 -20.46
N PRO H 158 41.86 14.13 -20.43
CA PRO H 158 42.28 14.79 -21.67
C PRO H 158 43.37 13.97 -22.33
N TRP H 159 43.38 13.97 -23.66
CA TRP H 159 44.17 12.99 -24.38
C TRP H 159 45.66 13.12 -24.16
N ASN H 160 46.17 14.34 -23.98
CA ASN H 160 47.61 14.52 -23.85
C ASN H 160 48.14 13.79 -22.64
N VAL H 161 47.40 13.86 -21.52
CA VAL H 161 47.76 13.06 -20.36
C VAL H 161 47.84 11.58 -20.72
N VAL H 162 46.88 11.11 -21.52
CA VAL H 162 46.82 9.69 -21.83
C VAL H 162 48.03 9.28 -22.65
N ARG H 163 48.39 10.07 -23.66
CA ARG H 163 49.50 9.65 -24.50
C ARG H 163 50.82 9.73 -23.75
N ILE H 164 50.97 10.71 -22.87
CA ILE H 164 52.18 10.75 -22.06
C ILE H 164 52.26 9.51 -21.17
N LYS H 165 51.14 9.15 -20.54
CA LYS H 165 51.13 7.96 -19.69
C LYS H 165 51.48 6.72 -20.50
N ILE H 166 51.01 6.65 -21.74
CA ILE H 166 51.28 5.46 -22.55
C ILE H 166 52.76 5.36 -22.86
N VAL H 167 53.35 6.46 -23.33
CA VAL H 167 54.78 6.45 -23.59
C VAL H 167 55.55 6.03 -22.36
N GLN H 168 55.13 6.53 -21.21
CA GLN H 168 55.87 6.21 -20.00
C GLN H 168 55.71 4.75 -19.58
N MET H 169 54.50 4.20 -19.71
CA MET H 169 54.30 2.80 -19.37
C MET H 169 55.14 1.90 -20.26
N LEU H 170 55.08 2.11 -21.56
CA LEU H 170 55.91 1.33 -22.47
C LEU H 170 57.38 1.48 -22.11
N SER H 171 57.81 2.71 -21.83
CA SER H 171 59.22 2.95 -21.58
C SER H 171 59.71 2.20 -20.35
N ASP H 172 58.89 2.16 -19.32
CA ASP H 172 59.49 1.41 -18.21
C ASP H 172 59.06 -0.03 -18.18
N THR H 173 58.30 -0.51 -19.16
CA THR H 173 58.16 -1.95 -19.34
C THR H 173 59.27 -2.54 -20.19
N LEU H 174 59.76 -1.81 -21.20
CA LEU H 174 60.64 -2.38 -22.18
C LEU H 174 62.06 -1.85 -22.18
N LYS H 175 62.43 -0.96 -21.26
CA LYS H 175 63.73 -0.30 -21.38
C LYS H 175 64.87 -1.29 -21.27
N ASN H 176 64.67 -2.43 -20.61
CA ASN H 176 65.73 -3.38 -20.37
C ASN H 176 65.62 -4.63 -21.22
N LEU H 177 64.70 -4.68 -22.17
CA LEU H 177 64.49 -5.88 -22.96
C LEU H 177 64.83 -5.55 -24.41
N SER H 178 63.93 -4.93 -25.15
CA SER H 178 64.15 -4.74 -26.58
C SER H 178 64.59 -3.31 -26.85
N ASP H 179 64.55 -2.94 -28.13
CA ASP H 179 64.74 -1.57 -28.57
C ASP H 179 63.62 -1.15 -29.49
N ARG H 180 62.50 -1.86 -29.43
CA ARG H 180 61.33 -1.55 -30.24
C ARG H 180 60.10 -1.98 -29.48
N VAL H 181 59.01 -2.14 -30.21
CA VAL H 181 57.79 -2.70 -29.67
C VAL H 181 56.98 -3.23 -30.84
N VAL H 182 56.44 -4.43 -30.71
CA VAL H 182 55.52 -4.98 -31.69
C VAL H 182 54.22 -5.29 -30.96
N PHE H 183 53.12 -4.80 -31.50
CA PHE H 183 51.81 -4.94 -30.89
C PHE H 183 51.17 -6.17 -31.50
N VAL H 184 50.70 -7.09 -30.67
CA VAL H 184 49.87 -8.16 -31.18
C VAL H 184 48.41 -7.76 -30.99
N LEU H 185 47.61 -7.96 -32.03
CA LEU H 185 46.23 -7.51 -31.98
C LEU H 185 45.35 -8.46 -32.78
N TRP H 186 44.05 -8.30 -32.60
CA TRP H 186 43.08 -9.21 -33.19
C TRP H 186 42.22 -8.48 -34.21
N ALA H 187 41.23 -7.73 -33.74
CA ALA H 187 40.33 -7.01 -34.63
C ALA H 187 41.05 -5.85 -35.30
N HIS H 188 42.11 -6.18 -36.03
CA HIS H 188 43.11 -5.27 -36.58
C HIS H 188 42.62 -3.86 -36.91
N GLY H 189 41.49 -3.76 -37.60
CA GLY H 189 41.01 -2.49 -38.09
C GLY H 189 40.81 -1.40 -37.05
N PHE H 190 40.03 -1.69 -36.01
CA PHE H 190 39.71 -0.64 -35.04
C PHE H 190 40.92 -0.23 -34.22
N GLU H 191 41.82 -1.17 -33.93
CA GLU H 191 43.03 -0.79 -33.23
C GLU H 191 43.90 0.12 -34.10
N LEU H 192 44.02 -0.21 -35.39
CA LEU H 192 44.76 0.68 -36.27
C LEU H 192 44.11 2.04 -36.32
N THR H 193 42.78 2.08 -36.24
CA THR H 193 42.07 3.35 -36.17
C THR H 193 42.45 4.12 -34.93
N SER H 194 42.49 3.44 -33.79
CA SER H 194 42.79 4.10 -32.52
C SER H 194 44.21 4.61 -32.49
N MET H 195 45.13 3.93 -33.17
CA MET H 195 46.52 4.35 -33.11
C MET H 195 46.81 5.62 -33.89
N LYS H 196 45.79 6.27 -34.44
CA LYS H 196 45.97 7.63 -34.93
C LYS H 196 46.26 8.58 -33.78
N TYR H 197 45.74 8.29 -32.60
CA TYR H 197 45.81 9.27 -31.52
C TYR H 197 47.26 9.40 -31.10
N PHE H 198 47.97 8.31 -30.82
CA PHE H 198 49.35 8.46 -30.36
C PHE H 198 50.52 7.85 -31.12
N VAL H 199 50.44 7.75 -32.44
CA VAL H 199 51.54 7.20 -33.20
C VAL H 199 51.95 8.16 -34.31
N LYS H 200 53.23 8.09 -34.69
CA LYS H 200 53.79 8.93 -35.74
C LYS H 200 54.85 8.10 -36.44
N ILE H 201 54.78 7.98 -37.76
CA ILE H 201 55.76 7.18 -38.48
C ILE H 201 56.63 8.08 -39.35
N GLY H 202 57.74 7.51 -39.83
CA GLY H 202 58.71 8.29 -40.56
C GLY H 202 60.02 7.54 -40.66
N PRO H 203 60.99 8.11 -41.37
CA PRO H 203 62.23 7.40 -41.65
C PRO H 203 62.98 7.07 -40.37
N GLU H 204 63.85 6.08 -40.48
CA GLU H 204 64.56 5.58 -39.32
C GLU H 204 65.49 6.66 -38.77
N ARG H 205 65.53 6.77 -37.44
CA ARG H 205 66.34 7.79 -36.81
C ARG H 205 67.00 7.21 -35.57
N THR H 206 68.05 7.88 -35.11
CA THR H 206 68.75 7.51 -33.91
C THR H 206 68.49 8.55 -32.82
N CYS H 207 68.64 8.12 -31.57
CA CYS H 207 68.30 8.96 -30.45
C CYS H 207 69.18 10.19 -30.38
N CYS H 208 68.86 11.13 -29.51
CA CYS H 208 69.74 12.23 -29.19
C CYS H 208 70.25 12.00 -27.79
N LEU H 209 71.54 12.27 -27.57
CA LEU H 209 72.24 12.06 -26.31
C LEU H 209 72.25 10.59 -25.89
N CYS H 210 71.85 9.70 -26.78
CA CYS H 210 72.01 8.26 -26.60
C CYS H 210 72.21 7.73 -28.02
N ASP H 211 72.67 6.50 -28.21
CA ASP H 211 72.88 5.97 -29.55
C ASP H 211 71.95 4.93 -30.17
N ARG H 212 71.11 4.32 -29.34
CA ARG H 212 70.18 3.31 -29.82
C ARG H 212 69.08 3.94 -30.65
N ARG H 213 68.37 3.11 -31.40
CA ARG H 213 67.34 3.61 -32.29
C ARG H 213 66.29 4.35 -31.48
N ALA H 214 65.70 5.38 -32.08
CA ALA H 214 64.79 6.26 -31.37
C ALA H 214 63.36 5.76 -31.50
N THR H 215 62.63 5.77 -30.38
CA THR H 215 61.27 5.29 -30.34
C THR H 215 60.32 6.22 -29.62
N CYS H 216 60.59 7.52 -29.63
CA CYS H 216 59.72 8.49 -29.01
C CYS H 216 59.78 9.78 -29.80
N PHE H 217 58.72 10.57 -29.72
CA PHE H 217 58.69 11.85 -30.41
C PHE H 217 58.08 12.88 -29.49
N SER H 218 58.64 14.08 -29.49
CA SER H 218 58.07 15.20 -28.77
C SER H 218 57.64 16.27 -29.76
N THR H 219 56.39 16.72 -29.63
CA THR H 219 55.89 17.72 -30.57
C THR H 219 56.41 19.11 -30.22
N ALA H 220 56.45 19.44 -28.93
CA ALA H 220 56.91 20.75 -28.51
C ALA H 220 58.33 21.02 -28.99
N SER H 221 59.28 20.28 -28.45
CA SER H 221 60.69 20.51 -28.75
C SER H 221 61.13 19.93 -30.10
N ASP H 222 60.32 19.04 -30.69
CA ASP H 222 60.67 18.35 -31.92
C ASP H 222 62.02 17.65 -31.78
N THR H 223 62.03 16.51 -31.07
CA THR H 223 63.25 15.77 -30.81
C THR H 223 62.87 14.34 -30.51
N TYR H 224 63.80 13.42 -30.73
CA TYR H 224 63.50 12.01 -30.52
C TYR H 224 64.16 11.51 -29.25
N ALA H 225 63.93 10.24 -28.92
CA ALA H 225 64.51 9.68 -27.72
C ALA H 225 64.49 8.16 -27.81
N CYS H 226 65.36 7.52 -27.03
CA CYS H 226 65.32 6.06 -26.90
C CYS H 226 64.28 5.71 -25.85
N TRP H 227 64.40 4.53 -25.24
CA TRP H 227 63.49 4.23 -24.13
C TRP H 227 63.96 4.86 -22.83
N HIS H 228 65.27 4.89 -22.60
CA HIS H 228 65.81 5.35 -21.34
C HIS H 228 65.61 6.85 -21.16
N HIS H 229 65.95 7.62 -22.18
CA HIS H 229 65.94 9.08 -22.09
C HIS H 229 64.67 9.68 -22.64
N SER H 230 63.52 9.16 -22.27
CA SER H 230 62.25 9.62 -22.83
C SER H 230 61.32 10.02 -21.70
N ILE H 231 61.46 11.26 -21.23
CA ILE H 231 60.55 11.85 -20.27
C ILE H 231 60.01 13.14 -20.85
N GLY H 232 58.68 13.26 -20.85
CA GLY H 232 58.05 14.43 -21.42
C GLY H 232 57.75 14.28 -22.89
N PHE H 233 58.17 13.18 -23.49
CA PHE H 233 57.82 12.89 -24.87
C PHE H 233 56.54 12.08 -25.07
N ASP H 234 55.73 12.48 -26.04
CA ASP H 234 54.43 11.85 -26.17
C ASP H 234 53.95 11.28 -27.50
N TYR H 235 54.81 10.54 -28.20
CA TYR H 235 54.42 9.87 -29.43
C TYR H 235 55.35 8.68 -29.58
N VAL H 236 54.80 7.53 -29.94
CA VAL H 236 55.65 6.39 -30.26
C VAL H 236 56.01 6.60 -31.72
N TYR H 237 57.29 6.39 -32.04
CA TYR H 237 57.77 6.80 -33.35
C TYR H 237 57.79 5.71 -34.40
N ASN H 238 57.83 4.46 -34.02
CA ASN H 238 57.88 3.48 -35.08
C ASN H 238 57.51 2.11 -34.54
N PRO H 239 56.26 1.90 -34.15
CA PRO H 239 55.86 0.61 -33.64
C PRO H 239 55.83 -0.39 -34.78
N PHE H 240 55.70 -1.65 -34.42
CA PHE H 240 55.50 -2.71 -35.40
C PHE H 240 54.24 -3.44 -34.99
N MET H 241 53.67 -4.19 -35.90
CA MET H 241 52.38 -4.79 -35.61
C MET H 241 52.35 -6.24 -36.04
N ILE H 242 51.23 -6.88 -35.74
CA ILE H 242 51.03 -8.28 -36.03
C ILE H 242 49.54 -8.56 -35.94
N ASP H 243 49.03 -9.42 -36.82
CA ASP H 243 47.62 -9.74 -36.84
C ASP H 243 47.45 -11.22 -36.54
N VAL H 244 47.05 -11.54 -35.32
CA VAL H 244 46.97 -12.93 -34.92
C VAL H 244 45.85 -13.65 -35.66
N GLN H 245 44.68 -13.02 -35.74
CA GLN H 245 43.57 -13.63 -36.44
C GLN H 245 43.86 -13.84 -37.91
N GLN H 246 44.81 -13.09 -38.47
CA GLN H 246 45.22 -13.30 -39.85
C GLN H 246 45.80 -14.69 -40.06
N TRP H 247 46.27 -15.34 -39.01
CA TRP H 247 47.02 -16.59 -39.15
C TRP H 247 46.15 -17.80 -39.38
N GLY H 248 44.92 -17.61 -39.83
CA GLY H 248 44.05 -18.73 -40.06
C GLY H 248 43.34 -19.17 -38.80
N PHE H 249 42.50 -18.30 -38.26
CA PHE H 249 41.68 -18.62 -37.10
C PHE H 249 40.23 -18.31 -37.46
N THR H 250 39.30 -18.95 -36.75
CA THR H 250 37.91 -18.88 -37.13
C THR H 250 36.87 -18.00 -36.46
N GLY H 251 36.62 -18.25 -35.17
CA GLY H 251 35.56 -17.56 -34.46
C GLY H 251 36.27 -16.54 -33.60
N ASN H 252 35.54 -15.99 -32.63
CA ASN H 252 36.12 -15.00 -31.73
C ASN H 252 37.29 -15.61 -30.97
N LEU H 253 38.18 -14.75 -30.51
CA LEU H 253 39.37 -15.24 -29.82
C LEU H 253 39.02 -15.85 -28.47
N GLN H 254 37.84 -15.54 -27.93
CA GLN H 254 37.44 -16.15 -26.67
C GLN H 254 37.39 -17.67 -26.80
N SER H 255 36.62 -18.17 -27.77
CA SER H 255 36.48 -19.61 -27.94
C SER H 255 37.80 -20.25 -28.35
N ASN H 256 38.61 -19.53 -29.10
CA ASN H 256 39.88 -20.07 -29.56
C ASN H 256 40.85 -20.24 -28.40
N HIS H 257 41.01 -19.18 -27.59
CA HIS H 257 41.85 -19.24 -26.41
C HIS H 257 41.35 -20.28 -25.44
N ASP H 258 40.03 -20.41 -25.32
CA ASP H 258 39.44 -21.31 -24.34
C ASP H 258 39.86 -22.74 -24.57
N LEU H 259 40.43 -23.02 -25.74
CA LEU H 259 40.84 -24.39 -26.06
C LEU H 259 41.91 -24.88 -25.11
N TYR H 260 42.99 -24.11 -24.95
CA TYR H 260 44.14 -24.58 -24.21
C TYR H 260 44.22 -23.95 -22.82
N CYS H 261 44.50 -22.66 -22.77
CA CYS H 261 44.72 -21.99 -21.50
C CYS H 261 43.43 -21.88 -20.71
N GLN H 262 43.36 -22.61 -19.60
CA GLN H 262 42.27 -22.47 -18.64
C GLN H 262 42.63 -21.55 -17.49
N VAL H 263 43.69 -20.77 -17.64
CA VAL H 263 44.14 -19.84 -16.60
C VAL H 263 43.46 -18.50 -16.80
N HIS H 264 43.81 -17.80 -17.88
CA HIS H 264 43.27 -16.47 -18.11
C HIS H 264 41.75 -16.51 -18.26
N GLY H 265 41.04 -16.22 -17.19
CA GLY H 265 39.61 -16.02 -17.27
C GLY H 265 39.30 -14.72 -18.00
N ASN H 266 38.06 -14.26 -17.87
CA ASN H 266 37.67 -13.01 -18.50
C ASN H 266 36.97 -12.12 -17.48
N ALA H 267 37.76 -11.39 -16.70
CA ALA H 267 37.23 -10.22 -16.03
C ALA H 267 36.99 -9.14 -17.07
N HIS H 268 35.80 -8.53 -17.02
CA HIS H 268 35.31 -7.74 -18.14
C HIS H 268 36.02 -6.39 -18.18
N VAL H 269 37.16 -6.36 -18.86
CA VAL H 269 37.91 -5.15 -19.16
C VAL H 269 38.48 -5.29 -20.56
N ALA H 270 39.54 -4.53 -20.85
CA ALA H 270 40.25 -4.66 -22.12
C ALA H 270 41.59 -5.37 -21.96
N SER H 271 42.28 -5.13 -20.85
CA SER H 271 43.54 -5.81 -20.60
C SER H 271 43.36 -7.33 -20.65
N CYS H 272 42.19 -7.81 -20.27
CA CYS H 272 41.93 -9.24 -20.34
C CYS H 272 42.03 -9.73 -21.78
N ASP H 273 41.41 -9.02 -22.72
CA ASP H 273 41.52 -9.38 -24.13
C ASP H 273 42.96 -9.30 -24.59
N ALA H 274 43.68 -8.27 -24.15
CA ALA H 274 45.08 -8.16 -24.56
C ALA H 274 45.87 -9.38 -24.12
N ILE H 275 45.69 -9.78 -22.85
CA ILE H 275 46.45 -10.92 -22.33
C ILE H 275 46.07 -12.19 -23.07
N MET H 276 44.78 -12.38 -23.36
CA MET H 276 44.37 -13.57 -24.09
C MET H 276 44.99 -13.61 -25.47
N THR H 277 45.00 -12.47 -26.17
CA THR H 277 45.60 -12.42 -27.50
C THR H 277 47.07 -12.79 -27.45
N ARG H 278 47.80 -12.23 -26.50
CA ARG H 278 49.23 -12.54 -26.45
C ARG H 278 49.46 -13.99 -26.06
N CYS H 279 48.67 -14.51 -25.12
CA CYS H 279 48.76 -15.92 -24.73
C CYS H 279 48.57 -16.82 -25.95
N LEU H 280 47.56 -16.53 -26.74
CA LEU H 280 47.30 -17.32 -27.94
C LEU H 280 48.48 -17.23 -28.90
N ALA H 281 48.98 -16.02 -29.15
CA ALA H 281 50.09 -15.87 -30.08
C ALA H 281 51.31 -16.63 -29.60
N VAL H 282 51.52 -16.72 -28.29
CA VAL H 282 52.66 -17.48 -27.78
C VAL H 282 52.44 -18.96 -28.03
N HIS H 283 51.22 -19.44 -27.79
CA HIS H 283 50.93 -20.84 -28.06
C HIS H 283 51.24 -21.18 -29.51
N GLU H 284 50.77 -20.34 -30.43
CA GLU H 284 50.78 -20.73 -31.84
C GLU H 284 52.17 -20.92 -32.39
N CYS H 285 53.19 -20.45 -31.68
CA CYS H 285 54.53 -20.40 -32.26
C CYS H 285 55.59 -21.03 -31.38
N PHE H 286 55.24 -21.46 -30.17
CA PHE H 286 56.30 -21.82 -29.24
C PHE H 286 56.06 -23.10 -28.46
N VAL H 287 54.80 -23.52 -28.32
CA VAL H 287 54.54 -24.76 -27.59
C VAL H 287 54.99 -25.98 -28.37
N LYS H 288 55.48 -25.78 -29.59
CA LYS H 288 55.99 -26.88 -30.38
C LYS H 288 57.34 -27.35 -29.83
N ARG H 289 58.11 -28.02 -30.67
CA ARG H 289 59.46 -28.37 -30.29
C ARG H 289 60.38 -27.16 -30.45
N VAL H 290 61.39 -27.08 -29.60
CA VAL H 290 62.27 -25.92 -29.53
C VAL H 290 63.22 -25.95 -30.71
N ASP H 291 63.40 -24.81 -31.35
CA ASP H 291 64.37 -24.68 -32.44
C ASP H 291 65.75 -24.40 -31.87
N TRP H 292 66.77 -24.82 -32.61
CA TRP H 292 68.15 -24.53 -32.25
C TRP H 292 68.81 -23.54 -33.18
N THR H 293 68.11 -23.09 -34.23
CA THR H 293 68.72 -22.14 -35.15
C THR H 293 68.41 -20.70 -34.76
N ILE H 294 67.41 -20.50 -33.90
CA ILE H 294 67.08 -19.15 -33.47
C ILE H 294 68.00 -18.73 -32.33
N GLU H 295 68.52 -17.51 -32.43
CA GLU H 295 69.42 -16.97 -31.42
C GLU H 295 68.76 -15.76 -30.77
N TYR H 296 69.34 -15.30 -29.66
CA TYR H 296 68.88 -14.09 -29.00
C TYR H 296 70.08 -13.42 -28.37
N PRO H 297 70.10 -12.09 -28.32
CA PRO H 297 71.17 -11.40 -27.62
C PRO H 297 71.03 -11.59 -26.12
N ILE H 298 72.11 -11.30 -25.40
CA ILE H 298 72.14 -11.51 -23.96
C ILE H 298 71.87 -10.20 -23.25
N ILE H 299 70.88 -10.20 -22.35
CA ILE H 299 70.44 -8.99 -21.67
C ILE H 299 69.96 -9.26 -20.25
N GLY H 300 70.85 -9.61 -19.33
CA GLY H 300 72.27 -9.80 -19.54
C GLY H 300 72.72 -10.73 -18.43
N ASP H 301 74.04 -10.84 -18.22
CA ASP H 301 74.63 -11.62 -17.14
C ASP H 301 74.51 -13.12 -17.36
N GLU H 302 73.76 -13.53 -18.39
CA GLU H 302 73.36 -14.91 -18.58
C GLU H 302 74.51 -15.92 -18.58
N LEU H 303 75.64 -15.55 -19.17
CA LEU H 303 76.71 -16.54 -19.33
C LEU H 303 77.20 -17.06 -17.98
N LYS H 304 77.05 -16.25 -16.93
CA LYS H 304 77.36 -16.75 -15.59
C LYS H 304 76.42 -17.88 -15.20
N ILE H 305 75.12 -17.69 -15.43
CA ILE H 305 74.17 -18.75 -15.14
C ILE H 305 74.51 -20.01 -15.92
N ASN H 306 74.94 -19.85 -17.17
CA ASN H 306 75.25 -21.04 -17.96
C ASN H 306 76.45 -21.79 -17.40
N ALA H 307 77.53 -21.07 -17.11
CA ALA H 307 78.70 -21.72 -16.53
C ALA H 307 78.35 -22.42 -15.22
N ALA H 308 77.50 -21.78 -14.41
CA ALA H 308 77.10 -22.39 -13.15
C ALA H 308 76.35 -23.70 -13.39
N CYS H 309 75.46 -23.71 -14.39
CA CYS H 309 74.76 -24.95 -14.72
C CYS H 309 75.73 -26.04 -15.12
N ARG H 310 76.74 -25.69 -15.92
CA ARG H 310 77.77 -26.67 -16.28
C ARG H 310 78.40 -27.28 -15.03
N LYS H 311 78.95 -26.43 -14.16
CA LYS H 311 79.65 -26.90 -12.97
C LYS H 311 78.77 -27.82 -12.14
N VAL H 312 77.54 -27.39 -11.88
CA VAL H 312 76.68 -28.14 -10.98
C VAL H 312 76.31 -29.49 -11.59
N GLN H 313 76.05 -29.52 -12.90
CA GLN H 313 75.75 -30.78 -13.54
C GLN H 313 76.90 -31.76 -13.39
N HIS H 314 78.11 -31.32 -13.77
CA HIS H 314 79.28 -32.16 -13.65
C HIS H 314 79.40 -32.74 -12.24
N MET H 315 79.35 -31.85 -11.24
CA MET H 315 79.58 -32.28 -9.86
C MET H 315 78.52 -33.27 -9.41
N VAL H 316 77.25 -32.94 -9.63
CA VAL H 316 76.18 -33.77 -9.09
C VAL H 316 76.22 -35.16 -9.70
N VAL H 317 76.41 -35.24 -11.02
CA VAL H 317 76.41 -36.57 -11.64
C VAL H 317 77.60 -37.39 -11.17
N LYS H 318 78.79 -36.78 -11.13
CA LYS H 318 79.96 -37.49 -10.63
C LYS H 318 79.71 -38.03 -9.23
N ALA H 319 79.11 -37.21 -8.37
CA ALA H 319 78.88 -37.63 -6.99
C ALA H 319 77.90 -38.78 -6.93
N ALA H 320 76.81 -38.71 -7.68
CA ALA H 320 75.82 -39.78 -7.64
C ALA H 320 76.42 -41.10 -8.09
N LEU H 321 77.18 -41.07 -9.19
CA LEU H 321 77.85 -42.27 -9.66
C LEU H 321 78.75 -42.85 -8.57
N LEU H 322 79.71 -42.04 -8.09
CA LEU H 322 80.67 -42.57 -7.12
C LEU H 322 79.99 -42.97 -5.82
N ALA H 323 78.80 -42.46 -5.56
CA ALA H 323 78.08 -42.84 -4.35
C ALA H 323 77.49 -44.23 -4.50
N ASP H 324 76.68 -44.44 -5.54
CA ASP H 324 75.94 -45.69 -5.61
C ASP H 324 76.49 -46.67 -6.63
N LYS H 325 77.27 -46.21 -7.61
CA LYS H 325 77.88 -47.07 -8.64
C LYS H 325 76.80 -47.84 -9.41
N PHE H 326 76.10 -47.09 -10.24
CA PHE H 326 75.04 -47.68 -11.04
C PHE H 326 75.63 -48.44 -12.22
N PRO H 327 75.02 -49.56 -12.58
CA PRO H 327 75.54 -50.34 -13.71
C PRO H 327 75.33 -49.66 -15.05
N VAL H 328 74.14 -49.11 -15.27
CA VAL H 328 73.76 -48.50 -16.53
C VAL H 328 73.19 -47.11 -16.27
N LEU H 329 73.54 -46.15 -17.11
CA LEU H 329 73.05 -44.78 -16.97
C LEU H 329 72.06 -44.49 -18.10
N HIS H 330 70.77 -44.59 -17.78
CA HIS H 330 69.71 -44.37 -18.76
C HIS H 330 69.53 -42.88 -18.98
N ASP H 331 70.32 -42.33 -19.90
CA ASP H 331 70.14 -40.92 -20.24
C ASP H 331 68.78 -40.73 -20.89
N ILE H 332 68.23 -39.53 -20.77
CA ILE H 332 66.92 -39.19 -21.33
C ILE H 332 66.93 -37.72 -21.74
N GLY H 333 66.34 -37.45 -22.90
CA GLY H 333 66.16 -36.09 -23.33
C GLY H 333 67.42 -35.40 -23.77
N ASN H 334 68.39 -36.14 -24.27
CA ASN H 334 69.63 -35.53 -24.74
C ASN H 334 69.75 -35.67 -26.23
N PRO H 335 69.65 -34.59 -26.99
CA PRO H 335 69.67 -34.69 -28.44
C PRO H 335 71.08 -34.78 -29.01
N LYS H 336 72.07 -34.56 -28.17
CA LYS H 336 73.47 -34.63 -28.57
C LYS H 336 74.20 -35.56 -27.62
N ALA H 337 74.58 -36.74 -28.11
CA ALA H 337 75.11 -37.77 -27.23
C ALA H 337 76.46 -37.35 -26.66
N ILE H 338 76.45 -36.40 -25.74
CA ILE H 338 77.66 -35.87 -25.12
C ILE H 338 77.64 -36.23 -23.65
N LYS H 339 78.67 -36.95 -23.20
CA LYS H 339 78.73 -37.39 -21.82
C LYS H 339 78.96 -36.18 -20.91
N CYS H 340 78.13 -36.05 -19.88
CA CYS H 340 78.30 -34.94 -18.95
C CYS H 340 79.54 -35.12 -18.10
N VAL H 341 79.60 -36.20 -17.33
CA VAL H 341 80.86 -36.59 -16.69
C VAL H 341 81.69 -37.29 -17.75
N PRO H 342 82.96 -36.95 -17.90
CA PRO H 342 83.70 -37.40 -19.08
C PRO H 342 84.11 -38.86 -19.03
N GLN H 343 84.50 -39.37 -17.86
CA GLN H 343 84.91 -40.76 -17.73
C GLN H 343 84.04 -41.45 -16.70
N ALA H 344 83.30 -42.46 -17.14
CA ALA H 344 82.41 -43.19 -16.24
C ALA H 344 82.16 -44.58 -16.81
N ASP H 345 82.70 -45.59 -16.15
CA ASP H 345 82.61 -46.98 -16.58
C ASP H 345 81.18 -47.48 -16.72
N VAL H 346 80.20 -46.74 -16.21
CA VAL H 346 78.81 -47.16 -16.27
C VAL H 346 78.33 -47.19 -17.72
N GLU H 347 77.46 -48.15 -18.01
CA GLU H 347 76.81 -48.23 -19.32
C GLU H 347 76.00 -46.96 -19.55
N TRP H 348 76.19 -46.30 -20.68
CA TRP H 348 75.63 -44.98 -20.92
C TRP H 348 74.74 -45.02 -22.16
N LYS H 349 73.42 -44.93 -21.94
CA LYS H 349 72.46 -44.90 -23.02
C LYS H 349 72.32 -43.49 -23.57
N PHE H 350 71.44 -43.34 -24.55
CA PHE H 350 70.95 -42.04 -24.99
C PHE H 350 69.57 -42.24 -25.59
N TYR H 351 68.61 -41.44 -25.14
CA TYR H 351 67.25 -41.52 -25.65
C TYR H 351 66.81 -40.13 -26.04
N ASP H 352 65.72 -40.07 -26.81
CA ASP H 352 65.13 -38.81 -27.25
C ASP H 352 63.87 -39.09 -28.03
N ALA H 353 62.98 -38.10 -28.13
CA ALA H 353 61.82 -38.23 -28.99
C ALA H 353 62.15 -37.61 -30.34
N GLN H 354 63.38 -37.13 -30.48
CA GLN H 354 63.87 -36.53 -31.72
C GLN H 354 65.26 -37.07 -32.00
N PRO H 355 65.35 -38.25 -32.61
CA PRO H 355 66.67 -38.79 -32.97
C PRO H 355 67.26 -38.03 -34.14
N CYS H 356 68.49 -37.57 -33.98
CA CYS H 356 69.18 -36.87 -35.05
C CYS H 356 69.44 -37.79 -36.23
N SER H 357 70.04 -37.27 -37.29
CA SER H 357 70.42 -38.12 -38.42
C SER H 357 71.54 -39.06 -38.00
N ASP H 358 72.76 -38.54 -37.93
CA ASP H 358 73.84 -39.28 -37.30
C ASP H 358 73.52 -39.47 -35.82
N LYS H 359 74.15 -40.47 -35.22
CA LYS H 359 74.00 -40.78 -33.81
C LYS H 359 72.58 -41.23 -33.48
N ALA H 360 71.73 -41.36 -34.51
CA ALA H 360 70.41 -41.97 -34.32
C ALA H 360 70.54 -43.40 -33.84
N TYR H 361 71.51 -44.13 -34.40
CA TYR H 361 71.85 -45.46 -33.91
C TYR H 361 72.15 -45.42 -32.42
N LYS H 362 72.77 -44.32 -31.96
CA LYS H 362 72.92 -44.11 -30.52
C LYS H 362 71.63 -43.57 -29.91
N ILE H 363 71.04 -42.56 -30.54
CA ILE H 363 69.91 -41.84 -29.98
C ILE H 363 68.65 -42.58 -30.41
N GLU H 364 68.26 -43.58 -29.62
CA GLU H 364 67.01 -44.28 -29.86
C GLU H 364 65.84 -43.33 -29.68
N GLU H 365 64.87 -43.43 -30.58
CA GLU H 365 63.66 -42.62 -30.46
C GLU H 365 62.90 -43.07 -29.23
N LEU H 366 62.43 -42.10 -28.45
CA LEU H 366 61.72 -42.39 -27.21
C LEU H 366 61.01 -41.14 -26.72
N PHE H 367 59.70 -41.20 -26.60
CA PHE H 367 58.94 -40.17 -25.93
C PHE H 367 58.51 -40.72 -24.58
N TYR H 368 59.10 -40.24 -23.50
CA TYR H 368 58.80 -40.78 -22.20
C TYR H 368 57.43 -40.32 -21.73
N SER H 369 56.77 -41.21 -20.99
CA SER H 369 55.59 -40.87 -20.22
C SER H 369 55.43 -41.93 -19.13
N TYR H 370 55.21 -41.47 -17.90
CA TYR H 370 55.07 -42.41 -16.80
C TYR H 370 53.84 -43.28 -16.97
N ALA H 371 52.89 -42.87 -17.80
CA ALA H 371 51.71 -43.67 -18.06
C ALA H 371 52.23 -45.02 -18.48
N THR H 372 53.06 -45.08 -19.53
CA THR H 372 53.63 -46.34 -19.98
C THR H 372 54.99 -46.87 -19.57
N HIS H 373 56.03 -46.10 -19.83
CA HIS H 373 57.39 -46.57 -19.57
C HIS H 373 57.74 -46.65 -18.10
N SER H 374 56.76 -46.52 -17.21
CA SER H 374 57.02 -46.56 -15.77
C SER H 374 57.72 -47.84 -15.34
N ASP H 375 57.42 -48.96 -15.99
CA ASP H 375 57.91 -50.27 -15.58
C ASP H 375 59.00 -50.78 -16.51
N LYS H 376 59.71 -49.89 -17.19
CA LYS H 376 60.64 -50.31 -18.24
C LYS H 376 62.09 -50.17 -17.85
N PHE H 377 62.50 -48.99 -17.40
CA PHE H 377 63.92 -48.71 -17.13
C PHE H 377 64.27 -48.95 -15.67
N THR H 378 63.78 -50.04 -15.10
CA THR H 378 63.99 -50.31 -13.67
C THR H 378 65.40 -50.82 -13.40
N ASP H 379 66.35 -50.47 -14.25
CA ASP H 379 67.75 -50.79 -13.98
C ASP H 379 68.59 -49.53 -14.05
N GLY H 380 69.60 -49.46 -13.19
CA GLY H 380 70.47 -48.30 -13.12
C GLY H 380 69.77 -47.07 -12.61
N VAL H 381 69.80 -45.98 -13.39
CA VAL H 381 69.11 -44.75 -13.02
C VAL H 381 68.99 -43.89 -14.27
N CYS H 382 67.90 -43.14 -14.35
CA CYS H 382 67.69 -42.19 -15.43
C CYS H 382 68.41 -40.87 -15.13
N LEU H 383 68.12 -39.85 -15.92
CA LEU H 383 68.74 -38.54 -15.74
C LEU H 383 67.95 -37.53 -16.57
N PHE H 384 67.00 -36.85 -15.95
CA PHE H 384 66.11 -35.94 -16.64
C PHE H 384 66.64 -34.52 -16.51
N TRP H 385 67.68 -34.19 -17.24
CA TRP H 385 68.22 -32.83 -17.19
C TRP H 385 67.32 -31.95 -18.05
N ASN H 386 66.44 -31.20 -17.38
CA ASN H 386 65.63 -30.16 -18.01
C ASN H 386 64.55 -30.73 -18.91
N CYS H 387 64.44 -32.06 -18.99
CA CYS H 387 63.28 -32.64 -19.65
C CYS H 387 62.03 -32.34 -18.84
N ASN H 388 60.87 -32.48 -19.49
CA ASN H 388 59.59 -32.11 -18.89
C ASN H 388 58.58 -33.21 -19.18
N VAL H 389 58.39 -34.10 -18.22
CA VAL H 389 57.45 -35.20 -18.35
C VAL H 389 56.48 -35.13 -17.18
N ASP H 390 55.67 -36.17 -17.04
CA ASP H 390 54.86 -36.29 -15.84
C ASP H 390 55.65 -37.12 -14.83
N ARG H 391 54.99 -37.56 -13.75
CA ARG H 391 55.70 -38.04 -12.58
C ARG H 391 56.89 -38.92 -12.93
N TYR H 392 58.04 -38.60 -12.35
CA TYR H 392 59.29 -39.24 -12.68
C TYR H 392 59.43 -40.57 -11.97
N PRO H 393 60.18 -41.51 -12.54
CA PRO H 393 60.37 -42.80 -11.89
C PRO H 393 61.20 -42.66 -10.63
N ALA H 394 60.98 -43.59 -9.70
CA ALA H 394 61.52 -43.46 -8.35
C ALA H 394 63.04 -43.43 -8.35
N ASN H 395 63.66 -43.76 -9.47
CA ASN H 395 65.09 -43.60 -9.63
C ASN H 395 65.37 -42.59 -10.73
N SER H 396 66.03 -41.49 -10.38
CA SER H 396 66.30 -40.41 -11.32
C SER H 396 67.11 -39.30 -10.68
N ILE H 397 67.53 -38.33 -11.49
CA ILE H 397 68.30 -37.17 -11.03
C ILE H 397 67.80 -35.96 -11.80
N VAL H 398 66.58 -35.51 -11.50
CA VAL H 398 65.88 -34.53 -12.32
C VAL H 398 66.39 -33.15 -11.96
N CYS H 399 66.32 -32.23 -12.93
CA CYS H 399 66.64 -30.82 -12.73
C CYS H 399 65.64 -30.02 -13.57
N ARG H 400 64.64 -29.44 -12.92
CA ARG H 400 63.50 -28.86 -13.61
C ARG H 400 63.30 -27.40 -13.23
N PHE H 401 63.10 -26.57 -14.24
CA PHE H 401 63.01 -25.12 -14.08
C PHE H 401 61.66 -24.76 -13.48
N ASP H 402 61.68 -24.20 -12.27
CA ASP H 402 60.46 -23.70 -11.65
C ASP H 402 59.93 -22.51 -12.44
N THR H 403 58.63 -22.52 -12.70
CA THR H 403 58.01 -21.51 -13.54
C THR H 403 57.36 -20.40 -12.72
N ARG H 404 57.58 -20.40 -11.41
CA ARG H 404 56.91 -19.42 -10.56
C ARG H 404 57.82 -18.26 -10.24
N VAL H 405 59.12 -18.42 -10.45
CA VAL H 405 60.08 -17.39 -10.08
C VAL H 405 59.84 -16.14 -10.91
N LEU H 406 60.34 -15.02 -10.43
CA LEU H 406 60.29 -13.77 -11.17
C LEU H 406 61.70 -13.37 -11.57
N SER H 407 61.84 -12.92 -12.80
CA SER H 407 63.10 -12.37 -13.31
C SER H 407 62.79 -11.84 -14.71
N ASN H 408 63.72 -11.08 -15.26
CA ASN H 408 63.51 -10.53 -16.59
C ASN H 408 63.86 -11.51 -17.69
N LEU H 409 64.20 -12.75 -17.34
CA LEU H 409 64.57 -13.73 -18.35
C LEU H 409 63.36 -14.51 -18.81
N ASN H 410 62.53 -14.97 -17.87
CA ASN H 410 61.37 -15.74 -18.27
C ASN H 410 60.15 -14.84 -18.42
N LEU H 411 59.45 -15.03 -19.53
CA LEU H 411 58.32 -14.21 -19.90
C LEU H 411 57.04 -15.03 -19.84
N PRO H 412 55.94 -14.43 -19.41
CA PRO H 412 54.70 -15.20 -19.24
C PRO H 412 54.26 -15.84 -20.54
N GLY H 413 53.88 -17.12 -20.46
CA GLY H 413 53.37 -17.85 -21.59
C GLY H 413 52.05 -18.52 -21.26
N CYS H 414 51.74 -19.57 -22.01
CA CYS H 414 50.56 -20.37 -21.77
C CYS H 414 50.96 -21.81 -21.48
N ASP H 415 50.22 -22.46 -20.58
CA ASP H 415 49.11 -21.86 -19.85
C ASP H 415 49.41 -21.91 -18.37
N GLY H 416 50.04 -20.86 -17.86
CA GLY H 416 50.70 -20.94 -16.60
C GLY H 416 52.16 -21.33 -16.70
N GLY H 417 52.49 -22.22 -17.63
CA GLY H 417 53.89 -22.44 -17.93
C GLY H 417 54.47 -21.18 -18.53
N SER H 418 55.74 -20.90 -18.27
CA SER H 418 56.33 -19.67 -18.77
C SER H 418 57.35 -19.97 -19.85
N LEU H 419 57.76 -18.93 -20.55
CA LEU H 419 58.64 -19.05 -21.71
C LEU H 419 60.00 -18.48 -21.34
N TYR H 420 60.88 -19.34 -20.84
CA TYR H 420 62.26 -18.96 -20.59
C TYR H 420 62.91 -18.51 -21.88
N VAL H 421 63.83 -17.56 -21.78
CA VAL H 421 64.57 -17.10 -22.95
C VAL H 421 66.01 -16.84 -22.55
N ASN H 422 66.92 -17.69 -23.00
CA ASN H 422 68.32 -17.52 -22.70
C ASN H 422 69.06 -17.27 -23.99
N LYS H 423 69.37 -18.34 -24.70
CA LYS H 423 69.57 -18.33 -26.15
C LYS H 423 68.43 -18.63 -27.07
N HIS H 424 67.86 -19.83 -27.02
CA HIS H 424 66.96 -20.32 -28.07
C HIS H 424 65.89 -20.35 -26.96
N ALA H 425 64.67 -19.98 -27.31
CA ALA H 425 63.62 -19.88 -26.29
C ALA H 425 63.11 -21.27 -25.93
N PHE H 426 63.18 -21.60 -24.64
CA PHE H 426 62.65 -22.86 -24.13
C PHE H 426 61.30 -22.58 -23.48
N HIS H 427 60.29 -23.36 -23.82
CA HIS H 427 58.98 -23.26 -23.21
C HIS H 427 58.77 -24.45 -22.28
N THR H 428 58.48 -24.18 -21.03
CA THR H 428 58.31 -25.20 -20.01
C THR H 428 56.89 -25.22 -19.49
N PRO H 429 56.31 -26.40 -19.30
CA PRO H 429 54.95 -26.49 -18.78
C PRO H 429 54.85 -25.97 -17.36
N ALA H 430 53.62 -25.86 -16.89
CA ALA H 430 53.37 -25.35 -15.55
C ALA H 430 54.05 -26.24 -14.52
N PHE H 431 54.34 -25.66 -13.36
CA PHE H 431 55.02 -26.41 -12.32
C PHE H 431 54.02 -26.95 -11.30
N ASP H 432 54.26 -28.17 -10.83
CA ASP H 432 53.39 -28.82 -9.88
C ASP H 432 54.18 -29.86 -9.10
N LYS H 433 53.62 -30.28 -7.97
CA LYS H 433 54.37 -31.13 -7.06
C LYS H 433 54.16 -32.60 -7.33
N SER H 434 53.04 -32.96 -7.95
CA SER H 434 52.69 -34.36 -8.17
C SER H 434 53.78 -35.11 -8.92
N ALA H 435 54.57 -34.40 -9.71
CA ALA H 435 55.61 -35.05 -10.49
C ALA H 435 56.66 -35.69 -9.59
N PHE H 436 57.05 -34.99 -8.52
CA PHE H 436 58.19 -35.42 -7.71
C PHE H 436 57.77 -36.29 -6.53
N VAL H 437 56.62 -36.96 -6.65
CA VAL H 437 56.09 -37.69 -5.50
C VAL H 437 56.97 -38.87 -5.12
N ASN H 438 57.95 -39.20 -5.94
CA ASN H 438 58.85 -40.31 -5.66
C ASN H 438 60.22 -39.89 -5.15
N LEU H 439 60.51 -38.60 -5.07
CA LEU H 439 61.88 -38.17 -4.86
C LEU H 439 61.97 -37.17 -3.71
N LYS H 440 63.16 -36.62 -3.52
CA LYS H 440 63.44 -35.71 -2.43
C LYS H 440 64.46 -34.70 -2.90
N GLN H 441 64.39 -33.49 -2.37
CA GLN H 441 65.28 -32.41 -2.76
C GLN H 441 66.73 -32.77 -2.49
N LEU H 442 67.58 -32.60 -3.48
CA LEU H 442 69.00 -32.79 -3.27
C LEU H 442 69.49 -31.81 -2.21
N PRO H 443 70.06 -32.28 -1.11
CA PRO H 443 70.67 -31.35 -0.15
C PRO H 443 72.06 -30.96 -0.60
N PHE H 444 72.41 -29.71 -0.37
CA PHE H 444 73.69 -29.18 -0.83
C PHE H 444 74.85 -29.99 -0.28
N PHE H 445 75.93 -30.05 -1.05
CA PHE H 445 77.18 -30.63 -0.61
C PHE H 445 78.30 -30.20 -1.55
N TYR H 446 79.50 -30.77 -1.39
CA TYR H 446 80.60 -30.47 -2.29
C TYR H 446 81.56 -31.65 -2.20
N TYR H 447 81.64 -32.43 -3.27
CA TYR H 447 82.57 -33.55 -3.32
C TYR H 447 83.80 -33.19 -4.13
N SER H 448 84.96 -33.44 -3.55
CA SER H 448 86.20 -33.31 -4.29
C SER H 448 86.96 -34.61 -4.17
N ASP H 449 87.88 -34.82 -5.10
CA ASP H 449 88.69 -36.03 -5.11
C ASP H 449 89.92 -35.79 -5.96
N SER H 450 91.01 -35.41 -5.32
CA SER H 450 92.21 -34.95 -6.00
C SER H 450 93.29 -34.77 -4.95
N PRO H 451 94.56 -34.46 -5.31
CA PRO H 451 95.49 -34.10 -4.21
C PRO H 451 95.21 -32.76 -3.45
N CYS H 452 96.18 -32.27 -2.74
CA CYS H 452 95.91 -31.13 -1.93
C CYS H 452 96.91 -30.12 -2.19
N GLU H 453 96.93 -29.13 -1.33
CA GLU H 453 97.69 -27.94 -1.53
C GLU H 453 98.97 -28.15 -2.25
N SER H 454 99.95 -28.63 -1.47
CA SER H 454 101.39 -28.91 -1.82
C SER H 454 102.36 -28.65 -0.68
N HIS H 455 103.63 -28.30 -0.99
CA HIS H 455 104.74 -28.10 -0.01
C HIS H 455 104.95 -29.46 0.54
N GLY H 456 103.93 -29.98 1.16
CA GLY H 456 103.90 -31.34 1.66
C GLY H 456 103.77 -32.37 0.55
N LYS H 457 102.74 -32.23 -0.29
CA LYS H 457 102.43 -33.16 -1.37
C LYS H 457 102.40 -34.60 -0.90
N GLN H 458 102.31 -34.83 0.41
CA GLN H 458 102.21 -36.19 0.92
C GLN H 458 100.88 -36.06 1.63
N VAL H 459 100.73 -36.78 2.74
CA VAL H 459 99.50 -36.75 3.52
C VAL H 459 99.80 -36.19 4.90
N VAL H 460 99.05 -36.65 5.90
CA VAL H 460 99.18 -36.19 7.29
C VAL H 460 100.64 -36.08 7.68
N SER H 461 101.07 -34.88 8.05
CA SER H 461 100.28 -33.67 7.90
C SER H 461 101.22 -32.55 7.50
N ASP H 462 101.39 -32.39 6.18
CA ASP H 462 102.31 -31.37 5.67
C ASP H 462 101.67 -30.55 4.56
N ILE H 463 100.36 -30.67 4.38
CA ILE H 463 99.63 -29.90 3.38
C ILE H 463 99.13 -28.64 4.06
N ASP H 464 99.26 -27.50 3.39
CA ASP H 464 98.98 -26.21 4.02
C ASP H 464 97.54 -26.16 4.49
N TYR H 465 97.36 -25.79 5.75
CA TYR H 465 96.04 -25.63 6.33
C TYR H 465 95.79 -24.16 6.65
N VAL H 466 94.59 -23.69 6.33
CA VAL H 466 94.12 -22.40 6.83
C VAL H 466 92.85 -22.74 7.61
N PRO H 467 92.25 -21.83 8.36
CA PRO H 467 91.17 -22.26 9.24
C PRO H 467 89.78 -22.13 8.66
N LEU H 468 89.35 -23.07 7.83
CA LEU H 468 87.96 -23.11 7.40
C LEU H 468 87.21 -24.17 8.20
N LYS H 469 86.12 -23.78 8.85
CA LYS H 469 85.38 -24.72 9.66
C LYS H 469 84.00 -24.71 9.04
N SER H 470 83.66 -25.79 8.33
CA SER H 470 82.39 -25.93 7.62
C SER H 470 82.32 -27.44 7.75
N ALA H 471 81.12 -27.97 7.89
CA ALA H 471 80.90 -29.40 7.95
C ALA H 471 80.40 -30.20 6.76
N THR H 472 80.37 -29.57 5.59
CA THR H 472 79.78 -30.17 4.40
C THR H 472 80.72 -30.28 3.22
N CYS H 473 81.87 -29.61 3.22
CA CYS H 473 82.84 -29.81 2.16
C CYS H 473 83.48 -31.17 2.37
N ILE H 474 82.91 -32.18 1.72
CA ILE H 474 83.39 -33.54 1.92
C ILE H 474 84.63 -33.77 1.05
N THR H 475 85.77 -33.26 1.51
CA THR H 475 86.97 -33.30 0.68
C THR H 475 88.16 -33.62 1.56
N ARG H 476 88.18 -34.83 2.12
CA ARG H 476 89.42 -35.38 2.66
C ARG H 476 90.50 -35.22 1.62
N CYS H 477 91.58 -34.52 1.95
CA CYS H 477 91.95 -34.10 3.31
C CYS H 477 91.17 -32.95 3.94
N ASN H 478 90.56 -33.24 5.09
CA ASN H 478 89.72 -32.30 5.83
C ASN H 478 89.31 -32.85 7.19
N LEU H 479 89.50 -32.06 8.25
CA LEU H 479 89.20 -32.51 9.60
C LEU H 479 88.66 -31.43 10.54
N GLY H 480 88.43 -30.22 10.04
CA GLY H 480 88.09 -29.09 10.90
C GLY H 480 88.97 -27.91 10.54
N GLY H 481 90.23 -28.20 10.21
CA GLY H 481 91.09 -27.22 9.59
C GLY H 481 90.91 -27.32 8.09
N ALA H 482 90.55 -28.52 7.65
CA ALA H 482 89.87 -28.82 6.38
C ALA H 482 90.09 -27.83 5.25
N VAL H 483 91.33 -27.61 4.83
CA VAL H 483 91.53 -26.52 3.89
C VAL H 483 92.34 -26.93 2.67
N CYS H 484 93.60 -27.34 2.87
CA CYS H 484 94.48 -27.60 1.73
C CYS H 484 94.35 -26.50 0.67
N ARG H 485 94.21 -25.25 1.14
CA ARG H 485 93.87 -24.11 0.28
C ARG H 485 92.98 -24.49 -0.89
N HIS H 486 93.56 -25.18 -1.88
CA HIS H 486 92.85 -25.64 -3.07
C HIS H 486 91.41 -26.00 -2.76
N HIS H 487 91.21 -27.00 -1.90
CA HIS H 487 89.85 -27.41 -1.58
C HIS H 487 89.03 -26.24 -1.04
N ALA H 488 89.66 -25.38 -0.24
CA ALA H 488 88.92 -24.32 0.44
C ALA H 488 88.37 -23.28 -0.54
N ASN H 489 89.24 -22.65 -1.33
CA ASN H 489 88.71 -21.65 -2.24
C ASN H 489 87.88 -22.29 -3.34
N GLU H 490 88.14 -23.57 -3.67
CA GLU H 490 87.27 -24.26 -4.60
C GLU H 490 85.87 -24.38 -4.02
N TYR H 491 85.79 -24.67 -2.72
CA TYR H 491 84.51 -24.76 -2.05
C TYR H 491 83.78 -23.41 -2.10
N ARG H 492 84.51 -22.33 -1.86
CA ARG H 492 83.89 -21.01 -1.95
C ARG H 492 83.32 -20.77 -3.34
N LEU H 493 84.13 -21.00 -4.37
CA LEU H 493 83.67 -20.78 -5.74
C LEU H 493 82.42 -21.61 -6.04
N TYR H 494 82.46 -22.89 -5.72
CA TYR H 494 81.34 -23.75 -6.07
C TYR H 494 80.09 -23.35 -5.30
N LEU H 495 80.25 -22.89 -4.05
CA LEU H 495 79.07 -22.44 -3.33
C LEU H 495 78.45 -21.22 -3.98
N ASP H 496 79.28 -20.27 -4.41
CA ASP H 496 78.76 -19.11 -5.12
C ASP H 496 77.99 -19.54 -6.37
N ALA H 497 78.58 -20.47 -7.13
CA ALA H 497 77.95 -20.90 -8.36
C ALA H 497 76.62 -21.60 -8.10
N TYR H 498 76.59 -22.48 -7.10
CA TYR H 498 75.35 -23.17 -6.77
C TYR H 498 74.26 -22.17 -6.40
N ASN H 499 74.59 -21.17 -5.59
CA ASN H 499 73.58 -20.21 -5.18
C ASN H 499 73.06 -19.44 -6.38
N MET H 500 73.95 -19.01 -7.28
CA MET H 500 73.49 -18.27 -8.44
C MET H 500 72.57 -19.11 -9.31
N MET H 501 73.00 -20.34 -9.61
CA MET H 501 72.14 -21.24 -10.38
C MET H 501 70.77 -21.38 -9.75
N ILE H 502 70.72 -21.74 -8.47
CA ILE H 502 69.44 -22.07 -7.87
C ILE H 502 68.62 -20.83 -7.58
N SER H 503 69.23 -19.65 -7.65
CA SER H 503 68.43 -18.44 -7.59
C SER H 503 67.87 -18.08 -8.95
N ALA H 504 68.52 -18.55 -10.02
CA ALA H 504 68.00 -18.27 -11.35
C ALA H 504 66.67 -18.96 -11.61
N GLY H 505 66.38 -20.04 -10.90
CA GLY H 505 65.07 -20.64 -11.03
C GLY H 505 65.04 -22.15 -10.97
N PHE H 506 66.19 -22.80 -11.17
CA PHE H 506 66.22 -24.25 -11.31
C PHE H 506 66.11 -24.95 -9.96
N SER H 507 65.38 -26.05 -9.94
CA SER H 507 65.21 -26.88 -8.76
C SER H 507 65.82 -28.25 -9.01
N LEU H 508 66.33 -28.88 -7.96
CA LEU H 508 66.98 -30.18 -8.05
C LEU H 508 66.18 -31.21 -7.28
N TRP H 509 66.37 -32.49 -7.63
CA TRP H 509 65.72 -33.60 -6.94
C TRP H 509 66.57 -34.85 -7.14
N VAL H 510 66.42 -35.82 -6.23
CA VAL H 510 67.19 -37.06 -6.26
C VAL H 510 66.32 -38.19 -5.74
N TYR H 511 66.64 -39.41 -6.17
CA TYR H 511 66.00 -40.60 -5.63
C TYR H 511 66.13 -40.65 -4.10
N LYS H 512 65.15 -41.27 -3.45
CA LYS H 512 65.10 -41.23 -2.00
C LYS H 512 66.25 -41.96 -1.35
N GLN H 513 66.99 -42.78 -2.11
CA GLN H 513 68.01 -43.62 -1.50
C GLN H 513 69.29 -42.85 -1.19
N PHE H 514 69.37 -41.59 -1.60
CA PHE H 514 70.64 -40.88 -1.52
C PHE H 514 71.07 -40.65 -0.08
N ASP H 515 72.38 -40.60 0.11
CA ASP H 515 72.98 -40.25 1.39
C ASP H 515 74.42 -39.84 1.12
N THR H 516 74.94 -38.97 1.98
CA THR H 516 76.28 -38.42 1.79
C THR H 516 77.35 -39.30 2.41
N TYR H 517 77.04 -39.98 3.52
CA TYR H 517 78.07 -40.67 4.29
C TYR H 517 78.91 -41.60 3.43
N ASN H 518 78.26 -42.37 2.55
CA ASN H 518 79.01 -43.34 1.75
C ASN H 518 80.10 -42.66 0.93
N LEU H 519 79.97 -41.35 0.70
CA LEU H 519 81.07 -40.61 0.09
C LEU H 519 82.27 -40.57 1.03
N TRP H 520 82.03 -40.27 2.30
CA TRP H 520 83.09 -40.41 3.30
C TRP H 520 83.68 -41.82 3.25
N ASN H 521 82.80 -42.83 3.23
CA ASN H 521 83.28 -44.21 3.18
C ASN H 521 84.21 -44.44 2.00
N THR H 522 83.88 -43.87 0.85
CA THR H 522 84.81 -43.87 -0.27
C THR H 522 86.12 -43.18 0.11
N PHE H 523 86.05 -42.15 0.94
CA PHE H 523 87.23 -41.33 1.17
C PHE H 523 88.33 -42.10 1.90
N THR H 524 87.96 -43.01 2.79
CA THR H 524 88.96 -43.67 3.61
C THR H 524 89.88 -44.53 2.75
N ARG H 525 91.10 -44.03 2.55
CA ARG H 525 92.12 -44.76 1.81
C ARG H 525 93.39 -44.86 2.64
N ALA I 4 -20.44 31.29 -4.88
CA ALA I 4 -19.03 31.14 -5.20
C ALA I 4 -18.17 31.99 -4.29
N GLN I 5 -17.92 33.24 -4.71
CA GLN I 5 -17.14 34.17 -3.90
C GLN I 5 -17.82 34.50 -2.58
N SER I 6 -19.12 34.17 -2.45
CA SER I 6 -19.77 34.29 -1.15
C SER I 6 -19.05 33.45 -0.11
N PHE I 7 -18.45 32.33 -0.54
CA PHE I 7 -17.67 31.52 0.39
C PHE I 7 -16.52 32.29 0.99
N LEU I 8 -15.72 32.93 0.14
CA LEU I 8 -14.63 33.76 0.64
C LEU I 8 -15.16 34.90 1.49
N ASN I 9 -16.25 35.53 1.06
CA ASN I 9 -16.81 36.64 1.83
C ASN I 9 -17.20 36.19 3.23
N ARG I 10 -17.76 35.00 3.35
CA ARG I 10 -18.16 34.49 4.66
C ARG I 10 -16.94 34.11 5.48
N VAL I 11 -15.97 33.44 4.86
CA VAL I 11 -14.83 32.90 5.61
C VAL I 11 -13.96 34.03 6.12
N CYS I 12 -13.92 35.13 5.38
CA CYS I 12 -13.15 36.28 5.84
C CYS I 12 -13.70 36.83 7.15
N GLY I 13 -14.90 36.39 7.47
CA GLY I 13 -15.50 36.80 8.71
C GLY I 13 -15.37 38.28 8.83
N VAL I 14 -15.23 38.77 10.05
CA VAL I 14 -15.13 40.21 10.27
C VAL I 14 -13.72 40.74 10.31
N SER I 15 -12.72 39.89 10.49
CA SER I 15 -11.36 40.40 10.52
C SER I 15 -11.21 40.67 9.05
N ALA I 16 -11.03 41.93 8.69
CA ALA I 16 -10.91 42.39 7.31
C ALA I 16 -9.60 41.94 6.72
N ALA I 17 -9.62 40.89 5.93
CA ALA I 17 -8.44 40.39 5.30
C ALA I 17 -8.60 40.52 3.80
N ARG I 18 -7.52 40.58 3.06
CA ARG I 18 -7.59 40.66 1.61
C ARG I 18 -7.08 39.28 1.64
N LEU I 19 -7.98 38.41 1.32
CA LEU I 19 -7.75 36.99 1.45
C LEU I 19 -8.03 36.30 0.11
N THR I 20 -7.00 35.66 -0.35
CA THR I 20 -7.04 34.93 -1.57
C THR I 20 -7.12 33.46 -1.42
N PRO I 21 -7.76 32.79 -2.35
CA PRO I 21 -7.97 31.36 -2.29
C PRO I 21 -6.87 30.56 -2.86
N CYS I 22 -6.55 29.49 -2.18
CA CYS I 22 -5.45 28.69 -2.63
C CYS I 22 -5.74 27.26 -2.95
N GLY I 23 -6.99 26.88 -2.95
CA GLY I 23 -7.29 25.50 -3.27
C GLY I 23 -7.92 26.37 -4.31
N THR I 24 -8.46 25.69 -5.31
CA THR I 24 -9.12 26.26 -6.46
C THR I 24 -10.30 27.15 -6.43
N GLY I 25 -11.47 26.54 -6.26
CA GLY I 25 -12.63 27.38 -6.06
C GLY I 25 -13.34 27.28 -4.73
N THR I 26 -13.82 26.09 -4.38
CA THR I 26 -14.47 25.84 -3.10
C THR I 26 -14.14 24.42 -2.69
N SER I 27 -13.15 23.80 -3.31
CA SER I 27 -12.79 22.44 -3.00
C SER I 27 -11.58 22.38 -2.08
N THR I 28 -11.40 21.24 -1.44
CA THR I 28 -10.31 21.04 -0.51
C THR I 28 -8.98 20.97 -1.27
N ASP I 29 -7.92 20.70 -0.52
CA ASP I 29 -6.55 20.71 -1.05
C ASP I 29 -5.79 19.48 -0.56
N VAL I 30 -4.82 19.07 -1.36
CA VAL I 30 -4.01 17.89 -1.05
C VAL I 30 -2.58 18.34 -0.75
N VAL I 31 -2.06 17.90 0.39
CA VAL I 31 -0.74 18.30 0.85
C VAL I 31 -0.10 17.13 1.59
N TYR I 32 1.20 17.24 1.80
CA TYR I 32 1.97 16.23 2.49
C TYR I 32 2.46 16.80 3.82
N ARG I 33 1.96 16.27 4.93
CA ARG I 33 2.32 16.74 6.25
C ARG I 33 2.74 15.58 7.12
N ALA I 34 3.45 15.88 8.21
CA ALA I 34 3.91 14.86 9.14
C ALA I 34 2.99 14.84 10.36
N PHE I 35 2.59 13.66 10.78
CA PHE I 35 1.60 13.52 11.84
C PHE I 35 2.11 12.59 12.94
N ASP I 36 1.40 12.63 14.07
CA ASP I 36 1.68 11.77 15.22
C ASP I 36 0.41 10.97 15.51
N ILE I 37 0.36 9.74 15.03
CA ILE I 37 -0.88 8.98 15.00
C ILE I 37 -0.83 7.85 16.02
N TYR I 38 -1.89 7.72 16.80
CA TYR I 38 -2.09 6.56 17.65
C TYR I 38 -3.59 6.39 17.86
N ASN I 39 -4.24 5.74 16.88
CA ASN I 39 -5.61 5.24 17.11
C ASN I 39 -5.38 3.83 17.59
N ASP I 40 -6.39 2.98 17.48
CA ASP I 40 -6.20 1.59 17.90
C ASP I 40 -5.50 0.65 16.93
N LYS I 41 -5.48 0.98 15.63
CA LYS I 41 -4.99 0.00 14.67
C LYS I 41 -3.65 0.40 14.09
N VAL I 42 -3.48 1.66 13.71
CA VAL I 42 -2.20 2.18 13.22
C VAL I 42 -1.59 3.08 14.28
N ALA I 43 -0.27 3.20 14.26
CA ALA I 43 0.46 4.00 15.23
C ALA I 43 1.82 4.36 14.66
N GLY I 44 2.27 5.58 14.97
CA GLY I 44 3.60 5.98 14.59
C GLY I 44 3.70 7.48 14.41
N PHE I 45 4.81 7.90 13.80
CA PHE I 45 5.08 9.31 13.53
C PHE I 45 5.68 9.35 12.14
N ALA I 46 4.91 9.83 11.17
CA ALA I 46 5.31 9.73 9.77
C ALA I 46 4.56 10.77 8.96
N LYS I 47 4.84 10.78 7.66
CA LYS I 47 4.22 11.74 6.75
C LYS I 47 3.00 11.12 6.12
N PHE I 48 1.83 11.69 6.39
CA PHE I 48 0.58 11.27 5.79
C PHE I 48 0.12 12.32 4.80
N LEU I 49 -1.08 12.13 4.26
CA LEU I 49 -1.60 12.96 3.17
C LEU I 49 -2.89 13.61 3.63
N LYS I 50 -2.77 14.80 4.21
CA LYS I 50 -3.94 15.53 4.66
C LYS I 50 -4.69 16.07 3.45
N THR I 51 -6.02 16.04 3.51
CA THR I 51 -6.83 16.29 2.33
C THR I 51 -8.01 17.23 2.53
N ASN I 52 -8.55 17.35 3.74
CA ASN I 52 -9.81 18.06 3.94
C ASN I 52 -9.64 19.46 4.51
N CYS I 53 -9.07 20.38 3.73
CA CYS I 53 -8.86 21.74 4.20
C CYS I 53 -8.85 22.70 3.03
N CYS I 54 -9.71 23.71 3.07
CA CYS I 54 -9.66 24.80 2.12
C CYS I 54 -8.79 25.90 2.71
N ARG I 55 -7.63 26.13 2.10
CA ARG I 55 -6.59 26.97 2.67
C ARG I 55 -6.51 28.29 1.90
N PHE I 56 -6.64 29.40 2.62
CA PHE I 56 -6.70 30.72 1.99
C PHE I 56 -5.53 31.55 2.45
N GLN I 57 -4.64 31.87 1.51
CA GLN I 57 -3.48 32.68 1.85
C GLN I 57 -3.90 34.13 2.10
N GLU I 58 -3.63 34.62 3.30
CA GLU I 58 -4.01 35.98 3.64
C GLU I 58 -2.99 36.95 3.04
N LYS I 59 -3.48 38.09 2.55
CA LYS I 59 -2.64 39.01 1.81
C LYS I 59 -2.37 40.27 2.62
N ASP I 60 -1.28 40.94 2.28
CA ASP I 60 -0.83 42.16 2.94
C ASP I 60 -1.15 43.37 2.08
N GLU I 61 -0.83 44.56 2.59
CA GLU I 61 -0.88 45.78 1.79
C GLU I 61 -0.01 45.62 0.55
N ASP I 62 -0.19 46.54 -0.40
CA ASP I 62 0.54 46.54 -1.66
C ASP I 62 0.37 45.25 -2.45
N ASP I 63 -0.60 44.42 -2.08
CA ASP I 63 -0.90 43.15 -2.74
C ASP I 63 0.28 42.22 -2.81
N ASN I 64 1.21 42.33 -1.86
CA ASN I 64 2.21 41.28 -1.71
C ASN I 64 1.71 40.26 -0.69
N LEU I 65 2.32 39.09 -0.73
CA LEU I 65 1.86 37.96 0.06
C LEU I 65 2.45 38.02 1.46
N ILE I 66 1.84 37.27 2.36
CA ILE I 66 2.32 37.23 3.74
C ILE I 66 1.93 35.88 4.33
N ASP I 67 2.75 35.41 5.26
CA ASP I 67 2.65 34.04 5.73
C ASP I 67 1.73 33.98 6.95
N SER I 68 0.44 33.77 6.71
CA SER I 68 -0.55 33.63 7.77
C SER I 68 -1.57 33.10 6.78
N TYR I 69 -2.48 32.24 7.22
CA TYR I 69 -3.31 31.56 6.25
C TYR I 69 -4.52 31.40 7.16
N PHE I 70 -5.66 31.16 6.53
CA PHE I 70 -6.87 30.68 7.20
C PHE I 70 -7.11 29.26 6.71
N VAL I 71 -7.47 28.37 7.63
CA VAL I 71 -7.71 26.98 7.29
C VAL I 71 -9.12 26.63 7.69
N VAL I 72 -9.88 26.07 6.75
CA VAL I 72 -11.28 25.72 6.98
C VAL I 72 -11.44 24.23 6.79
N LYS I 73 -12.11 23.59 7.74
CA LYS I 73 -12.34 22.15 7.70
C LYS I 73 -13.83 21.87 7.62
N ARG I 74 -14.16 20.66 7.17
CA ARG I 74 -15.53 20.16 7.21
C ARG I 74 -15.51 18.74 7.77
N HIS I 75 -16.41 18.47 8.70
CA HIS I 75 -16.50 17.11 9.23
C HIS I 75 -17.92 16.89 9.74
N THR I 76 -18.07 16.00 10.71
CA THR I 76 -19.39 15.59 11.19
C THR I 76 -20.01 16.69 12.07
N PHE I 77 -21.34 16.72 12.09
CA PHE I 77 -22.04 17.67 12.96
C PHE I 77 -21.69 17.43 14.42
N SER I 78 -21.65 16.17 14.85
CA SER I 78 -21.29 15.89 16.24
C SER I 78 -19.91 16.47 16.56
N ASN I 79 -18.96 16.25 15.65
CA ASN I 79 -17.66 16.89 15.75
C ASN I 79 -17.81 18.40 15.87
N TYR I 80 -18.76 18.98 15.13
CA TYR I 80 -18.95 20.42 15.17
C TYR I 80 -19.36 20.87 16.57
N GLN I 81 -20.40 20.27 17.14
CA GLN I 81 -20.83 20.70 18.45
C GLN I 81 -19.74 20.46 19.49
N HIS I 82 -19.00 19.36 19.34
CA HIS I 82 -17.96 19.04 20.31
C HIS I 82 -16.89 20.13 20.33
N GLU I 83 -16.31 20.42 19.16
CA GLU I 83 -15.33 21.49 19.08
C GLU I 83 -15.94 22.80 19.54
N GLU I 84 -17.21 23.03 19.22
CA GLU I 84 -17.89 24.24 19.65
C GLU I 84 -17.79 24.41 21.15
N THR I 85 -18.38 23.47 21.90
CA THR I 85 -18.44 23.61 23.35
C THR I 85 -17.04 23.67 23.97
N ILE I 86 -16.10 22.86 23.47
CA ILE I 86 -14.79 22.88 24.08
C ILE I 86 -14.09 24.21 23.85
N TYR I 87 -14.18 24.75 22.64
CA TYR I 87 -13.62 26.06 22.39
C TYR I 87 -14.30 27.12 23.25
N ASN I 88 -15.60 26.97 23.49
CA ASN I 88 -16.27 27.91 24.37
C ASN I 88 -15.66 27.85 25.77
N LEU I 89 -15.31 26.65 26.23
CA LEU I 89 -14.68 26.51 27.53
C LEU I 89 -13.33 27.20 27.56
N LEU I 90 -12.51 26.97 26.53
CA LEU I 90 -11.10 27.36 26.56
C LEU I 90 -10.81 28.67 25.84
N LYS I 91 -11.82 29.48 25.54
CA LYS I 91 -11.64 30.59 24.61
C LYS I 91 -10.86 31.77 25.20
N ASP I 92 -10.04 31.55 26.22
CA ASP I 92 -9.52 32.70 26.95
C ASP I 92 -8.00 32.81 26.90
N CYS I 93 -7.30 31.72 27.19
CA CYS I 93 -5.86 31.78 27.27
C CYS I 93 -5.28 32.10 25.89
N PRO I 94 -4.31 33.01 25.80
CA PRO I 94 -3.81 33.45 24.49
C PRO I 94 -3.16 32.34 23.68
N ALA I 95 -3.01 31.15 24.26
CA ALA I 95 -2.36 30.05 23.55
C ALA I 95 -3.26 29.40 22.51
N VAL I 96 -4.52 29.80 22.41
CA VAL I 96 -5.47 29.15 21.53
C VAL I 96 -5.74 30.04 20.31
N ALA I 97 -5.78 29.42 19.15
CA ALA I 97 -6.09 30.16 17.92
C ALA I 97 -7.58 30.41 17.82
N LYS I 98 -7.94 31.61 17.37
CA LYS I 98 -9.34 32.01 17.33
C LYS I 98 -10.08 31.22 16.27
N HIS I 99 -10.86 30.23 16.70
CA HIS I 99 -11.68 29.49 15.77
C HIS I 99 -12.85 30.35 15.29
N ASP I 100 -13.67 29.74 14.44
CA ASP I 100 -14.92 30.35 14.00
C ASP I 100 -15.77 29.24 13.42
N PHE I 101 -16.96 29.05 13.96
CA PHE I 101 -17.87 28.03 13.51
C PHE I 101 -19.00 28.67 12.71
N PHE I 102 -19.38 28.04 11.62
CA PHE I 102 -20.51 28.50 10.82
C PHE I 102 -20.94 27.33 9.94
N LYS I 103 -21.96 27.56 9.12
CA LYS I 103 -22.43 26.53 8.19
C LYS I 103 -22.65 27.18 6.83
N PHE I 104 -22.64 26.34 5.80
CA PHE I 104 -22.79 26.83 4.44
C PHE I 104 -23.42 25.72 3.62
N ARG I 105 -23.96 26.11 2.46
CA ARG I 105 -24.59 25.19 1.53
C ARG I 105 -23.89 25.31 0.19
N ILE I 106 -23.52 24.17 -0.38
CA ILE I 106 -23.00 24.15 -1.74
C ILE I 106 -24.20 23.98 -2.67
N ASP I 107 -24.79 22.79 -2.64
CA ASP I 107 -26.11 22.58 -3.21
C ASP I 107 -26.98 21.71 -2.29
N GLY I 108 -27.88 22.32 -1.55
CA GLY I 108 -28.85 21.56 -0.79
C GLY I 108 -28.17 20.92 0.40
N ASP I 109 -27.24 21.63 1.03
CA ASP I 109 -26.44 21.03 2.07
C ASP I 109 -25.99 22.04 3.10
N MET I 110 -26.79 22.31 4.13
CA MET I 110 -26.27 23.13 5.22
C MET I 110 -25.16 22.36 5.90
N VAL I 111 -23.93 22.51 5.42
CA VAL I 111 -22.83 21.64 5.83
C VAL I 111 -21.98 22.36 6.88
N PRO I 112 -21.46 21.64 7.87
CA PRO I 112 -20.61 22.27 8.88
C PRO I 112 -19.28 22.75 8.31
N HIS I 113 -18.67 23.68 9.03
CA HIS I 113 -17.43 24.32 8.58
C HIS I 113 -16.77 24.99 9.77
N ILE I 114 -15.48 24.69 9.98
CA ILE I 114 -14.71 25.26 11.08
C ILE I 114 -13.54 26.00 10.48
N SER I 115 -13.37 27.27 10.87
CA SER I 115 -12.33 28.11 10.31
C SER I 115 -11.35 28.53 11.40
N ARG I 116 -10.06 28.30 11.16
CA ARG I 116 -9.00 28.79 12.02
C ARG I 116 -8.39 30.04 11.42
N GLN I 117 -8.06 31.01 12.28
CA GLN I 117 -7.70 32.34 11.82
C GLN I 117 -6.23 32.63 12.06
N ARG I 118 -5.53 33.03 11.00
CA ARG I 118 -4.15 33.47 11.07
C ARG I 118 -3.23 32.41 11.68
N LEU I 119 -3.11 31.29 10.97
CA LEU I 119 -2.17 30.24 11.32
C LEU I 119 -0.85 30.46 10.59
N THR I 120 -0.07 29.38 10.47
CA THR I 120 1.17 29.38 9.71
C THR I 120 1.15 28.22 8.74
N LYS I 121 2.10 28.21 7.80
CA LYS I 121 2.13 27.16 6.81
C LYS I 121 2.47 25.80 7.40
N TYR I 122 3.38 25.74 8.37
CA TYR I 122 3.80 24.46 8.92
C TYR I 122 3.52 24.42 10.41
N THR I 123 3.55 23.22 10.97
CA THR I 123 3.40 23.02 12.40
C THR I 123 4.73 22.58 12.99
N MET I 124 4.78 22.49 14.32
CA MET I 124 5.99 22.02 14.97
C MET I 124 6.39 20.64 14.47
N ALA I 125 5.41 19.76 14.25
CA ALA I 125 5.71 18.41 13.82
C ALA I 125 6.49 18.41 12.51
N ASP I 126 6.20 19.36 11.62
CA ASP I 126 6.94 19.43 10.37
C ASP I 126 8.40 19.79 10.61
N LEU I 127 8.65 20.78 11.44
CA LEU I 127 10.03 21.15 11.76
C LEU I 127 10.77 19.99 12.39
N VAL I 128 10.16 19.36 13.37
CA VAL I 128 10.82 18.25 14.07
C VAL I 128 11.08 17.11 13.11
N TYR I 129 10.12 16.80 12.24
CA TYR I 129 10.33 15.71 11.30
C TYR I 129 11.45 16.05 10.32
N ALA I 130 11.47 17.26 9.81
CA ALA I 130 12.52 17.66 8.89
C ALA I 130 13.89 17.52 9.53
N LEU I 131 14.00 17.88 10.80
CA LEU I 131 15.31 17.85 11.42
C LEU I 131 15.70 16.46 11.92
N ARG I 132 14.73 15.57 12.12
CA ARG I 132 15.04 14.24 12.62
C ARG I 132 15.01 13.19 11.53
N HIS I 133 14.69 13.56 10.30
CA HIS I 133 14.77 12.64 9.16
C HIS I 133 15.37 13.36 7.96
N PHE I 134 16.63 13.76 8.09
CA PHE I 134 17.24 14.63 7.11
C PHE I 134 17.84 13.83 5.96
N ASP I 135 17.67 14.34 4.74
CA ASP I 135 18.32 13.77 3.57
C ASP I 135 18.56 14.90 2.58
N GLU I 136 19.83 15.17 2.27
CA GLU I 136 20.16 16.35 1.48
C GLU I 136 19.61 16.30 0.06
N GLY I 137 19.01 15.19 -0.35
CA GLY I 137 18.42 15.12 -1.67
C GLY I 137 17.09 15.82 -1.80
N ASN I 138 16.36 16.00 -0.69
CA ASN I 138 15.04 16.61 -0.75
C ASN I 138 14.70 17.39 0.51
N CYS I 139 15.69 18.04 1.09
CA CYS I 139 15.48 18.88 2.27
C CYS I 139 14.84 20.22 1.93
N ASP I 140 13.76 20.22 1.15
CA ASP I 140 13.23 21.47 0.63
C ASP I 140 12.37 22.20 1.65
N THR I 141 11.51 21.46 2.36
CA THR I 141 10.67 22.08 3.38
C THR I 141 11.53 22.79 4.42
N LEU I 142 12.63 22.17 4.84
CA LEU I 142 13.56 22.82 5.74
C LEU I 142 14.07 24.12 5.15
N LYS I 143 14.50 24.09 3.90
CA LYS I 143 14.95 25.29 3.23
C LYS I 143 13.88 26.38 3.30
N GLU I 144 12.62 25.99 3.09
CA GLU I 144 11.55 26.97 3.07
C GLU I 144 11.37 27.60 4.44
N ILE I 145 11.41 26.78 5.50
CA ILE I 145 11.30 27.33 6.85
C ILE I 145 12.42 28.32 7.13
N LEU I 146 13.67 27.92 6.82
CA LEU I 146 14.79 28.79 7.13
C LEU I 146 14.71 30.10 6.37
N VAL I 147 14.38 30.06 5.07
CA VAL I 147 14.32 31.31 4.33
C VAL I 147 13.13 32.14 4.73
N THR I 148 12.03 31.50 5.16
CA THR I 148 10.86 32.24 5.58
C THR I 148 11.13 33.04 6.84
N TYR I 149 11.70 32.41 7.86
CA TYR I 149 11.88 33.08 9.14
C TYR I 149 13.17 33.86 9.23
N ASN I 150 13.76 34.22 8.09
CA ASN I 150 14.90 35.13 8.02
C ASN I 150 16.13 34.59 8.74
N CYS I 151 16.28 33.27 8.82
CA CYS I 151 17.53 32.71 9.32
C CYS I 151 18.67 33.02 8.38
N CYS I 152 18.66 32.44 7.19
CA CYS I 152 19.61 32.78 6.15
C CYS I 152 18.75 33.11 4.94
N ASP I 153 19.37 33.56 3.84
CA ASP I 153 18.64 33.83 2.62
C ASP I 153 19.09 33.05 1.39
N ASP I 154 18.16 32.89 0.45
CA ASP I 154 18.18 31.80 -0.52
C ASP I 154 19.57 31.54 -1.11
N ASP I 155 20.27 32.61 -1.50
CA ASP I 155 21.53 32.45 -2.23
C ASP I 155 22.54 31.61 -1.46
N TYR I 156 22.34 31.49 -0.14
CA TYR I 156 23.18 30.65 0.69
C TYR I 156 23.16 29.19 0.24
N PHE I 157 22.00 28.67 -0.11
CA PHE I 157 21.90 27.22 -0.32
C PHE I 157 22.68 26.72 -1.53
N ASN I 158 23.18 27.60 -2.38
CA ASN I 158 24.05 27.14 -3.46
C ASN I 158 25.49 27.00 -3.01
N LYS I 159 25.82 27.58 -1.85
CA LYS I 159 27.14 27.32 -1.27
C LYS I 159 27.22 25.85 -0.89
N LYS I 160 27.69 25.02 -1.80
CA LYS I 160 27.60 23.58 -1.64
C LYS I 160 28.32 23.12 -0.38
N ASP I 161 27.76 22.08 0.24
CA ASP I 161 28.08 21.61 1.59
C ASP I 161 27.58 22.57 2.66
N TRP I 162 26.48 23.27 2.40
CA TRP I 162 25.93 24.17 3.40
C TRP I 162 25.43 23.42 4.62
N TYR I 163 24.93 22.19 4.44
CA TYR I 163 24.31 21.43 5.50
C TYR I 163 25.28 20.66 6.36
N ASP I 164 26.51 20.46 5.89
CA ASP I 164 27.46 19.66 6.63
C ASP I 164 27.84 20.32 7.94
N PHE I 165 28.34 19.51 8.86
CA PHE I 165 28.68 19.95 10.21
C PHE I 165 30.19 20.12 10.37
N VAL I 166 30.95 19.08 10.05
CA VAL I 166 32.40 19.18 10.03
C VAL I 166 32.83 20.23 9.00
N GLU I 167 32.20 20.19 7.83
CA GLU I 167 32.42 21.22 6.83
C GLU I 167 31.38 22.31 6.99
N ASN I 168 31.81 23.56 6.85
CA ASN I 168 30.95 24.71 7.05
C ASN I 168 30.35 24.66 8.46
N PRO I 169 31.05 25.16 9.46
CA PRO I 169 30.45 25.19 10.80
C PRO I 169 29.52 26.36 11.04
N ASP I 170 29.30 27.23 10.05
CA ASP I 170 28.38 28.35 10.23
C ASP I 170 26.94 27.88 10.32
N ILE I 171 26.68 26.65 9.90
CA ILE I 171 25.35 26.08 9.93
C ILE I 171 24.85 26.06 11.36
N LEU I 172 25.78 26.04 12.32
CA LEU I 172 25.38 26.08 13.73
C LEU I 172 24.71 27.40 14.07
N ARG I 173 25.32 28.51 13.68
CA ARG I 173 24.69 29.82 13.86
C ARG I 173 23.35 29.88 13.15
N VAL I 174 23.33 29.42 11.91
CA VAL I 174 22.10 29.50 11.11
C VAL I 174 20.96 28.77 11.81
N TYR I 175 21.23 27.56 12.28
CA TYR I 175 20.24 26.84 13.07
C TYR I 175 19.90 27.58 14.35
N ALA I 176 20.90 28.19 14.98
CA ALA I 176 20.68 28.82 16.28
C ALA I 176 19.69 29.96 16.20
N ASN I 177 19.54 30.53 15.01
CA ASN I 177 18.60 31.65 14.88
C ASN I 177 17.14 31.27 15.13
N LEU I 178 16.82 30.00 15.40
CA LEU I 178 15.42 29.63 15.62
C LEU I 178 15.11 29.47 17.11
N GLY I 179 16.10 29.68 17.96
CA GLY I 179 15.96 29.45 19.38
C GLY I 179 14.83 30.21 20.03
N GLU I 180 14.72 31.50 19.70
CA GLU I 180 13.72 32.36 20.31
C GLU I 180 12.32 31.85 20.02
N ARG I 181 12.07 31.48 18.76
CA ARG I 181 10.74 30.99 18.39
C ARG I 181 10.44 29.67 19.06
N VAL I 182 11.43 28.78 19.14
CA VAL I 182 11.19 27.50 19.81
C VAL I 182 10.86 27.73 21.28
N ARG I 183 11.53 28.71 21.89
CA ARG I 183 11.26 29.02 23.29
C ARG I 183 9.84 29.53 23.50
N GLN I 184 9.41 30.46 22.64
CA GLN I 184 8.06 30.97 22.73
C GLN I 184 7.06 29.83 22.66
N ALA I 185 7.32 28.85 21.80
CA ALA I 185 6.44 27.70 21.71
C ALA I 185 6.27 27.00 23.06
N LEU I 186 7.38 26.80 23.79
CA LEU I 186 7.31 26.09 25.06
C LEU I 186 6.53 26.90 26.10
N LEU I 187 6.83 28.20 26.18
CA LEU I 187 6.11 29.05 27.12
C LEU I 187 4.60 28.98 26.88
N LYS I 188 4.19 29.02 25.60
CA LYS I 188 2.77 29.00 25.31
C LYS I 188 2.17 27.64 25.61
N THR I 189 2.95 26.57 25.44
CA THR I 189 2.45 25.25 25.82
C THR I 189 2.17 25.19 27.31
N VAL I 190 3.04 25.82 28.10
CA VAL I 190 2.80 25.83 29.55
C VAL I 190 1.52 26.59 29.87
N GLN I 191 1.32 27.74 29.21
CA GLN I 191 0.10 28.50 29.46
C GLN I 191 -1.14 27.67 29.15
N PHE I 192 -1.14 26.99 28.01
CA PHE I 192 -2.28 26.14 27.64
C PHE I 192 -2.49 25.03 28.67
N CYS I 193 -1.42 24.37 29.10
CA CYS I 193 -1.61 23.31 30.09
C CYS I 193 -2.25 23.86 31.35
N ASP I 194 -1.85 25.06 31.75
CA ASP I 194 -2.48 25.73 32.88
C ASP I 194 -3.98 25.88 32.67
N ALA I 195 -4.36 26.52 31.57
CA ALA I 195 -5.77 26.78 31.32
C ALA I 195 -6.55 25.48 31.21
N MET I 196 -5.91 24.43 30.70
CA MET I 196 -6.58 23.16 30.45
C MET I 196 -6.85 22.44 31.76
N ARG I 197 -5.92 22.55 32.71
CA ARG I 197 -6.20 21.98 34.03
C ARG I 197 -7.26 22.78 34.75
N ASN I 198 -7.19 24.11 34.65
CA ASN I 198 -8.18 24.95 35.33
C ASN I 198 -9.58 24.66 34.85
N ALA I 199 -9.78 24.59 33.54
CA ALA I 199 -11.12 24.40 32.99
C ALA I 199 -11.58 22.95 33.00
N GLY I 200 -10.86 22.07 33.68
CA GLY I 200 -11.29 20.69 33.79
C GLY I 200 -11.49 19.98 32.48
N ILE I 201 -10.39 19.77 31.75
CA ILE I 201 -10.40 19.11 30.45
C ILE I 201 -9.30 18.06 30.44
N VAL I 202 -9.56 16.93 29.81
CA VAL I 202 -8.58 15.86 29.68
C VAL I 202 -8.34 15.58 28.21
N GLY I 203 -7.07 15.51 27.83
CA GLY I 203 -6.74 15.22 26.44
C GLY I 203 -5.24 15.16 26.18
N VAL I 204 -4.84 14.35 25.22
CA VAL I 204 -3.43 14.19 24.90
C VAL I 204 -2.98 15.31 23.98
N LEU I 205 -1.87 15.93 24.31
CA LEU I 205 -1.26 16.97 23.51
C LEU I 205 -0.27 16.34 22.54
N THR I 206 -0.29 16.80 21.29
CA THR I 206 0.63 16.32 20.27
C THR I 206 1.29 17.49 19.58
N LEU I 207 2.27 17.18 18.74
CA LEU I 207 3.06 18.23 18.10
C LEU I 207 2.31 18.87 16.95
N ASP I 208 1.63 18.06 16.14
CA ASP I 208 1.04 18.55 14.90
C ASP I 208 -0.26 19.31 15.12
N ASN I 209 -0.40 19.94 16.27
CA ASN I 209 -1.55 20.79 16.56
C ASN I 209 -1.09 22.11 17.11
N GLN I 210 -0.01 22.65 16.55
CA GLN I 210 0.57 23.88 17.06
C GLN I 210 1.31 24.58 15.93
N ASP I 211 0.85 25.77 15.56
CA ASP I 211 1.53 26.52 14.51
C ASP I 211 2.88 26.98 15.05
N LEU I 212 3.76 27.43 14.18
CA LEU I 212 5.09 27.84 14.59
C LEU I 212 5.09 29.18 15.32
N ASN I 213 3.96 29.56 15.92
CA ASN I 213 3.86 30.71 16.80
C ASN I 213 3.43 30.29 18.20
N GLY I 214 3.18 28.99 18.40
CA GLY I 214 2.75 28.47 19.66
C GLY I 214 1.25 28.34 19.81
N ASN I 215 0.47 29.10 19.05
CA ASN I 215 -0.98 29.06 19.17
C ASN I 215 -1.51 27.68 18.86
N TRP I 216 -2.26 27.09 19.78
CA TRP I 216 -2.79 25.76 19.57
C TRP I 216 -4.14 25.81 18.84
N TYR I 217 -4.65 24.62 18.54
CA TYR I 217 -5.95 24.44 17.90
C TYR I 217 -6.26 22.94 17.86
N ASP I 218 -7.41 22.61 17.29
CA ASP I 218 -7.85 21.24 17.08
C ASP I 218 -8.30 20.26 18.15
N PHE I 219 -9.13 20.72 19.08
CA PHE I 219 -9.63 19.89 20.18
C PHE I 219 -10.57 18.86 19.58
N GLY I 220 -10.04 17.66 19.32
CA GLY I 220 -10.72 16.72 18.45
C GLY I 220 -11.37 15.81 19.48
N ASP I 221 -10.56 15.25 20.38
CA ASP I 221 -11.09 14.27 21.32
C ASP I 221 -10.72 14.61 22.76
N PHE I 222 -10.88 15.86 23.15
CA PHE I 222 -10.85 16.24 24.55
C PHE I 222 -12.18 15.90 25.20
N ILE I 223 -12.17 15.75 26.52
CA ILE I 223 -13.35 15.36 27.27
C ILE I 223 -13.53 16.32 28.44
N GLN I 224 -14.55 16.05 29.24
CA GLN I 224 -14.98 16.96 30.30
C GLN I 224 -14.82 16.32 31.67
N THR I 225 -14.66 17.17 32.68
CA THR I 225 -14.61 16.77 34.08
C THR I 225 -14.91 18.02 34.91
N THR I 226 -14.99 17.86 36.22
CA THR I 226 -15.19 19.00 37.10
C THR I 226 -14.04 19.99 36.92
N PRO I 227 -14.29 21.29 37.03
CA PRO I 227 -13.22 22.26 36.83
C PRO I 227 -12.11 22.09 37.85
N GLY I 228 -10.91 22.51 37.45
CA GLY I 228 -9.75 22.38 38.32
C GLY I 228 -9.34 20.96 38.57
N SER I 229 -9.54 20.06 37.61
CA SER I 229 -9.20 18.66 37.82
C SER I 229 -8.98 17.97 36.48
N GLY I 230 -8.39 18.68 35.53
CA GLY I 230 -8.13 18.14 34.20
C GLY I 230 -6.64 17.91 34.00
N VAL I 231 -6.30 16.72 33.50
CA VAL I 231 -4.89 16.33 33.39
C VAL I 231 -4.43 16.33 31.95
N PRO I 232 -3.66 17.33 31.52
CA PRO I 232 -3.08 17.27 30.18
C PRO I 232 -1.91 16.31 30.13
N VAL I 233 -1.81 15.58 29.02
CA VAL I 233 -0.75 14.60 28.82
C VAL I 233 0.30 15.19 27.91
N VAL I 234 1.55 15.22 28.37
CA VAL I 234 2.63 15.82 27.62
C VAL I 234 3.83 14.89 27.58
N ASP I 235 3.62 13.66 27.12
CA ASP I 235 4.74 12.75 27.06
C ASP I 235 5.38 12.77 25.69
N SER I 236 4.63 12.31 24.68
CA SER I 236 5.16 12.30 23.32
C SER I 236 5.64 13.67 22.88
N TYR I 237 4.88 14.72 23.21
CA TYR I 237 5.26 16.08 22.89
C TYR I 237 6.71 16.37 23.25
N TYR I 238 7.00 16.44 24.54
CA TYR I 238 8.35 16.78 24.98
C TYR I 238 9.36 15.75 24.52
N SER I 239 9.00 14.46 24.60
CA SER I 239 9.97 13.42 24.29
C SER I 239 10.47 13.53 22.87
N LEU I 240 9.58 13.80 21.92
CA LEU I 240 10.01 14.02 20.55
C LEU I 240 10.66 15.37 20.35
N LEU I 241 10.21 16.41 21.05
CA LEU I 241 10.77 17.74 20.80
C LEU I 241 12.20 17.86 21.28
N MET I 242 12.60 17.04 22.26
CA MET I 242 13.84 17.25 23.00
C MET I 242 15.06 17.63 22.17
N PRO I 243 15.52 16.80 21.20
CA PRO I 243 16.81 17.08 20.55
C PRO I 243 16.91 18.48 19.95
N ILE I 244 15.82 19.00 19.42
CA ILE I 244 15.83 20.31 18.79
C ILE I 244 16.25 21.38 19.78
N LEU I 245 15.97 21.18 21.06
CA LEU I 245 16.26 22.20 22.05
C LEU I 245 17.75 22.51 22.10
N THR I 246 18.58 21.47 22.08
CA THR I 246 20.02 21.71 22.10
C THR I 246 20.56 21.95 20.71
N LEU I 247 19.93 21.38 19.68
CA LEU I 247 20.42 21.64 18.33
C LEU I 247 20.27 23.11 17.96
N THR I 248 19.20 23.76 18.43
CA THR I 248 18.94 25.15 18.09
C THR I 248 19.31 26.12 19.21
N ARG I 249 19.93 25.63 20.29
CA ARG I 249 20.33 26.47 21.41
C ARG I 249 19.17 27.34 21.90
N ALA I 250 18.13 26.66 22.35
CA ALA I 250 16.91 27.36 22.72
C ALA I 250 17.13 28.26 23.92
N LEU I 251 17.58 27.69 25.03
CA LEU I 251 17.62 28.41 26.30
C LEU I 251 18.70 29.48 26.36
N THR I 252 19.29 29.88 25.24
CA THR I 252 20.38 30.86 25.31
C THR I 252 19.88 32.22 25.75
N ALA I 253 18.57 32.42 25.83
CA ALA I 253 18.05 33.67 26.33
C ALA I 253 18.19 33.75 27.84
N GLU I 254 18.20 32.60 28.50
CA GLU I 254 18.17 32.57 29.96
C GLU I 254 19.39 33.24 30.57
N SER I 255 20.48 33.34 29.82
CA SER I 255 21.72 33.83 30.41
C SER I 255 21.77 35.35 30.45
N HIS I 256 20.78 36.02 29.87
CA HIS I 256 20.84 37.48 29.84
C HIS I 256 20.29 38.07 31.13
N VAL I 257 20.48 39.38 31.26
CA VAL I 257 20.14 40.11 32.48
C VAL I 257 18.71 39.85 32.90
N ASP I 258 17.81 39.68 31.93
CA ASP I 258 16.43 39.38 32.27
C ASP I 258 15.77 38.71 31.06
N THR I 259 16.38 37.64 30.57
CA THR I 259 15.83 36.86 29.46
C THR I 259 15.50 37.74 28.27
N ASP I 260 16.24 38.84 28.11
CA ASP I 260 15.93 39.89 27.15
C ASP I 260 17.13 40.07 26.25
N LEU I 261 17.02 39.56 25.01
CA LEU I 261 18.20 39.34 24.18
C LEU I 261 19.03 40.61 23.99
N THR I 262 18.44 41.77 24.25
CA THR I 262 19.18 43.02 24.06
C THR I 262 20.13 43.33 25.21
N LYS I 263 19.79 42.90 26.43
CA LYS I 263 20.54 43.28 27.61
C LYS I 263 21.82 42.45 27.73
N PRO I 264 22.76 42.88 28.58
CA PRO I 264 24.04 42.16 28.69
C PRO I 264 23.92 40.78 29.33
N TYR I 265 25.04 40.20 29.74
CA TYR I 265 25.03 38.91 30.40
C TYR I 265 24.99 39.11 31.90
N ILE I 266 24.40 38.16 32.60
CA ILE I 266 24.41 38.20 34.06
C ILE I 266 25.84 38.05 34.52
N LYS I 267 26.22 38.77 35.57
CA LYS I 267 27.54 38.55 36.17
C LYS I 267 27.44 37.56 37.32
N TRP I 268 27.55 36.26 37.04
CA TRP I 268 27.68 35.33 38.14
C TRP I 268 29.02 35.56 38.82
N ASP I 269 29.04 35.44 40.15
CA ASP I 269 30.30 35.60 40.83
C ASP I 269 31.17 34.35 40.64
N LEU I 270 32.47 34.54 40.81
CA LEU I 270 33.39 33.47 40.47
C LEU I 270 33.30 32.31 41.45
N LEU I 271 32.87 32.57 42.68
CA LEU I 271 32.99 31.55 43.70
C LEU I 271 31.76 30.65 43.76
N LYS I 272 30.64 31.07 43.19
CA LYS I 272 29.43 30.28 43.34
C LYS I 272 29.53 29.01 42.50
N TYR I 273 29.14 27.89 43.09
CA TYR I 273 29.19 26.63 42.38
C TYR I 273 28.02 25.69 42.65
N ASP I 274 27.03 26.07 43.45
CA ASP I 274 26.01 25.10 43.81
C ASP I 274 24.97 24.97 42.71
N PHE I 275 24.21 26.04 42.45
CA PHE I 275 23.39 26.11 41.24
C PHE I 275 22.29 25.06 41.24
N THR I 276 21.73 24.73 42.40
CA THR I 276 20.69 23.70 42.45
C THR I 276 19.30 24.29 42.27
N GLU I 277 18.95 25.30 43.08
CA GLU I 277 17.62 25.87 42.96
C GLU I 277 17.40 26.52 41.60
N GLU I 278 18.45 27.04 40.97
CA GLU I 278 18.30 27.57 39.63
C GLU I 278 17.82 26.49 38.67
N ARG I 279 18.39 25.28 38.75
CA ARG I 279 17.96 24.21 37.89
C ARG I 279 16.52 23.83 38.15
N LEU I 280 16.13 23.75 39.43
CA LEU I 280 14.74 23.41 39.74
C LEU I 280 13.79 24.48 39.21
N LYS I 281 14.19 25.75 39.29
CA LYS I 281 13.31 26.81 38.84
C LYS I 281 13.18 26.84 37.32
N LEU I 282 14.28 26.56 36.61
CA LEU I 282 14.18 26.42 35.16
C LEU I 282 13.29 25.24 34.79
N PHE I 283 13.44 24.13 35.51
CA PHE I 283 12.62 22.97 35.22
C PHE I 283 11.15 23.28 35.40
N ASP I 284 10.82 24.06 36.42
CA ASP I 284 9.42 24.43 36.62
C ASP I 284 8.95 25.42 35.57
N ARG I 285 9.82 26.35 35.20
CA ARG I 285 9.42 27.37 34.23
C ARG I 285 9.14 26.77 32.85
N TYR I 286 9.86 25.73 32.47
CA TYR I 286 9.73 25.24 31.10
C TYR I 286 9.08 23.87 30.98
N PHE I 287 9.10 23.04 32.03
CA PHE I 287 8.60 21.68 31.88
C PHE I 287 7.55 21.31 32.90
N LYS I 288 6.81 22.28 33.44
CA LYS I 288 5.93 22.12 34.59
C LYS I 288 5.26 20.77 34.71
N TYR I 289 4.59 20.32 33.65
CA TYR I 289 3.72 19.16 33.74
C TYR I 289 4.41 17.86 33.35
N TRP I 290 5.74 17.84 33.33
CA TRP I 290 6.45 16.57 33.17
C TRP I 290 6.18 15.74 34.41
N ASP I 291 5.89 14.45 34.23
CA ASP I 291 5.23 13.65 35.27
C ASP I 291 6.20 12.70 35.96
N GLN I 292 7.43 13.17 36.17
CA GLN I 292 8.38 12.29 36.83
C GLN I 292 9.38 13.15 37.59
N THR I 293 9.79 12.66 38.76
CA THR I 293 10.70 13.41 39.62
C THR I 293 11.98 13.74 38.89
N TYR I 294 12.70 14.73 39.41
CA TYR I 294 13.93 15.21 38.80
C TYR I 294 14.85 15.68 39.91
N HIS I 295 15.94 14.96 40.14
CA HIS I 295 16.91 15.32 41.17
C HIS I 295 18.05 16.08 40.50
N PRO I 296 18.27 17.34 40.81
CA PRO I 296 19.36 18.07 40.15
C PRO I 296 20.72 17.50 40.43
N ASN I 297 20.92 16.85 41.57
CA ASN I 297 22.18 16.22 41.92
C ASN I 297 21.98 14.72 41.88
N CYS I 298 22.55 14.07 40.86
CA CYS I 298 22.26 12.67 40.60
C CYS I 298 22.72 11.75 41.71
N VAL I 299 23.31 12.28 42.79
CA VAL I 299 23.68 11.42 43.91
C VAL I 299 22.44 10.76 44.51
N ASN I 300 21.32 11.45 44.48
CA ASN I 300 20.09 10.99 45.12
C ASN I 300 19.25 10.12 44.21
N CYS I 301 19.76 9.72 43.04
CA CYS I 301 18.94 8.94 42.13
C CYS I 301 18.67 7.56 42.69
N LEU I 302 17.68 6.89 42.10
CA LEU I 302 17.32 5.54 42.53
C LEU I 302 17.96 4.31 41.92
N ASP I 303 17.81 4.14 40.62
CA ASP I 303 18.47 3.06 39.89
C ASP I 303 19.00 3.82 38.67
N ASP I 304 19.74 3.09 37.84
CA ASP I 304 20.43 3.71 36.71
C ASP I 304 19.49 4.43 35.76
N ARG I 305 18.27 3.95 35.61
CA ARG I 305 17.35 4.62 34.70
C ARG I 305 17.02 6.03 35.19
N CYS I 306 16.87 6.20 36.50
CA CYS I 306 16.69 7.56 37.00
C CYS I 306 17.96 8.38 36.78
N ILE I 307 19.12 7.74 36.80
CA ILE I 307 20.37 8.45 36.54
C ILE I 307 20.35 9.04 35.14
N LEU I 308 19.99 8.23 34.15
CA LEU I 308 19.90 8.74 32.79
C LEU I 308 18.86 9.83 32.69
N HIS I 309 17.66 9.57 33.22
CA HIS I 309 16.56 10.52 33.12
C HIS I 309 16.96 11.89 33.65
N CYS I 310 17.67 11.95 34.77
CA CYS I 310 18.03 13.25 35.32
C CYS I 310 19.27 13.83 34.67
N ALA I 311 20.23 12.99 34.28
CA ALA I 311 21.41 13.49 33.61
C ALA I 311 21.05 14.18 32.30
N ASN I 312 19.98 13.74 31.65
CA ASN I 312 19.57 14.38 30.41
C ASN I 312 19.21 15.85 30.65
N PHE I 313 18.30 16.10 31.58
CA PHE I 313 17.95 17.47 31.91
C PHE I 313 19.15 18.26 32.38
N ASN I 314 20.07 17.61 33.09
CA ASN I 314 21.25 18.35 33.51
C ASN I 314 22.09 18.77 32.31
N VAL I 315 22.24 17.90 31.33
CA VAL I 315 22.93 18.26 30.10
C VAL I 315 22.28 19.49 29.47
N LEU I 316 20.95 19.54 29.50
CA LEU I 316 20.28 20.70 28.93
C LEU I 316 20.58 21.96 29.72
N PHE I 317 20.37 21.93 31.03
CA PHE I 317 20.43 23.17 31.80
C PHE I 317 21.86 23.66 31.97
N SER I 318 22.84 22.78 31.94
CA SER I 318 24.19 23.24 32.22
C SER I 318 24.78 24.04 31.11
N THR I 319 24.07 24.33 30.03
CA THR I 319 24.59 25.18 28.97
C THR I 319 24.25 26.64 29.22
N VAL I 320 23.84 26.98 30.43
CA VAL I 320 23.44 28.34 30.76
C VAL I 320 24.48 28.96 31.69
N PHE I 321 24.99 28.18 32.59
CA PHE I 321 25.82 28.71 33.65
C PHE I 321 27.26 28.88 33.19
N PRO I 322 28.06 29.68 33.90
CA PRO I 322 29.40 29.99 33.42
C PRO I 322 30.27 28.74 33.38
N PRO I 323 31.27 28.71 32.49
CA PRO I 323 32.06 27.49 32.32
C PRO I 323 33.20 27.34 33.30
N THR I 324 33.54 28.38 34.07
CA THR I 324 34.63 28.23 35.02
C THR I 324 34.17 27.50 36.28
N SER I 325 32.87 27.35 36.45
CA SER I 325 32.35 26.79 37.69
C SER I 325 32.18 25.29 37.60
N PHE I 326 32.92 24.65 36.71
CA PHE I 326 32.88 23.20 36.57
C PHE I 326 34.28 22.66 36.85
N GLY I 327 34.35 21.40 37.24
CA GLY I 327 35.62 20.79 37.54
C GLY I 327 35.83 20.63 39.03
N PRO I 328 37.04 20.23 39.41
CA PRO I 328 37.29 19.88 40.81
C PRO I 328 37.01 21.03 41.76
N LEU I 329 36.50 20.68 42.93
CA LEU I 329 36.32 21.62 44.03
C LEU I 329 37.42 21.37 45.04
N VAL I 330 38.26 22.37 45.25
CA VAL I 330 39.42 22.24 46.11
C VAL I 330 39.13 22.91 47.43
N ARG I 331 39.92 22.55 48.44
CA ARG I 331 39.80 23.16 49.75
C ARG I 331 41.12 23.04 50.47
N LYS I 332 41.30 23.89 51.47
CA LYS I 332 42.57 24.05 52.17
C LYS I 332 42.62 23.17 53.39
N ILE I 333 43.47 22.13 53.34
CA ILE I 333 43.61 21.19 54.44
C ILE I 333 45.03 21.28 54.99
N PHE I 334 45.17 20.87 56.25
CA PHE I 334 46.43 20.91 56.95
C PHE I 334 46.93 19.50 57.22
N VAL I 335 48.22 19.29 57.05
CA VAL I 335 48.90 18.11 57.57
C VAL I 335 50.16 18.62 58.27
N ASP I 336 50.50 17.99 59.40
CA ASP I 336 51.58 18.37 60.31
C ASP I 336 51.93 19.86 60.21
N GLY I 337 50.94 20.68 60.49
CA GLY I 337 51.12 22.11 60.52
C GLY I 337 51.46 22.73 59.18
N VAL I 338 51.19 22.03 58.08
CA VAL I 338 51.49 22.58 56.77
C VAL I 338 50.21 22.68 55.95
N PRO I 339 49.87 23.85 55.42
CA PRO I 339 48.65 23.98 54.63
C PRO I 339 48.81 23.39 53.24
N PHE I 340 47.80 22.65 52.80
CA PHE I 340 47.76 22.08 51.46
C PHE I 340 46.56 22.62 50.70
N VAL I 341 46.44 22.18 49.44
CA VAL I 341 45.28 22.48 48.60
C VAL I 341 44.94 21.20 47.86
N VAL I 342 43.89 20.51 48.30
CA VAL I 342 43.48 19.27 47.67
C VAL I 342 42.02 19.37 47.28
N SER I 343 41.60 18.47 46.41
CA SER I 343 40.24 18.47 45.91
C SER I 343 39.37 17.56 46.77
N THR I 344 38.17 18.01 47.08
CA THR I 344 37.23 17.22 47.86
C THR I 344 35.95 16.89 47.13
N GLY I 345 35.82 17.25 45.86
CA GLY I 345 34.61 16.94 45.13
C GLY I 345 34.76 17.30 43.68
N TYR I 346 33.64 17.26 42.97
CA TYR I 346 33.58 17.65 41.58
C TYR I 346 32.28 18.41 41.33
N HIS I 347 32.15 18.91 40.11
CA HIS I 347 30.90 19.54 39.65
C HIS I 347 30.72 19.13 38.20
N PHE I 348 30.03 18.03 37.97
CA PHE I 348 29.83 17.47 36.66
C PHE I 348 28.84 18.30 35.85
N ARG I 349 29.00 18.30 34.53
CA ARG I 349 27.98 18.86 33.67
C ARG I 349 26.73 18.02 33.62
N GLU I 350 26.78 16.78 34.09
CA GLU I 350 25.64 15.88 34.04
C GLU I 350 25.19 15.39 35.40
N LEU I 351 26.08 15.14 36.34
CA LEU I 351 25.71 14.56 37.61
C LEU I 351 25.72 15.58 38.74
N GLY I 352 25.61 16.86 38.44
CA GLY I 352 25.48 17.84 39.50
C GLY I 352 26.73 17.90 40.35
N VAL I 353 26.55 17.97 41.66
CA VAL I 353 27.64 18.14 42.60
C VAL I 353 27.84 16.84 43.36
N VAL I 354 29.11 16.46 43.55
CA VAL I 354 29.47 15.25 44.27
C VAL I 354 30.51 15.62 45.32
N HIS I 355 30.32 15.15 46.54
CA HIS I 355 31.22 15.46 47.64
C HIS I 355 31.90 14.19 48.14
N ASN I 356 33.19 14.29 48.43
CA ASN I 356 33.86 13.12 48.98
C ASN I 356 33.36 12.85 50.39
N GLN I 357 33.39 11.58 50.75
CA GLN I 357 32.91 11.13 52.05
C GLN I 357 34.02 11.02 53.08
N ASP I 358 35.20 10.59 52.67
CA ASP I 358 36.33 10.41 53.59
C ASP I 358 37.30 11.55 53.35
N VAL I 359 37.18 12.62 54.13
CA VAL I 359 38.12 13.72 54.09
C VAL I 359 38.47 14.10 55.52
N ASN I 360 39.75 14.37 55.75
CA ASN I 360 40.21 14.62 57.11
C ASN I 360 41.20 15.77 57.11
N LEU I 361 40.84 16.85 57.78
CA LEU I 361 41.77 17.92 58.04
C LEU I 361 42.66 17.54 59.21
N HIS I 362 43.81 18.19 59.28
CA HIS I 362 44.81 17.93 60.32
C HIS I 362 45.21 16.45 60.32
N SER I 363 46.19 16.17 59.47
CA SER I 363 46.83 14.87 59.47
C SER I 363 48.26 14.99 59.98
N SER I 364 48.87 13.84 60.24
CA SER I 364 50.24 13.80 60.75
C SER I 364 51.20 13.34 59.66
N ARG I 365 51.14 12.06 59.31
CA ARG I 365 51.90 11.51 58.21
C ARG I 365 51.00 10.88 57.17
N LEU I 366 51.54 10.77 55.95
CA LEU I 366 50.86 10.15 54.83
C LEU I 366 51.66 8.91 54.45
N SER I 367 50.96 7.81 54.18
CA SER I 367 51.64 6.61 53.73
C SER I 367 51.52 6.60 52.21
N PHE I 368 52.13 5.62 51.56
CA PHE I 368 52.03 5.53 50.10
C PHE I 368 50.74 5.79 49.36
N LYS I 369 49.63 5.21 49.83
CA LYS I 369 48.34 5.41 49.18
C LYS I 369 48.00 6.89 49.06
N GLU I 370 48.05 7.61 50.18
CA GLU I 370 47.71 9.02 50.14
C GLU I 370 48.72 9.81 49.34
N LEU I 371 50.01 9.47 49.43
CA LEU I 371 50.99 10.17 48.62
C LEU I 371 50.63 10.07 47.15
N LEU I 372 50.23 8.87 46.72
CA LEU I 372 49.80 8.70 45.34
C LEU I 372 48.61 9.60 45.02
N VAL I 373 47.53 9.47 45.78
CA VAL I 373 46.30 10.16 45.40
C VAL I 373 46.46 11.67 45.51
N TYR I 374 47.44 12.16 46.27
CA TYR I 374 47.72 13.59 46.30
C TYR I 374 48.58 14.02 45.14
N ALA I 375 49.60 13.25 44.79
CA ALA I 375 50.46 13.63 43.68
C ALA I 375 49.72 13.56 42.35
N ALA I 376 48.67 12.75 42.27
CA ALA I 376 47.98 12.57 40.99
C ALA I 376 46.90 13.62 40.74
N ASP I 377 46.49 14.35 41.76
CA ASP I 377 45.46 15.37 41.58
C ASP I 377 46.01 16.53 40.76
N PRO I 378 45.18 17.16 39.93
CA PRO I 378 45.62 18.38 39.24
C PRO I 378 45.58 19.61 40.14
N ALA I 379 45.12 19.47 41.37
CA ALA I 379 44.90 20.64 42.22
C ALA I 379 46.20 21.39 42.47
N MET I 380 47.21 20.70 42.99
CA MET I 380 48.49 21.34 43.26
C MET I 380 49.12 21.87 41.97
N HIS I 381 49.12 21.05 40.93
CA HIS I 381 49.78 21.42 39.68
C HIS I 381 49.20 22.70 39.11
N ALA I 382 47.88 22.87 39.21
CA ALA I 382 47.25 24.05 38.65
C ALA I 382 47.39 25.24 39.61
N ALA I 383 47.28 25.00 40.91
CA ALA I 383 47.38 26.10 41.86
C ALA I 383 48.76 26.68 41.96
N SER I 384 49.79 25.97 41.50
CA SER I 384 51.16 26.46 41.61
C SER I 384 51.75 26.89 40.27
N GLY I 385 50.91 27.25 39.29
CA GLY I 385 51.37 27.54 37.95
C GLY I 385 50.87 28.89 37.47
N ASN I 386 51.48 29.33 36.38
CA ASN I 386 51.17 30.62 35.77
C ASN I 386 49.87 30.53 34.99
N LEU I 387 49.10 31.61 35.00
CA LEU I 387 47.93 31.69 34.15
C LEU I 387 48.36 31.60 32.68
N LEU I 388 47.49 31.11 31.82
CA LEU I 388 47.79 30.96 30.41
C LEU I 388 46.58 31.33 29.56
N LEU I 389 46.84 32.01 28.45
CA LEU I 389 45.80 32.39 27.50
C LEU I 389 46.24 31.93 26.12
N ASP I 390 45.86 30.72 25.74
CA ASP I 390 46.23 30.17 24.45
C ASP I 390 45.18 30.50 23.41
N LYS I 391 45.58 31.27 22.40
CA LYS I 391 44.68 31.66 21.33
C LYS I 391 44.77 30.77 20.11
N ARG I 392 45.69 29.81 20.10
CA ARG I 392 45.76 28.87 19.00
C ARG I 392 44.54 27.97 18.94
N THR I 393 43.79 27.83 20.05
CA THR I 393 42.63 26.98 20.08
C THR I 393 41.39 27.75 20.52
N THR I 394 40.29 27.03 20.75
CA THR I 394 39.11 27.59 21.37
C THR I 394 38.70 26.87 22.65
N CYS I 395 39.36 25.76 23.00
CA CYS I 395 39.05 25.07 24.22
C CYS I 395 39.51 25.86 25.43
N PHE I 396 38.91 25.57 26.58
CA PHE I 396 39.16 26.35 27.78
C PHE I 396 40.54 26.01 28.31
N SER I 397 41.41 27.02 28.38
CA SER I 397 42.72 26.83 28.98
C SER I 397 42.62 26.87 30.50
N VAL I 398 43.73 26.55 31.17
CA VAL I 398 43.75 26.55 32.63
C VAL I 398 45.02 27.18 33.16
N ALA I 399 46.17 26.56 32.92
CA ALA I 399 47.40 27.04 33.51
C ALA I 399 48.58 26.45 32.76
N ALA I 400 49.70 27.14 32.82
CA ALA I 400 50.96 26.66 32.27
C ALA I 400 51.88 26.27 33.40
N LEU I 401 52.48 25.11 33.28
CA LEU I 401 53.30 24.60 34.31
C LEU I 401 54.67 25.14 34.34
N THR I 402 55.28 25.30 33.21
CA THR I 402 56.63 25.76 33.20
C THR I 402 56.67 27.03 32.42
N ASN I 403 57.74 27.77 32.51
CA ASN I 403 57.85 29.01 31.80
C ASN I 403 57.79 29.07 30.28
N ASN I 404 58.03 28.01 29.52
CA ASN I 404 57.97 28.13 28.06
C ASN I 404 57.33 26.95 27.38
N VAL I 405 56.49 27.17 26.38
CA VAL I 405 55.71 26.10 25.77
C VAL I 405 56.63 25.28 24.86
N ALA I 406 56.46 23.96 24.92
CA ALA I 406 57.27 23.09 24.08
C ALA I 406 56.59 22.84 22.75
N PHE I 407 57.41 22.76 21.70
CA PHE I 407 56.89 22.51 20.36
C PHE I 407 57.44 21.16 19.91
N GLN I 408 56.55 20.23 19.65
CA GLN I 408 56.97 18.89 19.28
C GLN I 408 56.83 18.70 17.78
N THR I 409 57.80 18.01 17.20
CA THR I 409 57.82 17.78 15.77
C THR I 409 57.89 16.29 15.51
N VAL I 410 57.59 15.89 14.27
CA VAL I 410 57.54 14.48 13.90
C VAL I 410 58.46 14.23 12.71
N LYS I 411 59.45 13.37 12.92
CA LYS I 411 60.48 13.15 11.93
C LYS I 411 59.97 12.25 10.81
N PRO I 412 60.66 12.22 9.68
CA PRO I 412 60.25 11.36 8.57
C PRO I 412 60.84 9.96 8.72
N GLY I 413 60.35 9.05 7.88
CA GLY I 413 60.70 7.65 7.97
C GLY I 413 62.06 7.35 7.40
N ASN I 414 62.36 6.07 7.25
CA ASN I 414 63.65 5.61 6.78
C ASN I 414 63.48 4.69 5.59
N PHE I 415 64.45 4.74 4.70
CA PHE I 415 64.35 4.11 3.40
C PHE I 415 65.23 2.88 3.32
N ASN I 416 64.63 1.80 2.81
CA ASN I 416 65.27 0.50 2.67
C ASN I 416 65.65 0.26 1.22
N LYS I 417 66.77 0.85 0.78
CA LYS I 417 67.03 0.95 -0.66
C LYS I 417 67.16 -0.42 -1.31
N ASP I 418 67.69 -1.39 -0.58
CA ASP I 418 67.91 -2.71 -1.17
C ASP I 418 66.62 -3.32 -1.65
N PHE I 419 65.56 -3.24 -0.83
CA PHE I 419 64.28 -3.81 -1.21
C PHE I 419 63.67 -3.06 -2.37
N TYR I 420 63.82 -1.74 -2.40
CA TYR I 420 63.27 -1.00 -3.52
C TYR I 420 63.96 -1.39 -4.82
N ASP I 421 65.28 -1.48 -4.80
CA ASP I 421 66.00 -1.91 -6.00
C ASP I 421 65.58 -3.30 -6.41
N PHE I 422 65.42 -4.21 -5.45
CA PHE I 422 64.92 -5.53 -5.78
C PHE I 422 63.59 -5.44 -6.50
N ALA I 423 62.65 -4.69 -5.93
CA ALA I 423 61.28 -4.72 -6.44
C ALA I 423 61.19 -4.08 -7.82
N VAL I 424 62.00 -3.04 -8.08
CA VAL I 424 61.96 -2.49 -9.43
C VAL I 424 62.71 -3.40 -10.39
N SER I 425 63.65 -4.20 -9.88
CA SER I 425 64.37 -5.12 -10.76
C SER I 425 63.45 -6.20 -11.29
N LYS I 426 62.53 -6.67 -10.46
CA LYS I 426 61.61 -7.73 -10.86
C LYS I 426 60.39 -7.20 -11.59
N GLY I 427 60.38 -5.93 -11.96
CA GLY I 427 59.28 -5.39 -12.71
C GLY I 427 58.07 -5.06 -11.88
N PHE I 428 58.22 -4.17 -10.92
CA PHE I 428 57.10 -3.65 -10.15
C PHE I 428 57.02 -2.16 -10.39
N PHE I 429 55.99 -1.53 -9.82
CA PHE I 429 55.91 -0.07 -9.77
C PHE I 429 55.83 0.54 -11.17
N LYS I 430 55.26 -0.18 -12.13
CA LYS I 430 55.16 0.34 -13.48
C LYS I 430 54.27 1.56 -13.50
N GLU I 431 54.48 2.42 -14.50
CA GLU I 431 53.63 3.59 -14.65
C GLU I 431 52.20 3.17 -14.97
N GLY I 432 51.25 3.85 -14.35
CA GLY I 432 49.85 3.59 -14.63
C GLY I 432 49.29 2.31 -14.04
N SER I 433 50.10 1.51 -13.37
CA SER I 433 49.65 0.23 -12.83
C SER I 433 48.71 0.47 -11.66
N SER I 434 48.20 -0.61 -11.08
CA SER I 434 47.29 -0.51 -9.95
C SER I 434 48.03 -0.49 -8.62
N VAL I 435 48.87 -1.48 -8.35
CA VAL I 435 49.67 -1.46 -7.13
C VAL I 435 50.71 -0.37 -7.27
N GLU I 436 51.01 0.29 -6.15
CA GLU I 436 51.93 1.42 -6.17
C GLU I 436 52.31 1.81 -4.75
N LEU I 437 52.84 3.01 -4.59
CA LEU I 437 53.22 3.53 -3.29
C LEU I 437 52.21 4.57 -2.84
N LYS I 438 51.49 4.27 -1.77
CA LYS I 438 50.49 5.19 -1.26
C LYS I 438 50.64 5.40 0.23
N HIS I 439 51.48 4.60 0.89
CA HIS I 439 51.59 4.64 2.33
C HIS I 439 52.98 5.11 2.71
N PHE I 440 53.10 6.31 3.28
CA PHE I 440 54.40 6.87 3.59
C PHE I 440 54.44 7.26 5.07
N PHE I 441 55.53 7.91 5.45
CA PHE I 441 55.79 8.38 6.81
C PHE I 441 55.73 9.91 6.77
N PHE I 442 54.53 10.45 6.90
CA PHE I 442 54.34 11.88 6.75
C PHE I 442 54.93 12.63 7.93
N ALA I 443 55.61 13.73 7.64
CA ALA I 443 56.26 14.53 8.66
C ALA I 443 55.38 15.70 9.06
N GLN I 444 55.53 16.14 10.31
CA GLN I 444 54.76 17.26 10.84
C GLN I 444 55.70 18.29 11.43
N ASP I 445 55.27 19.55 11.43
CA ASP I 445 56.12 20.63 11.88
C ASP I 445 55.79 20.97 13.30
N GLY I 446 56.20 22.14 13.76
CA GLY I 446 55.99 22.53 15.15
C GLY I 446 54.73 22.45 15.95
N ASN I 447 53.70 23.19 15.56
CA ASN I 447 52.46 23.24 16.31
C ASN I 447 51.61 22.17 15.65
N ALA I 448 52.02 20.93 15.83
CA ALA I 448 51.26 19.78 15.37
C ALA I 448 50.36 19.21 16.45
N ALA I 449 50.85 19.08 17.67
CA ALA I 449 50.06 18.52 18.76
C ALA I 449 48.81 19.34 19.00
N ILE I 450 48.97 20.64 19.19
CA ILE I 450 47.83 21.48 19.55
C ILE I 450 46.87 21.60 18.38
N SER I 451 47.39 21.56 17.15
CA SER I 451 46.52 21.67 16.00
C SER I 451 45.67 20.42 15.81
N ASP I 452 46.00 19.35 16.53
CA ASP I 452 45.19 18.15 16.49
C ASP I 452 44.30 18.03 17.72
N TYR I 453 44.80 18.49 18.86
CA TYR I 453 43.94 18.56 20.04
C TYR I 453 42.78 19.50 19.78
N ASP I 454 42.97 20.50 18.92
CA ASP I 454 41.90 21.44 18.62
C ASP I 454 40.71 20.79 17.96
N TYR I 455 40.82 19.54 17.53
CA TYR I 455 39.71 18.91 16.82
C TYR I 455 38.56 18.56 17.74
N TYR I 456 38.60 18.95 19.01
CA TYR I 456 37.47 18.63 19.86
C TYR I 456 36.31 19.59 19.67
N ARG I 457 36.50 20.68 18.94
CA ARG I 457 35.42 21.64 18.75
C ARG I 457 34.23 21.03 18.04
N TYR I 458 34.35 19.80 17.53
CA TYR I 458 33.18 19.15 16.98
C TYR I 458 32.34 18.45 18.02
N ASN I 459 32.70 18.58 19.30
CA ASN I 459 31.89 17.99 20.35
C ASN I 459 31.00 19.04 20.98
N LEU I 460 29.69 18.84 20.85
CA LEU I 460 28.71 19.82 21.27
C LEU I 460 27.74 19.17 22.24
N PRO I 461 27.11 19.94 23.12
CA PRO I 461 26.10 19.37 24.00
C PRO I 461 24.95 18.80 23.20
N THR I 462 24.51 17.61 23.59
CA THR I 462 23.47 16.92 22.85
C THR I 462 22.44 16.36 23.81
N MET I 463 21.19 16.67 23.57
CA MET I 463 20.07 16.21 24.38
C MET I 463 19.38 15.08 23.65
N CYS I 464 19.21 13.95 24.32
CA CYS I 464 18.70 12.75 23.68
C CYS I 464 17.23 12.53 24.00
N ASP I 465 16.52 12.00 23.01
CA ASP I 465 15.14 11.57 23.17
C ASP I 465 15.06 10.53 24.27
N ILE I 466 14.59 10.93 25.45
CA ILE I 466 14.85 10.14 26.64
C ILE I 466 14.10 8.82 26.60
N ARG I 467 12.91 8.79 26.01
CA ARG I 467 12.11 7.57 26.07
C ARG I 467 12.65 6.49 25.14
N GLN I 468 12.92 6.85 23.89
CA GLN I 468 13.48 5.87 22.98
C GLN I 468 14.85 5.44 23.43
N LEU I 469 15.59 6.32 24.09
CA LEU I 469 16.88 5.92 24.65
C LEU I 469 16.69 4.92 25.77
N LEU I 470 15.71 5.16 26.64
CA LEU I 470 15.43 4.24 27.73
C LEU I 470 14.93 2.88 27.24
N PHE I 471 14.42 2.80 26.02
CA PHE I 471 14.09 1.50 25.43
C PHE I 471 15.29 0.82 24.78
N VAL I 472 16.02 1.56 23.95
CA VAL I 472 17.14 0.94 23.25
C VAL I 472 18.21 0.51 24.23
N VAL I 473 18.30 1.17 25.40
CA VAL I 473 19.29 0.72 26.37
C VAL I 473 18.94 -0.68 26.87
N GLU I 474 17.65 -0.97 27.00
CA GLU I 474 17.25 -2.31 27.41
C GLU I 474 17.59 -3.33 26.33
N VAL I 475 17.31 -3.00 25.07
CA VAL I 475 17.62 -3.95 24.01
C VAL I 475 19.12 -4.19 23.91
N VAL I 476 19.92 -3.12 23.97
CA VAL I 476 21.38 -3.27 23.95
C VAL I 476 21.82 -4.15 25.10
N ASP I 477 21.29 -3.92 26.30
CA ASP I 477 21.65 -4.78 27.41
C ASP I 477 21.34 -6.23 27.09
N LYS I 478 20.22 -6.48 26.41
CA LYS I 478 19.88 -7.86 26.09
C LYS I 478 20.87 -8.46 25.11
N TYR I 479 21.51 -7.61 24.31
CA TYR I 479 22.57 -8.12 23.44
C TYR I 479 23.80 -8.62 24.22
N PHE I 480 23.75 -8.59 25.55
CA PHE I 480 24.93 -8.69 26.40
C PHE I 480 24.66 -9.54 27.63
N ASP I 481 24.01 -10.70 27.47
CA ASP I 481 23.61 -11.49 28.62
C ASP I 481 24.23 -12.87 28.63
N CYS I 482 25.39 -13.04 28.03
CA CYS I 482 26.02 -14.36 27.95
C CYS I 482 27.35 -14.38 28.68
N TYR I 483 27.66 -13.32 29.41
CA TYR I 483 28.99 -13.19 29.99
C TYR I 483 28.83 -13.11 31.51
N ASP I 484 29.92 -12.81 32.20
CA ASP I 484 29.83 -12.70 33.65
C ASP I 484 30.90 -11.73 34.14
N GLY I 485 30.50 -10.84 35.06
CA GLY I 485 31.42 -9.84 35.55
C GLY I 485 31.31 -9.65 37.05
N GLY I 486 32.13 -8.77 37.59
CA GLY I 486 32.17 -8.54 39.02
C GLY I 486 33.57 -8.18 39.44
N CYS I 487 33.68 -7.60 40.63
CA CYS I 487 34.97 -7.21 41.14
C CYS I 487 35.86 -8.43 41.34
N ILE I 488 37.16 -8.19 41.34
CA ILE I 488 38.14 -9.24 41.61
C ILE I 488 39.21 -8.65 42.51
N ASN I 489 39.88 -9.50 43.26
CA ASN I 489 40.91 -9.01 44.15
C ASN I 489 42.14 -8.60 43.35
N ALA I 490 43.10 -8.01 44.05
CA ALA I 490 44.31 -7.56 43.38
C ALA I 490 45.11 -8.73 42.83
N ASN I 491 44.99 -9.91 43.44
CA ASN I 491 45.85 -11.02 43.07
C ASN I 491 45.26 -11.87 41.96
N GLN I 492 44.41 -11.28 41.13
CA GLN I 492 43.87 -11.98 39.98
C GLN I 492 43.92 -11.19 38.69
N VAL I 493 44.48 -9.97 38.70
CA VAL I 493 44.58 -9.19 37.47
C VAL I 493 45.74 -9.70 36.63
N ILE I 494 45.63 -9.51 35.32
CA ILE I 494 46.58 -10.00 34.35
C ILE I 494 47.08 -8.82 33.54
N VAL I 495 48.34 -8.43 33.73
CA VAL I 495 48.90 -7.29 33.04
C VAL I 495 49.94 -7.78 32.05
N ASN I 496 49.67 -7.57 30.77
CA ASN I 496 50.64 -7.88 29.72
C ASN I 496 51.48 -6.65 29.45
N ASN I 497 52.79 -6.84 29.37
CA ASN I 497 53.74 -5.75 29.22
C ASN I 497 53.64 -4.78 30.37
N LEU I 498 54.24 -5.12 31.51
CA LEU I 498 54.37 -4.23 32.65
C LEU I 498 55.40 -3.15 32.43
N ASP I 499 55.69 -2.79 31.19
CA ASP I 499 56.85 -1.96 30.88
C ASP I 499 56.42 -0.86 29.91
N LYS I 500 55.28 -0.24 30.20
CA LYS I 500 54.81 0.88 29.41
C LYS I 500 54.80 2.13 30.26
N SER I 501 54.40 3.26 29.68
CA SER I 501 54.49 4.53 30.39
C SER I 501 53.39 4.63 31.42
N ALA I 502 53.63 5.39 32.48
CA ALA I 502 52.69 5.51 33.58
C ALA I 502 52.00 6.86 33.65
N GLY I 503 51.87 7.56 32.52
CA GLY I 503 51.17 8.83 32.52
C GLY I 503 51.93 9.93 33.24
N PHE I 504 51.26 11.01 33.55
CA PHE I 504 51.93 12.12 34.22
C PHE I 504 51.27 12.38 35.56
N PRO I 505 52.03 12.72 36.62
CA PRO I 505 53.46 12.99 36.66
C PRO I 505 54.32 11.82 37.02
N PHE I 506 53.76 10.62 36.96
CA PHE I 506 54.48 9.47 37.45
C PHE I 506 55.60 9.06 36.52
N ASN I 507 55.57 9.53 35.27
CA ASN I 507 56.59 9.09 34.33
C ASN I 507 57.94 9.74 34.60
N LYS I 508 58.03 10.58 35.63
CA LYS I 508 59.32 11.13 36.03
C LYS I 508 60.15 10.15 36.84
N TRP I 509 59.58 9.04 37.29
CA TRP I 509 60.29 8.14 38.17
C TRP I 509 60.13 6.67 37.77
N GLY I 510 59.94 6.38 36.48
CA GLY I 510 59.96 5.02 36.00
C GLY I 510 58.66 4.62 35.34
N LYS I 511 58.67 3.41 34.79
CA LYS I 511 57.52 2.88 34.07
C LYS I 511 56.54 2.21 35.03
N ALA I 512 55.50 1.58 34.47
CA ALA I 512 54.45 1.02 35.30
C ALA I 512 54.95 -0.13 36.15
N ARG I 513 56.07 -0.74 35.77
CA ARG I 513 56.65 -1.80 36.57
C ARG I 513 56.89 -1.33 38.00
N LEU I 514 57.40 -0.11 38.16
CA LEU I 514 57.70 0.41 39.49
C LEU I 514 56.46 0.41 40.38
N TYR I 515 55.40 1.09 39.95
CA TYR I 515 54.23 1.25 40.81
C TYR I 515 53.47 -0.06 40.95
N TYR I 516 53.47 -0.89 39.92
CA TYR I 516 52.86 -2.20 40.07
C TYR I 516 53.73 -3.14 40.88
N ASP I 517 54.93 -2.72 41.24
CA ASP I 517 55.88 -3.57 41.95
C ASP I 517 56.23 -3.03 43.32
N SER I 518 55.75 -1.84 43.66
CA SER I 518 56.06 -1.22 44.95
C SER I 518 54.84 -1.07 45.83
N MET I 519 53.70 -1.60 45.43
CA MET I 519 52.48 -1.54 46.22
C MET I 519 51.96 -2.96 46.44
N SER I 520 52.01 -3.41 47.69
CA SER I 520 51.50 -4.71 48.05
C SER I 520 50.02 -4.82 47.71
N TYR I 521 49.50 -6.04 47.79
CA TYR I 521 48.10 -6.28 47.43
C TYR I 521 47.17 -5.50 48.35
N GLU I 522 47.57 -5.31 49.61
CA GLU I 522 46.76 -4.52 50.53
C GLU I 522 46.60 -3.10 50.02
N ASP I 523 47.66 -2.47 49.54
CA ASP I 523 47.54 -1.10 49.08
C ASP I 523 46.64 -1.01 47.85
N GLN I 524 46.72 -2.00 46.96
CA GLN I 524 45.88 -1.96 45.78
C GLN I 524 44.41 -2.15 46.14
N ASP I 525 44.11 -3.12 47.00
CA ASP I 525 42.71 -3.30 47.40
C ASP I 525 42.21 -2.11 48.19
N ALA I 526 43.08 -1.47 48.97
CA ALA I 526 42.68 -0.27 49.70
C ALA I 526 42.39 0.87 48.76
N LEU I 527 43.17 1.00 47.69
CA LEU I 527 42.90 2.04 46.70
C LEU I 527 41.56 1.80 46.02
N PHE I 528 41.27 0.55 45.66
CA PHE I 528 39.95 0.26 45.10
C PHE I 528 38.86 0.67 46.07
N ALA I 529 38.95 0.17 47.31
CA ALA I 529 37.93 0.47 48.29
C ALA I 529 37.77 1.97 48.48
N TYR I 530 38.87 2.71 48.36
CA TYR I 530 38.80 4.16 48.50
C TYR I 530 38.02 4.79 47.36
N THR I 531 38.33 4.42 46.12
CA THR I 531 37.61 5.03 45.01
C THR I 531 36.16 4.57 44.97
N LYS I 532 35.81 3.54 45.72
CA LYS I 532 34.40 3.19 45.80
C LYS I 532 33.60 4.15 46.68
N ARG I 533 34.22 5.21 47.18
CA ARG I 533 33.54 6.14 48.06
C ARG I 533 34.01 7.58 47.86
N ASN I 534 34.85 7.85 46.88
CA ASN I 534 35.40 9.18 46.71
C ASN I 534 35.53 9.46 45.22
N VAL I 535 36.15 10.57 44.87
CA VAL I 535 36.41 10.96 43.49
C VAL I 535 37.86 11.40 43.38
N ILE I 536 38.56 10.87 42.39
CA ILE I 536 39.96 11.22 42.16
C ILE I 536 40.15 11.72 40.74
N PRO I 537 40.10 13.03 40.50
CA PRO I 537 40.40 13.53 39.16
C PRO I 537 41.87 13.32 38.84
N THR I 538 42.17 13.14 37.56
CA THR I 538 43.53 12.84 37.15
C THR I 538 43.88 13.69 35.93
N ILE I 539 45.16 13.66 35.57
CA ILE I 539 45.66 14.36 34.40
C ILE I 539 45.92 13.34 33.30
N THR I 540 45.64 13.73 32.08
CA THR I 540 45.85 12.89 30.91
C THR I 540 46.88 13.57 30.01
N GLN I 541 47.79 12.78 29.47
CA GLN I 541 48.84 13.30 28.62
C GLN I 541 48.56 12.92 27.17
N MET I 542 48.90 13.81 26.25
CA MET I 542 48.66 13.55 24.83
C MET I 542 49.98 13.33 24.10
N ASN I 543 50.08 12.18 23.44
CA ASN I 543 51.29 11.76 22.76
C ASN I 543 51.03 11.63 21.28
N LEU I 544 52.07 11.91 20.49
CA LEU I 544 52.00 11.88 19.04
C LEU I 544 52.44 10.51 18.55
N LYS I 545 51.63 9.91 17.68
CA LYS I 545 52.01 8.63 17.09
C LYS I 545 53.00 8.83 15.95
N TYR I 546 53.71 7.77 15.62
CA TYR I 546 54.75 7.80 14.58
C TYR I 546 54.68 6.47 13.84
N ALA I 547 53.89 6.42 12.78
CA ALA I 547 53.66 5.17 12.08
C ALA I 547 53.13 5.46 10.69
N ILE I 548 53.19 4.44 9.83
CA ILE I 548 52.83 4.59 8.44
C ILE I 548 51.33 4.88 8.32
N SER I 549 50.96 5.58 7.25
CA SER I 549 49.57 5.92 7.03
C SER I 549 49.41 6.40 5.60
N ALA I 550 48.19 6.82 5.25
CA ALA I 550 47.91 7.29 3.90
C ALA I 550 47.16 8.62 3.89
N LYS I 551 47.09 9.29 5.04
CA LYS I 551 46.51 10.63 5.10
C LYS I 551 47.36 11.49 6.01
N ASN I 552 47.68 12.71 5.58
CA ASN I 552 48.73 13.46 6.25
C ASN I 552 48.23 14.25 7.45
N ARG I 553 47.24 13.75 8.17
CA ARG I 553 46.89 14.37 9.44
C ARG I 553 47.68 13.71 10.55
N ALA I 554 48.09 14.49 11.54
CA ALA I 554 48.73 13.91 12.70
C ALA I 554 47.73 13.04 13.46
N ARG I 555 48.25 12.13 14.27
CA ARG I 555 47.39 11.30 15.08
C ARG I 555 47.94 11.24 16.49
N THR I 556 47.03 11.28 17.46
CA THR I 556 47.43 11.33 18.86
C THR I 556 46.70 10.25 19.63
N VAL I 557 47.30 9.86 20.76
CA VAL I 557 46.75 8.87 21.66
C VAL I 557 46.97 9.36 23.08
N ALA I 558 45.99 9.13 23.94
CA ALA I 558 45.98 9.69 25.29
C ALA I 558 46.55 8.66 26.25
N GLY I 559 47.42 9.11 27.16
CA GLY I 559 48.01 8.22 28.15
C GLY I 559 47.48 8.52 29.54
N VAL I 560 46.65 7.64 30.04
CA VAL I 560 45.96 7.82 31.31
C VAL I 560 46.88 7.41 32.45
N SER I 561 46.85 8.16 33.53
CA SER I 561 47.74 7.92 34.64
C SER I 561 47.51 6.55 35.24
N ILE I 562 48.45 6.12 36.08
CA ILE I 562 48.36 4.77 36.63
C ILE I 562 47.21 4.65 37.61
N CYS I 563 46.83 5.76 38.24
CA CYS I 563 45.76 5.72 39.24
C CYS I 563 44.44 5.31 38.63
N SER I 564 44.27 5.54 37.34
CA SER I 564 43.01 5.19 36.69
C SER I 564 43.01 3.73 36.27
N THR I 565 44.06 3.29 35.59
CA THR I 565 44.10 1.93 35.09
C THR I 565 44.17 0.92 36.23
N MET I 566 45.01 1.20 37.22
CA MET I 566 45.18 0.28 38.34
C MET I 566 43.87 -0.11 38.99
N THR I 567 42.82 0.68 38.84
CA THR I 567 41.53 0.37 39.46
C THR I 567 40.48 -0.03 38.45
N ASN I 568 40.43 0.65 37.30
CA ASN I 568 39.53 0.23 36.25
C ASN I 568 39.75 -1.23 35.88
N ARG I 569 41.00 -1.69 35.98
CA ARG I 569 41.28 -3.08 35.70
C ARG I 569 40.51 -3.97 36.66
N GLN I 570 40.66 -3.76 37.97
CA GLN I 570 39.99 -4.62 38.92
C GLN I 570 38.48 -4.50 38.80
N PHE I 571 38.00 -3.38 38.33
CA PHE I 571 36.56 -3.24 38.17
C PHE I 571 36.01 -3.96 36.95
N HIS I 572 36.75 -4.02 35.85
CA HIS I 572 36.16 -4.50 34.59
C HIS I 572 36.78 -5.76 34.01
N GLN I 573 37.93 -6.22 34.50
CA GLN I 573 38.68 -7.22 33.76
C GLN I 573 37.94 -8.53 33.63
N LYS I 574 37.15 -8.93 34.62
CA LYS I 574 36.49 -10.23 34.53
C LYS I 574 35.53 -10.26 33.35
N LEU I 575 34.67 -9.25 33.26
CA LEU I 575 33.75 -9.19 32.13
C LEU I 575 34.49 -9.02 30.81
N LEU I 576 35.55 -8.21 30.81
CA LEU I 576 36.28 -8.03 29.55
C LEU I 576 36.84 -9.34 29.04
N LYS I 577 37.54 -10.09 29.90
CA LYS I 577 38.09 -11.36 29.46
C LYS I 577 37.00 -12.37 29.14
N SER I 578 35.85 -12.27 29.79
CA SER I 578 34.77 -13.17 29.43
C SER I 578 34.22 -12.86 28.05
N ILE I 579 34.26 -11.59 27.65
CA ILE I 579 33.87 -11.24 26.29
C ILE I 579 34.90 -11.75 25.29
N ALA I 580 36.18 -11.57 25.62
CA ALA I 580 37.23 -11.90 24.67
C ALA I 580 37.47 -13.39 24.54
N ALA I 581 36.62 -14.24 25.09
CA ALA I 581 36.80 -15.68 25.02
C ALA I 581 35.55 -16.42 24.57
N THR I 582 34.56 -15.72 24.05
CA THR I 582 33.33 -16.33 23.59
C THR I 582 33.32 -16.39 22.07
N ARG I 583 32.87 -17.51 21.53
CA ARG I 583 32.76 -17.72 20.10
C ARG I 583 31.31 -17.60 19.66
N GLY I 584 31.10 -17.17 18.42
CA GLY I 584 29.77 -17.11 17.86
C GLY I 584 28.88 -16.01 18.37
N ALA I 585 29.41 -15.06 19.13
CA ALA I 585 28.58 -13.99 19.66
C ALA I 585 28.41 -12.92 18.58
N THR I 586 27.85 -11.76 18.97
CA THR I 586 27.81 -10.64 18.04
C THR I 586 29.11 -9.86 18.07
N VAL I 587 29.57 -9.47 19.26
CA VAL I 587 30.89 -8.87 19.38
C VAL I 587 31.94 -9.94 19.12
N VAL I 588 32.86 -9.64 18.19
CA VAL I 588 33.79 -10.66 17.74
C VAL I 588 35.21 -10.30 18.15
N ILE I 589 35.35 -9.57 19.25
CA ILE I 589 36.68 -9.31 19.75
C ILE I 589 37.29 -10.60 20.27
N GLY I 590 38.55 -10.82 19.93
CA GLY I 590 39.25 -11.98 20.46
C GLY I 590 39.20 -13.20 19.58
N THR I 591 38.49 -13.12 18.47
CA THR I 591 38.37 -14.25 17.55
C THR I 591 39.43 -14.12 16.47
N SER I 592 40.43 -15.00 16.50
CA SER I 592 41.52 -14.92 15.55
C SER I 592 41.04 -15.24 14.14
N LYS I 593 41.61 -14.55 13.16
CA LYS I 593 41.22 -14.73 11.78
C LYS I 593 41.95 -15.87 11.09
N PHE I 594 43.02 -16.38 11.69
CA PHE I 594 43.76 -17.49 11.12
C PHE I 594 42.99 -18.79 11.33
N TYR I 595 43.60 -19.89 10.90
CA TYR I 595 43.06 -21.25 11.01
C TYR I 595 41.54 -21.27 10.89
N GLY I 596 41.04 -20.76 9.77
CA GLY I 596 39.63 -20.84 9.47
C GLY I 596 38.76 -19.87 10.22
N GLY I 597 39.31 -19.06 11.12
CA GLY I 597 38.48 -18.14 11.88
C GLY I 597 37.64 -17.23 11.01
N TRP I 598 38.23 -16.72 9.93
CA TRP I 598 37.49 -15.85 9.03
C TRP I 598 36.26 -16.55 8.48
N HIS I 599 36.42 -17.82 8.10
CA HIS I 599 35.30 -18.57 7.55
C HIS I 599 34.18 -18.73 8.56
N ASN I 600 34.53 -19.14 9.78
CA ASN I 600 33.52 -19.31 10.81
C ASN I 600 32.80 -18.00 11.10
N MET I 601 33.54 -16.90 11.18
CA MET I 601 32.91 -15.61 11.45
C MET I 601 31.93 -15.25 10.34
N LEU I 602 32.34 -15.43 9.09
CA LEU I 602 31.44 -15.11 7.98
C LEU I 602 30.21 -16.01 8.00
N LYS I 603 30.40 -17.29 8.29
CA LYS I 603 29.26 -18.20 8.31
C LYS I 603 28.29 -17.82 9.41
N THR I 604 28.81 -17.49 10.59
CA THR I 604 27.95 -17.10 11.70
C THR I 604 27.16 -15.85 11.39
N VAL I 605 27.83 -14.80 10.88
CA VAL I 605 27.09 -13.59 10.58
C VAL I 605 26.07 -13.82 9.48
N TYR I 606 26.39 -14.69 8.50
CA TYR I 606 25.38 -15.04 7.51
C TYR I 606 24.74 -16.30 8.03
N SER I 607 24.01 -16.19 9.14
CA SER I 607 23.32 -17.31 9.75
C SER I 607 22.27 -17.85 8.78
N ASP I 608 21.12 -17.18 8.71
CA ASP I 608 20.08 -17.66 7.80
C ASP I 608 19.18 -16.43 7.77
N VAL I 609 19.41 -15.48 6.86
CA VAL I 609 18.52 -14.34 6.77
C VAL I 609 17.89 -14.76 5.45
N GLU I 610 16.66 -14.30 5.21
CA GLU I 610 15.88 -14.81 4.10
C GLU I 610 16.48 -14.43 2.76
N ASN I 611 16.60 -13.12 2.50
CA ASN I 611 16.99 -12.59 1.20
C ASN I 611 18.21 -11.71 1.39
N PRO I 612 19.35 -12.31 1.72
CA PRO I 612 20.44 -11.56 2.32
C PRO I 612 21.11 -10.59 1.37
N HIS I 613 21.37 -9.38 1.87
CA HIS I 613 22.33 -8.46 1.31
C HIS I 613 23.33 -8.12 2.41
N LEU I 614 24.44 -7.52 2.01
CA LEU I 614 25.40 -7.03 2.98
C LEU I 614 25.39 -5.52 2.99
N MET I 615 26.03 -4.93 4.00
CA MET I 615 26.09 -3.49 4.16
C MET I 615 27.07 -3.16 5.27
N GLY I 616 27.78 -2.05 5.11
CA GLY I 616 28.70 -1.58 6.12
C GLY I 616 28.86 -0.08 6.06
N TRP I 617 29.00 0.59 7.20
CA TRP I 617 29.03 2.04 7.25
C TRP I 617 30.28 2.53 7.96
N ASP I 618 30.26 3.79 8.37
CA ASP I 618 31.47 4.45 8.83
C ASP I 618 31.14 5.72 9.61
N TYR I 619 31.77 5.88 10.78
CA TYR I 619 31.47 7.09 11.54
C TYR I 619 32.58 8.09 11.33
N PRO I 620 32.27 9.29 10.94
CA PRO I 620 33.31 10.31 10.78
C PRO I 620 33.65 10.91 12.12
N LYS I 621 34.94 11.01 12.45
CA LYS I 621 35.40 11.57 13.72
C LYS I 621 34.75 10.84 14.89
N CYS I 622 34.94 9.53 14.95
CA CYS I 622 34.22 8.73 15.93
C CYS I 622 34.57 9.11 17.36
N ASP I 623 35.85 9.27 17.67
CA ASP I 623 36.24 9.40 19.08
C ASP I 623 36.14 10.83 19.55
N ARG I 624 36.03 11.78 18.64
CA ARG I 624 35.95 13.18 19.02
C ARG I 624 34.53 13.73 18.97
N ALA I 625 33.60 13.03 18.33
CA ALA I 625 32.26 13.58 18.21
C ALA I 625 31.23 12.82 19.03
N MET I 626 31.61 11.76 19.74
CA MET I 626 30.61 11.02 20.50
C MET I 626 30.09 11.87 21.65
N PRO I 627 28.78 12.09 21.75
CA PRO I 627 28.26 12.92 22.84
C PRO I 627 28.32 12.18 24.17
N ASN I 628 28.26 12.97 25.24
CA ASN I 628 28.52 12.44 26.57
C ASN I 628 27.46 11.43 26.99
N MET I 629 26.21 11.66 26.60
CA MET I 629 25.13 10.81 27.08
C MET I 629 25.31 9.37 26.66
N LEU I 630 25.74 9.14 25.43
CA LEU I 630 25.90 7.76 24.97
C LEU I 630 27.12 7.11 25.61
N ARG I 631 28.16 7.89 25.91
CA ARG I 631 29.28 7.33 26.66
C ARG I 631 28.85 6.89 28.04
N ILE I 632 28.07 7.72 28.73
CA ILE I 632 27.57 7.35 30.05
C ILE I 632 26.69 6.11 29.96
N MET I 633 25.84 6.06 28.94
CA MET I 633 25.00 4.88 28.75
C MET I 633 25.84 3.63 28.57
N ALA I 634 26.91 3.72 27.79
CA ALA I 634 27.77 2.56 27.58
C ALA I 634 28.42 2.11 28.89
N SER I 635 28.88 3.07 29.68
CA SER I 635 29.49 2.69 30.95
C SER I 635 28.48 2.02 31.87
N LEU I 636 27.24 2.49 31.85
CA LEU I 636 26.20 1.85 32.68
C LEU I 636 25.93 0.43 32.20
N VAL I 637 25.80 0.24 30.89
CA VAL I 637 25.56 -1.10 30.37
C VAL I 637 26.68 -2.04 30.77
N LEU I 638 27.91 -1.55 30.75
CA LEU I 638 29.01 -2.40 31.18
C LEU I 638 28.94 -2.70 32.67
N ALA I 639 28.54 -1.72 33.49
CA ALA I 639 28.54 -1.95 34.93
C ALA I 639 27.32 -2.75 35.37
N ARG I 640 26.38 -2.99 34.45
CA ARG I 640 25.18 -3.74 34.80
C ARG I 640 25.45 -5.12 35.38
N LYS I 641 26.67 -5.65 35.21
CA LYS I 641 26.98 -7.01 35.65
C LYS I 641 27.37 -7.07 37.11
N HIS I 642 27.04 -6.05 37.89
CA HIS I 642 27.58 -5.89 39.22
C HIS I 642 26.50 -5.91 40.29
N THR I 643 25.41 -6.64 40.07
CA THR I 643 24.27 -6.55 40.98
C THR I 643 24.56 -7.09 42.36
N THR I 644 25.59 -7.90 42.56
CA THR I 644 25.82 -8.51 43.85
C THR I 644 27.12 -8.05 44.50
N CYS I 645 28.18 -7.87 43.72
CA CYS I 645 29.46 -7.47 44.31
C CYS I 645 29.37 -6.11 44.97
N CYS I 646 28.95 -5.10 44.24
CA CYS I 646 28.86 -3.75 44.77
C CYS I 646 27.47 -3.47 45.33
N SER I 647 27.34 -2.36 46.04
CA SER I 647 26.06 -1.96 46.60
C SER I 647 25.81 -0.77 45.69
N LEU I 648 24.58 -0.27 45.67
CA LEU I 648 24.28 0.98 44.99
C LEU I 648 24.98 2.33 45.02
N SER I 649 25.44 2.79 46.18
CA SER I 649 26.23 4.00 46.22
C SER I 649 27.59 3.71 45.61
N HIS I 650 28.10 2.50 45.82
CA HIS I 650 29.39 2.12 45.24
C HIS I 650 29.35 2.25 43.72
N ARG I 651 28.26 1.80 43.11
CA ARG I 651 28.20 1.84 41.65
C ARG I 651 28.14 3.28 41.15
N PHE I 652 27.41 4.15 41.85
CA PHE I 652 27.39 5.55 41.43
C PHE I 652 28.77 6.17 41.57
N TYR I 653 29.49 5.86 42.63
CA TYR I 653 30.78 6.49 42.79
C TYR I 653 31.78 5.95 41.77
N ARG I 654 31.64 4.70 41.37
CA ARG I 654 32.48 4.20 40.28
C ARG I 654 32.16 4.90 38.98
N LEU I 655 30.87 5.12 38.71
CA LEU I 655 30.50 5.89 37.52
C LEU I 655 31.08 7.30 37.56
N ALA I 656 31.01 7.96 38.72
CA ALA I 656 31.54 9.31 38.82
C ALA I 656 33.04 9.32 38.60
N ASN I 657 33.75 8.35 39.15
CA ASN I 657 35.19 8.30 38.94
C ASN I 657 35.53 8.11 37.47
N GLU I 658 34.85 7.18 36.81
CA GLU I 658 35.17 6.93 35.42
C GLU I 658 34.88 8.15 34.56
N CYS I 659 33.77 8.83 34.84
CA CYS I 659 33.50 10.07 34.13
C CYS I 659 34.58 11.11 34.36
N ALA I 660 34.85 11.44 35.62
CA ALA I 660 35.82 12.49 35.91
C ALA I 660 37.23 12.13 35.47
N GLN I 661 37.48 10.87 35.13
CA GLN I 661 38.82 10.50 34.71
C GLN I 661 39.00 10.37 33.22
N VAL I 662 37.98 9.92 32.48
CA VAL I 662 38.15 9.69 31.04
C VAL I 662 37.10 10.39 30.19
N LEU I 663 36.31 11.30 30.73
CA LEU I 663 35.30 11.95 29.91
C LEU I 663 35.49 13.45 29.79
N SER I 664 35.90 14.12 30.85
CA SER I 664 36.03 15.56 30.85
C SER I 664 37.03 15.99 31.92
N GLU I 665 38.28 15.62 31.74
CA GLU I 665 39.33 15.93 32.68
C GLU I 665 40.42 16.75 32.00
N MET I 666 41.33 17.27 32.81
CA MET I 666 42.40 18.09 32.28
C MET I 666 43.32 17.28 31.39
N VAL I 667 43.87 17.92 30.38
CA VAL I 667 44.73 17.28 29.40
C VAL I 667 46.03 18.07 29.33
N MET I 668 47.15 17.37 29.35
CA MET I 668 48.45 18.01 29.45
C MET I 668 49.10 18.06 28.08
N CYS I 669 48.40 18.66 27.12
CA CYS I 669 48.97 18.86 25.80
C CYS I 669 50.05 19.93 25.87
N GLY I 670 51.02 19.84 24.97
CA GLY I 670 52.13 20.77 25.00
C GLY I 670 52.85 20.72 26.32
N GLY I 671 52.72 21.77 27.12
CA GLY I 671 53.25 21.78 28.46
C GLY I 671 52.30 22.42 29.44
N SER I 672 51.04 22.58 29.04
CA SER I 672 50.05 23.28 29.84
C SER I 672 48.79 22.44 29.90
N LEU I 673 47.92 22.77 30.85
CA LEU I 673 46.71 22.00 31.09
C LEU I 673 45.51 22.67 30.44
N TYR I 674 44.77 21.90 29.67
CA TYR I 674 43.55 22.39 29.06
C TYR I 674 42.38 21.59 29.65
N VAL I 675 41.19 21.83 29.13
CA VAL I 675 40.00 21.16 29.62
C VAL I 675 39.36 20.41 28.47
N LYS I 676 39.31 19.11 28.58
CA LYS I 676 38.70 18.27 27.56
C LYS I 676 37.20 18.43 27.61
N PRO I 677 36.54 18.86 26.53
CA PRO I 677 35.09 19.06 26.58
C PRO I 677 34.28 17.79 26.68
N GLY I 678 34.58 16.77 25.90
CA GLY I 678 33.80 15.55 25.94
C GLY I 678 34.42 14.47 25.07
N GLY I 679 33.61 13.48 24.74
CA GLY I 679 34.06 12.40 23.87
C GLY I 679 35.07 11.49 24.54
N THR I 680 35.32 10.32 23.98
CA THR I 680 36.21 9.37 24.61
C THR I 680 37.65 9.84 24.53
N SER I 681 38.49 9.27 25.38
CA SER I 681 39.94 9.41 25.24
C SER I 681 40.45 8.02 24.88
N SER I 682 40.75 7.82 23.60
CA SER I 682 41.03 6.49 23.08
C SER I 682 42.32 5.90 23.61
N GLY I 683 42.46 5.84 24.93
CA GLY I 683 43.63 5.24 25.53
C GLY I 683 43.37 4.71 26.92
N ASP I 684 42.12 4.75 27.36
CA ASP I 684 41.80 4.37 28.73
C ASP I 684 41.78 2.86 28.88
N ALA I 685 41.09 2.35 29.89
CA ALA I 685 41.13 0.93 30.20
C ALA I 685 40.14 0.12 29.40
N THR I 686 39.13 0.75 28.79
CA THR I 686 38.09 -0.02 28.12
C THR I 686 37.56 0.59 26.83
N THR I 687 38.41 0.96 25.89
CA THR I 687 37.96 1.59 24.66
C THR I 687 37.14 0.78 23.67
N ALA I 688 37.65 -0.40 23.31
CA ALA I 688 37.11 -1.16 22.19
C ALA I 688 35.73 -1.64 22.62
N TYR I 689 35.58 -2.00 23.88
CA TYR I 689 34.32 -2.56 24.32
C TYR I 689 33.23 -1.49 24.39
N ALA I 690 33.55 -0.32 24.96
CA ALA I 690 32.58 0.76 25.01
C ALA I 690 32.21 1.22 23.60
N ASN I 691 33.18 1.21 22.69
CA ASN I 691 32.86 1.54 21.31
C ASN I 691 31.90 0.53 20.71
N SER I 692 32.10 -0.75 21.00
CA SER I 692 31.16 -1.76 20.52
C SER I 692 29.76 -1.49 21.04
N VAL I 693 29.65 -1.15 22.32
CA VAL I 693 28.34 -0.88 22.90
C VAL I 693 27.67 0.29 22.19
N PHE I 694 28.43 1.37 21.99
CA PHE I 694 27.88 2.55 21.33
C PHE I 694 27.45 2.23 19.90
N ASN I 695 28.22 1.38 19.21
CA ASN I 695 27.87 0.97 17.86
C ASN I 695 26.53 0.25 17.83
N ILE I 696 26.37 -0.75 18.68
CA ILE I 696 25.11 -1.48 18.71
C ILE I 696 23.96 -0.53 19.05
N CYS I 697 24.20 0.44 19.93
CA CYS I 697 23.17 1.40 20.26
C CYS I 697 22.69 2.14 19.01
N GLN I 698 23.63 2.66 18.23
CA GLN I 698 23.21 3.42 17.05
C GLN I 698 22.46 2.52 16.06
N ALA I 699 22.90 1.28 15.90
CA ALA I 699 22.21 0.38 15.00
C ALA I 699 20.76 0.17 15.42
N VAL I 700 20.56 -0.12 16.71
CA VAL I 700 19.20 -0.36 17.20
C VAL I 700 18.34 0.88 17.05
N THR I 701 18.92 2.06 17.34
CA THR I 701 18.16 3.29 17.21
C THR I 701 17.70 3.49 15.78
N ALA I 702 18.56 3.15 14.81
CA ALA I 702 18.17 3.32 13.42
C ALA I 702 17.04 2.37 13.05
N ASN I 703 17.13 1.11 13.52
CA ASN I 703 16.03 0.19 13.25
C ASN I 703 14.72 0.68 13.84
N VAL I 704 14.77 1.25 15.04
CA VAL I 704 13.56 1.75 15.67
C VAL I 704 12.97 2.90 14.87
N ASN I 705 13.80 3.86 14.48
CA ASN I 705 13.31 4.97 13.68
C ASN I 705 12.72 4.48 12.36
N ALA I 706 13.37 3.51 11.73
CA ALA I 706 12.87 2.98 10.48
C ALA I 706 11.47 2.39 10.66
N LEU I 707 11.31 1.55 11.67
CA LEU I 707 10.03 0.88 11.83
C LEU I 707 8.93 1.84 12.24
N LEU I 708 9.27 2.86 13.03
CA LEU I 708 8.23 3.78 13.49
C LEU I 708 7.88 4.84 12.46
N SER I 709 8.77 5.15 11.53
CA SER I 709 8.51 6.24 10.59
C SER I 709 7.85 5.76 9.32
N THR I 710 7.30 4.55 9.30
CA THR I 710 6.67 3.99 8.12
C THR I 710 5.16 3.96 8.32
N ASP I 711 4.43 4.16 7.23
CA ASP I 711 2.97 4.21 7.31
C ASP I 711 2.43 2.84 7.69
N GLY I 712 1.37 2.85 8.49
CA GLY I 712 0.83 1.60 8.99
C GLY I 712 -0.03 0.88 7.97
N ASN I 713 -0.90 1.62 7.30
CA ASN I 713 -1.82 1.01 6.34
C ASN I 713 -1.07 0.30 5.21
N LYS I 714 0.11 0.79 4.85
CA LYS I 714 0.87 0.15 3.79
C LYS I 714 1.46 -1.18 4.23
N ILE I 715 1.51 -1.45 5.53
CA ILE I 715 2.04 -2.73 5.99
C ILE I 715 1.08 -3.85 5.62
N ALA I 716 1.62 -4.91 5.01
CA ALA I 716 0.80 -6.05 4.61
C ALA I 716 0.52 -6.97 5.79
N ASP I 717 1.58 -7.49 6.40
CA ASP I 717 1.42 -8.51 7.43
C ASP I 717 0.78 -7.99 8.71
N LYS I 718 -0.19 -8.74 9.26
CA LYS I 718 -0.83 -8.36 10.51
C LYS I 718 0.13 -8.37 11.69
N TYR I 719 1.03 -9.34 11.72
CA TYR I 719 1.94 -9.45 12.86
C TYR I 719 2.86 -8.24 12.92
N VAL I 720 3.23 -7.69 11.76
CA VAL I 720 4.11 -6.54 11.76
C VAL I 720 3.37 -5.27 12.18
N ARG I 721 2.12 -5.10 11.76
CA ARG I 721 1.38 -3.98 12.34
C ARG I 721 1.22 -4.14 13.83
N ASN I 722 1.05 -5.36 14.32
CA ASN I 722 0.99 -5.57 15.76
C ASN I 722 2.31 -5.12 16.40
N LEU I 723 3.43 -5.47 15.78
CA LEU I 723 4.73 -5.09 16.31
C LEU I 723 4.88 -3.58 16.36
N GLN I 724 4.58 -2.89 15.27
CA GLN I 724 4.75 -1.43 15.24
C GLN I 724 3.82 -0.75 16.23
N HIS I 725 2.57 -1.18 16.27
CA HIS I 725 1.60 -0.62 17.19
C HIS I 725 2.08 -0.76 18.63
N ARG I 726 2.42 -1.98 19.02
CA ARG I 726 2.81 -2.16 20.40
C ARG I 726 4.18 -1.56 20.70
N LEU I 727 4.99 -1.32 19.66
CA LEU I 727 6.25 -0.63 19.87
C LEU I 727 6.02 0.81 20.24
N TYR I 728 5.13 1.49 19.51
CA TYR I 728 4.75 2.84 19.93
C TYR I 728 4.22 2.82 21.34
N GLU I 729 3.41 1.80 21.67
CA GLU I 729 2.95 1.67 23.05
C GLU I 729 4.12 1.67 24.02
N CYS I 730 5.00 0.68 23.88
CA CYS I 730 6.04 0.46 24.88
C CYS I 730 7.05 1.60 24.90
N LEU I 731 7.11 2.39 23.84
CA LEU I 731 7.98 3.56 23.85
C LEU I 731 7.34 4.71 24.61
N TYR I 732 6.17 5.15 24.23
CA TYR I 732 5.70 6.37 24.85
C TYR I 732 4.58 6.16 25.86
N ARG I 733 3.62 5.29 25.57
CA ARG I 733 2.48 5.13 26.46
C ARG I 733 2.89 4.50 27.78
N ASN I 734 3.66 3.42 27.72
CA ASN I 734 4.08 2.72 28.93
C ASN I 734 5.07 3.58 29.72
N ARG I 735 5.44 3.08 30.91
CA ARG I 735 6.36 3.78 31.79
C ARG I 735 7.48 2.90 32.31
N ASP I 736 7.30 1.59 32.40
CA ASP I 736 8.34 0.72 32.91
C ASP I 736 8.49 -0.44 31.94
N VAL I 737 9.48 -1.30 32.20
CA VAL I 737 9.90 -2.31 31.26
C VAL I 737 8.80 -3.33 31.05
N ASP I 738 8.88 -4.08 29.95
CA ASP I 738 7.99 -5.19 29.66
C ASP I 738 8.82 -6.28 29.00
N THR I 739 9.26 -7.25 29.80
CA THR I 739 10.30 -8.17 29.37
C THR I 739 9.96 -8.93 28.09
N ASP I 740 8.70 -9.36 27.94
CA ASP I 740 8.34 -10.18 26.78
C ASP I 740 8.45 -9.40 25.48
N PHE I 741 8.02 -8.14 25.49
CA PHE I 741 8.17 -7.34 24.29
C PHE I 741 9.64 -7.24 23.91
N VAL I 742 10.49 -6.88 24.88
CA VAL I 742 11.92 -6.76 24.61
C VAL I 742 12.45 -8.06 24.02
N ASN I 743 12.05 -9.18 24.61
CA ASN I 743 12.51 -10.48 24.14
C ASN I 743 12.13 -10.72 22.69
N GLU I 744 10.86 -10.55 22.35
CA GLU I 744 10.42 -10.93 21.01
C GLU I 744 10.94 -9.94 19.97
N PHE I 745 11.12 -8.68 20.37
CA PHE I 745 11.70 -7.71 19.45
C PHE I 745 13.18 -8.01 19.20
N TYR I 746 13.90 -8.37 20.25
CA TYR I 746 15.29 -8.78 20.10
C TYR I 746 15.40 -9.99 19.18
N ALA I 747 14.46 -10.93 19.30
CA ALA I 747 14.47 -12.09 18.42
C ALA I 747 14.16 -11.69 16.98
N TYR I 748 13.20 -10.79 16.79
CA TYR I 748 12.89 -10.26 15.48
C TYR I 748 14.13 -9.65 14.83
N LEU I 749 14.85 -8.81 15.57
CA LEU I 749 16.07 -8.21 15.05
C LEU I 749 17.10 -9.28 14.71
N ARG I 750 17.27 -10.27 15.59
CA ARG I 750 18.21 -11.34 15.29
C ARG I 750 17.82 -12.14 14.07
N LYS I 751 16.56 -12.10 13.65
CA LYS I 751 16.21 -12.81 12.43
C LYS I 751 16.33 -11.95 11.18
N HIS I 752 16.07 -10.65 11.27
CA HIS I 752 16.07 -9.84 10.06
C HIS I 752 17.10 -8.72 10.13
N PHE I 753 18.15 -8.91 10.91
CA PHE I 753 19.23 -7.93 10.98
C PHE I 753 20.09 -8.98 11.66
N SER I 754 21.35 -9.09 11.30
CA SER I 754 22.19 -10.09 11.93
C SER I 754 23.37 -9.14 11.77
N MET I 755 24.20 -9.06 12.80
CA MET I 755 25.28 -8.09 12.85
C MET I 755 26.58 -8.74 13.27
N MET I 756 27.68 -8.13 12.88
CA MET I 756 29.02 -8.51 13.33
C MET I 756 29.75 -7.24 13.73
N ILE I 757 30.10 -7.12 15.00
CA ILE I 757 30.57 -5.86 15.57
C ILE I 757 31.95 -6.08 16.17
N LEU I 758 32.93 -5.39 15.63
CA LEU I 758 34.17 -5.08 16.30
C LEU I 758 34.02 -3.57 16.52
N SER I 759 34.95 -2.99 17.25
CA SER I 759 34.83 -1.65 17.81
C SER I 759 34.59 -0.72 16.63
N ASP I 760 33.42 -0.08 16.61
CA ASP I 760 33.02 0.91 15.61
C ASP I 760 33.21 0.44 14.18
N ASP I 761 33.21 -0.87 13.94
CA ASP I 761 33.44 -1.41 12.61
C ASP I 761 32.52 -2.60 12.36
N ALA I 762 31.46 -2.37 11.60
CA ALA I 762 30.35 -3.31 11.56
C ALA I 762 30.16 -3.89 10.18
N VAL I 763 29.47 -5.03 10.14
CA VAL I 763 29.02 -5.68 8.91
C VAL I 763 27.62 -6.22 9.18
N VAL I 764 26.70 -6.02 8.26
CA VAL I 764 25.30 -6.35 8.47
C VAL I 764 24.82 -7.24 7.34
N CYS I 765 24.22 -8.37 7.68
CA CYS I 765 23.56 -9.25 6.73
C CYS I 765 22.06 -9.18 7.00
N PHE I 766 21.32 -8.56 6.10
CA PHE I 766 19.95 -8.18 6.37
C PHE I 766 19.04 -8.61 5.24
N ASN I 767 17.77 -8.82 5.58
CA ASN I 767 16.74 -9.02 4.56
C ASN I 767 16.76 -7.83 3.60
N SER I 768 16.43 -8.08 2.34
CA SER I 768 16.51 -7.03 1.34
C SER I 768 15.14 -6.46 1.02
N THR I 769 14.12 -7.33 0.94
CA THR I 769 12.78 -6.86 0.61
C THR I 769 12.14 -6.14 1.78
N TYR I 770 12.32 -6.66 2.99
CA TYR I 770 11.93 -5.90 4.17
C TYR I 770 12.53 -4.51 4.14
N ALA I 771 13.84 -4.44 3.92
CA ALA I 771 14.52 -3.14 3.85
C ALA I 771 13.88 -2.25 2.81
N SER I 772 13.60 -2.79 1.62
CA SER I 772 12.98 -1.98 0.58
C SER I 772 11.64 -1.44 1.05
N GLN I 773 10.82 -2.30 1.65
CA GLN I 773 9.52 -1.86 2.14
C GLN I 773 9.63 -0.88 3.29
N GLY I 774 10.69 -0.96 4.09
CA GLY I 774 10.84 -0.07 5.21
C GLY I 774 10.51 -0.72 6.53
N LEU I 775 10.94 -1.97 6.72
CA LEU I 775 10.72 -2.67 7.96
C LEU I 775 11.99 -2.92 8.74
N VAL I 776 13.15 -2.70 8.13
CA VAL I 776 14.42 -2.58 8.81
C VAL I 776 15.10 -1.32 8.29
N ALA I 777 16.33 -1.10 8.71
CA ALA I 777 17.02 0.15 8.41
C ALA I 777 17.97 -0.01 7.24
N SER I 778 17.93 0.96 6.33
CA SER I 778 18.90 1.08 5.26
C SER I 778 19.82 2.27 5.55
N ILE I 779 20.68 2.59 4.60
CA ILE I 779 21.72 3.59 4.85
C ILE I 779 21.10 4.92 5.24
N LYS I 780 20.04 5.34 4.53
CA LYS I 780 19.44 6.64 4.78
C LYS I 780 19.05 6.84 6.25
N ASN I 781 18.58 5.77 6.90
CA ASN I 781 18.21 5.88 8.31
C ASN I 781 19.44 6.14 9.17
N PHE I 782 20.54 5.46 8.86
CA PHE I 782 21.79 5.73 9.56
C PHE I 782 22.22 7.17 9.38
N LYS I 783 22.09 7.70 8.16
CA LYS I 783 22.48 9.08 7.93
C LYS I 783 21.67 10.01 8.80
N SER I 784 20.34 9.83 8.82
CA SER I 784 19.49 10.71 9.62
C SER I 784 19.83 10.61 11.10
N VAL I 785 20.03 9.38 11.59
CA VAL I 785 20.31 9.18 13.01
C VAL I 785 21.61 9.83 13.40
N LEU I 786 22.67 9.60 12.62
CA LEU I 786 23.93 10.26 12.91
C LEU I 786 23.79 11.76 12.89
N TYR I 787 23.01 12.30 11.95
CA TYR I 787 22.81 13.74 11.91
C TYR I 787 22.25 14.25 13.22
N TYR I 788 21.14 13.69 13.67
CA TYR I 788 20.52 14.36 14.82
C TYR I 788 20.99 13.82 16.15
N GLN I 789 21.87 12.82 16.19
CA GLN I 789 22.27 12.26 17.47
C GLN I 789 23.79 12.13 17.59
N ASN I 790 24.55 12.64 16.63
CA ASN I 790 25.98 12.50 16.71
C ASN I 790 26.64 13.77 16.20
N ASN I 791 25.85 14.60 15.53
CA ASN I 791 26.30 15.89 15.00
C ASN I 791 27.36 15.74 13.93
N VAL I 792 27.20 14.76 13.04
CA VAL I 792 28.06 14.60 11.89
C VAL I 792 27.22 14.20 10.70
N PHE I 793 27.76 14.39 9.51
CA PHE I 793 27.09 14.04 8.26
C PHE I 793 27.87 12.91 7.62
N MET I 794 27.30 11.71 7.64
CA MET I 794 27.94 10.55 7.05
C MET I 794 27.76 10.55 5.54
N SER I 795 28.82 10.88 4.83
CA SER I 795 28.77 10.91 3.38
C SER I 795 28.64 9.49 2.82
N GLU I 796 27.83 9.37 1.78
CA GLU I 796 27.51 8.05 1.23
C GLU I 796 28.61 7.46 0.38
N ALA I 797 29.72 8.17 0.17
CA ALA I 797 30.84 7.59 -0.55
C ALA I 797 31.65 6.62 0.29
N LYS I 798 31.29 6.44 1.57
CA LYS I 798 32.05 5.56 2.46
C LYS I 798 31.23 4.41 3.00
N CYS I 799 30.01 4.22 2.50
CA CYS I 799 29.13 3.15 2.98
C CYS I 799 28.91 2.18 1.82
N TRP I 800 29.63 1.07 1.81
CA TRP I 800 29.50 0.14 0.72
C TRP I 800 28.20 -0.65 0.83
N THR I 801 27.97 -1.48 -0.18
CA THR I 801 26.78 -2.30 -0.25
C THR I 801 27.07 -3.48 -1.17
N GLU I 802 26.55 -4.64 -0.81
CA GLU I 802 26.83 -5.86 -1.55
C GLU I 802 25.54 -6.63 -1.74
N THR I 803 25.38 -7.24 -2.91
CA THR I 803 24.22 -8.06 -3.22
C THR I 803 24.53 -9.53 -3.36
N ASP I 804 25.60 -9.88 -4.05
CA ASP I 804 25.95 -11.28 -4.23
C ASP I 804 26.80 -11.77 -3.07
N LEU I 805 26.30 -12.78 -2.35
CA LEU I 805 26.90 -13.22 -1.10
C LEU I 805 28.12 -14.12 -1.27
N THR I 806 28.49 -14.49 -2.50
CA THR I 806 29.69 -15.30 -2.65
C THR I 806 30.89 -14.49 -2.20
N LYS I 807 31.32 -13.57 -3.04
CA LYS I 807 32.40 -12.68 -2.67
C LYS I 807 31.80 -11.98 -1.52
N GLY I 808 32.44 -11.97 -0.38
CA GLY I 808 31.87 -11.42 0.82
C GLY I 808 31.89 -9.94 1.07
N PRO I 809 31.82 -9.57 2.32
CA PRO I 809 31.81 -8.17 2.65
C PRO I 809 32.83 -7.39 1.93
N HIS I 810 32.48 -6.25 1.42
CA HIS I 810 33.41 -5.48 0.66
C HIS I 810 34.68 -5.08 1.32
N GLU I 811 34.72 -4.97 2.63
CA GLU I 811 35.91 -4.67 3.42
C GLU I 811 35.52 -4.64 4.88
N PHE I 812 36.30 -5.34 5.71
CA PHE I 812 36.06 -5.37 7.14
C PHE I 812 37.41 -5.49 7.83
N CYS I 813 37.65 -4.63 8.82
CA CYS I 813 38.95 -4.56 9.49
C CYS I 813 40.06 -4.36 8.48
N SER I 814 39.76 -3.61 7.42
CA SER I 814 40.71 -3.32 6.36
C SER I 814 41.28 -4.58 5.73
N GLN I 815 40.42 -5.57 5.54
CA GLN I 815 40.75 -6.75 4.76
C GLN I 815 39.63 -6.98 3.77
N HIS I 816 39.99 -7.54 2.61
CA HIS I 816 39.02 -7.91 1.60
C HIS I 816 38.86 -9.41 1.64
N THR I 817 37.73 -9.90 1.17
CA THR I 817 37.45 -11.31 1.23
C THR I 817 37.35 -11.89 -0.16
N MET I 818 37.81 -13.13 -0.30
CA MET I 818 37.81 -13.84 -1.56
C MET I 818 37.37 -15.26 -1.31
N LEU I 819 36.60 -15.84 -2.22
CA LEU I 819 36.09 -17.18 -2.02
C LEU I 819 36.90 -18.17 -2.86
N VAL I 820 37.74 -18.94 -2.19
CA VAL I 820 38.70 -19.81 -2.85
C VAL I 820 38.37 -21.26 -2.50
N LYS I 821 38.56 -22.13 -3.49
CA LYS I 821 38.43 -23.57 -3.30
C LYS I 821 39.75 -24.09 -2.74
N GLN I 822 39.70 -24.60 -1.51
CA GLN I 822 40.86 -25.15 -0.83
C GLN I 822 40.59 -26.58 -0.42
N GLY I 823 41.59 -27.43 -0.60
CA GLY I 823 41.40 -28.85 -0.36
C GLY I 823 40.38 -29.43 -1.31
N ASP I 824 39.12 -29.51 -0.85
CA ASP I 824 38.04 -29.99 -1.69
C ASP I 824 36.75 -29.20 -1.52
N ASP I 825 36.77 -28.10 -0.77
CA ASP I 825 35.59 -27.31 -0.52
C ASP I 825 35.93 -25.85 -0.78
N TYR I 826 34.94 -24.97 -0.58
CA TYR I 826 35.09 -23.56 -0.90
C TYR I 826 35.06 -22.75 0.38
N VAL I 827 36.21 -22.17 0.73
CA VAL I 827 36.35 -21.43 1.97
C VAL I 827 36.59 -19.96 1.66
N TYR I 828 36.37 -19.12 2.67
CA TYR I 828 36.62 -17.70 2.58
C TYR I 828 38.02 -17.38 3.08
N LEU I 829 38.64 -16.39 2.48
CA LEU I 829 39.95 -15.99 2.96
C LEU I 829 40.05 -14.48 2.98
N PRO I 830 40.85 -13.92 3.88
CA PRO I 830 41.08 -12.47 3.89
C PRO I 830 42.41 -12.13 3.24
N TYR I 831 42.41 -11.03 2.49
CA TYR I 831 43.66 -10.61 1.88
C TYR I 831 43.80 -9.10 1.99
N PRO I 832 44.99 -8.62 2.33
CA PRO I 832 45.18 -7.20 2.57
C PRO I 832 45.19 -6.38 1.30
N ASP I 833 45.71 -5.16 1.38
CA ASP I 833 45.85 -4.29 0.23
C ASP I 833 47.30 -4.26 -0.19
N PRO I 834 47.63 -4.62 -1.42
CA PRO I 834 49.05 -4.86 -1.75
C PRO I 834 49.95 -3.66 -1.55
N SER I 835 49.46 -2.47 -1.91
CA SER I 835 50.26 -1.27 -1.70
C SER I 835 50.66 -1.14 -0.25
N ARG I 836 49.79 -1.60 0.66
CA ARG I 836 50.12 -1.55 2.08
C ARG I 836 51.32 -2.44 2.40
N ILE I 837 51.33 -3.65 1.86
CA ILE I 837 52.42 -4.58 2.17
C ILE I 837 53.73 -4.08 1.57
N LEU I 838 53.68 -3.57 0.35
CA LEU I 838 54.90 -3.04 -0.24
C LEU I 838 55.42 -1.84 0.53
N GLY I 839 54.54 -0.91 0.91
CA GLY I 839 54.96 0.20 1.73
C GLY I 839 55.60 -0.27 3.03
N ALA I 840 54.96 -1.22 3.71
CA ALA I 840 55.54 -1.75 4.93
C ALA I 840 56.92 -2.34 4.67
N GLY I 841 57.14 -2.87 3.48
CA GLY I 841 58.44 -3.43 3.19
C GLY I 841 59.51 -2.38 2.97
N CYS I 842 59.14 -1.24 2.39
CA CYS I 842 60.13 -0.26 1.97
C CYS I 842 60.51 0.76 3.05
N PHE I 843 59.62 1.06 4.00
CA PHE I 843 59.78 2.22 4.88
C PHE I 843 59.77 1.79 6.33
N VAL I 844 60.82 2.00 7.05
CA VAL I 844 60.87 1.47 8.34
C VAL I 844 61.04 2.62 9.23
N ASP I 845 61.16 2.39 10.53
CA ASP I 845 61.26 3.46 11.49
C ASP I 845 62.44 3.36 12.41
N ASP I 846 63.58 2.85 11.95
CA ASP I 846 64.81 2.79 12.72
C ASP I 846 65.85 2.33 11.76
N ILE I 847 67.08 2.78 11.86
CA ILE I 847 68.07 2.42 10.88
C ILE I 847 68.76 1.14 11.20
N VAL I 848 68.09 0.14 11.72
CA VAL I 848 68.70 -1.14 11.92
C VAL I 848 67.59 -2.01 11.54
N LYS I 849 66.47 -1.42 11.18
CA LYS I 849 65.35 -2.19 10.72
C LYS I 849 65.53 -2.20 9.25
N THR I 850 66.47 -1.45 8.74
CA THR I 850 66.88 -1.55 7.37
C THR I 850 67.61 -2.89 7.23
N ASP I 851 68.91 -2.94 7.00
CA ASP I 851 69.71 -4.13 6.86
C ASP I 851 69.00 -5.46 7.02
N GLY I 852 68.49 -6.01 5.91
CA GLY I 852 67.65 -7.18 6.00
C GLY I 852 68.33 -8.35 6.69
N THR I 853 69.66 -8.36 6.69
CA THR I 853 70.40 -9.50 7.22
C THR I 853 70.00 -9.82 8.65
N LEU I 854 69.88 -8.80 9.50
CA LEU I 854 69.57 -9.07 10.90
C LEU I 854 68.11 -9.46 11.08
N MET I 855 67.23 -8.92 10.24
CA MET I 855 65.80 -9.05 10.48
C MET I 855 65.18 -9.69 9.24
N ILE I 856 64.96 -11.01 9.31
CA ILE I 856 64.40 -11.79 8.22
C ILE I 856 63.06 -12.15 8.84
N GLU I 857 62.98 -12.13 10.17
CA GLU I 857 61.76 -12.53 10.85
C GLU I 857 60.57 -11.67 10.45
N ARG I 858 60.80 -10.37 10.31
CA ARG I 858 59.68 -9.52 9.96
C ARG I 858 59.24 -9.75 8.52
N PHE I 859 60.16 -10.18 7.66
CA PHE I 859 59.75 -10.57 6.32
C PHE I 859 58.91 -11.83 6.36
N VAL I 860 59.23 -12.75 7.27
CA VAL I 860 58.40 -13.94 7.44
C VAL I 860 56.99 -13.53 7.86
N SER I 861 56.90 -12.63 8.83
CA SER I 861 55.58 -12.19 9.27
C SER I 861 54.81 -11.52 8.14
N LEU I 862 55.49 -10.66 7.38
CA LEU I 862 54.84 -9.97 6.29
C LEU I 862 54.34 -10.95 5.24
N ALA I 863 55.12 -11.99 4.95
CA ALA I 863 54.69 -12.98 3.97
C ALA I 863 53.50 -13.77 4.48
N ILE I 864 53.48 -14.07 5.77
CA ILE I 864 52.34 -14.76 6.36
C ILE I 864 51.10 -13.91 6.14
N ASP I 865 51.25 -12.60 6.28
CA ASP I 865 50.10 -11.73 6.04
C ASP I 865 49.74 -11.65 4.57
N ALA I 866 50.71 -11.79 3.68
CA ALA I 866 50.49 -11.59 2.26
C ALA I 866 50.05 -12.85 1.52
N TYR I 867 50.09 -14.01 2.17
CA TYR I 867 49.80 -15.27 1.49
C TYR I 867 48.54 -15.26 0.62
N PRO I 868 47.36 -14.99 1.16
CA PRO I 868 46.14 -15.26 0.39
C PRO I 868 46.06 -14.52 -0.93
N LEU I 869 47.02 -13.66 -1.24
CA LEU I 869 47.05 -13.01 -2.56
C LEU I 869 47.26 -14.04 -3.65
N THR I 870 48.00 -15.10 -3.35
CA THR I 870 48.32 -16.11 -4.36
C THR I 870 47.09 -16.62 -5.08
N LYS I 871 45.93 -16.61 -4.43
CA LYS I 871 44.73 -17.11 -5.06
C LYS I 871 43.96 -16.06 -5.85
N HIS I 872 44.55 -14.89 -6.07
CA HIS I 872 43.82 -13.83 -6.75
C HIS I 872 43.84 -14.03 -8.27
N PRO I 873 42.71 -13.84 -8.94
CA PRO I 873 42.71 -13.91 -10.41
C PRO I 873 43.60 -12.89 -11.08
N ASN I 874 43.99 -11.80 -10.42
CA ASN I 874 44.89 -10.84 -11.03
C ASN I 874 46.30 -11.43 -11.10
N GLN I 875 47.31 -10.62 -11.38
CA GLN I 875 48.61 -11.22 -11.65
C GLN I 875 49.76 -10.54 -10.93
N GLU I 876 49.69 -9.23 -10.72
CA GLU I 876 50.72 -8.55 -9.94
C GLU I 876 50.60 -9.01 -8.50
N TYR I 877 49.37 -9.29 -8.10
CA TYR I 877 49.04 -9.60 -6.72
C TYR I 877 49.80 -10.83 -6.25
N ALA I 878 49.73 -11.94 -6.98
CA ALA I 878 50.50 -13.12 -6.59
C ALA I 878 51.99 -12.84 -6.63
N ASP I 879 52.41 -11.99 -7.56
CA ASP I 879 53.83 -11.69 -7.66
C ASP I 879 54.34 -11.01 -6.42
N VAL I 880 53.47 -10.33 -5.67
CA VAL I 880 53.89 -9.76 -4.38
C VAL I 880 54.46 -10.85 -3.47
N PHE I 881 53.65 -11.86 -3.19
CA PHE I 881 54.08 -12.96 -2.33
C PHE I 881 55.34 -13.61 -2.85
N HIS I 882 55.38 -13.91 -4.15
CA HIS I 882 56.54 -14.62 -4.66
C HIS I 882 57.79 -13.76 -4.56
N LEU I 883 57.64 -12.45 -4.70
CA LEU I 883 58.78 -11.55 -4.50
C LEU I 883 59.28 -11.63 -3.07
N TYR I 884 58.36 -11.66 -2.11
CA TYR I 884 58.81 -11.73 -0.73
C TYR I 884 59.60 -13.01 -0.48
N LEU I 885 59.12 -14.14 -1.00
CA LEU I 885 59.85 -15.39 -0.80
C LEU I 885 61.25 -15.32 -1.38
N GLN I 886 61.37 -14.83 -2.61
CA GLN I 886 62.70 -14.78 -3.20
C GLN I 886 63.61 -13.83 -2.44
N TYR I 887 63.04 -12.77 -1.88
CA TYR I 887 63.85 -11.88 -1.04
C TYR I 887 64.41 -12.65 0.15
N ILE I 888 63.56 -13.43 0.82
CA ILE I 888 64.04 -14.16 1.99
C ILE I 888 65.19 -15.07 1.60
N ARG I 889 65.06 -15.75 0.47
CA ARG I 889 66.14 -16.60 0.00
C ARG I 889 67.43 -15.81 -0.18
N LYS I 890 67.32 -14.65 -0.82
CA LYS I 890 68.50 -13.83 -1.06
C LYS I 890 69.16 -13.42 0.25
N LEU I 891 68.36 -13.03 1.23
CA LEU I 891 68.89 -12.63 2.52
C LEU I 891 69.65 -13.77 3.18
N HIS I 892 69.07 -14.96 3.21
CA HIS I 892 69.74 -16.07 3.85
C HIS I 892 71.08 -16.35 3.16
N ASP I 893 71.09 -16.30 1.83
CA ASP I 893 72.32 -16.58 1.12
C ASP I 893 73.41 -15.56 1.45
N GLU I 894 73.08 -14.27 1.38
CA GLU I 894 74.09 -13.27 1.68
C GLU I 894 74.54 -13.34 3.13
N LEU I 895 73.66 -13.79 4.03
CA LEU I 895 74.05 -13.91 5.43
C LEU I 895 75.10 -15.00 5.62
N THR I 896 74.85 -16.18 5.04
CA THR I 896 75.87 -17.22 5.13
C THR I 896 77.18 -16.75 4.50
N GLY I 897 77.10 -16.03 3.39
CA GLY I 897 78.28 -15.48 2.78
C GLY I 897 79.06 -14.60 3.73
N HIS I 898 78.36 -13.64 4.34
CA HIS I 898 79.01 -12.74 5.29
C HIS I 898 79.66 -13.50 6.44
N MET I 899 78.93 -14.45 7.02
CA MET I 899 79.46 -15.18 8.16
C MET I 899 80.75 -15.91 7.78
N LEU I 900 80.71 -16.69 6.70
CA LEU I 900 81.93 -17.31 6.22
C LEU I 900 83.03 -16.29 5.99
N ASP I 901 82.68 -15.07 5.60
CA ASP I 901 83.71 -14.08 5.32
C ASP I 901 84.39 -13.61 6.60
N MET I 902 83.65 -12.95 7.50
CA MET I 902 84.28 -12.29 8.63
C MET I 902 85.00 -13.28 9.54
N TYR I 903 84.34 -14.38 9.87
CA TYR I 903 85.02 -15.42 10.64
C TYR I 903 84.79 -16.45 9.56
N SER I 904 85.66 -17.46 9.52
CA SER I 904 85.38 -18.65 8.76
C SER I 904 84.43 -19.82 8.95
N VAL I 905 83.53 -19.71 9.92
CA VAL I 905 82.65 -20.82 10.24
C VAL I 905 81.51 -20.87 9.23
N MET I 906 80.99 -22.06 9.01
CA MET I 906 79.70 -22.25 8.36
C MET I 906 78.75 -22.89 9.36
N LEU I 907 77.50 -22.43 9.33
CA LEU I 907 76.51 -22.90 10.29
C LEU I 907 76.36 -24.41 10.18
N THR I 908 76.04 -25.06 11.30
CA THR I 908 75.94 -26.51 11.32
C THR I 908 74.58 -26.98 10.80
N ASN I 909 73.52 -26.28 11.18
CA ASN I 909 72.18 -26.63 10.72
C ASN I 909 71.30 -25.41 10.84
N ASP I 910 70.37 -25.29 9.90
CA ASP I 910 69.56 -24.08 9.79
C ASP I 910 68.08 -24.34 10.03
N ASN I 911 67.48 -25.29 9.33
CA ASN I 911 66.04 -25.49 9.34
C ASN I 911 65.31 -24.20 8.97
N THR I 912 65.98 -23.34 8.21
CA THR I 912 65.35 -22.13 7.71
C THR I 912 64.78 -22.30 6.31
N SER I 913 65.08 -23.43 5.67
CA SER I 913 64.61 -23.65 4.31
C SER I 913 63.10 -23.76 4.25
N ARG I 914 62.45 -23.90 5.39
CA ARG I 914 61.01 -24.03 5.38
C ARG I 914 60.36 -22.65 5.28
N TYR I 915 61.17 -21.60 5.29
CA TYR I 915 60.60 -20.27 5.21
C TYR I 915 60.37 -19.79 3.78
N TRP I 916 61.07 -20.35 2.81
CA TRP I 916 60.90 -19.96 1.41
C TRP I 916 60.21 -21.04 0.60
N GLU I 917 59.23 -21.71 1.21
CA GLU I 917 58.51 -22.78 0.56
C GLU I 917 57.06 -22.67 1.01
N PRO I 918 56.10 -22.71 0.08
CA PRO I 918 54.76 -22.19 0.36
C PRO I 918 53.77 -23.19 0.93
N GLU I 919 54.18 -24.11 1.81
CA GLU I 919 53.18 -24.84 2.58
C GLU I 919 53.22 -24.43 4.04
N PHE I 920 54.40 -24.07 4.53
CA PHE I 920 54.51 -23.46 5.85
C PHE I 920 53.57 -22.29 5.99
N TYR I 921 53.33 -21.56 4.91
CA TYR I 921 52.44 -20.41 4.98
C TYR I 921 50.99 -20.82 4.86
N GLU I 922 50.68 -21.74 3.94
CA GLU I 922 49.27 -22.06 3.73
C GLU I 922 48.70 -22.86 4.88
N ALA I 923 49.58 -23.46 5.70
CA ALA I 923 49.12 -24.14 6.89
C ALA I 923 48.24 -23.23 7.75
N MET I 924 48.54 -21.93 7.76
CA MET I 924 47.85 -21.01 8.67
C MET I 924 46.38 -20.86 8.34
N TYR I 925 45.96 -21.18 7.13
CA TYR I 925 44.57 -20.99 6.76
C TYR I 925 43.86 -22.33 6.54
N THR I 926 44.32 -23.38 7.23
CA THR I 926 43.73 -24.70 7.14
C THR I 926 43.18 -25.10 8.50
N PRO I 927 41.88 -25.21 8.67
CA PRO I 927 41.32 -25.39 10.00
C PRO I 927 41.69 -26.71 10.65
N HIS I 928 42.79 -26.74 11.41
CA HIS I 928 43.08 -27.91 12.24
C HIS I 928 44.05 -27.49 13.34
N THR I 929 43.70 -26.43 14.05
CA THR I 929 44.40 -26.03 15.27
C THR I 929 43.67 -24.86 15.91
N PHE J 6 79.67 -32.46 46.37
CA PHE J 6 79.38 -33.84 46.78
C PHE J 6 80.66 -34.63 47.01
N SER J 7 81.65 -33.98 47.62
CA SER J 7 82.95 -34.61 47.84
C SER J 7 83.15 -35.10 49.27
N SER J 8 82.80 -34.29 50.27
CA SER J 8 83.00 -34.66 51.67
C SER J 8 81.83 -35.44 52.24
N LEU J 9 80.97 -35.99 51.40
CA LEU J 9 79.83 -36.73 51.90
C LEU J 9 80.29 -38.01 52.61
N PRO J 10 79.67 -38.38 53.72
CA PRO J 10 79.78 -39.78 54.16
C PRO J 10 79.37 -40.73 53.05
N SER J 11 78.46 -40.29 52.17
CA SER J 11 78.16 -41.05 50.96
C SER J 11 79.40 -41.23 50.10
N TYR J 12 80.14 -40.14 49.85
CA TYR J 12 81.33 -40.24 49.03
C TYR J 12 82.36 -41.17 49.66
N ALA J 13 82.56 -41.05 50.97
CA ALA J 13 83.53 -41.89 51.65
C ALA J 13 83.13 -43.36 51.58
N ALA J 14 81.87 -43.67 51.89
CA ALA J 14 81.43 -45.05 51.85
C ALA J 14 81.49 -45.61 50.43
N PHE J 15 81.15 -44.80 49.44
CA PHE J 15 81.21 -45.24 48.05
C PHE J 15 82.64 -45.52 47.63
N ALA J 16 83.56 -44.60 47.92
CA ALA J 16 84.96 -44.81 47.59
C ALA J 16 85.52 -46.04 48.28
N THR J 17 85.12 -46.28 49.54
CA THR J 17 85.64 -47.44 50.25
C THR J 17 85.06 -48.75 49.74
N ALA J 18 83.76 -48.79 49.46
CA ALA J 18 83.16 -49.99 48.89
C ALA J 18 83.77 -50.30 47.53
N GLN J 19 83.99 -49.28 46.71
CA GLN J 19 84.62 -49.50 45.41
C GLN J 19 86.07 -49.94 45.56
N GLU J 20 86.78 -49.39 46.53
CA GLU J 20 88.17 -49.81 46.75
C GLU J 20 88.23 -51.29 47.14
N ALA J 21 87.34 -51.71 48.05
CA ALA J 21 87.31 -53.11 48.43
C ALA J 21 86.89 -53.99 47.25
N TYR J 22 85.97 -53.49 46.42
CA TYR J 22 85.52 -54.25 45.26
C TYR J 22 86.66 -54.45 44.27
N GLU J 23 87.38 -53.38 43.95
CA GLU J 23 88.52 -53.48 43.04
C GLU J 23 89.62 -54.37 43.64
N GLN J 24 89.83 -54.29 44.95
CA GLN J 24 90.85 -55.13 45.58
C GLN J 24 90.48 -56.60 45.45
N ALA J 25 89.28 -56.98 45.88
CA ALA J 25 88.88 -58.38 45.83
C ALA J 25 88.65 -58.88 44.41
N VAL J 26 88.47 -57.99 43.44
CA VAL J 26 88.44 -58.43 42.05
C VAL J 26 89.85 -58.61 41.51
N ALA J 27 90.79 -57.80 41.98
CA ALA J 27 92.19 -57.99 41.61
C ALA J 27 92.73 -59.30 42.17
N ASN J 28 92.36 -59.62 43.41
CA ASN J 28 92.73 -60.92 43.96
C ASN J 28 91.99 -62.06 43.27
N GLY J 29 90.83 -61.76 42.68
CA GLY J 29 90.08 -62.74 41.92
C GLY J 29 89.70 -63.99 42.69
N ASP J 30 88.81 -63.85 43.67
CA ASP J 30 88.47 -64.98 44.53
C ASP J 30 87.09 -65.28 43.98
N SER J 31 86.35 -66.17 44.65
CA SER J 31 85.05 -66.61 44.18
C SER J 31 83.95 -65.72 43.62
N GLU J 32 83.01 -66.35 42.91
CA GLU J 32 81.86 -65.63 42.38
C GLU J 32 81.00 -65.05 43.50
N VAL J 33 81.00 -65.68 44.67
CA VAL J 33 80.30 -65.12 45.82
C VAL J 33 80.89 -63.77 46.19
N VAL J 34 82.22 -63.65 46.09
CA VAL J 34 82.86 -62.35 46.32
C VAL J 34 82.42 -61.35 45.26
N LEU J 35 82.32 -61.79 44.01
CA LEU J 35 81.89 -60.89 42.95
C LEU J 35 80.47 -60.37 43.21
N LYS J 36 79.59 -61.26 43.68
CA LYS J 36 78.21 -60.84 43.98
C LYS J 36 78.17 -59.92 45.19
N LYS J 37 79.02 -60.19 46.20
CA LYS J 37 79.07 -59.32 47.37
C LYS J 37 79.57 -57.93 47.00
N LEU J 38 80.60 -57.86 46.15
CA LEU J 38 81.11 -56.57 45.68
C LEU J 38 80.09 -55.86 44.80
N LYS J 39 79.34 -56.60 43.98
CA LYS J 39 78.28 -55.96 43.20
C LYS J 39 77.15 -55.44 44.08
N LYS J 40 76.82 -56.14 45.16
CA LYS J 40 75.78 -55.67 46.07
C LYS J 40 76.24 -54.46 46.86
N SER J 41 77.48 -54.48 47.33
CA SER J 41 78.04 -53.30 48.00
C SER J 41 78.14 -52.12 47.04
N LEU J 42 78.54 -52.39 45.80
CA LEU J 42 78.53 -51.37 44.77
C LEU J 42 77.13 -50.79 44.59
N ASN J 43 76.11 -51.66 44.54
CA ASN J 43 74.74 -51.21 44.31
C ASN J 43 74.26 -50.33 45.46
N VAL J 44 74.47 -50.78 46.70
CA VAL J 44 74.03 -49.98 47.84
C VAL J 44 74.84 -48.69 47.93
N ALA J 45 76.09 -48.70 47.47
CA ALA J 45 76.90 -47.49 47.53
C ALA J 45 76.48 -46.49 46.45
N LYS J 46 76.10 -46.97 45.27
CA LYS J 46 75.50 -46.07 44.28
C LYS J 46 74.15 -45.53 44.75
N SER J 47 73.38 -46.35 45.47
CA SER J 47 72.13 -45.84 46.03
C SER J 47 72.40 -44.74 47.04
N GLU J 48 73.37 -44.96 47.93
CA GLU J 48 73.79 -43.93 48.87
C GLU J 48 74.24 -42.67 48.14
N PHE J 49 75.01 -42.85 47.07
CA PHE J 49 75.49 -41.73 46.26
C PHE J 49 74.36 -41.01 45.54
N ASP J 50 73.30 -41.72 45.19
CA ASP J 50 72.19 -41.18 44.41
C ASP J 50 71.62 -39.94 45.07
N ARG J 51 70.99 -40.12 46.22
CA ARG J 51 70.31 -39.01 46.88
C ARG J 51 71.26 -38.07 47.61
N ASP J 52 72.38 -38.57 48.11
CA ASP J 52 73.29 -37.70 48.86
C ASP J 52 74.18 -36.88 47.94
N ALA J 53 74.27 -37.24 46.66
CA ALA J 53 75.05 -36.47 45.70
C ALA J 53 74.23 -35.61 44.74
N ALA J 54 72.94 -35.91 44.63
CA ALA J 54 72.04 -35.09 43.84
C ALA J 54 70.92 -34.28 44.49
N MET J 55 70.33 -34.80 45.58
CA MET J 55 69.33 -34.01 46.29
C MET J 55 69.96 -32.79 46.95
N GLN J 56 71.21 -32.91 47.40
CA GLN J 56 71.89 -31.74 47.93
C GLN J 56 72.19 -30.73 46.82
N ARG J 57 72.34 -31.20 45.58
CA ARG J 57 72.39 -30.26 44.47
C ARG J 57 71.09 -29.48 44.36
N LYS J 58 69.95 -30.18 44.50
CA LYS J 58 68.67 -29.46 44.56
C LYS J 58 68.65 -28.49 45.73
N LEU J 59 69.27 -28.87 46.84
CA LEU J 59 69.37 -27.97 47.99
C LEU J 59 70.09 -26.69 47.59
N GLU J 60 71.22 -26.82 46.91
CA GLU J 60 71.98 -25.64 46.52
C GLU J 60 71.21 -24.80 45.50
N LYS J 61 70.56 -25.44 44.52
CA LYS J 61 69.80 -24.68 43.53
C LYS J 61 68.69 -23.90 44.21
N MET J 62 67.94 -24.54 45.10
CA MET J 62 66.81 -23.86 45.73
C MET J 62 67.28 -22.81 46.73
N ALA J 63 68.42 -23.03 47.38
CA ALA J 63 68.99 -22.00 48.24
C ALA J 63 69.37 -20.77 47.42
N ASP J 64 69.99 -20.98 46.26
CA ASP J 64 70.33 -19.86 45.40
C ASP J 64 69.06 -19.17 44.88
N GLN J 65 68.02 -19.95 44.60
CA GLN J 65 66.75 -19.37 44.20
C GLN J 65 66.22 -18.44 45.28
N ALA J 66 66.14 -18.92 46.52
CA ALA J 66 65.65 -18.09 47.61
C ALA J 66 66.54 -16.87 47.81
N MET J 67 67.85 -17.03 47.63
CA MET J 67 68.75 -15.90 47.84
C MET J 67 68.54 -14.81 46.81
N THR J 68 68.53 -15.17 45.53
CA THR J 68 68.30 -14.17 44.49
C THR J 68 66.90 -13.58 44.63
N GLN J 69 65.94 -14.38 45.09
CA GLN J 69 64.59 -13.87 45.29
C GLN J 69 64.57 -12.78 46.36
N MET J 70 65.22 -13.03 47.49
CA MET J 70 65.18 -12.01 48.53
C MET J 70 66.07 -10.84 48.20
N TYR J 71 67.07 -11.03 47.33
CA TYR J 71 67.80 -9.88 46.80
C TYR J 71 66.88 -9.00 45.97
N LYS J 72 66.04 -9.63 45.13
CA LYS J 72 65.05 -8.87 44.39
C LYS J 72 64.10 -8.14 45.33
N GLN J 73 63.73 -8.79 46.43
CA GLN J 73 62.87 -8.15 47.42
C GLN J 73 63.52 -6.90 48.02
N ALA J 74 64.80 -7.01 48.39
CA ALA J 74 65.51 -5.86 48.95
C ALA J 74 65.58 -4.73 47.95
N ARG J 75 65.88 -5.05 46.69
CA ARG J 75 65.90 -4.03 45.67
C ARG J 75 64.55 -3.32 45.56
N SER J 76 63.47 -4.09 45.54
CA SER J 76 62.14 -3.50 45.42
C SER J 76 61.87 -2.55 46.58
N GLU J 77 62.21 -2.98 47.79
CA GLU J 77 61.98 -2.12 48.95
C GLU J 77 62.78 -0.82 48.86
N ASP J 78 64.03 -0.90 48.41
CA ASP J 78 64.82 0.31 48.24
C ASP J 78 64.17 1.25 47.25
N LYS J 79 63.77 0.73 46.10
CA LYS J 79 63.12 1.59 45.11
C LYS J 79 61.89 2.26 45.67
N ARG J 80 61.11 1.50 46.46
CA ARG J 80 59.91 2.06 47.07
C ARG J 80 60.26 3.27 47.93
N ALA J 81 61.22 3.09 48.84
CA ALA J 81 61.59 4.19 49.71
C ALA J 81 62.08 5.40 48.92
N LYS J 82 62.85 5.16 47.86
CA LYS J 82 63.39 6.26 47.08
C LYS J 82 62.29 7.05 46.40
N VAL J 83 61.33 6.36 45.77
CA VAL J 83 60.28 7.09 45.09
C VAL J 83 59.38 7.80 46.09
N THR J 84 59.22 7.25 47.29
CA THR J 84 58.45 7.96 48.31
C THR J 84 59.11 9.28 48.66
N SER J 85 60.42 9.24 48.90
CA SER J 85 61.13 10.48 49.16
C SER J 85 60.96 11.47 48.02
N ALA J 86 60.99 10.97 46.79
CA ALA J 86 60.89 11.87 45.63
C ALA J 86 59.54 12.55 45.58
N MET J 87 58.45 11.79 45.73
CA MET J 87 57.13 12.39 45.70
C MET J 87 56.95 13.40 46.82
N GLN J 88 57.46 13.08 48.01
CA GLN J 88 57.33 14.02 49.12
C GLN J 88 58.06 15.33 48.83
N THR J 89 59.32 15.25 48.41
CA THR J 89 60.03 16.50 48.16
C THR J 89 59.41 17.28 47.03
N MET J 90 58.83 16.60 46.03
CA MET J 90 58.17 17.34 44.96
C MET J 90 56.95 18.09 45.49
N LEU J 91 56.12 17.43 46.31
CA LEU J 91 54.97 18.12 46.89
C LEU J 91 55.41 19.35 47.67
N PHE J 92 56.50 19.22 48.42
CA PHE J 92 56.91 20.32 49.28
C PHE J 92 57.46 21.48 48.46
N THR J 93 58.34 21.21 47.50
CA THR J 93 58.84 22.29 46.67
C THR J 93 57.76 22.86 45.76
N MET J 94 56.64 22.16 45.60
CA MET J 94 55.55 22.70 44.81
C MET J 94 54.69 23.66 45.62
N LEU J 95 54.41 23.32 46.88
CA LEU J 95 53.45 24.10 47.63
C LEU J 95 54.00 25.46 48.05
N ARG J 96 55.30 25.67 48.06
CA ARG J 96 55.82 26.86 48.74
C ARG J 96 55.56 28.13 47.94
N LYS J 97 55.52 28.04 46.63
CA LYS J 97 55.45 29.27 45.85
C LYS J 97 54.05 29.84 45.74
N LEU J 98 53.03 29.21 46.33
CA LEU J 98 51.67 29.68 46.16
C LEU J 98 51.12 30.42 47.36
N ASP J 99 51.45 30.02 48.59
CA ASP J 99 50.70 30.49 49.74
C ASP J 99 50.94 31.98 50.00
N ASN J 100 50.44 32.81 49.10
CA ASN J 100 50.29 34.20 49.44
C ASN J 100 49.19 34.35 50.48
N ASP J 101 48.86 35.60 50.79
CA ASP J 101 47.68 35.85 51.61
C ASP J 101 46.42 35.74 50.77
N ALA J 102 46.50 36.18 49.50
CA ALA J 102 45.30 36.32 48.68
C ALA J 102 44.55 35.00 48.50
N LEU J 103 45.29 33.89 48.43
CA LEU J 103 44.64 32.58 48.38
C LEU J 103 43.82 32.36 49.65
N ASN J 104 44.44 32.59 50.80
CA ASN J 104 43.70 32.49 52.05
C ASN J 104 42.50 33.42 52.05
N ASN J 105 42.63 34.58 51.42
CA ASN J 105 41.55 35.55 51.40
C ASN J 105 40.35 35.02 50.64
N ILE J 106 40.59 34.52 49.42
CA ILE J 106 39.44 34.08 48.62
C ILE J 106 38.88 32.77 49.17
N ILE J 107 39.67 32.04 49.96
CA ILE J 107 39.10 30.84 50.57
C ILE J 107 38.26 31.21 51.79
N ASN J 108 38.71 32.18 52.59
CA ASN J 108 37.90 32.65 53.71
C ASN J 108 36.62 33.30 53.23
N ASN J 109 36.64 33.94 52.06
CA ASN J 109 35.43 34.56 51.54
C ASN J 109 34.35 33.53 51.25
N ALA J 110 34.74 32.35 50.78
CA ALA J 110 33.75 31.34 50.40
C ALA J 110 32.89 30.95 51.58
N ARG J 111 31.62 30.65 51.32
CA ARG J 111 30.68 30.35 52.39
C ARG J 111 30.84 28.95 52.93
N ASP J 112 31.70 28.13 52.32
CA ASP J 112 31.93 26.79 52.81
C ASP J 112 33.42 26.43 52.81
N GLY J 113 34.28 27.33 52.37
CA GLY J 113 35.70 27.04 52.29
C GLY J 113 36.04 26.05 51.20
N CYS J 114 35.18 25.94 50.18
CA CYS J 114 35.52 25.13 49.01
C CYS J 114 35.13 25.90 47.77
N VAL J 115 36.04 25.96 46.80
CA VAL J 115 35.87 26.79 45.61
C VAL J 115 36.29 25.98 44.40
N PRO J 116 35.76 26.32 43.22
CA PRO J 116 36.17 25.60 42.02
C PRO J 116 37.65 25.76 41.76
N LEU J 117 38.21 24.86 40.97
CA LEU J 117 39.64 24.93 40.71
C LEU J 117 39.97 25.95 39.64
N ASN J 118 39.10 26.13 38.65
CA ASN J 118 39.43 26.93 37.49
C ASN J 118 39.72 28.38 37.86
N ILE J 119 39.17 28.86 38.98
CA ILE J 119 39.30 30.27 39.31
C ILE J 119 40.52 30.56 40.15
N ILE J 120 41.22 29.54 40.63
CA ILE J 120 42.34 29.78 41.52
C ILE J 120 43.47 30.49 40.77
N PRO J 121 43.99 29.97 39.66
CA PRO J 121 44.99 30.76 38.95
C PRO J 121 44.40 32.00 38.32
N LEU J 122 43.12 31.95 37.97
CA LEU J 122 42.48 33.11 37.37
C LEU J 122 42.44 34.30 38.30
N THR J 123 42.44 34.09 39.62
CA THR J 123 42.37 35.22 40.54
C THR J 123 43.57 35.37 41.44
N THR J 124 44.50 34.41 41.48
CA THR J 124 45.67 34.57 42.31
C THR J 124 46.99 34.44 41.58
N ALA J 125 46.99 34.25 40.27
CA ALA J 125 48.26 34.16 39.57
C ALA J 125 48.96 35.49 39.58
N ALA J 126 50.28 35.44 39.45
CA ALA J 126 51.11 36.63 39.37
C ALA J 126 51.81 36.78 38.04
N LYS J 127 51.66 35.81 37.14
CA LYS J 127 52.31 35.84 35.84
C LYS J 127 51.35 35.29 34.80
N LEU J 128 51.24 35.98 33.67
CA LEU J 128 50.40 35.56 32.56
C LEU J 128 51.29 35.18 31.39
N MET J 129 50.85 34.22 30.59
CA MET J 129 51.54 33.86 29.36
C MET J 129 50.54 33.75 28.22
N VAL J 130 50.76 34.53 27.18
CA VAL J 130 49.84 34.62 26.05
C VAL J 130 50.53 34.04 24.83
N VAL J 131 49.79 33.29 24.03
CA VAL J 131 50.31 32.69 22.82
C VAL J 131 49.51 33.22 21.64
N ILE J 132 50.16 33.95 20.75
CA ILE J 132 49.49 34.62 19.64
C ILE J 132 49.96 34.03 18.32
N PRO J 133 49.06 33.67 17.43
CA PRO J 133 49.48 33.04 16.18
C PRO J 133 50.00 34.00 15.14
N ASP J 134 49.34 35.13 14.93
CA ASP J 134 49.72 36.03 13.85
C ASP J 134 49.81 37.46 14.34
N TYR J 135 49.85 38.42 13.40
CA TYR J 135 49.90 39.81 13.83
C TYR J 135 48.52 40.35 14.15
N ASN J 136 47.51 39.93 13.38
CA ASN J 136 46.15 40.42 13.60
C ASN J 136 45.71 40.17 15.03
N THR J 137 45.80 38.91 15.48
CA THR J 137 45.40 38.60 16.84
C THR J 137 46.25 39.34 17.85
N TYR J 138 47.50 39.63 17.50
CA TYR J 138 48.33 40.46 18.38
C TYR J 138 47.72 41.84 18.53
N LYS J 139 47.21 42.39 17.44
CA LYS J 139 46.69 43.76 17.48
C LYS J 139 45.44 43.83 18.35
N ASN J 140 44.58 42.84 18.27
CA ASN J 140 43.34 42.88 19.02
C ASN J 140 43.65 42.86 20.49
N THR J 141 44.56 42.02 20.97
CA THR J 141 44.85 41.97 22.39
C THR J 141 46.07 42.44 23.22
N CYS J 142 47.27 42.14 22.75
CA CYS J 142 48.47 42.52 23.43
C CYS J 142 48.81 43.79 22.61
N ASP J 143 48.47 44.94 23.16
CA ASP J 143 48.67 46.22 22.50
C ASP J 143 49.34 47.17 23.46
N GLY J 144 50.43 47.79 22.99
CA GLY J 144 51.19 48.67 23.86
C GLY J 144 51.87 47.87 24.94
N THR J 145 52.39 48.54 25.98
CA THR J 145 53.12 47.82 27.01
C THR J 145 52.23 47.38 28.17
N THR J 146 50.97 47.78 28.19
CA THR J 146 50.02 47.30 29.19
C THR J 146 48.69 46.99 28.51
N PHE J 147 48.01 45.98 29.04
CA PHE J 147 46.71 45.58 28.54
C PHE J 147 45.91 45.02 29.72
N THR J 148 44.65 44.67 29.48
CA THR J 148 43.82 44.14 30.52
C THR J 148 43.27 42.78 30.12
N TYR J 149 43.30 41.85 31.07
CA TYR J 149 42.67 40.56 30.89
C TYR J 149 42.22 40.05 32.24
N ALA J 150 41.09 39.34 32.25
CA ALA J 150 40.51 38.78 33.46
C ALA J 150 40.14 39.89 34.45
N SER J 151 39.67 41.01 33.92
CA SER J 151 39.30 42.17 34.70
C SER J 151 40.43 42.59 35.65
N ALA J 152 41.64 42.63 35.11
CA ALA J 152 42.79 43.11 35.86
C ALA J 152 43.86 43.51 34.86
N LEU J 153 44.73 44.41 35.28
CA LEU J 153 45.68 45.06 34.38
C LEU J 153 47.02 44.35 34.42
N TRP J 154 47.65 44.23 33.25
CA TRP J 154 48.92 43.53 33.11
C TRP J 154 49.91 44.40 32.36
N GLU J 155 51.19 44.24 32.66
CA GLU J 155 52.25 45.01 32.02
C GLU J 155 53.21 44.08 31.31
N ILE J 156 53.46 44.20 30.00
CA ILE J 156 54.34 43.23 29.32
C ILE J 156 55.77 43.27 29.76
N GLN J 157 56.38 42.13 29.99
CA GLN J 157 57.76 42.09 30.47
C GLN J 157 58.84 41.41 29.61
N GLN J 158 58.50 40.56 28.65
CA GLN J 158 59.49 39.98 27.76
C GLN J 158 58.74 39.40 26.64
N VAL J 159 59.28 39.40 25.43
CA VAL J 159 58.55 38.71 24.37
C VAL J 159 59.52 37.81 23.63
N VAL J 160 59.09 36.61 23.30
CA VAL J 160 59.92 35.64 22.60
C VAL J 160 59.12 35.02 21.46
N ASP J 161 59.80 34.31 20.59
CA ASP J 161 59.20 33.65 19.44
C ASP J 161 59.38 32.14 19.57
N ALA J 162 59.03 31.42 18.49
CA ALA J 162 59.05 29.96 18.54
C ALA J 162 60.41 29.42 18.97
N ASP J 163 61.49 30.02 18.48
CA ASP J 163 62.81 29.54 18.86
C ASP J 163 63.25 30.05 20.22
N SER J 164 62.45 30.88 20.88
CA SER J 164 62.78 31.48 22.17
C SER J 164 63.99 32.42 22.06
N LYS J 165 63.95 33.35 21.12
CA LYS J 165 64.92 34.43 21.06
C LYS J 165 64.21 35.76 21.25
N ILE J 166 64.75 36.59 22.13
CA ILE J 166 64.05 37.79 22.57
C ILE J 166 63.69 38.65 21.36
N VAL J 167 62.51 39.26 21.42
CA VAL J 167 62.02 40.16 20.38
C VAL J 167 61.58 41.46 21.03
N GLN J 168 62.09 42.58 20.53
CA GLN J 168 61.69 43.88 21.04
C GLN J 168 60.33 44.27 20.49
N LEU J 169 59.59 45.03 21.28
CA LEU J 169 58.27 45.46 20.85
C LEU J 169 58.33 46.36 19.63
N SER J 170 59.52 46.88 19.30
CA SER J 170 59.65 47.77 18.16
C SER J 170 59.38 47.03 16.85
N GLU J 171 59.90 45.82 16.73
CA GLU J 171 59.77 45.10 15.47
C GLU J 171 58.57 44.22 15.41
N ILE J 172 57.51 44.45 16.17
CA ILE J 172 56.28 43.69 15.97
C ILE J 172 55.41 44.52 15.04
N SER J 173 56.00 44.99 13.96
CA SER J 173 55.30 45.86 13.03
C SER J 173 54.28 45.03 12.26
N MET J 174 53.51 45.71 11.40
CA MET J 174 52.68 44.99 10.45
C MET J 174 53.52 44.52 9.28
N ASP J 175 54.42 45.37 8.81
CA ASP J 175 55.21 45.04 7.63
C ASP J 175 56.36 44.09 7.96
N ASN J 176 56.97 44.25 9.12
CA ASN J 176 58.08 43.38 9.49
C ASN J 176 57.59 41.99 9.87
N SER J 177 56.32 41.85 10.22
CA SER J 177 55.79 40.60 10.78
C SER J 177 56.16 39.36 10.00
N PRO J 178 56.18 39.34 8.65
CA PRO J 178 56.55 38.11 7.95
C PRO J 178 58.03 37.76 8.04
N ASN J 179 58.72 38.18 9.11
CA ASN J 179 60.10 37.78 9.31
C ASN J 179 60.32 37.19 10.70
N LEU J 180 59.27 36.68 11.34
CA LEU J 180 59.37 36.18 12.70
C LEU J 180 58.77 34.79 12.77
N ALA J 181 59.41 33.90 13.53
CA ALA J 181 58.78 32.63 13.87
C ALA J 181 57.48 32.91 14.61
N TRP J 182 56.37 32.55 13.99
CA TRP J 182 55.14 33.23 14.39
C TRP J 182 54.18 32.40 15.23
N PRO J 183 54.55 31.99 16.42
CA PRO J 183 53.56 31.89 17.49
C PRO J 183 54.09 32.58 18.73
N LEU J 184 54.05 33.91 18.74
CA LEU J 184 54.73 34.68 19.79
C LEU J 184 54.20 34.34 21.17
N ILE J 185 55.08 34.41 22.16
CA ILE J 185 54.78 34.04 23.54
C ILE J 185 55.10 35.22 24.44
N VAL J 186 54.08 35.80 25.04
CA VAL J 186 54.21 37.06 25.77
C VAL J 186 53.98 36.78 27.25
N THR J 187 54.97 37.05 28.07
CA THR J 187 54.83 36.90 29.52
C THR J 187 54.65 38.26 30.17
N ALA J 188 53.71 38.35 31.10
CA ALA J 188 53.35 39.63 31.70
C ALA J 188 53.39 39.49 33.21
N LEU J 189 53.05 40.58 33.89
CA LEU J 189 52.99 40.62 35.34
C LEU J 189 51.74 41.33 35.80
N ARG J 190 51.20 40.90 36.94
CA ARG J 190 49.99 41.51 37.45
C ARG J 190 50.27 42.91 37.97
N ALA J 191 49.52 43.87 37.48
CA ALA J 191 49.66 45.26 37.91
C ALA J 191 48.58 45.58 38.93
N ASN J 192 48.97 46.26 39.99
CA ASN J 192 48.04 46.64 41.05
C ASN J 192 47.60 48.09 40.89
N LYS K 2 58.82 5.88 -12.25
CA LYS K 2 59.70 7.05 -12.27
C LYS K 2 59.35 8.04 -11.19
N MET K 3 58.07 8.41 -11.14
CA MET K 3 57.60 9.31 -10.10
C MET K 3 57.91 8.75 -8.71
N SER K 4 57.80 7.44 -8.55
CA SER K 4 58.16 6.84 -7.29
C SER K 4 59.59 7.16 -6.90
N ASP K 5 60.49 7.25 -7.89
CA ASP K 5 61.87 7.60 -7.58
C ASP K 5 61.96 9.00 -7.01
N VAL K 6 61.15 9.93 -7.53
CA VAL K 6 61.14 11.28 -6.98
C VAL K 6 60.66 11.26 -5.54
N LYS K 7 59.54 10.59 -5.28
CA LYS K 7 59.04 10.52 -3.91
C LYS K 7 60.10 9.96 -2.97
N CYS K 8 60.80 8.92 -3.42
CA CYS K 8 61.77 8.25 -2.58
C CYS K 8 62.96 9.15 -2.26
N THR K 9 63.52 9.78 -3.28
CA THR K 9 64.65 10.66 -3.01
C THR K 9 64.24 11.86 -2.17
N SER K 10 62.99 12.29 -2.27
CA SER K 10 62.56 13.38 -1.39
C SER K 10 62.53 12.93 0.06
N VAL K 11 62.07 11.70 0.31
CA VAL K 11 62.13 11.16 1.67
C VAL K 11 63.56 11.20 2.18
N VAL K 12 64.50 10.68 1.38
CA VAL K 12 65.88 10.63 1.85
C VAL K 12 66.43 12.02 2.10
N LEU K 13 66.06 12.98 1.24
CA LEU K 13 66.59 14.33 1.40
C LEU K 13 66.10 14.95 2.70
N LEU K 14 64.81 14.81 2.98
CA LEU K 14 64.30 15.35 4.24
C LEU K 14 64.99 14.70 5.42
N SER K 15 65.27 13.40 5.35
CA SER K 15 65.96 12.76 6.45
C SER K 15 67.33 13.40 6.65
N VAL K 16 68.07 13.62 5.57
CA VAL K 16 69.38 14.24 5.70
C VAL K 16 69.27 15.63 6.32
N LEU K 17 68.36 16.45 5.81
CA LEU K 17 68.17 17.79 6.37
C LEU K 17 67.91 17.72 7.87
N GLN K 18 66.94 16.90 8.28
CA GLN K 18 66.60 16.84 9.69
C GLN K 18 67.80 16.41 10.52
N GLN K 19 68.63 15.51 10.02
CA GLN K 19 69.77 15.12 10.83
C GLN K 19 70.90 16.15 10.78
N LEU K 20 70.81 17.14 9.90
CA LEU K 20 71.72 18.27 9.92
C LEU K 20 71.21 19.40 10.81
N ARG K 21 70.36 19.08 11.79
CA ARG K 21 69.90 20.01 12.82
C ARG K 21 69.08 21.17 12.29
N VAL K 22 68.47 21.04 11.10
CA VAL K 22 67.75 22.18 10.55
C VAL K 22 66.49 22.46 11.32
N GLU K 23 65.94 21.45 11.99
CA GLU K 23 64.69 21.66 12.72
C GLU K 23 64.86 22.59 13.91
N SER K 24 66.09 22.89 14.31
CA SER K 24 66.31 23.86 15.36
C SER K 24 65.70 25.20 14.97
N SER K 25 66.09 25.72 13.83
CA SER K 25 65.37 26.86 13.28
C SER K 25 63.92 26.46 13.00
N SER K 26 63.03 27.41 13.17
CA SER K 26 61.61 27.11 13.01
C SER K 26 60.65 27.27 11.84
N LYS K 27 60.95 28.22 10.97
CA LYS K 27 60.08 28.65 9.87
C LYS K 27 60.67 27.82 8.73
N LEU K 28 61.99 27.70 8.72
CA LEU K 28 62.64 26.91 7.68
C LEU K 28 62.17 25.46 7.72
N TRP K 29 62.11 24.88 8.91
CA TRP K 29 61.65 23.50 9.02
C TRP K 29 60.19 23.38 8.59
N ALA K 30 59.38 24.39 8.89
CA ALA K 30 57.99 24.37 8.44
C ALA K 30 57.93 24.31 6.92
N GLN K 31 58.73 25.14 6.25
CA GLN K 31 58.73 25.11 4.79
C GLN K 31 59.20 23.78 4.25
N CYS K 32 60.26 23.21 4.82
CA CYS K 32 60.78 21.94 4.33
C CYS K 32 59.73 20.84 4.48
N VAL K 33 59.06 20.80 5.62
CA VAL K 33 58.02 19.81 5.83
C VAL K 33 56.88 20.02 4.85
N GLN K 34 56.54 21.27 4.57
CA GLN K 34 55.48 21.55 3.62
C GLN K 34 55.82 20.99 2.24
N LEU K 35 57.02 21.29 1.75
CA LEU K 35 57.40 20.80 0.43
C LEU K 35 57.45 19.28 0.38
N HIS K 36 57.96 18.65 1.43
CA HIS K 36 58.04 17.19 1.44
C HIS K 36 56.66 16.56 1.38
N ASN K 37 55.74 17.03 2.22
CA ASN K 37 54.39 16.47 2.20
C ASN K 37 53.66 16.79 0.92
N ASP K 38 54.02 17.88 0.23
CA ASP K 38 53.39 18.16 -1.05
C ASP K 38 53.92 17.23 -2.13
N ILE K 39 55.22 16.93 -2.09
CA ILE K 39 55.80 16.03 -3.08
C ILE K 39 55.22 14.64 -2.91
N LEU K 40 55.03 14.20 -1.67
CA LEU K 40 54.53 12.84 -1.47
C LEU K 40 53.13 12.63 -2.02
N LEU K 41 52.36 13.69 -2.27
CA LEU K 41 50.99 13.54 -2.72
C LEU K 41 50.79 13.99 -4.17
N ALA K 42 51.84 14.46 -4.83
CA ALA K 42 51.72 14.95 -6.18
C ALA K 42 51.30 13.82 -7.13
N LYS K 43 50.81 14.20 -8.29
CA LYS K 43 50.32 13.25 -9.27
C LYS K 43 51.09 13.27 -10.58
N ASP K 44 51.58 14.44 -11.01
CA ASP K 44 52.33 14.54 -12.24
C ASP K 44 53.79 14.88 -11.95
N THR K 45 54.66 14.49 -12.87
CA THR K 45 56.09 14.53 -12.57
C THR K 45 56.67 15.94 -12.59
N THR K 46 56.16 16.82 -13.44
CA THR K 46 56.86 18.08 -13.66
C THR K 46 56.84 18.96 -12.41
N GLU K 47 55.65 19.23 -11.87
CA GLU K 47 55.60 20.10 -10.71
C GLU K 47 56.27 19.47 -9.50
N ALA K 48 56.24 18.14 -9.41
CA ALA K 48 57.02 17.47 -8.39
C ALA K 48 58.50 17.76 -8.57
N PHE K 49 58.98 17.82 -9.81
CA PHE K 49 60.39 18.11 -10.01
C PHE K 49 60.73 19.53 -9.59
N GLU K 50 59.84 20.49 -9.85
CA GLU K 50 60.15 21.86 -9.46
C GLU K 50 60.08 22.05 -7.94
N LYS K 51 59.15 21.36 -7.27
CA LYS K 51 59.20 21.36 -5.82
C LYS K 51 60.49 20.71 -5.33
N MET K 52 60.95 19.67 -6.00
CA MET K 52 62.17 18.98 -5.59
C MET K 52 63.37 19.92 -5.67
N VAL K 53 63.46 20.69 -6.75
CA VAL K 53 64.60 21.60 -6.86
C VAL K 53 64.49 22.72 -5.83
N SER K 54 63.27 23.23 -5.61
CA SER K 54 63.12 24.28 -4.61
C SER K 54 63.53 23.79 -3.23
N LEU K 55 63.30 22.50 -2.95
CA LEU K 55 63.63 21.97 -1.64
C LEU K 55 65.10 21.60 -1.52
N LEU K 56 65.71 21.16 -2.61
CA LEU K 56 67.15 20.90 -2.59
C LEU K 56 67.93 22.18 -2.41
N SER K 57 67.39 23.31 -2.88
CA SER K 57 68.09 24.57 -2.71
C SER K 57 68.44 24.83 -1.25
N VAL K 58 67.64 24.30 -0.33
CA VAL K 58 67.93 24.48 1.09
C VAL K 58 69.26 23.83 1.45
N LEU K 59 69.40 22.54 1.14
CA LEU K 59 70.65 21.86 1.43
C LEU K 59 71.82 22.52 0.74
N LEU K 60 71.60 23.04 -0.46
CA LEU K 60 72.71 23.69 -1.15
C LEU K 60 73.10 25.01 -0.51
N SER K 61 72.14 25.69 0.12
CA SER K 61 72.42 27.01 0.67
C SER K 61 73.31 26.95 1.91
N MET K 62 73.59 25.76 2.44
CA MET K 62 74.43 25.65 3.61
C MET K 62 75.76 25.00 3.25
N GLN K 63 76.72 25.14 4.17
CA GLN K 63 78.06 24.62 3.96
C GLN K 63 78.41 23.47 4.90
N GLY K 64 77.43 22.64 5.27
CA GLY K 64 77.73 21.48 6.08
C GLY K 64 78.14 20.27 5.27
N ALA K 65 77.55 20.10 4.09
CA ALA K 65 77.88 18.98 3.22
C ALA K 65 78.78 19.47 2.09
N VAL K 66 79.97 18.88 2.00
CA VAL K 66 80.97 19.30 1.00
C VAL K 66 80.72 18.46 -0.25
N ASP K 67 79.87 18.99 -1.13
CA ASP K 67 79.48 18.23 -2.31
C ASP K 67 80.65 17.97 -3.24
N ILE K 68 81.66 18.85 -3.21
CA ILE K 68 82.80 18.69 -4.09
C ILE K 68 83.56 17.41 -3.78
N ASN K 69 83.24 16.76 -2.67
CA ASN K 69 83.81 15.47 -2.33
C ASN K 69 83.00 14.35 -2.96
N LYS K 70 81.71 14.26 -2.66
CA LYS K 70 80.91 13.16 -3.16
C LYS K 70 80.69 13.23 -4.66
N LEU K 71 80.82 14.40 -5.26
CA LEU K 71 80.65 14.51 -6.71
C LEU K 71 81.91 14.04 -7.43
N CYS K 72 82.57 13.02 -6.88
CA CYS K 72 83.71 12.41 -7.56
C CYS K 72 83.32 11.20 -8.39
N GLU K 73 82.06 10.78 -8.32
CA GLU K 73 81.56 9.58 -8.98
C GLU K 73 82.20 8.36 -8.34
N PHE L 6 79.07 -37.02 15.06
CA PHE L 6 80.14 -37.14 14.07
C PHE L 6 80.78 -38.53 14.12
N SER L 7 82.01 -38.61 13.63
CA SER L 7 82.73 -39.88 13.57
C SER L 7 84.13 -39.81 14.14
N SER L 8 84.78 -38.65 14.13
CA SER L 8 86.14 -38.53 14.65
C SER L 8 86.12 -38.43 16.18
N LEU L 9 85.61 -39.48 16.80
CA LEU L 9 85.54 -39.57 18.25
C LEU L 9 86.23 -40.84 18.72
N PRO L 10 86.93 -40.78 19.85
CA PRO L 10 87.45 -42.02 20.44
C PRO L 10 86.33 -42.96 20.85
N SER L 11 85.25 -42.41 21.40
CA SER L 11 84.09 -43.24 21.70
C SER L 11 83.43 -43.76 20.43
N TYR L 12 83.58 -43.03 19.32
CA TYR L 12 83.17 -43.60 18.04
C TYR L 12 83.98 -44.85 17.70
N ALA L 13 85.28 -44.80 17.96
CA ALA L 13 86.11 -45.99 17.73
C ALA L 13 85.72 -47.13 18.65
N ALA L 14 85.41 -46.84 19.92
CA ALA L 14 84.88 -47.86 20.81
C ALA L 14 83.59 -48.44 20.25
N PHE L 15 82.71 -47.59 19.74
CA PHE L 15 81.44 -48.04 19.17
C PHE L 15 81.68 -48.93 17.96
N ALA L 16 82.66 -48.57 17.12
CA ALA L 16 82.95 -49.35 15.92
C ALA L 16 83.56 -50.70 16.29
N THR L 17 84.43 -50.73 17.30
CA THR L 17 84.94 -52.01 17.79
C THR L 17 83.82 -52.86 18.36
N ALA L 18 82.87 -52.23 19.05
CA ALA L 18 81.71 -52.94 19.56
C ALA L 18 80.91 -53.59 18.44
N GLN L 19 80.60 -52.80 17.41
CA GLN L 19 79.83 -53.33 16.29
C GLN L 19 80.61 -54.40 15.53
N GLU L 20 81.94 -54.27 15.49
CA GLU L 20 82.75 -55.30 14.84
C GLU L 20 82.71 -56.61 15.63
N ALA L 21 82.76 -56.53 16.96
CA ALA L 21 82.60 -57.72 17.78
C ALA L 21 81.22 -58.34 17.57
N TYR L 22 80.18 -57.51 17.51
CA TYR L 22 78.84 -58.04 17.24
C TYR L 22 78.77 -58.71 15.87
N GLU L 23 79.42 -58.12 14.87
CA GLU L 23 79.44 -58.73 13.54
C GLU L 23 80.14 -60.08 13.57
N GLN L 24 81.27 -60.16 14.27
CA GLN L 24 81.96 -61.44 14.42
C GLN L 24 81.06 -62.48 15.10
N ALA L 25 80.32 -62.05 16.12
CA ALA L 25 79.44 -62.98 16.82
C ALA L 25 78.33 -63.49 15.89
N VAL L 26 77.64 -62.58 15.20
CA VAL L 26 76.52 -63.00 14.37
C VAL L 26 77.01 -63.76 13.15
N ALA L 27 78.26 -63.54 12.73
CA ALA L 27 78.82 -64.32 11.63
C ALA L 27 79.22 -65.72 12.09
N ASN L 28 79.64 -65.84 13.35
CA ASN L 28 80.01 -67.15 13.89
C ASN L 28 79.22 -67.02 15.20
N GLY L 29 78.13 -67.77 15.33
CA GLY L 29 77.30 -67.69 16.51
C GLY L 29 77.79 -68.77 17.46
N ASP L 30 78.45 -68.36 18.54
CA ASP L 30 79.07 -69.30 19.47
C ASP L 30 78.19 -69.94 20.54
N SER L 31 77.87 -69.18 21.58
CA SER L 31 77.09 -69.71 22.69
C SER L 31 75.87 -68.81 22.83
N GLU L 32 75.41 -68.62 24.05
CA GLU L 32 74.31 -67.69 24.31
C GLU L 32 74.87 -66.41 24.92
N VAL L 33 75.59 -66.54 26.03
CA VAL L 33 76.04 -65.37 26.77
C VAL L 33 77.06 -64.56 25.98
N VAL L 34 77.86 -65.22 25.13
CA VAL L 34 78.91 -64.53 24.40
C VAL L 34 78.31 -63.47 23.47
N LEU L 35 77.09 -63.69 22.98
CA LEU L 35 76.46 -62.68 22.15
C LEU L 35 75.63 -61.71 22.97
N LYS L 36 75.17 -62.13 24.16
CA LYS L 36 74.51 -61.18 25.05
C LYS L 36 75.48 -60.11 25.56
N LYS L 37 76.74 -60.48 25.82
CA LYS L 37 77.73 -59.44 26.11
C LYS L 37 77.73 -58.39 25.02
N LEU L 38 77.49 -58.81 23.78
CA LEU L 38 77.41 -57.89 22.66
C LEU L 38 76.06 -57.19 22.58
N LYS L 39 75.38 -57.10 23.72
CA LYS L 39 74.40 -56.06 23.97
C LYS L 39 74.79 -55.39 25.28
N LYS L 40 74.83 -56.18 26.35
CA LYS L 40 75.20 -55.70 27.68
C LYS L 40 76.54 -54.95 27.69
N SER L 41 77.40 -55.18 26.69
CA SER L 41 78.62 -54.40 26.53
C SER L 41 78.61 -53.56 25.26
N LEU L 42 77.55 -53.63 24.48
CA LEU L 42 77.35 -52.70 23.36
C LEU L 42 76.22 -51.72 23.64
N ASN L 43 75.09 -52.20 24.18
CA ASN L 43 74.05 -51.29 24.65
C ASN L 43 74.64 -50.26 25.59
N VAL L 44 75.53 -50.70 26.50
CA VAL L 44 76.24 -49.74 27.34
C VAL L 44 77.25 -48.95 26.49
N ALA L 45 77.87 -49.61 25.51
CA ALA L 45 78.83 -48.91 24.65
C ALA L 45 78.12 -47.90 23.77
N LYS L 46 77.06 -48.33 23.07
CA LYS L 46 76.31 -47.40 22.25
C LYS L 46 75.70 -46.29 23.09
N SER L 47 75.32 -46.60 24.34
CA SER L 47 74.69 -45.57 25.16
C SER L 47 75.72 -44.54 25.63
N GLU L 48 76.89 -44.99 26.07
CA GLU L 48 77.91 -44.02 26.48
C GLU L 48 78.37 -43.20 25.29
N PHE L 49 78.44 -43.81 24.10
CA PHE L 49 78.76 -43.05 22.91
C PHE L 49 77.66 -42.03 22.62
N ASP L 50 76.41 -42.44 22.74
CA ASP L 50 75.29 -41.51 22.63
C ASP L 50 75.45 -40.33 23.59
N ARG L 51 75.82 -40.62 24.84
CA ARG L 51 75.88 -39.59 25.86
C ARG L 51 76.97 -38.56 25.55
N ASP L 52 78.20 -39.04 25.32
CA ASP L 52 79.26 -38.07 25.11
C ASP L 52 79.15 -37.38 23.74
N ALA L 53 78.64 -38.08 22.72
CA ALA L 53 78.37 -37.41 21.46
C ALA L 53 77.32 -36.32 21.64
N ALA L 54 76.26 -36.61 22.40
CA ALA L 54 75.23 -35.61 22.66
C ALA L 54 75.81 -34.41 23.37
N MET L 55 76.67 -34.62 24.36
CA MET L 55 77.22 -33.48 25.08
C MET L 55 78.13 -32.64 24.19
N GLN L 56 78.93 -33.30 23.34
CA GLN L 56 79.79 -32.50 22.46
C GLN L 56 78.97 -31.72 21.43
N ARG L 57 77.87 -32.29 20.94
CA ARG L 57 77.07 -31.53 19.98
C ARG L 57 76.31 -30.40 20.66
N LYS L 58 75.93 -30.58 21.92
CA LYS L 58 75.41 -29.45 22.69
C LYS L 58 76.44 -28.35 22.78
N LEU L 59 77.69 -28.72 23.03
CA LEU L 59 78.77 -27.74 23.04
C LEU L 59 78.85 -26.98 21.73
N GLU L 60 78.84 -27.70 20.62
CA GLU L 60 79.03 -27.03 19.34
C GLU L 60 77.85 -26.13 19.00
N LYS L 61 76.62 -26.55 19.34
CA LYS L 61 75.48 -25.69 19.07
C LYS L 61 75.50 -24.45 19.95
N MET L 62 76.01 -24.57 21.18
CA MET L 62 76.16 -23.41 22.03
C MET L 62 77.13 -22.41 21.41
N ALA L 63 78.31 -22.90 20.99
CA ALA L 63 79.26 -22.01 20.34
C ALA L 63 78.68 -21.40 19.07
N ASP L 64 77.90 -22.19 18.35
CA ASP L 64 77.22 -21.72 17.14
C ASP L 64 76.36 -20.50 17.43
N GLN L 65 75.41 -20.64 18.36
CA GLN L 65 74.51 -19.53 18.61
C GLN L 65 75.25 -18.35 19.22
N ALA L 66 76.29 -18.60 20.03
CA ALA L 66 77.10 -17.48 20.52
C ALA L 66 77.71 -16.71 19.37
N MET L 67 78.19 -17.44 18.35
CA MET L 67 78.78 -16.78 17.20
C MET L 67 77.76 -15.93 16.47
N THR L 68 76.57 -16.48 16.22
CA THR L 68 75.56 -15.70 15.51
C THR L 68 75.19 -14.44 16.29
N GLN L 69 75.16 -14.54 17.62
CA GLN L 69 74.79 -13.38 18.42
C GLN L 69 75.87 -12.31 18.36
N MET L 70 77.13 -12.71 18.47
CA MET L 70 78.20 -11.71 18.39
C MET L 70 78.22 -11.07 17.02
N TYR L 71 77.91 -11.82 15.97
CA TYR L 71 77.84 -11.24 14.63
C TYR L 71 76.76 -10.17 14.56
N LYS L 72 75.56 -10.51 15.04
CA LYS L 72 74.47 -9.54 14.98
C LYS L 72 74.82 -8.27 15.75
N GLN L 73 75.38 -8.42 16.95
CA GLN L 73 75.75 -7.24 17.72
C GLN L 73 76.77 -6.39 16.97
N ALA L 74 77.80 -7.04 16.42
CA ALA L 74 78.85 -6.31 15.73
C ALA L 74 78.29 -5.50 14.56
N ARG L 75 77.53 -6.15 13.68
CA ARG L 75 76.99 -5.44 12.53
C ARG L 75 76.06 -4.32 12.96
N SER L 76 75.03 -4.65 13.74
CA SER L 76 74.07 -3.65 14.16
C SER L 76 74.74 -2.44 14.78
N GLU L 77 75.81 -2.66 15.53
CA GLU L 77 76.53 -1.53 16.10
C GLU L 77 77.22 -0.73 15.02
N ASP L 78 77.98 -1.42 14.15
CA ASP L 78 78.73 -0.71 13.13
C ASP L 78 77.85 0.12 12.22
N LYS L 79 76.58 -0.26 12.06
CA LYS L 79 75.75 0.49 11.13
C LYS L 79 75.31 1.83 11.72
N ARG L 80 74.83 1.84 12.96
CA ARG L 80 74.33 3.07 13.54
C ARG L 80 75.43 4.07 13.86
N ALA L 81 76.69 3.69 13.71
CA ALA L 81 77.79 4.61 13.96
C ALA L 81 78.17 5.43 12.74
N LYS L 82 77.70 5.05 11.56
CA LYS L 82 78.08 5.72 10.33
C LYS L 82 76.86 6.13 9.51
N VAL L 83 75.81 6.59 10.17
CA VAL L 83 74.61 6.99 9.44
C VAL L 83 74.83 8.31 8.72
N THR L 84 75.62 9.22 9.32
CA THR L 84 75.73 10.57 8.81
C THR L 84 76.30 10.60 7.40
N SER L 85 77.24 9.71 7.11
CA SER L 85 77.84 9.68 5.79
C SER L 85 77.05 8.80 4.84
N ALA L 86 76.51 7.69 5.36
CA ALA L 86 75.71 6.80 4.53
C ALA L 86 74.55 7.55 3.89
N MET L 87 73.85 8.34 4.69
CA MET L 87 72.69 9.06 4.16
C MET L 87 73.09 9.98 3.01
N GLN L 88 74.15 10.76 3.19
CA GLN L 88 74.53 11.71 2.16
C GLN L 88 75.01 10.99 0.90
N THR L 89 75.80 9.94 1.05
CA THR L 89 76.25 9.20 -0.13
C THR L 89 75.07 8.63 -0.90
N MET L 90 74.16 7.95 -0.21
CA MET L 90 72.99 7.40 -0.87
C MET L 90 72.19 8.49 -1.57
N LEU L 91 72.00 9.62 -0.90
CA LEU L 91 71.26 10.71 -1.50
C LEU L 91 71.89 11.14 -2.81
N PHE L 92 73.22 11.25 -2.83
CA PHE L 92 73.83 11.80 -4.03
C PHE L 92 73.84 10.79 -5.17
N THR L 93 73.99 9.51 -4.88
CA THR L 93 73.85 8.53 -5.97
C THR L 93 72.45 8.59 -6.55
N MET L 94 71.43 8.70 -5.69
CA MET L 94 70.07 8.75 -6.21
C MET L 94 69.81 10.01 -7.00
N LEU L 95 70.35 11.14 -6.55
CA LEU L 95 70.22 12.38 -7.30
C LEU L 95 70.85 12.27 -8.67
N ARG L 96 72.03 11.65 -8.75
CA ARG L 96 72.67 11.46 -10.03
C ARG L 96 71.86 10.54 -10.93
N LYS L 97 71.27 9.50 -10.38
CA LYS L 97 70.47 8.58 -11.18
C LYS L 97 69.18 9.21 -11.69
N LEU L 98 68.63 10.19 -10.96
CA LEU L 98 67.42 10.87 -11.42
C LEU L 98 67.63 11.50 -12.79
N ASP L 99 68.74 12.22 -12.96
CA ASP L 99 69.07 12.89 -14.21
C ASP L 99 68.33 14.06 -14.85
N ASN L 100 68.00 15.06 -14.05
CA ASN L 100 67.47 16.31 -14.57
C ASN L 100 68.36 17.52 -14.78
N ASP L 101 68.20 18.18 -15.92
CA ASP L 101 68.95 19.41 -16.16
C ASP L 101 68.67 20.43 -15.06
N ALA L 102 67.40 20.58 -14.69
CA ALA L 102 67.02 21.57 -13.69
C ALA L 102 67.69 21.31 -12.35
N LEU L 103 68.18 20.08 -12.13
CA LEU L 103 68.87 19.75 -10.90
C LEU L 103 70.38 19.71 -11.11
N ASN L 104 70.83 19.06 -12.19
CA ASN L 104 72.26 18.98 -12.47
C ASN L 104 72.85 20.37 -12.61
N ASN L 105 72.08 21.32 -13.13
CA ASN L 105 72.56 22.68 -13.29
C ASN L 105 72.99 23.24 -11.94
N ILE L 106 72.08 23.19 -10.96
CA ILE L 106 72.41 23.78 -9.68
C ILE L 106 73.45 22.94 -8.95
N ILE L 107 73.48 21.63 -9.15
CA ILE L 107 74.50 20.84 -8.47
C ILE L 107 75.89 21.19 -9.00
N ASN L 108 76.03 21.34 -10.31
CA ASN L 108 77.33 21.71 -10.84
C ASN L 108 77.71 23.13 -10.47
N ASN L 109 76.76 24.06 -10.56
CA ASN L 109 77.03 25.42 -10.11
C ASN L 109 77.52 25.44 -8.67
N ALA L 110 76.88 24.67 -7.80
CA ALA L 110 77.28 24.67 -6.39
C ALA L 110 78.60 23.95 -6.20
N ARG L 111 78.92 23.01 -7.08
CA ARG L 111 80.24 22.40 -6.98
C ARG L 111 81.32 23.36 -7.42
N ASP L 112 81.00 24.33 -8.27
CA ASP L 112 81.98 25.33 -8.65
C ASP L 112 81.77 26.72 -8.07
N GLY L 113 81.15 26.83 -6.90
CA GLY L 113 80.94 28.13 -6.30
C GLY L 113 79.87 29.17 -6.54
N CYS L 114 78.67 28.74 -6.92
CA CYS L 114 77.58 29.66 -7.21
C CYS L 114 76.55 28.90 -6.38
N VAL L 115 76.17 29.45 -5.23
CA VAL L 115 75.12 28.87 -4.40
C VAL L 115 74.08 29.94 -4.13
N PRO L 116 72.82 29.58 -3.90
CA PRO L 116 71.81 30.58 -3.57
C PRO L 116 71.90 30.99 -2.11
N LEU L 117 71.00 31.90 -1.73
CA LEU L 117 70.94 32.42 -0.36
C LEU L 117 69.55 32.34 0.23
N ASN L 118 68.63 31.62 -0.40
CA ASN L 118 67.29 31.39 0.12
C ASN L 118 66.68 30.30 -0.76
N ILE L 119 65.49 29.84 -0.38
CA ILE L 119 64.81 28.84 -1.19
C ILE L 119 64.50 29.44 -2.55
N ILE L 120 64.78 28.68 -3.60
CA ILE L 120 64.52 29.13 -4.96
C ILE L 120 63.02 29.25 -5.16
N PRO L 121 62.49 30.44 -5.42
CA PRO L 121 61.05 30.58 -5.56
C PRO L 121 60.55 30.08 -6.90
N LEU L 122 59.26 30.10 -7.11
CA LEU L 122 58.69 29.58 -8.34
C LEU L 122 57.76 30.56 -9.04
N THR L 123 57.11 31.43 -8.28
CA THR L 123 56.25 32.43 -8.89
C THR L 123 57.05 33.37 -9.78
N THR L 124 56.35 34.08 -10.67
CA THR L 124 57.04 35.02 -11.54
C THR L 124 57.67 36.15 -10.74
N ALA L 125 57.05 36.55 -9.64
CA ALA L 125 57.65 37.52 -8.74
C ALA L 125 58.66 37.75 -7.64
N ALA L 126 58.72 36.83 -6.67
CA ALA L 126 59.73 36.82 -5.62
C ALA L 126 61.21 36.79 -6.02
N LYS L 127 62.02 37.58 -5.32
CA LYS L 127 63.43 37.72 -5.66
C LYS L 127 64.22 36.45 -5.38
N LEU L 128 65.45 36.40 -5.89
CA LEU L 128 66.38 35.31 -5.63
C LEU L 128 67.76 35.90 -5.53
N MET L 129 68.66 35.23 -4.82
CA MET L 129 70.02 35.71 -4.63
C MET L 129 71.03 34.59 -4.88
N VAL L 130 72.23 34.98 -5.28
CA VAL L 130 73.29 34.04 -5.65
C VAL L 130 74.62 34.64 -5.22
N VAL L 131 75.60 33.79 -4.98
CA VAL L 131 76.97 34.20 -4.69
C VAL L 131 77.84 33.82 -5.86
N ILE L 132 78.42 34.81 -6.54
CA ILE L 132 79.30 34.55 -7.68
C ILE L 132 80.72 34.89 -7.30
N PRO L 133 81.64 33.93 -7.31
CA PRO L 133 82.97 34.16 -6.76
C PRO L 133 83.93 34.90 -7.68
N ASP L 134 83.84 34.70 -8.99
CA ASP L 134 84.84 35.26 -9.90
C ASP L 134 84.18 35.62 -11.22
N TYR L 135 85.02 36.00 -12.18
CA TYR L 135 84.54 36.40 -13.50
C TYR L 135 84.28 35.18 -14.39
N ASN L 136 85.04 34.11 -14.20
CA ASN L 136 84.94 32.97 -15.11
C ASN L 136 83.53 32.37 -15.09
N THR L 137 82.96 32.21 -13.91
CA THR L 137 81.57 31.76 -13.83
C THR L 137 80.63 32.84 -14.34
N TYR L 138 80.95 34.10 -14.07
CA TYR L 138 80.12 35.20 -14.53
C TYR L 138 79.97 35.19 -16.04
N LYS L 139 80.98 34.65 -16.74
CA LYS L 139 80.91 34.54 -18.20
C LYS L 139 79.67 33.76 -18.61
N ASN L 140 79.71 32.45 -18.37
CA ASN L 140 78.64 31.57 -18.83
C ASN L 140 77.32 31.89 -18.16
N THR L 141 77.36 32.34 -16.91
CA THR L 141 76.10 32.58 -16.20
C THR L 141 75.37 33.81 -16.73
N CYS L 142 75.82 34.99 -16.32
CA CYS L 142 75.12 36.22 -16.71
C CYS L 142 75.34 36.50 -18.18
N ASP L 143 74.31 37.03 -18.84
CA ASP L 143 74.36 37.49 -20.23
C ASP L 143 73.42 38.69 -20.31
N GLY L 144 73.99 39.89 -20.26
CA GLY L 144 73.17 41.07 -20.25
C GLY L 144 72.44 41.21 -18.93
N THR L 145 71.17 41.60 -19.02
CA THR L 145 70.36 41.76 -17.82
C THR L 145 69.70 40.46 -17.38
N THR L 146 69.84 39.38 -18.15
CA THR L 146 69.19 38.12 -17.82
C THR L 146 70.12 37.24 -17.00
N PHE L 147 69.52 36.34 -16.23
CA PHE L 147 70.24 35.39 -15.40
C PHE L 147 69.67 34.00 -15.64
N THR L 148 70.54 33.05 -15.98
CA THR L 148 70.09 31.71 -16.34
C THR L 148 70.42 30.74 -15.22
N TYR L 149 69.42 30.40 -14.42
CA TYR L 149 69.64 29.58 -13.23
C TYR L 149 68.46 28.64 -13.06
N ALA L 150 68.75 27.45 -12.54
CA ALA L 150 67.75 26.40 -12.42
C ALA L 150 67.04 26.16 -13.75
N SER L 151 67.79 26.31 -14.84
CA SER L 151 67.26 26.15 -16.20
C SER L 151 66.05 27.04 -16.43
N ALA L 152 66.18 28.31 -16.03
CA ALA L 152 65.16 29.31 -16.28
C ALA L 152 65.81 30.68 -16.27
N LEU L 153 65.15 31.64 -16.93
CA LEU L 153 65.70 32.97 -17.12
C LEU L 153 65.27 33.89 -15.99
N TRP L 154 66.25 34.57 -15.39
CA TRP L 154 65.99 35.51 -14.32
C TRP L 154 66.48 36.88 -14.75
N GLU L 155 65.73 37.91 -14.37
CA GLU L 155 66.00 39.28 -14.79
C GLU L 155 66.79 39.98 -13.69
N ILE L 156 68.08 40.23 -13.95
CA ILE L 156 68.93 40.86 -12.96
C ILE L 156 68.36 42.20 -12.57
N GLN L 157 68.32 42.48 -11.27
CA GLN L 157 67.82 43.75 -10.78
C GLN L 157 68.81 44.51 -9.90
N GLN L 158 69.97 43.92 -9.62
CA GLN L 158 70.97 44.57 -8.79
C GLN L 158 72.17 43.65 -8.66
N VAL L 159 73.34 44.24 -8.50
CA VAL L 159 74.55 43.52 -8.12
C VAL L 159 75.09 44.22 -6.89
N VAL L 160 76.12 43.65 -6.27
CA VAL L 160 76.73 44.23 -5.09
C VAL L 160 77.99 43.44 -4.77
N ASP L 161 79.06 44.14 -4.40
CA ASP L 161 80.29 43.48 -4.00
C ASP L 161 80.23 43.10 -2.52
N ALA L 162 81.37 42.63 -2.01
CA ALA L 162 81.41 42.18 -0.62
C ALA L 162 81.30 43.35 0.35
N ASP L 163 81.67 44.56 -0.10
CA ASP L 163 81.61 45.70 0.80
C ASP L 163 80.31 46.49 0.62
N SER L 164 79.31 45.83 0.04
CA SER L 164 77.94 46.35 -0.01
C SER L 164 77.84 47.64 -0.79
N LYS L 165 78.43 47.65 -1.98
CA LYS L 165 78.40 48.81 -2.85
C LYS L 165 77.82 48.42 -4.21
N ILE L 166 76.72 49.07 -4.59
CA ILE L 166 76.05 48.78 -5.85
C ILE L 166 77.05 48.92 -7.00
N VAL L 167 76.91 48.05 -8.00
CA VAL L 167 77.80 48.02 -9.14
C VAL L 167 76.97 48.04 -10.41
N GLN L 168 77.42 48.82 -11.38
CA GLN L 168 76.77 48.88 -12.68
C GLN L 168 77.15 47.68 -13.52
N LEU L 169 76.21 47.23 -14.34
CA LEU L 169 76.37 45.95 -15.03
C LEU L 169 77.52 45.98 -16.02
N SER L 170 77.40 46.80 -17.07
CA SER L 170 78.44 46.88 -18.10
C SER L 170 79.80 47.23 -17.54
N GLU L 171 79.86 47.69 -16.29
CA GLU L 171 81.14 47.96 -15.65
C GLU L 171 82.01 46.72 -15.61
N ILE L 172 81.45 45.59 -15.15
CA ILE L 172 82.24 44.39 -14.96
C ILE L 172 82.79 43.93 -16.31
N SER L 173 84.12 43.89 -16.41
CA SER L 173 84.79 43.39 -17.61
C SER L 173 86.13 42.83 -17.18
N MET L 174 86.80 42.16 -18.11
CA MET L 174 88.11 41.56 -17.82
C MET L 174 89.06 42.59 -17.23
N ASP L 175 89.14 43.77 -17.86
CA ASP L 175 90.05 44.80 -17.39
C ASP L 175 89.78 45.17 -15.94
N ASN L 176 88.57 45.61 -15.63
CA ASN L 176 88.23 46.06 -14.30
C ASN L 176 88.05 44.92 -13.31
N SER L 177 87.97 43.68 -13.78
CA SER L 177 87.66 42.56 -12.91
C SER L 177 88.52 42.48 -11.65
N PRO L 178 89.84 42.71 -11.68
CA PRO L 178 90.59 42.66 -10.43
C PRO L 178 90.50 43.94 -9.63
N ASN L 179 89.36 44.62 -9.70
CA ASN L 179 89.16 45.85 -8.94
C ASN L 179 87.84 45.88 -8.18
N LEU L 180 87.27 44.72 -7.85
CA LEU L 180 86.05 44.65 -7.07
C LEU L 180 86.17 43.55 -6.04
N ALA L 181 85.40 43.67 -4.97
CA ALA L 181 85.31 42.60 -3.99
C ALA L 181 84.63 41.40 -4.62
N TRP L 182 85.40 40.33 -4.82
CA TRP L 182 85.03 39.32 -5.80
C TRP L 182 83.69 38.66 -5.54
N PRO L 183 83.39 38.10 -4.36
CA PRO L 183 82.12 37.40 -4.20
C PRO L 183 80.93 38.34 -4.34
N LEU L 184 80.62 38.71 -5.58
CA LEU L 184 79.45 39.55 -5.85
C LEU L 184 78.17 38.79 -5.51
N ILE L 185 77.07 39.53 -5.48
CA ILE L 185 75.79 38.98 -5.05
C ILE L 185 74.69 39.57 -5.91
N VAL L 186 73.96 38.70 -6.60
CA VAL L 186 72.94 39.11 -7.55
C VAL L 186 71.59 39.12 -6.86
N THR L 187 70.68 39.93 -7.37
CA THR L 187 69.31 39.97 -6.87
C THR L 187 68.36 40.12 -8.05
N ALA L 188 67.82 39.00 -8.52
CA ALA L 188 67.08 38.97 -9.77
C ALA L 188 65.66 38.52 -9.49
N LEU L 189 64.83 38.51 -10.54
CA LEU L 189 63.46 38.07 -10.46
C LEU L 189 63.19 37.07 -11.58
N ARG L 190 62.19 36.22 -11.35
CA ARG L 190 61.87 35.20 -12.33
C ARG L 190 61.13 35.81 -13.52
N ALA L 191 61.44 35.30 -14.70
CA ALA L 191 60.84 35.80 -15.92
C ALA L 191 59.33 35.58 -15.95
N VAL M 2 89.18 -8.67 13.05
CA VAL M 2 89.65 -8.56 11.68
C VAL M 2 90.12 -7.15 11.40
N GLY M 3 91.26 -7.03 10.72
CA GLY M 3 91.82 -5.73 10.39
C GLY M 3 92.93 -5.81 9.37
N ALA M 4 93.83 -4.82 9.38
CA ALA M 4 94.93 -4.76 8.44
C ALA M 4 96.25 -4.92 9.18
N CYS M 5 97.14 -5.75 8.62
CA CYS M 5 98.46 -5.95 9.19
C CYS M 5 99.14 -4.60 9.39
N VAL M 6 99.20 -4.14 10.64
CA VAL M 6 99.69 -2.79 10.93
C VAL M 6 101.05 -2.55 10.32
N LEU M 7 101.79 -3.62 10.01
CA LEU M 7 103.07 -3.50 9.32
C LEU M 7 102.98 -3.82 7.84
N CYS M 8 102.04 -4.65 7.42
CA CYS M 8 101.94 -5.05 6.03
C CYS M 8 100.63 -4.65 5.35
N ASN M 9 99.63 -4.19 6.10
CA ASN M 9 98.33 -3.76 5.57
C ASN M 9 97.54 -4.91 4.97
N SER M 10 98.10 -6.12 4.96
CA SER M 10 97.39 -7.27 4.44
C SER M 10 96.22 -7.62 5.35
N GLN M 11 95.27 -8.39 4.82
CA GLN M 11 94.13 -8.81 5.60
C GLN M 11 94.56 -9.76 6.70
N THR M 12 94.29 -9.37 7.93
CA THR M 12 94.71 -10.12 9.11
C THR M 12 93.51 -10.52 9.95
N SER M 13 93.66 -11.62 10.67
CA SER M 13 92.66 -12.06 11.65
C SER M 13 93.31 -12.34 13.00
N LEU M 14 94.50 -11.78 13.23
CA LEU M 14 95.29 -12.10 14.40
C LEU M 14 95.59 -10.84 15.18
N ARG M 15 95.72 -10.99 16.50
CA ARG M 15 96.03 -9.88 17.39
C ARG M 15 96.87 -10.40 18.54
N CYS M 16 97.98 -9.72 18.81
CA CYS M 16 98.91 -10.21 19.82
C CYS M 16 98.42 -9.83 21.22
N GLY M 17 98.15 -10.84 22.04
CA GLY M 17 97.61 -10.57 23.37
C GLY M 17 98.58 -9.84 24.26
N ALA M 18 99.85 -10.28 24.27
CA ALA M 18 100.83 -9.67 25.17
C ALA M 18 101.12 -8.23 24.78
N CYS M 19 100.93 -7.88 23.51
CA CYS M 19 100.97 -6.47 23.14
C CYS M 19 99.77 -5.75 23.74
N ILE M 20 99.95 -4.48 24.06
CA ILE M 20 98.93 -3.76 24.81
C ILE M 20 97.78 -3.33 23.92
N ARG M 21 98.07 -2.86 22.71
CA ARG M 21 97.00 -2.47 21.80
C ARG M 21 96.41 -3.66 21.06
N ARG M 22 97.09 -4.79 21.06
CA ARG M 22 96.66 -5.96 20.32
C ARG M 22 96.40 -5.57 18.87
N PRO M 23 97.44 -5.27 18.11
CA PRO M 23 97.22 -4.83 16.73
C PRO M 23 97.02 -6.02 15.80
N PHE M 24 96.96 -5.76 14.49
CA PHE M 24 96.81 -6.81 13.51
C PHE M 24 98.13 -7.03 12.79
N LEU M 25 98.53 -8.30 12.68
CA LEU M 25 99.86 -8.64 12.19
C LEU M 25 99.72 -9.75 11.16
N CYS M 26 100.16 -9.49 9.94
CA CYS M 26 100.20 -10.55 8.95
C CYS M 26 100.97 -11.75 9.54
N CYS M 27 100.56 -12.95 9.09
CA CYS M 27 101.04 -14.16 9.74
C CYS M 27 102.55 -14.18 9.89
N LYS M 28 103.27 -13.74 8.86
CA LYS M 28 104.72 -13.64 8.97
C LYS M 28 105.13 -12.60 10.00
N CYS M 29 104.43 -11.46 10.01
CA CYS M 29 104.75 -10.40 10.96
C CYS M 29 104.51 -10.86 12.39
N CYS M 30 103.38 -11.54 12.63
CA CYS M 30 103.12 -12.08 13.95
C CYS M 30 104.17 -13.11 14.34
N TYR M 31 104.57 -13.96 13.39
CA TYR M 31 105.65 -14.90 13.66
C TYR M 31 106.90 -14.17 14.14
N ASP M 32 107.31 -13.14 13.42
CA ASP M 32 108.49 -12.38 13.79
C ASP M 32 108.35 -11.81 15.21
N HIS M 33 107.21 -11.19 15.50
CA HIS M 33 107.05 -10.57 16.82
C HIS M 33 107.05 -11.61 17.93
N VAL M 34 106.50 -12.80 17.69
CA VAL M 34 106.46 -13.77 18.76
C VAL M 34 107.82 -14.44 18.95
N ILE M 35 108.61 -14.61 17.89
CA ILE M 35 109.90 -15.25 18.11
C ILE M 35 110.89 -14.27 18.73
N SER M 36 110.86 -13.02 18.31
CA SER M 36 111.90 -12.08 18.72
C SER M 36 111.52 -11.27 19.96
N THR M 37 110.43 -11.59 20.64
CA THR M 37 110.09 -10.95 21.90
C THR M 37 109.61 -12.01 22.88
N SER M 38 109.20 -11.54 24.06
CA SER M 38 108.59 -12.41 25.06
C SER M 38 107.09 -12.56 24.86
N HIS M 39 106.50 -11.80 23.95
CA HIS M 39 105.06 -11.90 23.67
C HIS M 39 104.75 -13.26 23.07
N LYS M 40 104.07 -14.11 23.82
CA LYS M 40 103.78 -15.45 23.36
C LYS M 40 102.29 -15.80 23.43
N LEU M 41 101.41 -14.81 23.30
CA LEU M 41 99.97 -15.05 23.29
C LEU M 41 99.36 -14.37 22.08
N VAL M 42 98.57 -15.12 21.31
CA VAL M 42 97.96 -14.63 20.09
C VAL M 42 96.45 -14.68 20.24
N LEU M 43 95.79 -13.57 19.89
CA LEU M 43 94.35 -13.50 19.85
C LEU M 43 93.92 -13.49 18.39
N SER M 44 92.98 -14.36 18.05
CA SER M 44 92.38 -14.40 16.72
C SER M 44 90.87 -14.30 16.49
N VAL M 45 90.09 -15.36 16.68
CA VAL M 45 88.64 -15.23 16.65
C VAL M 45 88.44 -15.72 18.07
N ASN M 46 89.27 -16.66 18.51
CA ASN M 46 89.29 -17.20 19.85
C ASN M 46 90.68 -17.07 20.45
N PRO M 47 90.80 -17.05 21.78
CA PRO M 47 92.12 -17.09 22.39
C PRO M 47 92.79 -18.44 22.18
N TYR M 48 94.02 -18.41 21.68
CA TYR M 48 94.79 -19.63 21.48
C TYR M 48 95.25 -20.16 22.84
N VAL M 49 94.74 -21.32 23.22
CA VAL M 49 95.16 -21.96 24.47
C VAL M 49 94.75 -23.43 24.44
N CYS M 50 95.40 -24.26 25.27
CA CYS M 50 95.06 -25.68 25.32
C CYS M 50 93.65 -25.86 25.85
N ASN M 51 92.73 -26.32 25.01
CA ASN M 51 91.35 -26.49 25.42
C ASN M 51 91.12 -27.72 26.28
N ALA M 52 92.17 -28.45 26.64
CA ALA M 52 92.02 -29.49 27.64
C ALA M 52 91.88 -28.84 29.01
N PRO M 53 91.11 -29.45 29.92
CA PRO M 53 90.93 -28.84 31.23
C PRO M 53 92.25 -28.80 32.00
N GLY M 54 92.42 -27.74 32.79
CA GLY M 54 93.59 -27.62 33.63
C GLY M 54 94.79 -27.00 32.95
N CYS M 55 95.21 -27.55 31.82
CA CYS M 55 96.41 -27.07 31.16
C CYS M 55 96.30 -25.59 30.85
N ASP M 56 97.44 -24.90 30.85
CA ASP M 56 97.48 -23.46 30.71
C ASP M 56 98.69 -22.98 29.90
N VAL M 57 99.16 -23.81 28.97
CA VAL M 57 100.22 -23.35 28.07
C VAL M 57 99.64 -22.24 27.19
N THR M 58 100.33 -21.10 27.17
CA THR M 58 99.92 -19.97 26.35
C THR M 58 100.85 -19.72 25.18
N ASP M 59 102.11 -20.13 25.28
CA ASP M 59 103.03 -20.01 24.16
C ASP M 59 102.54 -20.89 23.02
N VAL M 60 102.00 -20.25 21.98
CA VAL M 60 101.32 -20.96 20.90
C VAL M 60 102.25 -21.94 20.19
N THR M 61 103.56 -21.66 20.18
CA THR M 61 104.50 -22.58 19.55
C THR M 61 104.40 -23.97 20.13
N GLN M 62 103.95 -24.09 21.38
CA GLN M 62 103.72 -25.38 22.00
C GLN M 62 102.28 -25.83 21.89
N LEU M 63 101.51 -25.27 20.97
CA LEU M 63 100.11 -25.62 20.81
C LEU M 63 99.94 -26.43 19.53
N TYR M 64 98.93 -27.31 19.54
CA TYR M 64 98.68 -28.22 18.44
C TYR M 64 97.20 -28.20 18.10
N LEU M 65 96.90 -27.99 16.82
CA LEU M 65 95.53 -27.95 16.34
C LEU M 65 95.05 -29.40 16.21
N GLY M 66 94.49 -29.90 17.30
CA GLY M 66 94.04 -31.28 17.34
C GLY M 66 92.56 -31.40 17.04
N GLY M 67 92.24 -31.81 15.83
CA GLY M 67 90.84 -31.91 15.46
C GLY M 67 90.18 -30.55 15.42
N MET M 68 89.23 -30.35 16.32
CA MET M 68 88.41 -29.14 16.34
C MET M 68 88.92 -28.10 17.32
N SER M 69 89.86 -28.45 18.19
CA SER M 69 90.31 -27.53 19.23
C SER M 69 91.82 -27.58 19.32
N TYR M 70 92.36 -26.72 20.18
CA TYR M 70 93.79 -26.56 20.36
C TYR M 70 94.24 -27.30 21.61
N TYR M 71 95.38 -27.99 21.51
CA TYR M 71 95.86 -28.79 22.62
C TYR M 71 97.36 -28.66 22.74
N CYS M 72 97.84 -28.73 23.99
CA CYS M 72 99.27 -28.71 24.25
C CYS M 72 99.93 -29.96 23.68
N LYS M 73 101.26 -29.93 23.62
CA LYS M 73 102.01 -31.10 23.18
C LYS M 73 101.70 -32.31 24.02
N SER M 74 101.21 -32.11 25.25
CA SER M 74 100.91 -33.21 26.14
C SER M 74 99.45 -33.66 26.03
N HIS M 75 98.62 -32.88 25.35
CA HIS M 75 97.21 -33.23 25.16
C HIS M 75 96.85 -33.45 23.71
N LYS M 76 97.77 -33.21 22.78
CA LYS M 76 97.46 -33.30 21.36
C LYS M 76 96.93 -34.69 21.03
N PRO M 77 95.83 -34.81 20.29
CA PRO M 77 95.38 -36.12 19.84
C PRO M 77 96.29 -36.64 18.76
N PRO M 78 96.17 -37.92 18.38
CA PRO M 78 97.09 -38.49 17.37
C PRO M 78 96.88 -37.96 15.97
N ILE M 79 96.28 -36.78 15.80
CA ILE M 79 96.07 -36.16 14.49
C ILE M 79 96.07 -34.66 14.68
N SER M 80 97.18 -34.01 14.40
CA SER M 80 97.32 -32.58 14.59
C SER M 80 98.60 -32.12 13.91
N PHE M 81 98.92 -30.84 14.09
CA PHE M 81 100.12 -30.23 13.54
C PHE M 81 100.32 -28.88 14.20
N PRO M 82 101.55 -28.43 14.40
CA PRO M 82 101.77 -27.21 15.18
C PRO M 82 101.21 -26.00 14.48
N LEU M 83 100.85 -24.99 15.26
CA LEU M 83 100.33 -23.76 14.71
C LEU M 83 101.47 -22.85 14.29
N CYS M 84 102.35 -22.52 15.22
CA CYS M 84 103.52 -21.71 14.89
C CYS M 84 104.56 -22.55 14.19
N ALA M 85 104.65 -22.45 12.87
CA ALA M 85 105.56 -23.29 12.12
C ALA M 85 105.76 -22.70 10.73
N ASN M 86 106.78 -23.20 10.04
CA ASN M 86 107.01 -22.89 8.65
C ASN M 86 107.21 -21.39 8.43
N GLY M 87 107.99 -20.78 9.32
CA GLY M 87 108.21 -19.35 9.24
C GLY M 87 106.97 -18.51 9.34
N GLN M 88 105.85 -19.10 9.77
CA GLN M 88 104.57 -18.43 9.76
C GLN M 88 103.79 -18.88 11.00
N VAL M 89 102.61 -18.28 11.19
CA VAL M 89 101.69 -18.65 12.25
C VAL M 89 100.33 -18.92 11.63
N PHE M 90 99.75 -20.07 11.98
CA PHE M 90 98.57 -20.56 11.29
C PHE M 90 97.38 -19.67 11.56
N GLY M 91 96.62 -19.37 10.51
CA GLY M 91 95.45 -18.52 10.66
C GLY M 91 94.88 -18.16 9.31
N LEU M 92 93.91 -17.26 9.34
CA LEU M 92 93.23 -16.84 8.12
C LEU M 92 94.20 -16.13 7.17
N TYR M 93 93.89 -16.23 5.88
CA TYR M 93 94.66 -15.55 4.81
C TYR M 93 96.13 -15.96 4.82
N LYS M 94 96.42 -17.21 5.16
CA LYS M 94 97.80 -17.67 5.26
C LYS M 94 98.58 -17.50 3.96
N ASN M 95 97.93 -17.71 2.81
CA ASN M 95 98.63 -17.60 1.54
C ASN M 95 99.00 -16.16 1.23
N THR M 96 98.24 -15.21 1.79
CA THR M 96 98.45 -13.79 1.50
C THR M 96 99.30 -13.19 2.61
N CYS M 97 100.61 -13.22 2.41
CA CYS M 97 101.55 -12.65 3.35
C CYS M 97 102.50 -11.73 2.60
N VAL M 98 103.13 -10.82 3.34
CA VAL M 98 104.16 -9.93 2.81
C VAL M 98 105.40 -9.93 3.70
N GLY M 99 105.23 -9.63 4.98
CA GLY M 99 106.37 -9.56 5.88
C GLY M 99 107.09 -8.24 5.78
N SER M 100 107.34 -7.61 6.92
CA SER M 100 108.05 -6.34 6.96
C SER M 100 109.53 -6.55 7.20
N ASP M 101 110.32 -5.53 6.86
CA ASP M 101 111.74 -5.55 7.17
C ASP M 101 111.99 -4.98 8.56
N ASN M 102 111.38 -3.85 8.87
CA ASN M 102 111.56 -3.18 10.15
C ASN M 102 110.67 -3.81 11.23
N VAL M 103 110.98 -5.06 11.54
CA VAL M 103 110.36 -5.72 12.68
C VAL M 103 111.02 -5.26 13.98
N THR M 104 112.26 -4.78 13.90
CA THR M 104 113.00 -4.42 15.09
C THR M 104 112.38 -3.21 15.78
N ASP M 105 111.99 -2.20 15.01
CA ASP M 105 111.38 -1.00 15.59
C ASP M 105 110.09 -1.36 16.30
N PHE M 106 109.23 -2.12 15.63
CA PHE M 106 108.00 -2.60 16.23
C PHE M 106 108.28 -3.37 17.51
N ASN M 107 109.28 -4.24 17.48
CA ASN M 107 109.62 -5.04 18.65
C ASN M 107 110.02 -4.14 19.82
N ALA M 108 110.92 -3.20 19.56
CA ALA M 108 111.37 -2.30 20.60
C ALA M 108 110.20 -1.54 21.20
N ILE M 109 109.34 -0.97 20.35
CA ILE M 109 108.19 -0.22 20.84
C ILE M 109 107.31 -1.11 21.71
N ALA M 110 106.90 -2.26 21.17
CA ALA M 110 105.99 -3.14 21.90
C ALA M 110 106.61 -3.68 23.19
N THR M 111 107.94 -3.66 23.31
CA THR M 111 108.59 -4.18 24.50
C THR M 111 109.28 -3.10 25.33
N CYS M 112 109.23 -1.84 24.92
CA CYS M 112 109.87 -0.78 25.69
C CYS M 112 109.02 -0.37 26.87
N ASP M 113 109.66 0.30 27.83
CA ASP M 113 108.97 0.83 29.00
C ASP M 113 108.77 2.34 28.92
N TRP M 114 109.38 3.00 27.94
CA TRP M 114 109.20 4.40 27.57
C TRP M 114 109.77 5.40 28.57
N THR M 115 110.49 4.97 29.60
CA THR M 115 111.00 5.89 30.60
C THR M 115 112.22 6.58 30.01
N ASN M 116 112.92 5.92 29.09
CA ASN M 116 114.15 6.45 28.51
C ASN M 116 113.82 7.36 27.34
N ALA M 117 114.71 8.33 27.10
CA ALA M 117 114.50 9.25 25.98
C ALA M 117 114.72 8.55 24.64
N GLY M 118 115.55 7.51 24.61
CA GLY M 118 115.80 6.79 23.36
C GLY M 118 114.53 6.25 22.72
N ASP M 119 113.60 5.78 23.54
CA ASP M 119 112.30 5.35 23.01
C ASP M 119 111.58 6.53 22.36
N TYR M 120 111.67 7.72 22.96
CA TYR M 120 111.09 8.90 22.35
C TYR M 120 111.77 9.21 21.03
N ILE M 121 113.07 8.93 20.93
CA ILE M 121 113.77 9.13 19.66
C ILE M 121 113.21 8.18 18.60
N LEU M 122 113.17 6.89 18.91
CA LEU M 122 112.64 5.90 17.97
C LEU M 122 111.18 6.19 17.63
N ALA M 123 110.47 6.90 18.51
CA ALA M 123 109.06 7.21 18.25
C ALA M 123 108.92 8.15 17.05
N ASN M 124 109.55 9.31 17.10
CA ASN M 124 109.44 10.29 16.03
C ASN M 124 110.32 9.97 14.83
N THR M 125 111.00 8.83 14.84
CA THR M 125 111.97 8.48 13.80
C THR M 125 111.69 7.10 13.24
N CYS M 126 110.44 6.84 12.89
CA CYS M 126 110.07 5.60 12.21
C CYS M 126 109.04 5.94 11.14
N THR M 127 108.47 4.91 10.50
CA THR M 127 107.49 5.13 9.46
C THR M 127 106.18 5.65 10.05
N GLU M 128 105.46 6.44 9.26
CA GLU M 128 104.27 7.14 9.77
C GLU M 128 103.27 6.17 10.37
N ARG M 129 103.13 4.98 9.79
CA ARG M 129 102.31 3.94 10.39
C ARG M 129 102.85 3.65 11.78
N LEU M 130 104.16 3.46 11.89
CA LEU M 130 104.73 3.15 13.20
C LEU M 130 104.73 4.38 14.11
N LYS M 131 104.79 5.60 13.57
CA LYS M 131 104.63 6.75 14.44
C LYS M 131 103.25 6.79 15.07
N LEU M 132 102.21 6.51 14.29
CA LEU M 132 100.87 6.46 14.86
C LEU M 132 100.75 5.34 15.89
N PHE M 133 101.26 4.15 15.55
CA PHE M 133 101.24 3.04 16.49
C PHE M 133 101.96 3.40 17.78
N ALA M 134 103.11 4.05 17.67
CA ALA M 134 103.87 4.43 18.85
C ALA M 134 103.10 5.45 19.67
N ALA M 135 102.46 6.42 19.02
CA ALA M 135 101.68 7.41 19.76
C ALA M 135 100.58 6.74 20.57
N GLU M 136 99.85 5.83 19.92
CA GLU M 136 98.77 5.13 20.63
C GLU M 136 99.31 4.33 21.81
N THR M 137 100.33 3.51 21.57
CA THR M 137 100.88 2.68 22.64
C THR M 137 101.44 3.55 23.77
N LEU M 138 102.05 4.68 23.42
CA LEU M 138 102.62 5.57 24.42
C LEU M 138 101.53 6.14 25.31
N LYS M 139 100.46 6.66 24.71
CA LYS M 139 99.39 7.24 25.52
C LYS M 139 98.74 6.18 26.39
N ALA M 140 98.58 4.98 25.85
CA ALA M 140 97.96 3.91 26.64
C ALA M 140 98.84 3.51 27.82
N THR M 141 100.14 3.29 27.58
CA THR M 141 101.07 3.00 28.67
C THR M 141 101.04 4.11 29.71
N GLU M 142 101.03 5.36 29.25
CA GLU M 142 100.96 6.49 30.15
C GLU M 142 99.76 6.38 31.07
N GLU M 143 98.57 6.21 30.51
CA GLU M 143 97.38 6.20 31.36
C GLU M 143 97.33 4.96 32.24
N THR M 144 97.84 3.84 31.74
CA THR M 144 97.78 2.60 32.51
C THR M 144 98.69 2.66 33.72
N PHE M 145 99.90 3.19 33.55
CA PHE M 145 100.84 3.23 34.67
C PHE M 145 100.94 4.64 35.23
N LYS M 146 99.91 5.45 34.96
CA LYS M 146 99.67 6.71 35.64
C LYS M 146 99.54 6.58 37.15
N LEU M 147 99.69 5.38 37.70
CA LEU M 147 99.54 5.07 39.11
C LEU M 147 98.71 4.78 40.36
N SER M 148 97.51 4.22 40.13
CA SER M 148 96.28 4.38 40.90
C SER M 148 96.18 2.88 40.75
N TYR M 149 97.31 2.22 40.96
CA TYR M 149 97.53 0.81 40.67
C TYR M 149 96.78 0.41 41.94
N GLY M 150 95.57 -0.12 41.78
CA GLY M 150 94.77 -0.50 42.92
C GLY M 150 94.60 -1.93 42.46
N ILE M 151 94.31 -2.80 43.43
CA ILE M 151 94.02 -4.19 43.14
C ILE M 151 92.84 -4.61 44.01
N ALA M 152 92.05 -5.58 43.52
CA ALA M 152 90.81 -5.93 44.17
C ALA M 152 90.61 -7.43 44.14
N THR M 153 89.66 -7.90 44.96
CA THR M 153 89.29 -9.30 45.02
C THR M 153 87.83 -9.42 45.43
N VAL M 154 87.18 -10.49 44.99
CA VAL M 154 85.78 -10.69 45.32
C VAL M 154 85.67 -11.34 46.70
N ARG M 155 84.70 -10.89 47.49
CA ARG M 155 84.40 -11.53 48.75
C ARG M 155 83.32 -12.58 48.64
N GLU M 156 82.21 -12.28 47.97
CA GLU M 156 81.15 -13.25 47.74
C GLU M 156 80.27 -12.74 46.62
N VAL M 157 79.65 -13.67 45.92
CA VAL M 157 78.76 -13.35 44.80
C VAL M 157 77.42 -12.91 45.38
N LEU M 158 76.73 -12.06 44.64
CA LEU M 158 75.39 -11.64 45.01
C LEU M 158 74.34 -12.11 44.02
N SER M 159 74.55 -11.89 42.73
CA SER M 159 73.70 -12.50 41.71
C SER M 159 74.54 -12.71 40.46
N ASP M 160 73.85 -12.83 39.33
CA ASP M 160 74.53 -13.07 38.06
C ASP M 160 75.32 -11.86 37.57
N ARG M 161 74.96 -10.64 38.00
CA ARG M 161 75.71 -9.46 37.62
C ARG M 161 76.02 -8.56 38.81
N GLU M 162 76.00 -9.11 40.02
CA GLU M 162 76.35 -8.36 41.22
C GLU M 162 77.45 -9.08 41.98
N LEU M 163 78.38 -8.32 42.53
CA LEU M 163 79.52 -8.89 43.23
C LEU M 163 79.94 -7.98 44.37
N HIS M 164 80.44 -8.61 45.44
CA HIS M 164 81.07 -7.88 46.53
C HIS M 164 82.56 -7.76 46.24
N LEU M 165 83.04 -6.53 46.14
CA LEU M 165 84.44 -6.25 45.89
C LEU M 165 85.10 -5.71 47.15
N SER M 166 86.39 -6.01 47.30
CA SER M 166 87.21 -5.39 48.33
C SER M 166 88.59 -5.12 47.75
N TRP M 167 88.86 -3.84 47.49
CA TRP M 167 90.17 -3.42 47.04
C TRP M 167 91.17 -3.93 48.06
N GLU M 168 92.13 -4.74 47.60
CA GLU M 168 93.13 -5.28 48.49
C GLU M 168 93.67 -4.01 49.12
N VAL M 169 93.90 -4.07 50.44
CA VAL M 169 94.20 -2.90 51.25
C VAL M 169 95.10 -1.69 50.99
N GLY M 170 96.24 -1.95 50.37
CA GLY M 170 97.21 -0.90 50.16
C GLY M 170 97.76 0.45 49.75
N LYS M 171 97.44 0.86 48.52
CA LYS M 171 97.48 2.25 48.08
C LYS M 171 96.47 2.39 46.93
N PRO M 172 96.61 3.43 46.05
CA PRO M 172 95.40 4.06 45.48
C PRO M 172 94.58 3.15 44.57
N ARG M 173 93.28 3.32 44.69
CA ARG M 173 92.21 2.86 43.82
C ARG M 173 92.36 3.35 42.39
N PRO M 174 91.75 2.69 41.43
CA PRO M 174 91.52 3.31 40.13
C PRO M 174 90.07 3.76 40.03
N PRO M 175 89.81 4.90 39.38
CA PRO M 175 88.43 5.35 39.23
C PRO M 175 87.62 4.38 38.38
N LEU M 176 86.35 4.21 38.74
CA LEU M 176 85.51 3.23 38.08
C LEU M 176 85.00 3.76 36.75
N ASN M 177 85.21 2.98 35.69
CA ASN M 177 84.86 3.39 34.34
C ASN M 177 84.31 2.19 33.59
N ARG M 178 84.03 2.37 32.30
CA ARG M 178 83.75 1.23 31.46
C ARG M 178 84.93 0.88 30.57
N ASN M 179 85.94 1.75 30.51
CA ASN M 179 87.14 1.44 29.76
C ASN M 179 88.29 1.02 30.66
N TYR M 180 88.15 1.18 31.97
CA TYR M 180 89.08 0.54 32.89
C TYR M 180 88.77 -0.95 32.89
N VAL M 181 89.55 -1.71 32.14
CA VAL M 181 89.35 -3.15 32.08
C VAL M 181 90.25 -3.86 33.09
N PHE M 182 89.69 -4.89 33.72
CA PHE M 182 90.40 -5.62 34.76
C PHE M 182 90.42 -7.09 34.37
N THR M 183 91.60 -7.70 34.39
CA THR M 183 91.71 -9.11 34.03
C THR M 183 91.38 -9.99 35.22
N GLY M 184 90.53 -10.99 34.99
CA GLY M 184 90.11 -11.88 36.06
C GLY M 184 91.03 -13.08 36.15
N TYR M 185 91.23 -13.56 37.37
CA TYR M 185 92.06 -14.73 37.62
C TYR M 185 91.48 -15.50 38.79
N ARG M 186 91.22 -16.79 38.59
CA ARG M 186 90.94 -17.69 39.69
C ARG M 186 92.11 -18.66 39.83
N VAL M 187 92.41 -19.02 41.07
CA VAL M 187 93.57 -19.84 41.38
C VAL M 187 93.10 -21.17 41.93
N THR M 188 93.57 -22.26 41.34
CA THR M 188 93.41 -23.55 41.98
C THR M 188 94.60 -23.87 42.88
N LYS M 189 95.81 -23.90 42.32
CA LYS M 189 96.99 -23.96 43.18
C LYS M 189 98.13 -23.04 42.74
N ASN M 190 98.61 -22.98 41.48
CA ASN M 190 98.25 -23.61 40.19
C ASN M 190 96.95 -23.14 39.53
N SER M 191 97.00 -23.16 38.20
CA SER M 191 95.93 -22.70 37.31
C SER M 191 95.41 -21.32 37.73
N LYS M 192 96.33 -20.39 37.93
CA LYS M 192 95.98 -18.98 38.03
C LYS M 192 95.51 -18.52 36.65
N VAL M 193 94.37 -19.03 36.22
CA VAL M 193 93.94 -18.95 34.83
C VAL M 193 93.25 -17.61 34.59
N GLN M 194 93.54 -17.00 33.45
CA GLN M 194 92.76 -15.84 33.03
C GLN M 194 91.36 -16.30 32.62
N ILE M 195 90.34 -15.66 33.19
CA ILE M 195 88.96 -16.08 32.99
C ILE M 195 88.16 -15.03 32.22
N GLY M 196 88.82 -14.18 31.45
CA GLY M 196 88.15 -13.24 30.59
C GLY M 196 88.45 -11.83 31.02
N GLU M 197 87.73 -10.89 30.42
CA GLU M 197 87.90 -9.48 30.69
C GLU M 197 86.62 -8.92 31.31
N TYR M 198 86.80 -8.01 32.27
CA TYR M 198 85.68 -7.55 33.08
C TYR M 198 85.79 -6.05 33.29
N THR M 199 84.66 -5.40 33.54
CA THR M 199 84.61 -3.99 33.86
C THR M 199 83.46 -3.72 34.82
N PHE M 200 83.71 -2.87 35.81
CA PHE M 200 82.84 -2.73 36.96
C PHE M 200 82.24 -1.34 37.07
N GLU M 201 81.08 -1.27 37.71
CA GLU M 201 80.42 -0.02 38.07
C GLU M 201 79.78 -0.22 39.44
N LYS M 202 79.62 0.86 40.19
CA LYS M 202 79.09 0.78 41.55
C LYS M 202 77.57 0.79 41.54
N GLY M 203 76.97 -0.15 42.26
CA GLY M 203 75.52 -0.24 42.39
C GLY M 203 74.99 0.67 43.48
N ASP M 204 73.73 0.41 43.86
CA ASP M 204 73.06 1.24 44.86
C ASP M 204 73.27 0.75 46.29
N TYR M 205 74.18 -0.19 46.54
CA TYR M 205 74.53 -0.59 47.90
C TYR M 205 75.85 -1.33 47.87
N GLY M 206 76.54 -1.34 49.02
CA GLY M 206 77.84 -1.99 49.11
C GLY M 206 77.76 -3.38 49.71
N ASP M 207 78.72 -4.22 49.31
CA ASP M 207 79.74 -3.83 48.35
C ASP M 207 79.39 -4.33 46.95
N ALA M 208 78.13 -4.17 46.58
CA ALA M 208 77.65 -4.67 45.30
C ALA M 208 78.15 -3.79 44.15
N VAL M 209 78.55 -4.44 43.05
CA VAL M 209 78.92 -3.74 41.83
C VAL M 209 78.33 -4.51 40.66
N VAL M 210 78.25 -3.83 39.53
CA VAL M 210 77.84 -4.47 38.29
C VAL M 210 79.07 -4.66 37.42
N TYR M 211 79.29 -5.90 36.98
CA TYR M 211 80.45 -6.26 36.18
C TYR M 211 79.98 -6.73 34.81
N ARG M 212 80.47 -6.09 33.76
CA ARG M 212 80.18 -6.53 32.42
C ARG M 212 81.30 -7.43 31.94
N GLY M 213 81.14 -8.73 32.14
CA GLY M 213 82.21 -9.67 31.87
C GLY M 213 82.24 -10.16 30.44
N THR M 214 83.45 -10.39 29.92
CA THR M 214 83.57 -10.82 28.53
C THR M 214 83.34 -12.32 28.39
N THR M 215 83.63 -13.07 29.44
CA THR M 215 83.36 -14.51 29.47
C THR M 215 82.35 -14.83 30.56
N THR M 216 81.74 -16.01 30.44
CA THR M 216 80.61 -16.40 31.27
C THR M 216 80.97 -17.49 32.26
N TYR M 217 82.19 -17.43 32.81
CA TYR M 217 82.60 -18.41 33.80
C TYR M 217 81.83 -18.23 35.10
N LYS M 218 81.85 -19.28 35.93
CA LYS M 218 81.20 -19.21 37.23
C LYS M 218 82.09 -18.43 38.18
N LEU M 219 81.71 -17.20 38.50
CA LEU M 219 82.51 -16.38 39.40
C LEU M 219 82.46 -16.95 40.80
N ASN M 220 83.62 -17.14 41.40
CA ASN M 220 83.75 -17.75 42.72
C ASN M 220 83.99 -16.67 43.77
N VAL M 221 83.96 -17.10 45.04
CA VAL M 221 84.20 -16.16 46.14
C VAL M 221 85.68 -15.86 46.32
N GLY M 222 86.56 -16.66 45.75
CA GLY M 222 87.98 -16.48 45.93
C GLY M 222 88.73 -16.09 44.67
N ASP M 223 88.13 -15.24 43.85
CA ASP M 223 88.80 -14.70 42.68
C ASP M 223 89.31 -13.30 42.98
N TYR M 224 89.91 -12.66 41.97
CA TYR M 224 90.44 -11.32 42.14
C TYR M 224 90.62 -10.70 40.77
N PHE M 225 90.93 -9.40 40.77
CA PHE M 225 90.93 -8.62 39.54
C PHE M 225 92.11 -7.67 39.56
N VAL M 226 92.90 -7.69 38.50
CA VAL M 226 94.06 -6.82 38.36
C VAL M 226 93.80 -5.88 37.19
N LEU M 227 94.37 -4.67 37.28
CA LEU M 227 94.26 -3.74 36.18
C LEU M 227 95.03 -4.22 34.96
N THR M 228 94.67 -3.70 33.81
CA THR M 228 95.42 -3.94 32.58
C THR M 228 95.09 -2.75 31.69
N SER M 229 95.34 -2.87 30.39
CA SER M 229 95.15 -1.76 29.47
C SER M 229 93.80 -1.04 29.47
N HIS M 230 93.81 0.27 29.69
CA HIS M 230 92.58 1.03 29.85
C HIS M 230 92.61 2.29 28.99
N THR M 231 91.48 3.00 29.05
CA THR M 231 91.33 4.32 28.43
C THR M 231 91.79 4.32 26.97
N VAL M 232 91.56 3.20 26.31
CA VAL M 232 92.07 2.98 24.96
C VAL M 232 91.39 3.98 24.02
N MET M 233 92.12 4.41 23.01
CA MET M 233 91.62 5.37 22.04
C MET M 233 92.31 5.14 20.72
N PRO M 234 91.56 5.00 19.63
CA PRO M 234 92.18 4.81 18.32
C PRO M 234 92.58 6.11 17.64
N LEU M 235 93.44 6.01 16.63
CA LEU M 235 93.92 7.15 15.87
C LEU M 235 93.85 6.84 14.39
N SER M 236 93.43 7.82 13.59
CA SER M 236 93.19 7.58 12.17
C SER M 236 94.11 8.37 11.26
N ALA M 237 94.15 9.68 11.36
CA ALA M 237 94.80 10.46 10.31
C ALA M 237 96.30 10.51 10.51
N PRO M 238 97.06 10.79 9.45
CA PRO M 238 98.50 11.04 9.63
C PRO M 238 98.72 12.35 10.35
N THR M 239 99.85 12.42 11.06
CA THR M 239 100.17 13.61 11.82
C THR M 239 100.30 14.83 10.91
N LEU M 240 101.22 14.76 9.97
CA LEU M 240 101.42 15.83 9.00
C LEU M 240 100.83 15.43 7.65
N VAL M 241 100.67 16.40 6.76
CA VAL M 241 100.13 16.15 5.42
C VAL M 241 101.23 16.42 4.40
N PRO M 242 101.10 15.84 3.20
CA PRO M 242 102.15 16.01 2.19
C PRO M 242 102.34 17.45 1.74
N GLN M 243 103.45 18.06 2.16
CA GLN M 243 103.74 19.45 1.81
C GLN M 243 103.94 19.59 0.31
N GLU M 244 103.21 20.54 -0.29
CA GLU M 244 103.43 20.94 -1.67
C GLU M 244 103.38 22.45 -1.75
N HIS M 245 104.39 23.04 -2.40
CA HIS M 245 104.46 24.49 -2.53
C HIS M 245 103.63 24.94 -3.73
N TYR M 246 102.70 25.84 -3.47
CA TYR M 246 101.91 26.47 -4.53
C TYR M 246 102.76 27.54 -5.22
N VAL M 247 102.56 27.68 -6.53
CA VAL M 247 103.22 28.76 -7.24
C VAL M 247 102.71 30.11 -6.78
N ARG M 248 101.41 30.20 -6.51
CA ARG M 248 100.76 31.46 -6.16
C ARG M 248 99.98 31.29 -4.87
N ILE M 249 99.22 32.33 -4.53
CA ILE M 249 98.31 32.30 -3.40
C ILE M 249 97.04 31.59 -3.86
N THR M 250 97.07 30.25 -3.89
CA THR M 250 95.98 29.49 -4.46
C THR M 250 94.79 29.47 -3.50
N GLY M 251 93.59 29.65 -4.04
CA GLY M 251 92.37 29.49 -3.29
C GLY M 251 92.08 30.54 -2.24
N LEU M 252 92.76 31.68 -2.28
CA LEU M 252 92.55 32.76 -1.33
C LEU M 252 92.25 34.05 -2.08
N TYR M 253 91.42 34.88 -1.46
CA TYR M 253 91.07 36.18 -2.02
C TYR M 253 91.55 37.29 -1.10
N PRO M 254 92.81 37.71 -1.23
CA PRO M 254 93.33 38.78 -0.36
C PRO M 254 92.57 40.08 -0.57
N THR M 255 92.45 40.85 0.50
CA THR M 255 91.83 42.14 0.39
C THR M 255 92.83 43.15 -0.17
N LEU M 256 92.32 44.32 -0.53
CA LEU M 256 93.13 45.37 -1.14
C LEU M 256 93.66 46.38 -0.13
N ASN M 257 93.23 46.32 1.13
CA ASN M 257 93.56 47.33 2.13
C ASN M 257 94.03 46.65 3.42
N ILE M 258 95.33 46.49 3.55
CA ILE M 258 95.94 45.95 4.75
C ILE M 258 96.36 47.09 5.67
N SER M 259 96.13 46.91 6.96
CA SER M 259 96.52 47.90 7.94
C SER M 259 98.04 47.97 8.04
N ASP M 260 98.53 49.03 8.68
CA ASP M 260 99.96 49.21 8.85
C ASP M 260 100.51 48.26 9.91
N GLU M 261 99.64 47.71 10.75
CA GLU M 261 100.08 46.68 11.70
C GLU M 261 100.51 45.41 10.99
N PHE M 262 100.09 45.20 9.75
CA PHE M 262 100.41 43.98 9.02
C PHE M 262 100.82 44.25 7.57
N SER M 263 101.07 45.50 7.21
CA SER M 263 101.68 45.79 5.92
C SER M 263 103.07 45.18 5.80
N SER M 264 103.71 44.86 6.93
CA SER M 264 104.93 44.05 6.88
C SER M 264 104.58 42.57 6.82
N ASN M 265 103.53 42.15 7.51
CA ASN M 265 103.14 40.75 7.53
C ASN M 265 102.39 40.31 6.27
N VAL M 266 102.08 41.23 5.37
CA VAL M 266 101.38 40.85 4.13
C VAL M 266 102.22 39.85 3.35
N ALA M 267 103.54 40.05 3.32
CA ALA M 267 104.41 39.14 2.59
C ALA M 267 104.41 37.75 3.22
N ASN M 268 104.41 37.69 4.55
CA ASN M 268 104.36 36.41 5.22
C ASN M 268 103.02 35.73 5.01
N TYR M 269 101.95 36.50 4.93
CA TYR M 269 100.65 35.90 4.64
C TYR M 269 100.62 35.35 3.22
N GLN M 270 101.29 36.03 2.28
CA GLN M 270 101.45 35.45 0.95
C GLN M 270 102.22 34.14 1.02
N LYS M 271 103.38 34.14 1.68
CA LYS M 271 104.19 32.93 1.73
C LYS M 271 103.46 31.81 2.48
N VAL M 272 102.47 32.16 3.30
CA VAL M 272 101.52 31.18 3.80
C VAL M 272 100.65 30.67 2.66
N GLY M 273 100.02 31.58 1.93
CA GLY M 273 99.10 31.22 0.87
C GLY M 273 99.70 30.41 -0.25
N MET M 274 101.03 30.42 -0.41
CA MET M 274 101.66 29.71 -1.51
C MET M 274 102.19 28.33 -1.12
N GLN M 275 101.65 27.72 -0.05
CA GLN M 275 102.04 26.36 0.27
C GLN M 275 100.95 25.73 1.14
N LYS M 276 100.85 24.40 1.04
CA LYS M 276 99.77 23.68 1.74
C LYS M 276 99.83 23.89 3.24
N TYR M 277 101.01 24.19 3.78
CA TYR M 277 101.11 24.57 5.17
C TYR M 277 102.47 25.17 5.44
N SER M 278 102.50 26.15 6.34
CA SER M 278 103.70 26.86 6.73
C SER M 278 103.88 26.84 8.23
N THR M 279 105.05 27.27 8.69
CA THR M 279 105.39 27.32 10.10
C THR M 279 105.95 28.70 10.41
N LEU M 280 105.85 29.13 11.67
CA LEU M 280 106.34 30.43 12.10
C LEU M 280 107.03 30.29 13.45
N GLN M 281 108.15 30.99 13.62
CA GLN M 281 108.81 31.14 14.92
C GLN M 281 108.52 32.52 15.46
N GLY M 282 107.90 32.58 16.63
CA GLY M 282 107.57 33.83 17.26
C GLY M 282 107.91 33.85 18.74
N PRO M 283 108.94 34.61 19.10
CA PRO M 283 109.30 34.77 20.51
C PRO M 283 108.15 35.37 21.30
N PRO M 284 108.20 35.32 22.63
CA PRO M 284 107.11 35.90 23.42
C PRO M 284 106.88 37.36 23.08
N GLY M 285 105.61 37.76 23.09
CA GLY M 285 105.24 39.14 22.87
C GLY M 285 105.54 39.69 21.49
N THR M 286 106.04 38.87 20.56
CA THR M 286 106.29 39.33 19.20
C THR M 286 105.06 39.31 18.32
N GLY M 287 103.87 39.15 18.91
CA GLY M 287 102.65 39.25 18.15
C GLY M 287 102.42 38.11 17.18
N LYS M 288 102.70 36.90 17.63
CA LYS M 288 102.26 35.71 16.90
C LYS M 288 100.77 35.78 16.66
N SER M 289 100.02 36.12 17.72
CA SER M 289 98.59 36.38 17.58
C SER M 289 98.34 37.61 16.70
N HIS M 290 99.16 38.65 16.87
CA HIS M 290 99.08 39.81 16.00
C HIS M 290 99.18 39.36 14.55
N PHE M 291 100.19 38.55 14.27
CA PHE M 291 100.39 37.97 12.95
C PHE M 291 99.16 37.21 12.47
N ALA M 292 98.62 36.34 13.31
CA ALA M 292 97.53 35.46 12.88
C ALA M 292 96.28 36.27 12.56
N ILE M 293 95.94 37.23 13.40
CA ILE M 293 94.75 38.02 13.14
C ILE M 293 94.96 38.94 11.93
N GLY M 294 96.19 39.41 11.73
CA GLY M 294 96.49 40.11 10.50
C GLY M 294 96.31 39.24 9.28
N LEU M 295 96.69 37.96 9.38
CA LEU M 295 96.43 37.02 8.29
C LEU M 295 94.93 36.90 8.03
N ALA M 296 94.15 36.72 9.10
CA ALA M 296 92.71 36.64 8.98
C ALA M 296 92.15 37.88 8.27
N LEU M 297 92.72 39.04 8.56
CA LEU M 297 92.27 40.26 7.89
C LEU M 297 92.74 40.33 6.45
N TYR M 298 93.88 39.72 6.11
CA TYR M 298 94.41 39.83 4.76
C TYR M 298 93.45 39.21 3.74
N TYR M 299 93.06 37.97 3.96
CA TYR M 299 92.13 37.30 3.07
C TYR M 299 90.76 37.32 3.75
N PRO M 300 89.96 38.37 3.52
CA PRO M 300 88.80 38.60 4.38
C PRO M 300 87.66 37.64 4.13
N SER M 301 87.48 37.17 2.90
CA SER M 301 86.36 36.30 2.56
C SER M 301 86.62 34.83 2.84
N ALA M 302 87.71 34.49 3.52
CA ALA M 302 88.09 33.10 3.73
C ALA M 302 87.69 32.63 5.13
N ARG M 303 87.43 31.34 5.24
CA ARG M 303 86.96 30.73 6.49
C ARG M 303 88.14 30.25 7.32
N ILE M 304 88.16 30.63 8.59
CA ILE M 304 89.29 30.40 9.47
C ILE M 304 88.83 29.60 10.69
N VAL M 305 89.73 28.79 11.23
CA VAL M 305 89.51 28.09 12.49
C VAL M 305 90.78 28.23 13.33
N TYR M 306 90.64 28.77 14.53
CA TYR M 306 91.74 28.93 15.45
C TYR M 306 91.69 27.85 16.52
N THR M 307 92.86 27.37 16.92
CA THR M 307 92.90 26.29 17.89
C THR M 307 94.20 26.32 18.65
N ALA M 308 94.15 25.74 19.84
CA ALA M 308 95.32 25.54 20.69
C ALA M 308 94.97 24.46 21.69
N CYS M 309 96.01 23.84 22.25
CA CYS M 309 95.80 22.73 23.17
C CYS M 309 95.07 23.18 24.43
N SER M 310 95.26 24.41 24.87
CA SER M 310 94.72 24.92 26.11
C SER M 310 93.55 25.85 25.85
N HIS M 311 92.90 26.27 26.95
CA HIS M 311 91.85 27.27 26.87
C HIS M 311 92.40 28.68 26.92
N ALA M 312 93.54 28.88 27.58
CA ALA M 312 94.04 30.22 27.82
C ALA M 312 94.59 30.86 26.54
N ALA M 313 95.35 30.09 25.76
CA ALA M 313 95.88 30.61 24.50
C ALA M 313 94.75 31.00 23.56
N VAL M 314 93.78 30.10 23.37
CA VAL M 314 92.67 30.42 22.47
C VAL M 314 91.83 31.54 23.06
N ASP M 315 91.81 31.66 24.40
CA ASP M 315 91.06 32.76 25.02
C ASP M 315 91.69 34.11 24.71
N ALA M 316 93.01 34.20 24.86
CA ALA M 316 93.70 35.42 24.45
C ALA M 316 93.45 35.70 22.98
N LEU M 317 93.45 34.65 22.15
CA LEU M 317 93.21 34.84 20.73
C LEU M 317 91.80 35.36 20.45
N CYS M 318 90.78 34.84 21.15
CA CYS M 318 89.42 35.31 20.95
C CYS M 318 89.25 36.75 21.43
N GLU M 319 89.75 37.05 22.63
CA GLU M 319 89.80 38.42 23.10
C GLU M 319 90.39 39.34 22.06
N LYS M 320 91.58 39.01 21.54
CA LYS M 320 92.23 39.89 20.59
C LYS M 320 91.44 39.99 19.29
N ALA M 321 90.93 38.86 18.79
CA ALA M 321 90.12 38.88 17.57
C ALA M 321 88.94 39.81 17.72
N LEU M 322 88.24 39.74 18.86
CA LEU M 322 87.22 40.73 19.17
C LEU M 322 87.80 42.14 19.10
N LYS M 323 89.03 42.31 19.57
CA LYS M 323 89.64 43.64 19.53
C LYS M 323 89.92 44.10 18.10
N TYR M 324 90.07 43.16 17.16
CA TYR M 324 90.39 43.50 15.78
C TYR M 324 89.30 43.06 14.81
N LEU M 325 88.89 41.81 14.85
CA LEU M 325 87.91 41.29 13.90
C LEU M 325 86.49 41.50 14.43
N PRO M 326 85.50 41.55 13.54
CA PRO M 326 84.10 41.69 13.97
C PRO M 326 83.64 40.48 14.77
N ILE M 327 82.81 40.74 15.79
CA ILE M 327 82.39 39.68 16.70
C ILE M 327 81.39 38.74 16.03
N ASP M 328 80.63 39.24 15.06
CA ASP M 328 79.58 38.44 14.44
C ASP M 328 80.14 37.34 13.55
N LYS M 329 81.40 37.45 13.14
CA LYS M 329 82.03 36.47 12.27
C LYS M 329 82.83 35.44 13.03
N CYS M 330 82.79 35.47 14.36
CA CYS M 330 83.60 34.62 15.20
C CYS M 330 82.74 33.81 16.16
N SER M 331 83.14 32.56 16.39
CA SER M 331 82.39 31.66 17.24
C SER M 331 83.33 30.95 18.20
N ARG M 332 82.95 30.89 19.47
CA ARG M 332 83.74 30.22 20.50
C ARG M 332 83.11 28.85 20.76
N ILE M 333 83.82 27.80 20.38
CA ILE M 333 83.40 26.44 20.71
C ILE M 333 83.82 26.14 22.14
N ILE M 334 82.88 25.64 22.93
CA ILE M 334 83.14 25.24 24.32
C ILE M 334 82.56 23.86 24.52
N PRO M 335 83.32 22.89 25.04
CA PRO M 335 82.73 21.59 25.37
C PRO M 335 81.89 21.66 26.63
N ALA M 336 81.42 20.50 27.06
CA ALA M 336 80.60 20.41 28.26
C ALA M 336 81.01 19.23 29.13
N VAL M 340 84.86 23.33 32.71
CA VAL M 340 85.97 24.18 32.27
C VAL M 340 85.59 25.44 31.49
N GLU M 341 86.02 26.60 31.99
CA GLU M 341 85.67 27.88 31.39
C GLU M 341 86.59 28.82 30.63
N CYS M 342 86.23 29.08 29.38
CA CYS M 342 87.01 29.98 28.54
C CYS M 342 86.21 31.19 28.07
N PHE M 343 86.48 31.67 26.86
CA PHE M 343 85.73 32.79 26.31
C PHE M 343 84.20 32.71 26.27
N ASP M 344 83.56 33.86 26.50
CA ASP M 344 82.11 33.91 26.50
C ASP M 344 81.38 34.93 25.62
N LYS M 345 82.09 35.78 24.88
CA LYS M 345 81.43 36.81 24.09
C LYS M 345 81.19 36.45 22.63
N PHE M 346 81.90 35.46 22.10
CA PHE M 346 81.55 34.99 20.76
C PHE M 346 80.32 34.10 20.86
N LYS M 347 79.68 33.88 19.70
CA LYS M 347 78.51 33.01 19.66
C LYS M 347 78.90 31.58 20.03
N VAL M 348 78.25 31.05 21.07
CA VAL M 348 78.60 29.72 21.55
C VAL M 348 78.19 28.69 20.52
N ASN M 349 79.16 27.88 20.09
CA ASN M 349 78.92 26.71 19.24
C ASN M 349 78.14 27.04 17.98
N SER M 350 78.80 27.60 16.98
CA SER M 350 78.23 27.78 15.64
C SER M 350 79.27 27.26 14.65
N THR M 351 79.15 25.99 14.30
CA THR M 351 80.15 25.36 13.43
C THR M 351 80.21 26.06 12.08
N LEU M 352 79.06 26.50 11.57
CA LEU M 352 78.98 27.14 10.26
C LEU M 352 79.39 28.61 10.37
N GLU M 353 80.63 28.83 10.80
CA GLU M 353 81.16 30.17 10.96
C GLU M 353 82.47 30.35 10.22
N GLN M 354 82.70 31.58 9.75
CA GLN M 354 83.93 31.88 9.03
C GLN M 354 85.15 31.86 9.95
N TYR M 355 85.00 32.32 11.19
CA TYR M 355 86.04 32.21 12.21
C TYR M 355 85.50 31.41 13.38
N VAL M 356 86.21 30.35 13.74
CA VAL M 356 85.79 29.43 14.80
C VAL M 356 86.95 29.25 15.76
N PHE M 357 86.65 29.27 17.05
CA PHE M 357 87.65 29.17 18.12
C PHE M 357 87.29 27.96 18.99
N CYS M 358 88.16 26.94 18.96
CA CYS M 358 87.90 25.70 19.65
C CYS M 358 89.19 25.14 20.22
N THR M 359 89.05 24.03 20.95
CA THR M 359 90.19 23.32 21.50
C THR M 359 90.40 22.03 20.72
N VAL M 360 91.65 21.55 20.73
CA VAL M 360 92.02 20.39 19.91
C VAL M 360 91.19 19.18 20.33
N ASN M 361 90.96 19.03 21.63
CA ASN M 361 90.26 17.84 22.11
C ASN M 361 88.77 17.89 21.77
N ALA M 362 88.17 19.07 21.83
CA ALA M 362 86.75 19.24 21.55
C ALA M 362 86.49 19.77 20.16
N LEU M 363 87.42 19.55 19.23
CA LEU M 363 87.26 20.08 17.89
C LEU M 363 86.16 19.31 17.16
N PRO M 364 85.16 19.99 16.61
CA PRO M 364 84.16 19.32 15.76
C PRO M 364 84.75 18.99 14.39
N GLU M 365 83.86 18.62 13.47
CA GLU M 365 84.25 18.17 12.14
C GLU M 365 83.54 19.01 11.09
N THR M 366 84.31 19.81 10.37
CA THR M 366 83.78 20.62 9.28
C THR M 366 84.96 20.96 8.36
N THR M 367 84.65 21.39 7.13
CA THR M 367 85.65 21.83 6.18
C THR M 367 85.78 23.35 6.23
N ALA M 368 86.96 23.85 5.89
CA ALA M 368 87.22 25.28 5.95
C ALA M 368 88.44 25.61 5.08
N ASP M 369 88.76 26.90 5.03
CA ASP M 369 89.87 27.36 4.19
C ASP M 369 91.22 27.17 4.86
N ILE M 370 91.43 27.74 6.04
CA ILE M 370 92.73 27.62 6.71
C ILE M 370 92.54 27.19 8.16
N VAL M 371 93.44 26.32 8.63
CA VAL M 371 93.55 25.99 10.04
C VAL M 371 94.63 26.86 10.66
N VAL M 372 94.36 27.37 11.86
CA VAL M 372 95.30 28.20 12.60
C VAL M 372 95.68 27.44 13.86
N PHE M 373 96.90 26.90 13.89
CA PHE M 373 97.36 26.09 15.01
C PHE M 373 98.38 26.89 15.81
N ASP M 374 97.90 27.53 16.87
CA ASP M 374 98.78 28.28 17.76
C ASP M 374 99.43 27.34 18.77
N GLU M 375 100.58 27.76 19.27
CA GLU M 375 101.36 27.03 20.27
C GLU M 375 101.72 25.63 19.75
N ILE M 376 102.84 25.61 19.02
CA ILE M 376 103.31 24.35 18.45
C ILE M 376 104.15 23.57 19.44
N SER M 377 104.89 24.25 20.33
CA SER M 377 105.79 23.55 21.23
C SER M 377 105.00 22.65 22.19
N MET M 378 104.02 23.21 22.87
CA MET M 378 103.19 22.40 23.76
C MET M 378 102.18 21.64 22.91
N ALA M 379 102.64 20.58 22.24
CA ALA M 379 101.82 19.77 21.36
C ALA M 379 102.51 18.46 21.06
N THR M 380 101.72 17.38 20.97
CA THR M 380 102.21 16.07 20.59
C THR M 380 101.62 15.66 19.25
N ASN M 381 102.24 14.64 18.64
CA ASN M 381 101.75 14.12 17.37
C ASN M 381 100.28 13.73 17.43
N TYR M 382 99.82 13.28 18.60
CA TYR M 382 98.41 12.94 18.80
C TYR M 382 97.51 14.08 18.34
N ASP M 383 97.77 15.29 18.81
CA ASP M 383 96.93 16.42 18.48
C ASP M 383 97.01 16.76 16.99
N LEU M 384 98.18 16.60 16.38
CA LEU M 384 98.30 16.79 14.95
C LEU M 384 97.38 15.85 14.20
N SER M 385 97.40 14.57 14.57
CA SER M 385 96.54 13.61 13.86
C SER M 385 95.07 13.89 14.13
N VAL M 386 94.75 14.35 15.34
CA VAL M 386 93.36 14.68 15.66
C VAL M 386 92.87 15.82 14.78
N VAL M 387 93.62 16.91 14.74
CA VAL M 387 93.20 18.05 13.93
C VAL M 387 93.22 17.69 12.44
N ASN M 388 94.05 16.72 12.06
CA ASN M 388 94.04 16.26 10.68
C ASN M 388 92.74 15.54 10.35
N ALA M 389 92.34 14.60 11.20
CA ALA M 389 91.14 13.82 10.94
C ALA M 389 89.88 14.65 11.18
N ARG M 390 90.01 15.78 11.88
CA ARG M 390 88.82 16.54 12.24
C ARG M 390 88.40 17.48 11.11
N LEU M 391 89.31 18.32 10.64
CA LEU M 391 88.99 19.35 9.67
C LEU M 391 89.72 19.09 8.36
N ARG M 392 89.28 19.82 7.33
CA ARG M 392 89.90 19.75 6.01
C ARG M 392 90.09 21.18 5.52
N ALA M 393 91.33 21.56 5.25
CA ALA M 393 91.66 22.90 4.80
C ALA M 393 92.60 22.83 3.60
N LYS M 394 92.90 24.01 3.06
CA LYS M 394 93.89 24.09 1.99
C LYS M 394 95.24 24.55 2.53
N HIS M 395 95.23 25.25 3.66
CA HIS M 395 96.45 25.76 4.26
C HIS M 395 96.40 25.57 5.76
N TYR M 396 97.56 25.24 6.34
CA TYR M 396 97.69 24.94 7.76
C TYR M 396 98.84 25.75 8.32
N VAL M 397 98.55 26.82 9.05
CA VAL M 397 99.58 27.62 9.69
C VAL M 397 99.81 27.03 11.08
N TYR M 398 101.07 26.70 11.38
CA TYR M 398 101.45 26.22 12.70
C TYR M 398 102.26 27.31 13.38
N ILE M 399 101.79 27.76 14.53
CA ILE M 399 102.36 28.92 15.19
C ILE M 399 102.92 28.51 16.54
N GLY M 400 103.95 29.21 16.98
CA GLY M 400 104.50 29.01 18.32
C GLY M 400 105.96 29.38 18.37
N ASP M 401 106.64 28.83 19.37
CA ASP M 401 108.09 28.95 19.49
C ASP M 401 108.60 27.69 20.16
N PRO M 402 109.36 26.87 19.44
CA PRO M 402 109.91 25.64 20.01
C PRO M 402 110.85 25.92 21.18
N ALA M 403 111.37 27.14 21.26
CA ALA M 403 112.19 27.55 22.39
C ALA M 403 111.35 27.86 23.62
N GLN M 404 110.09 27.40 23.64
CA GLN M 404 109.20 27.48 24.78
C GLN M 404 108.91 26.07 25.28
N LEU M 405 107.98 25.96 26.22
CA LEU M 405 107.77 24.69 26.92
C LEU M 405 106.87 23.78 26.11
N PRO M 406 107.21 22.51 25.98
CA PRO M 406 106.31 21.56 25.33
C PRO M 406 105.26 21.04 26.30
N ALA M 407 104.65 19.92 25.96
CA ALA M 407 103.75 19.27 26.89
C ALA M 407 104.55 18.49 27.94
N PRO M 408 104.06 18.40 29.17
CA PRO M 408 104.77 17.62 30.18
C PRO M 408 104.51 16.14 30.02
N ARG M 409 105.57 15.35 30.18
CA ARG M 409 105.50 13.90 30.05
C ARG M 409 105.77 13.31 31.42
N THR M 410 104.70 12.98 32.15
CA THR M 410 104.85 12.51 33.52
C THR M 410 105.68 11.24 33.60
N LEU M 411 105.65 10.42 32.56
CA LEU M 411 106.47 9.21 32.54
C LEU M 411 107.93 9.53 32.25
N LEU M 412 108.20 10.60 31.49
CA LEU M 412 109.57 10.97 31.14
C LEU M 412 110.38 11.27 32.39
N THR M 413 111.49 10.55 32.57
CA THR M 413 112.27 10.69 33.79
C THR M 413 113.77 10.79 33.50
N LYS M 414 114.26 9.95 32.58
CA LYS M 414 115.68 9.93 32.24
C LYS M 414 115.88 10.45 30.82
N GLY M 415 116.88 11.28 30.64
CA GLY M 415 117.21 11.81 29.34
C GLY M 415 116.60 13.18 29.10
N THR M 416 117.04 13.81 28.01
CA THR M 416 116.64 15.15 27.64
C THR M 416 115.88 15.13 26.33
N LEU M 417 114.82 15.92 26.25
CA LEU M 417 114.01 16.05 25.04
C LEU M 417 114.28 17.41 24.40
N GLU M 418 115.04 17.41 23.32
CA GLU M 418 115.33 18.63 22.58
C GLU M 418 114.10 19.01 21.75
N PRO M 419 113.85 20.31 21.60
CA PRO M 419 112.65 20.75 20.85
C PRO M 419 112.41 20.06 19.51
N GLU M 420 113.38 19.34 18.95
CA GLU M 420 113.08 18.57 17.74
C GLU M 420 112.24 17.34 18.06
N TYR M 421 112.35 16.83 19.29
CA TYR M 421 111.61 15.64 19.69
C TYR M 421 110.25 15.97 20.28
N PHE M 422 109.95 17.27 20.45
CA PHE M 422 108.68 17.68 21.03
C PHE M 422 107.49 17.10 20.26
N ASN M 423 107.52 17.20 18.94
CA ASN M 423 106.46 16.60 18.12
C ASN M 423 106.93 16.80 16.67
N SER M 424 106.19 16.24 15.72
CA SER M 424 106.53 16.39 14.31
C SER M 424 106.86 17.70 13.61
N VAL M 425 106.08 18.75 13.81
CA VAL M 425 106.40 20.01 13.13
C VAL M 425 107.52 20.73 13.87
N CYS M 426 107.59 20.55 15.20
CA CYS M 426 108.76 20.99 15.94
C CYS M 426 110.03 20.35 15.39
N ARG M 427 109.93 19.10 14.93
CA ARG M 427 111.05 18.47 14.23
C ARG M 427 111.50 19.32 13.04
N LEU M 428 110.54 19.81 12.25
CA LEU M 428 110.90 20.64 11.10
C LEU M 428 111.55 21.94 11.54
N MET M 429 110.96 22.65 12.51
CA MET M 429 111.55 23.92 12.88
C MET M 429 112.90 23.76 13.59
N LYS M 430 113.22 22.55 14.05
CA LYS M 430 114.56 22.28 14.56
C LYS M 430 115.48 21.59 13.57
N THR M 431 114.99 21.30 12.35
CA THR M 431 115.87 20.82 11.29
C THR M 431 115.79 21.75 10.08
N ILE M 432 114.72 21.64 9.28
CA ILE M 432 114.57 22.55 8.14
C ILE M 432 114.29 23.97 8.59
N GLY M 433 113.90 24.17 9.86
CA GLY M 433 113.72 25.49 10.40
C GLY M 433 112.39 26.09 10.02
N PRO M 434 111.90 27.03 10.83
CA PRO M 434 110.61 27.65 10.55
C PRO M 434 110.66 28.45 9.27
N ASP M 435 109.55 28.43 8.53
CA ASP M 435 109.44 29.25 7.34
C ASP M 435 109.40 30.74 7.66
N MET M 436 109.11 31.10 8.92
CA MET M 436 108.80 32.47 9.26
C MET M 436 109.44 32.81 10.61
N PHE M 437 109.57 34.12 10.87
CA PHE M 437 110.03 34.60 12.17
C PHE M 437 109.39 35.95 12.45
N LEU M 438 109.06 36.17 13.72
CA LEU M 438 108.51 37.44 14.19
C LEU M 438 109.50 38.06 15.16
N GLY M 439 110.24 39.06 14.69
CA GLY M 439 111.37 39.57 15.46
C GLY M 439 111.16 40.88 16.20
N THR M 440 109.99 41.51 16.03
CA THR M 440 109.69 42.77 16.70
C THR M 440 109.04 42.47 18.05
N CYS M 441 109.86 42.11 19.03
CA CYS M 441 109.39 41.79 20.37
C CYS M 441 109.15 43.10 21.12
N ARG M 442 107.91 43.32 21.53
CA ARG M 442 107.47 44.57 22.14
C ARG M 442 106.86 44.35 23.52
N ARG M 443 107.39 43.42 24.29
CA ARG M 443 106.91 43.16 25.64
C ARG M 443 107.99 43.22 26.70
N CYS M 444 109.20 42.79 26.39
CA CYS M 444 110.24 42.79 27.41
C CYS M 444 111.35 43.78 27.05
N PRO M 445 112.01 44.38 28.05
CA PRO M 445 113.05 45.37 27.76
C PRO M 445 114.24 44.74 27.06
N ALA M 446 115.04 45.60 26.43
CA ALA M 446 116.24 45.13 25.74
C ALA M 446 117.15 44.33 26.67
N GLU M 447 117.03 44.53 27.98
CA GLU M 447 117.75 43.66 28.91
C GLU M 447 117.37 42.21 28.69
N ILE M 448 116.13 41.84 29.07
CA ILE M 448 115.65 40.48 28.86
C ILE M 448 115.76 40.08 27.40
N VAL M 449 115.56 41.03 26.49
CA VAL M 449 115.57 40.71 25.06
C VAL M 449 116.94 40.20 24.64
N ASP M 450 117.99 40.99 24.90
CA ASP M 450 119.33 40.53 24.55
C ASP M 450 119.73 39.31 25.36
N THR M 451 119.27 39.17 26.60
CA THR M 451 119.52 37.92 27.32
C THR M 451 118.99 36.74 26.54
N VAL M 452 117.67 36.69 26.30
CA VAL M 452 117.10 35.51 25.66
C VAL M 452 117.59 35.35 24.22
N SER M 453 118.06 36.43 23.59
CA SER M 453 118.66 36.29 22.27
C SER M 453 119.98 35.54 22.35
N ALA M 454 120.87 36.01 23.23
CA ALA M 454 122.14 35.30 23.42
C ALA M 454 121.97 33.93 24.08
N LEU M 455 120.83 33.71 24.73
CA LEU M 455 120.58 32.45 25.46
C LEU M 455 120.06 31.39 24.49
N VAL M 456 118.77 31.45 24.18
CA VAL M 456 118.12 30.40 23.43
C VAL M 456 117.86 30.78 21.99
N TYR M 457 117.77 32.07 21.66
CA TYR M 457 117.57 32.48 20.28
C TYR M 457 118.86 32.67 19.51
N ASP M 458 120.02 32.64 20.19
CA ASP M 458 121.32 32.71 19.51
C ASP M 458 121.46 34.01 18.71
N ASN M 459 120.92 35.10 19.26
CA ASN M 459 121.05 36.45 18.71
C ASN M 459 120.34 36.59 17.36
N LYS M 460 119.03 36.30 17.35
CA LYS M 460 118.18 36.67 16.23
C LYS M 460 117.05 37.61 16.60
N LEU M 461 116.64 37.64 17.87
CA LEU M 461 115.48 38.43 18.27
C LEU M 461 115.87 39.90 18.29
N LYS M 462 115.14 40.71 17.52
CA LYS M 462 115.39 42.14 17.47
C LYS M 462 114.75 42.81 18.68
N ALA M 463 115.50 43.73 19.29
CA ALA M 463 115.01 44.45 20.46
C ALA M 463 114.21 45.67 20.01
N HIS M 464 112.96 45.75 20.47
CA HIS M 464 112.12 46.91 20.20
C HIS M 464 111.92 47.78 21.43
N LYS M 465 112.03 47.22 22.63
CA LYS M 465 112.09 48.02 23.84
C LYS M 465 113.54 48.11 24.32
N ASP M 466 113.83 49.16 25.07
CA ASP M 466 115.21 49.50 25.42
C ASP M 466 115.60 48.89 26.77
N LYS M 467 116.79 49.25 27.21
CA LYS M 467 117.31 48.80 28.51
C LYS M 467 116.50 49.43 29.63
N SER M 468 115.98 48.59 30.53
CA SER M 468 115.20 49.08 31.66
C SER M 468 116.01 49.20 32.94
N ALA M 469 117.24 48.68 32.96
CA ALA M 469 118.15 48.75 34.10
C ALA M 469 117.57 48.37 35.47
N GLN M 470 116.39 47.76 35.48
CA GLN M 470 115.76 47.40 36.75
C GLN M 470 115.72 45.89 36.61
N CYS M 471 116.13 45.24 35.53
CA CYS M 471 116.12 43.78 35.49
C CYS M 471 117.33 43.29 36.26
N PHE M 472 117.09 42.70 37.43
CA PHE M 472 118.15 42.33 38.36
C PHE M 472 118.36 40.83 38.37
N LYS M 473 119.50 40.42 38.89
CA LYS M 473 119.87 39.01 39.03
C LYS M 473 120.82 38.89 40.20
N MET M 474 120.59 37.88 41.03
N MET M 474 120.59 37.88 41.03
CA MET M 474 121.37 37.69 42.25
CA MET M 474 121.36 37.69 42.26
C MET M 474 121.83 36.25 42.33
C MET M 474 121.82 36.25 42.32
N PHE M 475 123.14 36.03 42.42
CA PHE M 475 123.70 34.69 42.54
C PHE M 475 123.49 34.23 43.97
N TYR M 476 122.24 33.92 44.31
CA TYR M 476 121.85 33.64 45.67
C TYR M 476 121.43 32.18 45.76
N LYS M 477 122.16 31.40 46.58
CA LYS M 477 121.91 29.98 46.69
C LYS M 477 120.73 29.70 47.62
N GLY M 478 120.73 30.32 48.80
CA GLY M 478 119.73 30.05 49.80
C GLY M 478 119.82 28.62 50.31
N VAL M 479 118.80 28.25 51.10
CA VAL M 479 118.66 26.90 51.63
C VAL M 479 117.40 26.31 51.03
N ILE M 480 117.56 25.26 50.23
CA ILE M 480 116.49 24.73 49.40
C ILE M 480 115.77 23.66 50.20
N THR M 481 114.50 23.90 50.52
CA THR M 481 113.69 22.94 51.25
C THR M 481 112.69 22.28 50.32
N HIS M 482 112.38 21.01 50.62
CA HIS M 482 111.45 20.22 49.82
C HIS M 482 110.36 19.68 50.74
N ASP M 483 109.10 19.84 50.35
CA ASP M 483 108.02 19.23 51.13
C ASP M 483 107.60 18.06 50.27
N VAL M 484 106.40 17.55 50.52
CA VAL M 484 105.96 16.30 49.90
C VAL M 484 106.19 15.96 48.43
N SER M 485 106.04 16.93 47.53
CA SER M 485 106.12 16.65 46.11
C SER M 485 106.64 17.87 45.34
N SER M 486 107.25 18.80 46.07
CA SER M 486 107.70 20.05 45.47
C SER M 486 108.88 20.58 46.29
N ALA M 487 109.32 21.80 45.98
CA ALA M 487 110.52 22.35 46.58
C ALA M 487 110.34 23.83 46.87
N ILE M 488 111.01 24.29 47.93
CA ILE M 488 110.98 25.69 48.33
C ILE M 488 112.41 26.12 48.65
N ASN M 489 112.64 27.44 48.58
CA ASN M 489 113.89 28.05 49.01
C ASN M 489 113.50 29.18 49.98
N ARG M 490 113.39 28.83 51.26
CA ARG M 490 112.97 29.82 52.25
C ARG M 490 113.92 31.00 52.37
N PRO M 491 115.25 30.83 52.43
CA PRO M 491 116.12 32.02 52.40
C PRO M 491 116.02 32.82 51.12
N GLN M 492 115.67 32.16 50.01
CA GLN M 492 115.42 32.89 48.77
C GLN M 492 114.21 33.81 48.92
N ILE M 493 113.13 33.30 49.51
CA ILE M 493 111.98 34.14 49.82
C ILE M 493 112.38 35.25 50.77
N GLY M 494 113.25 34.95 51.74
CA GLY M 494 113.64 35.97 52.70
C GLY M 494 114.43 37.10 52.07
N VAL M 495 115.34 36.77 51.16
CA VAL M 495 116.08 37.81 50.46
C VAL M 495 115.18 38.57 49.49
N VAL M 496 114.21 37.89 48.88
CA VAL M 496 113.24 38.60 48.06
C VAL M 496 112.48 39.61 48.91
N ARG M 497 112.06 39.20 50.12
CA ARG M 497 111.35 40.12 51.01
C ARG M 497 112.25 41.27 51.44
N GLU M 498 113.52 40.99 51.72
CA GLU M 498 114.48 42.05 52.00
C GLU M 498 114.55 43.04 50.84
N PHE M 499 114.54 42.54 49.60
CA PHE M 499 114.56 43.42 48.44
C PHE M 499 113.28 44.23 48.33
N LEU M 500 112.13 43.62 48.65
CA LEU M 500 110.89 44.37 48.70
C LEU M 500 110.97 45.49 49.72
N THR M 501 111.68 45.26 50.82
CA THR M 501 111.94 46.36 51.76
C THR M 501 112.84 47.41 51.13
N ARG M 502 113.88 46.97 50.40
CA ARG M 502 114.73 47.92 49.68
C ARG M 502 114.00 48.54 48.49
N ASN M 503 113.00 47.87 47.93
CA ASN M 503 112.24 48.40 46.81
C ASN M 503 110.76 48.18 47.10
N PRO M 504 110.09 49.15 47.73
CA PRO M 504 108.63 49.04 47.90
C PRO M 504 107.87 49.17 46.60
N ALA M 505 108.49 49.68 45.54
CA ALA M 505 107.92 49.76 44.20
C ALA M 505 107.88 48.42 43.52
N TRP M 506 108.49 47.42 44.14
CA TRP M 506 108.50 46.05 43.63
C TRP M 506 107.55 45.14 44.40
N ARG M 507 106.80 45.69 45.37
CA ARG M 507 105.74 44.98 46.05
C ARG M 507 104.46 44.90 45.23
N LYS M 508 104.47 45.41 44.00
CA LYS M 508 103.35 45.28 43.08
C LYS M 508 103.65 44.31 41.95
N ALA M 509 104.70 43.50 42.10
CA ALA M 509 105.16 42.61 41.03
C ALA M 509 104.29 41.37 40.99
N VAL M 510 104.82 40.30 40.39
CA VAL M 510 104.24 38.97 40.45
C VAL M 510 105.41 38.00 40.65
N PHE M 511 105.23 37.03 41.54
CA PHE M 511 106.34 36.13 41.84
C PHE M 511 106.34 34.95 40.88
N ILE M 512 107.52 34.50 40.49
CA ILE M 512 107.69 33.35 39.61
C ILE M 512 108.77 32.44 40.17
N SER M 513 108.49 31.13 40.18
CA SER M 513 109.41 30.10 40.64
C SER M 513 108.90 28.75 40.18
N PRO M 514 109.79 27.82 39.86
CA PRO M 514 109.36 26.58 39.18
C PRO M 514 108.77 25.54 40.12
N TYR M 515 108.18 25.97 41.23
CA TYR M 515 107.58 25.03 42.18
C TYR M 515 106.45 25.73 42.91
N ASN M 516 105.38 24.98 43.18
CA ASN M 516 104.18 25.57 43.75
C ASN M 516 104.24 25.74 45.26
N SER M 517 105.02 24.91 45.96
CA SER M 517 105.20 25.14 47.38
C SER M 517 106.15 26.31 47.64
N GLN M 518 107.14 26.48 46.75
CA GLN M 518 107.89 27.74 46.73
C GLN M 518 106.93 28.92 46.61
N ASN M 519 105.96 28.81 45.70
CA ASN M 519 104.94 29.85 45.58
C ASN M 519 104.16 30.02 46.89
N ALA M 520 103.83 28.91 47.56
CA ALA M 520 103.05 28.99 48.79
C ALA M 520 103.81 29.75 49.88
N VAL M 521 105.03 29.32 50.17
CA VAL M 521 105.81 29.95 51.23
C VAL M 521 106.20 31.38 50.84
N ALA M 522 106.32 31.65 49.54
CA ALA M 522 106.60 33.01 49.12
C ALA M 522 105.41 33.92 49.34
N SER M 523 104.21 33.48 48.97
CA SER M 523 103.03 34.27 49.29
C SER M 523 102.86 34.42 50.80
N LYS M 524 103.36 33.45 51.56
CA LYS M 524 103.35 33.58 53.02
C LYS M 524 104.25 34.73 53.47
N ILE M 525 105.52 34.72 53.07
CA ILE M 525 106.46 35.72 53.58
C ILE M 525 106.26 37.06 52.87
N LEU M 526 106.47 37.10 51.56
CA LEU M 526 106.34 38.30 50.74
C LEU M 526 104.95 38.91 50.81
N GLY M 527 103.91 38.10 50.61
CA GLY M 527 102.56 38.60 50.51
C GLY M 527 102.15 39.04 49.12
N LEU M 528 102.91 38.66 48.07
CA LEU M 528 102.72 39.02 46.68
C LEU M 528 102.10 37.87 45.90
N PRO M 529 101.30 38.16 44.87
CA PRO M 529 100.84 37.11 43.97
C PRO M 529 102.02 36.34 43.37
N THR M 530 101.95 35.02 43.50
CA THR M 530 103.03 34.13 43.09
C THR M 530 102.54 33.21 41.97
N GLN M 531 103.43 32.94 41.02
CA GLN M 531 103.05 32.14 39.86
C GLN M 531 104.12 31.10 39.57
N THR M 532 103.67 29.98 39.00
CA THR M 532 104.56 28.97 38.46
C THR M 532 104.66 29.13 36.96
N VAL M 533 105.80 28.71 36.41
CA VAL M 533 106.15 28.99 35.02
C VAL M 533 105.09 28.52 34.02
N ASP M 534 104.39 27.42 34.32
CA ASP M 534 103.42 26.87 33.38
C ASP M 534 102.13 27.68 33.36
N SER M 535 101.72 28.21 34.52
CA SER M 535 100.52 29.05 34.57
C SER M 535 100.74 30.37 33.85
N SER M 536 101.98 30.87 33.82
CA SER M 536 102.29 32.18 33.25
C SER M 536 102.73 32.13 31.80
N GLN M 537 102.57 30.98 31.11
CA GLN M 537 102.97 30.91 29.71
C GLN M 537 102.07 31.79 28.85
N GLY M 538 102.67 32.55 27.95
CA GLY M 538 101.96 33.51 27.14
C GLY M 538 101.59 34.80 27.83
N SER M 539 101.85 34.92 29.13
CA SER M 539 101.47 36.08 29.90
C SER M 539 102.60 37.10 29.94
N GLU M 540 102.37 38.19 30.66
CA GLU M 540 103.32 39.29 30.73
C GLU M 540 102.91 40.22 31.86
N TYR M 541 103.90 40.76 32.57
CA TYR M 541 103.66 41.64 33.71
C TYR M 541 104.72 42.72 33.76
N ASP M 542 104.44 43.78 34.53
CA ASP M 542 105.36 44.90 34.61
C ASP M 542 106.63 44.53 35.37
N TYR M 543 106.48 44.28 36.67
CA TYR M 543 107.58 43.85 37.52
C TYR M 543 107.40 42.40 37.92
N VAL M 544 108.49 41.65 37.96
CA VAL M 544 108.47 40.23 38.32
C VAL M 544 109.63 39.96 39.26
N ILE M 545 109.47 38.96 40.13
CA ILE M 545 110.55 38.49 40.99
C ILE M 545 110.73 37.01 40.72
N PHE M 546 111.96 36.60 40.44
CA PHE M 546 112.28 35.21 40.13
C PHE M 546 113.20 34.63 41.20
N THR M 547 112.86 33.42 41.65
CA THR M 547 113.74 32.61 42.47
C THR M 547 113.90 31.26 41.79
N GLN M 548 115.15 30.84 41.62
CA GLN M 548 115.40 29.57 40.95
C GLN M 548 115.56 28.75 42.23
N THR M 549 114.46 28.23 42.78
CA THR M 549 114.45 27.46 44.01
C THR M 549 115.48 26.34 44.03
N THR M 550 115.49 25.54 42.96
CA THR M 550 116.41 24.42 42.79
C THR M 550 117.24 24.65 41.53
N GLU M 551 118.49 24.19 41.58
CA GLU M 551 119.36 24.22 40.41
C GLU M 551 119.12 23.03 39.51
N THR M 552 118.04 22.28 39.74
CA THR M 552 117.70 21.16 38.89
C THR M 552 117.32 21.63 37.49
N ALA M 553 117.51 20.73 36.52
CA ALA M 553 117.18 21.04 35.13
C ALA M 553 115.74 21.47 34.95
N HIS M 554 114.84 21.01 35.83
CA HIS M 554 113.46 21.47 35.87
C HIS M 554 113.42 22.98 35.91
N SER M 555 113.98 23.57 36.98
CA SER M 555 114.15 25.01 37.01
C SER M 555 115.17 25.47 35.98
N CYS M 556 116.23 24.68 35.78
CA CYS M 556 117.34 25.08 34.93
C CYS M 556 117.07 24.85 33.44
N ASN M 557 115.80 24.77 33.04
CA ASN M 557 115.48 24.61 31.63
C ASN M 557 115.50 25.97 30.94
N VAL M 558 116.25 26.04 29.83
CA VAL M 558 116.42 27.32 29.14
C VAL M 558 115.11 27.77 28.51
N ASN M 559 114.25 26.82 28.12
CA ASN M 559 112.90 27.18 27.69
C ASN M 559 112.08 27.69 28.88
N ARG M 560 112.16 26.97 30.00
CA ARG M 560 111.49 27.42 31.22
C ARG M 560 112.01 28.77 31.66
N PHE M 561 113.33 28.97 31.57
CA PHE M 561 113.91 30.27 31.88
C PHE M 561 113.38 31.35 30.95
N ASN M 562 113.29 31.06 29.66
CA ASN M 562 112.77 32.03 28.71
C ASN M 562 111.36 32.46 29.08
N VAL M 563 110.44 31.49 29.21
CA VAL M 563 109.05 31.84 29.44
C VAL M 563 108.87 32.41 30.85
N ALA M 564 109.80 32.11 31.76
CA ALA M 564 109.73 32.72 33.09
C ALA M 564 110.14 34.18 33.06
N ILE M 565 111.26 34.51 32.41
CA ILE M 565 111.76 35.88 32.39
C ILE M 565 111.13 36.73 31.30
N THR M 566 110.54 36.10 30.27
CA THR M 566 109.86 36.87 29.23
C THR M 566 108.48 37.35 29.66
N ARG M 567 108.21 37.42 30.96
CA ARG M 567 106.97 38.00 31.46
C ARG M 567 107.14 39.43 31.94
N ALA M 568 108.36 39.91 32.13
CA ALA M 568 108.61 41.22 32.73
C ALA M 568 108.68 42.31 31.67
N LYS M 569 107.88 43.36 31.84
CA LYS M 569 107.90 44.51 30.95
C LYS M 569 108.91 45.56 31.39
N VAL M 570 109.19 45.63 32.69
CA VAL M 570 110.00 46.71 33.24
C VAL M 570 111.17 46.12 34.02
N GLY M 571 110.94 45.78 35.28
CA GLY M 571 111.99 45.26 36.13
C GLY M 571 111.76 43.82 36.55
N ILE M 572 112.84 43.13 36.90
CA ILE M 572 112.76 41.75 37.36
C ILE M 572 113.95 41.46 38.26
N LEU M 573 113.70 40.70 39.33
CA LEU M 573 114.74 40.22 40.23
C LEU M 573 114.84 38.72 40.08
N CYS M 574 115.95 38.24 39.53
CA CYS M 574 116.19 36.80 39.35
C CYS M 574 117.14 36.34 40.44
N ILE M 575 116.59 35.73 41.48
CA ILE M 575 117.39 35.18 42.58
C ILE M 575 118.02 33.89 42.09
N MET M 576 119.16 34.01 41.42
CA MET M 576 119.72 32.87 40.71
C MET M 576 120.63 32.05 41.62
N SER M 577 120.51 30.74 41.52
CA SER M 577 121.35 29.82 42.28
C SER M 577 122.42 29.14 41.45
N ASP M 578 122.23 29.04 40.14
CA ASP M 578 123.24 28.49 39.26
C ASP M 578 124.16 29.60 38.75
N ARG M 579 125.35 29.21 38.29
CA ARG M 579 126.30 30.21 37.82
C ARG M 579 126.13 30.49 36.33
N ASP M 580 125.82 29.44 35.55
CA ASP M 580 125.78 29.58 34.10
C ASP M 580 124.72 30.57 33.66
N LEU M 581 123.46 30.32 34.04
CA LEU M 581 122.40 31.23 33.70
C LEU M 581 122.47 32.52 34.50
N TYR M 582 123.25 32.56 35.58
CA TYR M 582 123.51 33.82 36.25
C TYR M 582 124.34 34.74 35.35
N ASP M 583 125.52 34.30 34.94
CA ASP M 583 126.33 35.10 34.04
C ASP M 583 125.61 35.34 32.72
N LYS M 584 124.76 34.40 32.31
CA LYS M 584 124.09 34.54 31.03
C LYS M 584 123.05 35.65 31.06
N LEU M 585 122.58 36.04 32.24
CA LEU M 585 121.75 37.24 32.36
C LEU M 585 122.62 38.49 32.39
N GLN M 586 122.61 39.24 31.30
CA GLN M 586 123.25 40.55 31.31
C GLN M 586 122.36 41.53 32.07
N PHE M 587 122.09 41.21 33.32
CA PHE M 587 121.19 41.98 34.16
C PHE M 587 121.98 42.85 35.13
N THR M 588 121.28 43.77 35.78
CA THR M 588 121.89 44.57 36.84
C THR M 588 122.11 43.65 38.04
N SER M 589 123.29 43.04 38.07
CA SER M 589 123.59 42.06 39.12
C SER M 589 123.63 42.74 40.48
N LEU M 590 122.66 42.39 41.33
CA LEU M 590 122.62 42.87 42.70
C LEU M 590 123.18 41.79 43.61
N GLU M 591 123.96 42.20 44.60
CA GLU M 591 124.56 41.26 45.52
C GLU M 591 123.56 40.83 46.59
N ILE M 592 123.92 39.78 47.31
CA ILE M 592 123.09 39.23 48.38
C ILE M 592 122.93 40.20 49.54
N ASN N 5 -7.29 12.65 14.74
CA ASN N 5 -5.85 12.45 14.72
C ASN N 5 -5.43 11.43 15.77
N ASN N 6 -5.03 11.91 16.95
CA ASN N 6 -4.49 11.06 17.98
C ASN N 6 -5.50 10.81 19.09
N GLU N 7 -5.86 9.55 19.27
CA GLU N 7 -6.87 9.12 20.23
C GLU N 7 -6.18 8.62 21.50
N LEU N 8 -6.88 8.74 22.61
CA LEU N 8 -6.35 8.40 23.94
C LEU N 8 -6.85 7.21 24.71
N SER N 9 -7.87 6.54 24.22
CA SER N 9 -8.37 5.41 24.96
C SER N 9 -9.08 4.48 24.05
N PRO N 10 -8.34 3.61 23.39
CA PRO N 10 -9.04 2.66 22.56
C PRO N 10 -9.79 1.70 23.45
N VAL N 11 -9.14 1.13 24.46
CA VAL N 11 -9.85 0.20 25.32
C VAL N 11 -9.96 0.80 26.70
N ALA N 12 -10.97 0.42 27.45
CA ALA N 12 -11.12 0.98 28.79
C ALA N 12 -10.97 -0.20 29.73
N LEU N 13 -11.74 -0.21 30.81
CA LEU N 13 -11.60 -1.32 31.74
C LEU N 13 -12.96 -1.64 32.36
N ARG N 14 -12.97 -2.57 33.30
CA ARG N 14 -14.20 -3.00 33.96
C ARG N 14 -14.14 -2.65 35.44
N GLN N 15 -15.17 -3.06 36.17
CA GLN N 15 -15.44 -2.59 37.52
C GLN N 15 -15.51 -3.76 38.50
N MET N 16 -15.05 -3.53 39.73
CA MET N 16 -15.16 -4.50 40.81
C MET N 16 -15.54 -3.80 42.11
N SER N 17 -16.23 -4.53 42.98
CA SER N 17 -16.33 -4.13 44.37
C SER N 17 -15.35 -4.94 45.22
N CYS N 18 -14.75 -4.26 46.19
CA CYS N 18 -13.73 -4.90 47.02
C CYS N 18 -13.69 -4.20 48.38
N ALA N 19 -12.62 -4.45 49.12
CA ALA N 19 -12.49 -3.99 50.50
C ALA N 19 -11.64 -2.74 50.60
N ALA N 20 -11.93 -1.92 51.60
CA ALA N 20 -11.18 -0.69 51.84
C ALA N 20 -11.50 -0.17 53.23
N GLY N 21 -10.62 0.69 53.75
CA GLY N 21 -10.82 1.22 55.07
C GLY N 21 -9.86 2.36 55.37
N THR N 22 -9.98 2.89 56.59
CA THR N 22 -9.18 4.06 56.98
C THR N 22 -7.77 3.67 57.36
N THR N 23 -7.57 2.48 57.94
CA THR N 23 -6.24 1.96 58.20
C THR N 23 -6.21 0.52 57.71
N GLN N 24 -5.01 -0.09 57.77
CA GLN N 24 -4.81 -1.41 57.20
C GLN N 24 -5.87 -2.39 57.70
N THR N 25 -6.25 -2.30 58.97
CA THR N 25 -7.28 -3.15 59.52
C THR N 25 -8.68 -2.56 59.39
N ALA N 26 -8.79 -1.23 59.40
CA ALA N 26 -10.09 -0.60 59.15
C ALA N 26 -10.65 -0.96 57.79
N CYS N 27 -9.82 -1.53 56.92
CA CYS N 27 -10.31 -2.17 55.71
C CYS N 27 -11.31 -3.25 56.10
N THR N 28 -12.59 -3.01 55.87
CA THR N 28 -13.62 -3.95 56.26
C THR N 28 -13.79 -4.37 54.80
N ASP N 29 -14.65 -5.35 54.54
CA ASP N 29 -14.99 -5.67 53.17
C ASP N 29 -15.48 -5.42 51.75
N ASP N 30 -16.74 -5.02 51.60
CA ASP N 30 -17.38 -4.99 50.30
C ASP N 30 -17.78 -3.60 49.83
N ASN N 31 -17.23 -2.58 50.49
CA ASN N 31 -17.50 -1.19 50.15
C ASN N 31 -16.72 -0.34 49.16
N ALA N 32 -15.74 -0.94 48.49
CA ALA N 32 -14.89 -0.26 47.53
C ALA N 32 -15.36 -0.55 46.11
N LEU N 33 -15.08 0.38 45.20
CA LEU N 33 -15.37 0.25 43.77
C LEU N 33 -14.07 0.48 42.99
N ALA N 34 -13.47 -0.62 42.51
CA ALA N 34 -12.14 -0.55 41.91
C ALA N 34 -12.22 -0.57 40.40
N TYR N 35 -11.45 0.29 39.75
CA TYR N 35 -11.14 0.18 38.34
C TYR N 35 -9.80 -0.52 38.20
N TYR N 36 -9.75 -1.54 37.34
CA TYR N 36 -8.60 -2.42 37.25
C TYR N 36 -8.20 -2.63 35.80
N ASN N 37 -6.94 -2.32 35.50
CA ASN N 37 -6.30 -2.77 34.28
C ASN N 37 -5.87 -4.22 34.52
N THR N 38 -6.62 -5.16 33.97
CA THR N 38 -6.23 -6.56 34.07
C THR N 38 -5.10 -6.87 33.10
N THR N 39 -3.87 -6.50 33.46
CA THR N 39 -2.76 -6.62 32.53
C THR N 39 -2.27 -8.06 32.39
N LYS N 40 -1.12 -8.19 31.75
CA LYS N 40 -0.43 -9.47 31.61
C LYS N 40 -0.16 -10.12 32.96
N GLY N 41 0.35 -9.37 33.92
CA GLY N 41 0.77 -9.92 35.19
C GLY N 41 -0.27 -9.79 36.29
N GLY N 42 -1.51 -10.08 35.97
CA GLY N 42 -2.52 -10.07 37.00
C GLY N 42 -3.41 -8.85 36.91
N ARG N 43 -4.50 -8.88 37.66
CA ARG N 43 -5.46 -7.79 37.70
C ARG N 43 -4.87 -6.61 38.46
N PHE N 44 -4.47 -5.58 37.73
CA PHE N 44 -3.85 -4.39 38.31
C PHE N 44 -4.90 -3.29 38.41
N VAL N 45 -5.13 -2.81 39.63
CA VAL N 45 -6.18 -1.81 39.86
C VAL N 45 -5.58 -0.41 39.83
N LEU N 46 -6.40 0.56 39.42
CA LEU N 46 -5.93 1.94 39.24
C LEU N 46 -6.63 2.93 40.16
N ALA N 47 -7.96 2.94 40.19
CA ALA N 47 -8.70 3.95 40.93
C ALA N 47 -9.78 3.27 41.76
N LEU N 48 -10.18 3.96 42.83
CA LEU N 48 -11.19 3.46 43.76
C LEU N 48 -12.28 4.51 43.91
N LEU N 49 -13.53 4.06 43.93
CA LEU N 49 -14.68 4.94 43.93
C LEU N 49 -15.62 4.56 45.08
N SER N 50 -15.92 5.52 45.94
CA SER N 50 -16.79 5.20 47.06
C SER N 50 -17.54 6.46 47.50
N ASP N 51 -18.52 6.27 48.37
CA ASP N 51 -19.16 7.38 49.06
C ASP N 51 -18.60 7.57 50.45
N LEU N 52 -17.93 6.57 51.00
CA LEU N 52 -17.26 6.72 52.29
C LEU N 52 -16.30 7.90 52.20
N GLN N 53 -16.17 8.62 53.31
CA GLN N 53 -15.55 9.95 53.30
C GLN N 53 -14.13 9.88 52.76
N ASP N 54 -13.22 9.27 53.52
CA ASP N 54 -11.86 9.06 53.06
C ASP N 54 -11.40 7.72 53.62
N LEU N 55 -10.57 7.02 52.87
CA LEU N 55 -10.06 5.72 53.27
C LEU N 55 -8.59 5.69 52.85
N LYS N 56 -7.72 5.41 53.81
CA LYS N 56 -6.29 5.43 53.51
C LYS N 56 -5.77 4.12 52.93
N TRP N 57 -6.54 3.04 53.00
CA TRP N 57 -6.06 1.74 52.55
C TRP N 57 -7.18 0.95 51.89
N ALA N 58 -6.86 0.31 50.78
CA ALA N 58 -7.69 -0.74 50.20
C ALA N 58 -7.03 -2.08 50.48
N ARG N 59 -7.83 -3.13 50.39
CA ARG N 59 -7.36 -4.48 50.74
C ARG N 59 -7.97 -5.48 49.78
N PHE N 60 -7.16 -5.91 48.82
CA PHE N 60 -7.55 -6.85 47.77
C PHE N 60 -6.52 -7.97 47.70
N PRO N 61 -6.93 -9.24 47.72
CA PRO N 61 -5.97 -10.34 47.63
C PRO N 61 -5.18 -10.29 46.32
N LYS N 62 -3.98 -10.87 46.35
CA LYS N 62 -3.11 -10.89 45.18
C LYS N 62 -3.80 -11.57 43.99
N SER N 63 -3.10 -11.54 42.85
CA SER N 63 -3.58 -12.26 41.68
C SER N 63 -3.72 -13.74 41.96
N ASP N 64 -2.91 -14.27 42.88
CA ASP N 64 -3.09 -15.63 43.38
C ASP N 64 -3.80 -15.66 44.73
N GLY N 65 -4.34 -14.53 45.17
CA GLY N 65 -5.17 -14.48 46.35
C GLY N 65 -4.46 -14.72 47.66
N THR N 66 -3.12 -14.74 47.68
CA THR N 66 -2.41 -14.98 48.92
C THR N 66 -2.58 -13.82 49.88
N GLY N 67 -1.82 -12.74 49.65
CA GLY N 67 -1.91 -11.58 50.50
C GLY N 67 -2.91 -10.57 49.95
N THR N 68 -3.52 -9.83 50.86
CA THR N 68 -4.46 -8.76 50.51
C THR N 68 -3.64 -7.47 50.42
N ILE N 69 -3.68 -6.85 49.24
CA ILE N 69 -2.83 -5.70 48.94
C ILE N 69 -3.07 -4.59 49.95
N TYR N 70 -1.99 -3.99 50.44
CA TYR N 70 -2.06 -2.81 51.28
C TYR N 70 -1.65 -1.61 50.44
N THR N 71 -2.64 -0.92 49.89
CA THR N 71 -2.43 0.17 48.94
C THR N 71 -2.94 1.46 49.55
N GLU N 72 -2.03 2.35 49.91
CA GLU N 72 -2.44 3.66 50.40
C GLU N 72 -3.09 4.44 49.25
N LEU N 73 -3.92 5.41 49.60
CA LEU N 73 -4.85 6.01 48.64
C LEU N 73 -4.68 7.52 48.56
N GLU N 74 -5.09 8.08 47.41
CA GLU N 74 -5.15 9.53 47.23
C GLU N 74 -6.17 10.14 48.19
N PRO N 75 -6.05 11.43 48.48
CA PRO N 75 -7.20 12.19 48.96
C PRO N 75 -8.34 12.04 47.97
N PRO N 76 -9.54 11.68 48.44
CA PRO N 76 -10.63 11.39 47.51
C PRO N 76 -10.97 12.58 46.62
N CYS N 77 -11.57 12.28 45.48
CA CYS N 77 -12.01 13.28 44.53
C CYS N 77 -13.48 13.59 44.80
N ARG N 78 -13.84 14.87 44.71
CA ARG N 78 -15.18 15.28 45.04
C ARG N 78 -15.99 15.58 43.78
N PHE N 79 -17.15 14.96 43.69
CA PHE N 79 -18.07 15.21 42.58
C PHE N 79 -19.43 14.62 42.94
N VAL N 80 -20.46 15.04 42.20
CA VAL N 80 -21.85 14.78 42.57
C VAL N 80 -22.55 14.15 41.35
N THR N 81 -22.45 12.82 41.25
CA THR N 81 -23.24 12.11 40.26
C THR N 81 -24.71 12.16 40.65
N ASP N 82 -25.58 11.86 39.67
CA ASP N 82 -27.02 11.89 39.91
C ASP N 82 -27.66 10.56 39.52
N THR N 83 -28.76 10.27 40.21
CA THR N 83 -29.60 9.10 39.97
C THR N 83 -31.05 9.52 40.19
N PRO N 84 -32.03 8.65 39.88
CA PRO N 84 -33.43 8.98 40.17
C PRO N 84 -33.68 9.55 41.56
N LYS N 85 -32.85 9.20 42.54
CA LYS N 85 -32.96 9.75 43.89
C LYS N 85 -32.23 11.08 44.01
N GLY N 86 -32.11 11.81 42.91
CA GLY N 86 -31.53 13.13 42.92
C GLY N 86 -30.01 13.12 42.95
N PRO N 87 -29.42 14.14 43.56
CA PRO N 87 -27.96 14.20 43.64
C PRO N 87 -27.40 13.08 44.49
N LYS N 88 -26.12 12.77 44.23
CA LYS N 88 -25.48 11.64 44.88
C LYS N 88 -23.98 11.93 44.90
N VAL N 89 -23.45 12.16 46.10
CA VAL N 89 -22.03 12.45 46.27
C VAL N 89 -21.24 11.16 46.22
N LYS N 90 -20.14 11.17 45.47
CA LYS N 90 -19.21 10.05 45.44
C LYS N 90 -17.79 10.58 45.55
N TYR N 91 -16.87 9.69 45.91
CA TYR N 91 -15.47 10.04 46.08
C TYR N 91 -14.61 9.07 45.28
N LEU N 92 -13.66 9.64 44.51
CA LEU N 92 -12.78 8.87 43.64
C LEU N 92 -11.41 8.81 44.28
N TYR N 93 -10.87 7.60 44.42
CA TYR N 93 -9.62 7.38 45.15
C TYR N 93 -8.58 6.88 44.17
N PHE N 94 -7.54 7.68 43.95
CA PHE N 94 -6.42 7.27 43.12
C PHE N 94 -5.37 6.60 43.98
N ILE N 95 -4.72 5.58 43.42
CA ILE N 95 -3.57 5.02 44.11
C ILE N 95 -2.41 6.00 43.96
N LYS N 96 -1.98 6.61 45.06
CA LYS N 96 -0.93 7.61 45.02
C LYS N 96 0.28 7.10 44.26
N GLY N 97 0.86 7.97 43.45
CA GLY N 97 1.92 7.60 42.56
C GLY N 97 1.47 7.08 41.22
N LEU N 98 0.55 7.79 40.54
CA LEU N 98 0.04 7.37 39.26
C LEU N 98 0.35 8.43 38.21
N ASN N 99 0.89 7.99 37.08
CA ASN N 99 1.24 8.91 36.01
C ASN N 99 -0.01 9.57 35.44
N ASN N 100 0.19 10.66 34.70
CA ASN N 100 -0.94 11.37 34.12
C ASN N 100 -1.72 10.49 33.15
N LEU N 101 -1.07 9.54 32.49
CA LEU N 101 -1.77 8.73 31.50
C LEU N 101 -2.87 7.89 32.13
N ASN N 102 -2.58 7.23 33.24
CA ASN N 102 -3.59 6.39 33.86
C ASN N 102 -4.69 7.25 34.48
N ARG N 103 -4.34 8.41 35.01
CA ARG N 103 -5.37 9.35 35.45
C ARG N 103 -6.31 9.67 34.31
N GLY N 104 -5.76 10.08 33.17
CA GLY N 104 -6.59 10.39 32.02
C GLY N 104 -7.46 9.23 31.59
N MET N 105 -6.90 8.02 31.60
CA MET N 105 -7.67 6.87 31.14
C MET N 105 -8.84 6.58 32.08
N VAL N 106 -8.58 6.56 33.38
CA VAL N 106 -9.63 6.30 34.35
C VAL N 106 -10.70 7.38 34.26
N LEU N 107 -10.29 8.63 34.13
CA LEU N 107 -11.26 9.71 34.03
C LEU N 107 -12.11 9.58 32.79
N GLY N 108 -11.50 9.22 31.65
CA GLY N 108 -12.28 9.00 30.46
C GLY N 108 -13.33 7.93 30.66
N SER N 109 -12.91 6.76 31.14
CA SER N 109 -13.85 5.67 31.36
C SER N 109 -15.00 6.10 32.27
N LEU N 110 -14.67 6.66 33.43
CA LEU N 110 -15.70 7.02 34.39
C LEU N 110 -16.65 8.07 33.83
N ALA N 111 -16.11 9.18 33.34
CA ALA N 111 -16.95 10.28 32.88
C ALA N 111 -17.82 9.86 31.71
N ALA N 112 -17.32 8.98 30.85
CA ALA N 112 -18.15 8.51 29.74
C ALA N 112 -19.16 7.47 30.19
N THR N 113 -18.94 6.85 31.35
CA THR N 113 -19.84 5.83 31.84
C THR N 113 -20.95 6.36 32.74
N VAL N 114 -20.66 7.35 33.58
CA VAL N 114 -21.56 7.76 34.65
C VAL N 114 -21.90 9.23 34.48
N ARG N 115 -23.17 9.58 34.71
CA ARG N 115 -23.62 10.96 34.56
C ARG N 115 -23.35 11.77 35.81
N LEU N 116 -22.95 13.03 35.60
CA LEU N 116 -22.72 13.98 36.68
C LEU N 116 -23.81 15.04 36.60
N GLN N 117 -23.69 16.07 37.43
CA GLN N 117 -24.66 17.16 37.40
C GLN N 117 -24.45 17.94 36.11
N ALA O 1 -26.14 20.37 37.13
CA ALA O 1 -26.11 21.64 36.43
C ALA O 1 -27.39 22.41 36.70
N GLY O 2 -27.29 23.74 36.65
CA GLY O 2 -28.44 24.60 36.83
C GLY O 2 -28.90 24.62 38.28
N ASN O 3 -29.56 25.72 38.61
CA ASN O 3 -29.98 26.00 39.98
C ASN O 3 -31.41 25.51 40.16
N ALA O 4 -31.62 24.64 41.14
CA ALA O 4 -32.98 24.28 41.51
C ALA O 4 -33.71 25.51 42.04
N THR O 5 -34.96 25.68 41.62
CA THR O 5 -35.67 26.93 41.88
C THR O 5 -36.98 26.72 42.64
N GLU O 6 -37.18 25.54 43.24
CA GLU O 6 -38.44 25.35 43.94
C GLU O 6 -38.21 24.54 45.20
N VAL O 7 -39.07 24.77 46.19
CA VAL O 7 -39.03 24.06 47.46
C VAL O 7 -40.14 23.02 47.48
N PRO O 8 -39.88 21.80 47.95
CA PRO O 8 -40.88 20.72 47.86
C PRO O 8 -42.28 21.04 48.35
N ALA O 9 -42.47 22.16 49.03
CA ALA O 9 -43.80 22.49 49.54
C ALA O 9 -44.76 22.76 48.40
N ASN O 10 -44.25 23.25 47.27
CA ASN O 10 -45.12 23.61 46.15
C ASN O 10 -45.30 22.50 45.14
N SER O 11 -44.82 21.29 45.43
CA SER O 11 -44.81 20.24 44.42
C SER O 11 -46.20 19.89 43.93
N THR O 12 -47.07 19.45 44.84
CA THR O 12 -48.40 19.01 44.45
C THR O 12 -49.19 20.17 43.84
N VAL O 13 -49.05 21.36 44.42
CA VAL O 13 -49.76 22.53 43.96
C VAL O 13 -49.42 22.79 42.50
N LEU O 14 -48.13 23.01 42.25
CA LEU O 14 -47.65 23.34 40.92
C LEU O 14 -48.00 22.24 39.93
N SER O 15 -47.86 20.98 40.35
CA SER O 15 -48.18 19.87 39.45
C SER O 15 -49.66 19.90 39.07
N PHE O 16 -50.54 19.80 40.06
CA PHE O 16 -51.97 19.82 39.83
C PHE O 16 -52.39 21.02 39.00
N CYS O 17 -51.69 22.14 39.09
CA CYS O 17 -52.11 23.29 38.31
C CYS O 17 -51.50 23.33 36.91
N ALA O 18 -50.36 22.69 36.69
CA ALA O 18 -49.71 22.74 35.40
C ALA O 18 -50.38 21.85 34.37
N PHE O 19 -51.24 20.93 34.81
CA PHE O 19 -51.92 20.02 33.90
C PHE O 19 -53.34 20.45 33.56
N ALA O 20 -54.07 21.06 34.50
CA ALA O 20 -55.49 21.30 34.36
C ALA O 20 -55.77 22.17 33.14
N VAL O 21 -57.04 22.20 32.73
CA VAL O 21 -57.47 22.97 31.57
C VAL O 21 -57.85 24.40 31.96
N ASP O 22 -58.44 24.57 33.13
CA ASP O 22 -58.74 25.90 33.66
C ASP O 22 -57.86 26.08 34.90
N ALA O 23 -56.68 26.67 34.66
CA ALA O 23 -55.72 26.85 35.74
C ALA O 23 -56.31 27.68 36.88
N ALA O 24 -57.02 28.75 36.54
CA ALA O 24 -57.62 29.60 37.56
C ALA O 24 -58.55 28.81 38.45
N LYS O 25 -59.57 28.17 37.84
CA LYS O 25 -60.54 27.41 38.62
C LYS O 25 -59.86 26.28 39.37
N ALA O 26 -58.86 25.65 38.76
CA ALA O 26 -58.13 24.59 39.43
C ALA O 26 -57.52 25.10 40.72
N TYR O 27 -56.78 26.21 40.65
CA TYR O 27 -56.13 26.73 41.84
C TYR O 27 -57.13 27.13 42.90
N LYS O 28 -58.23 27.78 42.49
CA LYS O 28 -59.19 28.23 43.48
C LYS O 28 -59.83 27.05 44.18
N ASP O 29 -60.17 26.00 43.44
CA ASP O 29 -60.76 24.83 44.07
C ASP O 29 -59.73 24.12 44.95
N TYR O 30 -58.46 24.18 44.57
CA TYR O 30 -57.42 23.63 45.44
C TYR O 30 -57.40 24.36 46.77
N LEU O 31 -57.45 25.69 46.73
CA LEU O 31 -57.51 26.46 47.97
C LEU O 31 -58.75 26.10 48.78
N ALA O 32 -59.89 25.95 48.11
CA ALA O 32 -61.12 25.60 48.80
C ALA O 32 -61.06 24.19 49.39
N SER O 33 -60.11 23.39 48.96
CA SER O 33 -59.95 22.08 49.57
C SER O 33 -59.06 22.11 50.76
N GLY O 34 -58.77 23.29 51.30
CA GLY O 34 -57.87 23.39 52.43
C GLY O 34 -56.40 23.28 52.08
N GLY O 35 -56.05 23.34 50.80
CA GLY O 35 -54.65 23.31 50.43
C GLY O 35 -53.94 24.58 50.80
N GLN O 36 -52.62 24.50 50.88
CA GLN O 36 -51.83 25.66 51.25
C GLN O 36 -51.63 26.56 50.04
N PRO O 37 -51.54 27.88 50.23
CA PRO O 37 -51.17 28.76 49.12
C PRO O 37 -49.70 28.61 48.77
N ILE O 38 -49.36 29.11 47.58
CA ILE O 38 -48.00 29.03 47.07
C ILE O 38 -47.11 29.90 47.93
N THR O 39 -45.83 29.52 48.06
CA THR O 39 -44.87 30.25 48.86
C THR O 39 -43.69 30.65 47.98
N ASN O 40 -42.64 31.17 48.63
CA ASN O 40 -41.34 31.44 48.01
C ASN O 40 -41.39 32.64 47.07
N CYS O 41 -42.42 33.46 47.17
CA CYS O 41 -42.51 34.64 46.33
C CYS O 41 -41.51 35.68 46.80
N VAL O 42 -40.93 36.42 45.84
CA VAL O 42 -39.81 37.31 46.15
C VAL O 42 -40.35 38.61 46.72
N LYS O 43 -39.98 38.89 47.97
CA LYS O 43 -40.45 40.07 48.70
C LYS O 43 -39.49 41.23 48.49
N MET O 44 -40.03 42.44 48.36
CA MET O 44 -39.19 43.61 48.21
C MET O 44 -39.02 44.32 49.54
N LEU O 45 -38.12 45.31 49.55
CA LEU O 45 -37.75 46.03 50.77
C LEU O 45 -37.63 47.52 50.41
N CYS O 46 -38.66 48.29 50.76
CA CYS O 46 -38.72 49.71 50.43
C CYS O 46 -39.21 50.49 51.64
N THR O 47 -39.73 51.70 51.40
CA THR O 47 -40.10 52.61 52.46
C THR O 47 -41.59 52.63 52.78
N HIS O 48 -42.41 51.90 52.02
CA HIS O 48 -43.85 51.78 52.28
C HIS O 48 -44.55 53.12 52.24
N THR O 49 -44.36 53.87 51.16
CA THR O 49 -45.07 55.12 50.95
C THR O 49 -45.18 55.39 49.46
N GLY O 50 -46.23 56.10 49.08
CA GLY O 50 -46.42 56.46 47.69
C GLY O 50 -47.76 56.00 47.19
N THR O 51 -47.90 55.95 45.87
CA THR O 51 -49.19 55.70 45.26
C THR O 51 -49.62 54.24 45.48
N GLY O 52 -50.93 54.04 45.44
CA GLY O 52 -51.51 52.71 45.58
C GLY O 52 -51.50 51.89 44.30
N GLN O 53 -51.02 52.46 43.21
CA GLN O 53 -51.00 51.75 41.93
C GLN O 53 -50.09 50.53 42.04
N ALA O 54 -50.70 49.37 42.33
CA ALA O 54 -49.93 48.17 42.64
C ALA O 54 -48.98 47.83 41.50
N ILE O 55 -49.43 48.02 40.26
CA ILE O 55 -48.54 47.82 39.12
C ILE O 55 -47.66 49.05 38.96
N THR O 56 -46.36 48.84 38.84
CA THR O 56 -45.41 49.94 38.88
C THR O 56 -44.05 49.46 38.45
N VAL O 57 -43.15 50.40 38.17
CA VAL O 57 -41.80 50.07 37.73
C VAL O 57 -40.84 49.91 38.92
N THR O 58 -41.18 50.46 40.07
CA THR O 58 -40.33 50.42 41.25
C THR O 58 -41.19 50.23 42.49
N PRO O 59 -40.61 49.70 43.58
CA PRO O 59 -41.44 49.34 44.74
C PRO O 59 -42.13 50.53 45.37
N GLU O 60 -43.31 50.85 44.85
CA GLU O 60 -44.09 52.00 45.27
C GLU O 60 -45.27 51.49 46.11
N ALA O 61 -45.04 51.31 47.40
CA ALA O 61 -46.03 50.69 48.27
C ALA O 61 -46.67 51.75 49.17
N ASN O 62 -47.46 51.28 50.14
CA ASN O 62 -47.98 52.13 51.20
C ASN O 62 -47.60 51.51 52.54
N MET O 63 -47.95 52.20 53.62
CA MET O 63 -47.73 51.61 54.94
C MET O 63 -48.63 50.42 55.19
N ASP O 64 -49.49 50.05 54.23
CA ASP O 64 -50.39 48.91 54.37
C ASP O 64 -50.28 47.92 53.21
N GLN O 65 -49.55 48.26 52.16
CA GLN O 65 -49.26 47.29 51.12
C GLN O 65 -47.76 47.14 50.93
N GLU O 66 -47.37 46.02 50.35
CA GLU O 66 -45.98 45.69 50.11
C GLU O 66 -45.75 45.40 48.63
N SER O 67 -44.55 45.66 48.15
CA SER O 67 -44.20 45.35 46.78
C SER O 67 -43.51 44.00 46.70
N PHE O 68 -43.94 43.20 45.75
CA PHE O 68 -43.34 41.90 45.46
C PHE O 68 -42.96 41.95 44.02
N GLY O 69 -41.99 41.15 43.60
CA GLY O 69 -41.61 41.13 42.20
C GLY O 69 -42.75 40.71 41.28
N GLY O 70 -42.70 41.16 40.05
CA GLY O 70 -43.79 40.86 39.16
C GLY O 70 -43.97 39.42 38.86
N ALA O 71 -43.02 38.84 38.17
CA ALA O 71 -43.16 37.47 37.80
C ALA O 71 -43.32 36.52 38.94
N SER O 72 -43.11 36.89 40.18
CA SER O 72 -43.33 35.80 41.11
C SER O 72 -44.81 35.51 41.28
N CYS O 73 -45.68 36.50 41.05
CA CYS O 73 -47.11 36.31 41.23
C CYS O 73 -48.03 35.89 40.11
N CYS O 74 -47.69 36.15 38.85
CA CYS O 74 -48.50 35.68 37.73
C CYS O 74 -48.46 34.16 37.74
N LEU O 75 -49.48 33.55 38.33
CA LEU O 75 -49.60 32.09 38.36
C LEU O 75 -49.19 31.47 37.04
N TYR O 76 -49.55 32.10 35.93
CA TYR O 76 -49.20 31.59 34.62
C TYR O 76 -47.70 31.59 34.41
N CYS O 77 -47.02 32.65 34.86
CA CYS O 77 -45.58 32.70 34.74
C CYS O 77 -44.90 31.83 35.79
N ARG O 78 -45.68 31.18 36.65
CA ARG O 78 -45.11 30.38 37.72
C ARG O 78 -45.21 28.89 37.41
N CYS O 79 -46.38 28.47 36.94
CA CYS O 79 -46.59 27.06 36.57
C CYS O 79 -46.08 26.80 35.17
N HIS O 80 -45.64 27.85 34.49
CA HIS O 80 -45.09 27.75 33.14
C HIS O 80 -46.13 27.23 32.15
N ILE O 81 -47.37 27.66 32.31
CA ILE O 81 -48.40 27.41 31.31
C ILE O 81 -48.52 28.64 30.45
N ASP O 82 -49.47 28.65 29.52
CA ASP O 82 -49.63 29.81 28.66
C ASP O 82 -50.63 30.79 29.27
N HIS O 83 -50.47 32.06 28.91
CA HIS O 83 -51.27 33.14 29.46
C HIS O 83 -52.60 33.23 28.72
N PRO O 84 -53.70 33.21 29.45
CA PRO O 84 -55.07 33.27 28.97
C PRO O 84 -55.48 34.59 28.49
N ASN O 85 -54.51 35.49 28.55
CA ASN O 85 -54.61 36.87 28.15
C ASN O 85 -54.68 36.67 26.64
N PRO O 86 -55.00 37.73 25.88
CA PRO O 86 -55.16 37.94 24.46
C PRO O 86 -54.12 37.23 23.57
N LYS O 87 -52.83 37.44 23.85
CA LYS O 87 -51.77 36.77 23.11
C LYS O 87 -50.59 36.51 24.04
N GLY O 88 -50.82 36.63 25.34
CA GLY O 88 -49.78 36.37 26.33
C GLY O 88 -48.47 36.69 27.01
N PHE O 89 -48.32 37.96 27.32
CA PHE O 89 -47.15 38.47 28.01
C PHE O 89 -47.89 38.67 29.32
N CYS O 90 -47.42 38.09 30.41
CA CYS O 90 -48.14 38.41 31.63
C CYS O 90 -47.76 39.88 31.72
N ASP O 91 -48.21 40.54 32.77
CA ASP O 91 -47.85 41.92 33.04
C ASP O 91 -46.96 42.07 34.25
N LEU O 92 -47.12 41.24 35.27
CA LEU O 92 -46.29 41.31 36.47
C LEU O 92 -44.83 41.02 36.20
N LYS O 93 -44.48 40.57 35.01
CA LYS O 93 -43.09 40.46 34.63
C LYS O 93 -42.51 41.85 34.42
N GLY O 94 -41.34 42.10 34.99
CA GLY O 94 -40.66 43.37 34.83
C GLY O 94 -41.18 44.48 35.70
N LYS O 95 -42.39 44.34 36.25
CA LYS O 95 -43.01 45.40 37.03
C LYS O 95 -43.07 44.96 38.49
N TYR O 96 -43.96 45.58 39.27
CA TYR O 96 -44.11 45.23 40.67
C TYR O 96 -45.59 45.11 41.02
N VAL O 97 -45.86 44.69 42.25
CA VAL O 97 -47.21 44.42 42.71
C VAL O 97 -47.32 44.78 44.19
N GLN O 98 -48.28 45.63 44.52
CA GLN O 98 -48.50 46.07 45.89
C GLN O 98 -49.75 45.40 46.44
N ILE O 99 -49.59 44.69 47.56
CA ILE O 99 -50.67 43.90 48.13
C ILE O 99 -50.92 44.32 49.57
N PRO O 100 -52.16 44.62 49.94
CA PRO O 100 -52.49 44.89 51.34
C PRO O 100 -51.96 43.82 52.28
N THR O 101 -51.26 44.25 53.35
CA THR O 101 -50.63 43.29 54.26
C THR O 101 -51.61 42.24 54.75
N THR O 102 -52.89 42.60 54.88
CA THR O 102 -53.88 41.63 55.34
C THR O 102 -53.97 40.44 54.39
N CYS O 103 -54.08 40.71 53.10
CA CYS O 103 -54.12 39.64 52.12
C CYS O 103 -52.75 39.32 51.54
N ALA O 104 -51.69 39.92 52.06
CA ALA O 104 -50.34 39.70 51.56
C ALA O 104 -49.83 38.33 51.82
N ASN O 105 -50.55 37.54 52.62
CA ASN O 105 -50.17 36.15 52.83
C ASN O 105 -50.09 35.40 51.51
N ASP O 106 -51.24 35.19 50.87
CA ASP O 106 -51.32 34.48 49.60
C ASP O 106 -51.35 35.49 48.47
N PRO O 107 -50.23 35.74 47.78
CA PRO O 107 -50.25 36.78 46.74
C PRO O 107 -50.98 36.36 45.49
N VAL O 108 -50.90 35.08 45.11
CA VAL O 108 -51.39 34.66 43.81
C VAL O 108 -52.91 34.67 43.77
N GLY O 109 -53.56 34.26 44.86
CA GLY O 109 -55.01 34.39 44.92
C GLY O 109 -55.46 35.83 44.80
N PHE O 110 -54.77 36.73 45.50
CA PHE O 110 -55.04 38.16 45.36
C PHE O 110 -54.92 38.59 43.91
N THR O 111 -53.85 38.15 43.25
CA THR O 111 -53.61 38.57 41.87
C THR O 111 -54.72 38.07 40.95
N LEU O 112 -55.19 36.84 41.19
CA LEU O 112 -56.25 36.30 40.36
C LEU O 112 -57.56 37.03 40.59
N LYS O 113 -58.02 37.09 41.84
CA LYS O 113 -59.33 37.66 42.11
C LYS O 113 -59.36 39.15 41.80
N ASN O 114 -58.72 39.96 42.64
CA ASN O 114 -58.87 41.40 42.57
C ASN O 114 -58.32 41.95 41.27
N THR O 115 -58.63 43.21 41.00
CA THR O 115 -58.43 43.80 39.68
C THR O 115 -57.94 45.23 39.82
N VAL O 116 -57.05 45.64 38.93
CA VAL O 116 -56.58 47.02 38.93
C VAL O 116 -57.55 47.91 38.14
N CYS O 117 -57.93 49.03 38.74
CA CYS O 117 -58.84 49.96 38.06
C CYS O 117 -58.09 50.76 37.00
N THR O 118 -58.72 50.92 35.84
CA THR O 118 -58.08 51.67 34.78
C THR O 118 -57.99 53.16 35.09
N VAL O 119 -58.90 53.69 35.90
CA VAL O 119 -58.91 55.10 36.22
C VAL O 119 -58.02 55.36 37.41
N CYS O 120 -58.46 54.94 38.59
CA CYS O 120 -57.72 55.17 39.82
C CYS O 120 -56.44 54.35 39.90
N GLY O 121 -56.25 53.38 39.00
CA GLY O 121 -55.00 52.67 38.93
C GLY O 121 -54.74 51.67 40.04
N MET O 122 -55.72 51.43 40.90
CA MET O 122 -55.51 50.60 42.07
C MET O 122 -56.53 49.48 42.14
N TRP O 123 -56.34 48.61 43.14
CA TRP O 123 -57.19 47.44 43.30
C TRP O 123 -58.63 47.86 43.56
N LYS O 124 -59.55 47.16 42.89
CA LYS O 124 -60.98 47.40 43.11
C LYS O 124 -61.33 47.09 44.56
N GLY O 125 -61.39 48.14 45.38
CA GLY O 125 -61.57 47.98 46.80
C GLY O 125 -60.30 48.17 47.60
N TYR O 126 -59.15 48.34 46.95
CA TYR O 126 -57.89 48.59 47.64
C TYR O 126 -57.01 49.50 46.77
N GLY O 127 -57.38 50.77 46.67
CA GLY O 127 -58.58 51.34 47.25
C GLY O 127 -59.24 52.25 46.25
N CYS O 128 -60.14 51.68 45.44
CA CYS O 128 -60.68 52.37 44.27
C CYS O 128 -61.36 53.67 44.68
N SER O 129 -60.87 54.79 44.14
CA SER O 129 -61.44 56.08 44.46
C SER O 129 -62.74 56.35 43.71
N CYS O 130 -63.01 55.59 42.65
CA CYS O 130 -64.19 55.81 41.83
C CYS O 130 -65.48 55.46 42.57
N ALA P 1 -30.30 24.32 54.79
CA ALA P 1 -31.18 24.83 53.74
C ALA P 1 -30.51 24.71 52.37
N GLU P 2 -31.24 24.19 51.39
CA GLU P 2 -32.61 23.74 51.59
C GLU P 2 -32.89 22.51 50.74
N ASN P 3 -33.74 21.61 51.24
CA ASN P 3 -34.29 20.58 50.40
C ASN P 3 -34.95 21.21 49.18
N VAL P 4 -34.56 20.75 48.00
CA VAL P 4 -35.15 21.19 46.75
C VAL P 4 -35.46 19.95 45.93
N THR P 5 -36.04 20.17 44.76
CA THR P 5 -36.42 19.07 43.89
C THR P 5 -36.05 19.40 42.46
N GLY P 6 -35.80 18.38 41.67
CA GLY P 6 -35.48 18.54 40.26
C GLY P 6 -36.57 19.20 39.47
N LEU P 7 -37.75 19.34 40.08
CA LEU P 7 -38.85 20.06 39.47
C LEU P 7 -38.44 21.47 39.09
N PHE P 8 -38.67 21.82 37.84
CA PHE P 8 -38.40 23.16 37.33
C PHE P 8 -36.94 23.56 37.47
N LYS P 9 -36.04 22.59 37.57
CA LYS P 9 -34.61 22.90 37.67
C LYS P 9 -34.16 23.65 36.42
N ASP P 10 -33.87 24.92 36.58
CA ASP P 10 -33.45 25.77 35.47
C ASP P 10 -32.12 25.23 34.94
N CYS P 11 -32.23 24.38 33.94
CA CYS P 11 -31.01 23.73 33.48
C CYS P 11 -30.25 24.52 32.47
N SER P 12 -30.44 25.83 32.36
CA SER P 12 -29.69 26.60 31.37
C SER P 12 -28.22 26.68 31.76
N LYS P 13 -27.35 26.78 30.75
CA LYS P 13 -25.92 26.88 30.98
C LYS P 13 -25.48 28.24 31.46
N VAL P 14 -26.27 29.28 31.19
CA VAL P 14 -25.94 30.65 31.58
C VAL P 14 -25.64 30.70 33.08
N ILE P 15 -24.82 31.64 33.49
CA ILE P 15 -24.26 31.63 34.84
C ILE P 15 -24.91 32.64 35.77
N THR P 16 -25.56 33.69 35.26
CA THR P 16 -26.05 34.77 36.09
C THR P 16 -27.46 34.47 36.55
N GLY P 17 -27.74 34.80 37.81
CA GLY P 17 -29.08 34.69 38.34
C GLY P 17 -30.05 35.65 37.67
N LEU P 18 -31.26 35.76 38.18
CA LEU P 18 -32.26 36.59 37.56
C LEU P 18 -32.38 37.93 38.29
N HIS P 19 -32.80 38.92 37.57
CA HIS P 19 -33.22 40.19 38.13
C HIS P 19 -34.51 39.96 38.91
N PRO P 20 -34.73 40.64 40.04
CA PRO P 20 -35.95 40.40 40.84
C PRO P 20 -37.23 40.36 40.02
N THR P 21 -37.60 41.46 39.40
CA THR P 21 -38.65 41.40 38.40
C THR P 21 -38.17 40.49 37.28
N GLN P 22 -39.07 39.66 36.76
CA GLN P 22 -38.79 38.66 35.73
C GLN P 22 -37.98 37.51 36.32
N ALA P 23 -37.92 37.44 37.64
CA ALA P 23 -37.52 36.18 38.25
C ALA P 23 -38.75 35.39 38.66
N PRO P 24 -38.79 34.10 38.38
CA PRO P 24 -39.99 33.31 38.69
C PRO P 24 -40.21 33.11 40.18
N THR P 25 -39.14 32.85 40.92
CA THR P 25 -39.24 32.62 42.34
C THR P 25 -38.27 33.54 43.07
N HIS P 26 -37.97 33.18 44.32
CA HIS P 26 -36.96 33.91 45.07
C HIS P 26 -35.59 33.30 44.89
N LEU P 27 -35.52 31.97 44.87
CA LEU P 27 -34.23 31.29 44.71
C LEU P 27 -33.57 31.64 43.38
N SER P 28 -34.38 32.01 42.38
CA SER P 28 -33.83 32.23 41.05
C SER P 28 -33.19 33.61 40.91
N VAL P 29 -33.49 34.54 41.82
CA VAL P 29 -32.91 35.87 41.72
C VAL P 29 -31.41 35.79 41.98
N ASP P 30 -30.67 36.71 41.40
CA ASP P 30 -29.23 36.72 41.61
C ASP P 30 -28.92 37.09 43.06
N THR P 31 -27.62 37.10 43.38
CA THR P 31 -27.21 37.33 44.76
C THR P 31 -27.05 38.81 45.09
N LYS P 32 -26.94 39.67 44.09
CA LYS P 32 -26.75 41.09 44.34
C LYS P 32 -27.95 41.64 45.11
N PHE P 33 -29.15 41.44 44.56
CA PHE P 33 -30.33 41.98 45.19
C PHE P 33 -30.63 41.28 46.51
N LYS P 34 -30.10 40.07 46.69
CA LYS P 34 -30.39 39.28 47.88
C LYS P 34 -29.67 39.86 49.09
N THR P 35 -30.43 40.47 50.00
CA THR P 35 -29.89 40.96 51.26
C THR P 35 -30.81 40.48 52.38
N GLU P 36 -30.48 39.33 52.96
CA GLU P 36 -31.26 38.74 54.04
C GLU P 36 -32.69 38.47 53.59
N GLY P 37 -32.89 37.38 52.84
CA GLY P 37 -34.20 36.91 52.48
C GLY P 37 -35.05 37.85 51.65
N LEU P 38 -34.59 39.07 51.41
CA LEU P 38 -35.34 40.07 50.68
C LEU P 38 -34.56 40.53 49.47
N CYS P 39 -35.26 41.09 48.50
CA CYS P 39 -34.64 41.71 47.35
C CYS P 39 -34.68 43.22 47.53
N VAL P 40 -33.67 43.92 47.01
CA VAL P 40 -33.61 45.38 47.06
C VAL P 40 -33.38 45.90 45.65
N ASP P 41 -34.11 46.94 45.28
CA ASP P 41 -34.04 47.45 43.91
C ASP P 41 -32.73 48.18 43.70
N ILE P 42 -31.84 47.58 42.91
CA ILE P 42 -30.60 48.25 42.53
C ILE P 42 -30.73 48.71 41.09
N PRO P 43 -31.05 49.98 40.85
CA PRO P 43 -31.14 50.46 39.46
C PRO P 43 -29.81 50.44 38.73
N GLY P 44 -28.74 49.96 39.36
CA GLY P 44 -27.46 49.92 38.69
C GLY P 44 -27.44 48.97 37.50
N ILE P 45 -27.75 47.70 37.72
CA ILE P 45 -27.78 46.70 36.67
C ILE P 45 -29.21 46.58 36.17
N PRO P 46 -29.45 46.65 34.87
CA PRO P 46 -30.83 46.60 34.37
C PRO P 46 -31.24 45.20 33.98
N LYS P 47 -32.37 45.08 33.30
CA LYS P 47 -32.96 43.79 32.96
C LYS P 47 -32.63 43.44 31.52
N ASP P 48 -32.24 42.19 31.30
CA ASP P 48 -32.00 41.68 29.97
C ASP P 48 -33.34 41.54 29.26
N MET P 49 -33.40 41.95 27.99
CA MET P 49 -34.63 41.85 27.23
C MET P 49 -34.62 40.70 26.24
N THR P 50 -33.69 39.76 26.39
CA THR P 50 -33.68 38.57 25.56
C THR P 50 -32.85 37.49 26.25
N TYR P 51 -33.51 36.40 26.61
CA TYR P 51 -32.80 35.30 27.25
C TYR P 51 -33.64 34.04 27.12
N ARG P 52 -32.97 32.92 26.87
CA ARG P 52 -33.63 31.63 26.63
C ARG P 52 -33.10 30.64 27.65
N ARG P 53 -33.94 30.27 28.61
CA ARG P 53 -33.54 29.33 29.66
C ARG P 53 -34.41 28.09 29.55
N LEU P 54 -33.84 27.02 29.02
CA LEU P 54 -34.56 25.76 28.94
C LEU P 54 -34.85 25.24 30.34
N ILE P 55 -36.12 24.97 30.62
CA ILE P 55 -36.56 24.55 31.94
C ILE P 55 -36.77 23.04 31.93
N SER P 56 -36.65 22.42 33.10
CA SER P 56 -36.82 20.99 33.25
C SER P 56 -38.18 20.66 33.83
N MET P 57 -38.68 19.49 33.45
CA MET P 57 -39.98 19.02 33.92
C MET P 57 -39.74 17.56 34.26
N MET P 58 -38.91 17.29 35.26
CA MET P 58 -38.64 15.93 35.66
C MET P 58 -39.43 15.06 36.64
N GLY P 59 -39.56 15.54 37.87
CA GLY P 59 -40.23 14.76 38.90
C GLY P 59 -41.42 15.66 39.11
N PHE P 60 -42.61 15.16 38.81
CA PHE P 60 -43.83 15.96 38.95
C PHE P 60 -44.30 14.76 39.75
N LYS P 61 -44.63 14.93 41.03
CA LYS P 61 -45.32 13.90 41.81
C LYS P 61 -46.68 14.32 42.33
N MET P 62 -47.74 14.03 41.58
CA MET P 62 -49.09 14.37 42.01
C MET P 62 -49.83 13.42 42.93
N ASN P 63 -50.28 13.94 44.07
CA ASN P 63 -51.10 13.20 44.99
C ASN P 63 -51.71 14.48 45.52
N TYR P 64 -52.86 14.85 44.98
CA TYR P 64 -53.53 16.09 45.34
C TYR P 64 -54.79 15.41 45.87
N GLN P 65 -55.65 16.21 46.52
CA GLN P 65 -56.91 15.68 47.03
C GLN P 65 -57.95 16.79 46.93
N VAL P 66 -58.82 16.68 45.94
CA VAL P 66 -59.91 17.63 45.74
C VAL P 66 -61.19 16.82 45.52
N ASN P 67 -62.34 17.49 45.58
CA ASN P 67 -63.59 16.76 45.47
C ASN P 67 -63.98 16.51 44.01
N GLY P 68 -64.17 17.57 43.23
CA GLY P 68 -64.69 17.43 41.88
C GLY P 68 -63.70 16.86 40.87
N TYR P 69 -62.59 16.32 41.34
CA TYR P 69 -61.53 15.88 40.46
C TYR P 69 -61.23 14.41 40.69
N PRO P 70 -61.08 13.61 39.63
CA PRO P 70 -60.81 12.19 39.81
C PRO P 70 -59.32 11.92 39.91
N ASN P 71 -58.92 11.23 40.97
CA ASN P 71 -57.52 10.92 41.18
C ASN P 71 -56.97 10.11 40.01
N MET P 72 -55.69 10.32 39.73
CA MET P 72 -55.06 9.80 38.52
C MET P 72 -54.28 8.52 38.76
N PHE P 73 -54.27 7.99 39.98
CA PHE P 73 -53.69 6.69 40.27
C PHE P 73 -54.73 5.86 40.99
N ILE P 74 -54.85 4.61 40.58
CA ILE P 74 -55.87 3.72 41.12
C ILE P 74 -55.20 2.50 41.75
N THR P 75 -55.97 1.80 42.59
CA THR P 75 -55.44 0.71 43.39
C THR P 75 -55.20 -0.54 42.56
N ARG P 76 -55.11 -1.69 43.21
CA ARG P 76 -54.94 -2.94 42.50
C ARG P 76 -56.23 -3.71 42.37
N GLU P 77 -57.29 -3.27 43.03
CA GLU P 77 -58.60 -3.87 42.81
C GLU P 77 -59.34 -3.18 41.68
N GLU P 78 -59.38 -1.85 41.71
CA GLU P 78 -60.11 -1.11 40.69
C GLU P 78 -59.46 -1.29 39.32
N ALA P 79 -58.14 -1.41 39.28
CA ALA P 79 -57.48 -1.65 38.01
C ALA P 79 -57.78 -3.05 37.49
N ILE P 80 -58.13 -3.97 38.39
CA ILE P 80 -58.50 -5.31 37.97
C ILE P 80 -59.91 -5.32 37.42
N ARG P 81 -60.83 -4.62 38.08
CA ARG P 81 -62.19 -4.55 37.57
C ARG P 81 -62.21 -3.94 36.17
N HIS P 82 -61.26 -3.07 35.88
CA HIS P 82 -61.30 -2.27 34.66
C HIS P 82 -60.21 -2.70 33.69
N VAL P 83 -60.10 -4.02 33.51
CA VAL P 83 -59.29 -4.55 32.43
C VAL P 83 -60.10 -4.31 31.16
N ARG P 84 -59.57 -4.74 30.01
CA ARG P 84 -60.04 -4.35 28.68
C ARG P 84 -59.69 -2.91 28.39
N ALA P 85 -59.02 -2.24 29.31
CA ALA P 85 -58.68 -0.84 29.13
C ALA P 85 -57.19 -0.68 29.37
N TRP P 86 -56.52 -1.76 29.78
CA TRP P 86 -55.10 -1.66 30.04
C TRP P 86 -54.33 -1.46 28.74
N ILE P 87 -53.26 -0.69 28.81
CA ILE P 87 -52.42 -0.40 27.66
C ILE P 87 -51.01 -0.12 28.17
N GLY P 88 -50.03 -0.83 27.62
CA GLY P 88 -48.66 -0.59 28.02
C GLY P 88 -48.21 0.81 27.66
N PHE P 89 -47.02 1.16 28.11
CA PHE P 89 -46.48 2.49 27.81
C PHE P 89 -45.02 2.54 28.20
N ASP P 90 -44.19 3.09 27.32
CA ASP P 90 -42.78 3.25 27.64
C ASP P 90 -42.19 4.30 26.72
N VAL P 91 -41.23 5.05 27.25
CA VAL P 91 -40.64 6.18 26.57
C VAL P 91 -39.13 6.05 26.59
N GLU P 92 -38.49 6.45 25.50
CA GLU P 92 -37.04 6.56 25.44
C GLU P 92 -36.67 7.97 25.04
N GLY P 93 -35.78 8.58 25.83
CA GLY P 93 -35.52 9.99 25.76
C GLY P 93 -34.13 10.32 25.20
N CYS P 94 -33.78 11.60 25.28
CA CYS P 94 -32.49 12.08 24.85
C CYS P 94 -32.02 13.14 25.84
N HIS P 95 -30.89 13.78 25.54
CA HIS P 95 -30.27 14.71 26.47
C HIS P 95 -30.09 16.07 25.80
N ALA P 96 -30.19 17.12 26.63
CA ALA P 96 -29.96 18.47 26.15
C ALA P 96 -28.54 19.02 26.06
N THR P 97 -28.20 19.60 24.92
CA THR P 97 -26.80 20.00 24.73
C THR P 97 -25.91 21.23 24.69
N ARG P 98 -26.33 22.26 23.94
CA ARG P 98 -25.40 23.26 23.46
C ARG P 98 -25.89 24.54 24.13
N GLU P 99 -27.16 24.61 24.51
CA GLU P 99 -27.70 25.80 25.13
C GLU P 99 -27.95 25.50 26.58
N ALA P 100 -28.10 24.24 26.96
CA ALA P 100 -28.38 23.87 28.33
C ALA P 100 -28.11 22.39 28.49
N VAL P 101 -27.90 21.97 29.73
CA VAL P 101 -27.55 20.59 30.02
C VAL P 101 -28.29 20.16 31.28
N GLY P 102 -28.60 18.87 31.38
CA GLY P 102 -29.04 18.33 32.64
C GLY P 102 -30.32 17.53 32.66
N THR P 103 -31.10 17.52 31.58
CA THR P 103 -32.43 16.93 31.63
C THR P 103 -32.65 16.04 30.41
N ASN P 104 -33.85 15.49 30.33
CA ASN P 104 -34.23 14.55 29.29
C ASN P 104 -35.36 15.12 28.45
N LEU P 105 -35.35 14.76 27.18
CA LEU P 105 -36.38 15.10 26.22
C LEU P 105 -36.90 13.81 25.60
N PRO P 106 -38.21 13.61 25.56
CA PRO P 106 -38.74 12.39 24.97
C PRO P 106 -38.43 12.34 23.47
N LEU P 107 -38.28 11.11 22.97
CA LEU P 107 -37.87 10.94 21.59
C LEU P 107 -38.65 9.83 20.91
N GLN P 108 -38.87 8.72 21.61
CA GLN P 108 -39.67 7.62 21.09
C GLN P 108 -40.77 7.28 22.08
N LEU P 109 -41.89 6.81 21.55
CA LEU P 109 -43.03 6.44 22.39
C LEU P 109 -43.59 5.11 21.88
N GLY P 110 -43.51 4.07 22.70
CA GLY P 110 -44.10 2.80 22.38
C GLY P 110 -45.44 2.64 23.07
N PHE P 111 -46.13 1.57 22.73
CA PHE P 111 -47.39 1.21 23.35
C PHE P 111 -47.54 -0.29 23.30
N SER P 112 -48.50 -0.82 24.06
CA SER P 112 -48.75 -2.26 23.98
C SER P 112 -49.17 -2.63 22.58
N THR P 113 -49.95 -1.78 21.92
CA THR P 113 -50.15 -1.91 20.49
C THR P 113 -48.82 -1.66 19.78
N GLY P 114 -48.65 -2.29 18.63
CA GLY P 114 -47.35 -2.29 18.00
C GLY P 114 -46.85 -0.96 17.49
N VAL P 115 -47.51 0.15 17.80
CA VAL P 115 -47.15 1.41 17.17
C VAL P 115 -46.01 2.08 17.92
N ASN P 116 -45.12 2.74 17.16
CA ASN P 116 -43.97 3.47 17.68
C ASN P 116 -43.93 4.84 17.01
N LEU P 117 -44.36 5.85 17.76
CA LEU P 117 -44.21 7.21 17.28
C LEU P 117 -42.82 7.74 17.61
N VAL P 118 -42.47 8.86 17.03
CA VAL P 118 -41.18 9.49 17.30
C VAL P 118 -41.31 10.99 17.04
N ALA P 119 -40.87 11.79 18.01
CA ALA P 119 -41.08 13.23 17.98
C ALA P 119 -39.76 13.95 17.73
N VAL P 120 -39.86 15.27 17.59
CA VAL P 120 -38.68 16.12 17.48
C VAL P 120 -38.39 16.67 18.87
N PRO P 121 -37.13 16.87 19.24
CA PRO P 121 -36.84 17.37 20.60
C PRO P 121 -37.30 18.81 20.77
N THR P 122 -38.34 18.99 21.58
CA THR P 122 -38.81 20.31 21.97
C THR P 122 -38.85 20.40 23.49
N GLY P 123 -38.83 21.63 23.97
CA GLY P 123 -38.81 21.88 25.40
C GLY P 123 -39.49 23.18 25.71
N TYR P 124 -39.61 23.47 27.00
CA TYR P 124 -40.35 24.64 27.45
C TYR P 124 -39.36 25.74 27.79
N VAL P 125 -38.90 26.44 26.77
CA VAL P 125 -37.98 27.56 26.93
C VAL P 125 -38.77 28.77 27.36
N ASP P 126 -38.32 29.44 28.41
CA ASP P 126 -38.95 30.66 28.87
C ASP P 126 -38.25 31.88 28.30
N THR P 127 -38.95 32.99 28.29
CA THR P 127 -38.49 34.18 27.59
C THR P 127 -38.88 35.40 28.41
N PRO P 128 -38.25 36.55 28.15
CA PRO P 128 -38.65 37.77 28.87
C PRO P 128 -40.13 38.08 28.73
N ASN P 129 -40.76 37.72 27.61
CA ASN P 129 -42.19 37.92 27.48
C ASN P 129 -42.98 36.89 28.27
N ASN P 130 -42.78 35.61 27.96
CA ASN P 130 -43.53 34.54 28.61
C ASN P 130 -42.80 33.22 28.45
N THR P 131 -43.45 32.11 28.81
CA THR P 131 -42.90 30.82 28.47
C THR P 131 -43.20 30.51 27.00
N ASP P 132 -42.45 29.56 26.46
CA ASP P 132 -42.55 29.30 25.02
C ASP P 132 -42.21 27.84 24.75
N PHE P 133 -43.06 27.18 23.95
CA PHE P 133 -42.86 25.79 23.57
C PHE P 133 -42.16 25.77 22.22
N SER P 134 -40.85 25.51 22.22
CA SER P 134 -40.08 25.67 21.00
C SER P 134 -39.08 24.53 20.86
N ARG P 135 -38.45 24.49 19.69
CA ARG P 135 -37.46 23.47 19.39
C ARG P 135 -36.22 23.65 20.24
N VAL P 136 -35.51 22.55 20.50
CA VAL P 136 -34.27 22.56 21.24
C VAL P 136 -33.31 21.58 20.57
N SER P 137 -32.01 21.84 20.67
CA SER P 137 -31.02 20.91 20.14
C SER P 137 -30.62 19.90 21.19
N ALA P 138 -30.31 18.68 20.74
CA ALA P 138 -30.10 17.56 21.64
C ALA P 138 -29.16 16.56 20.99
N LYS P 139 -28.94 15.44 21.69
CA LYS P 139 -28.07 14.38 21.23
C LYS P 139 -28.43 13.11 21.98
N PRO P 140 -28.21 11.93 21.40
CA PRO P 140 -28.68 10.71 22.04
C PRO P 140 -27.91 10.42 23.31
N PRO P 141 -28.34 9.45 24.11
CA PRO P 141 -27.58 9.07 25.29
C PRO P 141 -26.32 8.31 24.90
N PRO P 142 -25.25 8.44 25.68
CA PRO P 142 -23.98 7.83 25.29
C PRO P 142 -23.91 6.32 25.51
N GLY P 143 -24.94 5.71 26.10
CA GLY P 143 -24.97 4.27 26.24
C GLY P 143 -24.89 3.58 24.89
N ASP P 144 -24.01 2.58 24.78
CA ASP P 144 -23.76 1.97 23.47
C ASP P 144 -25.02 1.35 22.88
N GLN P 145 -25.81 0.68 23.71
CA GLN P 145 -27.04 0.08 23.22
C GLN P 145 -28.04 1.12 22.72
N PHE P 146 -27.79 2.39 23.02
CA PHE P 146 -28.61 3.47 22.51
C PHE P 146 -28.13 4.00 21.17
N LYS P 147 -27.14 3.36 20.54
CA LYS P 147 -26.70 3.81 19.24
C LYS P 147 -27.76 3.56 18.18
N HIS P 148 -28.67 2.64 18.42
CA HIS P 148 -29.76 2.42 17.47
C HIS P 148 -30.78 3.53 17.46
N LEU P 149 -30.46 4.64 18.11
CA LEU P 149 -31.30 5.83 18.09
C LEU P 149 -30.73 6.94 17.25
N ILE P 150 -29.45 6.87 16.88
CA ILE P 150 -28.83 7.95 16.11
C ILE P 150 -29.61 8.30 14.85
N PRO P 151 -30.12 7.35 14.07
CA PRO P 151 -30.96 7.75 12.93
C PRO P 151 -32.19 8.52 13.33
N LEU P 152 -32.75 8.25 14.50
CA LEU P 152 -34.02 8.86 14.87
C LEU P 152 -33.90 10.34 15.19
N MET P 153 -32.70 10.89 15.24
CA MET P 153 -32.61 12.32 15.49
C MET P 153 -32.88 13.14 14.25
N TYR P 154 -33.26 12.51 13.14
CA TYR P 154 -33.58 13.24 11.92
C TYR P 154 -34.93 12.84 11.35
N LYS P 155 -35.78 12.20 12.15
CA LYS P 155 -37.18 12.03 11.81
C LYS P 155 -37.97 13.09 12.56
N GLY P 156 -39.23 13.26 12.20
CA GLY P 156 -40.09 14.20 12.89
C GLY P 156 -40.42 13.73 14.29
N LEU P 157 -41.60 14.11 14.77
CA LEU P 157 -42.54 14.93 14.04
C LEU P 157 -42.89 16.11 14.93
N PRO P 158 -43.42 17.19 14.36
CA PRO P 158 -43.97 18.24 15.20
C PRO P 158 -45.05 17.67 16.11
N TRP P 159 -45.04 18.10 17.37
CA TRP P 159 -45.89 17.46 18.37
C TRP P 159 -47.36 17.59 18.04
N ASN P 160 -47.72 18.60 17.24
CA ASN P 160 -49.13 18.83 16.93
C ASN P 160 -49.66 17.79 15.96
N VAL P 161 -48.77 17.02 15.34
CA VAL P 161 -49.20 15.85 14.59
C VAL P 161 -49.16 14.62 15.47
N VAL P 162 -48.14 14.52 16.31
CA VAL P 162 -47.94 13.33 17.11
C VAL P 162 -49.11 13.10 18.04
N ARG P 163 -49.57 14.15 18.72
CA ARG P 163 -50.63 13.94 19.71
C ARG P 163 -51.96 13.61 19.03
N ILE P 164 -52.19 14.13 17.83
CA ILE P 164 -53.38 13.75 17.08
C ILE P 164 -53.31 12.28 16.70
N LYS P 165 -52.13 11.83 16.26
CA LYS P 165 -51.97 10.41 15.96
C LYS P 165 -52.26 9.57 17.18
N ILE P 166 -51.78 9.99 18.35
CA ILE P 166 -52.04 9.23 19.57
C ILE P 166 -53.52 9.15 19.86
N VAL P 167 -54.21 10.28 19.75
CA VAL P 167 -55.65 10.28 20.04
C VAL P 167 -56.37 9.32 19.11
N GLN P 168 -56.06 9.36 17.82
CA GLN P 168 -56.74 8.47 16.91
C GLN P 168 -56.40 7.01 17.14
N MET P 169 -55.14 6.71 17.49
CA MET P 169 -54.77 5.33 17.78
C MET P 169 -55.56 4.79 18.95
N LEU P 170 -55.53 5.51 20.08
CA LEU P 170 -56.28 5.06 21.25
C LEU P 170 -57.76 4.94 20.94
N SER P 171 -58.29 5.89 20.17
CA SER P 171 -59.71 5.86 19.84
C SER P 171 -60.07 4.59 19.11
N ASP P 172 -59.42 4.33 17.98
CA ASP P 172 -59.81 3.15 17.23
C ASP P 172 -59.33 1.86 17.84
N THR P 173 -58.54 1.92 18.92
CA THR P 173 -58.22 0.70 19.66
C THR P 173 -59.24 0.38 20.75
N LEU P 174 -59.75 1.39 21.44
CA LEU P 174 -60.60 1.15 22.60
C LEU P 174 -62.05 1.56 22.42
N LYS P 175 -62.50 1.82 21.19
CA LYS P 175 -63.84 2.36 21.05
C LYS P 175 -64.91 1.32 21.28
N ASN P 176 -64.56 0.04 21.12
CA ASN P 176 -65.54 -1.03 21.26
C ASN P 176 -65.34 -1.88 22.50
N LEU P 177 -64.28 -1.61 23.28
CA LEU P 177 -64.10 -2.30 24.54
C LEU P 177 -64.37 -1.72 25.92
N SER P 178 -63.85 -0.51 26.16
CA SER P 178 -63.95 0.08 27.48
C SER P 178 -64.27 1.53 27.10
N ASP P 179 -64.61 2.34 28.10
CA ASP P 179 -64.90 3.75 27.88
C ASP P 179 -63.83 4.65 28.49
N ARG P 180 -62.72 4.08 28.93
CA ARG P 180 -61.64 4.85 29.55
C ARG P 180 -60.33 4.17 29.21
N VAL P 181 -59.27 4.54 29.92
CA VAL P 181 -57.95 4.02 29.61
C VAL P 181 -57.09 4.08 30.87
N VAL P 182 -56.36 3.00 31.14
CA VAL P 182 -55.33 3.01 32.16
C VAL P 182 -54.01 2.74 31.44
N PHE P 183 -52.91 3.09 32.08
CA PHE P 183 -51.61 3.05 31.45
C PHE P 183 -50.68 2.20 32.29
N VAL P 184 -50.71 0.88 32.10
CA VAL P 184 -49.79 0.03 32.84
C VAL P 184 -48.37 0.44 32.50
N LEU P 185 -47.63 0.87 33.52
CA LEU P 185 -46.38 1.56 33.25
C LEU P 185 -45.39 1.27 34.37
N TRP P 186 -44.10 1.33 34.02
CA TRP P 186 -43.05 0.78 34.87
C TRP P 186 -42.26 1.86 35.59
N ALA P 187 -41.43 2.60 34.86
CA ALA P 187 -40.61 3.65 35.46
C ALA P 187 -41.40 4.95 35.61
N HIS P 188 -42.25 5.01 36.64
CA HIS P 188 -43.15 6.11 36.94
C HIS P 188 -42.68 7.50 36.50
N GLY P 189 -41.47 7.87 36.88
CA GLY P 189 -41.07 9.28 36.79
C GLY P 189 -41.01 9.81 35.37
N PHE P 190 -40.27 9.12 34.49
CA PHE P 190 -40.08 9.65 33.15
C PHE P 190 -41.37 9.65 32.35
N GLU P 191 -42.19 8.62 32.51
CA GLU P 191 -43.43 8.59 31.75
C GLU P 191 -44.42 9.63 32.27
N LEU P 192 -44.43 9.86 33.58
CA LEU P 192 -45.24 10.95 34.10
C LEU P 192 -44.73 12.30 33.59
N THR P 193 -43.44 12.42 33.35
CA THR P 193 -42.92 13.62 32.69
C THR P 193 -43.45 13.73 31.27
N SER P 194 -43.41 12.62 30.53
CA SER P 194 -43.78 12.65 29.13
C SER P 194 -45.26 12.93 28.94
N MET P 195 -46.11 12.47 29.86
CA MET P 195 -47.54 12.70 29.70
C MET P 195 -47.90 14.17 29.73
N LYS P 196 -46.95 15.03 30.13
CA LYS P 196 -47.20 16.46 30.06
C LYS P 196 -47.54 16.89 28.65
N TYR P 197 -46.96 16.23 27.66
CA TYR P 197 -47.07 16.70 26.29
C TYR P 197 -48.42 16.43 25.66
N PHE P 198 -49.29 15.65 26.29
CA PHE P 198 -50.56 15.33 25.65
C PHE P 198 -51.68 14.94 26.60
N VAL P 199 -51.63 15.35 27.85
CA VAL P 199 -52.69 15.01 28.81
C VAL P 199 -53.20 16.29 29.45
N LYS P 200 -54.48 16.30 29.83
CA LYS P 200 -55.09 17.47 30.44
C LYS P 200 -56.13 17.06 31.46
N ILE P 201 -55.76 17.07 32.73
CA ILE P 201 -56.64 16.70 33.82
C ILE P 201 -57.75 17.73 33.96
N GLY P 202 -58.88 17.31 34.54
CA GLY P 202 -60.00 18.19 34.78
C GLY P 202 -61.15 17.46 35.45
N PRO P 203 -62.24 18.16 35.74
CA PRO P 203 -63.39 17.51 36.35
C PRO P 203 -64.05 16.55 35.36
N GLU P 204 -64.98 15.77 35.88
CA GLU P 204 -65.68 14.81 35.03
C GLU P 204 -66.70 15.52 34.15
N ARG P 205 -66.82 15.04 32.92
CA ARG P 205 -67.75 15.62 31.96
C ARG P 205 -68.51 14.50 31.26
N THR P 206 -69.48 14.89 30.45
CA THR P 206 -70.12 14.00 29.49
C THR P 206 -69.94 14.64 28.13
N CYS P 207 -69.48 13.85 27.17
CA CYS P 207 -69.00 14.44 25.93
C CYS P 207 -70.15 15.04 25.15
N CYS P 208 -69.81 15.97 24.27
CA CYS P 208 -70.83 16.68 23.52
C CYS P 208 -72.09 16.72 22.65
N LEU P 209 -72.05 15.93 21.57
CA LEU P 209 -73.17 15.67 20.69
C LEU P 209 -73.74 14.28 20.98
N CYS P 210 -73.16 13.53 21.91
CA CYS P 210 -73.80 12.33 22.43
C CYS P 210 -73.76 12.37 23.96
N ASP P 211 -73.84 11.19 24.58
CA ASP P 211 -74.11 11.16 26.02
C ASP P 211 -73.08 10.41 26.84
N ARG P 212 -72.17 9.66 26.24
CA ARG P 212 -71.25 8.85 27.02
C ARG P 212 -70.17 9.70 27.69
N ARG P 213 -69.29 9.06 28.47
CA ARG P 213 -68.24 9.77 29.18
C ARG P 213 -67.32 10.48 28.19
N ALA P 214 -66.77 11.61 28.61
CA ALA P 214 -65.87 12.38 27.75
C ALA P 214 -64.42 11.99 28.01
N THR P 215 -63.72 11.63 26.95
CA THR P 215 -62.37 11.12 27.10
C THR P 215 -61.34 11.93 26.32
N CYS P 216 -61.75 12.53 25.21
CA CYS P 216 -60.85 13.36 24.43
C CYS P 216 -61.25 14.81 24.57
N PHE P 217 -60.26 15.70 24.50
CA PHE P 217 -60.49 17.12 24.65
C PHE P 217 -59.80 17.86 23.52
N SER P 218 -60.57 18.68 22.81
CA SER P 218 -60.06 19.50 21.73
C SER P 218 -59.56 20.80 22.32
N THR P 219 -58.56 21.40 21.70
CA THR P 219 -58.02 22.65 22.21
C THR P 219 -58.42 23.84 21.36
N ALA P 220 -58.67 23.64 20.06
CA ALA P 220 -59.16 24.71 19.22
C ALA P 220 -60.50 25.21 19.74
N SER P 221 -61.55 24.42 19.52
CA SER P 221 -62.86 24.72 20.05
C SER P 221 -63.07 23.86 21.29
N ASP P 222 -62.95 24.48 22.46
CA ASP P 222 -62.98 23.75 23.71
C ASP P 222 -64.24 22.90 23.57
N THR P 223 -64.11 21.60 23.79
CA THR P 223 -65.22 20.68 23.66
C THR P 223 -64.70 19.35 24.20
N TYR P 224 -65.54 18.33 24.12
CA TYR P 224 -65.13 17.00 24.57
C TYR P 224 -65.87 15.96 23.75
N ALA P 225 -65.21 14.82 23.53
CA ALA P 225 -65.80 13.73 22.76
C ALA P 225 -65.57 12.42 23.48
N CYS P 226 -66.42 11.44 23.19
CA CYS P 226 -66.15 10.09 23.65
C CYS P 226 -65.06 9.47 22.79
N TRP P 227 -64.98 8.14 22.83
CA TRP P 227 -64.00 7.46 22.00
C TRP P 227 -64.44 7.45 20.54
N HIS P 228 -65.74 7.37 20.31
CA HIS P 228 -66.26 7.28 18.96
C HIS P 228 -66.10 8.58 18.21
N HIS P 229 -66.99 9.52 18.37
CA HIS P 229 -66.95 10.71 17.54
C HIS P 229 -65.93 11.73 17.94
N SER P 230 -64.69 11.36 17.94
CA SER P 230 -63.57 12.19 18.37
C SER P 230 -62.57 12.31 17.24
N ILE P 231 -62.93 13.07 16.21
CA ILE P 231 -62.03 13.34 15.10
C ILE P 231 -61.59 14.78 15.19
N GLY P 232 -60.28 14.99 15.12
CA GLY P 232 -59.71 16.32 15.24
C GLY P 232 -59.45 16.77 16.66
N PHE P 233 -59.61 15.88 17.65
CA PHE P 233 -59.32 16.26 19.02
C PHE P 233 -57.94 15.76 19.40
N ASP P 234 -57.24 16.53 20.23
CA ASP P 234 -55.81 16.33 20.35
C ASP P 234 -55.30 16.40 21.78
N TYR P 235 -56.09 15.99 22.76
CA TYR P 235 -55.58 15.91 24.13
C TYR P 235 -56.37 14.86 24.88
N VAL P 236 -55.69 13.84 25.37
CA VAL P 236 -56.34 12.83 26.18
C VAL P 236 -56.80 13.47 27.48
N TYR P 237 -58.09 13.42 27.75
CA TYR P 237 -58.66 14.29 28.77
C TYR P 237 -58.61 13.71 30.17
N ASN P 238 -58.69 12.42 30.34
CA ASN P 238 -58.66 11.95 31.71
C ASN P 238 -58.16 10.52 31.79
N PRO P 239 -56.88 10.30 31.62
CA PRO P 239 -56.37 8.94 31.71
C PRO P 239 -56.31 8.48 33.15
N PHE P 240 -56.09 7.19 33.36
CA PHE P 240 -55.76 6.67 34.66
C PHE P 240 -54.38 6.07 34.53
N MET P 241 -53.89 5.43 35.57
CA MET P 241 -52.65 4.66 35.42
C MET P 241 -52.40 3.79 36.64
N ILE P 242 -51.31 3.02 36.59
CA ILE P 242 -50.93 2.15 37.68
C ILE P 242 -49.51 1.68 37.45
N ASP P 243 -48.64 1.92 38.42
CA ASP P 243 -47.26 1.46 38.35
C ASP P 243 -47.18 0.06 38.94
N VAL P 244 -46.40 -0.81 38.30
CA VAL P 244 -46.29 -2.18 38.79
C VAL P 244 -45.07 -2.32 39.69
N GLN P 245 -44.07 -1.47 39.51
CA GLN P 245 -42.92 -1.50 40.40
C GLN P 245 -43.31 -1.25 41.85
N GLN P 246 -44.43 -0.56 42.08
CA GLN P 246 -44.92 -0.39 43.44
C GLN P 246 -45.40 -1.70 44.06
N TRP P 247 -45.41 -2.79 43.32
CA TRP P 247 -45.95 -4.05 43.83
C TRP P 247 -44.86 -5.00 44.28
N GLY P 248 -43.71 -4.48 44.69
CA GLY P 248 -42.64 -5.33 45.15
C GLY P 248 -41.67 -6.08 44.27
N PHE P 249 -41.14 -5.40 43.26
CA PHE P 249 -40.14 -5.97 42.39
C PHE P 249 -38.73 -5.43 42.51
N THR P 250 -37.76 -6.29 42.22
CA THR P 250 -36.35 -5.94 42.42
C THR P 250 -35.44 -5.41 41.33
N GLY P 251 -35.32 -6.15 40.23
CA GLY P 251 -34.35 -5.84 39.21
C GLY P 251 -35.17 -5.43 38.01
N ASN P 252 -34.48 -4.95 36.98
CA ASN P 252 -35.14 -4.54 35.74
C ASN P 252 -36.23 -5.51 35.30
N LEU P 253 -37.22 -4.98 34.58
CA LEU P 253 -38.37 -5.78 34.19
C LEU P 253 -38.01 -6.88 33.20
N GLN P 254 -36.83 -6.81 32.58
CA GLN P 254 -36.40 -7.91 31.73
C GLN P 254 -36.35 -9.21 32.50
N SER P 255 -35.50 -9.27 33.53
CA SER P 255 -35.36 -10.47 34.34
C SER P 255 -36.69 -10.91 34.92
N ASN P 256 -37.48 -9.94 35.39
CA ASN P 256 -38.78 -10.31 35.96
C ASN P 256 -39.72 -10.87 34.91
N HIS P 257 -39.56 -10.46 33.65
CA HIS P 257 -40.39 -11.02 32.60
C HIS P 257 -39.96 -12.44 32.26
N ASP P 258 -38.64 -12.68 32.24
CA ASP P 258 -38.14 -14.00 31.88
C ASP P 258 -38.52 -15.06 32.89
N LEU P 259 -39.14 -14.68 34.01
CA LEU P 259 -39.56 -15.66 34.99
C LEU P 259 -40.67 -16.55 34.44
N TYR P 260 -41.45 -16.03 33.50
CA TYR P 260 -42.61 -16.76 32.99
C TYR P 260 -42.65 -16.77 31.47
N CYS P 261 -42.69 -15.59 30.86
CA CYS P 261 -42.95 -15.48 29.43
C CYS P 261 -41.64 -15.50 28.66
N GLN P 262 -41.43 -16.54 27.86
CA GLN P 262 -40.35 -16.57 26.89
C GLN P 262 -40.80 -16.15 25.51
N VAL P 263 -42.08 -15.90 25.31
CA VAL P 263 -42.59 -15.57 23.98
C VAL P 263 -42.06 -14.22 23.54
N HIS P 264 -42.49 -13.15 24.20
CA HIS P 264 -42.07 -11.82 23.78
C HIS P 264 -40.64 -11.56 24.18
N GLY P 265 -39.70 -12.03 23.37
CA GLY P 265 -38.32 -11.62 23.54
C GLY P 265 -38.15 -10.14 23.32
N ASN P 266 -36.96 -9.65 23.63
CA ASN P 266 -36.67 -8.23 23.59
C ASN P 266 -35.84 -7.90 22.36
N ALA P 267 -36.33 -6.96 21.57
CA ALA P 267 -35.50 -6.33 20.54
C ALA P 267 -35.23 -5.06 21.33
N HIS P 268 -34.55 -4.09 20.71
CA HIS P 268 -34.53 -2.72 21.23
C HIS P 268 -35.41 -1.62 20.63
N VAL P 269 -36.60 -1.49 21.21
CA VAL P 269 -37.61 -0.54 20.74
C VAL P 269 -38.64 -0.43 21.84
N ALA P 270 -39.25 0.74 21.97
CA ALA P 270 -40.12 0.99 23.12
C ALA P 270 -41.28 0.02 23.17
N SER P 271 -41.78 -0.39 22.01
CA SER P 271 -42.98 -1.22 21.98
C SER P 271 -42.80 -2.52 22.74
N CYS P 272 -41.65 -3.19 22.57
CA CYS P 272 -41.47 -4.47 23.24
C CYS P 272 -41.43 -4.28 24.75
N ASP P 273 -40.88 -3.16 25.22
CA ASP P 273 -40.90 -2.87 26.66
C ASP P 273 -42.33 -2.69 27.14
N ALA P 274 -43.13 -1.96 26.39
CA ALA P 274 -44.52 -1.78 26.79
C ALA P 274 -45.24 -3.12 26.88
N ILE P 275 -45.00 -4.01 25.91
CA ILE P 275 -45.69 -5.29 25.92
C ILE P 275 -45.21 -6.15 27.08
N MET P 276 -43.91 -6.11 27.37
CA MET P 276 -43.41 -6.85 28.52
C MET P 276 -44.06 -6.37 29.80
N THR P 277 -44.19 -5.05 29.96
CA THR P 277 -44.84 -4.50 31.14
C THR P 277 -46.26 -5.02 31.28
N ARG P 278 -47.04 -4.89 30.21
CA ARG P 278 -48.43 -5.33 30.28
C ARG P 278 -48.52 -6.82 30.59
N CYS P 279 -47.69 -7.63 29.92
CA CYS P 279 -47.69 -9.07 30.15
C CYS P 279 -47.38 -9.39 31.61
N LEU P 280 -46.40 -8.71 32.19
CA LEU P 280 -46.04 -8.99 33.58
C LEU P 280 -47.16 -8.62 34.53
N ALA P 281 -47.83 -7.48 34.29
CA ALA P 281 -48.95 -7.10 35.13
C ALA P 281 -50.06 -8.14 35.04
N VAL P 282 -50.37 -8.61 33.83
CA VAL P 282 -51.38 -9.65 33.67
C VAL P 282 -50.97 -10.89 34.43
N HIS P 283 -49.70 -11.26 34.37
CA HIS P 283 -49.27 -12.46 35.06
C HIS P 283 -49.50 -12.36 36.55
N GLU P 284 -49.04 -11.26 37.15
CA GLU P 284 -49.23 -11.09 38.58
C GLU P 284 -50.69 -11.12 38.97
N CYS P 285 -51.54 -10.35 38.29
CA CYS P 285 -52.91 -10.23 38.75
C CYS P 285 -53.81 -11.40 38.35
N PHE P 286 -53.45 -12.19 37.35
CA PHE P 286 -54.47 -13.06 36.77
C PHE P 286 -54.07 -14.52 36.63
N VAL P 287 -52.78 -14.82 36.53
CA VAL P 287 -52.35 -16.22 36.41
C VAL P 287 -52.86 -17.06 37.57
N LYS P 288 -53.11 -16.42 38.71
CA LYS P 288 -53.67 -17.11 39.88
C LYS P 288 -55.01 -17.75 39.55
N ARG P 289 -55.61 -18.44 40.51
CA ARG P 289 -56.87 -19.10 40.28
C ARG P 289 -57.97 -18.08 40.00
N VAL P 290 -58.99 -18.52 39.26
CA VAL P 290 -60.04 -17.63 38.79
C VAL P 290 -60.81 -17.07 39.99
N ASP P 291 -61.37 -15.88 39.82
CA ASP P 291 -62.25 -15.26 40.80
C ASP P 291 -63.66 -15.16 40.25
N TRP P 292 -64.64 -15.51 41.07
CA TRP P 292 -66.03 -15.54 40.64
C TRP P 292 -66.85 -14.37 41.13
N THR P 293 -66.33 -13.57 42.06
CA THR P 293 -67.12 -12.45 42.57
C THR P 293 -67.20 -11.31 41.58
N ILE P 294 -66.20 -11.17 40.71
CA ILE P 294 -66.08 -10.04 39.81
C ILE P 294 -66.80 -10.36 38.51
N GLU P 295 -67.65 -9.46 38.07
CA GLU P 295 -68.36 -9.57 36.80
C GLU P 295 -67.82 -8.52 35.84
N TYR P 296 -68.46 -8.44 34.67
CA TYR P 296 -68.05 -7.51 33.64
C TYR P 296 -69.31 -7.15 32.85
N PRO P 297 -69.32 -6.01 32.16
CA PRO P 297 -70.47 -5.69 31.32
C PRO P 297 -70.56 -6.63 30.14
N ILE P 298 -71.61 -6.46 29.34
CA ILE P 298 -71.92 -7.38 28.25
C ILE P 298 -71.85 -6.58 26.96
N ILE P 299 -70.63 -6.47 26.41
CA ILE P 299 -70.42 -5.93 25.07
C ILE P 299 -69.27 -6.69 24.41
N GLY P 300 -69.60 -7.56 23.46
CA GLY P 300 -70.97 -7.79 23.05
C GLY P 300 -71.21 -9.16 22.44
N ASP P 301 -72.47 -9.58 22.44
CA ASP P 301 -72.88 -10.87 21.88
C ASP P 301 -72.21 -12.02 22.62
N GLU P 302 -72.49 -12.15 23.92
CA GLU P 302 -71.90 -13.24 24.68
C GLU P 302 -72.94 -14.21 25.21
N LEU P 303 -74.12 -13.72 25.58
CA LEU P 303 -75.17 -14.59 26.08
C LEU P 303 -75.49 -15.69 25.08
N LYS P 304 -75.40 -15.39 23.78
CA LYS P 304 -75.64 -16.42 22.79
C LYS P 304 -74.53 -17.46 22.81
N ILE P 305 -73.29 -17.04 23.05
CA ILE P 305 -72.21 -18.02 23.14
C ILE P 305 -72.42 -18.91 24.36
N ASN P 306 -72.93 -18.34 25.45
CA ASN P 306 -73.19 -19.18 26.62
C ASN P 306 -74.31 -20.18 26.36
N ALA P 307 -75.41 -19.71 25.78
CA ALA P 307 -76.50 -20.62 25.46
C ALA P 307 -76.04 -21.73 24.51
N ALA P 308 -75.23 -21.36 23.52
CA ALA P 308 -74.72 -22.34 22.58
C ALA P 308 -73.87 -23.38 23.26
N CYS P 309 -72.92 -22.95 24.11
CA CYS P 309 -72.08 -23.90 24.81
C CYS P 309 -72.90 -24.82 25.69
N ARG P 310 -73.96 -24.29 26.32
CA ARG P 310 -74.83 -25.11 27.15
C ARG P 310 -75.51 -26.20 26.34
N LYS P 311 -76.20 -25.81 25.27
CA LYS P 311 -76.89 -26.79 24.43
C LYS P 311 -75.93 -27.84 23.90
N VAL P 312 -74.75 -27.41 23.44
CA VAL P 312 -73.80 -28.35 22.87
C VAL P 312 -73.33 -29.34 23.92
N GLN P 313 -72.96 -28.84 25.10
CA GLN P 313 -72.56 -29.74 26.19
C GLN P 313 -73.63 -30.78 26.46
N HIS P 314 -74.86 -30.31 26.66
CA HIS P 314 -75.99 -31.22 26.92
C HIS P 314 -76.04 -32.31 25.87
N MET P 315 -76.07 -31.92 24.59
CA MET P 315 -76.29 -32.88 23.53
C MET P 315 -75.14 -33.87 23.43
N VAL P 316 -73.90 -33.40 23.54
CA VAL P 316 -72.78 -34.29 23.31
C VAL P 316 -72.64 -35.28 24.45
N VAL P 317 -72.91 -34.84 25.68
CA VAL P 317 -72.74 -35.80 26.78
C VAL P 317 -73.89 -36.80 26.79
N LYS P 318 -75.11 -36.34 26.51
CA LYS P 318 -76.22 -37.28 26.36
C LYS P 318 -75.95 -38.27 25.24
N ALA P 319 -75.29 -37.80 24.18
CA ALA P 319 -74.98 -38.68 23.06
C ALA P 319 -74.00 -39.77 23.47
N ALA P 320 -72.89 -39.38 24.10
CA ALA P 320 -71.91 -40.39 24.48
C ALA P 320 -72.51 -41.40 25.45
N LEU P 321 -73.38 -40.94 26.35
CA LEU P 321 -73.92 -41.85 27.37
C LEU P 321 -74.98 -42.77 26.79
N LEU P 322 -75.83 -42.26 25.88
CA LEU P 322 -76.76 -43.13 25.20
C LEU P 322 -76.08 -43.93 24.11
N ALA P 323 -74.80 -43.66 23.88
CA ALA P 323 -74.01 -44.47 22.95
C ALA P 323 -73.45 -45.70 23.64
N ASP P 324 -72.43 -45.53 24.46
CA ASP P 324 -71.67 -46.71 24.89
C ASP P 324 -72.05 -47.20 26.29
N LYS P 325 -72.85 -46.44 27.04
CA LYS P 325 -73.31 -46.82 28.37
C LYS P 325 -72.12 -47.22 29.26
N PHE P 326 -71.25 -46.24 29.45
CA PHE P 326 -70.10 -46.42 30.31
C PHE P 326 -70.54 -46.63 31.76
N PRO P 327 -69.72 -47.29 32.57
CA PRO P 327 -70.14 -47.52 33.97
C PRO P 327 -70.04 -46.28 34.84
N VAL P 328 -68.93 -45.57 34.77
CA VAL P 328 -68.59 -44.51 35.73
C VAL P 328 -68.16 -43.26 34.97
N LEU P 329 -68.62 -42.10 35.45
CA LEU P 329 -68.32 -40.82 34.83
C LEU P 329 -67.49 -39.99 35.81
N HIS P 330 -66.21 -39.80 35.48
CA HIS P 330 -65.29 -39.05 36.33
C HIS P 330 -65.40 -37.56 35.96
N ASP P 331 -66.41 -36.91 36.52
CA ASP P 331 -66.68 -35.52 36.18
C ASP P 331 -65.59 -34.63 36.77
N ILE P 332 -64.38 -34.72 36.22
CA ILE P 332 -63.24 -33.95 36.71
C ILE P 332 -63.44 -32.50 36.31
N GLY P 333 -62.93 -31.59 37.16
CA GLY P 333 -62.89 -30.19 36.82
C GLY P 333 -64.08 -29.37 37.25
N ASN P 334 -65.08 -29.98 37.89
CA ASN P 334 -66.29 -29.27 38.26
C ASN P 334 -66.13 -28.70 39.66
N PRO P 335 -66.30 -27.40 39.87
CA PRO P 335 -66.32 -26.89 41.25
C PRO P 335 -67.69 -27.00 41.89
N LYS P 336 -68.75 -26.76 41.14
CA LYS P 336 -70.12 -26.82 41.66
C LYS P 336 -70.77 -28.11 41.20
N ALA P 337 -70.96 -29.04 42.13
CA ALA P 337 -71.37 -30.39 41.78
C ALA P 337 -72.76 -30.41 41.17
N ILE P 338 -72.86 -30.01 39.90
CA ILE P 338 -74.13 -30.04 39.20
C ILE P 338 -74.04 -31.04 38.05
N LYS P 339 -75.21 -31.54 37.62
CA LYS P 339 -75.29 -32.54 36.58
C LYS P 339 -75.50 -31.84 35.24
N CYS P 340 -74.73 -32.24 34.23
CA CYS P 340 -74.94 -31.74 32.88
C CYS P 340 -76.24 -32.31 32.33
N VAL P 341 -76.19 -33.56 31.89
CA VAL P 341 -77.46 -34.29 31.69
C VAL P 341 -77.99 -34.74 33.05
N PRO P 342 -79.23 -34.46 33.37
CA PRO P 342 -79.73 -34.80 34.71
C PRO P 342 -79.83 -36.30 34.96
N GLN P 343 -80.60 -37.02 34.15
CA GLN P 343 -80.95 -38.40 34.43
C GLN P 343 -79.98 -39.33 33.70
N ALA P 344 -79.07 -39.94 34.47
CA ALA P 344 -78.13 -40.90 33.90
C ALA P 344 -77.72 -41.86 35.00
N ASP P 345 -77.93 -43.15 34.77
CA ASP P 345 -77.61 -44.16 35.77
C ASP P 345 -76.10 -44.34 35.97
N VAL P 346 -75.28 -43.65 35.18
CA VAL P 346 -73.84 -43.79 35.30
C VAL P 346 -73.40 -43.34 36.69
N GLU P 347 -72.32 -43.95 37.17
CA GLU P 347 -71.65 -43.43 38.36
C GLU P 347 -71.28 -41.98 38.12
N TRP P 348 -71.39 -41.17 39.17
CA TRP P 348 -71.16 -39.72 39.07
C TRP P 348 -70.10 -39.32 40.10
N LYS P 349 -68.84 -39.63 39.79
CA LYS P 349 -67.73 -39.19 40.62
C LYS P 349 -67.59 -37.68 40.51
N PHE P 350 -66.55 -37.15 41.16
CA PHE P 350 -66.35 -35.70 41.19
C PHE P 350 -64.95 -35.40 41.67
N TYR P 351 -64.24 -34.54 40.94
CA TYR P 351 -62.88 -34.19 41.30
C TYR P 351 -62.61 -32.74 40.93
N ASP P 352 -61.93 -32.02 41.83
CA ASP P 352 -61.56 -30.63 41.58
C ASP P 352 -60.51 -30.18 42.59
N ALA P 353 -59.46 -29.52 42.12
CA ALA P 353 -58.36 -29.11 42.99
C ALA P 353 -58.78 -28.03 43.99
N GLN P 354 -60.02 -27.56 43.88
CA GLN P 354 -60.59 -26.60 44.83
C GLN P 354 -62.03 -27.00 45.09
N PRO P 355 -62.26 -27.85 46.11
CA PRO P 355 -63.63 -28.23 46.43
C PRO P 355 -64.27 -27.20 47.34
N CYS P 356 -65.56 -26.96 47.12
CA CYS P 356 -66.29 -26.02 47.96
C CYS P 356 -66.45 -26.60 49.36
N SER P 357 -67.07 -25.82 50.24
CA SER P 357 -67.34 -26.29 51.60
C SER P 357 -68.16 -27.57 51.55
N ASP P 358 -69.43 -27.46 51.17
CA ASP P 358 -70.16 -28.64 50.76
C ASP P 358 -69.72 -29.04 49.36
N LYS P 359 -70.21 -30.21 48.91
CA LYS P 359 -69.75 -30.88 47.70
C LYS P 359 -68.30 -31.35 47.84
N ALA P 360 -67.60 -30.92 48.89
CA ALA P 360 -66.27 -31.46 49.17
C ALA P 360 -66.35 -32.95 49.43
N TYR P 361 -67.30 -33.36 50.27
CA TYR P 361 -67.59 -34.78 50.44
C TYR P 361 -68.05 -35.45 49.15
N LYS P 362 -68.49 -34.65 48.17
CA LYS P 362 -68.71 -35.20 46.85
C LYS P 362 -67.40 -35.01 46.11
N ILE P 363 -67.15 -33.78 45.65
CA ILE P 363 -66.00 -33.47 44.81
C ILE P 363 -64.76 -33.54 45.70
N GLU P 364 -64.04 -34.65 45.60
CA GLU P 364 -62.75 -34.75 46.27
C GLU P 364 -61.76 -33.78 45.66
N GLU P 365 -60.92 -33.20 46.51
CA GLU P 365 -59.91 -32.25 46.07
C GLU P 365 -58.90 -32.98 45.18
N LEU P 366 -58.95 -32.73 43.87
CA LEU P 366 -57.99 -33.33 42.95
C LEU P 366 -57.52 -32.33 41.92
N PHE P 367 -56.20 -32.21 41.78
CA PHE P 367 -55.58 -31.61 40.61
C PHE P 367 -55.11 -32.75 39.72
N TYR P 368 -55.42 -32.68 38.43
CA TYR P 368 -55.07 -33.77 37.54
C TYR P 368 -53.70 -33.56 36.93
N SER P 369 -53.04 -34.68 36.62
CA SER P 369 -51.83 -34.67 35.81
C SER P 369 -51.64 -36.07 35.23
N TYR P 370 -51.37 -36.12 33.91
CA TYR P 370 -51.14 -37.41 33.29
C TYR P 370 -49.84 -38.05 33.74
N ALA P 371 -49.04 -37.33 34.52
CA ALA P 371 -47.87 -37.91 35.13
C ALA P 371 -48.21 -38.84 36.28
N THR P 372 -49.44 -38.81 36.77
CA THR P 372 -49.83 -39.59 37.94
C THR P 372 -51.16 -40.28 37.74
N HIS P 373 -52.25 -39.52 37.82
CA HIS P 373 -53.60 -40.06 37.80
C HIS P 373 -53.97 -40.70 36.47
N SER P 374 -53.02 -40.91 35.57
CA SER P 374 -53.31 -41.50 34.27
C SER P 374 -53.75 -42.95 34.40
N ASP P 375 -53.41 -43.57 35.53
CA ASP P 375 -53.57 -45.02 35.68
C ASP P 375 -54.69 -45.41 36.64
N LYS P 376 -55.44 -44.47 37.18
CA LYS P 376 -56.45 -44.77 38.19
C LYS P 376 -57.87 -44.71 37.65
N PHE P 377 -58.19 -43.68 36.87
CA PHE P 377 -59.55 -43.48 36.41
C PHE P 377 -59.86 -44.35 35.20
N THR P 378 -59.07 -45.40 35.00
CA THR P 378 -59.19 -46.25 33.81
C THR P 378 -60.61 -46.75 33.57
N ASP P 379 -61.40 -46.89 34.63
CA ASP P 379 -62.77 -47.35 34.46
C ASP P 379 -63.67 -46.20 34.04
N GLY P 380 -64.62 -46.50 33.15
CA GLY P 380 -65.58 -45.52 32.68
C GLY P 380 -64.97 -44.48 31.76
N VAL P 381 -65.47 -43.25 31.89
CA VAL P 381 -65.12 -42.17 30.97
C VAL P 381 -64.98 -40.88 31.76
N CYS P 382 -63.85 -40.20 31.59
CA CYS P 382 -63.64 -38.91 32.22
C CYS P 382 -64.48 -37.83 31.52
N LEU P 383 -64.30 -36.59 31.97
CA LEU P 383 -64.97 -35.45 31.36
C LEU P 383 -64.22 -34.20 31.80
N PHE P 384 -63.44 -33.61 30.91
CA PHE P 384 -62.59 -32.46 31.22
C PHE P 384 -63.59 -31.66 30.40
N TRP P 385 -64.08 -30.57 30.95
CA TRP P 385 -65.05 -29.76 30.23
C TRP P 385 -64.33 -28.52 30.75
N ASN P 386 -63.54 -27.91 29.88
CA ASN P 386 -62.93 -26.60 30.11
C ASN P 386 -62.02 -26.59 31.32
N CYS P 387 -61.59 -27.75 31.79
CA CYS P 387 -60.62 -27.78 32.88
C CYS P 387 -59.36 -28.13 32.10
N ASN P 388 -58.44 -27.19 32.01
CA ASN P 388 -57.29 -27.31 31.12
C ASN P 388 -56.12 -27.95 31.86
N VAL P 389 -55.72 -29.14 31.42
CA VAL P 389 -54.67 -29.91 32.07
C VAL P 389 -53.61 -30.28 31.05
N ASP P 390 -52.81 -31.30 31.34
CA ASP P 390 -51.90 -31.85 30.34
C ASP P 390 -52.63 -32.90 29.50
N ARG P 391 -51.90 -33.76 28.81
CA ARG P 391 -52.53 -34.71 27.89
C ARG P 391 -53.61 -35.50 28.60
N TYR P 392 -54.67 -35.78 27.89
CA TYR P 392 -55.88 -36.28 28.53
C TYR P 392 -55.91 -37.79 28.51
N PRO P 393 -56.61 -38.40 29.45
CA PRO P 393 -56.75 -39.86 29.43
C PRO P 393 -57.51 -40.32 28.20
N ALA P 394 -57.18 -41.54 27.75
CA ALA P 394 -57.64 -42.02 26.46
C ALA P 394 -59.16 -42.09 26.34
N ASN P 395 -59.88 -42.06 27.46
CA ASN P 395 -61.34 -42.15 27.45
C ASN P 395 -61.91 -40.90 28.10
N SER P 396 -61.78 -39.77 27.39
CA SER P 396 -62.22 -38.49 27.93
C SER P 396 -63.16 -37.81 26.96
N ILE P 397 -63.78 -36.74 27.41
CA ILE P 397 -64.56 -35.83 26.56
C ILE P 397 -64.18 -34.42 26.98
N VAL P 398 -63.66 -33.64 26.04
CA VAL P 398 -63.07 -32.35 26.35
C VAL P 398 -63.64 -31.29 25.43
N CYS P 399 -63.84 -30.08 25.97
CA CYS P 399 -64.17 -28.90 25.20
C CYS P 399 -63.18 -27.81 25.59
N ARG P 400 -62.01 -27.79 24.97
CA ARG P 400 -60.93 -26.88 25.32
C ARG P 400 -60.95 -25.67 24.41
N PHE P 401 -60.99 -24.48 25.01
CA PHE P 401 -61.07 -23.23 24.26
C PHE P 401 -59.76 -22.96 23.55
N ASP P 402 -59.81 -22.82 22.23
CA ASP P 402 -58.64 -22.49 21.44
C ASP P 402 -58.18 -21.07 21.77
N THR P 403 -56.88 -20.83 21.64
CA THR P 403 -56.31 -19.56 22.07
C THR P 403 -55.84 -18.69 20.91
N ARG P 404 -55.46 -19.28 19.77
CA ARG P 404 -54.99 -18.45 18.67
C ARG P 404 -56.13 -17.78 17.91
N VAL P 405 -57.37 -18.14 18.19
CA VAL P 405 -58.50 -17.45 17.59
C VAL P 405 -58.47 -15.98 17.97
N LEU P 406 -59.01 -15.15 17.10
CA LEU P 406 -59.16 -13.73 17.39
C LEU P 406 -60.63 -13.36 17.55
N SER P 407 -60.86 -12.26 18.23
CA SER P 407 -62.16 -11.64 18.44
C SER P 407 -61.95 -10.43 19.32
N ASN P 408 -63.05 -9.83 19.77
CA ASN P 408 -62.89 -8.71 20.69
C ASN P 408 -62.93 -9.15 22.14
N LEU P 409 -63.42 -10.35 22.45
CA LEU P 409 -63.41 -10.82 23.83
C LEU P 409 -62.01 -11.16 24.29
N ASN P 410 -61.44 -12.24 23.79
CA ASN P 410 -60.16 -12.69 24.33
C ASN P 410 -59.08 -11.65 24.06
N LEU P 411 -58.20 -11.48 25.04
CA LEU P 411 -57.17 -10.46 25.02
C LEU P 411 -55.80 -11.10 25.17
N PRO P 412 -54.76 -10.47 24.65
CA PRO P 412 -53.42 -11.08 24.73
C PRO P 412 -52.93 -11.20 26.16
N GLY P 413 -53.03 -12.40 26.74
CA GLY P 413 -52.52 -12.67 28.05
C GLY P 413 -51.06 -13.07 28.04
N CYS P 414 -50.68 -13.82 29.05
CA CYS P 414 -49.35 -14.43 29.12
C CYS P 414 -49.47 -15.81 29.73
N ASP P 415 -48.60 -16.72 29.31
CA ASP P 415 -47.64 -16.47 28.24
C ASP P 415 -48.00 -17.38 27.09
N GLY P 416 -47.92 -16.86 25.86
CA GLY P 416 -48.41 -17.61 24.72
C GLY P 416 -49.79 -18.21 24.90
N GLY P 417 -50.49 -17.80 25.95
CA GLY P 417 -51.86 -18.21 26.12
C GLY P 417 -52.50 -16.85 26.20
N SER P 418 -53.83 -16.83 26.19
CA SER P 418 -54.58 -15.60 26.23
C SER P 418 -55.63 -15.58 27.33
N LEU P 419 -56.02 -14.38 27.71
CA LEU P 419 -57.00 -14.15 28.75
C LEU P 419 -58.35 -13.97 28.10
N TYR P 420 -59.29 -14.83 28.42
CA TYR P 420 -60.59 -14.85 27.78
C TYR P 420 -61.63 -14.23 28.70
N VAL P 421 -62.03 -13.01 28.39
CA VAL P 421 -62.86 -12.21 29.28
C VAL P 421 -64.25 -11.86 28.79
N ASN P 422 -65.26 -12.55 29.31
CA ASN P 422 -66.64 -12.16 29.03
C ASN P 422 -67.56 -11.93 30.22
N LYS P 423 -67.64 -12.92 31.10
CA LYS P 423 -68.09 -12.75 32.47
C LYS P 423 -67.01 -12.54 33.50
N HIS P 424 -66.31 -13.62 33.86
CA HIS P 424 -65.37 -13.64 34.98
C HIS P 424 -64.19 -13.84 34.05
N ALA P 425 -63.07 -13.22 34.37
CA ALA P 425 -61.91 -13.32 33.50
C ALA P 425 -61.25 -14.68 33.64
N PHE P 426 -61.29 -15.45 32.56
CA PHE P 426 -60.69 -16.77 32.51
C PHE P 426 -59.33 -16.64 31.84
N HIS P 427 -58.31 -17.22 32.45
CA HIS P 427 -57.03 -17.33 31.80
C HIS P 427 -56.80 -18.77 31.39
N THR P 428 -56.39 -18.95 30.14
CA THR P 428 -56.17 -20.27 29.59
C THR P 428 -54.77 -20.36 29.00
N PRO P 429 -54.08 -21.46 29.21
CA PRO P 429 -52.70 -21.60 28.74
C PRO P 429 -52.67 -21.63 27.22
N ALA P 430 -51.45 -21.67 26.68
CA ALA P 430 -51.26 -21.70 25.24
C ALA P 430 -51.76 -23.02 24.66
N PHE P 431 -52.50 -22.92 23.56
CA PHE P 431 -52.99 -24.11 22.88
C PHE P 431 -51.82 -24.94 22.36
N ASP P 432 -51.89 -26.24 22.60
CA ASP P 432 -50.87 -27.15 22.13
C ASP P 432 -51.56 -28.38 21.55
N LYS P 433 -50.83 -29.09 20.69
CA LYS P 433 -51.35 -30.27 20.02
C LYS P 433 -51.10 -31.54 20.82
N SER P 434 -50.00 -31.60 21.57
CA SER P 434 -49.63 -32.80 22.30
C SER P 434 -50.58 -33.13 23.44
N ALA P 435 -51.73 -32.48 23.53
CA ALA P 435 -52.67 -32.77 24.60
C ALA P 435 -53.68 -33.82 24.17
N PHE P 436 -53.94 -33.92 22.88
CA PHE P 436 -54.98 -34.80 22.36
C PHE P 436 -54.41 -35.98 21.60
N VAL P 437 -53.18 -36.38 21.91
CA VAL P 437 -52.56 -37.51 21.22
C VAL P 437 -53.38 -38.78 21.42
N ASN P 438 -54.15 -38.85 22.49
CA ASN P 438 -54.97 -40.02 22.79
C ASN P 438 -56.43 -39.83 22.42
N LEU P 439 -56.76 -38.79 21.66
CA LEU P 439 -58.14 -38.50 21.31
C LEU P 439 -58.23 -38.17 19.82
N LYS P 440 -59.46 -37.97 19.36
CA LYS P 440 -59.72 -37.54 17.99
C LYS P 440 -60.77 -36.45 18.03
N GLN P 441 -60.89 -35.73 16.91
CA GLN P 441 -61.88 -34.66 16.82
C GLN P 441 -63.28 -35.25 16.84
N LEU P 442 -64.26 -34.42 17.15
CA LEU P 442 -65.63 -34.88 17.18
C LEU P 442 -66.34 -34.46 15.90
N PRO P 443 -66.71 -35.39 15.04
CA PRO P 443 -67.56 -35.03 13.89
C PRO P 443 -68.93 -34.59 14.34
N PHE P 444 -69.43 -33.52 13.72
CA PHE P 444 -70.74 -33.00 14.05
C PHE P 444 -71.83 -34.02 13.77
N PHE P 445 -72.91 -33.94 14.54
CA PHE P 445 -74.12 -34.72 14.26
C PHE P 445 -75.29 -34.03 14.93
N TYR P 446 -76.33 -34.80 15.27
CA TYR P 446 -77.46 -34.25 16.02
C TYR P 446 -78.30 -35.45 16.47
N TYR P 447 -77.88 -36.07 17.56
CA TYR P 447 -78.73 -37.09 18.15
C TYR P 447 -80.01 -36.46 18.67
N SER P 448 -81.03 -37.28 18.83
CA SER P 448 -82.27 -36.84 19.48
C SER P 448 -83.15 -38.06 19.69
N ASP P 449 -84.08 -37.93 20.65
CA ASP P 449 -85.01 -39.00 20.97
C ASP P 449 -86.21 -38.37 21.66
N SER P 450 -87.31 -38.26 20.93
CA SER P 450 -88.50 -37.57 21.40
C SER P 450 -89.68 -38.00 20.54
N PRO P 451 -90.91 -37.62 20.87
CA PRO P 451 -92.03 -37.96 19.98
C PRO P 451 -91.90 -37.27 18.63
N CYS P 452 -92.73 -37.68 17.69
CA CYS P 452 -92.70 -37.11 16.36
C CYS P 452 -93.86 -36.14 16.19
N GLU P 453 -93.64 -35.13 15.34
CA GLU P 453 -94.68 -34.14 15.06
C GLU P 453 -95.82 -34.86 14.36
N SER P 454 -96.74 -35.37 15.17
CA SER P 454 -97.83 -36.22 14.71
C SER P 454 -99.13 -35.43 14.72
N HIS P 455 -99.45 -34.70 13.64
CA HIS P 455 -100.77 -34.02 13.50
C HIS P 455 -101.74 -35.13 13.16
N GLY P 456 -101.83 -36.17 13.97
CA GLY P 456 -102.64 -37.35 13.71
C GLY P 456 -101.98 -38.59 14.28
N LYS P 457 -101.84 -39.63 13.46
CA LYS P 457 -101.23 -40.87 13.91
C LYS P 457 -99.75 -40.63 14.23
N GLN P 458 -99.23 -41.37 15.21
CA GLN P 458 -97.87 -41.17 15.67
C GLN P 458 -96.83 -41.80 14.74
N VAL P 459 -97.17 -42.90 14.06
CA VAL P 459 -96.19 -43.64 13.26
C VAL P 459 -96.66 -43.68 11.82
N VAL P 460 -95.69 -43.63 10.89
CA VAL P 460 -95.90 -43.80 9.45
C VAL P 460 -97.10 -43.24 8.71
N SER P 461 -97.78 -42.26 9.32
CA SER P 461 -99.09 -41.86 8.83
C SER P 461 -98.97 -40.36 9.05
N ASP P 462 -97.81 -39.89 9.54
CA ASP P 462 -97.65 -38.45 9.75
C ASP P 462 -96.27 -37.95 9.40
N ILE P 463 -96.18 -37.16 8.34
CA ILE P 463 -94.94 -36.65 7.79
C ILE P 463 -94.94 -35.16 7.48
N ASP P 464 -95.69 -34.77 6.45
CA ASP P 464 -95.91 -33.39 6.00
C ASP P 464 -94.78 -32.42 6.36
N TYR P 465 -93.54 -32.89 6.23
CA TYR P 465 -92.42 -32.07 6.64
C TYR P 465 -91.82 -32.54 5.31
N VAL P 466 -91.65 -31.64 4.34
CA VAL P 466 -90.95 -31.83 3.07
C VAL P 466 -89.50 -31.43 3.29
N PRO P 467 -88.58 -32.38 3.36
CA PRO P 467 -87.17 -32.02 3.46
C PRO P 467 -86.29 -32.79 2.49
N LEU P 468 -85.46 -32.10 1.73
CA LEU P 468 -84.34 -32.82 1.14
C LEU P 468 -83.41 -33.20 2.29
N LYS P 469 -83.08 -34.49 2.37
CA LYS P 469 -82.65 -35.05 3.63
C LYS P 469 -81.14 -34.91 3.83
N SER P 470 -80.77 -34.76 5.09
CA SER P 470 -79.37 -34.80 5.50
C SER P 470 -78.92 -36.25 5.59
N ALA P 471 -77.69 -36.42 6.07
CA ALA P 471 -77.13 -37.73 6.33
C ALA P 471 -76.65 -37.90 7.75
N THR P 472 -76.79 -36.89 8.60
CA THR P 472 -76.23 -36.93 9.94
C THR P 472 -77.22 -36.52 11.02
N CYS P 473 -78.38 -35.97 10.67
CA CYS P 473 -79.41 -35.68 11.66
C CYS P 473 -80.10 -37.00 12.03
N ILE P 474 -79.49 -37.67 13.02
CA ILE P 474 -79.97 -38.96 13.49
C ILE P 474 -81.17 -38.84 14.36
N THR P 475 -82.21 -38.28 13.82
CA THR P 475 -83.38 -38.07 14.58
C THR P 475 -84.26 -39.24 14.72
N ARG P 476 -85.55 -38.98 14.72
CA ARG P 476 -86.49 -40.04 15.01
C ARG P 476 -87.42 -40.25 13.88
N CYS P 477 -87.18 -39.56 12.80
CA CYS P 477 -88.11 -39.69 11.74
C CYS P 477 -87.38 -39.95 10.47
N ASN P 478 -86.10 -40.30 10.59
CA ASN P 478 -85.29 -40.50 9.40
C ASN P 478 -85.61 -41.75 8.63
N LEU P 479 -86.85 -41.86 8.14
CA LEU P 479 -87.26 -43.00 7.35
C LEU P 479 -86.96 -42.73 5.89
N GLY P 480 -87.77 -41.87 5.27
CA GLY P 480 -87.54 -41.46 3.90
C GLY P 480 -87.67 -39.97 3.68
N GLY P 481 -88.58 -39.34 4.44
CA GLY P 481 -88.82 -37.91 4.34
C GLY P 481 -87.74 -36.86 4.48
N ALA P 482 -87.10 -36.76 5.65
CA ALA P 482 -87.19 -37.75 6.71
C ALA P 482 -86.93 -37.10 8.06
N VAL P 483 -87.63 -36.00 8.38
CA VAL P 483 -87.50 -35.34 9.67
C VAL P 483 -88.84 -34.70 10.04
N CYS P 484 -89.49 -35.20 11.09
CA CYS P 484 -90.70 -34.53 11.54
C CYS P 484 -90.37 -33.11 11.58
N ARG P 485 -91.19 -32.31 11.03
CA ARG P 485 -90.89 -30.89 10.88
C ARG P 485 -90.46 -30.24 12.19
N HIS P 486 -91.01 -30.70 13.30
CA HIS P 486 -90.44 -30.46 14.62
C HIS P 486 -88.93 -30.62 14.56
N HIS P 487 -88.48 -31.85 14.29
CA HIS P 487 -87.05 -32.12 14.29
C HIS P 487 -86.35 -31.34 13.19
N ALA P 488 -87.06 -30.95 12.14
CA ALA P 488 -86.46 -30.14 11.09
C ALA P 488 -86.01 -28.80 11.66
N ASN P 489 -86.95 -28.07 12.26
CA ASN P 489 -86.60 -26.80 12.87
C ASN P 489 -85.56 -26.99 13.97
N GLU P 490 -85.69 -28.06 14.75
CA GLU P 490 -84.74 -28.27 15.83
C GLU P 490 -83.34 -28.47 15.28
N TYR P 491 -83.23 -29.22 14.18
CA TYR P 491 -81.93 -29.45 13.56
C TYR P 491 -81.37 -28.15 13.00
N ARG P 492 -82.21 -27.33 12.40
CA ARG P 492 -81.75 -26.05 11.87
C ARG P 492 -81.16 -25.19 12.99
N LEU P 493 -81.92 -25.01 14.06
CA LEU P 493 -81.45 -24.16 15.16
C LEU P 493 -80.21 -24.73 15.83
N TYR P 494 -80.16 -26.05 16.01
CA TYR P 494 -78.99 -26.64 16.67
C TYR P 494 -77.76 -26.52 15.80
N LEU P 495 -77.93 -26.68 14.48
CA LEU P 495 -76.83 -26.45 13.56
C LEU P 495 -76.27 -25.05 13.72
N ASP P 496 -77.16 -24.05 13.72
CA ASP P 496 -76.72 -22.68 13.89
C ASP P 496 -75.97 -22.50 15.20
N ALA P 497 -76.48 -23.09 16.28
CA ALA P 497 -75.84 -22.94 17.58
C ALA P 497 -74.44 -23.53 17.58
N TYR P 498 -74.29 -24.75 17.06
CA TYR P 498 -72.98 -25.36 16.95
C TYR P 498 -72.03 -24.47 16.18
N ASN P 499 -72.49 -23.94 15.04
CA ASN P 499 -71.67 -23.03 14.25
C ASN P 499 -71.18 -21.87 15.08
N MET P 500 -72.09 -21.23 15.82
CA MET P 500 -71.73 -20.01 16.54
C MET P 500 -70.73 -20.30 17.65
N MET P 501 -70.94 -21.39 18.39
CA MET P 501 -69.98 -21.75 19.42
C MET P 501 -68.60 -22.01 18.83
N ILE P 502 -68.54 -22.78 17.72
CA ILE P 502 -67.24 -23.12 17.18
C ILE P 502 -66.58 -21.91 16.55
N SER P 503 -67.39 -20.94 16.09
CA SER P 503 -66.81 -19.69 15.63
C SER P 503 -66.24 -18.89 16.78
N ALA P 504 -66.92 -18.91 17.94
CA ALA P 504 -66.33 -18.33 19.13
C ALA P 504 -65.25 -19.24 19.70
N GLY P 505 -64.71 -20.13 18.87
CA GLY P 505 -63.52 -20.83 19.31
C GLY P 505 -63.32 -21.99 20.25
N PHE P 506 -64.28 -22.90 20.29
CA PHE P 506 -64.24 -24.04 21.20
C PHE P 506 -64.00 -25.31 20.39
N SER P 507 -62.97 -26.06 20.76
CA SER P 507 -62.57 -27.25 20.02
C SER P 507 -62.83 -28.51 20.82
N LEU P 508 -63.76 -29.34 20.33
CA LEU P 508 -64.16 -30.56 21.00
C LEU P 508 -63.26 -31.70 20.55
N TRP P 509 -63.18 -32.75 21.37
CA TRP P 509 -62.44 -33.94 21.02
C TRP P 509 -63.13 -35.13 21.69
N VAL P 510 -62.80 -36.35 21.25
CA VAL P 510 -63.49 -37.55 21.69
C VAL P 510 -62.52 -38.71 21.68
N TYR P 511 -62.85 -39.78 22.41
CA TYR P 511 -62.09 -41.02 22.37
C TYR P 511 -62.17 -41.65 20.99
N LYS P 512 -61.09 -42.34 20.60
CA LYS P 512 -60.97 -42.81 19.23
C LYS P 512 -61.91 -43.96 18.91
N GLN P 513 -62.55 -44.55 19.91
CA GLN P 513 -63.49 -45.63 19.66
C GLN P 513 -64.89 -45.13 19.34
N PHE P 514 -65.06 -43.85 19.05
CA PHE P 514 -66.39 -43.31 18.84
C PHE P 514 -66.95 -43.80 17.51
N ASP P 515 -68.27 -43.86 17.44
CA ASP P 515 -68.97 -44.31 16.25
C ASP P 515 -70.34 -43.65 16.22
N THR P 516 -71.07 -43.88 15.13
CA THR P 516 -72.39 -43.30 14.93
C THR P 516 -73.44 -44.36 14.65
N TYR P 517 -73.03 -45.46 14.02
CA TYR P 517 -73.91 -46.61 13.77
C TYR P 517 -74.67 -47.02 15.02
N ASN P 518 -74.01 -46.96 16.18
CA ASN P 518 -74.58 -47.51 17.41
C ASN P 518 -75.81 -46.73 17.87
N LEU P 519 -75.84 -45.41 17.63
CA LEU P 519 -77.03 -44.66 17.98
C LEU P 519 -78.20 -45.06 17.10
N TRP P 520 -77.96 -45.19 15.79
CA TRP P 520 -78.97 -45.76 14.91
C TRP P 520 -79.49 -47.08 15.44
N ASN P 521 -78.59 -47.99 15.80
CA ASN P 521 -79.01 -49.27 16.35
C ASN P 521 -79.84 -49.09 17.62
N THR P 522 -79.47 -48.12 18.45
CA THR P 522 -80.23 -47.85 19.66
C THR P 522 -81.64 -47.36 19.33
N PHE P 523 -81.80 -46.71 18.18
CA PHE P 523 -83.12 -46.22 17.80
C PHE P 523 -84.13 -47.35 17.70
N THR P 524 -83.75 -48.47 17.09
CA THR P 524 -84.66 -49.61 16.96
C THR P 524 -84.65 -50.47 18.21
N ALA Q 1 -65.07 -30.65 -47.15
CA ALA Q 1 -65.05 -31.74 -48.12
C ALA Q 1 -66.28 -32.63 -47.96
N VAL Q 2 -67.31 -32.12 -47.29
CA VAL Q 2 -68.57 -32.84 -47.19
C VAL Q 2 -69.52 -32.34 -48.28
N GLY Q 3 -70.16 -33.27 -48.97
CA GLY Q 3 -71.08 -32.91 -50.03
C GLY Q 3 -72.16 -33.93 -50.27
N ALA Q 4 -72.91 -33.78 -51.35
CA ALA Q 4 -74.03 -34.65 -51.68
C ALA Q 4 -73.58 -35.69 -52.71
N CYS Q 5 -74.09 -36.90 -52.58
CA CYS Q 5 -73.71 -37.97 -53.49
C CYS Q 5 -74.10 -37.62 -54.91
N VAL Q 6 -73.19 -37.86 -55.85
CA VAL Q 6 -73.44 -37.58 -57.25
C VAL Q 6 -74.51 -38.48 -57.86
N LEU Q 7 -75.04 -39.43 -57.09
CA LEU Q 7 -76.11 -40.31 -57.54
C LEU Q 7 -77.37 -40.22 -56.70
N CYS Q 8 -77.25 -40.14 -55.38
CA CYS Q 8 -78.41 -40.08 -54.50
C CYS Q 8 -78.45 -38.83 -53.63
N ASN Q 9 -77.39 -38.03 -53.63
CA ASN Q 9 -77.40 -36.68 -53.08
C ASN Q 9 -77.55 -36.63 -51.57
N SER Q 10 -77.39 -37.76 -50.90
CA SER Q 10 -77.26 -37.76 -49.45
C SER Q 10 -75.89 -37.24 -49.07
N GLN Q 11 -75.83 -36.47 -47.97
CA GLN Q 11 -74.58 -35.85 -47.57
C GLN Q 11 -73.49 -36.90 -47.42
N THR Q 12 -72.27 -36.53 -47.81
CA THR Q 12 -71.17 -37.48 -47.83
C THR Q 12 -69.85 -36.72 -47.92
N SER Q 13 -68.80 -37.40 -47.46
CA SER Q 13 -67.43 -36.95 -47.65
C SER Q 13 -66.59 -38.11 -48.18
N LEU Q 14 -67.13 -38.84 -49.14
CA LEU Q 14 -66.46 -40.00 -49.72
C LEU Q 14 -66.14 -39.74 -51.17
N ARG Q 15 -64.93 -40.13 -51.58
CA ARG Q 15 -64.50 -40.05 -52.96
C ARG Q 15 -63.59 -41.23 -53.25
N CYS Q 16 -63.67 -41.74 -54.47
CA CYS Q 16 -62.73 -42.77 -54.93
C CYS Q 16 -61.65 -42.06 -55.75
N GLY Q 17 -60.49 -41.86 -55.13
CA GLY Q 17 -59.41 -41.10 -55.73
C GLY Q 17 -58.87 -41.69 -57.03
N ALA Q 18 -59.07 -42.98 -57.27
CA ALA Q 18 -58.58 -43.58 -58.49
C ALA Q 18 -59.35 -43.09 -59.71
N CYS Q 19 -60.61 -42.72 -59.56
CA CYS Q 19 -61.31 -41.97 -60.58
C CYS Q 19 -60.68 -40.59 -60.67
N ILE Q 20 -60.49 -40.12 -61.91
CA ILE Q 20 -59.62 -38.97 -62.14
C ILE Q 20 -60.19 -37.70 -61.49
N ARG Q 21 -61.51 -37.53 -61.50
CA ARG Q 21 -62.10 -36.27 -61.03
C ARG Q 21 -62.57 -36.32 -59.58
N ARG Q 22 -62.67 -37.52 -58.99
CA ARG Q 22 -63.03 -37.69 -57.58
C ARG Q 22 -64.39 -37.07 -57.28
N PRO Q 23 -65.50 -37.75 -57.62
CA PRO Q 23 -66.82 -37.23 -57.27
C PRO Q 23 -67.31 -37.75 -55.94
N PHE Q 24 -68.33 -37.08 -55.42
CA PHE Q 24 -68.89 -37.42 -54.11
C PHE Q 24 -69.81 -38.62 -54.23
N LEU Q 25 -69.39 -39.73 -53.65
CA LEU Q 25 -70.18 -40.97 -53.65
C LEU Q 25 -70.72 -41.21 -52.25
N CYS Q 26 -71.94 -41.72 -52.19
CA CYS Q 26 -72.49 -42.17 -50.93
C CYS Q 26 -71.82 -43.47 -50.51
N CYS Q 27 -72.18 -43.95 -49.32
CA CYS Q 27 -71.56 -45.17 -48.80
C CYS Q 27 -71.90 -46.37 -49.68
N LYS Q 28 -73.19 -46.58 -49.96
CA LYS Q 28 -73.58 -47.62 -50.91
C LYS Q 28 -72.96 -47.37 -52.28
N CYS Q 29 -73.07 -46.13 -52.77
CA CYS Q 29 -72.56 -45.83 -54.10
C CYS Q 29 -71.04 -46.04 -54.17
N CYS Q 30 -70.31 -45.64 -53.13
CA CYS Q 30 -68.87 -45.84 -53.12
C CYS Q 30 -68.52 -47.32 -53.01
N TYR Q 31 -69.28 -48.08 -52.22
CA TYR Q 31 -69.07 -49.52 -52.16
C TYR Q 31 -69.23 -50.15 -53.54
N ASP Q 32 -70.29 -49.78 -54.25
CA ASP Q 32 -70.50 -50.32 -55.60
C ASP Q 32 -69.40 -49.87 -56.54
N HIS Q 33 -68.89 -48.65 -56.36
CA HIS Q 33 -67.81 -48.17 -57.21
C HIS Q 33 -66.50 -48.91 -56.95
N VAL Q 34 -66.28 -49.37 -55.72
CA VAL Q 34 -65.01 -49.99 -55.38
C VAL Q 34 -65.00 -51.50 -55.55
N ILE Q 35 -66.15 -52.17 -55.45
CA ILE Q 35 -66.15 -53.61 -55.63
C ILE Q 35 -66.17 -54.02 -57.11
N SER Q 36 -66.64 -53.16 -58.00
CA SER Q 36 -66.87 -53.55 -59.39
C SER Q 36 -65.78 -53.11 -60.35
N THR Q 37 -65.36 -51.85 -60.33
CA THR Q 37 -64.40 -51.35 -61.30
C THR Q 37 -62.99 -51.39 -60.72
N SER Q 38 -62.08 -50.68 -61.39
CA SER Q 38 -60.66 -50.68 -61.03
C SER Q 38 -60.28 -49.56 -60.07
N HIS Q 39 -61.23 -48.75 -59.64
CA HIS Q 39 -60.93 -47.69 -58.66
C HIS Q 39 -60.81 -48.32 -57.29
N LYS Q 40 -59.63 -48.86 -56.98
CA LYS Q 40 -59.37 -49.52 -55.71
C LYS Q 40 -58.72 -48.54 -54.73
N LEU Q 41 -59.02 -47.26 -54.90
CA LEU Q 41 -58.47 -46.20 -54.05
C LEU Q 41 -59.62 -45.30 -53.60
N VAL Q 42 -59.92 -45.33 -52.31
CA VAL Q 42 -60.98 -44.52 -51.74
C VAL Q 42 -60.37 -43.59 -50.69
N LEU Q 43 -60.90 -42.36 -50.63
CA LEU Q 43 -60.43 -41.35 -49.70
C LEU Q 43 -61.62 -40.56 -49.19
N SER Q 44 -61.63 -40.26 -47.90
CA SER Q 44 -62.60 -39.35 -47.32
C SER Q 44 -61.75 -38.09 -47.13
N VAL Q 45 -62.16 -37.22 -46.22
CA VAL Q 45 -61.33 -36.08 -45.85
C VAL Q 45 -59.94 -36.48 -45.36
N ASN Q 46 -59.79 -37.75 -45.01
CA ASN Q 46 -58.52 -38.37 -44.68
C ASN Q 46 -58.34 -39.59 -45.56
N PRO Q 47 -57.11 -39.90 -45.95
CA PRO Q 47 -56.88 -41.04 -46.85
C PRO Q 47 -57.09 -42.38 -46.14
N TYR Q 48 -57.55 -43.36 -46.92
CA TYR Q 48 -57.69 -44.73 -46.42
C TYR Q 48 -56.50 -45.55 -46.94
N VAL Q 49 -55.50 -45.70 -46.07
CA VAL Q 49 -54.29 -46.44 -46.38
C VAL Q 49 -53.79 -47.08 -45.10
N CYS Q 50 -53.15 -48.24 -45.23
CA CYS Q 50 -52.48 -48.85 -44.08
C CYS Q 50 -51.41 -47.91 -43.55
N ASN Q 51 -51.70 -47.27 -42.41
CA ASN Q 51 -50.78 -46.30 -41.84
C ASN Q 51 -49.52 -46.92 -41.26
N ALA Q 52 -49.29 -48.21 -41.50
CA ALA Q 52 -48.04 -48.83 -41.08
C ALA Q 52 -46.90 -48.37 -41.99
N PRO Q 53 -45.72 -48.10 -41.46
CA PRO Q 53 -44.58 -47.77 -42.32
C PRO Q 53 -44.08 -49.02 -43.04
N GLY Q 54 -43.82 -48.87 -44.34
CA GLY Q 54 -43.43 -49.98 -45.17
C GLY Q 54 -44.57 -50.76 -45.78
N CYS Q 55 -45.78 -50.67 -45.22
CA CYS Q 55 -46.95 -51.34 -45.79
C CYS Q 55 -47.75 -50.29 -46.56
N ASP Q 56 -47.64 -50.34 -47.89
CA ASP Q 56 -48.31 -49.39 -48.76
C ASP Q 56 -49.48 -50.02 -49.51
N VAL Q 57 -50.14 -51.02 -48.91
CA VAL Q 57 -51.29 -51.64 -49.54
C VAL Q 57 -52.38 -50.60 -49.77
N THR Q 58 -53.08 -50.72 -50.89
CA THR Q 58 -53.90 -49.64 -51.41
C THR Q 58 -55.39 -49.85 -51.21
N ASP Q 59 -55.93 -51.00 -51.62
CA ASP Q 59 -57.37 -51.16 -51.60
C ASP Q 59 -57.92 -51.13 -50.18
N VAL Q 60 -59.13 -50.61 -50.04
CA VAL Q 60 -59.78 -50.50 -48.74
C VAL Q 60 -60.32 -51.85 -48.27
N THR Q 61 -60.68 -52.74 -49.20
CA THR Q 61 -61.21 -54.04 -48.82
C THR Q 61 -60.23 -54.85 -47.98
N GLN Q 62 -58.93 -54.55 -48.06
CA GLN Q 62 -57.92 -55.20 -47.24
C GLN Q 62 -57.42 -54.32 -46.10
N LEU Q 63 -58.26 -53.39 -45.62
CA LEU Q 63 -57.93 -52.51 -44.52
C LEU Q 63 -58.85 -52.80 -43.34
N TYR Q 64 -58.38 -52.46 -42.14
CA TYR Q 64 -59.08 -52.71 -40.89
C TYR Q 64 -58.95 -51.48 -40.02
N LEU Q 65 -60.07 -50.98 -39.50
CA LEU Q 65 -60.06 -49.79 -38.66
C LEU Q 65 -59.46 -50.13 -37.30
N GLY Q 66 -58.30 -49.56 -37.01
CA GLY Q 66 -57.61 -49.83 -35.77
C GLY Q 66 -57.96 -48.84 -34.66
N GLY Q 67 -57.01 -48.63 -33.75
CA GLY Q 67 -57.22 -47.71 -32.64
C GLY Q 67 -57.59 -46.31 -33.10
N MET Q 68 -56.71 -45.66 -33.84
CA MET Q 68 -57.00 -44.34 -34.38
C MET Q 68 -56.88 -44.30 -35.90
N SER Q 69 -56.13 -45.23 -36.50
CA SER Q 69 -55.92 -45.24 -37.94
C SER Q 69 -56.45 -46.54 -38.52
N TYR Q 70 -56.31 -46.70 -39.83
CA TYR Q 70 -56.70 -47.91 -40.54
C TYR Q 70 -55.44 -48.66 -40.94
N TYR Q 71 -55.37 -49.94 -40.58
CA TYR Q 71 -54.19 -50.75 -40.84
C TYR Q 71 -54.57 -51.97 -41.67
N CYS Q 72 -53.55 -52.57 -42.26
CA CYS Q 72 -53.75 -53.73 -43.12
C CYS Q 72 -54.21 -54.94 -42.31
N LYS Q 73 -54.37 -56.06 -43.01
CA LYS Q 73 -54.63 -57.33 -42.33
C LYS Q 73 -53.46 -57.71 -41.42
N SER Q 74 -52.23 -57.49 -41.88
CA SER Q 74 -51.04 -57.91 -41.15
C SER Q 74 -50.83 -57.09 -39.89
N HIS Q 75 -50.43 -55.83 -40.06
CA HIS Q 75 -50.15 -54.94 -38.93
C HIS Q 75 -51.40 -54.51 -38.19
N LYS Q 76 -52.48 -55.25 -38.37
CA LYS Q 76 -53.74 -54.97 -37.70
C LYS Q 76 -53.54 -55.01 -36.18
N PRO Q 77 -54.23 -54.15 -35.44
CA PRO Q 77 -54.39 -54.37 -34.01
C PRO Q 77 -55.34 -55.53 -33.77
N PRO Q 78 -55.24 -56.20 -32.62
CA PRO Q 78 -56.15 -57.32 -32.35
C PRO Q 78 -57.60 -56.90 -32.34
N ILE Q 79 -57.86 -55.67 -31.88
CA ILE Q 79 -59.21 -55.17 -31.71
C ILE Q 79 -59.51 -54.20 -32.86
N SER Q 80 -60.09 -54.72 -33.95
CA SER Q 80 -60.28 -53.91 -35.14
C SER Q 80 -61.28 -54.60 -36.07
N PHE Q 81 -62.06 -53.82 -36.82
CA PHE Q 81 -63.07 -54.22 -37.77
C PHE Q 81 -62.78 -53.64 -39.15
N PRO Q 82 -63.26 -54.27 -40.23
CA PRO Q 82 -62.86 -53.83 -41.57
C PRO Q 82 -63.59 -52.58 -42.00
N LEU Q 83 -63.16 -52.01 -43.13
CA LEU Q 83 -63.78 -50.80 -43.65
C LEU Q 83 -64.75 -51.08 -44.79
N CYS Q 84 -64.79 -52.30 -45.31
CA CYS Q 84 -65.79 -52.72 -46.27
C CYS Q 84 -66.70 -53.74 -45.60
N ALA Q 85 -67.93 -53.34 -45.30
CA ALA Q 85 -68.83 -54.19 -44.54
C ALA Q 85 -70.27 -53.85 -44.89
N ASN Q 86 -71.06 -54.88 -45.20
CA ASN Q 86 -72.49 -54.76 -45.46
C ASN Q 86 -72.81 -53.74 -46.55
N GLY Q 87 -71.90 -53.56 -47.50
CA GLY Q 87 -72.18 -52.71 -48.63
C GLY Q 87 -72.05 -51.22 -48.40
N GLN Q 88 -71.43 -50.80 -47.31
CA GLN Q 88 -71.15 -49.38 -47.06
C GLN Q 88 -69.70 -49.24 -46.59
N VAL Q 89 -68.97 -48.34 -47.23
CA VAL Q 89 -67.60 -48.02 -46.82
C VAL Q 89 -67.67 -47.09 -45.61
N PHE Q 90 -66.73 -47.26 -44.68
CA PHE Q 90 -66.78 -46.54 -43.42
C PHE Q 90 -66.49 -45.05 -43.64
N GLY Q 91 -67.53 -44.23 -43.52
CA GLY Q 91 -67.40 -42.80 -43.66
C GLY Q 91 -68.53 -42.10 -42.97
N LEU Q 92 -68.64 -40.79 -43.22
CA LEU Q 92 -69.67 -39.99 -42.59
C LEU Q 92 -71.06 -40.37 -43.10
N TYR Q 93 -72.06 -40.18 -42.24
CA TYR Q 93 -73.46 -40.34 -42.63
C TYR Q 93 -73.75 -41.77 -43.10
N LYS Q 94 -73.50 -42.74 -42.22
CA LYS Q 94 -73.72 -44.13 -42.59
C LYS Q 94 -75.19 -44.47 -42.65
N ASN Q 95 -76.00 -43.92 -41.75
CA ASN Q 95 -77.39 -44.32 -41.62
C ASN Q 95 -78.33 -43.56 -42.56
N THR Q 96 -78.05 -42.30 -42.87
CA THR Q 96 -78.87 -41.53 -43.79
C THR Q 96 -78.44 -41.70 -45.23
N CYS Q 97 -77.31 -42.33 -45.48
CA CYS Q 97 -76.88 -42.63 -46.85
C CYS Q 97 -77.82 -43.65 -47.48
N VAL Q 98 -78.43 -43.27 -48.60
CA VAL Q 98 -79.47 -44.08 -49.22
C VAL Q 98 -78.95 -44.90 -50.41
N GLY Q 99 -78.11 -44.30 -51.25
CA GLY Q 99 -77.64 -45.00 -52.44
C GLY Q 99 -78.76 -45.38 -53.39
N SER Q 100 -78.38 -46.14 -54.40
CA SER Q 100 -79.30 -46.71 -55.38
C SER Q 100 -78.54 -47.75 -56.21
N ASP Q 101 -79.04 -48.02 -57.42
CA ASP Q 101 -78.46 -49.04 -58.29
C ASP Q 101 -78.05 -48.49 -59.65
N ASN Q 102 -78.06 -47.16 -59.81
CA ASN Q 102 -77.64 -46.53 -61.06
C ASN Q 102 -76.13 -46.56 -61.24
N VAL Q 103 -75.46 -47.57 -60.69
CA VAL Q 103 -74.01 -47.67 -60.71
C VAL Q 103 -73.58 -48.14 -62.09
N THR Q 104 -74.54 -48.57 -62.91
CA THR Q 104 -74.23 -49.09 -64.24
C THR Q 104 -73.60 -48.01 -65.11
N ASP Q 105 -74.39 -47.01 -65.50
CA ASP Q 105 -73.86 -45.92 -66.31
C ASP Q 105 -72.73 -45.19 -65.60
N PHE Q 106 -72.75 -45.20 -64.26
CA PHE Q 106 -71.66 -44.61 -63.50
C PHE Q 106 -70.33 -45.30 -63.79
N ASN Q 107 -70.31 -46.63 -63.71
CA ASN Q 107 -69.10 -47.37 -64.08
C ASN Q 107 -68.79 -47.19 -65.56
N ALA Q 108 -69.83 -47.05 -66.38
CA ALA Q 108 -69.61 -46.88 -67.81
C ALA Q 108 -68.83 -45.61 -68.11
N ILE Q 109 -69.19 -44.50 -67.46
CA ILE Q 109 -68.47 -43.26 -67.68
C ILE Q 109 -67.14 -43.26 -66.93
N ALA Q 110 -67.11 -43.86 -65.74
CA ALA Q 110 -65.89 -43.88 -64.95
C ALA Q 110 -64.85 -44.85 -65.49
N THR Q 111 -65.21 -45.67 -66.48
CA THR Q 111 -64.28 -46.64 -67.06
C THR Q 111 -64.07 -46.46 -68.55
N CYS Q 112 -64.71 -45.47 -69.18
CA CYS Q 112 -64.63 -45.27 -70.62
C CYS Q 112 -63.32 -44.57 -70.99
N ASP Q 113 -63.11 -44.45 -72.31
CA ASP Q 113 -61.88 -43.86 -72.86
C ASP Q 113 -62.11 -42.83 -73.95
N TRP Q 114 -63.37 -42.56 -74.32
CA TRP Q 114 -63.74 -41.47 -75.22
C TRP Q 114 -63.14 -41.60 -76.62
N THR Q 115 -62.47 -42.71 -76.92
CA THR Q 115 -61.87 -42.93 -78.22
C THR Q 115 -62.87 -43.48 -79.23
N ASN Q 116 -64.07 -43.86 -78.78
CA ASN Q 116 -65.10 -44.41 -79.64
C ASN Q 116 -66.28 -43.47 -79.66
N ALA Q 117 -67.16 -43.68 -80.65
CA ALA Q 117 -68.37 -42.87 -80.75
C ALA Q 117 -69.36 -43.24 -79.66
N GLY Q 118 -69.53 -44.54 -79.38
CA GLY Q 118 -70.54 -44.99 -78.43
C GLY Q 118 -70.40 -44.37 -77.05
N ASP Q 119 -69.17 -44.07 -76.63
CA ASP Q 119 -68.97 -43.38 -75.36
C ASP Q 119 -69.64 -42.02 -75.36
N TYR Q 120 -69.46 -41.27 -76.45
CA TYR Q 120 -70.10 -39.95 -76.56
C TYR Q 120 -71.61 -40.10 -76.70
N ILE Q 121 -72.04 -41.19 -77.36
CA ILE Q 121 -73.46 -41.49 -77.44
C ILE Q 121 -74.06 -41.62 -76.05
N LEU Q 122 -73.43 -42.42 -75.19
CA LEU Q 122 -73.95 -42.60 -73.84
C LEU Q 122 -73.83 -41.32 -73.02
N ALA Q 123 -72.72 -40.59 -73.19
CA ALA Q 123 -72.52 -39.35 -72.45
C ALA Q 123 -73.57 -38.31 -72.77
N ASN Q 124 -74.23 -38.42 -73.92
CA ASN Q 124 -75.29 -37.49 -74.32
C ASN Q 124 -76.67 -37.97 -73.85
N THR Q 125 -76.81 -39.25 -73.50
CA THR Q 125 -78.09 -39.82 -73.13
C THR Q 125 -78.10 -40.38 -71.70
N CYS Q 126 -77.44 -39.71 -70.77
CA CYS Q 126 -77.40 -40.10 -69.37
C CYS Q 126 -78.01 -39.01 -68.50
N THR Q 127 -78.06 -39.26 -67.19
CA THR Q 127 -78.74 -38.35 -66.28
C THR Q 127 -77.97 -37.02 -66.17
N GLU Q 128 -78.61 -36.04 -65.54
CA GLU Q 128 -78.09 -34.68 -65.53
C GLU Q 128 -76.72 -34.61 -64.86
N ARG Q 129 -76.64 -35.07 -63.60
CA ARG Q 129 -75.35 -35.10 -62.91
C ARG Q 129 -74.37 -36.01 -63.64
N LEU Q 130 -74.86 -37.14 -64.17
CA LEU Q 130 -74.01 -38.00 -64.98
C LEU Q 130 -73.53 -37.28 -66.24
N LYS Q 131 -74.38 -36.46 -66.83
CA LYS Q 131 -73.99 -35.72 -68.03
C LYS Q 131 -72.90 -34.71 -67.71
N LEU Q 132 -73.08 -33.94 -66.63
CA LEU Q 132 -72.05 -33.00 -66.22
C LEU Q 132 -70.76 -33.71 -65.85
N PHE Q 133 -70.86 -34.87 -65.20
CA PHE Q 133 -69.67 -35.63 -64.87
C PHE Q 133 -68.95 -36.11 -66.12
N ALA Q 134 -69.71 -36.59 -67.11
CA ALA Q 134 -69.11 -37.04 -68.36
C ALA Q 134 -68.41 -35.89 -69.07
N ALA Q 135 -69.07 -34.73 -69.11
CA ALA Q 135 -68.44 -33.54 -69.70
C ALA Q 135 -67.13 -33.22 -68.99
N GLU Q 136 -67.17 -33.18 -67.65
CA GLU Q 136 -65.98 -32.89 -66.87
C GLU Q 136 -64.86 -33.88 -67.17
N THR Q 137 -65.18 -35.17 -67.17
CA THR Q 137 -64.17 -36.21 -67.38
C THR Q 137 -63.55 -36.08 -68.77
N LEU Q 138 -64.37 -35.82 -69.79
CA LEU Q 138 -63.82 -35.76 -71.13
C LEU Q 138 -63.01 -34.48 -71.34
N LYS Q 139 -63.39 -33.39 -70.67
CA LYS Q 139 -62.55 -32.19 -70.73
C LYS Q 139 -61.22 -32.41 -70.03
N ALA Q 140 -61.21 -33.07 -68.86
CA ALA Q 140 -59.95 -33.37 -68.20
C ALA Q 140 -59.10 -34.30 -69.05
N THR Q 141 -59.73 -35.26 -69.71
CA THR Q 141 -58.97 -36.21 -70.52
C THR Q 141 -58.37 -35.52 -71.75
N GLU Q 142 -59.12 -34.61 -72.39
CA GLU Q 142 -58.57 -33.91 -73.53
C GLU Q 142 -57.50 -32.89 -73.10
N GLU Q 143 -57.62 -32.34 -71.89
CA GLU Q 143 -56.57 -31.49 -71.37
C GLU Q 143 -55.28 -32.28 -71.17
N THR Q 144 -55.38 -33.46 -70.55
CA THR Q 144 -54.21 -34.31 -70.38
C THR Q 144 -53.66 -34.79 -71.72
N PHE Q 145 -54.54 -35.01 -72.70
CA PHE Q 145 -54.08 -35.41 -74.03
C PHE Q 145 -53.31 -34.29 -74.72
N LYS Q 146 -53.80 -33.06 -74.61
CA LYS Q 146 -53.10 -31.92 -75.20
C LYS Q 146 -51.78 -31.68 -74.48
N LEU Q 147 -51.75 -31.87 -73.16
CA LEU Q 147 -50.50 -31.76 -72.42
C LEU Q 147 -49.55 -32.91 -72.72
N SER Q 148 -50.07 -34.04 -73.23
CA SER Q 148 -49.21 -35.12 -73.69
C SER Q 148 -48.37 -34.71 -74.88
N TYR Q 149 -48.76 -33.65 -75.58
CA TYR Q 149 -47.92 -33.05 -76.60
C TYR Q 149 -46.75 -32.32 -75.95
N GLY Q 150 -45.92 -31.67 -76.76
CA GLY Q 150 -44.73 -31.05 -76.23
C GLY Q 150 -44.37 -29.71 -76.85
N ILE Q 151 -43.10 -29.57 -77.22
CA ILE Q 151 -42.52 -28.27 -77.54
C ILE Q 151 -42.42 -28.12 -79.06
N ALA Q 152 -41.97 -26.94 -79.48
CA ALA Q 152 -41.75 -26.63 -80.89
C ALA Q 152 -40.74 -25.50 -80.98
N THR Q 153 -39.52 -25.82 -81.42
CA THR Q 153 -38.45 -24.83 -81.52
C THR Q 153 -38.48 -24.15 -82.89
N VAL Q 154 -38.13 -22.87 -82.90
CA VAL Q 154 -38.17 -22.08 -84.14
C VAL Q 154 -36.89 -22.34 -84.92
N ARG Q 155 -37.02 -22.57 -86.23
CA ARG Q 155 -35.85 -22.68 -87.08
C ARG Q 155 -35.47 -21.31 -87.66
N GLU Q 156 -36.45 -20.61 -88.22
CA GLU Q 156 -36.22 -19.27 -88.75
C GLU Q 156 -37.53 -18.49 -88.71
N VAL Q 157 -37.43 -17.23 -88.29
CA VAL Q 157 -38.56 -16.31 -88.31
C VAL Q 157 -38.49 -15.50 -89.61
N LEU Q 158 -39.16 -15.98 -90.66
CA LEU Q 158 -39.14 -15.27 -91.94
C LEU Q 158 -39.71 -13.87 -91.79
N SER Q 159 -40.89 -13.75 -91.19
CA SER Q 159 -41.51 -12.45 -90.94
C SER Q 159 -42.44 -12.58 -89.74
N ASP Q 160 -43.19 -11.51 -89.47
CA ASP Q 160 -44.25 -11.58 -88.47
C ASP Q 160 -45.41 -12.44 -88.97
N ARG Q 161 -45.47 -12.71 -90.27
CA ARG Q 161 -46.56 -13.49 -90.84
C ARG Q 161 -46.13 -14.87 -91.33
N GLU Q 162 -44.90 -15.03 -91.82
CA GLU Q 162 -44.41 -16.32 -92.29
C GLU Q 162 -43.41 -16.89 -91.29
N LEU Q 163 -43.59 -18.17 -90.96
CA LEU Q 163 -42.80 -18.80 -89.91
C LEU Q 163 -42.24 -20.12 -90.40
N HIS Q 164 -41.01 -20.42 -89.98
CA HIS Q 164 -40.36 -21.71 -90.21
C HIS Q 164 -40.23 -22.36 -88.83
N LEU Q 165 -41.20 -23.20 -88.50
CA LEU Q 165 -41.29 -23.81 -87.18
C LEU Q 165 -41.16 -25.32 -87.33
N SER Q 166 -40.13 -25.90 -86.72
CA SER Q 166 -40.02 -27.34 -86.61
C SER Q 166 -40.45 -27.79 -85.22
N TRP Q 167 -41.02 -28.99 -85.16
CA TRP Q 167 -41.63 -29.48 -83.94
C TRP Q 167 -40.73 -30.53 -83.27
N GLU Q 168 -41.18 -30.99 -82.11
CA GLU Q 168 -40.34 -31.80 -81.23
C GLU Q 168 -39.89 -33.09 -81.90
N VAL Q 169 -38.75 -33.61 -81.42
CA VAL Q 169 -38.20 -34.84 -81.96
C VAL Q 169 -38.97 -36.03 -81.41
N GLY Q 170 -39.25 -37.00 -82.26
CA GLY Q 170 -39.97 -38.21 -81.87
C GLY Q 170 -41.33 -37.93 -81.27
N LYS Q 171 -41.97 -36.86 -81.72
CA LYS Q 171 -43.24 -36.41 -81.16
C LYS Q 171 -44.25 -36.20 -82.27
N PRO Q 172 -45.48 -36.69 -82.10
CA PRO Q 172 -46.54 -36.42 -83.08
C PRO Q 172 -46.86 -34.94 -83.20
N ARG Q 173 -46.46 -34.34 -84.32
CA ARG Q 173 -46.57 -32.90 -84.50
C ARG Q 173 -48.05 -32.48 -84.55
N PRO Q 174 -48.43 -31.38 -83.91
CA PRO Q 174 -49.82 -30.91 -83.96
C PRO Q 174 -50.16 -30.34 -85.33
N PRO Q 175 -51.28 -30.73 -85.91
CA PRO Q 175 -51.64 -30.25 -87.25
C PRO Q 175 -51.80 -28.74 -87.31
N LEU Q 176 -51.79 -28.22 -88.53
CA LEU Q 176 -51.96 -26.79 -88.77
C LEU Q 176 -53.42 -26.45 -88.55
N ASN Q 177 -53.76 -26.00 -87.34
CA ASN Q 177 -55.13 -25.71 -86.99
C ASN Q 177 -55.18 -24.41 -86.18
N ARG Q 178 -56.39 -23.87 -86.04
CA ARG Q 178 -56.58 -22.60 -85.36
C ARG Q 178 -56.78 -22.79 -83.85
N ASN Q 179 -57.31 -23.94 -83.44
CA ASN Q 179 -57.67 -24.14 -82.05
C ASN Q 179 -56.43 -24.22 -81.16
N TYR Q 180 -55.38 -24.91 -81.63
CA TYR Q 180 -54.19 -25.13 -80.81
C TYR Q 180 -53.35 -23.85 -80.81
N VAL Q 181 -53.56 -23.01 -79.79
CA VAL Q 181 -52.85 -21.75 -79.66
C VAL Q 181 -51.56 -22.01 -78.88
N PHE Q 182 -50.46 -21.44 -79.35
CA PHE Q 182 -49.14 -21.75 -78.82
C PHE Q 182 -48.59 -20.58 -78.03
N THR Q 183 -48.23 -20.83 -76.77
CA THR Q 183 -47.53 -19.83 -75.97
C THR Q 183 -46.02 -20.00 -76.18
N GLY Q 184 -45.32 -18.87 -76.27
CA GLY Q 184 -43.90 -18.89 -76.55
C GLY Q 184 -43.04 -18.65 -75.32
N TYR Q 185 -41.84 -19.24 -75.36
CA TYR Q 185 -40.93 -19.23 -74.22
C TYR Q 185 -39.52 -18.96 -74.69
N ARG Q 186 -38.94 -17.86 -74.20
CA ARG Q 186 -37.57 -17.46 -74.53
C ARG Q 186 -36.81 -17.28 -73.23
N VAL Q 187 -35.89 -18.18 -72.93
CA VAL Q 187 -35.10 -18.08 -71.70
C VAL Q 187 -33.94 -17.12 -71.92
N THR Q 188 -33.71 -16.26 -70.94
CA THR Q 188 -32.49 -15.44 -70.95
C THR Q 188 -31.36 -16.44 -70.74
N LYS Q 189 -31.23 -16.97 -69.52
CA LYS Q 189 -30.41 -18.15 -69.31
C LYS Q 189 -30.84 -19.24 -68.32
N ASN Q 190 -31.39 -18.99 -67.11
CA ASN Q 190 -31.87 -17.76 -66.42
C ASN Q 190 -33.16 -17.18 -66.98
N SER Q 191 -34.25 -17.44 -66.25
CA SER Q 191 -35.56 -16.80 -66.42
C SER Q 191 -36.15 -16.98 -67.82
N LYS Q 192 -36.89 -18.07 -68.02
CA LYS Q 192 -37.68 -18.23 -69.23
C LYS Q 192 -38.96 -17.41 -69.13
N VAL Q 193 -39.12 -16.47 -70.05
CA VAL Q 193 -40.27 -15.57 -70.04
C VAL Q 193 -41.29 -16.04 -71.07
N GLN Q 194 -42.56 -15.79 -70.78
CA GLN Q 194 -43.66 -16.10 -71.70
C GLN Q 194 -43.75 -14.95 -72.70
N ILE Q 195 -43.48 -15.25 -73.98
CA ILE Q 195 -43.40 -14.19 -74.99
C ILE Q 195 -44.71 -13.99 -75.74
N GLY Q 196 -45.80 -14.61 -75.29
CA GLY Q 196 -47.10 -14.38 -75.85
C GLY Q 196 -47.70 -15.63 -76.48
N GLU Q 197 -48.92 -15.46 -77.00
CA GLU Q 197 -49.67 -16.53 -77.62
C GLU Q 197 -49.71 -16.31 -79.13
N TYR Q 198 -49.67 -17.41 -79.87
CA TYR Q 198 -49.53 -17.33 -81.33
C TYR Q 198 -50.40 -18.41 -81.97
N THR Q 199 -50.98 -18.08 -83.12
CA THR Q 199 -51.78 -19.01 -83.91
C THR Q 199 -51.09 -19.28 -85.23
N PHE Q 200 -51.32 -20.48 -85.77
CA PHE Q 200 -50.68 -20.92 -86.99
C PHE Q 200 -51.73 -21.14 -88.08
N GLU Q 201 -51.23 -21.40 -89.30
CA GLU Q 201 -52.08 -21.64 -90.45
C GLU Q 201 -51.21 -22.26 -91.55
N LYS Q 202 -51.81 -23.14 -92.34
CA LYS Q 202 -51.11 -23.69 -93.49
C LYS Q 202 -50.78 -22.56 -94.46
N GLY Q 203 -49.52 -22.46 -94.87
CA GLY Q 203 -49.08 -21.43 -95.79
C GLY Q 203 -49.49 -21.72 -97.21
N ASP Q 204 -48.85 -21.02 -98.15
CA ASP Q 204 -49.00 -21.34 -99.55
C ASP Q 204 -48.12 -22.50 -99.99
N TYR Q 205 -47.26 -23.00 -99.10
CA TYR Q 205 -46.33 -24.07 -99.41
C TYR Q 205 -45.70 -24.56 -98.11
N GLY Q 206 -44.66 -25.38 -98.24
CA GLY Q 206 -43.88 -25.85 -97.12
C GLY Q 206 -42.43 -25.47 -97.29
N ASP Q 207 -41.72 -25.33 -96.17
CA ASP Q 207 -42.32 -25.54 -94.86
C ASP Q 207 -42.70 -24.22 -94.20
N ALA Q 208 -42.36 -23.11 -94.85
CA ALA Q 208 -42.71 -21.79 -94.32
C ALA Q 208 -44.22 -21.64 -94.21
N VAL Q 209 -44.70 -21.47 -92.98
CA VAL Q 209 -46.13 -21.42 -92.71
C VAL Q 209 -46.51 -20.00 -92.30
N VAL Q 210 -47.78 -19.68 -92.49
CA VAL Q 210 -48.32 -18.39 -92.07
C VAL Q 210 -48.77 -18.49 -90.62
N TYR Q 211 -48.60 -17.38 -89.89
CA TYR Q 211 -48.95 -17.36 -88.48
C TYR Q 211 -49.26 -15.94 -88.05
N ARG Q 212 -50.00 -15.82 -86.95
CA ARG Q 212 -50.35 -14.54 -86.36
C ARG Q 212 -50.11 -14.59 -84.86
N GLY Q 213 -49.75 -13.45 -84.28
CA GLY Q 213 -49.48 -13.37 -82.86
C GLY Q 213 -50.22 -12.22 -82.21
N THR Q 214 -50.39 -12.34 -80.90
CA THR Q 214 -51.11 -11.31 -80.16
C THR Q 214 -50.26 -10.07 -79.95
N THR Q 215 -48.94 -10.20 -80.07
CA THR Q 215 -48.01 -9.12 -79.76
C THR Q 215 -47.08 -8.86 -80.93
N THR Q 216 -46.63 -7.61 -81.03
CA THR Q 216 -45.56 -7.24 -81.94
C THR Q 216 -44.19 -7.59 -81.38
N TYR Q 217 -44.12 -8.09 -80.14
CA TYR Q 217 -42.89 -8.65 -79.58
C TYR Q 217 -42.52 -9.84 -80.45
N LYS Q 218 -41.58 -9.63 -81.37
CA LYS Q 218 -41.34 -10.61 -82.41
C LYS Q 218 -40.56 -11.81 -81.90
N LEU Q 219 -40.62 -12.89 -82.67
CA LEU Q 219 -40.03 -14.16 -82.28
C LEU Q 219 -38.52 -14.13 -82.47
N ASN Q 220 -37.89 -15.25 -82.15
CA ASN Q 220 -36.45 -15.41 -82.36
C ASN Q 220 -36.18 -16.87 -82.72
N VAL Q 221 -34.91 -17.19 -82.94
CA VAL Q 221 -34.53 -18.51 -83.44
C VAL Q 221 -34.39 -19.54 -82.32
N GLY Q 222 -34.14 -19.12 -81.09
CA GLY Q 222 -34.01 -20.05 -79.98
C GLY Q 222 -35.29 -20.30 -79.21
N ASP Q 223 -36.36 -19.61 -79.54
CA ASP Q 223 -37.63 -19.78 -78.84
C ASP Q 223 -38.17 -21.20 -79.04
N TYR Q 224 -38.97 -21.64 -78.08
CA TYR Q 224 -39.67 -22.92 -78.19
C TYR Q 224 -41.14 -22.70 -77.90
N PHE Q 225 -41.98 -23.43 -78.62
CA PHE Q 225 -43.42 -23.19 -78.64
C PHE Q 225 -44.17 -24.39 -78.08
N VAL Q 226 -45.01 -24.14 -77.09
CA VAL Q 226 -45.89 -25.15 -76.52
C VAL Q 226 -47.31 -24.59 -76.50
N LEU Q 227 -48.30 -25.47 -76.59
CA LEU Q 227 -49.70 -25.06 -76.54
C LEU Q 227 -50.11 -24.76 -75.10
N THR Q 228 -50.84 -23.67 -74.94
CA THR Q 228 -51.27 -23.21 -73.62
C THR Q 228 -52.20 -24.23 -72.99
N SER Q 229 -52.38 -24.11 -71.67
CA SER Q 229 -53.19 -25.06 -70.93
C SER Q 229 -53.76 -24.37 -69.70
N HIS Q 230 -54.48 -25.15 -68.88
CA HIS Q 230 -55.06 -24.69 -67.62
C HIS Q 230 -55.46 -25.93 -66.84
N THR Q 231 -56.35 -25.77 -65.87
CA THR Q 231 -56.93 -26.90 -65.16
C THR Q 231 -58.44 -26.85 -65.30
N VAL Q 232 -59.06 -28.03 -65.39
CA VAL Q 232 -60.50 -28.12 -65.54
C VAL Q 232 -61.17 -27.72 -64.24
N MET Q 233 -62.15 -26.82 -64.34
CA MET Q 233 -62.83 -26.24 -63.19
C MET Q 233 -64.17 -26.92 -62.96
N PRO Q 234 -64.58 -27.05 -61.69
CA PRO Q 234 -65.87 -27.66 -61.39
C PRO Q 234 -67.04 -26.78 -61.83
N LEU Q 235 -68.22 -27.39 -61.87
CA LEU Q 235 -69.44 -26.71 -62.27
C LEU Q 235 -70.58 -27.17 -61.40
N SER Q 236 -71.53 -26.26 -61.18
CA SER Q 236 -72.69 -26.54 -60.35
C SER Q 236 -74.01 -26.15 -61.00
N ALA Q 237 -73.98 -25.32 -62.03
CA ALA Q 237 -75.20 -24.98 -62.75
C ALA Q 237 -75.55 -26.11 -63.72
N PRO Q 238 -76.84 -26.38 -63.92
CA PRO Q 238 -77.24 -27.44 -64.85
C PRO Q 238 -76.93 -27.05 -66.29
N THR Q 239 -77.21 -28.00 -67.20
CA THR Q 239 -76.98 -27.73 -68.61
C THR Q 239 -77.99 -26.75 -69.17
N LEU Q 240 -79.28 -27.01 -68.98
CA LEU Q 240 -80.33 -26.17 -69.55
C LEU Q 240 -81.40 -25.88 -68.51
N VAL Q 241 -81.85 -24.64 -68.48
CA VAL Q 241 -83.01 -24.24 -67.68
C VAL Q 241 -84.22 -24.96 -68.25
N PRO Q 242 -85.21 -25.35 -67.42
CA PRO Q 242 -86.46 -25.87 -67.98
C PRO Q 242 -87.22 -24.79 -68.75
N GLN Q 243 -88.08 -25.24 -69.65
CA GLN Q 243 -88.90 -24.34 -70.45
C GLN Q 243 -89.99 -23.72 -69.60
N GLU Q 244 -90.27 -22.44 -69.83
CA GLU Q 244 -91.32 -21.72 -69.12
C GLU Q 244 -92.03 -20.80 -70.10
N HIS Q 245 -93.22 -21.19 -70.53
CA HIS Q 245 -94.01 -20.38 -71.43
C HIS Q 245 -94.82 -19.36 -70.63
N TYR Q 246 -94.99 -18.18 -71.22
CA TYR Q 246 -95.65 -17.05 -70.58
C TYR Q 246 -96.79 -16.57 -71.47
N VAL Q 247 -97.92 -16.24 -70.86
CA VAL Q 247 -99.08 -15.81 -71.62
C VAL Q 247 -98.99 -14.35 -72.05
N ARG Q 248 -98.13 -13.56 -71.42
CA ARG Q 248 -97.99 -12.15 -71.74
C ARG Q 248 -96.51 -11.78 -71.67
N ILE Q 249 -96.15 -10.66 -72.28
CA ILE Q 249 -94.79 -10.14 -72.21
C ILE Q 249 -94.41 -9.99 -70.73
N THR Q 250 -93.36 -10.72 -70.32
CA THR Q 250 -92.92 -10.73 -68.93
C THR Q 250 -91.91 -9.61 -68.73
N GLY Q 251 -92.43 -8.39 -68.63
CA GLY Q 251 -91.60 -7.21 -68.47
C GLY Q 251 -90.88 -6.75 -69.72
N LEU Q 252 -90.96 -7.50 -70.81
CA LEU Q 252 -90.30 -7.13 -72.06
C LEU Q 252 -91.00 -5.92 -72.66
N TYR Q 253 -90.31 -4.78 -72.65
CA TYR Q 253 -90.87 -3.53 -73.17
C TYR Q 253 -90.42 -3.33 -74.60
N PRO Q 254 -91.32 -3.40 -75.58
CA PRO Q 254 -90.92 -3.34 -76.99
C PRO Q 254 -90.83 -1.89 -77.49
N THR Q 255 -90.39 -1.75 -78.74
CA THR Q 255 -90.39 -0.48 -79.44
C THR Q 255 -91.70 -0.32 -80.19
N LEU Q 256 -91.88 0.85 -80.82
CA LEU Q 256 -93.14 1.16 -81.51
C LEU Q 256 -93.20 0.43 -82.84
N ASN Q 257 -92.41 0.90 -83.82
CA ASN Q 257 -92.40 0.29 -85.15
C ASN Q 257 -91.24 1.19 -85.57
N ILE Q 258 -90.05 0.65 -85.81
CA ILE Q 258 -88.91 1.47 -86.19
C ILE Q 258 -88.22 1.23 -87.53
N SER Q 259 -88.14 -0.05 -87.90
CA SER Q 259 -87.47 -0.50 -89.13
C SER Q 259 -88.48 -1.63 -89.32
N ASP Q 260 -89.44 -1.39 -90.23
CA ASP Q 260 -90.48 -2.37 -90.50
C ASP Q 260 -90.01 -3.49 -91.43
N GLU Q 261 -88.75 -3.47 -91.85
CA GLU Q 261 -88.20 -4.61 -92.59
C GLU Q 261 -88.12 -5.86 -91.72
N PHE Q 262 -88.08 -5.71 -90.40
CA PHE Q 262 -88.02 -6.83 -89.48
C PHE Q 262 -89.40 -7.27 -89.01
N SER Q 263 -90.44 -7.11 -89.85
CA SER Q 263 -91.76 -7.58 -89.47
C SER Q 263 -91.83 -9.09 -89.42
N SER Q 264 -91.16 -9.77 -90.35
CA SER Q 264 -91.09 -11.24 -90.31
C SER Q 264 -90.36 -11.73 -89.07
N ASN Q 265 -89.60 -10.87 -88.41
CA ASN Q 265 -88.86 -11.22 -87.20
C ASN Q 265 -89.57 -10.80 -85.92
N VAL Q 266 -90.42 -9.77 -85.99
CA VAL Q 266 -91.22 -9.40 -84.82
C VAL Q 266 -92.21 -10.49 -84.46
N ALA Q 267 -92.70 -11.22 -85.47
CA ALA Q 267 -93.59 -12.36 -85.20
C ALA Q 267 -92.88 -13.45 -84.41
N ASN Q 268 -91.54 -13.41 -84.39
CA ASN Q 268 -90.77 -14.30 -83.55
C ASN Q 268 -90.32 -13.64 -82.26
N TYR Q 269 -90.10 -12.32 -82.27
CA TYR Q 269 -89.74 -11.62 -81.05
C TYR Q 269 -90.88 -11.68 -80.04
N GLN Q 270 -92.13 -11.57 -80.51
CA GLN Q 270 -93.27 -11.77 -79.63
C GLN Q 270 -93.20 -13.14 -78.96
N LYS Q 271 -92.85 -14.17 -79.74
CA LYS Q 271 -92.75 -15.51 -79.18
C LYS Q 271 -91.63 -15.60 -78.15
N VAL Q 272 -90.45 -15.04 -78.46
CA VAL Q 272 -89.36 -15.01 -77.48
C VAL Q 272 -89.81 -14.30 -76.21
N GLY Q 273 -90.73 -13.34 -76.35
CA GLY Q 273 -91.33 -12.73 -75.17
C GLY Q 273 -92.41 -13.60 -74.55
N MET Q 274 -92.84 -14.64 -75.26
CA MET Q 274 -93.88 -15.51 -74.72
C MET Q 274 -93.32 -16.69 -73.93
N GLN Q 275 -92.05 -17.02 -74.09
CA GLN Q 275 -91.48 -18.15 -73.37
C GLN Q 275 -90.22 -17.75 -72.60
N LYS Q 276 -89.67 -18.74 -71.90
CA LYS Q 276 -88.41 -18.59 -71.16
C LYS Q 276 -87.22 -18.71 -72.09
N TYR Q 277 -87.17 -19.75 -72.91
CA TYR Q 277 -86.06 -19.94 -73.83
C TYR Q 277 -86.52 -20.79 -75.00
N SER Q 278 -85.83 -20.65 -76.12
CA SER Q 278 -86.17 -21.38 -77.33
C SER Q 278 -84.90 -21.58 -78.14
N THR Q 279 -85.05 -22.03 -79.39
CA THR Q 279 -83.95 -22.29 -80.30
C THR Q 279 -84.34 -21.75 -81.67
N LEU Q 280 -83.35 -21.39 -82.47
CA LEU Q 280 -83.59 -20.90 -83.81
C LEU Q 280 -82.59 -21.52 -84.77
N GLN Q 281 -83.04 -21.85 -85.98
CA GLN Q 281 -82.18 -22.45 -87.00
C GLN Q 281 -81.99 -21.43 -88.11
N GLY Q 282 -80.79 -20.88 -88.21
CA GLY Q 282 -80.46 -19.95 -89.26
C GLY Q 282 -79.40 -20.53 -90.19
N PRO Q 283 -79.82 -20.99 -91.36
CA PRO Q 283 -78.85 -21.51 -92.34
C PRO Q 283 -77.84 -20.44 -92.71
N PRO Q 284 -76.65 -20.83 -93.16
CA PRO Q 284 -75.61 -19.84 -93.46
C PRO Q 284 -76.05 -18.88 -94.54
N GLY Q 285 -76.21 -17.61 -94.14
CA GLY Q 285 -76.68 -16.56 -95.04
C GLY Q 285 -78.12 -16.17 -94.82
N THR Q 286 -78.80 -16.75 -93.84
CA THR Q 286 -80.21 -16.47 -93.58
C THR Q 286 -80.31 -15.31 -92.59
N GLY Q 287 -81.51 -15.09 -92.06
CA GLY Q 287 -81.80 -13.95 -91.21
C GLY Q 287 -81.26 -14.23 -89.82
N LYS Q 288 -80.05 -14.78 -89.73
CA LYS Q 288 -79.39 -14.93 -88.44
C LYS Q 288 -79.02 -13.89 -87.39
N SER Q 289 -78.12 -12.99 -87.77
CA SER Q 289 -77.48 -12.06 -86.83
C SER Q 289 -78.31 -10.81 -87.12
N HIS Q 290 -79.16 -10.86 -88.15
CA HIS Q 290 -80.05 -9.74 -88.47
C HIS Q 290 -81.24 -9.93 -87.54
N PHE Q 291 -81.71 -11.17 -87.38
CA PHE Q 291 -82.77 -11.48 -86.42
C PHE Q 291 -82.43 -10.94 -85.03
N ALA Q 292 -81.20 -11.19 -84.59
CA ALA Q 292 -80.82 -10.82 -83.23
C ALA Q 292 -80.69 -9.30 -83.08
N ILE Q 293 -80.16 -8.61 -84.10
CA ILE Q 293 -80.08 -7.16 -84.02
C ILE Q 293 -81.46 -6.53 -84.08
N GLY Q 294 -82.38 -7.14 -84.82
CA GLY Q 294 -83.76 -6.68 -84.78
C GLY Q 294 -84.43 -6.92 -83.45
N LEU Q 295 -84.07 -8.02 -82.78
CA LEU Q 295 -84.52 -8.24 -81.41
C LEU Q 295 -83.93 -7.19 -80.48
N ALA Q 296 -82.70 -6.77 -80.76
CA ALA Q 296 -82.05 -5.74 -79.95
C ALA Q 296 -82.78 -4.40 -80.10
N LEU Q 297 -83.08 -4.01 -81.34
CA LEU Q 297 -83.74 -2.73 -81.55
C LEU Q 297 -85.20 -2.77 -81.09
N TYR Q 298 -85.87 -3.91 -81.28
CA TYR Q 298 -87.28 -4.00 -80.93
C TYR Q 298 -87.49 -3.94 -79.42
N TYR Q 299 -86.62 -4.58 -78.67
CA TYR Q 299 -86.68 -4.48 -77.21
C TYR Q 299 -85.44 -3.73 -76.72
N PRO Q 300 -85.46 -2.41 -76.77
CA PRO Q 300 -84.25 -1.62 -76.47
C PRO Q 300 -84.08 -1.23 -75.01
N SER Q 301 -84.95 -1.69 -74.12
CA SER Q 301 -84.90 -1.34 -72.71
C SER Q 301 -84.59 -2.56 -71.85
N ALA Q 302 -83.69 -3.41 -72.33
CA ALA Q 302 -83.36 -4.65 -71.64
C ALA Q 302 -81.92 -5.04 -71.95
N ARG Q 303 -81.18 -5.45 -70.93
CA ARG Q 303 -79.80 -5.88 -71.11
C ARG Q 303 -79.76 -7.22 -71.83
N ILE Q 304 -79.02 -7.27 -72.93
CA ILE Q 304 -78.92 -8.45 -73.79
C ILE Q 304 -77.45 -8.84 -73.90
N VAL Q 305 -77.18 -10.14 -73.97
CA VAL Q 305 -75.83 -10.65 -74.16
C VAL Q 305 -75.78 -11.44 -75.47
N TYR Q 306 -74.70 -11.24 -76.20
CA TYR Q 306 -74.40 -11.97 -77.42
C TYR Q 306 -73.14 -12.79 -77.18
N THR Q 307 -73.15 -14.05 -77.61
CA THR Q 307 -72.02 -14.90 -77.30
C THR Q 307 -71.75 -15.87 -78.45
N ALA Q 308 -70.49 -16.25 -78.57
CA ALA Q 308 -70.03 -17.19 -79.58
C ALA Q 308 -68.90 -18.02 -78.96
N CYS Q 309 -68.12 -18.70 -79.79
CA CYS Q 309 -67.04 -19.55 -79.31
C CYS Q 309 -65.66 -19.01 -79.73
N SER Q 310 -65.46 -18.77 -81.02
CA SER Q 310 -64.19 -18.31 -81.54
C SER Q 310 -64.17 -16.78 -81.61
N HIS Q 311 -62.95 -16.23 -81.64
CA HIS Q 311 -62.80 -14.79 -81.84
C HIS Q 311 -63.30 -14.39 -83.21
N ALA Q 312 -63.08 -15.24 -84.22
CA ALA Q 312 -63.66 -15.00 -85.54
C ALA Q 312 -65.17 -15.03 -85.47
N ALA Q 313 -65.72 -15.91 -84.62
CA ALA Q 313 -67.18 -16.00 -84.48
C ALA Q 313 -67.75 -14.76 -83.80
N VAL Q 314 -67.11 -14.32 -82.71
CA VAL Q 314 -67.61 -13.12 -82.03
C VAL Q 314 -67.40 -11.88 -82.88
N ASP Q 315 -66.42 -11.90 -83.80
CA ASP Q 315 -66.24 -10.75 -84.68
C ASP Q 315 -67.22 -10.78 -85.84
N ALA Q 316 -67.57 -11.98 -86.33
CA ALA Q 316 -68.61 -12.09 -87.34
C ALA Q 316 -69.98 -11.76 -86.77
N LEU Q 317 -70.15 -11.96 -85.46
CA LEU Q 317 -71.35 -11.45 -84.79
C LEU Q 317 -71.28 -9.95 -84.64
N CYS Q 318 -70.09 -9.43 -84.32
CA CYS Q 318 -69.92 -7.99 -84.11
C CYS Q 318 -70.14 -7.10 -85.34
N GLU Q 319 -69.76 -7.55 -86.54
CA GLU Q 319 -69.84 -6.66 -87.73
C GLU Q 319 -71.13 -5.86 -87.99
N LYS Q 320 -72.12 -6.46 -88.62
CA LYS Q 320 -73.33 -5.71 -88.97
C LYS Q 320 -74.04 -5.24 -87.71
N ALA Q 321 -73.62 -5.73 -86.55
CA ALA Q 321 -74.24 -5.34 -85.30
C ALA Q 321 -73.97 -3.90 -84.92
N LEU Q 322 -72.79 -3.38 -85.28
CA LEU Q 322 -72.48 -1.98 -85.05
C LEU Q 322 -73.20 -1.07 -86.05
N LYS Q 323 -74.03 -1.64 -86.92
CA LYS Q 323 -74.71 -0.83 -87.95
C LYS Q 323 -76.11 -0.41 -87.50
N TYR Q 324 -76.98 -1.39 -87.26
CA TYR Q 324 -78.36 -1.12 -86.84
C TYR Q 324 -78.45 -0.57 -85.42
N LEU Q 325 -77.34 -0.43 -84.70
CA LEU Q 325 -77.41 -0.18 -83.28
C LEU Q 325 -76.61 1.05 -82.90
N PRO Q 326 -77.17 1.94 -82.06
CA PRO Q 326 -76.38 3.06 -81.56
C PRO Q 326 -75.17 2.56 -80.79
N ILE Q 327 -74.13 3.39 -80.74
CA ILE Q 327 -72.82 2.97 -80.24
C ILE Q 327 -72.24 4.08 -79.36
N ASP Q 328 -72.49 4.06 -78.04
CA ASP Q 328 -73.46 3.23 -77.29
C ASP Q 328 -73.39 1.70 -77.46
N LYS Q 329 -72.20 1.12 -77.35
CA LYS Q 329 -72.04 -0.32 -77.53
C LYS Q 329 -71.04 -0.85 -76.52
N CYS Q 330 -70.98 -2.18 -76.43
CA CYS Q 330 -69.99 -2.89 -75.63
C CYS Q 330 -69.89 -4.35 -76.03
N SER Q 331 -68.66 -4.82 -76.23
CA SER Q 331 -68.38 -6.20 -76.64
C SER Q 331 -66.95 -6.52 -76.21
N ARG Q 332 -66.72 -6.51 -74.90
CA ARG Q 332 -65.38 -6.62 -74.33
C ARG Q 332 -65.20 -8.02 -73.78
N ILE Q 333 -64.30 -8.79 -74.37
CA ILE Q 333 -64.17 -10.21 -74.11
C ILE Q 333 -62.79 -10.55 -73.54
N ILE Q 334 -61.73 -10.04 -74.16
CA ILE Q 334 -60.38 -10.50 -73.92
C ILE Q 334 -59.52 -9.35 -73.41
N PRO Q 335 -59.03 -9.39 -72.16
CA PRO Q 335 -58.21 -8.28 -71.65
C PRO Q 335 -56.74 -8.38 -72.03
N ALA Q 336 -56.18 -9.59 -72.02
CA ALA Q 336 -54.75 -9.78 -72.26
C ALA Q 336 -54.30 -10.81 -73.30
N ARG Q 337 -55.25 -11.59 -73.80
CA ARG Q 337 -54.99 -12.56 -74.85
C ARG Q 337 -55.38 -13.06 -76.24
N ALA Q 338 -56.13 -12.26 -76.98
CA ALA Q 338 -56.57 -12.58 -78.33
C ALA Q 338 -55.48 -12.80 -79.38
N ARG Q 339 -55.08 -14.05 -79.58
CA ARG Q 339 -54.13 -14.39 -80.64
C ARG Q 339 -54.40 -13.61 -81.93
N VAL Q 340 -55.68 -13.43 -82.24
CA VAL Q 340 -56.11 -12.57 -83.34
C VAL Q 340 -56.74 -11.33 -82.71
N GLU Q 341 -56.54 -10.19 -83.37
CA GLU Q 341 -57.05 -8.94 -82.83
C GLU Q 341 -58.56 -9.01 -82.67
N CYS Q 342 -59.01 -8.91 -81.42
CA CYS Q 342 -60.42 -9.01 -81.10
C CYS Q 342 -60.93 -7.58 -80.98
N PHE Q 343 -62.06 -7.40 -80.30
CA PHE Q 343 -62.62 -6.08 -80.07
C PHE Q 343 -61.59 -4.98 -79.90
N ASP Q 344 -61.78 -3.89 -80.64
CA ASP Q 344 -60.96 -2.70 -80.53
C ASP Q 344 -61.82 -1.45 -80.52
N LYS Q 345 -62.86 -1.46 -79.69
CA LYS Q 345 -63.88 -0.43 -79.73
C LYS Q 345 -63.93 0.46 -78.49
N PHE Q 346 -63.97 -0.11 -77.29
CA PHE Q 346 -64.23 0.69 -76.10
C PHE Q 346 -63.51 -0.08 -74.99
N LYS Q 347 -63.90 0.18 -73.74
CA LYS Q 347 -63.15 -0.27 -72.58
C LYS Q 347 -63.00 -1.77 -72.41
N VAL Q 348 -62.19 -2.18 -71.43
CA VAL Q 348 -62.09 -3.56 -70.99
C VAL Q 348 -62.99 -4.11 -69.89
N ASN Q 349 -63.25 -3.30 -68.85
CA ASN Q 349 -63.97 -3.76 -67.64
C ASN Q 349 -64.90 -2.74 -66.97
N SER Q 350 -66.08 -2.51 -67.56
CA SER Q 350 -67.16 -1.81 -66.87
C SER Q 350 -68.59 -2.31 -67.07
N THR Q 351 -68.83 -3.27 -67.97
CA THR Q 351 -70.16 -3.74 -68.36
C THR Q 351 -71.09 -2.55 -68.64
N LEU Q 352 -70.61 -1.65 -69.49
CA LEU Q 352 -71.25 -0.35 -69.64
C LEU Q 352 -72.59 -0.45 -70.34
N GLU Q 353 -72.63 -1.15 -71.48
CA GLU Q 353 -73.78 -1.06 -72.36
C GLU Q 353 -74.71 -2.27 -72.22
N GLN Q 354 -75.95 -2.09 -72.69
CA GLN Q 354 -76.98 -3.10 -72.46
C GLN Q 354 -76.86 -4.27 -73.42
N TYR Q 355 -76.16 -4.10 -74.55
CA TYR Q 355 -75.88 -5.19 -75.46
C TYR Q 355 -74.39 -5.50 -75.40
N VAL Q 356 -74.05 -6.78 -75.25
CA VAL Q 356 -72.66 -7.19 -75.16
C VAL Q 356 -72.44 -8.41 -76.04
N PHE Q 357 -71.40 -8.33 -76.87
CA PHE Q 357 -71.00 -9.44 -77.74
C PHE Q 357 -69.73 -10.05 -77.18
N CYS Q 358 -69.84 -11.24 -76.60
CA CYS Q 358 -68.72 -11.89 -75.94
C CYS Q 358 -68.59 -13.31 -76.44
N THR Q 359 -67.82 -14.11 -75.71
CA THR Q 359 -67.68 -15.54 -75.96
C THR Q 359 -68.00 -16.30 -74.67
N VAL Q 360 -68.48 -17.54 -74.83
CA VAL Q 360 -68.87 -18.34 -73.67
C VAL Q 360 -67.66 -18.63 -72.78
N ASN Q 361 -66.52 -18.95 -73.39
CA ASN Q 361 -65.31 -19.29 -72.65
C ASN Q 361 -64.73 -18.11 -71.89
N ALA Q 362 -65.09 -16.88 -72.24
CA ALA Q 362 -64.58 -15.70 -71.56
C ALA Q 362 -65.68 -14.80 -71.03
N LEU Q 363 -66.87 -15.32 -70.78
CA LEU Q 363 -67.94 -14.49 -70.23
C LEU Q 363 -67.60 -14.07 -68.80
N PRO Q 364 -67.64 -12.78 -68.51
CA PRO Q 364 -67.47 -12.35 -67.11
C PRO Q 364 -68.77 -12.44 -66.34
N GLU Q 365 -68.76 -12.04 -65.08
CA GLU Q 365 -69.96 -12.07 -64.25
C GLU Q 365 -70.89 -10.94 -64.69
N THR Q 366 -71.89 -11.27 -65.51
CA THR Q 366 -72.83 -10.29 -66.03
C THR Q 366 -74.26 -10.80 -65.86
N THR Q 367 -75.20 -9.87 -65.86
CA THR Q 367 -76.63 -10.17 -65.84
C THR Q 367 -77.29 -9.50 -67.03
N ALA Q 368 -78.42 -10.05 -67.46
CA ALA Q 368 -79.09 -9.57 -68.67
C ALA Q 368 -80.56 -9.99 -68.64
N ASP Q 369 -81.22 -9.87 -69.80
CA ASP Q 369 -82.59 -10.31 -69.98
C ASP Q 369 -82.70 -11.46 -70.99
N ILE Q 370 -81.77 -11.52 -71.94
CA ILE Q 370 -81.65 -12.68 -72.83
C ILE Q 370 -80.20 -12.79 -73.27
N VAL Q 371 -79.74 -14.02 -73.46
CA VAL Q 371 -78.44 -14.31 -74.06
C VAL Q 371 -78.69 -15.11 -75.32
N VAL Q 372 -78.50 -14.48 -76.46
CA VAL Q 372 -78.75 -15.11 -77.76
C VAL Q 372 -77.44 -15.71 -78.25
N PHE Q 373 -77.43 -17.04 -78.38
CA PHE Q 373 -76.20 -17.79 -78.62
C PHE Q 373 -76.26 -18.38 -80.03
N ASP Q 374 -75.31 -18.01 -80.87
CA ASP Q 374 -75.18 -18.57 -82.20
C ASP Q 374 -74.34 -19.86 -82.13
N GLU Q 375 -74.01 -20.41 -83.29
CA GLU Q 375 -73.02 -21.48 -83.42
C GLU Q 375 -73.32 -22.66 -82.50
N ILE Q 376 -74.59 -23.03 -82.31
CA ILE Q 376 -74.90 -24.19 -81.49
C ILE Q 376 -74.57 -25.50 -82.18
N SER Q 377 -74.02 -25.42 -83.39
CA SER Q 377 -73.42 -26.57 -84.08
C SER Q 377 -72.04 -26.94 -83.56
N MET Q 378 -71.43 -26.09 -82.74
CA MET Q 378 -70.11 -26.32 -82.19
C MET Q 378 -69.93 -26.35 -80.67
N ALA Q 379 -70.95 -25.97 -79.91
CA ALA Q 379 -70.83 -25.98 -78.46
C ALA Q 379 -71.08 -27.37 -77.90
N THR Q 380 -70.62 -27.57 -76.67
CA THR Q 380 -70.80 -28.85 -75.98
C THR Q 380 -71.64 -28.66 -74.72
N ASN Q 381 -71.77 -29.71 -73.93
CA ASN Q 381 -72.50 -29.59 -72.66
C ASN Q 381 -71.73 -28.71 -71.68
N TYR Q 382 -70.40 -28.66 -71.81
CA TYR Q 382 -69.59 -27.83 -70.95
C TYR Q 382 -69.88 -26.35 -71.18
N ASP Q 383 -69.91 -25.92 -72.44
CA ASP Q 383 -70.20 -24.53 -72.73
C ASP Q 383 -71.61 -24.16 -72.31
N LEU Q 384 -72.56 -25.09 -72.44
CA LEU Q 384 -73.92 -24.81 -71.98
C LEU Q 384 -73.95 -24.62 -70.46
N SER Q 385 -73.25 -25.50 -69.75
CA SER Q 385 -73.21 -25.40 -68.29
C SER Q 385 -72.54 -24.11 -67.85
N VAL Q 386 -71.48 -23.66 -68.54
CA VAL Q 386 -70.84 -22.42 -68.10
C VAL Q 386 -71.66 -21.21 -68.53
N VAL Q 387 -72.47 -21.34 -69.59
CA VAL Q 387 -73.46 -20.31 -69.89
C VAL Q 387 -74.44 -20.18 -68.74
N ASN Q 388 -74.97 -21.31 -68.27
CA ASN Q 388 -75.92 -21.28 -67.16
C ASN Q 388 -75.25 -20.82 -65.87
N ALA Q 389 -73.94 -21.02 -65.75
CA ALA Q 389 -73.21 -20.62 -64.54
C ALA Q 389 -72.77 -19.16 -64.59
N ARG Q 390 -72.68 -18.55 -65.77
CA ARG Q 390 -72.19 -17.19 -65.89
C ARG Q 390 -73.29 -16.17 -66.16
N LEU Q 391 -74.42 -16.58 -66.73
CA LEU Q 391 -75.50 -15.67 -67.09
C LEU Q 391 -76.82 -16.20 -66.52
N ARG Q 392 -77.56 -15.32 -65.86
CA ARG Q 392 -78.88 -15.63 -65.30
C ARG Q 392 -79.84 -14.55 -65.80
N ALA Q 393 -80.24 -14.67 -67.06
CA ALA Q 393 -81.10 -13.70 -67.72
C ALA Q 393 -82.56 -14.12 -67.60
N LYS Q 394 -83.45 -13.33 -68.19
CA LYS Q 394 -84.87 -13.63 -68.21
C LYS Q 394 -85.27 -14.45 -69.43
N HIS Q 395 -84.49 -14.40 -70.50
CA HIS Q 395 -84.79 -15.17 -71.71
C HIS Q 395 -83.51 -15.80 -72.23
N TYR Q 396 -83.67 -16.70 -73.20
CA TYR Q 396 -82.55 -17.36 -73.86
C TYR Q 396 -83.00 -17.75 -75.26
N VAL Q 397 -82.07 -17.70 -76.21
CA VAL Q 397 -82.33 -18.17 -77.57
C VAL Q 397 -81.05 -18.81 -78.11
N TYR Q 398 -81.16 -20.04 -78.58
CA TYR Q 398 -80.05 -20.76 -79.19
C TYR Q 398 -80.21 -20.69 -80.71
N ILE Q 399 -79.37 -19.89 -81.35
CA ILE Q 399 -79.37 -19.75 -82.81
C ILE Q 399 -78.32 -20.69 -83.39
N GLY Q 400 -78.61 -21.29 -84.54
CA GLY Q 400 -77.66 -22.14 -85.20
C GLY Q 400 -78.29 -23.28 -85.98
N ASP Q 401 -77.49 -23.93 -86.83
CA ASP Q 401 -77.98 -24.96 -87.73
C ASP Q 401 -77.12 -26.21 -87.58
N PRO Q 402 -77.71 -27.38 -87.28
CA PRO Q 402 -76.90 -28.58 -87.06
C PRO Q 402 -76.26 -29.14 -88.31
N ALA Q 403 -76.64 -28.68 -89.51
CA ALA Q 403 -76.05 -29.23 -90.72
C ALA Q 403 -74.62 -28.78 -90.96
N GLN Q 404 -74.03 -28.04 -90.01
CA GLN Q 404 -72.65 -27.61 -90.14
C GLN Q 404 -71.74 -28.65 -89.47
N LEU Q 405 -70.43 -28.44 -89.54
CA LEU Q 405 -69.48 -29.40 -89.02
C LEU Q 405 -69.37 -29.30 -87.51
N PRO Q 406 -69.00 -30.39 -86.83
CA PRO Q 406 -68.94 -30.37 -85.37
C PRO Q 406 -67.59 -29.91 -84.83
N ALA Q 407 -67.38 -30.09 -83.53
CA ALA Q 407 -66.10 -29.81 -82.91
C ALA Q 407 -65.05 -30.77 -83.43
N PRO Q 408 -63.76 -30.40 -83.33
CA PRO Q 408 -62.69 -31.32 -83.74
C PRO Q 408 -62.82 -32.69 -83.11
N ARG Q 409 -62.67 -32.76 -81.80
CA ARG Q 409 -62.76 -34.02 -81.04
C ARG Q 409 -61.81 -35.06 -81.63
N THR Q 410 -60.51 -34.76 -81.52
CA THR Q 410 -59.47 -35.59 -82.11
C THR Q 410 -59.47 -37.02 -81.58
N LEU Q 411 -59.99 -37.23 -80.37
CA LEU Q 411 -59.92 -38.55 -79.76
C LEU Q 411 -60.87 -39.54 -80.43
N LEU Q 412 -61.89 -39.05 -81.14
CA LEU Q 412 -62.78 -39.93 -81.88
C LEU Q 412 -62.04 -40.52 -83.08
N THR Q 413 -61.74 -41.82 -83.02
CA THR Q 413 -61.14 -42.50 -84.15
C THR Q 413 -61.93 -43.72 -84.62
N LYS Q 414 -62.82 -44.28 -83.81
CA LYS Q 414 -63.66 -45.41 -84.19
C LYS Q 414 -65.10 -44.92 -84.21
N GLY Q 415 -65.55 -44.45 -85.37
CA GLY Q 415 -66.90 -43.98 -85.55
C GLY Q 415 -66.96 -42.48 -85.77
N THR Q 416 -68.18 -41.97 -85.78
CA THR Q 416 -68.44 -40.55 -85.99
C THR Q 416 -69.67 -40.17 -85.16
N LEU Q 417 -69.79 -38.88 -84.85
CA LEU Q 417 -70.85 -38.37 -84.01
C LEU Q 417 -72.02 -37.91 -84.85
N GLU Q 418 -73.19 -38.38 -84.53
CA GLU Q 418 -74.27 -37.68 -85.18
C GLU Q 418 -74.60 -36.40 -84.42
N PRO Q 419 -74.99 -35.34 -85.13
CA PRO Q 419 -75.34 -34.09 -84.41
C PRO Q 419 -76.42 -34.29 -83.37
N GLU Q 420 -77.33 -35.25 -83.58
CA GLU Q 420 -78.31 -35.58 -82.54
C GLU Q 420 -77.64 -36.05 -81.26
N TYR Q 421 -76.40 -36.54 -81.33
CA TYR Q 421 -75.62 -36.83 -80.13
C TYR Q 421 -74.42 -35.91 -80.01
N PHE Q 422 -74.42 -34.78 -80.73
CA PHE Q 422 -73.39 -33.76 -80.55
C PHE Q 422 -73.45 -33.17 -79.14
N ASN Q 423 -74.56 -32.51 -78.82
CA ASN Q 423 -74.80 -31.99 -77.48
C ASN Q 423 -76.30 -31.94 -77.23
N SER Q 424 -76.70 -31.34 -76.11
CA SER Q 424 -78.10 -31.36 -75.72
C SER Q 424 -78.95 -30.45 -76.60
N VAL Q 425 -78.45 -29.25 -76.92
CA VAL Q 425 -79.18 -28.34 -77.79
C VAL Q 425 -79.39 -28.97 -79.16
N CYS Q 426 -78.36 -29.63 -79.69
CA CYS Q 426 -78.52 -30.24 -81.00
C CYS Q 426 -79.42 -31.47 -80.92
N ARG Q 427 -79.32 -32.24 -79.83
CA ARG Q 427 -80.24 -33.34 -79.61
C ARG Q 427 -81.69 -32.87 -79.67
N LEU Q 428 -82.01 -31.79 -78.95
CA LEU Q 428 -83.39 -31.31 -78.90
C LEU Q 428 -83.80 -30.70 -80.23
N MET Q 429 -82.90 -29.94 -80.87
CA MET Q 429 -83.26 -29.27 -82.11
C MET Q 429 -83.30 -30.23 -83.29
N LYS Q 430 -82.88 -31.48 -83.11
CA LYS Q 430 -83.14 -32.49 -84.13
C LYS Q 430 -84.18 -33.53 -83.73
N THR Q 431 -84.51 -33.63 -82.44
CA THR Q 431 -85.59 -34.51 -82.02
C THR Q 431 -86.95 -33.80 -82.00
N ILE Q 432 -86.99 -32.55 -81.55
CA ILE Q 432 -88.20 -31.75 -81.60
C ILE Q 432 -88.10 -30.60 -82.60
N GLY Q 433 -86.99 -30.48 -83.32
CA GLY Q 433 -86.76 -29.37 -84.19
C GLY Q 433 -86.35 -28.14 -83.40
N PRO Q 434 -85.86 -27.10 -84.09
CA PRO Q 434 -85.56 -25.85 -83.40
C PRO Q 434 -86.80 -25.10 -82.92
N ASP Q 435 -88.00 -25.60 -83.24
CA ASP Q 435 -89.28 -24.99 -82.86
C ASP Q 435 -89.46 -23.53 -83.28
N MET Q 436 -88.49 -22.98 -84.01
CA MET Q 436 -88.55 -21.60 -84.47
C MET Q 436 -87.57 -21.61 -85.64
N PHE Q 437 -88.09 -21.65 -86.85
CA PHE Q 437 -87.27 -21.66 -88.06
C PHE Q 437 -87.38 -20.30 -88.76
N LEU Q 438 -86.26 -19.85 -89.33
CA LEU Q 438 -86.18 -18.58 -90.02
C LEU Q 438 -85.87 -18.80 -91.49
N GLY Q 439 -86.70 -18.22 -92.36
CA GLY Q 439 -86.46 -18.23 -93.79
C GLY Q 439 -86.69 -16.87 -94.40
N THR Q 440 -85.99 -16.56 -95.49
CA THR Q 440 -85.09 -17.51 -96.13
C THR Q 440 -83.70 -16.91 -96.31
N CYS Q 441 -82.79 -17.69 -96.88
CA CYS Q 441 -81.47 -17.18 -97.19
C CYS Q 441 -81.56 -16.12 -98.29
N ARG Q 442 -80.60 -15.22 -98.29
CA ARG Q 442 -80.61 -14.14 -99.29
C ARG Q 442 -79.26 -13.92 -99.94
N ARG Q 443 -78.17 -14.41 -99.35
CA ARG Q 443 -76.86 -14.20 -99.93
C ARG Q 443 -76.54 -15.28 -100.96
N CYS Q 444 -76.66 -16.55 -100.58
CA CYS Q 444 -76.28 -17.66 -101.45
C CYS Q 444 -77.14 -17.67 -102.71
N PRO Q 445 -76.62 -18.24 -103.81
CA PRO Q 445 -77.45 -18.41 -105.00
C PRO Q 445 -78.59 -19.36 -104.74
N ALA Q 446 -79.70 -19.14 -105.45
CA ALA Q 446 -80.87 -20.00 -105.27
C ALA Q 446 -80.60 -21.43 -105.71
N GLU Q 447 -79.66 -21.62 -106.64
CA GLU Q 447 -79.39 -22.95 -107.17
C GLU Q 447 -78.60 -23.82 -106.19
N ILE Q 448 -78.06 -23.25 -105.12
CA ILE Q 448 -77.45 -24.03 -104.04
C ILE Q 448 -78.28 -23.94 -102.75
N VAL Q 449 -79.49 -23.42 -102.82
CA VAL Q 449 -80.38 -23.32 -101.68
C VAL Q 449 -81.60 -24.22 -101.84
N ASP Q 450 -82.08 -24.38 -103.08
CA ASP Q 450 -83.22 -25.26 -103.33
C ASP Q 450 -82.75 -26.64 -103.75
N THR Q 451 -81.64 -26.73 -104.47
CA THR Q 451 -81.08 -28.03 -104.82
C THR Q 451 -80.38 -28.67 -103.63
N VAL Q 452 -79.77 -27.85 -102.77
CA VAL Q 452 -79.18 -28.37 -101.54
C VAL Q 452 -80.23 -28.59 -100.45
N SER Q 453 -81.43 -28.04 -100.62
CA SER Q 453 -82.50 -28.32 -99.66
C SER Q 453 -82.92 -29.78 -99.66
N ALA Q 454 -82.55 -30.56 -100.70
CA ALA Q 454 -83.05 -31.92 -100.83
C ALA Q 454 -82.33 -32.89 -99.92
N LEU Q 455 -81.21 -32.48 -99.33
CA LEU Q 455 -80.43 -33.41 -98.52
C LEU Q 455 -80.48 -33.78 -97.03
N VAL Q 456 -80.39 -32.79 -96.14
CA VAL Q 456 -80.36 -33.04 -94.71
C VAL Q 456 -81.51 -32.08 -94.42
N TYR Q 457 -81.68 -31.06 -95.27
CA TYR Q 457 -82.79 -30.13 -95.11
C TYR Q 457 -84.08 -30.76 -95.60
N ASP Q 458 -85.19 -30.05 -95.50
CA ASP Q 458 -86.51 -30.59 -95.82
C ASP Q 458 -87.25 -29.73 -96.83
N ASN Q 459 -86.50 -29.06 -97.71
CA ASN Q 459 -87.07 -28.21 -98.76
C ASN Q 459 -87.95 -27.12 -98.17
N LYS Q 460 -87.33 -26.23 -97.40
CA LYS Q 460 -88.03 -25.14 -96.74
C LYS Q 460 -87.34 -23.79 -96.86
N LEU Q 461 -86.03 -23.76 -97.06
CA LEU Q 461 -85.30 -22.50 -97.22
C LEU Q 461 -85.17 -22.16 -98.70
N LYS Q 462 -84.86 -20.89 -98.98
CA LYS Q 462 -84.86 -20.36 -100.33
C LYS Q 462 -83.85 -19.22 -100.42
N ALA Q 463 -83.60 -18.77 -101.65
CA ALA Q 463 -82.78 -17.60 -101.91
C ALA Q 463 -83.16 -17.07 -103.29
N HIS Q 464 -82.20 -16.47 -103.99
CA HIS Q 464 -82.43 -15.92 -105.31
C HIS Q 464 -81.17 -16.09 -106.16
N LYS Q 465 -81.22 -15.57 -107.38
CA LYS Q 465 -80.10 -15.57 -108.32
C LYS Q 465 -79.59 -16.99 -108.55
N ASP Q 466 -80.25 -17.68 -109.49
CA ASP Q 466 -79.87 -19.06 -109.80
C ASP Q 466 -78.68 -19.09 -110.75
N LYS Q 467 -78.68 -18.22 -111.75
CA LYS Q 467 -77.58 -18.13 -112.69
C LYS Q 467 -76.31 -17.66 -111.99
N SER Q 468 -75.15 -18.14 -112.45
CA SER Q 468 -75.01 -19.05 -113.60
C SER Q 468 -73.80 -19.96 -113.44
N ALA Q 469 -73.58 -20.81 -114.45
CA ALA Q 469 -72.36 -21.61 -114.58
C ALA Q 469 -72.15 -22.49 -113.34
N GLN Q 470 -73.14 -23.35 -113.08
CA GLN Q 470 -73.08 -24.27 -111.95
C GLN Q 470 -73.30 -25.67 -112.49
N CYS Q 471 -72.19 -26.36 -112.75
CA CYS Q 471 -72.23 -27.67 -113.38
C CYS Q 471 -71.29 -28.61 -112.63
N PHE Q 472 -71.70 -29.87 -112.55
CA PHE Q 472 -70.95 -30.89 -111.82
C PHE Q 472 -70.32 -31.84 -112.84
N LYS Q 473 -69.00 -31.77 -112.98
CA LYS Q 473 -68.25 -32.59 -113.94
C LYS Q 473 -67.70 -33.80 -113.21
N MET Q 474 -68.53 -34.84 -113.08
CA MET Q 474 -68.17 -36.00 -112.26
C MET Q 474 -67.04 -36.77 -112.92
N PHE Q 475 -65.87 -36.73 -112.30
CA PHE Q 475 -64.69 -37.47 -112.74
C PHE Q 475 -64.65 -38.79 -111.97
N TYR Q 476 -64.18 -39.85 -112.64
CA TYR Q 476 -63.96 -41.12 -111.96
C TYR Q 476 -62.65 -41.03 -111.17
N LYS Q 477 -62.75 -41.21 -109.85
CA LYS Q 477 -61.58 -41.08 -108.99
C LYS Q 477 -60.54 -42.15 -109.33
N GLY Q 478 -59.27 -41.72 -109.34
CA GLY Q 478 -58.16 -42.61 -109.59
C GLY Q 478 -57.63 -43.23 -108.33
N VAL Q 479 -56.45 -43.86 -108.46
CA VAL Q 479 -55.80 -44.54 -107.35
C VAL Q 479 -55.31 -43.50 -106.35
N ILE Q 480 -55.26 -43.88 -105.07
CA ILE Q 480 -54.76 -42.99 -104.03
C ILE Q 480 -53.25 -42.79 -104.21
N THR Q 481 -52.86 -41.62 -104.70
CA THR Q 481 -51.45 -41.27 -104.85
C THR Q 481 -50.97 -40.43 -103.68
N HIS Q 482 -51.13 -40.97 -102.48
CA HIS Q 482 -50.87 -40.23 -101.26
C HIS Q 482 -49.38 -40.22 -100.93
N ASP Q 483 -48.91 -39.08 -100.42
CA ASP Q 483 -47.56 -38.96 -99.86
C ASP Q 483 -47.61 -39.11 -98.33
N VAL Q 484 -48.22 -38.14 -97.66
CA VAL Q 484 -48.63 -38.30 -96.27
C VAL Q 484 -49.82 -39.25 -96.32
N SER Q 485 -50.17 -39.88 -95.19
CA SER Q 485 -51.33 -40.77 -95.15
C SER Q 485 -52.58 -40.12 -95.75
N SER Q 486 -52.65 -38.79 -95.72
CA SER Q 486 -53.72 -38.07 -96.39
C SER Q 486 -53.58 -38.19 -97.90
N ALA Q 487 -54.70 -38.44 -98.57
CA ALA Q 487 -54.66 -38.79 -99.98
C ALA Q 487 -54.46 -37.57 -100.86
N ILE Q 488 -53.63 -37.73 -101.88
CA ILE Q 488 -53.45 -36.75 -102.94
C ILE Q 488 -54.23 -37.24 -104.15
N ASN Q 489 -55.32 -36.55 -104.48
CA ASN Q 489 -56.10 -36.88 -105.67
C ASN Q 489 -55.67 -36.01 -106.86
N ARG Q 490 -54.35 -36.04 -107.11
CA ARG Q 490 -53.82 -35.37 -108.30
C ARG Q 490 -54.49 -35.83 -109.59
N PRO Q 491 -54.89 -37.10 -109.76
CA PRO Q 491 -55.74 -37.43 -110.92
C PRO Q 491 -57.01 -36.60 -110.98
N GLN Q 492 -57.61 -36.28 -109.83
CA GLN Q 492 -58.78 -35.41 -109.83
C GLN Q 492 -58.43 -34.01 -110.30
N ILE Q 493 -57.26 -33.51 -109.91
CA ILE Q 493 -56.78 -32.23 -110.42
C ILE Q 493 -56.45 -32.37 -111.91
N GLY Q 494 -56.31 -33.59 -112.40
CA GLY Q 494 -56.12 -33.86 -113.81
C GLY Q 494 -57.24 -33.33 -114.67
N VAL Q 495 -58.37 -33.02 -114.05
CA VAL Q 495 -59.46 -32.33 -114.73
C VAL Q 495 -59.26 -30.82 -114.76
N VAL Q 496 -58.23 -30.32 -114.06
CA VAL Q 496 -58.00 -28.88 -113.94
C VAL Q 496 -56.75 -28.41 -114.68
N ARG Q 497 -55.92 -29.32 -115.18
CA ARG Q 497 -54.75 -28.89 -115.95
C ARG Q 497 -55.16 -28.10 -117.19
N GLU Q 498 -56.25 -28.51 -117.83
CA GLU Q 498 -56.81 -27.81 -118.98
C GLU Q 498 -57.92 -26.85 -118.59
N PHE Q 499 -57.90 -26.34 -117.36
CA PHE Q 499 -58.99 -25.52 -116.84
C PHE Q 499 -58.62 -24.06 -116.62
N LEU Q 500 -57.32 -23.74 -116.51
CA LEU Q 500 -56.92 -22.38 -116.21
C LEU Q 500 -57.16 -21.42 -117.37
N THR Q 501 -57.27 -21.93 -118.59
CA THR Q 501 -57.51 -21.10 -119.76
C THR Q 501 -58.96 -21.11 -120.23
N ARG Q 502 -59.62 -22.26 -120.19
CA ARG Q 502 -61.01 -22.35 -120.61
C ARG Q 502 -61.96 -21.53 -119.75
N ASN Q 503 -61.58 -21.23 -118.51
CA ASN Q 503 -62.37 -20.37 -117.63
C ASN Q 503 -61.89 -18.93 -117.77
N PRO Q 504 -62.59 -18.10 -118.55
CA PRO Q 504 -62.11 -16.73 -118.78
C PRO Q 504 -62.31 -15.82 -117.57
N ALA Q 505 -63.53 -15.77 -117.06
CA ALA Q 505 -63.88 -14.90 -115.95
C ALA Q 505 -63.61 -15.53 -114.58
N TRP Q 506 -62.97 -16.69 -114.55
CA TRP Q 506 -62.73 -17.43 -113.31
C TRP Q 506 -61.22 -17.59 -113.13
N ARG Q 507 -60.59 -16.59 -112.51
CA ARG Q 507 -59.18 -16.66 -112.17
C ARG Q 507 -59.02 -16.47 -110.67
N LYS Q 508 -59.95 -15.73 -110.06
CA LYS Q 508 -59.97 -15.55 -108.62
C LYS Q 508 -60.86 -16.57 -107.91
N ALA Q 509 -61.12 -17.71 -108.56
CA ALA Q 509 -61.86 -18.79 -107.92
C ALA Q 509 -61.04 -19.36 -106.76
N VAL Q 510 -61.65 -20.24 -105.98
CA VAL Q 510 -61.00 -20.80 -104.80
C VAL Q 510 -60.98 -22.32 -104.89
N PHE Q 511 -59.81 -22.90 -104.72
CA PHE Q 511 -59.67 -24.35 -104.60
C PHE Q 511 -59.93 -24.77 -103.16
N ILE Q 512 -61.08 -25.40 -102.91
CA ILE Q 512 -61.38 -25.92 -101.58
C ILE Q 512 -61.41 -27.44 -101.67
N SER Q 513 -60.99 -28.10 -100.60
CA SER Q 513 -60.92 -29.55 -100.55
C SER Q 513 -60.82 -29.98 -99.09
N PRO Q 514 -61.40 -31.12 -98.73
CA PRO Q 514 -61.37 -31.54 -97.32
C PRO Q 514 -59.96 -31.67 -96.75
N TYR Q 515 -59.13 -32.50 -97.38
CA TYR Q 515 -57.81 -32.79 -96.83
C TYR Q 515 -56.94 -31.54 -96.82
N ASN Q 516 -56.19 -31.36 -95.72
CA ASN Q 516 -55.17 -30.33 -95.68
C ASN Q 516 -54.05 -30.61 -96.67
N SER Q 517 -53.69 -31.89 -96.84
CA SER Q 517 -52.69 -32.26 -97.82
C SER Q 517 -53.15 -31.97 -99.24
N GLN Q 518 -54.45 -32.12 -99.52
CA GLN Q 518 -54.96 -31.81 -100.84
C GLN Q 518 -54.95 -30.32 -101.12
N ASN Q 519 -55.12 -29.49 -100.09
CA ASN Q 519 -54.96 -28.05 -100.27
C ASN Q 519 -53.48 -27.69 -100.46
N ALA Q 520 -52.60 -28.34 -99.71
CA ALA Q 520 -51.16 -28.05 -99.83
C ALA Q 520 -50.63 -28.41 -101.21
N VAL Q 521 -50.85 -29.66 -101.64
CA VAL Q 521 -50.30 -30.11 -102.92
C VAL Q 521 -50.85 -29.27 -104.06
N ALA Q 522 -52.10 -28.82 -103.94
CA ALA Q 522 -52.62 -27.86 -104.91
C ALA Q 522 -51.86 -26.54 -104.82
N SER Q 523 -51.56 -26.10 -103.59
CA SER Q 523 -50.85 -24.85 -103.40
C SER Q 523 -49.45 -24.87 -103.99
N LYS Q 524 -48.84 -26.06 -104.14
CA LYS Q 524 -47.57 -26.14 -104.85
C LYS Q 524 -47.69 -25.61 -106.27
N ILE Q 525 -48.45 -26.31 -107.12
CA ILE Q 525 -48.75 -25.84 -108.47
C ILE Q 525 -50.13 -25.20 -108.39
N LEU Q 526 -50.16 -23.91 -108.07
CA LEU Q 526 -51.39 -23.20 -107.76
C LEU Q 526 -51.65 -22.10 -108.79
N GLY Q 527 -52.87 -21.56 -108.73
CA GLY Q 527 -53.26 -20.43 -109.54
C GLY Q 527 -54.20 -19.50 -108.79
N LEU Q 528 -54.61 -19.92 -107.60
CA LEU Q 528 -55.56 -19.16 -106.79
C LEU Q 528 -55.56 -19.73 -105.38
N PRO Q 529 -55.80 -18.91 -104.36
CA PRO Q 529 -55.62 -19.37 -102.98
C PRO Q 529 -56.54 -20.53 -102.61
N THR Q 530 -56.21 -21.18 -101.50
CA THR Q 530 -56.95 -22.33 -100.99
C THR Q 530 -57.40 -22.06 -99.56
N GLN Q 531 -58.62 -22.50 -99.23
CA GLN Q 531 -59.14 -22.33 -97.87
C GLN Q 531 -60.18 -23.41 -97.62
N THR Q 532 -59.80 -24.43 -96.85
CA THR Q 532 -60.74 -25.48 -96.50
C THR Q 532 -61.85 -24.93 -95.61
N VAL Q 533 -63.02 -25.56 -95.69
CA VAL Q 533 -64.22 -25.11 -94.97
C VAL Q 533 -64.01 -25.01 -93.48
N ASP Q 534 -62.99 -25.68 -92.92
CA ASP Q 534 -62.72 -25.55 -91.49
C ASP Q 534 -62.28 -24.14 -91.15
N SER Q 535 -61.49 -23.51 -92.03
CA SER Q 535 -61.11 -22.12 -91.83
C SER Q 535 -62.23 -21.15 -92.20
N SER Q 536 -63.37 -21.67 -92.68
CA SER Q 536 -64.49 -20.82 -93.07
C SER Q 536 -65.91 -21.16 -92.63
N GLN Q 537 -66.50 -20.27 -91.83
CA GLN Q 537 -67.80 -20.51 -91.19
C GLN Q 537 -68.27 -19.06 -91.09
N GLY Q 538 -67.42 -18.17 -91.59
CA GLY Q 538 -67.65 -16.74 -91.49
C GLY Q 538 -66.97 -16.08 -92.66
N SER Q 539 -66.88 -16.80 -93.78
CA SER Q 539 -66.23 -16.30 -94.99
C SER Q 539 -67.12 -16.60 -96.19
N GLU Q 540 -67.19 -15.65 -97.11
CA GLU Q 540 -67.98 -15.79 -98.33
C GLU Q 540 -67.06 -15.63 -99.54
N TYR Q 541 -67.36 -16.42 -100.58
CA TYR Q 541 -66.55 -16.43 -101.79
C TYR Q 541 -67.47 -16.35 -103.00
N ASP Q 542 -66.97 -15.72 -104.07
CA ASP Q 542 -67.75 -15.56 -105.28
C ASP Q 542 -67.70 -16.83 -106.14
N TYR Q 543 -66.51 -17.23 -106.56
CA TYR Q 543 -66.30 -18.49 -107.25
C TYR Q 543 -65.72 -19.51 -106.29
N VAL Q 544 -65.74 -20.78 -106.71
CA VAL Q 544 -65.23 -21.86 -105.89
C VAL Q 544 -65.08 -23.11 -106.74
N ILE Q 545 -63.95 -23.79 -106.58
CA ILE Q 545 -63.66 -25.03 -107.28
C ILE Q 545 -63.51 -26.10 -106.21
N PHE Q 546 -64.64 -26.68 -105.77
CA PHE Q 546 -64.62 -27.73 -104.78
C PHE Q 546 -64.00 -28.99 -105.37
N THR Q 547 -62.94 -29.47 -104.74
CA THR Q 547 -62.21 -30.65 -105.18
C THR Q 547 -62.36 -31.74 -104.14
N GLN Q 548 -62.98 -32.84 -104.53
CA GLN Q 548 -63.26 -33.95 -103.61
C GLN Q 548 -62.08 -34.91 -103.58
N THR Q 549 -62.14 -35.91 -102.71
CA THR Q 549 -61.02 -36.82 -102.51
C THR Q 549 -61.54 -38.25 -102.63
N THR Q 550 -60.85 -39.20 -101.99
CA THR Q 550 -61.13 -40.61 -102.14
C THR Q 550 -62.59 -40.93 -101.79
N GLU Q 551 -63.08 -42.06 -102.33
CA GLU Q 551 -64.43 -42.60 -102.14
C GLU Q 551 -64.79 -42.83 -100.67
N THR Q 552 -63.88 -42.63 -99.72
CA THR Q 552 -64.21 -42.81 -98.32
C THR Q 552 -65.34 -41.86 -97.91
N ALA Q 553 -66.02 -42.23 -96.82
CA ALA Q 553 -67.12 -41.41 -96.31
C ALA Q 553 -66.63 -40.05 -95.80
N HIS Q 554 -65.33 -39.89 -95.60
CA HIS Q 554 -64.77 -38.61 -95.18
C HIS Q 554 -65.04 -37.53 -96.23
N SER Q 555 -65.11 -37.93 -97.50
CA SER Q 555 -65.37 -36.97 -98.56
C SER Q 555 -66.86 -36.83 -98.84
N CYS Q 556 -67.62 -37.93 -98.76
CA CYS Q 556 -69.04 -37.94 -99.09
C CYS Q 556 -69.91 -37.65 -97.87
N ASN Q 557 -69.48 -36.73 -97.02
CA ASN Q 557 -70.27 -36.29 -95.88
C ASN Q 557 -71.26 -35.22 -96.32
N VAL Q 558 -72.55 -35.49 -96.10
CA VAL Q 558 -73.58 -34.53 -96.48
C VAL Q 558 -73.42 -33.22 -95.73
N ASN Q 559 -72.98 -33.29 -94.46
CA ASN Q 559 -72.81 -32.08 -93.66
C ASN Q 559 -71.72 -31.18 -94.23
N ARG Q 560 -70.52 -31.75 -94.43
CA ARG Q 560 -69.41 -30.95 -94.95
C ARG Q 560 -69.64 -30.56 -96.40
N PHE Q 561 -70.26 -31.42 -97.20
CA PHE Q 561 -70.62 -31.04 -98.57
C PHE Q 561 -71.55 -29.84 -98.56
N ASN Q 562 -72.60 -29.88 -97.73
CA ASN Q 562 -73.48 -28.74 -97.57
C ASN Q 562 -72.70 -27.48 -97.19
N VAL Q 563 -71.88 -27.57 -96.13
CA VAL Q 563 -71.18 -26.40 -95.65
C VAL Q 563 -70.09 -25.96 -96.63
N ALA Q 564 -69.77 -26.79 -97.63
CA ALA Q 564 -68.80 -26.44 -98.65
C ALA Q 564 -69.43 -25.87 -99.92
N ILE Q 565 -70.71 -26.10 -100.14
CA ILE Q 565 -71.38 -25.48 -101.30
C ILE Q 565 -71.88 -24.08 -100.91
N THR Q 566 -72.33 -23.92 -99.66
CA THR Q 566 -72.96 -22.70 -99.22
C THR Q 566 -71.97 -21.56 -98.97
N ARG Q 567 -70.77 -21.64 -99.54
CA ARG Q 567 -69.81 -20.54 -99.45
C ARG Q 567 -69.50 -20.01 -100.84
N ALA Q 568 -70.53 -19.92 -101.68
CA ALA Q 568 -70.37 -19.49 -103.06
C ALA Q 568 -71.40 -18.42 -103.35
N LYS Q 569 -71.16 -17.66 -104.42
CA LYS Q 569 -72.11 -16.65 -104.87
C LYS Q 569 -72.64 -16.95 -106.26
N VAL Q 570 -71.77 -17.20 -107.23
CA VAL Q 570 -72.20 -17.34 -108.62
C VAL Q 570 -72.20 -18.79 -109.06
N GLY Q 571 -71.07 -19.47 -108.94
CA GLY Q 571 -70.93 -20.81 -109.47
C GLY Q 571 -70.14 -21.72 -108.54
N ILE Q 572 -70.26 -23.02 -108.79
CA ILE Q 572 -69.53 -24.06 -108.07
C ILE Q 572 -69.64 -25.35 -108.87
N LEU Q 573 -68.62 -26.19 -108.80
CA LEU Q 573 -68.58 -27.43 -109.56
C LEU Q 573 -68.23 -28.59 -108.64
N CYS Q 574 -68.74 -29.78 -108.98
CA CYS Q 574 -68.48 -31.01 -108.24
C CYS Q 574 -67.67 -31.96 -109.10
N ILE Q 575 -66.53 -32.42 -108.58
CA ILE Q 575 -65.67 -33.36 -109.27
C ILE Q 575 -65.49 -34.56 -108.36
N MET Q 576 -66.34 -35.56 -108.52
CA MET Q 576 -66.34 -36.73 -107.65
C MET Q 576 -66.90 -37.92 -108.42
N SER Q 577 -66.52 -39.12 -107.99
CA SER Q 577 -67.12 -40.34 -108.52
C SER Q 577 -68.25 -40.11 -107.52
N ASP Q 578 -69.37 -39.57 -108.00
CA ASP Q 578 -70.64 -39.57 -107.26
C ASP Q 578 -71.61 -40.56 -107.92
N ARG Q 579 -72.04 -41.53 -107.09
CA ARG Q 579 -72.98 -42.53 -107.58
C ARG Q 579 -74.39 -42.01 -107.31
N ASP Q 580 -74.64 -41.41 -106.15
CA ASP Q 580 -75.98 -40.97 -105.82
C ASP Q 580 -76.15 -39.52 -105.37
N LEU Q 581 -75.05 -38.81 -105.12
CA LEU Q 581 -75.14 -37.44 -104.62
C LEU Q 581 -75.65 -36.50 -105.72
N TYR Q 582 -75.35 -36.81 -106.98
CA TYR Q 582 -75.81 -35.96 -108.08
C TYR Q 582 -77.23 -36.27 -108.52
N ASP Q 583 -77.91 -37.23 -107.88
CA ASP Q 583 -79.32 -37.46 -108.13
C ASP Q 583 -80.21 -36.49 -107.39
N LYS Q 584 -79.80 -36.04 -106.21
CA LYS Q 584 -80.53 -35.01 -105.48
C LYS Q 584 -80.08 -33.60 -105.85
N LEU Q 585 -78.96 -33.45 -106.54
CA LEU Q 585 -78.48 -32.16 -107.04
C LEU Q 585 -78.69 -32.12 -108.55
N GLN Q 586 -79.60 -31.26 -109.01
CA GLN Q 586 -80.07 -31.28 -110.39
C GLN Q 586 -79.48 -30.09 -111.14
N PHE Q 587 -78.27 -30.26 -111.66
CA PHE Q 587 -77.67 -29.35 -112.63
C PHE Q 587 -77.43 -30.15 -113.90
N THR Q 588 -76.72 -29.55 -114.86
CA THR Q 588 -76.32 -30.26 -116.07
C THR Q 588 -75.07 -31.09 -115.75
N SER Q 589 -75.14 -32.38 -116.05
CA SER Q 589 -74.00 -33.26 -115.82
C SER Q 589 -73.03 -33.22 -116.99
N LEU Q 590 -71.77 -32.93 -116.70
CA LEU Q 590 -70.70 -32.92 -117.70
C LEU Q 590 -69.71 -34.04 -117.43
N GLU Q 591 -68.99 -34.43 -118.48
CA GLU Q 591 -67.92 -35.40 -118.38
C GLU Q 591 -66.59 -34.70 -118.67
N ILE Q 592 -65.52 -35.28 -118.15
CA ILE Q 592 -64.20 -34.64 -118.18
C ILE Q 592 -63.60 -34.61 -119.58
N PRO Q 593 -63.60 -35.72 -120.36
CA PRO Q 593 -62.95 -35.66 -121.67
C PRO Q 593 -63.68 -34.74 -122.66
N ARG Q 594 -64.84 -34.23 -122.26
CA ARG Q 594 -65.65 -33.39 -123.13
C ARG Q 594 -65.73 -31.98 -122.55
N ARG Q 595 -65.62 -30.98 -123.40
CA ARG Q 595 -65.58 -29.58 -122.95
C ARG Q 595 -66.93 -28.90 -123.12
N ASN Q 596 -68.01 -29.64 -122.86
CA ASN Q 596 -69.36 -29.08 -122.97
C ASN Q 596 -70.37 -29.93 -122.20
N ALA R 1 66.67 -3.04 53.50
CA ALA R 1 66.59 -3.44 54.90
C ALA R 1 67.93 -4.01 55.36
N VAL R 2 68.95 -3.85 54.51
CA VAL R 2 70.26 -4.41 54.82
C VAL R 2 70.99 -3.51 55.80
N GLY R 3 71.68 -4.12 56.76
CA GLY R 3 72.45 -3.37 57.73
C GLY R 3 73.54 -4.19 58.37
N ALA R 4 74.27 -3.61 59.32
CA ALA R 4 75.45 -4.21 59.92
C ALA R 4 75.09 -4.82 61.27
N CYS R 5 75.73 -5.95 61.60
CA CYS R 5 75.43 -6.64 62.85
C CYS R 5 75.73 -5.74 64.04
N VAL R 6 74.82 -5.74 65.02
CA VAL R 6 75.02 -4.95 66.22
C VAL R 6 76.05 -5.55 67.15
N LEU R 7 76.68 -6.66 66.78
CA LEU R 7 77.81 -7.21 67.51
C LEU R 7 79.08 -7.33 66.67
N CYS R 8 79.00 -7.87 65.45
CA CYS R 8 80.17 -8.00 64.61
C CYS R 8 80.11 -7.17 63.34
N ASN R 9 79.15 -6.27 63.22
CA ASN R 9 79.10 -5.28 62.14
C ASN R 9 78.99 -5.91 60.76
N SER R 10 78.75 -7.21 60.69
CA SER R 10 78.55 -7.88 59.42
C SER R 10 77.25 -7.42 58.78
N GLN R 11 77.28 -7.16 57.48
CA GLN R 11 76.07 -6.82 56.76
C GLN R 11 75.04 -7.91 56.93
N THR R 12 73.83 -7.53 57.30
CA THR R 12 72.79 -8.52 57.55
C THR R 12 71.44 -7.97 57.17
N SER R 13 70.50 -8.89 57.02
CA SER R 13 69.09 -8.60 56.78
C SER R 13 68.24 -9.20 57.88
N LEU R 14 68.87 -9.45 59.03
CA LEU R 14 68.23 -10.16 60.13
C LEU R 14 67.87 -9.18 61.24
N ARG R 15 66.83 -9.51 61.99
CA ARG R 15 66.45 -8.73 63.15
C ARG R 15 65.74 -9.64 64.15
N CYS R 16 65.96 -9.39 65.44
CA CYS R 16 65.38 -10.21 66.49
C CYS R 16 64.00 -9.67 66.81
N GLY R 17 62.96 -10.35 66.30
CA GLY R 17 61.59 -9.91 66.51
C GLY R 17 61.13 -9.99 67.94
N ALA R 18 61.66 -10.92 68.74
CA ALA R 18 61.27 -10.98 70.14
C ALA R 18 61.82 -9.82 70.96
N CYS R 19 63.03 -9.36 70.63
CA CYS R 19 63.55 -8.13 71.21
C CYS R 19 62.66 -6.97 70.81
N ILE R 20 62.72 -5.88 71.59
CA ILE R 20 61.79 -4.78 71.35
C ILE R 20 62.22 -3.94 70.16
N ARG R 21 63.54 -3.80 69.93
CA ARG R 21 64.02 -2.91 68.88
C ARG R 21 64.48 -3.64 67.63
N ARG R 22 64.57 -4.97 67.67
CA ARG R 22 64.89 -5.77 66.50
C ARG R 22 66.23 -5.33 65.91
N PRO R 23 67.34 -5.67 66.56
CA PRO R 23 68.65 -5.23 66.06
C PRO R 23 69.11 -6.07 64.87
N PHE R 24 70.04 -5.49 64.13
CA PHE R 24 70.64 -6.18 62.99
C PHE R 24 71.67 -7.16 63.49
N LEU R 25 71.47 -8.45 63.20
CA LEU R 25 72.23 -9.54 63.79
C LEU R 25 72.91 -10.34 62.70
N CYS R 26 74.18 -10.66 62.91
CA CYS R 26 74.83 -11.61 62.03
C CYS R 26 74.20 -13.00 62.24
N CYS R 27 74.59 -13.92 61.36
CA CYS R 27 74.03 -15.27 61.43
C CYS R 27 74.44 -15.97 62.72
N LYS R 28 75.73 -15.92 63.05
CA LYS R 28 76.22 -16.56 64.29
C LYS R 28 75.63 -15.88 65.52
N CYS R 29 75.71 -14.55 65.58
CA CYS R 29 75.21 -13.82 66.74
C CYS R 29 73.73 -14.09 66.95
N CYS R 30 72.94 -14.05 65.87
CA CYS R 30 71.52 -14.34 65.98
C CYS R 30 71.28 -15.78 66.38
N TYR R 31 72.10 -16.71 65.87
CA TYR R 31 72.00 -18.10 66.29
C TYR R 31 72.15 -18.22 67.79
N ASP R 32 73.16 -17.56 68.35
CA ASP R 32 73.39 -17.62 69.78
C ASP R 32 72.25 -16.98 70.55
N HIS R 33 71.72 -15.86 70.05
CA HIS R 33 70.63 -15.20 70.77
C HIS R 33 69.35 -16.02 70.71
N VAL R 34 69.17 -16.83 69.67
CA VAL R 34 67.94 -17.61 69.55
C VAL R 34 68.05 -18.96 70.26
N ILE R 35 69.26 -19.48 70.45
CA ILE R 35 69.38 -20.73 71.20
C ILE R 35 69.45 -20.48 72.71
N SER R 36 69.57 -19.23 73.13
CA SER R 36 69.81 -18.91 74.53
C SER R 36 68.59 -18.38 75.28
N THR R 37 68.22 -17.11 75.07
CA THR R 37 67.14 -16.48 75.82
C THR R 37 65.79 -17.05 75.40
N SER R 38 64.73 -16.34 75.76
CA SER R 38 63.39 -16.66 75.30
C SER R 38 63.08 -16.01 73.96
N HIS R 39 64.04 -15.35 73.34
CA HIS R 39 63.84 -14.72 72.03
C HIS R 39 63.80 -15.81 70.99
N LYS R 40 62.58 -16.20 70.61
CA LYS R 40 62.36 -17.33 69.71
C LYS R 40 61.71 -16.89 68.40
N LEU R 41 61.83 -15.60 68.06
CA LEU R 41 61.30 -15.10 66.81
C LEU R 41 62.32 -14.16 66.18
N VAL R 42 62.79 -14.51 64.99
CA VAL R 42 63.71 -13.69 64.22
C VAL R 42 63.05 -13.31 62.91
N LEU R 43 63.25 -12.07 62.48
CA LEU R 43 62.63 -11.53 61.28
C LEU R 43 63.71 -11.11 60.31
N SER R 44 63.47 -11.34 59.03
CA SER R 44 64.39 -10.94 57.98
C SER R 44 63.71 -9.90 57.10
N VAL R 45 63.99 -9.92 55.80
CA VAL R 45 63.23 -9.16 54.84
C VAL R 45 61.83 -9.77 54.81
N ASN R 46 61.76 -11.07 55.07
CA ASN R 46 60.52 -11.80 55.21
C ASN R 46 60.51 -12.47 56.57
N PRO R 47 59.44 -12.27 57.35
CA PRO R 47 59.36 -12.95 58.66
C PRO R 47 59.38 -14.46 58.51
N TYR R 48 59.98 -15.12 59.51
CA TYR R 48 60.16 -16.57 59.47
C TYR R 48 59.02 -17.25 60.23
N VAL R 49 58.17 -17.93 59.48
CA VAL R 49 57.02 -18.64 60.02
C VAL R 49 56.62 -19.75 59.05
N CYS R 50 56.20 -20.89 59.61
CA CYS R 50 55.67 -22.00 58.81
C CYS R 50 54.52 -21.52 57.94
N ASN R 51 54.78 -21.39 56.63
CA ASN R 51 53.79 -20.88 55.70
C ASN R 51 52.49 -21.66 55.70
N ALA R 52 52.50 -22.89 56.21
CA ALA R 52 51.29 -23.72 56.18
C ALA R 52 50.17 -23.04 56.96
N PRO R 53 48.97 -22.97 56.41
CA PRO R 53 47.84 -22.42 57.19
C PRO R 53 47.52 -23.33 58.36
N GLY R 54 47.05 -22.72 59.45
CA GLY R 54 46.76 -23.46 60.66
C GLY R 54 47.97 -23.80 61.50
N CYS R 55 49.17 -23.90 60.90
CA CYS R 55 50.38 -24.17 61.67
C CYS R 55 50.97 -22.84 62.10
N ASP R 56 50.91 -22.57 63.40
CA ASP R 56 51.34 -21.30 63.96
C ASP R 56 52.63 -21.44 64.77
N VAL R 57 53.44 -22.46 64.46
CA VAL R 57 54.74 -22.59 65.12
C VAL R 57 55.59 -21.36 64.81
N THR R 58 56.31 -20.88 65.83
CA THR R 58 56.96 -19.57 65.76
C THR R 58 58.48 -19.68 65.71
N ASP R 59 59.08 -20.50 66.56
CA ASP R 59 60.54 -20.60 66.57
C ASP R 59 61.05 -21.27 65.30
N VAL R 60 62.30 -20.97 64.96
CA VAL R 60 62.89 -21.49 63.74
C VAL R 60 63.50 -22.87 63.90
N THR R 61 63.78 -23.28 65.14
CA THR R 61 64.42 -24.57 65.36
C THR R 61 63.53 -25.73 64.94
N GLN R 62 62.23 -25.52 64.85
CA GLN R 62 61.30 -26.50 64.29
C GLN R 62 60.86 -26.12 62.88
N LEU R 63 61.58 -25.21 62.23
CA LEU R 63 61.24 -24.73 60.89
C LEU R 63 62.24 -25.26 59.89
N TYR R 64 61.73 -25.64 58.72
CA TYR R 64 62.52 -26.24 57.66
C TYR R 64 62.16 -25.57 56.34
N LEU R 65 63.17 -25.16 55.59
CA LEU R 65 62.95 -24.47 54.32
C LEU R 65 62.48 -25.47 53.28
N GLY R 66 61.19 -25.43 52.97
CA GLY R 66 60.64 -26.33 51.97
C GLY R 66 60.64 -26.51 50.46
N GLY R 67 59.92 -25.65 49.74
CA GLY R 67 59.71 -25.78 48.31
C GLY R 67 60.07 -24.37 47.89
N MET R 68 59.39 -23.37 48.46
CA MET R 68 59.75 -21.98 48.22
C MET R 68 59.67 -21.24 49.55
N SER R 69 59.36 -21.93 50.63
CA SER R 69 59.15 -21.29 51.91
C SER R 69 59.67 -22.19 53.02
N TYR R 70 59.50 -21.73 54.26
CA TYR R 70 59.86 -22.48 55.45
C TYR R 70 58.59 -22.96 56.11
N TYR R 71 58.59 -24.22 56.54
CA TYR R 71 57.43 -24.82 57.15
C TYR R 71 57.84 -25.62 58.37
N CYS R 72 56.83 -26.08 59.11
CA CYS R 72 57.05 -26.91 60.28
C CYS R 72 57.60 -28.28 59.88
N LYS R 73 57.63 -29.19 60.86
CA LYS R 73 57.95 -30.58 60.55
C LYS R 73 56.76 -31.29 59.93
N SER R 74 55.56 -31.03 60.43
CA SER R 74 54.37 -31.74 59.98
C SER R 74 54.00 -31.35 58.55
N HIS R 75 54.18 -30.07 58.21
CA HIS R 75 53.80 -29.55 56.91
C HIS R 75 54.96 -29.40 55.96
N LYS R 76 56.15 -29.87 56.33
CA LYS R 76 57.28 -29.76 55.42
C LYS R 76 57.08 -30.67 54.21
N PRO R 77 57.51 -30.26 53.03
CA PRO R 77 57.55 -31.17 51.89
C PRO R 77 58.60 -32.24 52.10
N PRO R 78 58.66 -33.26 51.23
CA PRO R 78 59.72 -34.26 51.37
C PRO R 78 61.11 -33.64 51.46
N ILE R 79 61.56 -33.00 50.39
CA ILE R 79 62.89 -32.40 50.39
C ILE R 79 62.79 -31.01 51.03
N SER R 80 63.42 -30.86 52.20
CA SER R 80 63.36 -29.60 52.93
C SER R 80 64.39 -29.66 54.06
N PHE R 81 65.14 -28.58 54.25
CA PHE R 81 66.16 -28.60 55.27
C PHE R 81 65.89 -27.53 56.33
N PRO R 82 66.43 -27.69 57.53
CA PRO R 82 66.31 -26.63 58.53
C PRO R 82 67.20 -25.46 58.19
N LEU R 83 66.74 -24.27 58.55
CA LEU R 83 67.54 -23.06 58.44
C LEU R 83 68.58 -22.96 59.55
N CYS R 84 68.38 -23.67 60.65
CA CYS R 84 69.32 -23.72 61.75
C CYS R 84 70.34 -24.83 61.46
N ALA R 85 71.54 -24.44 61.02
CA ALA R 85 72.59 -25.39 60.71
C ALA R 85 73.91 -24.66 60.63
N ASN R 86 74.95 -25.27 61.20
CA ASN R 86 76.30 -24.70 61.21
C ASN R 86 76.33 -23.35 61.93
N GLY R 87 75.70 -23.29 63.11
CA GLY R 87 75.63 -22.04 63.84
C GLY R 87 75.11 -20.86 63.04
N GLN R 88 74.47 -21.11 61.90
CA GLN R 88 74.06 -20.07 60.98
C GLN R 88 72.60 -20.25 60.64
N VAL R 89 71.78 -19.30 61.03
CA VAL R 89 70.40 -19.25 60.57
C VAL R 89 70.41 -18.62 59.17
N PHE R 90 69.56 -19.12 58.29
CA PHE R 90 69.62 -18.75 56.88
C PHE R 90 69.41 -17.25 56.71
N GLY R 91 70.38 -16.60 56.08
CA GLY R 91 70.30 -15.19 55.79
C GLY R 91 71.15 -14.84 54.59
N LEU R 92 71.63 -13.60 54.57
CA LEU R 92 72.54 -13.16 53.52
C LEU R 92 73.98 -13.17 54.01
N TYR R 93 74.91 -13.22 53.06
CA TYR R 93 76.33 -13.01 53.32
C TYR R 93 76.88 -14.05 54.29
N LYS R 94 76.33 -15.25 54.21
CA LYS R 94 76.66 -16.31 55.18
C LYS R 94 78.16 -16.54 55.26
N ASN R 95 78.87 -16.41 54.15
CA ASN R 95 80.31 -16.58 54.13
C ASN R 95 81.06 -15.32 54.57
N THR R 96 80.38 -14.18 54.63
CA THR R 96 80.96 -12.97 55.21
C THR R 96 80.54 -12.79 56.66
N CYS R 97 79.68 -13.67 57.18
CA CYS R 97 79.34 -13.62 58.59
C CYS R 97 80.54 -13.95 59.45
N VAL R 98 80.92 -13.03 60.32
CA VAL R 98 82.04 -13.23 61.22
C VAL R 98 81.58 -13.63 62.61
N GLY R 99 80.54 -12.97 63.12
CA GLY R 99 80.05 -13.29 64.45
C GLY R 99 81.00 -12.83 65.55
N SER R 100 80.54 -13.01 66.77
CA SER R 100 81.31 -12.67 67.97
C SER R 100 80.70 -13.42 69.14
N ASP R 101 81.41 -13.43 70.27
CA ASP R 101 80.95 -14.09 71.49
C ASP R 101 80.45 -13.09 72.51
N ASN R 102 80.23 -11.84 72.10
CA ASN R 102 79.67 -10.80 72.95
C ASN R 102 78.19 -11.04 73.28
N VAL R 103 77.69 -12.23 72.93
CA VAL R 103 76.31 -12.63 73.15
C VAL R 103 75.97 -12.54 74.64
N THR R 104 77.01 -12.56 75.47
CA THR R 104 76.81 -12.43 76.92
C THR R 104 76.09 -11.14 77.28
N ASP R 105 76.77 -10.01 77.12
CA ASP R 105 76.17 -8.75 77.56
C ASP R 105 75.00 -8.34 76.68
N PHE R 106 75.03 -8.71 75.40
CA PHE R 106 73.87 -8.44 74.56
C PHE R 106 72.64 -9.17 75.08
N ASN R 107 72.78 -10.45 75.43
CA ASN R 107 71.68 -11.20 76.02
C ASN R 107 71.24 -10.59 77.34
N ALA R 108 72.20 -10.15 78.15
CA ALA R 108 71.87 -9.50 79.41
C ALA R 108 71.01 -8.26 79.17
N ILE R 109 71.39 -7.43 78.20
CA ILE R 109 70.59 -6.26 77.86
C ILE R 109 69.23 -6.68 77.29
N ALA R 110 69.20 -7.79 76.57
CA ALA R 110 67.95 -8.29 76.00
C ALA R 110 66.97 -8.72 77.08
N THR R 111 67.45 -9.30 78.18
CA THR R 111 66.58 -9.77 79.24
C THR R 111 66.50 -8.82 80.43
N CYS R 112 67.24 -7.73 80.41
CA CYS R 112 67.22 -6.77 81.52
C CYS R 112 65.89 -6.01 81.53
N ASP R 113 65.49 -5.58 82.72
CA ASP R 113 64.17 -4.98 82.92
C ASP R 113 64.21 -3.50 83.32
N TRP R 114 65.40 -2.94 83.59
CA TRP R 114 65.58 -1.55 83.98
C TRP R 114 64.95 -1.21 85.33
N THR R 115 64.68 -2.21 86.17
CA THR R 115 64.14 -1.97 87.50
C THR R 115 65.19 -2.07 88.59
N ASN R 116 66.44 -2.38 88.23
CA ASN R 116 67.52 -2.52 89.19
C ASN R 116 68.63 -1.53 88.86
N ALA R 117 69.28 -1.05 89.92
CA ALA R 117 70.44 -0.19 89.75
C ALA R 117 71.56 -0.92 89.03
N GLY R 118 71.71 -2.23 89.29
CA GLY R 118 72.76 -2.99 88.63
C GLY R 118 72.60 -3.04 87.13
N ASP R 119 71.35 -3.11 86.65
CA ASP R 119 71.11 -3.03 85.22
C ASP R 119 71.64 -1.72 84.66
N TYR R 120 71.40 -0.61 85.36
CA TYR R 120 71.84 0.68 84.86
C TYR R 120 73.37 0.81 84.94
N ILE R 121 73.97 0.21 85.98
CA ILE R 121 75.43 0.19 86.04
C ILE R 121 76.00 -0.54 84.85
N LEU R 122 75.50 -1.76 84.58
CA LEU R 122 76.00 -2.54 83.46
C LEU R 122 75.76 -1.81 82.14
N ALA R 123 74.58 -1.23 81.97
CA ALA R 123 74.26 -0.47 80.76
C ALA R 123 75.14 0.76 80.61
N ASN R 124 75.52 1.38 81.72
CA ASN R 124 76.46 2.49 81.69
C ASN R 124 77.91 2.04 81.61
N THR R 125 78.17 0.74 81.74
CA THR R 125 79.53 0.20 81.65
C THR R 125 79.64 -0.91 80.62
N CYS R 126 79.14 -0.69 79.41
CA CYS R 126 79.27 -1.62 78.30
C CYS R 126 79.83 -0.89 77.08
N THR R 127 79.84 -1.57 75.93
CA THR R 127 80.42 -1.01 74.72
C THR R 127 79.46 -0.01 74.07
N GLU R 128 80.03 0.85 73.23
CA GLU R 128 79.30 2.00 72.69
C GLU R 128 78.02 1.56 71.98
N ARG R 129 78.11 0.60 71.07
CA ARG R 129 76.90 0.10 70.42
C ARG R 129 75.96 -0.50 71.45
N LEU R 130 76.48 -1.28 72.39
CA LEU R 130 75.65 -1.81 73.46
C LEU R 130 75.15 -0.70 74.37
N LYS R 131 75.96 0.35 74.56
CA LYS R 131 75.49 1.50 75.34
C LYS R 131 74.27 2.14 74.71
N LEU R 132 74.35 2.45 73.41
CA LEU R 132 73.24 3.12 72.75
C LEU R 132 72.04 2.19 72.61
N PHE R 133 72.28 0.89 72.48
CA PHE R 133 71.15 -0.04 72.43
C PHE R 133 70.46 -0.14 73.79
N ALA R 134 71.26 -0.16 74.86
CA ALA R 134 70.68 -0.04 76.20
C ALA R 134 69.88 1.24 76.32
N ALA R 135 70.40 2.35 75.79
CA ALA R 135 69.69 3.62 75.84
C ALA R 135 68.34 3.53 75.15
N GLU R 136 68.35 3.02 73.92
CA GLU R 136 67.11 2.92 73.15
C GLU R 136 66.10 2.01 73.84
N THR R 137 66.56 0.86 74.34
CA THR R 137 65.66 -0.10 74.97
C THR R 137 65.09 0.46 76.28
N LEU R 138 65.94 1.07 77.11
CA LEU R 138 65.44 1.64 78.35
C LEU R 138 64.44 2.75 78.06
N LYS R 139 64.74 3.61 77.08
CA LYS R 139 63.82 4.69 76.76
C LYS R 139 62.48 4.14 76.28
N ALA R 140 62.52 3.11 75.43
CA ALA R 140 61.27 2.51 74.96
C ALA R 140 60.48 1.90 76.10
N THR R 141 61.17 1.26 77.06
CA THR R 141 60.47 0.70 78.21
C THR R 141 59.81 1.79 79.03
N GLU R 142 60.51 2.91 79.24
CA GLU R 142 59.90 4.00 80.00
C GLU R 142 58.71 4.61 79.26
N GLU R 143 58.82 4.76 77.93
CA GLU R 143 57.70 5.30 77.17
C GLU R 143 56.49 4.39 77.25
N THR R 144 56.72 3.07 77.15
CA THR R 144 55.61 2.13 77.27
C THR R 144 55.02 2.14 78.68
N PHE R 145 55.84 2.37 79.70
CA PHE R 145 55.32 2.53 81.06
C PHE R 145 54.44 3.77 81.15
N LYS R 146 54.86 4.87 80.53
CA LYS R 146 54.06 6.09 80.54
C LYS R 146 52.74 5.88 79.80
N LEU R 147 52.79 5.13 78.69
CA LEU R 147 51.55 4.79 77.98
C LEU R 147 50.69 3.82 78.76
N SER R 148 51.26 3.08 79.71
CA SER R 148 50.46 2.18 80.54
C SER R 148 49.48 2.93 81.42
N TYR R 149 49.72 4.22 81.70
CA TYR R 149 48.82 5.03 82.51
C TYR R 149 47.57 5.36 81.70
N GLY R 150 46.65 6.11 82.32
CA GLY R 150 45.38 6.38 81.71
C GLY R 150 45.04 7.84 81.54
N ILE R 151 43.77 8.18 81.65
CA ILE R 151 43.26 9.50 81.34
C ILE R 151 43.08 10.28 82.64
N ALA R 152 42.44 11.45 82.53
CA ALA R 152 42.24 12.33 83.68
C ALA R 152 40.99 13.16 83.45
N THR R 153 39.91 12.83 84.16
CA THR R 153 38.64 13.50 84.01
C THR R 153 38.58 14.74 84.90
N VAL R 154 38.14 15.86 84.32
CA VAL R 154 38.10 17.14 85.03
C VAL R 154 36.89 17.15 85.94
N ARG R 155 37.11 17.23 87.25
CA ARG R 155 36.00 17.42 88.18
C ARG R 155 35.45 18.83 88.07
N GLU R 156 36.31 19.83 88.29
CA GLU R 156 35.93 21.23 88.17
C GLU R 156 37.13 22.02 87.65
N VAL R 157 36.84 23.04 86.84
CA VAL R 157 37.87 23.97 86.38
C VAL R 157 37.82 25.20 87.26
N LEU R 158 38.70 25.26 88.25
CA LEU R 158 38.60 26.31 89.27
C LEU R 158 39.07 27.66 88.72
N SER R 159 40.27 27.71 88.15
CA SER R 159 40.78 28.96 87.58
C SER R 159 41.92 28.63 86.62
N ASP R 160 42.54 29.69 86.10
CA ASP R 160 43.61 29.53 85.11
C ASP R 160 44.85 28.88 85.71
N ARG R 161 45.02 28.94 87.03
CA ARG R 161 46.12 28.27 87.71
C ARG R 161 45.68 27.23 88.73
N GLU R 162 44.61 27.48 89.46
CA GLU R 162 44.07 26.52 90.43
C GLU R 162 43.08 25.61 89.72
N LEU R 163 43.22 24.30 89.95
CA LEU R 163 42.46 23.32 89.19
C LEU R 163 42.04 22.17 90.10
N HIS R 164 40.88 21.59 89.81
CA HIS R 164 40.35 20.42 90.51
C HIS R 164 40.23 19.30 89.48
N LEU R 165 41.31 18.55 89.29
CA LEU R 165 41.37 17.50 88.28
C LEU R 165 41.30 16.14 88.96
N SER R 166 40.19 15.44 88.77
CA SER R 166 40.09 14.06 89.21
C SER R 166 40.87 13.15 88.28
N TRP R 167 41.27 12.00 88.80
CA TRP R 167 42.12 11.08 88.06
C TRP R 167 41.39 9.76 87.82
N GLU R 168 41.93 8.96 86.91
CA GLU R 168 41.22 7.79 86.42
C GLU R 168 40.97 6.77 87.53
N VAL R 169 39.84 6.07 87.40
CA VAL R 169 39.43 5.11 88.41
C VAL R 169 40.34 3.90 88.39
N GLY R 170 40.70 3.40 89.57
CA GLY R 170 41.52 2.21 89.71
C GLY R 170 42.86 2.29 89.01
N LYS R 171 43.37 3.50 88.85
CA LYS R 171 44.62 3.72 88.13
C LYS R 171 45.63 4.39 89.05
N PRO R 172 46.87 3.90 89.08
CA PRO R 172 47.92 4.60 89.83
C PRO R 172 48.11 6.02 89.32
N ARG R 173 47.70 7.00 90.12
CA ARG R 173 47.73 8.38 89.68
C ARG R 173 49.16 8.81 89.36
N PRO R 174 49.42 9.39 88.20
CA PRO R 174 50.72 10.00 87.94
C PRO R 174 50.95 11.17 88.88
N PRO R 175 51.99 11.09 89.71
CA PRO R 175 52.17 12.09 90.77
C PRO R 175 52.31 13.50 90.23
N LEU R 176 52.21 14.46 91.15
CA LEU R 176 52.22 15.88 90.82
C LEU R 176 53.64 16.29 90.48
N ASN R 177 54.06 16.02 89.25
CA ASN R 177 55.40 16.36 88.80
C ASN R 177 55.32 17.20 87.54
N ARG R 178 56.38 17.97 87.30
CA ARG R 178 56.39 18.87 86.14
C ARG R 178 56.69 18.11 84.85
N ASN R 179 57.44 17.01 84.94
CA ASN R 179 57.91 16.34 83.73
C ASN R 179 56.76 15.78 82.91
N TYR R 180 55.80 15.13 83.56
CA TYR R 180 54.68 14.52 82.86
C TYR R 180 53.76 15.62 82.34
N VAL R 181 54.06 16.15 81.16
CA VAL R 181 53.23 17.17 80.54
C VAL R 181 51.94 16.51 80.08
N PHE R 182 50.80 17.08 80.46
CA PHE R 182 49.50 16.47 80.20
C PHE R 182 48.79 17.19 79.08
N THR R 183 48.39 16.45 78.06
CA THR R 183 47.67 17.00 76.92
C THR R 183 46.16 16.88 77.15
N GLY R 184 45.44 17.97 76.85
CA GLY R 184 44.02 18.03 77.12
C GLY R 184 43.16 17.77 75.89
N TYR R 185 41.97 17.23 76.15
CA TYR R 185 41.04 16.85 75.10
C TYR R 185 39.61 17.13 75.54
N ARG R 186 38.91 17.97 74.79
CA ARG R 186 37.49 18.21 74.98
C ARG R 186 36.76 17.69 73.75
N VAL R 187 36.28 16.45 73.81
CA VAL R 187 35.56 15.88 72.69
C VAL R 187 34.28 16.66 72.44
N THR R 188 34.02 16.99 71.18
CA THR R 188 32.75 17.62 70.82
C THR R 188 31.66 16.57 71.02
N LYS R 189 31.57 15.60 70.11
CA LYS R 189 30.76 14.41 70.39
C LYS R 189 31.32 13.06 69.94
N ASN R 190 31.81 12.82 68.71
CA ASN R 190 32.21 13.68 67.56
C ASN R 190 33.36 14.66 67.42
N SER R 191 34.57 14.10 67.27
CA SER R 191 35.77 14.79 66.83
C SER R 191 36.64 15.33 67.96
N LYS R 192 36.97 14.48 68.92
CA LYS R 192 37.89 14.86 69.98
C LYS R 192 39.06 15.73 69.53
N VAL R 193 39.21 16.89 70.16
CA VAL R 193 40.20 17.88 69.77
C VAL R 193 41.24 17.96 70.88
N GLN R 194 42.50 18.14 70.48
CA GLN R 194 43.60 18.35 71.42
C GLN R 194 43.60 19.83 71.80
N ILE R 195 43.44 20.11 73.10
CA ILE R 195 43.32 21.49 73.56
C ILE R 195 44.68 22.10 73.93
N GLY R 196 45.73 21.29 74.03
CA GLY R 196 47.05 21.78 74.31
C GLY R 196 47.76 20.95 75.38
N GLU R 197 48.91 21.44 75.80
CA GLU R 197 49.78 20.76 76.75
C GLU R 197 49.79 21.53 78.07
N TYR R 198 49.75 20.80 79.18
CA TYR R 198 49.58 21.41 80.49
C TYR R 198 50.46 20.70 81.50
N THR R 199 50.85 21.43 82.55
CA THR R 199 51.63 20.89 83.65
C THR R 199 50.84 21.02 84.94
N PHE R 200 51.31 20.33 85.99
CA PHE R 200 50.65 20.32 87.28
C PHE R 200 51.69 20.48 88.40
N GLU R 201 51.23 20.92 89.56
CA GLU R 201 52.10 21.16 90.70
C GLU R 201 51.29 21.10 91.99
N LYS R 202 51.90 20.55 93.04
CA LYS R 202 51.27 20.51 94.36
C LYS R 202 51.09 21.91 94.93
N GLY R 203 49.85 22.40 94.95
CA GLY R 203 49.57 23.74 95.39
C GLY R 203 49.63 23.93 96.89
N ASP R 204 48.91 24.93 97.38
CA ASP R 204 48.89 25.26 98.80
C ASP R 204 47.99 24.33 99.61
N TYR R 205 47.29 23.41 98.97
CA TYR R 205 46.44 22.43 99.64
C TYR R 205 45.99 21.42 98.59
N GLY R 206 45.29 20.39 99.04
CA GLY R 206 44.63 19.44 98.16
C GLY R 206 43.13 19.59 98.28
N ASP R 207 42.40 19.15 97.26
CA ASP R 207 42.97 18.49 96.08
C ASP R 207 43.40 19.50 95.02
N ALA R 208 43.04 20.76 95.22
CA ALA R 208 43.28 21.79 94.22
C ALA R 208 44.75 21.91 93.88
N VAL R 209 45.06 21.89 92.60
CA VAL R 209 46.44 21.88 92.12
C VAL R 209 46.70 23.17 91.35
N VAL R 210 47.97 23.57 91.31
CA VAL R 210 48.39 24.73 90.56
C VAL R 210 49.00 24.27 89.24
N TYR R 211 48.50 24.85 88.14
CA TYR R 211 48.85 24.39 86.81
C TYR R 211 49.14 25.57 85.90
N ARG R 212 49.80 25.28 84.79
CA ARG R 212 50.05 26.27 83.74
C ARG R 212 49.89 25.60 82.39
N GLY R 213 49.32 26.33 81.44
CA GLY R 213 48.96 25.75 80.15
C GLY R 213 49.64 26.43 79.00
N THR R 214 49.69 25.73 77.87
CA THR R 214 50.31 26.27 76.67
C THR R 214 49.52 27.46 76.12
N THR R 215 48.21 27.33 76.03
CA THR R 215 47.35 28.34 75.42
C THR R 215 46.34 28.82 76.45
N THR R 216 45.80 30.02 76.21
CA THR R 216 44.73 30.57 77.04
C THR R 216 43.38 29.91 76.79
N TYR R 217 43.32 28.92 75.88
CA TYR R 217 42.09 28.18 75.63
C TYR R 217 41.72 27.44 76.91
N LYS R 218 40.73 27.98 77.63
CA LYS R 218 40.44 27.52 78.97
C LYS R 218 39.85 26.12 78.97
N LEU R 219 40.14 25.38 80.03
CA LEU R 219 39.64 24.02 80.19
C LEU R 219 38.13 24.04 80.43
N ASN R 220 37.58 22.84 80.61
CA ASN R 220 36.16 22.65 80.90
C ASN R 220 36.03 21.37 81.72
N VAL R 221 34.85 21.16 82.31
CA VAL R 221 34.60 19.97 83.12
C VAL R 221 34.60 18.69 82.29
N GLY R 222 34.14 18.74 81.04
CA GLY R 222 34.06 17.56 80.21
C GLY R 222 35.36 17.09 79.59
N ASP R 223 36.45 17.80 79.81
CA ASP R 223 37.73 17.42 79.22
C ASP R 223 38.29 16.17 79.87
N TYR R 224 39.29 15.58 79.20
CA TYR R 224 40.10 14.53 79.78
C TYR R 224 41.55 14.74 79.36
N PHE R 225 42.48 14.27 80.19
CA PHE R 225 43.90 14.54 80.02
C PHE R 225 44.69 13.23 80.08
N VAL R 226 45.62 13.07 79.15
CA VAL R 226 46.65 12.03 79.26
C VAL R 226 48.00 12.72 79.18
N LEU R 227 49.07 11.96 79.36
CA LEU R 227 50.43 12.49 79.25
C LEU R 227 50.92 12.36 77.82
N THR R 228 51.62 13.40 77.37
CA THR R 228 52.13 13.44 76.01
C THR R 228 53.33 12.51 75.88
N SER R 229 53.42 11.83 74.74
CA SER R 229 54.49 10.89 74.48
C SER R 229 54.73 10.82 72.97
N HIS R 230 55.50 9.83 72.54
CA HIS R 230 55.87 9.67 71.15
C HIS R 230 56.34 8.23 70.95
N THR R 231 57.15 8.01 69.91
CA THR R 231 57.88 6.76 69.74
C THR R 231 59.36 7.05 69.91
N VAL R 232 60.14 6.03 70.21
CA VAL R 232 61.57 6.19 70.38
C VAL R 232 62.23 6.20 69.01
N MET R 233 62.84 7.35 68.64
CA MET R 233 63.49 7.37 67.34
C MET R 233 64.79 6.59 67.38
N PRO R 234 65.17 5.95 66.27
CA PRO R 234 66.49 5.33 66.19
C PRO R 234 67.59 6.37 66.17
N LEU R 235 68.80 5.92 66.50
CA LEU R 235 69.95 6.80 66.68
C LEU R 235 71.17 6.16 66.04
N SER R 236 72.08 7.01 65.54
CA SER R 236 73.28 6.54 64.85
C SER R 236 74.56 7.17 65.39
N ALA R 237 74.50 8.38 65.91
CA ALA R 237 75.70 9.08 66.32
C ALA R 237 76.29 8.45 67.58
N PRO R 238 77.58 8.64 67.84
CA PRO R 238 78.18 8.12 69.07
C PRO R 238 77.72 8.91 70.28
N THR R 239 77.88 8.28 71.45
CA THR R 239 77.57 8.97 72.70
C THR R 239 78.51 10.15 72.92
N LEU R 240 79.78 10.00 72.53
CA LEU R 240 80.77 11.05 72.70
C LEU R 240 81.80 11.00 71.59
N VAL R 241 82.22 12.18 71.14
CA VAL R 241 83.32 12.33 70.18
C VAL R 241 84.61 11.97 70.92
N PRO R 242 85.61 11.41 70.25
CA PRO R 242 86.90 11.16 70.91
C PRO R 242 87.60 12.47 71.27
N GLN R 243 88.57 12.36 72.19
CA GLN R 243 89.32 13.51 72.65
C GLN R 243 90.39 13.89 71.63
N GLU R 244 90.75 15.17 71.62
CA GLU R 244 91.69 15.71 70.64
C GLU R 244 92.21 17.04 71.16
N HIS R 245 93.51 17.11 71.44
CA HIS R 245 94.17 18.33 71.86
C HIS R 245 94.67 19.11 70.66
N TYR R 246 94.83 20.42 70.82
CA TYR R 246 95.33 21.26 69.74
C TYR R 246 96.56 22.03 70.19
N VAL R 247 97.48 22.23 69.24
CA VAL R 247 98.70 22.98 69.51
C VAL R 247 98.48 24.49 69.47
N ARG R 248 97.37 24.94 68.92
CA ARG R 248 97.06 26.36 68.83
C ARG R 248 95.57 26.53 68.62
N ILE R 249 95.10 27.77 68.71
CA ILE R 249 93.69 28.07 68.46
C ILE R 249 93.39 27.76 66.99
N THR R 250 92.85 26.57 66.74
CA THR R 250 92.58 26.09 65.39
C THR R 250 91.47 26.93 64.77
N GLY R 251 91.79 28.18 64.48
CA GLY R 251 90.85 29.11 63.88
C GLY R 251 89.97 29.85 64.85
N LEU R 252 90.23 29.76 66.15
CA LEU R 252 89.43 30.45 67.15
C LEU R 252 89.93 31.89 67.27
N TYR R 253 89.10 32.85 66.86
CA TYR R 253 89.50 34.25 66.77
C TYR R 253 89.07 34.98 68.04
N PRO R 254 89.99 35.29 68.95
CA PRO R 254 89.60 35.93 70.21
C PRO R 254 89.19 37.38 70.01
N THR R 255 88.90 38.05 71.13
CA THR R 255 88.72 39.49 71.14
C THR R 255 89.98 40.10 71.73
N LEU R 256 90.05 41.43 71.74
CA LEU R 256 91.26 42.11 72.22
C LEU R 256 91.40 42.12 73.74
N ASN R 257 90.59 42.95 74.42
CA ASN R 257 90.70 43.08 75.87
C ASN R 257 89.35 43.36 76.53
N ILE R 258 88.23 43.25 75.81
CA ILE R 258 86.94 43.61 76.38
C ILE R 258 86.63 42.76 77.62
N SER R 259 86.14 43.42 78.66
CA SER R 259 85.76 42.79 79.92
C SER R 259 86.92 42.00 80.52
N ASP R 260 87.78 42.72 81.24
CA ASP R 260 88.92 42.09 81.90
C ASP R 260 88.52 41.39 83.21
N GLU R 261 87.30 41.59 83.70
CA GLU R 261 86.85 40.86 84.87
C GLU R 261 86.92 39.35 84.65
N PHE R 262 86.66 38.89 83.43
CA PHE R 262 86.78 37.48 83.07
C PHE R 262 88.22 37.07 82.82
N SER R 263 89.18 37.67 83.52
CA SER R 263 90.57 37.23 83.39
C SER R 263 90.80 35.90 84.07
N SER R 264 90.01 35.59 85.10
CA SER R 264 90.04 34.26 85.69
C SER R 264 89.46 33.21 84.76
N ASN R 265 88.69 33.63 83.76
CA ASN R 265 88.04 32.70 82.84
C ASN R 265 88.68 32.62 81.48
N VAL R 266 89.45 33.63 81.06
CA VAL R 266 90.12 33.56 79.77
C VAL R 266 91.18 32.46 79.78
N ALA R 267 91.73 32.16 80.95
CA ALA R 267 92.70 31.07 81.05
C ALA R 267 92.08 29.74 80.69
N ASN R 268 90.76 29.60 80.90
CA ASN R 268 90.04 28.41 80.49
C ASN R 268 89.45 28.56 79.09
N TYR R 269 89.18 29.79 78.66
CA TYR R 269 88.80 30.03 77.27
C TYR R 269 89.88 29.55 76.32
N GLN R 270 91.14 29.92 76.61
CA GLN R 270 92.25 29.45 75.80
C GLN R 270 92.33 27.94 75.78
N LYS R 271 92.10 27.30 76.93
CA LYS R 271 92.15 25.85 76.99
C LYS R 271 91.03 25.21 76.18
N VAL R 272 89.82 25.76 76.26
CA VAL R 272 88.73 25.31 75.40
C VAL R 272 89.16 25.42 73.94
N GLY R 273 89.90 26.47 73.60
CA GLY R 273 90.51 26.54 72.29
C GLY R 273 91.56 25.48 72.06
N MET R 274 92.15 24.94 73.14
CA MET R 274 93.19 23.94 72.98
C MET R 274 92.65 22.52 72.84
N GLN R 275 91.51 22.22 73.47
CA GLN R 275 90.94 20.88 73.38
C GLN R 275 89.74 20.86 72.44
N LYS R 276 89.61 19.75 71.71
CA LYS R 276 88.44 19.51 70.87
C LYS R 276 87.16 19.58 71.69
N TYR R 277 87.14 18.94 72.86
CA TYR R 277 86.01 19.00 73.75
C TYR R 277 86.46 18.55 75.13
N SER R 278 85.79 19.05 76.15
CA SER R 278 86.19 18.78 77.53
C SER R 278 85.00 19.01 78.45
N THR R 279 85.29 19.20 79.74
CA THR R 279 84.28 19.30 80.78
C THR R 279 84.62 20.46 81.71
N LEU R 280 83.62 20.94 82.44
CA LEU R 280 83.80 22.04 83.38
C LEU R 280 82.88 21.80 84.58
N GLN R 281 83.43 21.95 85.78
CA GLN R 281 82.68 21.76 87.03
C GLN R 281 82.37 23.13 87.62
N GLY R 282 81.11 23.55 87.52
CA GLY R 282 80.65 24.78 88.11
C GLY R 282 79.52 24.53 89.07
N PRO R 283 79.83 24.38 90.36
CA PRO R 283 78.79 24.14 91.36
C PRO R 283 77.78 25.28 91.36
N PRO R 284 76.55 25.02 91.80
CA PRO R 284 75.50 26.04 91.71
C PRO R 284 75.87 27.32 92.45
N GLY R 285 75.98 28.41 91.70
CA GLY R 285 76.39 29.69 92.24
C GLY R 285 77.72 30.18 91.75
N THR R 286 78.48 29.37 91.01
CA THR R 286 79.77 29.76 90.49
C THR R 286 79.60 30.75 89.35
N GLY R 287 80.67 30.96 88.59
CA GLY R 287 80.66 31.86 87.46
C GLY R 287 80.10 31.01 86.33
N LYS R 288 78.87 30.52 86.48
CA LYS R 288 78.21 29.81 85.40
C LYS R 288 77.62 30.15 84.04
N SER R 289 77.04 31.35 83.94
CA SER R 289 76.26 31.78 82.78
C SER R 289 77.10 33.04 82.61
N HIS R 290 77.93 33.36 83.61
CA HIS R 290 78.93 34.41 83.43
C HIS R 290 80.04 33.85 82.55
N PHE R 291 80.60 32.70 82.93
CA PHE R 291 81.63 32.05 82.13
C PHE R 291 81.20 31.86 80.69
N ALA R 292 79.97 31.40 80.49
CA ALA R 292 79.48 31.11 79.15
C ALA R 292 79.47 32.36 78.28
N ILE R 293 78.87 33.44 78.79
CA ILE R 293 78.76 34.65 77.99
C ILE R 293 80.11 35.33 77.85
N GLY R 294 81.00 35.16 78.83
CA GLY R 294 82.34 35.69 78.70
C GLY R 294 83.14 35.00 77.61
N LEU R 295 83.01 33.67 77.51
CA LEU R 295 83.62 32.95 76.41
C LEU R 295 82.98 33.33 75.08
N ALA R 296 81.66 33.54 75.09
CA ALA R 296 80.96 33.94 73.87
C ALA R 296 81.50 35.26 73.34
N LEU R 297 81.60 36.26 74.21
CA LEU R 297 82.12 37.55 73.77
C LEU R 297 83.62 37.50 73.51
N TYR R 298 84.32 36.61 74.20
CA TYR R 298 85.76 36.48 73.99
C TYR R 298 86.06 35.92 72.60
N TYR R 299 85.25 35.00 72.12
CA TYR R 299 85.32 34.57 70.74
C TYR R 299 84.05 35.00 70.02
N PRO R 300 83.92 36.27 69.67
CA PRO R 300 82.66 36.78 69.13
C PRO R 300 82.43 36.53 67.65
N SER R 301 83.37 35.87 66.97
CA SER R 301 83.24 35.54 65.56
C SER R 301 83.16 34.03 65.38
N ALA R 302 82.60 33.34 66.36
CA ALA R 302 82.48 31.89 66.34
C ALA R 302 81.11 31.50 66.83
N ARG R 303 80.39 30.71 66.04
CA ARG R 303 79.01 30.38 66.36
C ARG R 303 78.95 29.49 67.60
N ILE R 304 78.09 29.86 68.54
CA ILE R 304 77.96 29.16 69.81
C ILE R 304 76.52 28.68 69.97
N VAL R 305 76.36 27.44 70.42
CA VAL R 305 75.06 26.89 70.74
C VAL R 305 74.99 26.66 72.24
N TYR R 306 73.85 27.01 72.83
CA TYR R 306 73.63 26.88 74.26
C TYR R 306 72.48 25.92 74.49
N THR R 307 72.76 24.84 75.21
CA THR R 307 71.80 23.75 75.32
C THR R 307 71.57 23.40 76.79
N ALA R 308 70.35 23.00 77.09
CA ALA R 308 69.98 22.48 78.39
C ALA R 308 68.91 21.42 78.18
N CYS R 309 68.16 21.09 79.22
CA CYS R 309 67.11 20.08 79.12
C CYS R 309 65.71 20.68 79.31
N SER R 310 65.41 21.11 80.53
CA SER R 310 64.09 21.62 80.88
C SER R 310 63.96 23.07 80.45
N HIS R 311 62.71 23.51 80.29
CA HIS R 311 62.45 24.92 79.97
C HIS R 311 62.96 25.82 81.09
N ALA R 312 62.83 25.38 82.33
CA ALA R 312 63.43 26.11 83.44
C ALA R 312 64.93 26.28 83.23
N ALA R 313 65.59 25.22 82.78
CA ALA R 313 67.03 25.27 82.56
C ALA R 313 67.39 26.24 81.44
N VAL R 314 66.67 26.19 80.31
CA VAL R 314 67.04 27.05 79.20
C VAL R 314 66.71 28.52 79.50
N ASP R 315 65.67 28.77 80.30
CA ASP R 315 65.38 30.17 80.62
C ASP R 315 66.31 30.69 81.71
N ALA R 316 66.82 29.80 82.57
CA ALA R 316 67.90 30.20 83.48
C ALA R 316 69.21 30.40 82.74
N LEU R 317 69.36 29.73 81.60
CA LEU R 317 70.57 29.86 80.80
C LEU R 317 70.56 31.17 79.99
N CYS R 318 69.45 31.47 79.32
CA CYS R 318 69.42 32.65 78.47
C CYS R 318 69.50 33.94 79.28
N GLU R 319 68.90 33.98 80.46
CA GLU R 319 69.14 35.12 81.33
C GLU R 319 70.59 35.13 81.79
N LYS R 320 71.11 36.33 82.05
CA LYS R 320 72.51 36.58 82.32
C LYS R 320 73.36 36.32 81.08
N ALA R 321 72.69 36.07 79.95
CA ALA R 321 73.33 36.01 78.64
C ALA R 321 72.86 37.10 77.70
N LEU R 322 71.60 37.54 77.85
CA LEU R 322 71.12 38.71 77.11
C LEU R 322 71.84 39.98 77.54
N LYS R 323 72.56 39.94 78.66
CA LYS R 323 73.12 41.16 79.24
C LYS R 323 74.47 41.51 78.62
N TYR R 324 75.47 40.66 78.82
CA TYR R 324 76.82 40.88 78.31
C TYR R 324 76.90 40.73 76.79
N LEU R 325 75.79 40.40 76.14
CA LEU R 325 75.72 40.16 74.71
C LEU R 325 74.79 41.17 74.07
N PRO R 326 75.20 41.84 72.99
CA PRO R 326 74.23 42.56 72.16
C PRO R 326 73.17 41.60 71.65
N ILE R 327 71.97 42.12 71.40
CA ILE R 327 70.81 41.31 71.04
C ILE R 327 70.20 41.90 69.77
N ASP R 328 70.57 41.41 68.58
CA ASP R 328 71.75 40.60 68.20
C ASP R 328 71.90 39.22 68.89
N LYS R 329 70.85 38.41 68.85
CA LYS R 329 70.89 37.11 69.50
C LYS R 329 69.75 36.23 68.99
N CYS R 330 69.80 34.96 69.37
CA CYS R 330 68.72 34.02 69.15
C CYS R 330 68.68 33.03 70.30
N SER R 331 67.50 32.89 70.90
CA SER R 331 67.18 31.77 71.80
C SER R 331 65.85 31.23 71.29
N ARG R 332 65.92 30.35 70.29
CA ARG R 332 64.74 29.91 69.54
C ARG R 332 64.61 28.40 69.73
N ILE R 333 63.60 27.99 70.50
CA ILE R 333 63.47 26.61 70.95
C ILE R 333 62.13 26.01 70.54
N ILE R 334 61.03 26.55 71.08
CA ILE R 334 59.72 25.92 70.98
C ILE R 334 58.81 26.70 70.04
N PRO R 335 58.40 26.14 68.90
CA PRO R 335 57.37 26.80 68.08
C PRO R 335 55.95 26.57 68.59
N ALA R 336 55.60 25.33 68.92
CA ALA R 336 54.21 24.95 69.19
C ALA R 336 54.14 23.84 70.23
N ARG R 337 54.79 24.06 71.37
CA ARG R 337 54.75 23.11 72.49
C ARG R 337 54.86 23.91 73.78
N ALA R 338 55.90 23.66 74.58
CA ALA R 338 56.21 24.45 75.77
C ALA R 338 55.16 24.60 76.85
N ARG R 339 54.82 23.51 77.53
CA ARG R 339 53.88 23.55 78.65
C ARG R 339 54.00 24.78 79.54
N VAL R 340 55.18 25.39 79.56
CA VAL R 340 55.38 26.70 80.20
C VAL R 340 55.73 27.71 79.13
N GLU R 341 55.58 28.98 79.46
CA GLU R 341 55.89 30.04 78.51
C GLU R 341 57.41 30.13 78.31
N CYS R 342 57.81 30.13 77.05
CA CYS R 342 59.22 30.03 76.70
C CYS R 342 59.68 31.34 76.06
N PHE R 343 60.72 31.28 75.25
CA PHE R 343 61.27 32.47 74.62
C PHE R 343 60.26 33.38 73.94
N ASP R 344 60.46 34.69 74.10
CA ASP R 344 59.58 35.67 73.56
C ASP R 344 60.32 36.77 72.75
N LYS R 345 61.55 36.48 72.34
CA LYS R 345 62.40 37.46 71.76
C LYS R 345 62.46 37.64 70.22
N PHE R 346 62.71 36.58 69.47
CA PHE R 346 62.91 36.72 68.03
C PHE R 346 62.33 35.46 67.40
N LYS R 347 62.63 35.28 66.11
CA LYS R 347 61.88 34.35 65.27
C LYS R 347 61.92 32.85 65.57
N VAL R 348 61.12 32.09 64.81
CA VAL R 348 61.04 30.65 64.93
C VAL R 348 61.96 29.81 64.03
N ASN R 349 62.04 30.15 62.74
CA ASN R 349 62.78 29.37 61.75
C ASN R 349 64.19 29.63 61.21
N SER R 350 64.48 30.89 60.89
CA SER R 350 65.82 31.31 60.53
C SER R 350 67.27 31.06 60.95
N THR R 351 67.51 30.65 62.19
CA THR R 351 68.86 30.42 62.72
C THR R 351 69.76 31.63 62.44
N LEU R 352 69.32 32.78 62.95
CA LEU R 352 69.90 34.04 62.55
C LEU R 352 71.26 34.28 63.17
N GLU R 353 71.31 34.35 64.50
CA GLU R 353 72.52 34.80 65.18
C GLU R 353 73.44 33.62 65.50
N GLN R 354 74.74 33.94 65.59
CA GLN R 354 75.76 32.94 65.90
C GLN R 354 75.54 32.30 67.26
N TYR R 355 74.75 32.94 68.13
CA TYR R 355 74.43 32.41 69.44
C TYR R 355 72.97 31.96 69.45
N VAL R 356 72.75 30.66 69.70
CA VAL R 356 71.42 30.11 69.80
C VAL R 356 71.29 29.33 71.11
N PHE R 357 70.22 29.59 71.84
CA PHE R 357 69.96 28.97 73.14
C PHE R 357 68.75 28.07 73.00
N CYS R 358 68.95 26.76 73.14
CA CYS R 358 67.88 25.79 72.93
C CYS R 358 67.99 24.69 73.96
N THR R 359 67.16 23.66 73.81
CA THR R 359 67.20 22.46 74.64
C THR R 359 67.38 21.23 73.77
N VAL R 360 68.00 20.20 74.35
CA VAL R 360 68.46 19.05 73.56
C VAL R 360 67.32 18.39 72.80
N ASN R 361 66.14 18.30 73.42
CA ASN R 361 65.03 17.65 72.73
C ASN R 361 64.32 18.58 71.76
N ALA R 362 64.83 19.79 71.53
CA ALA R 362 64.27 20.70 70.54
C ALA R 362 65.33 21.33 69.64
N LEU R 363 66.47 20.67 69.44
CA LEU R 363 67.51 21.22 68.58
C LEU R 363 67.12 21.06 67.11
N PRO R 364 67.33 22.09 66.29
CA PRO R 364 67.18 21.92 64.84
C PRO R 364 68.47 21.44 64.21
N GLU R 365 68.49 21.24 62.90
CA GLU R 365 69.71 20.89 62.20
C GLU R 365 70.55 22.15 62.06
N THR R 366 71.45 22.36 63.00
CA THR R 366 72.25 23.58 63.05
C THR R 366 73.73 23.23 63.14
N THR R 367 74.56 24.16 62.70
CA THR R 367 76.01 24.04 62.79
C THR R 367 76.59 25.27 63.49
N ALA R 368 77.65 25.07 64.24
CA ALA R 368 78.25 26.14 65.02
C ALA R 368 79.71 25.78 65.30
N ASP R 369 80.32 26.51 66.24
CA ASP R 369 81.71 26.30 66.61
C ASP R 369 81.86 25.69 67.99
N ILE R 370 81.07 26.15 68.95
CA ILE R 370 81.09 25.61 70.31
C ILE R 370 79.66 25.39 70.76
N VAL R 371 79.43 24.27 71.43
CA VAL R 371 78.13 23.97 72.03
C VAL R 371 78.35 23.71 73.52
N VAL R 372 77.91 24.65 74.34
CA VAL R 372 78.07 24.58 75.79
C VAL R 372 76.90 23.80 76.35
N PHE R 373 77.19 22.85 77.23
CA PHE R 373 76.19 21.96 77.80
C PHE R 373 76.27 22.06 79.31
N ASP R 374 75.28 22.71 79.92
CA ASP R 374 75.16 22.73 81.37
C ASP R 374 74.14 21.67 81.79
N GLU R 375 73.88 21.57 83.09
CA GLU R 375 72.92 20.61 83.64
C GLU R 375 73.33 19.17 83.33
N ILE R 376 74.63 18.94 83.09
CA ILE R 376 75.09 17.60 82.72
C ILE R 376 74.96 16.60 83.84
N SER R 377 74.52 17.03 85.03
CA SER R 377 74.16 16.15 86.13
C SER R 377 72.77 15.54 85.97
N MET R 378 72.06 15.87 84.89
CA MET R 378 70.72 15.39 84.65
C MET R 378 70.56 14.67 83.31
N ALA R 379 71.45 14.91 82.35
CA ALA R 379 71.29 14.35 81.02
C ALA R 379 71.53 12.85 81.02
N THR R 380 71.09 12.21 79.92
CA THR R 380 71.30 10.79 79.71
C THR R 380 72.10 10.57 78.43
N ASN R 381 72.54 9.33 78.19
CA ASN R 381 73.36 9.02 77.02
C ASN R 381 72.59 9.24 75.73
N TYR R 382 71.27 9.03 75.76
CA TYR R 382 70.43 9.32 74.61
C TYR R 382 70.60 10.76 74.15
N ASP R 383 70.58 11.69 75.11
CA ASP R 383 70.73 13.11 74.77
C ASP R 383 72.12 13.43 74.25
N LEU R 384 73.16 12.77 74.79
CA LEU R 384 74.51 12.99 74.27
C LEU R 384 74.61 12.49 72.83
N SER R 385 73.99 11.35 72.54
CA SER R 385 74.06 10.83 71.19
C SER R 385 73.29 11.72 70.22
N VAL R 386 72.11 12.22 70.62
CA VAL R 386 71.40 13.11 69.71
C VAL R 386 72.12 14.45 69.58
N VAL R 387 72.88 14.83 70.61
CA VAL R 387 73.73 16.02 70.51
C VAL R 387 74.80 15.82 69.44
N ASN R 388 75.46 14.67 69.47
CA ASN R 388 76.45 14.37 68.43
C ASN R 388 75.78 14.17 67.08
N ALA R 389 74.47 13.88 67.08
CA ALA R 389 73.76 13.61 65.82
C ALA R 389 73.29 14.88 65.14
N ARG R 390 72.88 15.90 65.90
CA ARG R 390 72.32 17.10 65.31
C ARG R 390 73.29 18.27 65.29
N LEU R 391 74.28 18.29 66.17
CA LEU R 391 75.22 19.40 66.30
C LEU R 391 76.63 18.88 66.06
N ARG R 392 77.26 19.36 65.00
CA ARG R 392 78.60 18.95 64.61
C ARG R 392 79.48 20.20 64.58
N ALA R 393 79.83 20.69 65.76
CA ALA R 393 80.65 21.88 65.90
C ALA R 393 82.12 21.49 66.01
N LYS R 394 82.98 22.48 66.21
CA LYS R 394 84.42 22.26 66.29
C LYS R 394 84.94 22.20 67.72
N HIS R 395 84.18 22.70 68.70
CA HIS R 395 84.58 22.60 70.10
C HIS R 395 83.34 22.37 70.94
N TYR R 396 83.55 21.75 72.10
CA TYR R 396 82.45 21.42 73.01
C TYR R 396 82.97 21.49 74.43
N VAL R 397 82.11 21.89 75.37
CA VAL R 397 82.44 21.87 76.79
C VAL R 397 81.20 21.49 77.58
N TYR R 398 81.36 20.53 78.48
CA TYR R 398 80.27 20.08 79.35
C TYR R 398 80.42 20.75 80.70
N ILE R 399 79.47 21.61 81.04
CA ILE R 399 79.49 22.37 82.29
C ILE R 399 78.49 21.76 83.25
N GLY R 400 78.81 21.81 84.55
CA GLY R 400 77.90 21.30 85.55
C GLY R 400 78.57 20.60 86.70
N ASP R 401 77.78 20.22 87.70
CA ASP R 401 78.26 19.55 88.88
C ASP R 401 77.38 18.35 89.19
N PRO R 402 77.91 17.12 89.14
CA PRO R 402 77.08 15.94 89.45
C PRO R 402 76.57 15.93 90.88
N ALA R 403 77.11 16.76 91.76
CA ALA R 403 76.66 16.81 93.15
C ALA R 403 75.22 17.29 93.29
N GLN R 404 74.51 17.50 92.18
CA GLN R 404 73.09 17.78 92.24
C GLN R 404 72.33 16.46 92.23
N LEU R 405 71.11 16.47 91.71
CA LEU R 405 70.27 15.28 91.76
C LEU R 405 70.06 14.69 90.36
N PRO R 406 69.97 13.36 90.28
CA PRO R 406 69.74 12.73 88.96
C PRO R 406 68.30 12.84 88.51
N ALA R 407 68.02 12.38 87.29
CA ALA R 407 66.67 12.38 86.76
C ALA R 407 65.79 11.44 87.58
N PRO R 408 64.46 11.60 87.52
CA PRO R 408 63.57 10.74 88.32
C PRO R 408 63.81 9.26 88.12
N ARG R 409 63.58 8.76 86.91
CA ARG R 409 63.76 7.35 86.57
C ARG R 409 62.92 6.31 87.33
N THR R 410 61.59 6.41 87.14
CA THR R 410 60.65 5.70 88.00
C THR R 410 60.83 4.21 88.25
N LEU R 411 61.45 3.48 87.32
CA LEU R 411 61.62 2.04 87.52
C LEU R 411 62.69 1.71 88.54
N LEU R 412 63.49 2.70 88.96
CA LEU R 412 64.55 2.45 89.94
C LEU R 412 63.95 2.22 91.31
N THR R 413 63.89 0.95 91.73
CA THR R 413 63.26 0.62 93.00
C THR R 413 64.14 -0.21 93.93
N LYS R 414 65.06 -1.02 93.43
CA LYS R 414 65.96 -1.82 94.26
C LYS R 414 67.38 -1.28 94.09
N GLY R 415 67.75 -0.35 94.97
CA GLY R 415 69.03 0.31 94.93
C GLY R 415 68.90 1.76 94.51
N THR R 416 70.06 2.36 94.23
CA THR R 416 70.12 3.74 93.75
C THR R 416 71.24 3.85 92.72
N LEU R 417 71.28 4.99 92.05
CA LEU R 417 72.27 5.26 91.02
C LEU R 417 73.32 6.23 91.55
N GLU R 418 74.58 5.87 91.39
CA GLU R 418 75.72 6.65 91.85
C GLU R 418 76.10 7.71 90.82
N PRO R 419 76.65 8.83 91.27
CA PRO R 419 77.00 9.89 90.32
C PRO R 419 78.09 9.49 89.35
N GLU R 420 79.01 8.62 89.77
CA GLU R 420 80.01 8.09 88.86
C GLU R 420 79.40 7.16 87.82
N TYR R 421 78.15 6.76 87.98
CA TYR R 421 77.47 5.91 87.01
C TYR R 421 76.13 6.49 86.56
N PHE R 422 75.93 7.80 86.64
CA PHE R 422 74.75 8.39 86.01
C PHE R 422 74.75 8.07 84.52
N ASN R 423 75.62 8.70 83.76
CA ASN R 423 75.76 8.45 82.32
C ASN R 423 77.22 8.64 81.95
N SER R 424 77.52 8.51 80.66
CA SER R 424 78.91 8.52 80.21
C SER R 424 79.61 9.82 80.57
N VAL R 425 78.93 10.95 80.40
CA VAL R 425 79.51 12.23 80.80
C VAL R 425 79.79 12.24 82.29
N CYS R 426 78.89 11.69 83.09
CA CYS R 426 79.14 11.62 84.53
C CYS R 426 80.24 10.62 84.84
N ARG R 427 80.26 9.48 84.15
CA ARG R 427 81.36 8.53 84.32
C ARG R 427 82.71 9.20 84.10
N LEU R 428 82.82 10.01 83.05
CA LEU R 428 84.11 10.63 82.75
C LEU R 428 84.45 11.72 83.76
N MET R 429 83.45 12.53 84.16
CA MET R 429 83.78 13.61 85.08
C MET R 429 83.99 13.09 86.50
N LYS R 430 83.71 11.81 86.75
CA LYS R 430 84.07 11.22 88.03
C LYS R 430 85.31 10.34 87.99
N THR R 431 85.61 9.68 86.86
CA THR R 431 86.80 8.84 86.81
C THR R 431 88.08 9.64 86.62
N ILE R 432 87.97 10.90 86.18
CA ILE R 432 89.13 11.75 85.97
C ILE R 432 88.87 13.19 86.38
N GLY R 433 87.62 13.54 86.71
CA GLY R 433 87.29 14.91 87.02
C GLY R 433 86.88 15.67 85.79
N PRO R 434 86.73 16.99 85.93
CA PRO R 434 86.35 17.82 84.77
C PRO R 434 87.50 18.18 83.87
N ASP R 435 88.73 18.15 84.39
CA ASP R 435 89.95 18.70 83.77
C ASP R 435 89.88 20.23 83.87
N MET R 436 88.80 20.76 84.43
CA MET R 436 88.60 22.21 84.53
C MET R 436 87.65 22.50 85.68
N PHE R 437 88.14 23.21 86.70
CA PHE R 437 87.30 23.64 87.82
C PHE R 437 87.07 25.14 87.74
N LEU R 438 85.84 25.57 88.05
CA LEU R 438 85.47 26.97 88.06
C LEU R 438 85.33 27.43 89.51
N GLY R 439 86.03 28.51 89.85
CA GLY R 439 85.96 29.06 91.19
C GLY R 439 85.98 30.57 91.20
N THR R 440 85.24 31.19 92.11
CA THR R 440 84.45 30.46 93.10
C THR R 440 83.01 30.95 93.14
N CYS R 441 82.24 30.43 94.09
CA CYS R 441 80.89 30.91 94.32
C CYS R 441 80.78 32.17 95.15
N ARG R 442 79.86 33.04 94.74
CA ARG R 442 79.61 34.28 95.45
C ARG R 442 78.19 34.61 95.87
N ARG R 443 77.23 33.73 95.56
CA ARG R 443 75.85 33.98 95.98
C ARG R 443 75.58 33.37 97.35
N CYS R 444 75.82 32.07 97.49
CA CYS R 444 75.54 31.39 98.74
C CYS R 444 76.47 31.89 99.85
N PRO R 445 76.00 31.84 101.10
CA PRO R 445 76.88 32.20 102.21
C PRO R 445 78.01 31.20 102.38
N ALA R 446 79.18 31.71 102.79
CA ALA R 446 80.34 30.85 102.93
C ALA R 446 80.16 29.83 104.04
N GLU R 447 79.24 30.09 104.98
CA GLU R 447 78.86 29.05 105.94
C GLU R 447 78.17 27.86 105.28
N ILE R 448 77.90 27.93 103.98
CA ILE R 448 77.35 26.82 103.21
C ILE R 448 78.22 26.48 102.01
N VAL R 449 79.52 26.81 102.04
CA VAL R 449 80.44 26.49 100.97
C VAL R 449 81.79 26.03 101.51
N ASP R 450 82.16 26.51 102.70
CA ASP R 450 83.33 25.97 103.38
C ASP R 450 82.91 24.88 104.35
N THR R 451 81.69 24.99 104.88
CA THR R 451 81.15 23.95 105.75
C THR R 451 80.58 22.79 104.95
N VAL R 452 80.09 23.06 103.73
CA VAL R 452 79.48 22.01 102.91
C VAL R 452 80.46 21.44 101.89
N SER R 453 81.61 22.08 101.67
CA SER R 453 82.66 21.44 100.90
C SER R 453 83.28 20.26 101.63
N ALA R 454 82.84 19.97 102.86
CA ALA R 454 83.40 18.87 103.63
C ALA R 454 82.85 17.52 103.18
N LEU R 455 81.66 17.50 102.57
CA LEU R 455 81.06 16.23 102.18
C LEU R 455 81.28 15.47 100.87
N VAL R 456 80.99 16.10 99.75
CA VAL R 456 81.05 15.43 98.44
C VAL R 456 82.22 16.21 97.85
N TYR R 457 82.28 17.51 98.14
CA TYR R 457 83.33 18.35 97.58
C TYR R 457 84.67 18.08 98.25
N ASP R 458 85.73 18.68 97.75
CA ASP R 458 87.09 18.46 98.23
C ASP R 458 87.65 19.72 98.88
N ASN R 459 86.76 20.53 99.45
CA ASN R 459 87.13 21.79 100.11
C ASN R 459 87.96 22.67 99.19
N LYS R 460 87.41 22.91 98.00
CA LYS R 460 88.04 23.74 96.99
C LYS R 460 87.19 24.92 96.55
N LEU R 461 85.90 24.95 96.90
CA LEU R 461 85.01 26.03 96.51
C LEU R 461 84.82 26.98 97.68
N LYS R 462 84.78 28.27 97.37
CA LYS R 462 84.62 29.30 98.38
C LYS R 462 83.48 30.24 98.00
N ALA R 463 83.13 31.10 98.95
CA ALA R 463 82.12 32.15 98.77
C ALA R 463 82.35 33.19 99.85
N HIS R 464 81.33 34.01 100.10
CA HIS R 464 81.44 35.10 101.06
C HIS R 464 80.15 35.21 101.85
N LYS R 465 80.06 36.26 102.66
CA LYS R 465 78.84 36.63 103.39
C LYS R 465 78.42 35.49 104.32
N ASP R 466 79.20 35.32 105.39
CA ASP R 466 78.93 34.24 106.34
C ASP R 466 77.63 34.50 107.10
N LYS R 467 77.49 35.69 107.67
CA LYS R 467 76.39 36.01 108.56
C LYS R 467 75.03 35.87 107.86
N SER R 468 73.99 35.57 108.63
CA SER R 468 74.04 35.32 110.08
C SER R 468 73.02 34.28 110.51
N ALA R 469 73.11 33.87 111.77
CA ALA R 469 72.13 32.98 112.42
C ALA R 469 71.92 31.70 111.62
N GLN R 470 73.02 30.97 111.43
CA GLN R 470 73.02 29.70 110.72
C GLN R 470 73.36 28.61 111.73
N CYS R 471 72.41 27.74 112.01
CA CYS R 471 72.57 26.70 113.02
C CYS R 471 71.69 25.52 112.68
N PHE R 472 71.96 24.40 113.32
CA PHE R 472 71.15 23.18 113.20
C PHE R 472 70.58 22.86 114.58
N LYS R 473 69.26 22.67 114.64
CA LYS R 473 68.63 22.21 115.88
C LYS R 473 68.18 20.77 115.64
N MET R 474 69.01 19.83 116.09
CA MET R 474 68.77 18.42 115.81
C MET R 474 67.66 17.89 116.69
N PHE R 475 66.53 17.56 116.08
CA PHE R 475 65.37 17.05 116.79
C PHE R 475 65.30 15.54 116.65
N TYR R 476 65.00 14.88 117.76
CA TYR R 476 64.80 13.44 117.76
C TYR R 476 63.61 13.09 116.87
N LYS R 477 63.87 12.33 115.80
CA LYS R 477 62.80 11.95 114.90
C LYS R 477 61.75 11.11 115.62
N GLY R 478 60.50 11.56 115.54
CA GLY R 478 59.39 10.85 116.13
C GLY R 478 58.98 9.66 115.29
N VAL R 479 57.85 9.07 115.69
CA VAL R 479 57.30 7.93 114.95
C VAL R 479 56.85 8.42 113.58
N ILE R 480 56.89 7.52 112.60
CA ILE R 480 56.51 7.86 111.23
C ILE R 480 55.00 8.03 111.18
N THR R 481 54.53 9.26 111.35
CA THR R 481 53.10 9.56 111.34
C THR R 481 52.59 9.80 109.91
N HIS R 482 52.83 8.84 109.03
CA HIS R 482 52.51 8.99 107.62
C HIS R 482 51.01 8.86 107.38
N ASP R 483 50.48 9.66 106.46
CA ASP R 483 49.11 9.48 105.99
C ASP R 483 49.09 8.78 104.63
N VAL R 484 49.76 9.38 103.64
CA VAL R 484 50.08 8.69 102.40
C VAL R 484 51.33 7.87 102.69
N SER R 485 51.81 7.09 101.72
CA SER R 485 52.96 6.23 101.97
C SER R 485 54.18 7.03 102.41
N SER R 486 54.27 8.29 102.00
CA SER R 486 55.37 9.14 102.43
C SER R 486 55.15 9.61 103.87
N ALA R 487 56.25 9.77 104.59
CA ALA R 487 56.18 10.10 106.01
C ALA R 487 55.70 11.52 106.23
N ILE R 488 54.87 11.70 107.26
CA ILE R 488 54.44 13.01 107.74
C ILE R 488 55.04 13.20 109.12
N ASN R 489 56.02 14.09 109.23
CA ASN R 489 56.69 14.32 110.50
C ASN R 489 56.09 15.53 111.22
N ARG R 490 54.84 15.34 111.66
CA ARG R 490 54.23 16.33 112.55
C ARG R 490 55.02 16.53 113.84
N PRO R 491 55.68 15.51 114.42
CA PRO R 491 56.64 15.82 115.50
C PRO R 491 57.73 16.77 115.06
N GLN R 492 58.28 16.60 113.86
CA GLN R 492 59.28 17.54 113.37
C GLN R 492 58.66 18.90 113.09
N ILE R 493 57.37 18.91 112.77
CA ILE R 493 56.62 20.16 112.63
C ILE R 493 56.36 20.77 114.01
N GLY R 494 56.52 19.98 115.08
CA GLY R 494 56.32 20.46 116.42
C GLY R 494 57.48 21.29 116.94
N VAL R 495 58.57 21.36 116.17
CA VAL R 495 59.71 22.20 116.53
C VAL R 495 59.55 23.62 116.04
N VAL R 496 58.57 23.89 115.18
CA VAL R 496 58.31 25.25 114.71
C VAL R 496 57.00 25.82 115.25
N ARG R 497 56.30 25.10 116.12
CA ARG R 497 55.12 25.67 116.77
C ARG R 497 55.50 26.76 117.75
N GLU R 498 56.61 26.57 118.47
CA GLU R 498 57.21 27.61 119.29
C GLU R 498 58.33 28.34 118.57
N PHE R 499 58.14 28.64 117.29
CA PHE R 499 59.16 29.26 116.44
C PHE R 499 58.60 30.28 115.47
N LEU R 500 57.31 30.19 115.11
CA LEU R 500 56.71 31.17 114.21
C LEU R 500 56.71 32.57 114.82
N THR R 501 56.90 32.67 116.13
CA THR R 501 57.02 33.96 116.80
C THR R 501 58.44 34.29 117.19
N ARG R 502 59.28 33.29 117.45
CA ARG R 502 60.67 33.50 117.84
C ARG R 502 61.50 34.15 116.75
N ASN R 503 61.14 33.98 115.49
CA ASN R 503 61.87 34.56 114.37
C ASN R 503 61.26 35.91 113.98
N PRO R 504 61.87 37.03 114.39
CA PRO R 504 61.28 38.34 114.07
C PRO R 504 61.39 38.70 112.60
N ALA R 505 62.61 38.67 112.06
CA ALA R 505 62.87 39.02 110.67
C ALA R 505 62.77 37.83 109.73
N TRP R 506 62.41 36.65 110.25
CA TRP R 506 62.29 35.44 109.44
C TRP R 506 60.81 35.08 109.36
N ARG R 507 60.12 35.66 108.38
CA ARG R 507 58.72 35.33 108.15
C ARG R 507 58.55 34.83 106.72
N LYS R 508 59.37 35.35 105.80
CA LYS R 508 59.43 34.87 104.44
C LYS R 508 60.56 33.86 104.24
N ALA R 509 60.66 32.87 105.14
CA ALA R 509 61.53 31.74 104.91
C ALA R 509 60.86 30.76 103.95
N VAL R 510 61.49 29.60 103.75
CA VAL R 510 60.95 28.58 102.86
C VAL R 510 61.05 27.23 103.56
N PHE R 511 59.89 26.65 103.89
CA PHE R 511 59.83 25.29 104.39
C PHE R 511 60.08 24.33 103.25
N ILE R 512 61.22 23.64 103.28
CA ILE R 512 61.56 22.66 102.26
C ILE R 512 61.62 21.29 102.91
N SER R 513 61.11 20.29 102.20
CA SER R 513 61.00 18.94 102.76
C SER R 513 61.02 17.95 101.62
N PRO R 514 61.60 16.76 101.81
CA PRO R 514 61.74 15.81 100.71
C PRO R 514 60.41 15.28 100.19
N TYR R 515 59.61 14.66 101.05
CA TYR R 515 58.35 14.07 100.60
C TYR R 515 57.36 15.17 100.25
N ASN R 516 56.67 14.99 99.12
CA ASN R 516 55.69 15.97 98.68
C ASN R 516 54.54 16.08 99.67
N SER R 517 54.14 14.95 100.27
CA SER R 517 53.11 15.01 101.30
C SER R 517 53.62 15.72 102.55
N GLN R 518 54.93 15.67 102.81
CA GLN R 518 55.48 16.48 103.88
C GLN R 518 55.37 17.97 103.59
N ASN R 519 55.42 18.36 102.32
CA ASN R 519 55.16 19.74 101.97
C ASN R 519 53.67 20.07 102.06
N ALA R 520 52.81 19.09 101.74
CA ALA R 520 51.37 19.33 101.78
C ALA R 520 50.86 19.46 103.21
N VAL R 521 51.38 18.64 104.13
CA VAL R 521 50.96 18.71 105.52
C VAL R 521 51.42 20.01 106.15
N ALA R 522 52.58 20.53 105.70
CA ALA R 522 52.95 21.89 106.07
C ALA R 522 51.99 22.89 105.47
N SER R 523 51.57 22.66 104.21
CA SER R 523 50.64 23.56 103.54
C SER R 523 49.30 23.64 104.25
N LYS R 524 48.89 22.58 104.97
CA LYS R 524 47.69 22.68 105.78
C LYS R 524 47.83 23.76 106.84
N ILE R 525 48.82 23.62 107.72
CA ILE R 525 49.12 24.62 108.75
C ILE R 525 50.36 25.36 108.28
N LEU R 526 50.19 26.18 107.23
CA LEU R 526 51.29 26.87 106.59
C LEU R 526 51.40 28.31 107.08
N GLY R 527 52.62 28.83 107.04
CA GLY R 527 52.89 30.21 107.35
C GLY R 527 53.76 30.85 106.29
N LEU R 528 54.28 30.01 105.39
CA LEU R 528 55.13 30.46 104.29
C LEU R 528 55.24 29.31 103.29
N PRO R 529 55.26 29.60 101.99
CA PRO R 529 55.11 28.54 101.00
C PRO R 529 56.22 27.51 101.08
N THR R 530 55.96 26.35 100.46
CA THR R 530 56.86 25.21 100.47
C THR R 530 57.32 24.91 99.05
N GLN R 531 58.63 24.66 98.89
CA GLN R 531 59.17 24.37 97.56
C GLN R 531 60.38 23.44 97.72
N THR R 532 60.15 22.15 97.52
CA THR R 532 61.23 21.18 97.55
C THR R 532 62.20 21.44 96.40
N VAL R 533 63.45 21.01 96.58
CA VAL R 533 64.51 21.26 95.62
C VAL R 533 64.20 20.76 94.22
N ASP R 534 63.31 19.76 94.10
CA ASP R 534 62.87 19.34 92.78
C ASP R 534 62.29 20.51 92.00
N SER R 535 61.73 21.49 92.71
CA SER R 535 61.31 22.74 92.10
C SER R 535 62.43 23.77 92.03
N SER R 536 63.50 23.58 92.80
CA SER R 536 64.58 24.56 92.87
C SER R 536 65.92 25.07 92.34
N GLN R 537 66.66 24.18 91.69
CA GLN R 537 68.05 24.44 91.29
C GLN R 537 67.22 25.48 90.54
N GLY R 538 67.87 26.60 90.24
CA GLY R 538 67.23 27.72 89.59
C GLY R 538 66.37 28.80 90.21
N SER R 539 65.99 28.59 91.47
CA SER R 539 65.19 29.55 92.23
C SER R 539 65.77 29.69 93.63
N GLU R 540 66.24 30.89 93.95
CA GLU R 540 66.97 31.15 95.18
C GLU R 540 66.02 31.64 96.26
N TYR R 541 66.40 31.40 97.52
CA TYR R 541 65.63 31.85 98.66
C TYR R 541 66.56 32.43 99.70
N ASP R 542 66.06 33.42 100.45
CA ASP R 542 66.84 34.09 101.48
C ASP R 542 67.03 33.20 102.71
N TYR R 543 66.01 33.12 103.55
CA TYR R 543 65.99 32.17 104.65
C TYR R 543 65.49 30.82 104.17
N VAL R 544 65.52 29.85 105.08
CA VAL R 544 65.05 28.50 104.79
C VAL R 544 65.02 27.71 106.09
N ILE R 545 63.94 26.99 106.31
CA ILE R 545 63.81 26.07 107.45
C ILE R 545 63.66 24.68 106.86
N PHE R 546 64.79 24.00 106.66
CA PHE R 546 64.79 22.68 106.06
C PHE R 546 64.27 21.66 107.07
N THR R 547 63.16 21.01 106.73
CA THR R 547 62.56 19.96 107.55
C THR R 547 62.85 18.61 106.90
N GLN R 548 63.64 17.78 107.58
CA GLN R 548 64.00 16.48 107.05
C GLN R 548 62.85 15.49 107.21
N THR R 549 63.16 14.22 107.01
CA THR R 549 62.21 13.15 107.27
C THR R 549 62.96 12.00 107.93
N THR R 550 62.32 10.84 108.00
CA THR R 550 62.79 9.74 108.84
C THR R 550 64.19 9.30 108.45
N GLU R 551 64.79 8.49 109.33
CA GLU R 551 66.19 8.06 109.30
C GLU R 551 66.52 7.16 108.10
N THR R 552 65.64 7.01 107.10
CA THR R 552 65.99 6.23 105.92
C THR R 552 67.08 6.93 105.11
N ALA R 553 67.71 6.17 104.21
CA ALA R 553 68.75 6.71 103.37
C ALA R 553 68.22 7.71 102.36
N HIS R 554 66.90 7.80 102.20
CA HIS R 554 66.32 8.78 101.27
C HIS R 554 66.59 10.20 101.73
N SER R 555 66.37 10.47 103.02
CA SER R 555 66.58 11.82 103.53
C SER R 555 68.06 12.16 103.64
N CYS R 556 68.84 11.30 104.27
CA CYS R 556 70.24 11.57 104.58
C CYS R 556 71.14 11.51 103.35
N ASN R 557 70.56 11.69 102.16
CA ASN R 557 71.35 11.74 100.94
C ASN R 557 72.18 13.02 100.93
N VAL R 558 73.50 12.88 100.71
CA VAL R 558 74.38 14.03 100.72
C VAL R 558 74.12 14.93 99.53
N ASN R 559 73.67 14.37 98.40
CA ASN R 559 73.41 15.18 97.22
C ASN R 559 72.20 16.09 97.43
N ARG R 560 71.09 15.52 97.90
CA ARG R 560 69.91 16.32 98.18
C ARG R 560 70.19 17.35 99.27
N PHE R 561 70.94 16.97 100.30
CA PHE R 561 71.30 17.93 101.35
C PHE R 561 72.11 19.08 100.77
N ASN R 562 73.10 18.77 99.93
CA ASN R 562 73.94 19.83 99.36
C ASN R 562 73.13 20.75 98.46
N VAL R 563 72.22 20.20 97.65
CA VAL R 563 71.44 21.06 96.77
C VAL R 563 70.39 21.84 97.55
N ALA R 564 70.01 21.38 98.74
CA ALA R 564 68.97 22.04 99.50
C ALA R 564 69.47 23.08 100.49
N ILE R 565 70.69 22.94 101.01
CA ILE R 565 71.18 23.89 102.00
C ILE R 565 71.86 25.04 101.29
N THR R 566 72.49 24.76 100.15
CA THR R 566 73.14 25.78 99.33
C THR R 566 72.15 26.58 98.49
N ARG R 567 70.86 26.53 98.84
CA ARG R 567 69.87 27.41 98.22
C ARG R 567 69.38 28.40 99.26
N ALA R 568 70.33 29.07 99.92
CA ALA R 568 70.02 30.08 100.92
C ALA R 568 70.96 31.26 100.70
N LYS R 569 70.66 32.37 101.38
CA LYS R 569 71.50 33.55 101.33
C LYS R 569 72.07 33.93 102.70
N VAL R 570 71.26 33.80 103.76
CA VAL R 570 71.66 34.27 105.07
C VAL R 570 71.60 33.15 106.09
N GLY R 571 70.45 32.48 106.18
CA GLY R 571 70.24 31.51 107.24
C GLY R 571 69.67 30.21 106.70
N ILE R 572 69.90 29.14 107.47
CA ILE R 572 69.31 27.83 107.24
C ILE R 572 69.24 27.11 108.58
N LEU R 573 68.10 26.49 108.86
CA LEU R 573 67.94 25.68 110.06
C LEU R 573 67.71 24.24 109.67
N CYS R 574 68.54 23.35 110.20
CA CYS R 574 68.50 21.94 109.88
C CYS R 574 67.93 21.18 111.07
N ILE R 575 67.03 20.24 110.80
CA ILE R 575 66.36 19.47 111.84
C ILE R 575 66.32 18.01 111.42
N MET R 576 67.06 17.17 112.15
CA MET R 576 67.07 15.73 111.92
C MET R 576 67.81 15.07 113.07
N SER R 577 67.76 13.74 113.10
CA SER R 577 68.52 13.00 114.11
C SER R 577 70.01 13.27 113.96
N ASP R 578 70.58 12.90 112.81
CA ASP R 578 71.94 13.27 112.41
C ASP R 578 72.96 12.79 113.45
N ARG R 579 73.38 11.54 113.26
CA ARG R 579 74.36 10.96 114.16
C ARG R 579 75.79 11.23 113.71
N ASP R 580 75.99 11.69 112.47
CA ASP R 580 77.35 11.86 111.99
C ASP R 580 77.50 13.03 111.02
N LEU R 581 76.42 13.44 110.36
CA LEU R 581 76.52 14.53 109.40
C LEU R 581 76.90 15.84 110.09
N TYR R 582 76.31 16.11 111.26
CA TYR R 582 76.60 17.32 112.01
C TYR R 582 78.04 17.37 112.54
N ASP R 583 78.80 16.29 112.35
CA ASP R 583 80.23 16.32 112.61
C ASP R 583 81.01 16.88 111.44
N LYS R 584 80.45 16.86 110.23
CA LYS R 584 81.04 17.48 109.06
C LYS R 584 80.57 18.93 108.87
N LEU R 585 79.45 19.31 109.47
CA LEU R 585 78.92 20.66 109.41
C LEU R 585 79.13 21.32 110.76
N GLN R 586 79.95 22.37 110.80
CA GLN R 586 80.28 23.04 112.06
C GLN R 586 79.34 24.24 112.24
N PHE R 587 78.37 24.07 113.13
CA PHE R 587 77.52 25.16 113.58
C PHE R 587 77.29 24.96 115.08
N THR R 588 76.53 25.87 115.69
CA THR R 588 76.22 25.78 117.12
C THR R 588 75.06 24.81 117.30
N SER R 589 75.35 23.66 117.89
CA SER R 589 74.31 22.66 118.12
C SER R 589 73.29 23.16 119.14
N LEU R 590 72.04 23.20 118.72
CA LEU R 590 70.95 23.64 119.60
C LEU R 590 69.92 22.52 119.71
N GLU R 591 69.24 22.48 120.85
CA GLU R 591 68.22 21.49 121.14
C GLU R 591 66.86 22.16 121.18
N ILE R 592 65.81 21.37 120.99
CA ILE R 592 64.46 21.90 120.84
C ILE R 592 63.90 22.43 122.16
N PRO R 593 63.93 21.68 123.28
CA PRO R 593 63.34 22.22 124.52
C PRO R 593 64.14 23.35 125.15
N ARG R 594 65.19 23.82 124.50
CA ARG R 594 65.96 24.97 124.96
C ARG R 594 65.92 26.05 123.90
N ARG R 595 65.74 27.30 124.34
CA ARG R 595 65.57 28.43 123.43
C ARG R 595 66.85 29.23 123.26
N ASN R 596 67.95 28.54 123.01
CA ASN R 596 69.23 29.18 122.71
C ASN R 596 70.06 28.32 121.77
#